data_7FGI
#
_entry.id   7FGI
#
_cell.length_a   1.00
_cell.length_b   1.00
_cell.length_c   1.00
_cell.angle_alpha   90.00
_cell.angle_beta   90.00
_cell.angle_gamma   90.00
#
_symmetry.space_group_name_H-M   'P 1'
#
loop_
_entity.id
_entity.type
_entity.pdbx_description
1 polymer 'mRNA-capping enzyme nsP1'
2 polymer m7Gppp-AU
3 non-polymer 'ZINC ION'
4 non-polymer S-ADENOSYL-L-HOMOCYSTEINE
5 non-polymer 'MAGNESIUM ION'
#
loop_
_entity_poly.entity_id
_entity_poly.type
_entity_poly.pdbx_seq_one_letter_code
_entity_poly.pdbx_strand_id
1 'polypeptide(L)'
;MDPVYVDIDADSAFLKALQRAYPMFEVEPRQVTPNDAANARAFSHLAIKLIEQEIDPDSTILDIGSAPARRMMSDRKYHC
VCPMRSAEDPERLANYARKLASAAGKVLDRNISGKIGDLQAVMAVPDTETPTFCLHTDVSCRQRADVAIYQDVYAVHAPT
SLYHQAIKGVRLAYWVGFDTTPFMYNAMAGAYPSYSTNWADEQVLKAKNIGLCSTDLTEGRRGKLSIMRGKKLEPCDRVL
FSVGSTLYPESRKLLKSWHLPSVFHLKGKLSFTCRCDTVVSCEGYVVKRITMSPGLYGKTTGYAVTHHADGFLMCKTTDT
VDGERVSFSVCTYVPATICDQMTGILATEVTPEDAQKLLVGLNQRIVVNGRTQRNTNTMKNYMIPVVAQAFSKWAKECRK
DMEDEKLLGVRERTLTCCCLWAFKKQKTHTVYKRPDTQSIQKVQAEFDSFVVPSLWSSGLSIPLRTRIKWLLSKVPKTDL
TPYSGDAQEARDAEKEAEEEREAELTLEALPPLQAAGGGGSWSHPQFEKMDYKDHDGDYKDHDIDYKDDDDK
;
A,B,C,D,E,F,G,H,I,J,K,L
2 'polyribonucleotide' (GTA)UG M,N,O,P,Q,R,S,T,U,V,W,X
#
# COMPACT_ATOMS: atom_id res chain seq x y z
N ASP A 2 -52.76 31.47 -18.73
CA ASP A 2 -52.73 30.58 -17.57
C ASP A 2 -51.67 30.97 -16.52
N PRO A 3 -50.40 31.09 -16.90
CA PRO A 3 -49.39 31.45 -15.90
C PRO A 3 -49.43 32.94 -15.57
N VAL A 4 -48.88 33.26 -14.41
CA VAL A 4 -48.82 34.63 -13.91
C VAL A 4 -47.35 35.04 -13.83
N TYR A 5 -47.05 36.25 -14.28
CA TYR A 5 -45.68 36.75 -14.38
C TYR A 5 -45.42 37.77 -13.29
N VAL A 6 -44.26 37.66 -12.65
CA VAL A 6 -43.90 38.56 -11.56
C VAL A 6 -42.55 39.19 -11.87
N ASP A 7 -42.36 40.41 -11.38
CA ASP A 7 -41.20 41.23 -11.71
C ASP A 7 -40.12 41.07 -10.65
N ILE A 8 -39.59 39.85 -10.56
CA ILE A 8 -38.48 39.54 -9.67
C ILE A 8 -37.45 38.73 -10.45
N ASP A 9 -36.23 38.70 -9.91
CA ASP A 9 -35.14 37.98 -10.57
C ASP A 9 -35.37 36.47 -10.49
N ALA A 10 -34.89 35.77 -11.52
CA ALA A 10 -35.14 34.35 -11.65
C ALA A 10 -34.37 33.50 -10.64
N ASP A 11 -33.42 34.08 -9.91
CA ASP A 11 -32.62 33.33 -8.95
C ASP A 11 -32.99 33.60 -7.51
N SER A 12 -33.99 34.42 -7.24
CA SER A 12 -34.35 34.77 -5.88
C SER A 12 -34.96 33.59 -5.15
N ALA A 13 -34.71 33.53 -3.84
CA ALA A 13 -35.29 32.50 -2.99
C ALA A 13 -36.72 32.81 -2.59
N PHE A 14 -37.18 34.05 -2.79
CA PHE A 14 -38.57 34.38 -2.47
C PHE A 14 -39.54 33.59 -3.33
N LEU A 15 -39.15 33.29 -4.57
CA LEU A 15 -40.06 32.62 -5.51
C LEU A 15 -40.60 31.34 -4.92
N LYS A 16 -39.72 30.51 -4.35
CA LYS A 16 -40.15 29.31 -3.63
C LYS A 16 -41.35 29.60 -2.76
N ALA A 17 -41.21 30.54 -1.83
CA ALA A 17 -42.29 30.84 -0.88
C ALA A 17 -43.57 31.23 -1.61
N LEU A 18 -43.45 32.02 -2.68
CA LEU A 18 -44.65 32.41 -3.41
C LEU A 18 -45.38 31.21 -3.95
N GLN A 19 -44.64 30.24 -4.50
CA GLN A 19 -45.29 29.05 -5.04
C GLN A 19 -45.97 28.26 -3.95
N ARG A 20 -45.51 28.39 -2.71
CA ARG A 20 -46.16 27.70 -1.59
C ARG A 20 -47.44 28.40 -1.16
N ALA A 21 -47.53 29.71 -1.37
CA ALA A 21 -48.70 30.46 -0.92
C ALA A 21 -49.83 30.46 -1.91
N TYR A 22 -49.54 30.25 -3.20
CA TYR A 22 -50.55 30.25 -4.27
C TYR A 22 -50.38 28.97 -5.06
N PRO A 23 -50.86 27.84 -4.53
CA PRO A 23 -50.67 26.56 -5.24
C PRO A 23 -51.60 26.36 -6.42
N MET A 24 -52.53 27.27 -6.66
CA MET A 24 -53.46 27.17 -7.77
C MET A 24 -52.99 27.94 -9.00
N PHE A 25 -51.76 28.44 -9.00
CA PHE A 25 -51.23 29.24 -10.09
C PHE A 25 -49.89 28.67 -10.54
N GLU A 26 -49.38 29.23 -11.63
CA GLU A 26 -48.04 28.94 -12.14
C GLU A 26 -47.29 30.27 -12.20
N VAL A 27 -46.25 30.40 -11.40
CA VAL A 27 -45.55 31.66 -11.21
C VAL A 27 -44.29 31.67 -12.05
N GLU A 28 -44.11 32.72 -12.85
CA GLU A 28 -42.95 32.84 -13.73
C GLU A 28 -42.25 34.17 -13.49
N PRO A 29 -40.93 34.16 -13.31
CA PRO A 29 -40.20 35.43 -13.12
C PRO A 29 -39.90 36.09 -14.45
N ARG A 30 -40.18 37.39 -14.52
CA ARG A 30 -39.90 38.19 -15.72
C ARG A 30 -39.55 39.60 -15.26
N GLN A 31 -38.26 39.86 -15.09
CA GLN A 31 -37.79 41.08 -14.45
C GLN A 31 -37.56 42.17 -15.49
N VAL A 32 -38.12 43.36 -15.24
CA VAL A 32 -37.97 44.48 -16.16
C VAL A 32 -37.48 45.75 -15.49
N THR A 33 -37.57 45.89 -14.18
CA THR A 33 -37.14 47.10 -13.46
C THR A 33 -36.29 46.71 -12.27
N PRO A 34 -35.43 47.62 -11.79
CA PRO A 34 -34.59 47.31 -10.63
C PRO A 34 -35.27 47.64 -9.29
N ASN A 35 -36.59 47.78 -9.30
CA ASN A 35 -37.35 48.16 -8.11
C ASN A 35 -36.88 47.43 -6.86
N ASP A 36 -36.74 48.19 -5.77
CA ASP A 36 -36.26 47.64 -4.51
C ASP A 36 -37.39 47.22 -3.57
N ALA A 37 -38.64 47.35 -4.00
CA ALA A 37 -39.78 46.85 -3.24
C ALA A 37 -40.56 45.85 -4.09
N ALA A 38 -39.84 44.93 -4.73
CA ALA A 38 -40.45 44.06 -5.72
C ALA A 38 -41.34 42.99 -5.10
N ASN A 39 -40.90 42.42 -3.97
CA ASN A 39 -41.61 41.29 -3.38
C ASN A 39 -43.02 41.68 -2.94
N ALA A 40 -43.17 42.85 -2.33
CA ALA A 40 -44.49 43.31 -1.90
C ALA A 40 -45.41 43.51 -3.09
N ARG A 41 -44.88 44.07 -4.18
CA ARG A 41 -45.68 44.27 -5.39
C ARG A 41 -46.12 42.94 -5.96
N ALA A 42 -45.22 41.94 -5.98
CA ALA A 42 -45.60 40.63 -6.50
C ALA A 42 -46.70 39.99 -5.65
N PHE A 43 -46.59 40.10 -4.32
CA PHE A 43 -47.62 39.54 -3.46
C PHE A 43 -48.97 40.20 -3.70
N SER A 44 -48.99 41.53 -3.82
CA SER A 44 -50.25 42.22 -4.06
C SER A 44 -50.86 41.83 -5.41
N HIS A 45 -50.02 41.71 -6.44
CA HIS A 45 -50.48 41.30 -7.76
C HIS A 45 -51.17 39.93 -7.69
N LEU A 46 -50.51 38.96 -7.07
CA LEU A 46 -51.10 37.63 -6.98
C LEU A 46 -52.37 37.62 -6.13
N ALA A 47 -52.40 38.44 -5.08
CA ALA A 47 -53.60 38.50 -4.24
C ALA A 47 -54.80 39.01 -5.04
N ILE A 48 -54.59 40.04 -5.86
CA ILE A 48 -55.70 40.55 -6.66
C ILE A 48 -56.13 39.52 -7.69
N LYS A 49 -55.18 38.80 -8.29
CA LYS A 49 -55.55 37.73 -9.21
C LYS A 49 -56.44 36.69 -8.54
N LEU A 50 -56.05 36.25 -7.34
CA LEU A 50 -56.85 35.23 -6.64
C LEU A 50 -58.23 35.75 -6.28
N ILE A 51 -58.31 36.99 -5.76
CA ILE A 51 -59.61 37.53 -5.38
C ILE A 51 -60.53 37.61 -6.60
N GLU A 52 -59.99 38.06 -7.74
CA GLU A 52 -60.81 38.10 -8.95
C GLU A 52 -61.27 36.71 -9.36
N GLN A 53 -60.37 35.72 -9.28
CA GLN A 53 -60.77 34.36 -9.62
C GLN A 53 -61.81 33.81 -8.66
N GLU A 54 -61.94 34.37 -7.47
CA GLU A 54 -62.92 33.85 -6.51
C GLU A 54 -64.35 34.27 -6.87
N ILE A 55 -64.61 35.58 -6.86
CA ILE A 55 -65.99 36.06 -7.00
C ILE A 55 -66.47 35.91 -8.44
N ASP A 56 -67.79 35.89 -8.59
CA ASP A 56 -68.42 35.69 -9.88
C ASP A 56 -68.46 36.99 -10.69
N PRO A 57 -68.58 36.90 -12.01
CA PRO A 57 -68.66 38.11 -12.84
C PRO A 57 -69.96 38.88 -12.64
N ASP A 58 -70.15 39.92 -13.45
CA ASP A 58 -71.35 40.77 -13.47
C ASP A 58 -71.70 41.31 -12.09
N SER A 59 -70.74 41.35 -11.18
CA SER A 59 -70.89 42.00 -9.89
C SER A 59 -70.05 43.27 -9.87
N THR A 60 -70.65 44.37 -9.44
CA THR A 60 -69.92 45.61 -9.30
C THR A 60 -69.10 45.60 -8.02
N ILE A 61 -67.87 46.09 -8.10
CA ILE A 61 -66.93 46.03 -6.99
C ILE A 61 -66.52 47.45 -6.62
N LEU A 62 -66.70 47.81 -5.36
CA LEU A 62 -66.19 49.07 -4.85
C LEU A 62 -64.70 48.95 -4.57
N ASP A 63 -63.92 49.95 -5.00
CA ASP A 63 -62.49 49.98 -4.75
C ASP A 63 -62.20 51.20 -3.89
N ILE A 64 -61.95 50.96 -2.61
CA ILE A 64 -61.81 52.02 -1.62
C ILE A 64 -60.37 52.52 -1.61
N GLY A 65 -60.21 53.84 -1.72
CA GLY A 65 -58.88 54.44 -1.74
C GLY A 65 -58.03 53.91 -2.87
N SER A 66 -58.56 53.96 -4.08
CA SER A 66 -57.97 53.26 -5.20
C SER A 66 -56.99 54.13 -5.98
N ALA A 67 -56.16 53.46 -6.78
CA ALA A 67 -55.39 54.07 -7.85
C ALA A 67 -55.98 53.58 -9.16
N PRO A 68 -56.72 54.42 -9.88
CA PRO A 68 -57.54 53.90 -11.00
C PRO A 68 -56.73 53.24 -12.10
N ALA A 69 -55.49 53.67 -12.32
CA ALA A 69 -54.71 53.15 -13.43
C ALA A 69 -54.49 51.65 -13.33
N ARG A 70 -54.60 51.07 -12.14
CA ARG A 70 -54.41 49.64 -11.97
C ARG A 70 -55.60 48.83 -12.46
N ARG A 71 -56.78 49.43 -12.60
CA ARG A 71 -57.99 48.70 -12.95
C ARG A 71 -58.42 48.91 -14.39
N MET A 72 -57.58 49.52 -15.23
CA MET A 72 -57.99 49.88 -16.58
C MET A 72 -58.19 48.66 -17.46
N MET A 73 -57.21 47.76 -17.48
CA MET A 73 -57.21 46.63 -18.39
C MET A 73 -57.96 45.41 -17.83
N SER A 74 -58.83 45.62 -16.85
CA SER A 74 -59.59 44.53 -16.26
C SER A 74 -60.97 44.47 -16.88
N ASP A 75 -61.52 43.25 -16.97
CA ASP A 75 -62.83 43.03 -17.55
C ASP A 75 -63.96 43.06 -16.54
N ARG A 76 -63.66 43.15 -15.25
CA ARG A 76 -64.69 43.25 -14.23
C ARG A 76 -65.22 44.68 -14.15
N LYS A 77 -66.22 44.89 -13.30
CA LYS A 77 -66.83 46.20 -13.12
C LYS A 77 -66.34 46.79 -11.81
N TYR A 78 -65.59 47.88 -11.91
CA TYR A 78 -65.00 48.55 -10.76
C TYR A 78 -65.55 49.97 -10.63
N HIS A 79 -65.88 50.36 -9.40
CA HIS A 79 -66.23 51.74 -9.07
C HIS A 79 -65.18 52.22 -8.08
N CYS A 80 -64.34 53.17 -8.52
CA CYS A 80 -63.19 53.62 -7.74
C CYS A 80 -63.58 54.83 -6.90
N VAL A 81 -63.37 54.73 -5.59
CA VAL A 81 -63.65 55.81 -4.66
C VAL A 81 -62.35 56.55 -4.44
N CYS A 82 -62.22 57.75 -5.01
CA CYS A 82 -60.94 58.47 -5.07
C CYS A 82 -61.08 59.90 -4.58
N PRO A 83 -60.98 60.12 -3.28
CA PRO A 83 -60.79 61.49 -2.77
C PRO A 83 -59.33 61.90 -3.01
N MET A 84 -59.00 63.11 -2.57
CA MET A 84 -57.63 63.61 -2.67
C MET A 84 -57.23 64.09 -1.28
N ARG A 85 -56.73 63.16 -0.46
CA ARG A 85 -56.34 63.47 0.90
C ARG A 85 -54.84 63.33 1.15
N SER A 86 -54.12 62.64 0.28
CA SER A 86 -52.68 62.49 0.40
C SER A 86 -51.99 63.28 -0.71
N ALA A 87 -50.67 63.42 -0.58
CA ALA A 87 -49.89 64.22 -1.50
C ALA A 87 -49.51 63.47 -2.78
N GLU A 88 -49.81 62.18 -2.88
CA GLU A 88 -49.47 61.39 -4.05
C GLU A 88 -50.65 61.18 -4.98
N ASP A 89 -51.79 61.80 -4.70
CA ASP A 89 -53.01 61.55 -5.47
C ASP A 89 -53.06 62.30 -6.81
N PRO A 90 -52.69 63.58 -6.87
CA PRO A 90 -52.74 64.26 -8.18
C PRO A 90 -51.91 63.58 -9.25
N GLU A 91 -50.74 63.06 -8.88
CA GLU A 91 -49.93 62.35 -9.85
C GLU A 91 -50.61 61.07 -10.33
N ARG A 92 -51.28 60.36 -9.43
CA ARG A 92 -52.01 59.17 -9.82
C ARG A 92 -53.15 59.50 -10.79
N LEU A 93 -53.87 60.58 -10.51
CA LEU A 93 -54.94 61.00 -11.41
C LEU A 93 -54.40 61.39 -12.78
N ALA A 94 -53.29 62.13 -12.80
CA ALA A 94 -52.69 62.53 -14.07
C ALA A 94 -52.22 61.31 -14.86
N ASN A 95 -51.61 60.34 -14.17
CA ASN A 95 -51.18 59.12 -14.83
C ASN A 95 -52.37 58.35 -15.40
N TYR A 96 -53.48 58.30 -14.66
CA TYR A 96 -54.67 57.63 -15.16
C TYR A 96 -55.17 58.30 -16.44
N ALA A 97 -55.24 59.63 -16.43
CA ALA A 97 -55.71 60.35 -17.62
C ALA A 97 -54.77 60.12 -18.80
N ARG A 98 -53.46 60.16 -18.56
CA ARG A 98 -52.49 59.93 -19.62
C ARG A 98 -52.64 58.54 -20.22
N LYS A 99 -52.73 57.52 -19.37
CA LYS A 99 -52.86 56.16 -19.87
C LYS A 99 -54.17 55.96 -20.61
N LEU A 100 -55.25 56.61 -20.15
CA LEU A 100 -56.51 56.54 -20.87
C LEU A 100 -56.37 57.14 -22.26
N ALA A 101 -55.73 58.30 -22.36
CA ALA A 101 -55.56 58.96 -23.66
C ALA A 101 -54.69 58.14 -24.59
N SER A 102 -53.65 57.49 -24.05
CA SER A 102 -52.68 56.80 -24.89
C SER A 102 -53.33 55.69 -25.71
N ALA A 103 -54.12 54.86 -25.07
CA ALA A 103 -54.77 53.73 -25.73
C ALA A 103 -56.26 54.05 -25.84
N ALA A 104 -56.64 54.74 -26.92
CA ALA A 104 -58.02 55.14 -27.13
C ALA A 104 -58.71 54.41 -28.26
N GLY A 105 -57.97 53.81 -29.19
CA GLY A 105 -58.57 53.08 -30.29
C GLY A 105 -57.97 51.72 -30.49
N LYS A 106 -56.86 51.45 -29.83
CA LYS A 106 -56.17 50.16 -29.96
C LYS A 106 -56.79 49.08 -29.10
N VAL A 107 -57.46 49.43 -28.01
CA VAL A 107 -58.13 48.48 -27.13
C VAL A 107 -59.63 48.75 -27.20
N LEU A 108 -60.39 47.72 -27.59
CA LEU A 108 -61.82 47.86 -27.80
C LEU A 108 -62.67 46.93 -26.96
N ASP A 109 -62.08 45.91 -26.32
CA ASP A 109 -62.83 44.99 -25.48
C ASP A 109 -63.15 45.56 -24.11
N ARG A 110 -62.60 46.72 -23.78
CA ARG A 110 -62.84 47.38 -22.50
C ARG A 110 -63.63 48.65 -22.70
N ASN A 111 -64.26 49.11 -21.62
CA ASN A 111 -65.12 50.29 -21.66
C ASN A 111 -64.29 51.58 -21.61
N ILE A 112 -63.36 51.68 -22.56
CA ILE A 112 -62.44 52.81 -22.58
C ILE A 112 -63.18 54.11 -22.85
N SER A 113 -64.06 54.11 -23.86
CA SER A 113 -64.81 55.32 -24.20
C SER A 113 -65.72 55.74 -23.05
N GLY A 114 -66.38 54.76 -22.42
CA GLY A 114 -67.20 55.07 -21.26
C GLY A 114 -66.38 55.62 -20.11
N LYS A 115 -65.18 55.09 -19.90
CA LYS A 115 -64.31 55.59 -18.85
C LYS A 115 -63.91 57.04 -19.11
N ILE A 116 -63.58 57.35 -20.37
CA ILE A 116 -63.24 58.73 -20.71
C ILE A 116 -64.44 59.65 -20.50
N GLY A 117 -65.62 59.21 -20.90
CA GLY A 117 -66.82 60.01 -20.69
C GLY A 117 -67.09 60.27 -19.23
N ASP A 118 -66.94 59.25 -18.39
CA ASP A 118 -67.14 59.42 -16.95
C ASP A 118 -66.13 60.38 -16.37
N LEU A 119 -64.86 60.26 -16.77
CA LEU A 119 -63.84 61.18 -16.27
C LEU A 119 -64.15 62.62 -16.66
N GLN A 120 -64.56 62.83 -17.91
CA GLN A 120 -64.90 64.19 -18.35
C GLN A 120 -66.12 64.72 -17.60
N ALA A 121 -67.12 63.87 -17.37
CA ALA A 121 -68.30 64.30 -16.64
C ALA A 121 -67.95 64.70 -15.20
N VAL A 122 -67.09 63.92 -14.55
CA VAL A 122 -66.68 64.26 -13.19
C VAL A 122 -65.88 65.54 -13.17
N MET A 123 -65.02 65.74 -14.19
CA MET A 123 -64.27 66.99 -14.28
C MET A 123 -65.20 68.19 -14.44
N ALA A 124 -66.24 68.05 -15.25
CA ALA A 124 -67.17 69.17 -15.47
C ALA A 124 -67.92 69.52 -14.19
N VAL A 125 -68.52 68.53 -13.53
CA VAL A 125 -69.22 68.73 -12.28
C VAL A 125 -68.63 67.73 -11.26
N PRO A 126 -68.12 68.19 -10.12
CA PRO A 126 -67.38 67.29 -9.23
C PRO A 126 -68.20 66.53 -8.21
N ASP A 127 -69.50 66.78 -8.09
CA ASP A 127 -70.35 66.14 -7.10
C ASP A 127 -71.35 65.18 -7.73
N THR A 128 -70.91 64.44 -8.75
CA THR A 128 -71.77 63.50 -9.44
C THR A 128 -71.14 62.11 -9.40
N GLU A 129 -71.99 61.09 -9.30
CA GLU A 129 -71.54 59.70 -9.31
C GLU A 129 -71.68 59.13 -10.71
N THR A 130 -70.62 58.51 -11.20
CA THR A 130 -70.61 57.83 -12.48
C THR A 130 -70.37 56.35 -12.25
N PRO A 131 -70.62 55.50 -13.26
CA PRO A 131 -70.44 54.06 -13.05
C PRO A 131 -69.02 53.65 -12.68
N THR A 132 -68.01 54.47 -12.96
CA THR A 132 -66.63 54.06 -12.75
C THR A 132 -65.78 55.08 -12.00
N PHE A 133 -66.35 56.16 -11.49
CA PHE A 133 -65.53 57.17 -10.83
C PHE A 133 -66.38 58.06 -9.94
N CYS A 134 -65.77 58.50 -8.84
CA CYS A 134 -66.38 59.49 -7.95
C CYS A 134 -65.27 60.10 -7.12
N LEU A 135 -65.59 61.21 -6.45
CA LEU A 135 -64.62 61.97 -5.67
C LEU A 135 -65.03 62.08 -4.20
N HIS A 136 -65.80 61.13 -3.70
CA HIS A 136 -66.24 61.14 -2.31
C HIS A 136 -65.35 60.23 -1.48
N THR A 137 -65.60 60.22 -0.16
CA THR A 137 -64.89 59.32 0.74
C THR A 137 -65.68 58.01 0.88
N ASP A 138 -65.26 57.17 1.82
CA ASP A 138 -65.93 55.88 1.98
C ASP A 138 -67.30 56.02 2.63
N VAL A 139 -67.48 57.02 3.50
CA VAL A 139 -68.74 57.19 4.21
C VAL A 139 -69.65 58.18 3.53
N SER A 140 -69.36 58.57 2.29
CA SER A 140 -70.23 59.50 1.58
C SER A 140 -70.50 59.12 0.13
N CYS A 141 -69.89 58.05 -0.38
CA CYS A 141 -70.23 57.58 -1.71
C CYS A 141 -71.62 56.95 -1.70
N ARG A 142 -72.39 57.21 -2.76
CA ARG A 142 -73.77 56.78 -2.84
C ARG A 142 -73.96 55.52 -3.69
N GLN A 143 -72.91 55.02 -4.32
CA GLN A 143 -73.05 53.85 -5.17
C GLN A 143 -73.39 52.61 -4.37
N ARG A 144 -74.22 51.74 -4.95
CA ARG A 144 -74.63 50.49 -4.33
C ARG A 144 -73.96 49.34 -5.05
N ALA A 145 -73.40 48.39 -4.29
CA ALA A 145 -72.69 47.25 -4.85
C ALA A 145 -72.87 46.06 -3.92
N ASP A 146 -72.04 45.03 -4.12
CA ASP A 146 -72.08 43.84 -3.28
C ASP A 146 -70.71 43.38 -2.80
N VAL A 147 -69.62 43.92 -3.33
CA VAL A 147 -68.26 43.55 -2.92
C VAL A 147 -67.45 44.82 -2.73
N ALA A 148 -66.60 44.83 -1.70
CA ALA A 148 -65.68 45.93 -1.44
C ALA A 148 -64.27 45.39 -1.27
N ILE A 149 -63.28 46.18 -1.63
CA ILE A 149 -61.89 45.76 -1.59
C ILE A 149 -61.04 46.88 -0.99
N TYR A 150 -60.18 46.52 -0.04
CA TYR A 150 -59.21 47.43 0.55
C TYR A 150 -57.82 46.91 0.25
N GLN A 151 -57.00 47.69 -0.45
CA GLN A 151 -55.66 47.29 -0.82
C GLN A 151 -54.66 48.28 -0.23
N ASP A 152 -53.91 47.84 0.77
CA ASP A 152 -52.90 48.67 1.44
C ASP A 152 -53.50 49.97 1.98
N VAL A 153 -54.66 49.86 2.62
CA VAL A 153 -55.35 51.01 3.20
C VAL A 153 -55.24 50.88 4.72
N TYR A 154 -54.53 51.82 5.34
CA TYR A 154 -54.30 51.79 6.77
C TYR A 154 -54.85 53.00 7.50
N ALA A 155 -55.67 53.83 6.85
CA ALA A 155 -56.02 55.14 7.38
C ALA A 155 -57.52 55.29 7.68
N VAL A 156 -58.23 54.19 7.90
CA VAL A 156 -59.65 54.26 8.23
C VAL A 156 -59.92 53.42 9.47
N HIS A 157 -61.00 53.77 10.16
CA HIS A 157 -61.47 53.02 11.31
C HIS A 157 -62.36 51.88 10.81
N ALA A 158 -61.93 50.64 11.06
CA ALA A 158 -62.53 49.50 10.37
C ALA A 158 -64.01 49.30 10.67
N PRO A 159 -64.48 49.29 11.93
CA PRO A 159 -65.92 49.05 12.14
C PRO A 159 -66.83 50.09 11.50
N THR A 160 -66.49 51.38 11.58
CA THR A 160 -67.33 52.41 10.99
C THR A 160 -67.39 52.27 9.46
N SER A 161 -66.24 52.04 8.84
CA SER A 161 -66.19 51.86 7.40
C SER A 161 -66.99 50.64 6.97
N LEU A 162 -66.86 49.54 7.71
CA LEU A 162 -67.59 48.32 7.34
C LEU A 162 -69.09 48.50 7.52
N TYR A 163 -69.51 49.22 8.56
CA TYR A 163 -70.94 49.48 8.75
C TYR A 163 -71.50 50.31 7.61
N HIS A 164 -70.78 51.36 7.21
CA HIS A 164 -71.27 52.19 6.11
C HIS A 164 -71.23 51.44 4.78
N GLN A 165 -70.35 50.45 4.66
CA GLN A 165 -70.38 49.60 3.47
C GLN A 165 -71.57 48.64 3.51
N ALA A 166 -71.92 48.15 4.71
CA ALA A 166 -72.96 47.15 4.84
C ALA A 166 -74.36 47.73 4.68
N ILE A 167 -74.58 48.97 5.11
CA ILE A 167 -75.92 49.54 5.00
C ILE A 167 -76.28 49.84 3.55
N LYS A 168 -75.35 49.57 2.63
CA LYS A 168 -75.56 49.79 1.20
C LYS A 168 -75.69 48.49 0.42
N GLY A 169 -75.75 47.35 1.09
CA GLY A 169 -75.94 46.09 0.41
C GLY A 169 -74.70 45.28 0.11
N VAL A 170 -73.55 45.63 0.69
CA VAL A 170 -72.33 44.87 0.49
C VAL A 170 -72.34 43.66 1.42
N ARG A 171 -72.01 42.49 0.88
CA ARG A 171 -72.02 41.25 1.64
C ARG A 171 -70.65 40.60 1.75
N LEU A 172 -69.63 41.14 1.11
CA LEU A 172 -68.30 40.53 1.11
C LEU A 172 -67.25 41.64 1.03
N ALA A 173 -66.13 41.44 1.72
CA ALA A 173 -65.06 42.43 1.74
C ALA A 173 -63.72 41.70 1.85
N TYR A 174 -62.67 42.37 1.36
CA TYR A 174 -61.32 41.83 1.41
C TYR A 174 -60.36 42.91 1.90
N TRP A 175 -59.25 42.46 2.50
CA TRP A 175 -58.24 43.36 3.04
C TRP A 175 -56.87 42.75 2.80
N VAL A 176 -55.98 43.53 2.20
CA VAL A 176 -54.60 43.12 1.93
C VAL A 176 -53.67 44.12 2.60
N GLY A 177 -52.68 43.61 3.34
CA GLY A 177 -51.77 44.49 4.04
C GLY A 177 -50.81 43.70 4.91
N PHE A 178 -50.07 44.44 5.72
CA PHE A 178 -49.11 43.84 6.64
C PHE A 178 -49.81 43.31 7.88
N ASP A 179 -49.23 42.27 8.48
CA ASP A 179 -49.79 41.68 9.68
C ASP A 179 -49.75 42.66 10.85
N THR A 180 -50.84 42.69 11.62
CA THR A 180 -50.99 43.64 12.73
C THR A 180 -50.59 43.06 14.07
N THR A 181 -50.09 41.82 14.12
CA THR A 181 -49.72 41.21 15.39
C THR A 181 -48.63 41.96 16.15
N PRO A 182 -47.54 42.44 15.54
CA PRO A 182 -46.53 43.15 16.32
C PRO A 182 -47.03 44.39 17.01
N PHE A 183 -48.15 44.97 16.56
CA PHE A 183 -48.69 46.15 17.20
C PHE A 183 -49.67 45.83 18.32
N MET A 184 -50.15 44.60 18.40
CA MET A 184 -50.93 44.19 19.58
C MET A 184 -50.04 43.79 20.73
N TYR A 185 -48.76 43.55 20.48
CA TYR A 185 -47.78 43.32 21.54
C TYR A 185 -47.12 44.61 22.03
N ASN A 186 -47.37 45.74 21.35
CA ASN A 186 -46.93 47.07 21.79
C ASN A 186 -45.41 47.19 21.80
N ALA A 187 -44.78 46.90 20.66
CA ALA A 187 -43.34 47.01 20.52
C ALA A 187 -42.93 48.43 20.13
N MET A 188 -41.64 48.72 20.29
CA MET A 188 -41.06 50.01 19.95
C MET A 188 -40.65 50.10 18.49
N ALA A 189 -40.04 49.05 17.95
CA ALA A 189 -39.55 49.03 16.58
C ALA A 189 -39.56 47.60 16.08
N GLY A 190 -39.42 47.44 14.77
CA GLY A 190 -39.45 46.09 14.23
C GLY A 190 -39.13 46.02 12.77
N ALA A 191 -39.08 44.79 12.26
CA ALA A 191 -38.68 44.52 10.89
C ALA A 191 -39.57 43.46 10.26
N TYR A 192 -39.79 43.61 8.95
CA TYR A 192 -40.28 42.54 8.07
C TYR A 192 -39.14 42.30 7.10
N PRO A 193 -38.27 41.32 7.37
CA PRO A 193 -37.01 41.21 6.62
C PRO A 193 -37.14 40.63 5.23
N SER A 194 -38.17 39.82 4.95
CA SER A 194 -38.33 39.28 3.61
C SER A 194 -38.80 40.33 2.62
N TYR A 195 -39.41 41.41 3.09
CA TYR A 195 -39.90 42.47 2.22
C TYR A 195 -39.05 43.73 2.30
N SER A 196 -37.90 43.65 2.96
CA SER A 196 -37.01 44.80 3.13
C SER A 196 -37.72 45.98 3.79
N THR A 197 -38.45 45.70 4.87
CA THR A 197 -39.23 46.72 5.54
C THR A 197 -38.78 46.87 6.99
N ASN A 198 -38.61 48.10 7.43
CA ASN A 198 -38.32 48.40 8.83
C ASN A 198 -39.27 49.50 9.29
N TRP A 199 -39.66 49.44 10.56
CA TRP A 199 -40.51 50.48 11.14
C TRP A 199 -40.03 50.81 12.54
N ALA A 200 -40.24 52.05 12.95
CA ALA A 200 -39.81 52.51 14.26
C ALA A 200 -40.76 53.57 14.78
N ASP A 201 -40.86 53.66 16.10
CA ASP A 201 -41.56 54.74 16.77
C ASP A 201 -40.83 56.06 16.56
N GLU A 202 -41.59 57.15 16.57
CA GLU A 202 -41.02 58.46 16.28
C GLU A 202 -40.00 58.92 17.32
N GLN A 203 -40.00 58.32 18.51
CA GLN A 203 -39.11 58.76 19.58
C GLN A 203 -37.74 58.10 19.55
N VAL A 204 -37.53 57.10 18.71
CA VAL A 204 -36.25 56.39 18.68
C VAL A 204 -35.60 56.52 17.32
N LEU A 205 -35.92 57.59 16.59
CA LEU A 205 -35.36 57.78 15.26
C LEU A 205 -33.87 58.16 15.29
N LYS A 206 -33.32 58.45 16.46
CA LYS A 206 -31.92 58.82 16.59
C LYS A 206 -31.11 57.73 17.30
N ALA A 207 -31.53 56.48 17.18
CA ALA A 207 -30.81 55.36 17.77
C ALA A 207 -29.60 55.04 16.89
N LYS A 208 -28.93 53.92 17.17
CA LYS A 208 -27.72 53.57 16.45
C LYS A 208 -27.76 52.21 15.76
N ASN A 209 -28.43 51.22 16.33
CA ASN A 209 -28.28 49.84 15.86
C ASN A 209 -29.61 49.17 15.56
N ILE A 210 -30.63 49.94 15.17
CA ILE A 210 -31.87 49.38 14.67
C ILE A 210 -31.92 49.60 13.16
N GLY A 211 -32.94 49.02 12.52
CA GLY A 211 -33.00 49.05 11.08
C GLY A 211 -33.16 50.44 10.48
N LEU A 212 -33.96 51.28 11.13
CA LEU A 212 -34.30 52.62 10.61
C LEU A 212 -33.91 53.67 11.64
N CYS A 213 -32.73 54.28 11.47
CA CYS A 213 -32.24 55.27 12.42
C CYS A 213 -31.06 56.01 11.79
N SER A 214 -30.60 57.05 12.48
CA SER A 214 -29.44 57.82 12.06
C SER A 214 -28.89 58.60 13.25
N THR A 215 -27.57 58.63 13.40
CA THR A 215 -26.95 59.28 14.54
C THR A 215 -25.63 59.91 14.10
N ASP A 216 -24.95 60.57 15.05
CA ASP A 216 -23.73 61.35 14.81
C ASP A 216 -22.56 60.76 15.61
N LEU A 217 -21.40 61.40 15.46
CA LEU A 217 -20.21 61.09 16.24
C LEU A 217 -20.05 62.12 17.35
N THR A 218 -19.53 61.67 18.49
CA THR A 218 -19.39 62.55 19.64
C THR A 218 -18.31 62.03 20.56
N GLU A 219 -17.86 62.90 21.47
CA GLU A 219 -16.87 62.54 22.48
C GLU A 219 -17.46 62.29 23.85
N GLY A 220 -18.59 62.91 24.18
CA GLY A 220 -19.20 62.72 25.48
C GLY A 220 -18.92 63.84 26.46
N LYS A 232 -39.48 58.74 31.66
CA LYS A 232 -40.43 57.79 31.10
C LYS A 232 -40.31 57.70 29.59
N LEU A 233 -40.32 56.47 29.07
CA LEU A 233 -40.18 56.23 27.63
C LEU A 233 -41.14 55.10 27.25
N GLU A 234 -42.25 55.46 26.64
CA GLU A 234 -43.31 54.53 26.29
C GLU A 234 -43.77 54.81 24.86
N PRO A 235 -44.34 53.81 24.18
CA PRO A 235 -44.81 54.03 22.81
C PRO A 235 -45.89 55.08 22.72
N CYS A 236 -45.86 55.84 21.64
N CYS A 236 -45.87 55.84 21.63
CA CYS A 236 -46.84 56.88 21.33
CA CYS A 236 -46.87 56.85 21.35
C CYS A 236 -47.59 56.51 20.05
C CYS A 236 -47.58 56.51 20.04
N ASP A 237 -48.42 57.43 19.57
CA ASP A 237 -49.30 57.10 18.45
C ASP A 237 -48.56 57.04 17.12
N ARG A 238 -47.65 57.96 16.86
CA ARG A 238 -47.12 58.14 15.50
C ARG A 238 -46.01 57.15 15.20
N VAL A 239 -46.08 56.50 14.04
CA VAL A 239 -45.11 55.47 13.64
C VAL A 239 -44.68 55.76 12.21
N LEU A 240 -43.45 55.38 11.88
CA LEU A 240 -42.90 55.55 10.53
C LEU A 240 -42.61 54.19 9.92
N PHE A 241 -43.02 54.00 8.67
CA PHE A 241 -42.82 52.78 7.90
C PHE A 241 -41.90 53.07 6.72
N SER A 242 -41.01 52.14 6.42
CA SER A 242 -40.10 52.30 5.29
C SER A 242 -40.10 51.01 4.46
N VAL A 243 -40.74 51.05 3.31
CA VAL A 243 -40.79 49.91 2.39
C VAL A 243 -39.80 50.20 1.27
N GLY A 244 -38.71 49.43 1.22
CA GLY A 244 -37.63 49.76 0.31
C GLY A 244 -37.05 51.11 0.64
N SER A 245 -37.33 52.11 -0.21
CA SER A 245 -36.94 53.49 0.07
C SER A 245 -38.14 54.42 0.02
N THR A 246 -39.34 53.90 0.29
CA THR A 246 -40.55 54.71 0.34
C THR A 246 -41.00 54.83 1.79
N LEU A 247 -41.36 56.05 2.20
CA LEU A 247 -41.66 56.36 3.59
C LEU A 247 -43.15 56.63 3.75
N TYR A 248 -43.74 56.07 4.82
CA TYR A 248 -45.15 56.23 5.11
C TYR A 248 -45.40 56.48 6.59
N PRO A 249 -46.10 57.56 6.96
CA PRO A 249 -46.49 57.73 8.36
C PRO A 249 -47.80 57.03 8.68
N GLU A 250 -47.88 56.46 9.88
CA GLU A 250 -49.03 55.68 10.29
C GLU A 250 -49.38 55.97 11.75
N SER A 251 -50.60 55.56 12.13
CA SER A 251 -51.14 55.74 13.46
C SER A 251 -51.42 54.38 14.09
N ARG A 252 -51.09 54.25 15.38
CA ARG A 252 -51.25 52.96 16.05
C ARG A 252 -52.72 52.59 16.22
N LYS A 253 -53.58 53.58 16.48
CA LYS A 253 -55.00 53.29 16.71
C LYS A 253 -55.65 52.65 15.48
N LEU A 254 -55.43 53.24 14.31
CA LEU A 254 -56.05 52.72 13.10
C LEU A 254 -55.47 51.38 12.70
N LEU A 255 -54.17 51.16 12.91
CA LEU A 255 -53.59 49.85 12.67
C LEU A 255 -54.19 48.80 13.59
N LYS A 256 -54.37 49.14 14.87
CA LYS A 256 -54.94 48.19 15.81
C LYS A 256 -56.40 47.88 15.50
N SER A 257 -57.13 48.84 14.93
CA SER A 257 -58.55 48.63 14.70
C SER A 257 -58.82 47.52 13.68
N TRP A 258 -57.85 47.14 12.87
CA TRP A 258 -58.05 46.12 11.85
C TRP A 258 -57.72 44.71 12.35
N HIS A 259 -57.37 44.56 13.62
CA HIS A 259 -57.15 43.25 14.23
C HIS A 259 -58.47 42.78 14.85
N LEU A 260 -59.29 42.17 14.01
CA LEU A 260 -60.68 41.84 14.33
C LEU A 260 -60.81 40.45 14.92
N PRO A 261 -61.80 40.23 15.77
CA PRO A 261 -62.05 38.89 16.32
C PRO A 261 -62.79 38.02 15.31
N SER A 262 -63.01 36.76 15.70
CA SER A 262 -63.59 35.80 14.77
C SER A 262 -65.05 36.09 14.44
N VAL A 263 -65.84 36.58 15.40
CA VAL A 263 -67.22 36.95 15.18
C VAL A 263 -67.50 38.24 15.91
N PHE A 264 -68.32 39.12 15.32
CA PHE A 264 -68.70 40.36 15.99
C PHE A 264 -70.04 40.85 15.47
N HIS A 265 -70.60 41.82 16.20
CA HIS A 265 -71.92 42.38 15.94
C HIS A 265 -71.79 43.87 15.62
N LEU A 266 -72.61 44.34 14.68
CA LEU A 266 -72.73 45.76 14.38
C LEU A 266 -74.18 46.17 14.65
N LYS A 267 -74.39 46.99 15.68
CA LYS A 267 -75.73 47.31 16.19
C LYS A 267 -75.97 48.81 16.06
N GLY A 268 -76.76 49.19 15.08
CA GLY A 268 -77.17 50.58 14.90
C GLY A 268 -78.66 50.65 14.60
N LYS A 269 -79.02 51.49 13.62
CA LYS A 269 -80.39 51.49 13.12
C LYS A 269 -80.73 50.15 12.49
N LEU A 270 -79.78 49.57 11.76
CA LEU A 270 -79.86 48.19 11.31
C LEU A 270 -78.77 47.39 12.01
N SER A 271 -78.93 46.07 12.01
CA SER A 271 -78.04 45.18 12.74
C SER A 271 -77.44 44.14 11.81
N PHE A 272 -76.18 43.81 12.06
CA PHE A 272 -75.48 42.83 11.24
C PHE A 272 -74.60 41.95 12.12
N THR A 273 -74.39 40.73 11.65
CA THR A 273 -73.47 39.77 12.28
C THR A 273 -72.39 39.46 11.26
N CYS A 274 -71.12 39.59 11.67
CA CYS A 274 -70.01 39.48 10.75
C CYS A 274 -68.95 38.54 11.31
N ARG A 275 -68.18 37.95 10.39
CA ARG A 275 -67.09 37.07 10.77
C ARG A 275 -65.91 37.27 9.83
N CYS A 276 -64.71 37.14 10.37
CA CYS A 276 -63.45 37.44 9.68
C CYS A 276 -62.50 36.25 9.78
N ASP A 277 -61.79 35.96 8.70
CA ASP A 277 -60.79 34.90 8.74
C ASP A 277 -59.67 35.19 7.75
N THR A 278 -58.51 34.58 8.01
CA THR A 278 -57.32 34.77 7.20
C THR A 278 -57.20 33.64 6.18
N VAL A 279 -57.00 33.98 4.92
CA VAL A 279 -56.99 32.99 3.87
C VAL A 279 -55.63 32.82 3.21
N VAL A 280 -54.77 33.84 3.20
CA VAL A 280 -53.41 33.74 2.70
C VAL A 280 -52.48 34.39 3.70
N SER A 281 -51.32 33.79 3.91
CA SER A 281 -50.34 34.30 4.88
C SER A 281 -48.94 33.90 4.41
N CYS A 282 -48.08 34.89 4.19
CA CYS A 282 -46.72 34.64 3.70
C CYS A 282 -45.75 35.62 4.36
N GLU A 283 -45.17 35.21 5.48
CA GLU A 283 -44.02 35.85 6.12
C GLU A 283 -44.31 37.28 6.56
N GLY A 284 -45.57 37.66 6.78
CA GLY A 284 -45.86 39.00 7.23
C GLY A 284 -46.98 39.69 6.47
N TYR A 285 -47.18 39.28 5.21
CA TYR A 285 -48.32 39.75 4.43
C TYR A 285 -49.49 38.77 4.58
N VAL A 286 -50.70 39.31 4.68
CA VAL A 286 -51.90 38.50 4.88
C VAL A 286 -53.01 38.97 3.93
N VAL A 287 -53.99 38.10 3.76
CA VAL A 287 -55.25 38.42 3.10
C VAL A 287 -56.39 38.00 4.03
N LYS A 288 -57.30 38.93 4.32
CA LYS A 288 -58.42 38.70 5.22
C LYS A 288 -59.73 38.74 4.47
N ARG A 289 -60.65 37.86 4.84
CA ARG A 289 -61.98 37.78 4.24
C ARG A 289 -63.03 37.98 5.33
N ILE A 290 -63.95 38.91 5.08
CA ILE A 290 -64.98 39.29 6.05
C ILE A 290 -66.35 39.11 5.40
N THR A 291 -67.27 38.48 6.11
CA THR A 291 -68.64 38.30 5.65
C THR A 291 -69.60 38.91 6.65
N MET A 292 -70.64 39.59 6.14
CA MET A 292 -71.63 40.27 6.97
C MET A 292 -73.03 39.84 6.54
N SER A 293 -73.91 39.64 7.53
CA SER A 293 -75.27 39.19 7.27
C SER A 293 -76.25 39.99 8.11
N PRO A 294 -77.48 40.17 7.64
CA PRO A 294 -78.46 40.95 8.41
C PRO A 294 -79.03 40.19 9.59
N GLY A 295 -79.24 40.90 10.70
CA GLY A 295 -79.79 40.32 11.91
C GLY A 295 -78.70 39.95 12.91
N LEU A 296 -79.16 39.64 14.12
CA LEU A 296 -78.29 39.25 15.22
C LEU A 296 -78.46 37.76 15.51
N TYR A 297 -77.35 37.03 15.58
CA TYR A 297 -77.37 35.59 15.81
C TYR A 297 -76.17 35.19 16.66
N GLY A 298 -76.38 34.18 17.51
CA GLY A 298 -75.29 33.65 18.30
C GLY A 298 -74.84 34.61 19.40
N LYS A 299 -73.64 34.34 19.91
CA LYS A 299 -73.02 35.18 20.92
C LYS A 299 -71.51 35.21 20.67
N THR A 300 -70.86 36.22 21.22
CA THR A 300 -69.46 36.50 20.95
C THR A 300 -68.61 36.26 22.20
N THR A 301 -67.33 35.98 21.96
CA THR A 301 -66.35 35.81 23.03
C THR A 301 -65.35 36.94 23.13
N GLY A 302 -64.91 37.49 21.99
CA GLY A 302 -63.99 38.60 22.00
C GLY A 302 -62.53 38.24 21.91
N TYR A 303 -62.19 37.15 21.24
CA TYR A 303 -60.81 36.68 21.13
C TYR A 303 -60.37 36.67 19.68
N ALA A 304 -59.10 36.99 19.44
CA ALA A 304 -58.49 36.95 18.13
C ALA A 304 -57.25 36.05 18.15
N VAL A 305 -57.09 35.23 17.13
CA VAL A 305 -56.08 34.18 17.11
C VAL A 305 -55.19 34.37 15.88
N THR A 306 -53.89 34.16 16.07
CA THR A 306 -52.90 34.19 15.00
C THR A 306 -52.14 32.87 14.99
N HIS A 307 -52.04 32.26 13.82
CA HIS A 307 -51.28 31.03 13.64
C HIS A 307 -49.89 31.35 13.12
N HIS A 308 -48.86 30.76 13.72
CA HIS A 308 -47.48 31.04 13.39
C HIS A 308 -46.89 29.88 12.61
N ALA A 309 -46.53 30.13 11.35
CA ALA A 309 -45.81 29.15 10.56
C ALA A 309 -44.30 29.33 10.67
N ASP A 310 -43.85 30.55 10.91
CA ASP A 310 -42.47 30.86 11.24
C ASP A 310 -42.37 31.23 12.72
N GLY A 311 -41.16 31.51 13.17
CA GLY A 311 -40.97 31.97 14.53
C GLY A 311 -41.18 33.47 14.64
N PHE A 312 -41.80 33.89 15.75
CA PHE A 312 -42.00 35.29 16.05
C PHE A 312 -41.29 35.62 17.35
N LEU A 313 -40.47 36.67 17.34
CA LEU A 313 -39.65 37.02 18.50
C LEU A 313 -39.91 38.45 18.93
N MET A 314 -39.98 38.65 20.24
CA MET A 314 -40.01 39.96 20.86
C MET A 314 -39.04 39.96 22.04
N CYS A 315 -38.20 40.98 22.12
CA CYS A 315 -37.16 40.97 23.14
C CYS A 315 -36.77 42.40 23.52
N LYS A 316 -36.16 42.51 24.69
CA LYS A 316 -35.68 43.77 25.23
C LYS A 316 -34.21 43.95 24.86
N THR A 317 -33.84 45.17 24.45
CA THR A 317 -32.50 45.47 24.00
C THR A 317 -32.08 46.84 24.53
N THR A 318 -30.77 47.04 24.58
CA THR A 318 -30.16 48.25 25.10
C THR A 318 -29.45 48.98 23.98
N ASP A 319 -29.66 50.30 23.88
CA ASP A 319 -29.05 51.10 22.83
C ASP A 319 -28.76 52.48 23.39
N THR A 320 -28.21 53.34 22.54
CA THR A 320 -28.03 54.75 22.86
C THR A 320 -28.85 55.58 21.88
N VAL A 321 -29.76 56.38 22.41
CA VAL A 321 -30.56 57.31 21.62
C VAL A 321 -30.01 58.70 21.89
N ASP A 322 -29.52 59.34 20.82
CA ASP A 322 -28.96 60.69 20.89
C ASP A 322 -27.85 60.79 21.94
N GLY A 323 -27.16 59.69 22.20
CA GLY A 323 -26.07 59.66 23.15
C GLY A 323 -26.41 59.14 24.54
N GLU A 324 -27.69 58.94 24.84
CA GLU A 324 -28.11 58.51 26.17
C GLU A 324 -28.54 57.04 26.11
N ARG A 325 -28.05 56.25 27.05
CA ARG A 325 -28.28 54.80 27.05
C ARG A 325 -29.66 54.47 27.62
N VAL A 326 -30.45 53.70 26.87
CA VAL A 326 -31.81 53.34 27.23
C VAL A 326 -32.07 51.90 26.80
N SER A 327 -33.26 51.39 27.16
CA SER A 327 -33.69 50.04 26.85
C SER A 327 -35.12 50.05 26.33
N PHE A 328 -35.40 49.23 25.32
CA PHE A 328 -36.75 49.11 24.77
C PHE A 328 -36.87 47.80 24.01
N SER A 329 -38.07 47.51 23.52
CA SER A 329 -38.39 46.19 22.96
C SER A 329 -38.51 46.23 21.44
N VAL A 330 -38.03 45.17 20.78
CA VAL A 330 -38.08 45.04 19.33
C VAL A 330 -38.60 43.64 18.98
N CYS A 331 -39.12 43.51 17.76
CA CYS A 331 -39.75 42.27 17.31
C CYS A 331 -39.27 41.93 15.90
N THR A 332 -39.33 40.64 15.57
CA THR A 332 -38.87 40.17 14.26
C THR A 332 -39.43 38.77 13.97
N TYR A 333 -39.15 38.30 12.75
CA TYR A 333 -39.58 37.01 12.23
C TYR A 333 -38.38 36.14 11.90
N VAL A 334 -38.47 34.84 12.19
CA VAL A 334 -37.36 33.92 12.02
C VAL A 334 -37.81 32.72 11.19
N PRO A 335 -37.02 32.28 10.20
CA PRO A 335 -37.42 31.12 9.39
C PRO A 335 -37.52 29.84 10.22
N ALA A 336 -38.43 28.96 9.80
CA ALA A 336 -38.76 27.77 10.58
C ALA A 336 -37.61 26.77 10.66
N THR A 337 -36.80 26.65 9.60
CA THR A 337 -35.71 25.67 9.62
C THR A 337 -34.65 26.00 10.65
N ILE A 338 -34.30 27.28 10.82
CA ILE A 338 -33.34 27.67 11.83
C ILE A 338 -33.89 27.39 13.23
N CYS A 339 -35.16 27.71 13.45
CA CYS A 339 -35.79 27.42 14.73
C CYS A 339 -35.76 25.93 15.04
N ASP A 340 -36.04 25.10 14.04
CA ASP A 340 -35.97 23.66 14.24
C ASP A 340 -34.55 23.19 14.53
N GLN A 341 -33.55 23.80 13.89
CA GLN A 341 -32.17 23.39 14.11
C GLN A 341 -31.55 23.93 15.39
N MET A 342 -32.22 24.85 16.09
CA MET A 342 -31.71 25.33 17.37
C MET A 342 -32.33 24.65 18.58
N THR A 343 -33.11 23.58 18.38
CA THR A 343 -33.83 22.96 19.49
C THR A 343 -32.89 22.33 20.51
N GLY A 344 -31.84 21.66 20.05
CA GLY A 344 -30.98 20.94 20.97
C GLY A 344 -30.05 21.84 21.77
N ILE A 345 -29.61 22.95 21.17
CA ILE A 345 -28.68 23.84 21.84
C ILE A 345 -29.34 24.53 23.02
N LEU A 346 -30.61 24.89 22.87
CA LEU A 346 -31.32 25.67 23.89
C LEU A 346 -31.72 24.84 25.09
N ALA A 347 -31.23 23.61 25.23
CA ALA A 347 -31.49 22.80 26.40
C ALA A 347 -30.59 23.16 27.58
N THR A 348 -29.53 23.94 27.33
CA THR A 348 -28.59 24.36 28.34
C THR A 348 -28.51 25.88 28.36
N GLU A 349 -27.62 26.41 29.19
CA GLU A 349 -27.36 27.85 29.24
C GLU A 349 -26.22 28.19 28.28
N VAL A 350 -26.45 29.18 27.44
CA VAL A 350 -25.52 29.52 26.36
C VAL A 350 -25.33 31.03 26.34
N THR A 351 -24.09 31.46 26.13
CA THR A 351 -23.76 32.87 26.04
C THR A 351 -24.14 33.44 24.67
N PRO A 352 -24.37 34.74 24.57
CA PRO A 352 -24.72 35.33 23.27
C PRO A 352 -23.66 35.17 22.19
N GLU A 353 -22.38 35.15 22.54
CA GLU A 353 -21.35 35.01 21.51
C GLU A 353 -21.35 33.62 20.88
N ASP A 354 -21.49 32.58 21.70
CA ASP A 354 -21.59 31.23 21.17
C ASP A 354 -22.83 31.05 20.31
N ALA A 355 -23.96 31.61 20.74
CA ALA A 355 -25.17 31.57 19.92
C ALA A 355 -24.98 32.29 18.61
N GLN A 356 -24.29 33.43 18.61
CA GLN A 356 -24.03 34.14 17.37
C GLN A 356 -23.18 33.32 16.41
N LYS A 357 -22.12 32.68 16.93
CA LYS A 357 -21.31 31.84 16.07
C LYS A 357 -22.08 30.65 15.53
N LEU A 358 -22.92 30.02 16.35
CA LEU A 358 -23.73 28.90 15.87
C LEU A 358 -24.72 29.33 14.80
N LEU A 359 -25.38 30.47 15.00
CA LEU A 359 -26.32 30.97 14.00
C LEU A 359 -25.61 31.29 12.69
N VAL A 360 -24.43 31.91 12.76
CA VAL A 360 -23.68 32.18 11.55
C VAL A 360 -23.30 30.88 10.84
N GLY A 361 -22.96 29.86 11.62
CA GLY A 361 -22.66 28.57 11.03
C GLY A 361 -23.85 27.94 10.32
N LEU A 362 -25.03 28.04 10.93
CA LEU A 362 -26.23 27.50 10.27
C LEU A 362 -26.62 28.29 9.04
N ASN A 363 -26.43 29.60 9.05
CA ASN A 363 -26.79 30.45 7.92
C ASN A 363 -25.80 30.25 6.77
N ASN A 377 -27.63 32.60 2.04
CA ASN A 377 -28.15 33.15 3.28
C ASN A 377 -29.65 32.91 3.41
N THR A 378 -30.03 32.14 4.43
CA THR A 378 -31.46 31.91 4.68
C THR A 378 -32.12 33.13 5.31
N MET A 379 -31.38 33.89 6.12
CA MET A 379 -31.92 35.07 6.78
C MET A 379 -30.91 36.20 6.66
N LYS A 380 -31.42 37.43 6.73
CA LYS A 380 -30.55 38.60 6.62
C LYS A 380 -29.63 38.71 7.81
N ASN A 381 -28.39 39.14 7.56
CA ASN A 381 -27.37 39.12 8.60
C ASN A 381 -27.54 40.24 9.61
N TYR A 382 -28.04 41.40 9.20
CA TYR A 382 -28.13 42.52 10.13
C TYR A 382 -29.09 42.26 11.28
N MET A 383 -29.91 41.23 11.20
CA MET A 383 -30.85 40.88 12.25
C MET A 383 -30.29 39.85 13.20
N ILE A 384 -29.13 39.27 12.88
CA ILE A 384 -28.61 38.15 13.68
C ILE A 384 -28.18 38.55 15.08
N PRO A 385 -27.43 39.62 15.31
CA PRO A 385 -26.91 39.87 16.67
C PRO A 385 -27.98 40.02 17.74
N VAL A 386 -29.14 40.56 17.41
CA VAL A 386 -30.18 40.68 18.43
C VAL A 386 -30.93 39.36 18.64
N VAL A 387 -31.16 38.59 17.57
CA VAL A 387 -31.76 37.27 17.73
C VAL A 387 -30.91 36.41 18.66
N ALA A 388 -29.60 36.40 18.44
CA ALA A 388 -28.72 35.64 19.32
C ALA A 388 -28.81 36.10 20.76
N GLN A 389 -29.14 37.37 20.98
CA GLN A 389 -29.30 37.85 22.35
C GLN A 389 -30.62 37.39 22.95
N ALA A 390 -31.66 37.24 22.12
CA ALA A 390 -32.95 36.83 22.64
C ALA A 390 -32.94 35.36 23.05
N PHE A 391 -32.49 34.48 22.16
CA PHE A 391 -32.42 33.05 22.47
C PHE A 391 -31.69 32.82 23.78
N SER A 392 -30.51 33.41 23.93
CA SER A 392 -29.71 33.22 25.12
C SER A 392 -30.49 33.54 26.39
N LYS A 393 -31.31 34.59 26.35
CA LYS A 393 -32.09 34.91 27.53
C LYS A 393 -33.20 33.90 27.75
N TRP A 394 -33.91 33.52 26.67
CA TRP A 394 -35.04 32.62 26.80
C TRP A 394 -34.63 31.32 27.49
N ALA A 395 -33.58 30.68 26.99
CA ALA A 395 -33.10 29.45 27.60
C ALA A 395 -32.84 29.63 29.08
N LYS A 396 -32.21 30.73 29.48
CA LYS A 396 -31.92 30.93 30.90
C LYS A 396 -33.21 31.00 31.70
N GLU A 397 -34.20 31.75 31.21
CA GLU A 397 -35.45 31.86 31.94
C GLU A 397 -36.16 30.51 32.05
N CYS A 398 -35.84 29.56 31.18
CA CYS A 398 -36.43 28.24 31.32
C CYS A 398 -35.82 27.49 32.49
N ARG A 399 -34.50 27.56 32.66
CA ARG A 399 -33.85 26.77 33.70
C ARG A 399 -34.38 27.14 35.07
N LYS A 400 -34.52 28.42 35.35
CA LYS A 400 -35.05 28.86 36.63
C LYS A 400 -36.42 28.26 36.89
N ASP A 401 -37.28 28.19 35.86
CA ASP A 401 -38.60 27.62 36.05
C ASP A 401 -38.50 26.17 36.52
N MET A 402 -37.53 25.43 35.98
CA MET A 402 -37.38 24.03 36.39
C MET A 402 -36.81 23.89 37.79
N GLU A 403 -36.22 24.95 38.34
CA GLU A 403 -35.54 24.85 39.63
C GLU A 403 -36.37 25.40 40.79
N ASP A 404 -37.54 25.97 40.51
CA ASP A 404 -38.43 26.49 41.55
C ASP A 404 -39.82 25.90 41.26
N GLU A 405 -40.07 24.71 41.79
CA GLU A 405 -41.24 23.92 41.44
C GLU A 405 -42.27 23.99 42.56
N LYS A 406 -43.49 24.35 42.22
CA LYS A 406 -44.56 24.56 43.20
C LYS A 406 -45.36 23.26 43.37
N LEU A 407 -46.50 23.36 44.05
CA LEU A 407 -47.41 22.25 44.23
C LEU A 407 -48.59 22.37 43.28
N LEU A 408 -49.22 21.23 42.99
CA LEU A 408 -50.32 21.20 42.03
C LEU A 408 -51.56 21.86 42.61
N GLY A 409 -52.13 22.79 41.86
CA GLY A 409 -53.36 23.44 42.24
C GLY A 409 -53.28 24.30 43.48
N VAL A 410 -52.22 25.09 43.62
CA VAL A 410 -52.00 25.90 44.81
C VAL A 410 -51.28 27.17 44.41
N ARG A 411 -51.65 28.29 45.03
CA ARG A 411 -51.01 29.57 44.81
C ARG A 411 -50.60 30.17 46.15
N GLU A 412 -49.42 30.77 46.18
CA GLU A 412 -48.92 31.45 47.38
C GLU A 412 -49.14 32.95 47.24
N ARG A 413 -49.94 33.52 48.13
CA ARG A 413 -50.26 34.94 48.09
C ARG A 413 -50.24 35.54 49.48
N THR A 414 -49.22 35.21 50.27
CA THR A 414 -49.09 35.76 51.62
C THR A 414 -48.89 37.27 51.59
N TRP A 421 -51.71 41.48 51.26
CA TRP A 421 -51.37 40.11 50.91
C TRP A 421 -50.83 40.08 49.48
N ALA A 422 -49.51 40.00 49.36
CA ALA A 422 -48.82 40.23 48.10
C ALA A 422 -48.10 38.99 47.62
N PHE A 423 -48.00 38.87 46.30
CA PHE A 423 -47.23 37.82 45.64
C PHE A 423 -46.25 38.47 44.68
N LYS A 424 -45.07 37.87 44.54
CA LYS A 424 -44.04 38.43 43.70
C LYS A 424 -44.30 38.10 42.23
N LYS A 425 -43.89 39.00 41.36
CA LYS A 425 -43.94 38.81 39.92
C LYS A 425 -42.54 38.63 39.39
N GLN A 426 -42.33 37.57 38.61
CA GLN A 426 -41.02 37.33 38.02
C GLN A 426 -40.78 38.27 36.84
N LYS A 427 -39.55 38.28 36.35
CA LYS A 427 -39.17 39.15 35.25
C LYS A 427 -39.15 38.36 33.94
N THR A 428 -39.66 38.97 32.88
CA THR A 428 -39.69 38.37 31.55
C THR A 428 -39.01 39.31 30.57
N HIS A 429 -37.98 38.83 29.90
CA HIS A 429 -37.23 39.63 28.94
C HIS A 429 -37.38 39.15 27.51
N THR A 430 -38.10 38.06 27.26
CA THR A 430 -38.21 37.50 25.92
C THR A 430 -39.55 36.78 25.78
N VAL A 431 -40.18 36.97 24.63
CA VAL A 431 -41.36 36.21 24.22
C VAL A 431 -41.04 35.53 22.91
N TYR A 432 -41.24 34.22 22.86
CA TYR A 432 -40.82 33.39 21.72
C TYR A 432 -41.98 32.48 21.33
N LYS A 433 -42.59 32.75 20.17
CA LYS A 433 -43.67 31.92 19.65
C LYS A 433 -43.10 31.01 18.58
N ARG A 434 -42.99 29.73 18.89
CA ARG A 434 -42.40 28.75 18.00
C ARG A 434 -43.35 28.38 16.87
N PRO A 435 -42.85 27.82 15.78
CA PRO A 435 -43.72 27.38 14.69
C PRO A 435 -44.74 26.37 15.17
N ASP A 436 -45.96 26.49 14.62
CA ASP A 436 -47.11 25.64 14.95
C ASP A 436 -47.70 25.94 16.32
N THR A 437 -47.60 27.19 16.77
CA THR A 437 -48.27 27.66 17.97
C THR A 437 -49.26 28.76 17.58
N GLN A 438 -49.97 29.30 18.57
CA GLN A 438 -51.00 30.29 18.33
C GLN A 438 -51.00 31.35 19.41
N SER A 439 -51.18 32.60 19.01
CA SER A 439 -51.38 33.72 19.92
C SER A 439 -52.87 34.01 20.06
N ILE A 440 -53.27 34.48 21.23
CA ILE A 440 -54.68 34.77 21.51
C ILE A 440 -54.75 36.05 22.34
N GLN A 441 -55.68 36.94 21.96
CA GLN A 441 -55.78 38.24 22.61
C GLN A 441 -57.22 38.71 22.67
N LYS A 442 -57.55 39.43 23.73
CA LYS A 442 -58.90 39.88 24.01
C LYS A 442 -59.12 41.26 23.40
N VAL A 443 -60.12 41.39 22.52
CA VAL A 443 -60.45 42.64 21.87
C VAL A 443 -61.95 42.89 22.02
N GLN A 444 -62.41 44.00 21.44
CA GLN A 444 -63.82 44.38 21.48
C GLN A 444 -64.59 43.68 20.37
N ALA A 445 -65.83 43.29 20.68
CA ALA A 445 -66.64 42.54 19.73
C ALA A 445 -68.06 43.07 19.56
N GLU A 446 -68.45 44.09 20.32
CA GLU A 446 -69.77 44.71 20.18
C GLU A 446 -69.58 46.18 19.84
N PHE A 447 -70.16 46.62 18.72
CA PHE A 447 -70.01 47.98 18.23
C PHE A 447 -71.38 48.60 18.06
N ASP A 448 -71.56 49.80 18.60
CA ASP A 448 -72.85 50.47 18.48
C ASP A 448 -72.78 51.95 18.11
N SER A 449 -71.62 52.61 18.19
CA SER A 449 -71.51 54.03 17.89
C SER A 449 -70.63 54.21 16.66
N PHE A 450 -71.12 55.00 15.71
CA PHE A 450 -70.42 55.19 14.44
C PHE A 450 -70.37 56.66 14.06
N TRP A 456 -69.23 67.61 3.42
CA TRP A 456 -68.23 67.16 2.46
C TRP A 456 -67.87 68.29 1.48
N SER A 457 -66.59 68.36 1.12
CA SER A 457 -66.10 69.37 0.18
C SER A 457 -65.31 68.68 -0.93
N SER A 458 -65.38 69.25 -2.13
CA SER A 458 -64.75 68.63 -3.28
C SER A 458 -63.23 68.54 -3.11
N GLY A 459 -62.60 69.64 -2.70
CA GLY A 459 -61.17 69.65 -2.47
C GLY A 459 -60.32 69.82 -3.71
N LEU A 460 -60.90 69.78 -4.90
CA LEU A 460 -60.14 69.92 -6.13
C LEU A 460 -59.87 71.40 -6.42
N SER A 461 -59.02 71.63 -7.43
CA SER A 461 -58.61 72.97 -7.81
C SER A 461 -58.84 73.18 -9.30
N ILE A 462 -59.03 74.45 -9.68
CA ILE A 462 -59.26 74.76 -11.09
C ILE A 462 -58.09 74.40 -11.98
N PRO A 463 -56.83 74.73 -11.65
CA PRO A 463 -55.72 74.35 -12.54
C PRO A 463 -55.61 72.85 -12.76
N LEU A 464 -55.85 72.04 -11.73
CA LEU A 464 -55.77 70.59 -11.90
C LEU A 464 -56.86 70.08 -12.82
N ARG A 465 -58.09 70.60 -12.67
CA ARG A 465 -59.18 70.22 -13.55
C ARG A 465 -58.89 70.62 -15.00
N THR A 466 -58.36 71.83 -15.21
CA THR A 466 -58.01 72.26 -16.55
C THR A 466 -56.92 71.38 -17.14
N ARG A 467 -55.92 71.02 -16.34
CA ARG A 467 -54.84 70.16 -16.83
C ARG A 467 -55.37 68.79 -17.24
N ILE A 468 -56.26 68.22 -16.43
CA ILE A 468 -56.84 66.93 -16.78
C ILE A 468 -57.67 67.03 -18.05
N LYS A 469 -58.48 68.08 -18.17
CA LYS A 469 -59.29 68.27 -19.37
C LYS A 469 -58.42 68.38 -20.61
N TRP A 470 -57.33 69.14 -20.52
CA TRP A 470 -56.43 69.27 -21.66
C TRP A 470 -55.72 67.96 -21.96
N LEU A 471 -55.35 67.20 -20.93
CA LEU A 471 -54.68 65.92 -21.14
C LEU A 471 -55.58 64.93 -21.86
N LEU A 472 -56.86 64.89 -21.50
CA LEU A 472 -57.79 63.98 -22.18
C LEU A 472 -57.95 64.37 -23.64
N SER A 473 -58.05 65.67 -23.93
CA SER A 473 -58.20 66.14 -25.29
C SER A 473 -56.89 66.05 -26.06
N ASP B 2 -30.28 47.58 -30.73
CA ASP B 2 -30.77 47.01 -29.47
C ASP B 2 -29.73 47.08 -28.33
N PRO B 3 -28.52 46.55 -28.52
CA PRO B 3 -27.53 46.59 -27.43
C PRO B 3 -26.90 47.97 -27.31
N VAL B 4 -26.34 48.23 -26.14
CA VAL B 4 -25.70 49.49 -25.82
C VAL B 4 -24.22 49.21 -25.56
N TYR B 5 -23.36 50.05 -26.13
CA TYR B 5 -21.92 49.85 -26.07
C TYR B 5 -21.29 50.83 -25.10
N VAL B 6 -20.36 50.33 -24.29
CA VAL B 6 -19.69 51.15 -23.28
C VAL B 6 -18.19 51.05 -23.46
N ASP B 7 -17.50 52.13 -23.12
CA ASP B 7 -16.06 52.26 -23.37
C ASP B 7 -15.26 51.83 -22.14
N ILE B 8 -15.38 50.55 -21.81
CA ILE B 8 -14.62 49.94 -20.73
C ILE B 8 -14.03 48.63 -21.22
N ASP B 9 -13.01 48.16 -20.50
CA ASP B 9 -12.35 46.92 -20.87
C ASP B 9 -13.26 45.72 -20.63
N ALA B 10 -13.08 44.70 -21.47
CA ALA B 10 -13.96 43.54 -21.45
C ALA B 10 -13.76 42.65 -20.23
N ASP B 11 -12.71 42.86 -19.45
CA ASP B 11 -12.42 42.03 -18.29
C ASP B 11 -12.72 42.71 -16.96
N SER B 12 -13.25 43.93 -16.98
CA SER B 12 -13.49 44.65 -15.74
C SER B 12 -14.64 44.03 -14.95
N ALA B 13 -14.55 44.13 -13.63
CA ALA B 13 -15.62 43.64 -12.76
C ALA B 13 -16.75 44.64 -12.61
N PHE B 14 -16.56 45.89 -13.05
CA PHE B 14 -17.65 46.85 -13.00
C PHE B 14 -18.82 46.44 -13.89
N LEU B 15 -18.51 45.77 -15.00
CA LEU B 15 -19.55 45.41 -15.97
C LEU B 15 -20.68 44.64 -15.30
N LYS B 16 -20.34 43.63 -14.50
CA LYS B 16 -21.33 42.91 -13.71
C LYS B 16 -22.33 43.88 -13.07
N ALA B 17 -21.83 44.82 -12.27
CA ALA B 17 -22.70 45.73 -11.55
C ALA B 17 -23.59 46.51 -12.51
N LEU B 18 -23.05 46.94 -13.64
CA LEU B 18 -23.85 47.69 -14.60
C LEU B 18 -25.03 46.86 -15.07
N GLN B 19 -24.79 45.58 -15.38
CA GLN B 19 -25.88 44.74 -15.84
C GLN B 19 -26.93 44.55 -14.77
N ARG B 20 -26.55 44.69 -13.50
CA ARG B 20 -27.52 44.59 -12.43
C ARG B 20 -28.36 45.86 -12.30
N ALA B 21 -27.81 47.01 -12.69
CA ALA B 21 -28.53 48.27 -12.52
C ALA B 21 -29.45 48.59 -13.68
N TYR B 22 -29.19 48.03 -14.86
CA TYR B 22 -29.99 48.28 -16.06
C TYR B 22 -30.39 46.93 -16.64
N PRO B 23 -31.38 46.27 -16.05
CA PRO B 23 -31.76 44.93 -16.54
C PRO B 23 -32.58 44.95 -17.81
N MET B 24 -32.96 46.12 -18.32
CA MET B 24 -33.74 46.23 -19.53
C MET B 24 -32.88 46.46 -20.77
N PHE B 25 -31.56 46.34 -20.65
CA PHE B 25 -30.64 46.58 -21.74
C PHE B 25 -29.68 45.41 -21.88
N GLU B 26 -28.90 45.46 -22.96
CA GLU B 26 -27.82 44.51 -23.20
C GLU B 26 -26.53 45.32 -23.32
N VAL B 27 -25.61 45.13 -22.39
CA VAL B 27 -24.42 45.95 -22.27
C VAL B 27 -23.24 45.23 -22.90
N GLU B 28 -22.53 45.91 -23.80
CA GLU B 28 -21.39 45.33 -24.49
C GLU B 28 -20.17 46.22 -24.33
N PRO B 29 -19.02 45.66 -23.95
CA PRO B 29 -17.80 46.47 -23.81
C PRO B 29 -17.13 46.67 -25.16
N ARG B 30 -16.75 47.91 -25.45
CA ARG B 30 -16.04 48.25 -26.68
C ARG B 30 -15.11 49.42 -26.36
N GLN B 31 -13.86 49.09 -26.04
CA GLN B 31 -12.93 50.08 -25.51
C GLN B 31 -12.12 50.72 -26.64
N VAL B 32 -12.09 52.06 -26.63
CA VAL B 32 -11.36 52.80 -27.66
C VAL B 32 -10.39 53.81 -27.10
N THR B 33 -10.49 54.23 -25.85
CA THR B 33 -9.61 55.23 -25.25
C THR B 33 -9.14 54.73 -23.89
N PRO B 34 -8.00 55.23 -23.42
CA PRO B 34 -7.49 54.81 -22.11
C PRO B 34 -8.01 55.65 -20.94
N ASN B 35 -9.12 56.36 -21.17
CA ASN B 35 -9.71 57.26 -20.18
C ASN B 35 -9.73 56.66 -18.78
N ASP B 36 -9.32 57.47 -17.80
CA ASP B 36 -9.26 57.01 -16.41
C ASP B 36 -10.51 57.33 -15.61
N ALA B 37 -11.53 57.93 -16.24
CA ALA B 37 -12.82 58.15 -15.61
C ALA B 37 -13.90 57.46 -16.43
N ALA B 38 -13.66 56.20 -16.82
CA ALA B 38 -14.53 55.54 -17.77
C ALA B 38 -15.86 55.12 -17.15
N ASN B 39 -15.83 54.64 -15.90
CA ASN B 39 -17.02 54.08 -15.29
C ASN B 39 -18.12 55.14 -15.13
N ALA B 40 -17.74 56.35 -14.71
CA ALA B 40 -18.72 57.41 -14.56
C ALA B 40 -19.35 57.78 -15.89
N ARG B 41 -18.54 57.83 -16.95
CA ARG B 41 -19.05 58.12 -18.28
C ARG B 41 -20.03 57.05 -18.73
N ALA B 42 -19.70 55.78 -18.49
CA ALA B 42 -20.61 54.69 -18.87
C ALA B 42 -21.94 54.80 -18.13
N PHE B 43 -21.89 55.09 -16.82
CA PHE B 43 -23.13 55.23 -16.06
C PHE B 43 -23.98 56.37 -16.60
N SER B 44 -23.37 57.51 -16.90
CA SER B 44 -24.13 58.64 -17.42
C SER B 44 -24.75 58.31 -18.78
N HIS B 45 -23.99 57.64 -19.64
CA HIS B 45 -24.50 57.23 -20.95
C HIS B 45 -25.74 56.36 -20.80
N LEU B 46 -25.67 55.33 -19.96
CA LEU B 46 -26.82 54.45 -19.79
C LEU B 46 -28.00 55.18 -19.15
N ALA B 47 -27.72 56.11 -18.24
CA ALA B 47 -28.82 56.87 -17.62
C ALA B 47 -29.57 57.69 -18.65
N ILE B 48 -28.85 58.34 -19.56
CA ILE B 48 -29.51 59.13 -20.59
C ILE B 48 -30.32 58.23 -21.52
N LYS B 49 -29.77 57.06 -21.86
CA LYS B 49 -30.52 56.11 -22.68
C LYS B 49 -31.85 55.74 -22.02
N LEU B 50 -31.80 55.40 -20.73
CA LEU B 50 -33.02 55.01 -20.03
C LEU B 50 -34.03 56.15 -19.95
N ILE B 51 -33.56 57.36 -19.64
CA ILE B 51 -34.48 58.49 -19.53
C ILE B 51 -35.15 58.74 -20.88
N GLU B 52 -34.39 58.68 -21.98
CA GLU B 52 -34.99 58.85 -23.29
C GLU B 52 -36.02 57.77 -23.58
N GLN B 53 -35.69 56.52 -23.23
CA GLN B 53 -36.66 55.43 -23.43
C GLN B 53 -37.92 55.60 -22.60
N GLU B 54 -37.85 56.39 -21.52
CA GLU B 54 -39.04 56.55 -20.67
C GLU B 54 -40.06 57.49 -21.29
N ILE B 55 -39.68 58.76 -21.50
CA ILE B 55 -40.66 59.76 -21.90
C ILE B 55 -41.05 59.57 -23.37
N ASP B 56 -42.20 60.12 -23.73
CA ASP B 56 -42.75 59.98 -25.06
C ASP B 56 -42.12 60.98 -26.02
N PRO B 57 -42.17 60.70 -27.33
CA PRO B 57 -41.61 61.64 -28.31
C PRO B 57 -42.40 62.93 -28.43
N ASP B 58 -42.02 63.77 -29.39
CA ASP B 58 -42.69 65.04 -29.71
C ASP B 58 -42.85 65.94 -28.48
N SER B 59 -42.05 65.72 -27.45
CA SER B 59 -41.97 66.60 -26.30
C SER B 59 -40.64 67.33 -26.31
N THR B 60 -40.69 68.65 -26.14
CA THR B 60 -39.46 69.43 -26.05
C THR B 60 -38.85 69.30 -24.67
N ILE B 61 -37.52 69.16 -24.62
CA ILE B 61 -36.81 68.90 -23.38
C ILE B 61 -35.81 70.02 -23.15
N LEU B 62 -35.90 70.65 -21.98
CA LEU B 62 -34.89 71.63 -21.58
C LEU B 62 -33.67 70.91 -21.06
N ASP B 63 -32.49 71.34 -21.49
CA ASP B 63 -31.23 70.77 -21.03
C ASP B 63 -30.46 71.87 -20.30
N ILE B 64 -30.45 71.80 -18.98
CA ILE B 64 -29.90 72.86 -18.13
C ILE B 64 -28.41 72.64 -17.97
N GLY B 65 -27.63 73.69 -18.23
CA GLY B 65 -26.19 73.63 -18.12
C GLY B 65 -25.60 72.57 -19.03
N SER B 66 -25.95 72.62 -20.31
CA SER B 66 -25.67 71.52 -21.21
C SER B 66 -24.35 71.69 -21.94
N ALA B 67 -23.87 70.59 -22.49
CA ALA B 67 -22.82 70.57 -23.51
C ALA B 67 -23.47 70.16 -24.82
N PRO B 68 -23.68 71.09 -25.76
CA PRO B 68 -24.55 70.79 -26.90
C PRO B 68 -24.07 69.64 -27.78
N ALA B 69 -22.77 69.42 -27.86
CA ALA B 69 -22.24 68.39 -28.75
C ALA B 69 -22.75 67.00 -28.41
N ARG B 70 -23.22 66.78 -27.19
CA ARG B 70 -23.73 65.48 -26.80
C ARG B 70 -25.12 65.20 -27.35
N ARG B 71 -25.86 66.24 -27.75
CA ARG B 71 -27.24 66.07 -28.18
C ARG B 71 -27.42 66.17 -29.69
N MET B 72 -26.32 66.17 -30.46
CA MET B 72 -26.43 66.42 -31.89
C MET B 72 -27.09 65.27 -32.62
N MET B 73 -26.66 64.04 -32.37
CA MET B 73 -27.13 62.88 -33.11
C MET B 73 -28.39 62.26 -32.52
N SER B 74 -29.14 63.01 -31.71
CA SER B 74 -30.36 62.52 -31.11
C SER B 74 -31.57 62.97 -31.93
N ASP B 75 -32.60 62.13 -31.93
CA ASP B 75 -33.82 62.41 -32.69
C ASP B 75 -34.87 63.15 -31.87
N ARG B 76 -34.66 63.34 -30.57
CA ARG B 76 -35.60 64.08 -29.75
C ARG B 76 -35.39 65.58 -29.94
N LYS B 77 -36.25 66.37 -29.30
CA LYS B 77 -36.19 67.83 -29.39
C LYS B 77 -35.57 68.37 -28.11
N TYR B 78 -34.39 68.97 -28.23
CA TYR B 78 -33.65 69.51 -27.11
C TYR B 78 -33.48 71.02 -27.26
N HIS B 79 -33.69 71.74 -26.17
CA HIS B 79 -33.36 73.17 -26.07
C HIS B 79 -32.28 73.31 -25.01
N CYS B 80 -31.07 73.67 -25.44
CA CYS B 80 -29.92 73.69 -24.56
C CYS B 80 -29.75 75.08 -23.95
N VAL B 81 -29.71 75.15 -22.63
CA VAL B 81 -29.52 76.41 -21.90
C VAL B 81 -28.04 76.51 -21.58
N CYS B 82 -27.32 77.39 -22.28
CA CYS B 82 -25.86 77.43 -22.25
C CYS B 82 -25.35 78.83 -21.97
N PRO B 83 -25.24 79.24 -20.71
CA PRO B 83 -24.48 80.43 -20.38
C PRO B 83 -23.00 80.10 -20.44
N MET B 84 -22.16 81.09 -20.11
CA MET B 84 -20.71 80.89 -20.06
C MET B 84 -20.23 81.39 -18.71
N ARG B 85 -20.30 80.52 -17.71
CA ARG B 85 -19.90 80.87 -16.35
C ARG B 85 -18.68 80.13 -15.86
N SER B 86 -18.30 79.03 -16.50
CA SER B 86 -17.11 78.27 -16.16
C SER B 86 -16.05 78.44 -17.24
N ALA B 87 -14.84 77.99 -16.92
CA ALA B 87 -13.71 78.17 -17.81
C ALA B 87 -13.62 77.10 -18.90
N GLU B 88 -14.48 76.10 -18.87
CA GLU B 88 -14.47 75.03 -19.86
C GLU B 88 -15.54 75.19 -20.92
N ASP B 89 -16.27 76.30 -20.92
CA ASP B 89 -17.40 76.48 -21.82
C ASP B 89 -17.00 76.90 -23.23
N PRO B 90 -16.07 77.86 -23.42
CA PRO B 90 -15.69 78.21 -24.79
C PRO B 90 -15.20 77.04 -25.61
N GLU B 91 -14.44 76.13 -25.01
CA GLU B 91 -13.99 74.96 -25.74
C GLU B 91 -15.15 74.07 -26.14
N ARG B 92 -16.14 73.92 -25.26
CA ARG B 92 -17.31 73.12 -25.60
C ARG B 92 -18.08 73.75 -26.77
N LEU B 93 -18.23 75.07 -26.75
CA LEU B 93 -18.91 75.74 -27.86
C LEU B 93 -18.16 75.58 -29.17
N ALA B 94 -16.83 75.73 -29.12
CA ALA B 94 -16.02 75.56 -30.32
C ALA B 94 -16.11 74.14 -30.85
N ASN B 95 -16.08 73.14 -29.96
CA ASN B 95 -16.23 71.75 -30.37
C ASN B 95 -17.58 71.51 -31.01
N TYR B 96 -18.65 72.10 -30.45
CA TYR B 96 -19.97 71.96 -31.04
C TYR B 96 -20.00 72.53 -32.45
N ALA B 97 -19.45 73.73 -32.64
CA ALA B 97 -19.43 74.33 -33.98
C ALA B 97 -18.63 73.49 -34.95
N ARG B 98 -17.47 72.98 -34.50
CA ARG B 98 -16.64 72.15 -35.37
C ARG B 98 -17.37 70.89 -35.79
N LYS B 99 -18.01 70.20 -34.84
CA LYS B 99 -18.71 68.96 -35.16
C LYS B 99 -19.91 69.24 -36.06
N LEU B 100 -20.58 70.38 -35.87
CA LEU B 100 -21.67 70.75 -36.77
C LEU B 100 -21.16 70.95 -38.18
N ALA B 101 -20.04 71.65 -38.33
CA ALA B 101 -19.50 71.91 -39.66
C ALA B 101 -19.04 70.61 -40.33
N SER B 102 -18.47 69.68 -39.56
CA SER B 102 -17.87 68.49 -40.14
C SER B 102 -18.90 67.66 -40.89
N ALA B 103 -20.05 67.41 -40.28
CA ALA B 103 -21.10 66.59 -40.87
C ALA B 103 -22.25 67.50 -41.25
N ALA B 104 -22.18 68.08 -42.47
CA ALA B 104 -23.19 69.01 -42.93
C ALA B 104 -24.06 68.46 -44.05
N GLY B 105 -23.61 67.43 -44.76
CA GLY B 105 -24.41 66.86 -45.83
C GLY B 105 -24.49 65.35 -45.76
N LYS B 106 -23.69 64.74 -44.90
CA LYS B 106 -23.67 63.30 -44.75
C LYS B 106 -24.79 62.79 -43.85
N VAL B 107 -25.31 63.61 -42.94
CA VAL B 107 -26.41 63.24 -42.06
C VAL B 107 -27.59 64.13 -42.40
N LEU B 108 -28.71 63.50 -42.76
CA LEU B 108 -29.89 64.24 -43.20
C LEU B 108 -31.14 63.96 -42.38
N ASP B 109 -31.14 62.93 -41.53
CA ASP B 109 -32.30 62.62 -40.71
C ASP B 109 -32.42 63.52 -39.50
N ARG B 110 -31.42 64.35 -39.23
CA ARG B 110 -31.41 65.28 -38.10
C ARG B 110 -31.50 66.71 -38.60
N ASN B 111 -31.92 67.59 -37.70
CA ASN B 111 -32.12 69.01 -38.03
C ASN B 111 -30.79 69.76 -38.02
N ILE B 112 -29.86 69.26 -38.83
CA ILE B 112 -28.51 69.83 -38.86
C ILE B 112 -28.53 71.25 -39.41
N SER B 113 -29.23 71.44 -40.53
CA SER B 113 -29.30 72.77 -41.14
C SER B 113 -29.99 73.76 -40.21
N GLY B 114 -31.08 73.33 -39.57
CA GLY B 114 -31.73 74.19 -38.60
C GLY B 114 -30.85 74.52 -37.42
N LYS B 115 -30.07 73.55 -36.96
CA LYS B 115 -29.14 73.81 -35.86
C LYS B 115 -28.09 74.84 -36.26
N ILE B 116 -27.55 74.73 -37.47
CA ILE B 116 -26.58 75.71 -37.95
C ILE B 116 -27.22 77.09 -38.04
N GLY B 117 -28.44 77.15 -38.57
CA GLY B 117 -29.13 78.44 -38.65
C GLY B 117 -29.36 79.07 -37.29
N ASP B 118 -29.77 78.26 -36.31
CA ASP B 118 -29.97 78.79 -34.96
C ASP B 118 -28.67 79.28 -34.36
N LEU B 119 -27.58 78.52 -34.54
CA LEU B 119 -26.30 78.96 -34.02
C LEU B 119 -25.87 80.28 -34.64
N GLN B 120 -26.03 80.43 -35.96
CA GLN B 120 -25.67 81.67 -36.62
C GLN B 120 -26.54 82.82 -36.14
N ALA B 121 -27.83 82.58 -35.96
CA ALA B 121 -28.73 83.63 -35.48
C ALA B 121 -28.34 84.09 -34.09
N VAL B 122 -28.00 83.15 -33.20
CA VAL B 122 -27.59 83.52 -31.85
C VAL B 122 -26.28 84.28 -31.89
N MET B 123 -25.36 83.88 -32.78
CA MET B 123 -24.11 84.61 -32.92
C MET B 123 -24.34 86.04 -33.38
N ALA B 124 -25.26 86.24 -34.32
CA ALA B 124 -25.54 87.59 -34.82
C ALA B 124 -26.12 88.48 -33.73
N VAL B 125 -27.17 88.00 -33.06
CA VAL B 125 -27.79 88.72 -31.95
C VAL B 125 -27.81 87.79 -30.75
N PRO B 126 -27.23 88.18 -29.60
CA PRO B 126 -27.07 87.23 -28.50
C PRO B 126 -28.23 87.13 -27.52
N ASP B 127 -29.26 87.96 -27.64
CA ASP B 127 -30.39 87.96 -26.71
C ASP B 127 -31.67 87.45 -27.36
N THR B 128 -31.56 86.42 -28.19
CA THR B 128 -32.70 85.85 -28.87
C THR B 128 -32.80 84.36 -28.55
N GLU B 129 -34.04 83.87 -28.46
CA GLU B 129 -34.29 82.46 -28.20
C GLU B 129 -34.58 81.75 -29.52
N THR B 130 -33.90 80.65 -29.75
CA THR B 130 -34.11 79.80 -30.91
C THR B 130 -34.61 78.44 -30.45
N PRO B 131 -35.16 77.62 -31.35
CA PRO B 131 -35.68 76.32 -30.93
C PRO B 131 -34.65 75.40 -30.30
N THR B 132 -33.36 75.61 -30.54
CA THR B 132 -32.36 74.67 -30.06
C THR B 132 -31.19 75.32 -29.31
N PHE B 133 -31.23 76.63 -29.05
CA PHE B 133 -30.07 77.26 -28.42
C PHE B 133 -30.48 78.58 -27.79
N CYS B 134 -29.82 78.91 -26.69
CA CYS B 134 -29.95 80.21 -26.05
C CYS B 134 -28.74 80.41 -25.14
N LEU B 135 -28.56 81.65 -24.68
CA LEU B 135 -27.41 82.03 -23.86
C LEU B 135 -27.82 82.59 -22.51
N HIS B 136 -28.99 82.20 -22.01
CA HIS B 136 -29.47 82.67 -20.73
C HIS B 136 -29.18 81.63 -19.64
N THR B 137 -29.50 81.98 -18.40
CA THR B 137 -29.37 81.05 -17.28
C THR B 137 -30.68 80.29 -17.09
N ASP B 138 -30.79 79.55 -16.00
CA ASP B 138 -31.99 78.75 -15.77
C ASP B 138 -33.18 79.61 -15.36
N VAL B 139 -32.94 80.73 -14.68
CA VAL B 139 -34.02 81.58 -14.19
C VAL B 139 -34.31 82.73 -15.13
N SER B 140 -33.77 82.70 -16.36
CA SER B 140 -34.04 83.76 -17.31
C SER B 140 -34.35 83.27 -18.72
N CYS B 141 -34.28 81.97 -18.98
CA CYS B 141 -34.70 81.45 -20.28
C CYS B 141 -36.22 81.54 -20.41
N ARG B 142 -36.70 81.92 -21.59
CA ARG B 142 -38.11 82.13 -21.83
C ARG B 142 -38.80 80.97 -22.52
N GLN B 143 -38.07 79.93 -22.89
CA GLN B 143 -38.67 78.81 -23.61
C GLN B 143 -39.62 78.04 -22.70
N ARG B 144 -40.71 77.54 -23.28
CA ARG B 144 -41.70 76.75 -22.56
C ARG B 144 -41.60 75.30 -23.01
N ALA B 145 -41.61 74.37 -22.05
CA ALA B 145 -41.48 72.96 -22.35
C ALA B 145 -42.26 72.17 -21.30
N ASP B 146 -42.00 70.87 -21.23
CA ASP B 146 -42.65 70.01 -20.25
C ASP B 146 -41.70 69.07 -19.51
N VAL B 147 -40.44 68.95 -19.93
CA VAL B 147 -39.46 68.10 -19.27
C VAL B 147 -38.16 68.88 -19.13
N ALA B 148 -37.48 68.70 -17.99
CA ALA B 148 -36.18 69.30 -17.74
C ALA B 148 -35.21 68.22 -17.29
N ILE B 149 -33.94 68.41 -17.59
CA ILE B 149 -32.91 67.42 -17.27
C ILE B 149 -31.69 68.13 -16.71
N TYR B 150 -31.17 67.62 -15.59
CA TYR B 150 -29.93 68.09 -15.00
C TYR B 150 -28.93 66.95 -15.00
N GLN B 151 -27.79 67.14 -15.66
CA GLN B 151 -26.76 66.11 -15.76
C GLN B 151 -25.46 66.65 -15.18
N ASP B 152 -25.09 66.11 -14.01
CA ASP B 152 -23.86 66.52 -13.31
C ASP B 152 -23.82 68.01 -13.06
N VAL B 153 -24.94 68.56 -12.59
CA VAL B 153 -25.06 69.99 -12.28
C VAL B 153 -25.13 70.11 -10.77
N TYR B 154 -24.11 70.74 -10.17
CA TYR B 154 -24.03 70.87 -8.72
C TYR B 154 -24.00 72.33 -8.26
N ALA B 155 -24.29 73.28 -9.14
CA ALA B 155 -24.03 74.69 -8.85
C ALA B 155 -25.28 75.55 -8.81
N VAL B 156 -26.45 74.95 -8.56
CA VAL B 156 -27.69 75.72 -8.46
C VAL B 156 -28.41 75.34 -7.17
N HIS B 157 -29.25 76.26 -6.71
CA HIS B 157 -30.11 76.02 -5.55
C HIS B 157 -31.38 75.33 -6.03
N ALA B 158 -31.61 74.11 -5.56
CA ALA B 158 -32.63 73.26 -6.17
C ALA B 158 -34.04 73.80 -6.08
N PRO B 159 -34.56 74.25 -4.93
CA PRO B 159 -35.95 74.73 -4.90
C PRO B 159 -36.22 75.92 -5.82
N THR B 160 -35.32 76.90 -5.86
CA THR B 160 -35.53 78.07 -6.70
C THR B 160 -35.53 77.68 -8.18
N SER B 161 -34.58 76.85 -8.58
CA SER B 161 -34.51 76.40 -9.97
C SER B 161 -35.76 75.61 -10.34
N LEU B 162 -36.21 74.72 -9.45
CA LEU B 162 -37.40 73.92 -9.76
C LEU B 162 -38.64 74.78 -9.84
N TYR B 163 -38.77 75.80 -8.99
CA TYR B 163 -39.92 76.70 -9.07
C TYR B 163 -39.93 77.47 -10.38
N HIS B 164 -38.77 77.98 -10.80
CA HIS B 164 -38.73 78.71 -12.06
C HIS B 164 -38.95 77.80 -13.25
N GLN B 165 -38.63 76.50 -13.10
CA GLN B 165 -38.97 75.55 -14.15
C GLN B 165 -40.46 75.25 -14.17
N ALA B 166 -41.09 75.22 -12.99
CA ALA B 166 -42.49 74.83 -12.89
C ALA B 166 -43.44 75.94 -13.34
N ILE B 167 -43.07 77.21 -13.12
CA ILE B 167 -43.98 78.28 -13.51
C ILE B 167 -44.05 78.42 -15.02
N LYS B 168 -43.29 77.59 -15.75
CA LYS B 168 -43.27 77.61 -17.20
C LYS B 168 -43.92 76.38 -17.82
N GLY B 169 -44.56 75.54 -17.02
CA GLY B 169 -45.28 74.39 -17.53
C GLY B 169 -44.54 73.07 -17.53
N VAL B 170 -43.40 72.99 -16.84
CA VAL B 170 -42.67 71.72 -16.75
C VAL B 170 -43.32 70.86 -15.67
N ARG B 171 -43.53 69.58 -16.01
CA ARG B 171 -44.18 68.65 -15.09
C ARG B 171 -43.29 67.49 -14.67
N LEU B 172 -42.08 67.37 -15.22
CA LEU B 172 -41.21 66.25 -14.93
C LEU B 172 -39.76 66.73 -14.99
N ALA B 173 -38.92 66.19 -14.12
CA ALA B 173 -37.51 66.56 -14.07
C ALA B 173 -36.68 65.37 -13.66
N TYR B 174 -35.41 65.37 -14.05
CA TYR B 174 -34.48 64.31 -13.72
C TYR B 174 -33.17 64.91 -13.25
N TRP B 175 -32.44 64.13 -12.43
CA TRP B 175 -31.17 64.56 -11.86
C TRP B 175 -30.23 63.38 -11.80
N VAL B 176 -29.03 63.54 -12.36
CA VAL B 176 -27.99 62.53 -12.35
C VAL B 176 -26.76 63.10 -11.68
N GLY B 177 -26.19 62.36 -10.74
CA GLY B 177 -25.03 62.84 -10.03
C GLY B 177 -24.62 61.89 -8.92
N PHE B 178 -23.68 62.35 -8.12
CA PHE B 178 -23.19 61.59 -6.99
C PHE B 178 -24.14 61.67 -5.81
N ASP B 179 -24.16 60.62 -4.99
CA ASP B 179 -25.03 60.58 -3.83
C ASP B 179 -24.62 61.64 -2.81
N THR B 180 -25.61 62.29 -2.22
CA THR B 180 -25.39 63.40 -1.30
C THR B 180 -25.41 62.98 0.17
N THR B 181 -25.55 61.69 0.45
CA THR B 181 -25.62 61.23 1.83
C THR B 181 -24.36 61.55 2.65
N PRO B 182 -23.13 61.35 2.15
CA PRO B 182 -21.96 61.66 2.98
C PRO B 182 -21.87 63.11 3.41
N PHE B 183 -22.55 64.02 2.73
CA PHE B 183 -22.52 65.43 3.11
C PHE B 183 -23.61 65.80 4.10
N MET B 184 -24.63 64.95 4.27
CA MET B 184 -25.59 65.17 5.34
C MET B 184 -25.09 64.64 6.68
N TYR B 185 -24.05 63.81 6.66
CA TYR B 185 -23.37 63.37 7.88
C TYR B 185 -22.23 64.30 8.27
N ASN B 186 -21.87 65.26 7.42
CA ASN B 186 -20.89 66.31 7.74
C ASN B 186 -19.49 65.74 7.97
N ALA B 187 -19.00 64.98 7.00
CA ALA B 187 -17.67 64.40 7.08
C ALA B 187 -16.61 65.38 6.56
N MET B 188 -15.35 65.09 6.88
CA MET B 188 -14.20 65.89 6.47
C MET B 188 -13.69 65.52 5.09
N ALA B 189 -13.61 64.22 4.79
CA ALA B 189 -13.08 63.73 3.53
C ALA B 189 -13.71 62.38 3.23
N GLY B 190 -13.58 61.92 1.99
CA GLY B 190 -14.20 60.65 1.65
C GLY B 190 -13.84 60.17 0.26
N ALA B 191 -14.33 58.98 -0.06
CA ALA B 191 -14.00 58.31 -1.30
C ALA B 191 -15.23 57.66 -1.91
N TYR B 192 -15.27 57.63 -3.25
CA TYR B 192 -16.12 56.76 -4.04
C TYR B 192 -15.17 55.84 -4.79
N PRO B 193 -14.89 54.65 -4.26
CA PRO B 193 -13.76 53.86 -4.78
C PRO B 193 -14.05 53.14 -6.08
N SER B 194 -15.31 52.83 -6.40
CA SER B 194 -15.60 52.18 -7.67
C SER B 194 -15.45 53.12 -8.85
N TYR B 195 -15.51 54.43 -8.63
CA TYR B 195 -15.39 55.41 -9.70
C TYR B 195 -14.06 56.14 -9.65
N SER B 196 -13.12 55.69 -8.83
CA SER B 196 -11.81 56.32 -8.67
C SER B 196 -11.94 57.79 -8.29
N THR B 197 -12.79 58.08 -7.32
CA THR B 197 -13.05 59.46 -6.92
C THR B 197 -12.69 59.65 -5.45
N ASN B 198 -12.00 60.74 -5.15
CA ASN B 198 -11.72 61.14 -3.78
C ASN B 198 -12.07 62.62 -3.62
N TRP B 199 -12.53 62.99 -2.43
CA TRP B 199 -12.84 64.38 -2.14
C TRP B 199 -12.37 64.71 -0.74
N ALA B 200 -11.99 65.98 -0.53
CA ALA B 200 -11.51 66.43 0.76
C ALA B 200 -11.87 67.88 0.97
N ASP B 201 -12.02 68.25 2.24
CA ASP B 201 -12.19 69.64 2.63
C ASP B 201 -10.91 70.43 2.37
N GLU B 202 -11.07 71.72 2.12
CA GLU B 202 -9.92 72.55 1.74
C GLU B 202 -8.90 72.69 2.86
N GLN B 203 -9.26 72.41 4.10
CA GLN B 203 -8.37 72.59 5.23
C GLN B 203 -7.46 71.39 5.49
N VAL B 204 -7.69 70.25 4.84
CA VAL B 204 -6.89 69.07 5.11
C VAL B 204 -6.15 68.62 3.86
N LEU B 205 -5.88 69.55 2.94
CA LEU B 205 -5.18 69.22 1.71
C LEU B 205 -3.71 68.90 1.93
N LYS B 206 -3.18 69.13 3.12
CA LYS B 206 -1.78 68.84 3.42
C LYS B 206 -1.62 67.66 4.38
N ALA B 207 -2.58 66.74 4.36
CA ALA B 207 -2.51 65.55 5.20
C ALA B 207 -1.54 64.55 4.56
N LYS B 208 -1.48 63.33 5.10
CA LYS B 208 -0.53 62.35 4.63
C LYS B 208 -1.15 61.05 4.13
N ASN B 209 -2.25 60.59 4.72
CA ASN B 209 -2.73 59.24 4.46
C ASN B 209 -4.19 59.18 4.05
N ILE B 210 -4.70 60.24 3.42
CA ILE B 210 -6.02 60.21 2.81
C ILE B 210 -5.84 60.14 1.29
N GLY B 211 -6.96 59.97 0.59
CA GLY B 211 -6.90 59.75 -0.85
C GLY B 211 -6.34 60.92 -1.64
N LEU B 212 -6.70 62.14 -1.24
CA LEU B 212 -6.33 63.35 -1.98
C LEU B 212 -5.57 64.30 -1.05
N CYS B 213 -4.24 64.27 -1.12
CA CYS B 213 -3.41 65.09 -0.24
C CYS B 213 -1.98 65.09 -0.78
N SER B 214 -1.14 65.92 -0.17
CA SER B 214 0.28 66.00 -0.50
C SER B 214 1.03 66.66 0.65
N THR B 215 2.20 66.11 0.99
CA THR B 215 2.97 66.62 2.12
C THR B 215 4.46 66.50 1.81
N ASP B 216 5.29 66.95 2.75
CA ASP B 216 6.75 67.04 2.60
C ASP B 216 7.45 66.15 3.64
N LEU B 217 8.77 66.16 3.58
CA LEU B 217 9.62 65.51 4.58
C LEU B 217 10.16 66.54 5.56
N THR B 218 10.33 66.14 6.81
CA THR B 218 10.77 67.06 7.84
C THR B 218 11.40 66.29 8.99
N GLU B 219 12.14 67.03 9.83
CA GLU B 219 12.77 66.47 11.01
C GLU B 219 12.03 66.77 12.30
N GLY B 220 11.31 67.88 12.36
CA GLY B 220 10.57 68.24 13.56
C GLY B 220 11.27 69.28 14.41
N LYS B 232 -9.59 75.03 17.00
CA LYS B 232 -10.85 74.53 16.44
C LYS B 232 -10.66 74.10 14.98
N LEU B 233 -11.22 72.94 14.63
CA LEU B 233 -11.09 72.38 13.29
C LEU B 233 -12.44 71.76 12.92
N GLU B 234 -13.20 72.46 12.10
CA GLU B 234 -14.54 72.05 11.70
C GLU B 234 -14.71 72.23 10.20
N PRO B 235 -15.63 71.49 9.59
CA PRO B 235 -15.84 71.62 8.15
C PRO B 235 -16.29 73.03 7.75
N CYS B 236 -15.83 73.47 6.58
N CYS B 236 -15.83 73.47 6.58
CA CYS B 236 -16.18 74.74 6.00
CA CYS B 236 -16.21 74.75 6.02
C CYS B 236 -16.91 74.52 4.68
C CYS B 236 -16.90 74.51 4.67
N ASP B 237 -17.19 75.60 3.96
CA ASP B 237 -18.02 75.50 2.76
C ASP B 237 -17.30 74.85 1.59
N ARG B 238 -16.04 75.20 1.34
CA ARG B 238 -15.40 74.86 0.09
C ARG B 238 -14.86 73.44 0.10
N VAL B 239 -15.14 72.68 -0.96
CA VAL B 239 -14.74 71.28 -1.08
C VAL B 239 -14.11 71.06 -2.45
N LEU B 240 -13.19 70.11 -2.54
CA LEU B 240 -12.52 69.76 -3.78
C LEU B 240 -12.86 68.32 -4.15
N PHE B 241 -13.21 68.10 -5.41
CA PHE B 241 -13.55 66.80 -5.97
C PHE B 241 -12.51 66.42 -7.03
N SER B 242 -12.14 65.15 -7.05
CA SER B 242 -11.18 64.66 -8.06
C SER B 242 -11.73 63.38 -8.68
N VAL B 243 -12.19 63.48 -9.92
CA VAL B 243 -12.69 62.33 -10.67
C VAL B 243 -11.60 61.93 -11.66
N GLY B 244 -11.00 60.77 -11.44
CA GLY B 244 -9.83 60.39 -12.21
C GLY B 244 -8.71 61.38 -11.98
N SER B 245 -8.41 62.21 -12.98
CA SER B 245 -7.45 63.29 -12.83
C SER B 245 -8.07 64.63 -13.18
N THR B 246 -9.39 64.77 -13.05
CA THR B 246 -10.08 66.03 -13.28
C THR B 246 -10.53 66.61 -11.95
N LEU B 247 -10.30 67.91 -11.77
CA LEU B 247 -10.53 68.59 -10.50
C LEU B 247 -11.72 69.53 -10.60
N TYR B 248 -12.58 69.50 -9.57
CA TYR B 248 -13.78 70.34 -9.54
C TYR B 248 -13.99 70.95 -8.16
N PRO B 249 -14.13 72.27 -8.05
CA PRO B 249 -14.49 72.87 -6.76
C PRO B 249 -16.00 72.90 -6.56
N GLU B 250 -16.43 72.67 -5.31
CA GLU B 250 -17.84 72.58 -4.99
C GLU B 250 -18.12 73.27 -3.65
N SER B 251 -19.41 73.52 -3.43
CA SER B 251 -19.90 74.18 -2.23
C SER B 251 -20.84 73.25 -1.48
N ARG B 252 -20.71 73.23 -0.15
CA ARG B 252 -21.49 72.30 0.67
C ARG B 252 -22.98 72.67 0.66
N LYS B 253 -23.30 73.96 0.64
CA LYS B 253 -24.69 74.39 0.69
C LYS B 253 -25.47 73.89 -0.52
N LEU B 254 -24.92 74.08 -1.71
CA LEU B 254 -25.61 73.67 -2.92
C LEU B 254 -25.70 72.17 -3.06
N LEU B 255 -24.68 71.44 -2.61
CA LEU B 255 -24.76 69.99 -2.59
C LEU B 255 -25.84 69.51 -1.64
N LYS B 256 -25.95 70.14 -0.46
CA LYS B 256 -26.96 69.75 0.50
C LYS B 256 -28.37 70.07 0.01
N SER B 257 -28.52 71.14 -0.78
CA SER B 257 -29.86 71.54 -1.20
C SER B 257 -30.53 70.50 -2.09
N TRP B 258 -29.79 69.58 -2.68
CA TRP B 258 -30.36 68.57 -3.57
C TRP B 258 -30.78 67.30 -2.85
N HIS B 259 -30.65 67.25 -1.53
CA HIS B 259 -31.11 66.12 -0.72
C HIS B 259 -32.53 66.42 -0.26
N LEU B 260 -33.49 66.09 -1.14
CA LEU B 260 -34.87 66.50 -0.99
C LEU B 260 -35.70 65.44 -0.24
N PRO B 261 -36.74 65.86 0.47
CA PRO B 261 -37.62 64.91 1.14
C PRO B 261 -38.60 64.29 0.15
N SER B 262 -39.42 63.37 0.68
CA SER B 262 -40.32 62.60 -0.20
C SER B 262 -41.42 63.46 -0.79
N VAL B 263 -41.96 64.42 -0.03
CA VAL B 263 -43.00 65.31 -0.52
C VAL B 263 -42.69 66.72 -0.01
N PHE B 264 -42.96 67.73 -0.84
CA PHE B 264 -42.77 69.10 -0.41
C PHE B 264 -43.67 70.05 -1.19
N HIS B 265 -43.76 71.28 -0.69
CA HIS B 265 -44.63 72.32 -1.22
C HIS B 265 -43.81 73.50 -1.71
N LEU B 266 -44.24 74.10 -2.82
CA LEU B 266 -43.66 75.34 -3.33
C LEU B 266 -44.75 76.39 -3.34
N LYS B 267 -44.64 77.39 -2.47
CA LYS B 267 -45.70 78.37 -2.23
C LYS B 267 -45.20 79.77 -2.59
N GLY B 268 -45.65 80.28 -3.73
CA GLY B 268 -45.35 81.63 -4.16
C GLY B 268 -46.60 82.30 -4.69
N LYS B 269 -46.44 83.00 -5.81
CA LYS B 269 -47.61 83.54 -6.51
C LYS B 269 -48.50 82.40 -7.00
N LEU B 270 -47.88 81.32 -7.50
CA LEU B 270 -48.56 80.07 -7.76
C LEU B 270 -48.03 79.01 -6.80
N SER B 271 -48.78 77.92 -6.66
CA SER B 271 -48.47 76.90 -5.68
C SER B 271 -48.38 75.55 -6.35
N PHE B 272 -47.43 74.73 -5.88
CA PHE B 272 -47.21 73.40 -6.43
C PHE B 272 -46.92 72.42 -5.32
N THR B 273 -47.27 71.17 -5.58
CA THR B 273 -46.96 70.04 -4.70
C THR B 273 -46.07 69.08 -5.48
N CYS B 274 -44.93 68.71 -4.90
CA CYS B 274 -43.93 67.93 -5.61
C CYS B 274 -43.48 66.75 -4.79
N ARG B 275 -43.01 65.72 -5.48
CA ARG B 275 -42.49 64.52 -4.83
C ARG B 275 -41.29 63.99 -5.60
N CYS B 276 -40.33 63.44 -4.85
CA CYS B 276 -39.04 63.01 -5.38
C CYS B 276 -38.76 61.56 -4.97
N ASP B 277 -38.19 60.79 -5.89
CA ASP B 277 -37.81 59.42 -5.55
C ASP B 277 -36.61 58.98 -6.38
N THR B 278 -35.90 57.97 -5.86
CA THR B 278 -34.70 57.45 -6.50
C THR B 278 -35.05 56.22 -7.32
N VAL B 279 -34.62 56.19 -8.57
CA VAL B 279 -35.00 55.12 -9.48
C VAL B 279 -33.82 54.22 -9.88
N VAL B 280 -32.59 54.74 -9.89
CA VAL B 280 -31.41 53.94 -10.16
C VAL B 280 -30.35 54.29 -9.12
N SER B 281 -29.63 53.28 -8.65
CA SER B 281 -28.61 53.46 -7.63
C SER B 281 -27.53 52.41 -7.81
N CYS B 282 -26.29 52.84 -8.03
CA CYS B 282 -25.17 51.91 -8.26
C CYS B 282 -23.91 52.47 -7.59
N GLU B 283 -23.68 52.05 -6.35
CA GLU B 283 -22.41 52.24 -5.63
C GLU B 283 -22.02 53.70 -5.44
N GLY B 284 -22.97 54.62 -5.47
CA GLY B 284 -22.63 56.02 -5.26
C GLY B 284 -23.24 56.96 -6.28
N TYR B 285 -23.52 56.47 -7.47
CA TYR B 285 -24.25 57.23 -8.48
C TYR B 285 -25.74 56.92 -8.39
N VAL B 286 -26.56 57.97 -8.54
CA VAL B 286 -28.01 57.84 -8.44
C VAL B 286 -28.69 58.56 -9.59
N VAL B 287 -29.96 58.21 -9.80
CA VAL B 287 -30.87 58.93 -10.68
C VAL B 287 -32.13 59.25 -9.90
N LYS B 288 -32.52 60.52 -9.88
CA LYS B 288 -33.68 60.99 -9.13
C LYS B 288 -34.76 61.48 -10.08
N ARG B 289 -36.01 61.19 -9.74
CA ARG B 289 -37.17 61.60 -10.51
C ARG B 289 -38.08 62.45 -9.64
N ILE B 290 -38.45 63.64 -10.15
CA ILE B 290 -39.25 64.61 -9.42
C ILE B 290 -40.48 64.94 -10.25
N THR B 291 -41.64 64.95 -9.59
CA THR B 291 -42.89 65.32 -10.24
C THR B 291 -43.53 66.48 -9.49
N MET B 292 -44.08 67.43 -10.24
CA MET B 292 -44.71 68.63 -9.67
C MET B 292 -46.10 68.81 -10.25
N SER B 293 -47.04 69.21 -9.41
CA SER B 293 -48.44 69.38 -9.80
C SER B 293 -48.99 70.68 -9.23
N PRO B 294 -49.95 71.29 -9.91
CA PRO B 294 -50.50 72.57 -9.41
C PRO B 294 -51.45 72.38 -8.24
N GLY B 295 -51.38 73.31 -7.30
CA GLY B 295 -52.22 73.28 -6.12
C GLY B 295 -51.53 72.66 -4.91
N LEU B 296 -52.16 72.82 -3.76
CA LEU B 296 -51.66 72.29 -2.50
C LEU B 296 -52.53 71.13 -2.04
N TYR B 297 -51.90 70.01 -1.70
CA TYR B 297 -52.61 68.82 -1.28
C TYR B 297 -51.80 68.08 -0.21
N GLY B 298 -52.53 67.46 0.72
CA GLY B 298 -51.88 66.66 1.74
C GLY B 298 -51.12 67.50 2.75
N LYS B 299 -50.23 66.82 3.47
CA LYS B 299 -49.35 67.47 4.44
C LYS B 299 -48.01 66.77 4.43
N THR B 300 -46.99 67.47 4.94
CA THR B 300 -45.60 67.03 4.85
C THR B 300 -45.06 66.68 6.22
N THR B 301 -44.06 65.81 6.25
CA THR B 301 -43.35 65.43 7.47
C THR B 301 -41.94 65.99 7.56
N GLY B 302 -41.22 66.05 6.44
CA GLY B 302 -39.89 66.61 6.45
C GLY B 302 -38.76 65.62 6.64
N TYR B 303 -38.92 64.39 6.17
CA TYR B 303 -37.92 63.34 6.34
C TYR B 303 -37.43 62.85 4.98
N ALA B 304 -36.14 62.52 4.92
CA ALA B 304 -35.53 61.97 3.73
C ALA B 304 -34.87 60.64 4.07
N VAL B 305 -35.03 59.64 3.20
CA VAL B 305 -34.63 58.28 3.46
C VAL B 305 -33.66 57.80 2.39
N THR B 306 -32.63 57.07 2.81
CA THR B 306 -31.67 56.46 1.90
C THR B 306 -31.62 54.96 2.18
N HIS B 307 -31.72 54.15 1.14
CA HIS B 307 -31.62 52.69 1.25
C HIS B 307 -30.21 52.27 0.91
N HIS B 308 -29.63 51.40 1.74
CA HIS B 308 -28.25 50.96 1.59
C HIS B 308 -28.22 49.53 1.07
N ALA B 309 -27.70 49.35 -0.14
CA ALA B 309 -27.45 48.02 -0.67
C ALA B 309 -26.05 47.52 -0.36
N ASP B 310 -25.10 48.43 -0.20
CA ASP B 310 -23.77 48.14 0.29
C ASP B 310 -23.62 48.70 1.70
N GLY B 311 -22.46 48.49 2.29
CA GLY B 311 -22.18 49.07 3.58
C GLY B 311 -21.67 50.50 3.47
N PHE B 312 -22.09 51.34 4.40
CA PHE B 312 -21.64 52.72 4.47
C PHE B 312 -20.96 52.93 5.81
N LEU B 313 -19.74 53.47 5.79
CA LEU B 313 -18.94 53.64 6.99
C LEU B 313 -18.54 55.09 7.18
N MET B 314 -18.60 55.55 8.44
CA MET B 314 -18.07 56.83 8.87
C MET B 314 -17.30 56.61 10.15
N CYS B 315 -16.08 57.14 10.25
CA CYS B 315 -15.25 56.86 11.41
C CYS B 315 -14.27 58.00 11.65
N LYS B 316 -13.77 58.06 12.87
CA LYS B 316 -12.78 59.04 13.29
C LYS B 316 -11.38 58.47 13.14
N THR B 317 -10.47 59.29 12.63
CA THR B 317 -9.10 58.86 12.36
C THR B 317 -8.14 59.97 12.75
N THR B 318 -6.89 59.57 12.99
CA THR B 318 -5.82 60.45 13.43
C THR B 318 -4.76 60.55 12.34
N ASP B 319 -4.34 61.77 12.04
CA ASP B 319 -3.34 62.00 11.01
C ASP B 319 -2.48 63.18 11.41
N THR B 320 -1.53 63.53 10.54
CA THR B 320 -0.73 64.74 10.69
C THR B 320 -0.99 65.64 9.50
N VAL B 321 -1.45 66.86 9.77
CA VAL B 321 -1.67 67.87 8.76
C VAL B 321 -0.56 68.89 8.90
N ASP B 322 0.25 69.03 7.86
CA ASP B 322 1.38 69.97 7.84
C ASP B 322 2.32 69.76 9.01
N GLY B 323 2.39 68.54 9.53
CA GLY B 323 3.27 68.21 10.63
C GLY B 323 2.62 68.17 11.99
N GLU B 324 1.38 68.63 12.13
CA GLU B 324 0.71 68.69 13.41
C GLU B 324 -0.35 67.59 13.49
N ARG B 325 -0.37 66.85 14.60
CA ARG B 325 -1.24 65.70 14.75
C ARG B 325 -2.65 66.14 15.14
N VAL B 326 -3.65 65.68 14.38
CA VAL B 326 -5.05 66.04 14.58
C VAL B 326 -5.92 64.81 14.31
N SER B 327 -7.23 64.98 14.54
CA SER B 327 -8.22 63.93 14.35
C SER B 327 -9.44 64.48 13.63
N PHE B 328 -9.99 63.70 12.70
CA PHE B 328 -11.20 64.09 11.97
C PHE B 328 -11.86 62.85 11.38
N SER B 329 -13.01 63.04 10.75
CA SER B 329 -13.87 61.94 10.34
C SER B 329 -13.85 61.74 8.82
N VAL B 330 -13.87 60.47 8.40
CA VAL B 330 -13.87 60.10 6.99
C VAL B 330 -14.95 59.05 6.75
N CYS B 331 -15.39 58.93 5.50
CA CYS B 331 -16.47 58.04 5.12
C CYS B 331 -16.12 57.26 3.86
N THR B 332 -16.75 56.10 3.70
CA THR B 332 -16.46 55.24 2.55
C THR B 332 -17.58 54.20 2.37
N TYR B 333 -17.47 53.44 1.28
CA TYR B 333 -18.42 52.41 0.87
C TYR B 333 -17.75 51.04 0.85
N VAL B 334 -18.45 50.02 1.31
CA VAL B 334 -17.90 48.67 1.43
C VAL B 334 -18.79 47.66 0.71
N PRO B 335 -18.23 46.75 -0.08
CA PRO B 335 -19.06 45.75 -0.78
C PRO B 335 -19.81 44.84 0.19
N ALA B 336 -21.00 44.40 -0.24
CA ALA B 336 -21.90 43.65 0.63
C ALA B 336 -21.36 42.28 1.02
N THR B 337 -20.63 41.61 0.13
CA THR B 337 -20.13 40.28 0.44
C THR B 337 -19.11 40.28 1.57
N ILE B 338 -18.23 41.27 1.61
CA ILE B 338 -17.27 41.37 2.71
C ILE B 338 -18.00 41.64 4.02
N CYS B 339 -18.97 42.53 4.00
CA CYS B 339 -19.76 42.81 5.20
C CYS B 339 -20.45 41.55 5.71
N ASP B 340 -21.02 40.76 4.79
CA ASP B 340 -21.65 39.51 5.20
C ASP B 340 -20.64 38.53 5.76
N GLN B 341 -19.43 38.48 5.21
CA GLN B 341 -18.43 37.54 5.68
C GLN B 341 -17.73 37.99 6.97
N MET B 342 -17.93 39.21 7.43
CA MET B 342 -17.34 39.65 8.69
C MET B 342 -18.31 39.57 9.87
N THR B 343 -19.48 38.95 9.70
CA THR B 343 -20.48 38.94 10.75
C THR B 343 -20.02 38.17 11.98
N GLY B 344 -19.39 37.02 11.79
CA GLY B 344 -19.04 36.17 12.91
C GLY B 344 -17.86 36.70 13.72
N ILE B 345 -16.91 37.36 13.05
CA ILE B 345 -15.72 37.84 13.74
C ILE B 345 -16.07 38.97 14.69
N LEU B 346 -17.00 39.83 14.30
CA LEU B 346 -17.33 41.01 15.08
C LEU B 346 -18.17 40.70 16.32
N ALA B 347 -18.33 39.43 16.68
CA ALA B 347 -19.03 39.07 17.91
C ALA B 347 -18.15 39.20 19.15
N THR B 348 -16.84 39.36 18.98
CA THR B 348 -15.88 39.50 20.05
C THR B 348 -15.10 40.80 19.87
N GLU B 349 -14.13 41.02 20.75
CA GLU B 349 -13.23 42.16 20.65
C GLU B 349 -12.01 41.76 19.84
N VAL B 350 -11.67 42.57 18.84
CA VAL B 350 -10.62 42.25 17.89
C VAL B 350 -9.74 43.48 17.70
N THR B 351 -8.43 43.25 17.63
CA THR B 351 -7.46 44.32 17.40
C THR B 351 -7.43 44.72 15.93
N PRO B 352 -7.01 45.95 15.62
CA PRO B 352 -6.96 46.38 14.22
C PRO B 352 -6.03 45.55 13.34
N GLU B 353 -4.92 45.03 13.88
CA GLU B 353 -4.00 44.24 13.05
C GLU B 353 -4.61 42.92 12.62
N ASP B 354 -5.29 42.23 13.54
CA ASP B 354 -5.97 40.99 13.19
C ASP B 354 -7.07 41.22 12.19
N ALA B 355 -7.84 42.30 12.35
CA ALA B 355 -8.87 42.64 11.37
C ALA B 355 -8.26 42.94 10.02
N GLN B 356 -7.12 43.63 9.97
CA GLN B 356 -6.46 43.90 8.70
C GLN B 356 -6.03 42.62 8.01
N LYS B 357 -5.43 41.69 8.76
CA LYS B 357 -5.04 40.42 8.16
C LYS B 357 -6.25 39.62 7.66
N LEU B 358 -7.34 39.61 8.43
CA LEU B 358 -8.54 38.91 7.99
C LEU B 358 -9.13 39.52 6.73
N LEU B 359 -9.19 40.85 6.66
CA LEU B 359 -9.71 41.51 5.47
C LEU B 359 -8.84 41.24 4.26
N VAL B 360 -7.52 41.26 4.43
CA VAL B 360 -6.64 40.93 3.32
C VAL B 360 -6.86 39.49 2.87
N GLY B 361 -7.10 38.59 3.82
CA GLY B 361 -7.39 37.21 3.46
C GLY B 361 -8.67 37.07 2.67
N LEU B 362 -9.72 37.81 3.06
CA LEU B 362 -10.97 37.74 2.31
C LEU B 362 -10.85 38.36 0.93
N ASN B 363 -10.07 39.44 0.80
CA ASN B 363 -9.90 40.12 -0.48
C ASN B 363 -9.05 39.28 -1.42
N ASN B 377 -9.19 41.25 -6.66
CA ASN B 377 -9.49 42.21 -5.59
C ASN B 377 -10.93 42.69 -5.66
N THR B 378 -11.71 42.38 -4.62
CA THR B 378 -13.08 42.87 -4.57
C THR B 378 -13.15 44.35 -4.22
N MET B 379 -12.21 44.83 -3.40
CA MET B 379 -12.17 46.23 -3.01
C MET B 379 -10.74 46.75 -3.12
N LYS B 380 -10.62 48.06 -3.29
CA LYS B 380 -9.30 48.67 -3.43
C LYS B 380 -8.53 48.59 -2.13
N ASN B 381 -7.22 48.35 -2.24
CA ASN B 381 -6.41 48.08 -1.06
C ASN B 381 -6.11 49.32 -0.25
N TYR B 382 -5.98 50.49 -0.88
CA TYR B 382 -5.60 51.69 -0.15
C TYR B 382 -6.65 52.11 0.87
N MET B 383 -7.86 51.56 0.79
CA MET B 383 -8.92 51.89 1.73
C MET B 383 -8.98 50.90 2.89
N ILE B 384 -8.21 49.81 2.84
CA ILE B 384 -8.33 48.76 3.84
C ILE B 384 -7.89 49.18 5.24
N PRO B 385 -6.72 49.82 5.42
CA PRO B 385 -6.26 50.07 6.80
C PRO B 385 -7.21 50.88 7.67
N VAL B 386 -7.96 51.81 7.10
CA VAL B 386 -8.89 52.58 7.91
C VAL B 386 -10.18 51.80 8.18
N VAL B 387 -10.67 51.03 7.21
CA VAL B 387 -11.83 50.17 7.44
C VAL B 387 -11.55 49.22 8.59
N ALA B 388 -10.39 48.57 8.59
CA ALA B 388 -10.03 47.68 9.68
C ALA B 388 -10.00 48.41 11.02
N GLN B 389 -9.71 49.71 11.01
CA GLN B 389 -9.73 50.46 12.26
C GLN B 389 -11.16 50.77 12.70
N ALA B 390 -12.08 50.93 11.75
CA ALA B 390 -13.45 51.25 12.12
C ALA B 390 -14.16 50.05 12.72
N PHE B 391 -14.10 48.91 12.04
CA PHE B 391 -14.74 47.69 12.54
C PHE B 391 -14.31 47.40 13.97
N SER B 392 -13.00 47.42 14.21
CA SER B 392 -12.48 47.12 15.54
C SER B 392 -13.11 48.00 16.61
N LYS B 393 -13.34 49.28 16.31
CA LYS B 393 -13.96 50.13 17.30
C LYS B 393 -15.43 49.79 17.47
N TRP B 394 -16.14 49.57 16.36
CA TRP B 394 -17.57 49.32 16.43
C TRP B 394 -17.87 48.13 17.35
N ALA B 395 -17.21 47.00 17.10
CA ALA B 395 -17.41 45.83 17.95
C ALA B 395 -17.21 46.16 19.41
N LYS B 396 -16.17 46.90 19.75
CA LYS B 396 -15.94 47.21 21.14
C LYS B 396 -17.09 48.01 21.73
N GLU B 397 -17.57 49.02 21.00
CA GLU B 397 -18.68 49.81 21.49
C GLU B 397 -19.94 48.98 21.68
N CYS B 398 -20.05 47.84 20.99
CA CYS B 398 -21.19 46.98 21.23
C CYS B 398 -21.09 46.27 22.57
N ARG B 399 -19.90 45.77 22.93
CA ARG B 399 -19.78 44.99 24.15
C ARG B 399 -20.19 45.80 25.37
N LYS B 400 -19.73 47.05 25.45
CA LYS B 400 -20.09 47.91 26.56
C LYS B 400 -21.60 48.06 26.68
N ASP B 401 -22.30 48.17 25.55
CA ASP B 401 -23.75 48.30 25.61
C ASP B 401 -24.38 47.09 26.28
N MET B 402 -23.84 45.89 26.00
CA MET B 402 -24.38 44.69 26.60
C MET B 402 -24.05 44.58 28.09
N GLU B 403 -23.08 45.34 28.57
CA GLU B 403 -22.63 45.19 29.95
C GLU B 403 -23.18 46.27 30.87
N ASP B 404 -23.92 47.24 30.36
CA ASP B 404 -24.54 48.29 31.16
C ASP B 404 -26.02 48.35 30.75
N GLU B 405 -26.84 47.52 31.39
CA GLU B 405 -28.21 47.29 30.97
C GLU B 405 -29.16 48.03 31.90
N LYS B 406 -30.05 48.83 31.32
CA LYS B 406 -30.96 49.67 32.09
C LYS B 406 -32.29 48.93 32.31
N LEU B 407 -33.29 49.66 32.77
CA LEU B 407 -34.63 49.13 32.97
C LEU B 407 -35.54 49.58 31.83
N LEU B 408 -36.60 48.81 31.61
CA LEU B 408 -37.52 49.09 30.51
C LEU B 408 -38.34 50.34 30.79
N GLY B 409 -38.35 51.27 29.84
CA GLY B 409 -39.17 52.46 29.93
C GLY B 409 -38.78 53.42 31.04
N VAL B 410 -37.49 53.66 31.24
CA VAL B 410 -37.00 54.49 32.33
C VAL B 410 -35.75 55.20 31.87
N ARG B 411 -35.60 56.46 32.28
CA ARG B 411 -34.41 57.25 31.99
C ARG B 411 -33.87 57.84 33.28
N GLU B 412 -32.55 57.85 33.42
CA GLU B 412 -31.88 58.44 34.57
C GLU B 412 -31.37 59.82 34.20
N ARG B 413 -31.88 60.85 34.88
CA ARG B 413 -31.49 62.23 34.59
C ARG B 413 -31.29 63.01 35.89
N THR B 414 -30.60 62.41 36.86
CA THR B 414 -30.34 63.09 38.12
C THR B 414 -29.44 64.31 37.93
N TRP B 421 -29.94 69.20 36.60
CA TRP B 421 -30.26 67.77 36.49
C TRP B 421 -29.68 67.23 35.19
N ALA B 422 -28.54 66.55 35.28
CA ALA B 422 -27.73 66.21 34.12
C ALA B 422 -27.65 64.70 33.92
N PHE B 423 -27.52 64.29 32.67
CA PHE B 423 -27.28 62.91 32.29
C PHE B 423 -26.05 62.87 31.41
N LYS B 424 -25.28 61.79 31.54
CA LYS B 424 -24.05 61.63 30.79
C LYS B 424 -24.33 61.19 29.37
N LYS B 425 -23.46 61.64 28.45
CA LYS B 425 -23.50 61.21 27.06
C LYS B 425 -22.30 60.32 26.79
N GLN B 426 -22.55 59.15 26.20
CA GLN B 426 -21.48 58.25 25.86
C GLN B 426 -20.74 58.74 24.62
N LYS B 427 -19.61 58.11 24.32
CA LYS B 427 -18.79 58.47 23.18
C LYS B 427 -19.05 57.53 22.01
N THR B 428 -19.11 58.09 20.81
CA THR B 428 -19.34 57.33 19.59
C THR B 428 -18.22 57.67 18.61
N HIS B 429 -17.49 56.64 18.17
CA HIS B 429 -16.39 56.83 17.24
C HIS B 429 -16.63 56.20 15.88
N THR B 430 -17.76 55.53 15.68
CA THR B 430 -18.02 54.83 14.43
C THR B 430 -19.51 54.78 14.18
N VAL B 431 -19.90 55.00 12.92
CA VAL B 431 -21.26 54.79 12.45
C VAL B 431 -21.20 53.80 11.30
N TYR B 432 -21.98 52.73 11.40
CA TYR B 432 -21.91 51.62 10.46
C TYR B 432 -23.34 51.26 10.01
N LYS B 433 -23.67 51.55 8.76
CA LYS B 433 -24.96 51.21 8.19
C LYS B 433 -24.81 49.95 7.35
N ARG B 434 -25.35 48.85 7.84
CA ARG B 434 -25.21 47.56 7.19
C ARG B 434 -26.14 47.45 5.99
N PRO B 435 -25.86 46.52 5.08
CA PRO B 435 -26.76 46.33 3.93
C PRO B 435 -28.17 46.00 4.38
N ASP B 436 -29.15 46.53 3.64
CA ASP B 436 -30.58 46.37 3.89
C ASP B 436 -31.06 47.17 5.11
N THR B 437 -30.42 48.29 5.38
CA THR B 437 -30.88 49.24 6.40
C THR B 437 -31.21 50.57 5.72
N GLN B 438 -31.65 51.54 6.51
CA GLN B 438 -32.08 52.83 5.98
C GLN B 438 -31.67 53.96 6.90
N SER B 439 -31.20 55.06 6.31
CA SER B 439 -30.93 56.30 7.02
C SER B 439 -32.11 57.24 6.88
N ILE B 440 -32.34 58.05 7.91
CA ILE B 440 -33.45 58.99 7.92
C ILE B 440 -32.98 60.30 8.54
N GLN B 441 -33.35 61.43 7.92
CA GLN B 441 -32.88 62.73 8.36
C GLN B 441 -33.94 63.80 8.12
N LYS B 442 -33.97 64.77 9.02
CA LYS B 442 -34.97 65.84 9.02
C LYS B 442 -34.45 67.03 8.21
N VAL B 443 -35.22 67.41 7.19
CA VAL B 443 -34.87 68.53 6.32
C VAL B 443 -36.07 69.45 6.21
N GLN B 444 -35.92 70.51 5.42
CA GLN B 444 -36.99 71.48 5.19
C GLN B 444 -37.91 71.01 4.08
N ALA B 445 -39.21 71.27 4.24
CA ALA B 445 -40.20 70.80 3.28
C ALA B 445 -41.18 71.88 2.83
N GLU B 446 -41.12 73.08 3.37
CA GLU B 446 -41.97 74.19 2.94
C GLU B 446 -41.09 75.33 2.44
N PHE B 447 -41.31 75.75 1.20
CA PHE B 447 -40.51 76.78 0.57
C PHE B 447 -41.41 77.91 0.11
N ASP B 448 -41.04 79.14 0.44
CA ASP B 448 -41.85 80.29 0.04
C ASP B 448 -41.07 81.47 -0.51
N SER B 449 -39.76 81.54 -0.34
CA SER B 449 -38.97 82.67 -0.81
C SER B 449 -38.02 82.20 -1.91
N PHE B 450 -38.01 82.93 -3.02
CA PHE B 450 -37.21 82.55 -4.18
C PHE B 450 -36.44 83.74 -4.74
N TRP B 456 -29.51 90.75 -16.44
CA TRP B 456 -28.77 89.73 -17.17
C TRP B 456 -27.85 90.37 -18.22
N SER B 457 -26.66 89.79 -18.39
CA SER B 457 -25.69 90.26 -19.37
C SER B 457 -25.23 89.09 -20.23
N SER B 458 -24.93 89.39 -21.49
CA SER B 458 -24.58 88.35 -22.45
C SER B 458 -23.31 87.63 -22.03
N GLY B 459 -22.26 88.38 -21.68
CA GLY B 459 -21.01 87.80 -21.24
C GLY B 459 -20.09 87.32 -22.33
N LEU B 460 -20.53 87.31 -23.59
CA LEU B 460 -19.70 86.86 -24.69
C LEU B 460 -18.75 87.98 -25.14
N SER B 461 -17.82 87.61 -26.01
CA SER B 461 -16.80 88.53 -26.50
C SER B 461 -16.79 88.52 -28.03
N ILE B 462 -16.33 89.64 -28.59
CA ILE B 462 -16.29 89.76 -30.05
C ILE B 462 -15.36 88.73 -30.69
N PRO B 463 -14.12 88.53 -30.22
CA PRO B 463 -13.26 87.53 -30.88
C PRO B 463 -13.85 86.13 -30.88
N LEU B 464 -14.51 85.73 -29.79
CA LEU B 464 -15.11 84.39 -29.75
C LEU B 464 -16.25 84.27 -30.76
N ARG B 465 -17.08 85.30 -30.87
CA ARG B 465 -18.16 85.29 -31.86
C ARG B 465 -17.61 85.22 -33.27
N THR B 466 -16.57 86.01 -33.55
CA THR B 466 -15.94 85.97 -34.87
C THR B 466 -15.35 84.59 -35.17
N ARG B 467 -14.70 83.98 -34.18
CA ARG B 467 -14.12 82.66 -34.37
C ARG B 467 -15.20 81.64 -34.67
N ILE B 468 -16.31 81.68 -33.94
CA ILE B 468 -17.41 80.74 -34.20
C ILE B 468 -18.00 80.96 -35.58
N LYS B 469 -18.19 82.22 -35.97
CA LYS B 469 -18.73 82.52 -37.29
C LYS B 469 -17.82 81.99 -38.39
N TRP B 470 -16.51 82.19 -38.24
CA TRP B 470 -15.57 81.68 -39.23
C TRP B 470 -15.55 80.15 -39.24
N LEU B 471 -15.66 79.53 -38.06
CA LEU B 471 -15.64 78.07 -38.00
C LEU B 471 -16.84 77.47 -38.71
N LEU B 472 -18.03 78.07 -38.54
CA LEU B 472 -19.20 77.57 -39.24
C LEU B 472 -19.06 77.70 -40.75
N SER B 473 -18.52 78.83 -41.22
CA SER B 473 -18.33 79.05 -42.64
C SER B 473 -17.17 78.22 -43.18
N ASP C 2 -2.04 49.27 -41.14
CA ASP C 2 -2.82 49.23 -39.91
C ASP C 2 -1.97 49.04 -38.65
N PRO C 3 -1.14 47.99 -38.57
CA PRO C 3 -0.33 47.81 -37.37
C PRO C 3 0.86 48.74 -37.34
N VAL C 4 1.39 48.94 -36.13
CA VAL C 4 2.52 49.82 -35.89
C VAL C 4 3.67 48.96 -35.37
N TYR C 5 4.87 49.19 -35.90
CA TYR C 5 6.03 48.38 -35.60
C TYR C 5 6.98 49.14 -34.68
N VAL C 6 7.50 48.45 -33.67
CA VAL C 6 8.40 49.06 -32.69
C VAL C 6 9.68 48.25 -32.62
N ASP C 7 10.78 48.95 -32.32
CA ASP C 7 12.12 48.37 -32.37
C ASP C 7 12.53 47.88 -30.98
N ILE C 8 11.80 46.87 -30.51
CA ILE C 8 12.10 46.21 -29.25
C ILE C 8 12.04 44.71 -29.46
N ASP C 9 12.66 43.97 -28.53
CA ASP C 9 12.70 42.52 -28.63
C ASP C 9 11.32 41.93 -28.37
N ALA C 10 11.05 40.79 -29.03
CA ALA C 10 9.73 40.18 -28.99
C ALA C 10 9.41 39.54 -27.64
N ASP C 11 10.38 39.42 -26.74
CA ASP C 11 10.15 38.78 -25.46
C ASP C 11 10.10 39.76 -24.29
N SER C 12 10.20 41.06 -24.56
CA SER C 12 10.24 42.04 -23.48
C SER C 12 8.88 42.17 -22.81
N ALA C 13 8.90 42.45 -21.50
CA ALA C 13 7.68 42.68 -20.76
C ALA C 13 7.13 44.08 -20.92
N PHE C 14 7.91 45.00 -21.48
CA PHE C 14 7.41 46.35 -21.73
C PHE C 14 6.26 46.34 -22.73
N LEU C 15 6.29 45.41 -23.68
CA LEU C 15 5.27 45.37 -24.74
C LEU C 15 3.87 45.33 -24.17
N LYS C 16 3.64 44.45 -23.20
CA LYS C 16 2.37 44.42 -22.47
C LYS C 16 1.90 45.83 -22.13
N ALA C 17 2.72 46.57 -21.40
CA ALA C 17 2.33 47.91 -20.96
C ALA C 17 1.98 48.80 -22.13
N LEU C 18 2.75 48.72 -23.22
CA LEU C 18 2.46 49.56 -24.37
C LEU C 18 1.07 49.26 -24.91
N GLN C 19 0.71 47.98 -25.00
CA GLN C 19 -0.61 47.64 -25.51
C GLN C 19 -1.71 48.16 -24.60
N ARG C 20 -1.40 48.36 -23.32
CA ARG C 20 -2.39 48.91 -22.41
C ARG C 20 -2.54 50.42 -22.57
N ALA C 21 -1.48 51.10 -23.03
CA ALA C 21 -1.54 52.55 -23.14
C ALA C 21 -2.11 53.03 -24.47
N TYR C 22 -2.06 52.20 -25.51
CA TYR C 22 -2.56 52.55 -26.84
C TYR C 22 -3.49 51.43 -27.29
N PRO C 23 -4.72 51.41 -26.77
CA PRO C 23 -5.65 50.33 -27.13
C PRO C 23 -6.27 50.47 -28.50
N MET C 24 -6.01 51.56 -29.22
CA MET C 24 -6.55 51.77 -30.55
C MET C 24 -5.59 51.36 -31.65
N PHE C 25 -4.50 50.68 -31.31
CA PHE C 25 -3.50 50.28 -32.27
C PHE C 25 -3.20 48.79 -32.11
N GLU C 26 -2.40 48.28 -33.04
CA GLU C 26 -1.87 46.91 -32.98
C GLU C 26 -0.35 47.02 -33.01
N VAL C 27 0.30 46.61 -31.93
CA VAL C 27 1.73 46.83 -31.74
C VAL C 27 2.48 45.55 -32.07
N GLU C 28 3.49 45.65 -32.94
CA GLU C 28 4.27 44.50 -33.36
C GLU C 28 5.75 44.76 -33.13
N PRO C 29 6.46 43.83 -32.51
CA PRO C 29 7.90 44.01 -32.29
C PRO C 29 8.71 43.63 -33.53
N ARG C 30 9.63 44.49 -33.92
CA ARG C 30 10.51 44.23 -35.07
C ARG C 30 11.86 44.89 -34.77
N GLN C 31 12.77 44.11 -34.21
CA GLN C 31 14.02 44.65 -33.68
C GLN C 31 15.11 44.64 -34.74
N VAL C 32 15.77 45.79 -34.91
CA VAL C 32 16.83 45.92 -35.90
C VAL C 32 18.13 46.47 -35.35
N THR C 33 18.13 47.12 -34.19
CA THR C 33 19.33 47.72 -33.61
C THR C 33 19.42 47.33 -32.14
N PRO C 34 20.62 47.34 -31.56
CA PRO C 34 20.77 47.00 -30.14
C PRO C 34 20.61 48.19 -29.21
N ASN C 35 19.99 49.27 -29.68
CA ASN C 35 19.81 50.51 -28.93
C ASN C 35 19.42 50.25 -27.48
N ASP C 36 20.07 50.96 -26.56
CA ASP C 36 19.81 50.80 -25.13
C ASP C 36 18.80 51.79 -24.59
N ALA C 37 18.23 52.65 -25.44
CA ALA C 37 17.15 53.54 -25.05
C ALA C 37 15.94 53.27 -25.93
N ALA C 38 15.59 51.99 -26.11
CA ALA C 38 14.59 51.61 -27.10
C ALA C 38 13.17 51.95 -26.63
N ASN C 39 12.88 51.77 -25.34
CA ASN C 39 11.52 51.94 -24.85
C ASN C 39 11.04 53.38 -25.01
N ALA C 40 11.91 54.34 -24.70
CA ALA C 40 11.53 55.75 -24.84
C ALA C 40 11.26 56.10 -26.30
N ARG C 41 12.07 55.58 -27.21
CA ARG C 41 11.85 55.81 -28.63
C ARG C 41 10.52 55.22 -29.09
N ALA C 42 10.19 54.02 -28.62
CA ALA C 42 8.92 53.40 -28.99
C ALA C 42 7.74 54.23 -28.48
N PHE C 43 7.83 54.71 -27.24
CA PHE C 43 6.74 55.54 -26.70
C PHE C 43 6.57 56.81 -27.52
N SER C 44 7.67 57.47 -27.86
CA SER C 44 7.56 58.70 -28.66
C SER C 44 6.96 58.43 -30.04
N HIS C 45 7.38 57.34 -30.67
CA HIS C 45 6.84 56.96 -31.97
C HIS C 45 5.32 56.79 -31.91
N LEU C 46 4.85 56.02 -30.93
CA LEU C 46 3.40 55.79 -30.82
C LEU C 46 2.66 57.08 -30.48
N ALA C 47 3.27 57.96 -29.67
CA ALA C 47 2.62 59.22 -29.33
C ALA C 47 2.42 60.08 -30.56
N ILE C 48 3.43 60.15 -31.43
CA ILE C 48 3.28 60.94 -32.65
C ILE C 48 2.23 60.33 -33.56
N LYS C 49 2.19 59.00 -33.66
CA LYS C 49 1.15 58.35 -34.46
C LYS C 49 -0.24 58.74 -33.95
N LEU C 50 -0.45 58.69 -32.64
CA LEU C 50 -1.77 59.03 -32.09
C LEU C 50 -2.12 60.48 -32.33
N ILE C 51 -1.17 61.39 -32.11
CA ILE C 51 -1.46 62.81 -32.31
C ILE C 51 -1.84 63.07 -33.76
N GLU C 52 -1.11 62.46 -34.70
CA GLU C 52 -1.46 62.64 -36.10
C GLU C 52 -2.85 62.09 -36.40
N GLN C 53 -3.19 60.93 -35.85
CA GLN C 53 -4.52 60.38 -36.06
C GLN C 53 -5.60 61.24 -35.44
N GLU C 54 -5.27 62.10 -34.48
CA GLU C 54 -6.30 62.94 -33.86
C GLU C 54 -6.71 64.11 -34.74
N ILE C 55 -5.77 65.00 -35.07
CA ILE C 55 -6.13 66.24 -35.75
C ILE C 55 -6.45 65.97 -37.22
N ASP C 56 -7.18 66.90 -37.82
CA ASP C 56 -7.62 66.76 -39.20
C ASP C 56 -6.53 67.18 -40.17
N PRO C 57 -6.60 66.70 -41.42
CA PRO C 57 -5.59 67.08 -42.42
C PRO C 57 -5.68 68.55 -42.83
N ASP C 58 -4.89 68.93 -43.83
CA ASP C 58 -4.85 70.28 -44.41
C ASP C 58 -4.65 71.36 -43.35
N SER C 59 -4.13 71.01 -42.18
CA SER C 59 -3.75 71.97 -41.16
C SER C 59 -2.24 72.00 -41.08
N THR C 60 -1.67 73.20 -41.09
CA THR C 60 -0.22 73.36 -40.93
C THR C 60 0.14 73.22 -39.45
N ILE C 61 1.24 72.53 -39.18
CA ILE C 61 1.65 72.21 -37.83
C ILE C 61 3.04 72.78 -37.59
N LEU C 62 3.18 73.60 -36.56
CA LEU C 62 4.48 74.08 -36.13
C LEU C 62 5.18 72.99 -35.33
N ASP C 63 6.46 72.77 -35.62
CA ASP C 63 7.28 71.78 -34.90
C ASP C 63 8.41 72.55 -34.23
N ILE C 64 8.28 72.73 -32.91
CA ILE C 64 9.20 73.57 -32.15
C ILE C 64 10.40 72.75 -31.73
N GLY C 65 11.60 73.27 -32.00
CA GLY C 65 12.83 72.57 -31.66
C GLY C 65 12.91 71.22 -32.32
N SER C 66 12.73 71.17 -33.62
CA SER C 66 12.53 69.92 -34.33
C SER C 66 13.82 69.33 -34.86
N ALA C 67 13.77 68.04 -35.18
CA ALA C 67 14.76 67.37 -36.01
C ALA C 67 14.10 67.05 -37.34
N PRO C 68 14.42 67.78 -38.41
CA PRO C 68 13.59 67.69 -39.62
C PRO C 68 13.54 66.30 -40.25
N ALA C 69 14.60 65.51 -40.09
CA ALA C 69 14.65 64.21 -40.76
C ALA C 69 13.52 63.28 -40.32
N ARG C 70 12.92 63.54 -39.16
CA ARG C 70 11.82 62.70 -38.69
C ARG C 70 10.51 62.99 -39.40
N ARG C 71 10.38 64.14 -40.05
CA ARG C 71 9.12 64.54 -40.66
C ARG C 71 9.12 64.40 -42.18
N MET C 72 10.14 63.77 -42.76
CA MET C 72 10.28 63.77 -44.21
C MET C 72 9.20 62.92 -44.88
N MET C 73 8.99 61.70 -44.39
CA MET C 73 8.09 60.75 -45.03
C MET C 73 6.65 60.90 -44.57
N SER C 74 6.29 62.04 -44.00
CA SER C 74 4.93 62.28 -43.54
C SER C 74 4.14 63.04 -44.58
N ASP C 75 2.83 62.78 -44.63
CA ASP C 75 1.95 63.44 -45.60
C ASP C 75 1.31 64.70 -45.07
N ARG C 76 1.49 65.02 -43.78
CA ARG C 76 0.94 66.25 -43.22
C ARG C 76 1.84 67.43 -43.58
N LYS C 77 1.41 68.62 -43.19
CA LYS C 77 2.15 69.85 -43.47
C LYS C 77 2.86 70.30 -42.19
N TYR C 78 4.19 70.27 -42.22
CA TYR C 78 5.00 70.63 -41.07
C TYR C 78 5.87 71.83 -41.39
N HIS C 79 5.95 72.76 -40.44
CA HIS C 79 6.89 73.88 -40.49
C HIS C 79 7.83 73.71 -39.31
N CYS C 80 9.10 73.41 -39.59
CA CYS C 80 10.06 73.08 -38.55
C CYS C 80 10.81 74.34 -38.13
N VAL C 81 10.78 74.63 -36.83
CA VAL C 81 11.48 75.78 -36.26
C VAL C 81 12.81 75.26 -35.72
N CYS C 82 13.91 75.57 -36.41
CA CYS C 82 15.21 74.96 -36.15
C CYS C 82 16.29 76.01 -35.99
N PRO C 83 16.48 76.56 -34.80
CA PRO C 83 17.68 77.32 -34.51
C PRO C 83 18.85 76.35 -34.30
N MET C 84 20.02 76.91 -33.98
CA MET C 84 21.20 76.09 -33.69
C MET C 84 21.76 76.58 -32.36
N ARG C 85 21.21 76.04 -31.26
CA ARG C 85 21.61 76.41 -29.92
C ARG C 85 22.32 75.31 -29.15
N SER C 86 22.19 74.06 -29.59
CA SER C 86 22.84 72.94 -28.95
C SER C 86 23.94 72.40 -29.87
N ALA C 87 24.77 71.53 -29.31
CA ALA C 87 25.92 71.00 -30.03
C ALA C 87 25.58 69.83 -30.94
N GLU C 88 24.35 69.34 -30.91
CA GLU C 88 23.93 68.21 -31.73
C GLU C 88 23.15 68.63 -32.97
N ASP C 89 23.02 69.93 -33.22
CA ASP C 89 22.18 70.42 -34.30
C ASP C 89 22.83 70.34 -35.67
N PRO C 90 24.11 70.72 -35.84
CA PRO C 90 24.72 70.61 -37.18
C PRO C 90 24.66 69.20 -37.74
N GLU C 91 24.85 68.18 -36.91
CA GLU C 91 24.77 66.81 -37.40
C GLU C 91 23.35 66.48 -37.86
N ARG C 92 22.34 66.96 -37.13
CA ARG C 92 20.96 66.73 -37.54
C ARG C 92 20.68 67.39 -38.88
N LEU C 93 21.16 68.62 -39.08
CA LEU C 93 20.95 69.31 -40.35
C LEU C 93 21.64 68.57 -41.49
N ALA C 94 22.87 68.11 -41.25
CA ALA C 94 23.60 67.37 -42.28
C ALA C 94 22.89 66.07 -42.62
N ASN C 95 22.38 65.37 -41.61
CA ASN C 95 21.64 64.13 -41.86
C ASN C 95 20.38 64.42 -42.66
N TYR C 96 19.68 65.51 -42.35
CA TYR C 96 18.49 65.88 -43.12
C TYR C 96 18.84 66.11 -44.58
N ALA C 97 19.91 66.87 -44.84
CA ALA C 97 20.29 67.13 -46.22
C ALA C 97 20.69 65.85 -46.94
N ARG C 98 21.43 64.98 -46.27
CA ARG C 98 21.84 63.72 -46.86
C ARG C 98 20.63 62.85 -47.23
N LYS C 99 19.68 62.72 -46.29
CA LYS C 99 18.50 61.90 -46.55
C LYS C 99 17.65 62.51 -47.66
N LEU C 100 17.57 63.84 -47.73
CA LEU C 100 16.85 64.49 -48.82
C LEU C 100 17.50 64.16 -50.16
N ALA C 101 18.83 64.24 -50.22
CA ALA C 101 19.53 63.97 -51.48
C ALA C 101 19.38 62.50 -51.89
N SER C 102 19.39 61.59 -50.92
CA SER C 102 19.40 60.16 -51.23
C SER C 102 18.15 59.75 -52.02
N ALA C 103 16.99 60.17 -51.57
CA ALA C 103 15.72 59.80 -52.20
C ALA C 103 15.16 61.06 -52.88
N ALA C 104 15.58 61.28 -54.12
CA ALA C 104 15.17 62.47 -54.87
C ALA C 104 14.23 62.17 -56.02
N GLY C 105 14.19 60.93 -56.50
CA GLY C 105 13.31 60.58 -57.60
C GLY C 105 12.52 59.33 -57.34
N LYS C 106 12.88 58.60 -56.29
CA LYS C 106 12.20 57.36 -55.95
C LYS C 106 10.91 57.58 -55.18
N VAL C 107 10.78 58.70 -54.48
CA VAL C 107 9.57 59.04 -53.73
C VAL C 107 8.97 60.29 -54.37
N LEU C 108 7.71 60.18 -54.81
CA LEU C 108 7.06 61.25 -55.52
C LEU C 108 5.76 61.73 -54.88
N ASP C 109 5.21 60.99 -53.92
CA ASP C 109 3.98 61.40 -53.25
C ASP C 109 4.22 62.48 -52.20
N ARG C 110 5.47 62.80 -51.89
CA ARG C 110 5.81 63.82 -50.92
C ARG C 110 6.45 65.02 -51.60
N ASN C 111 6.43 66.15 -50.90
CA ASN C 111 6.93 67.41 -51.45
C ASN C 111 8.46 67.47 -51.34
N ILE C 112 9.11 66.46 -51.92
CA ILE C 112 10.57 66.34 -51.80
C ILE C 112 11.25 67.50 -52.54
N SER C 113 10.81 67.77 -53.77
CA SER C 113 11.42 68.84 -54.55
C SER C 113 11.20 70.19 -53.90
N GLY C 114 10.00 70.42 -53.37
CA GLY C 114 9.75 71.66 -52.64
C GLY C 114 10.60 71.77 -51.40
N LYS C 115 10.80 70.65 -50.69
CA LYS C 115 11.64 70.67 -49.51
C LYS C 115 13.09 71.04 -49.87
N ILE C 116 13.60 70.46 -50.97
CA ILE C 116 14.95 70.80 -51.41
C ILE C 116 15.04 72.27 -51.79
N GLY C 117 14.03 72.77 -52.49
CA GLY C 117 14.04 74.19 -52.85
C GLY C 117 14.03 75.10 -51.65
N ASP C 118 13.21 74.76 -50.64
CA ASP C 118 13.18 75.57 -49.43
C ASP C 118 14.51 75.53 -48.69
N LEU C 119 15.13 74.35 -48.60
CA LEU C 119 16.43 74.25 -47.95
C LEU C 119 17.47 75.09 -48.67
N GLN C 120 17.49 75.04 -50.00
CA GLN C 120 18.45 75.84 -50.76
C GLN C 120 18.18 77.33 -50.59
N ALA C 121 16.91 77.73 -50.58
CA ALA C 121 16.58 79.14 -50.38
C ALA C 121 17.03 79.63 -49.02
N VAL C 122 16.82 78.82 -47.98
CA VAL C 122 17.26 79.22 -46.64
C VAL C 122 18.78 79.29 -46.58
N MET C 123 19.47 78.37 -47.26
CA MET C 123 20.92 78.41 -47.29
C MET C 123 21.41 79.68 -47.97
N ALA C 124 20.77 80.09 -49.06
CA ALA C 124 21.20 81.28 -49.78
C ALA C 124 21.01 82.54 -48.92
N VAL C 125 19.82 82.72 -48.35
CA VAL C 125 19.53 83.84 -47.46
C VAL C 125 18.98 83.27 -46.17
N PRO C 126 19.59 83.57 -45.02
CA PRO C 126 19.21 82.88 -43.77
C PRO C 126 18.06 83.49 -42.99
N ASP C 127 17.55 84.66 -43.38
CA ASP C 127 16.50 85.33 -42.64
C ASP C 127 15.17 85.35 -43.41
N THR C 128 14.85 84.23 -44.07
CA THR C 128 13.63 84.12 -44.83
C THR C 128 12.83 82.93 -44.34
N GLU C 129 11.50 83.06 -44.36
CA GLU C 129 10.59 82.00 -43.97
C GLU C 129 10.11 81.26 -45.20
N THR C 130 10.20 79.94 -45.18
CA THR C 130 9.71 79.08 -46.23
C THR C 130 8.59 78.21 -45.68
N PRO C 131 7.80 77.57 -46.54
CA PRO C 131 6.70 76.74 -46.04
C PRO C 131 7.12 75.60 -45.14
N THR C 132 8.38 75.15 -45.19
CA THR C 132 8.79 73.97 -44.43
C THR C 132 10.06 74.17 -43.61
N PHE C 133 10.62 75.37 -43.55
CA PHE C 133 11.88 75.52 -42.83
C PHE C 133 12.10 76.98 -42.46
N CYS C 134 12.76 77.19 -41.32
CA CYS C 134 13.21 78.50 -40.89
C CYS C 134 14.28 78.32 -39.83
N LEU C 135 14.99 79.39 -39.52
CA LEU C 135 16.12 79.37 -38.61
C LEU C 135 15.92 80.30 -37.42
N HIS C 136 14.67 80.58 -37.04
CA HIS C 136 14.37 81.45 -35.93
C HIS C 136 14.05 80.61 -34.69
N THR C 137 13.85 81.31 -33.57
CA THR C 137 13.44 80.65 -32.33
C THR C 137 11.92 80.61 -32.24
N ASP C 138 11.39 80.22 -31.08
CA ASP C 138 9.95 80.10 -30.95
C ASP C 138 9.27 81.46 -30.84
N VAL C 139 9.96 82.46 -30.29
CA VAL C 139 9.37 83.78 -30.10
C VAL C 139 9.72 84.74 -31.22
N SER C 140 10.27 84.25 -32.32
CA SER C 140 10.60 85.11 -33.45
C SER C 140 10.21 84.55 -34.81
N CYS C 141 9.68 83.33 -34.88
CA CYS C 141 9.16 82.82 -36.14
C CYS C 141 7.87 83.55 -36.51
N ARG C 142 7.72 83.86 -37.80
CA ARG C 142 6.59 84.65 -38.27
C ARG C 142 5.49 83.81 -38.90
N GLN C 143 5.68 82.49 -39.01
CA GLN C 143 4.68 81.65 -39.65
C GLN C 143 3.41 81.58 -38.81
N ARG C 144 2.27 81.53 -39.48
CA ARG C 144 0.97 81.41 -38.83
C ARG C 144 0.42 80.01 -39.07
N ALA C 145 -0.11 79.40 -38.01
CA ALA C 145 -0.62 78.04 -38.07
C ALA C 145 -1.76 77.90 -37.08
N ASP C 146 -2.16 76.66 -36.79
CA ASP C 146 -3.20 76.39 -35.82
C ASP C 146 -2.86 75.29 -34.81
N VAL C 147 -1.78 74.54 -35.02
CA VAL C 147 -1.36 73.49 -34.10
C VAL C 147 0.14 73.61 -33.86
N ALA C 148 0.56 73.37 -32.63
CA ALA C 148 1.97 73.36 -32.27
C ALA C 148 2.28 72.07 -31.52
N ILE C 149 3.52 71.59 -31.65
CA ILE C 149 3.94 70.33 -31.04
C ILE C 149 5.30 70.52 -30.40
N TYR C 150 5.44 70.04 -29.16
CA TYR C 150 6.70 70.02 -28.44
C TYR C 150 7.04 68.56 -28.14
N GLN C 151 8.19 68.10 -28.63
CA GLN C 151 8.62 66.71 -28.43
C GLN C 151 9.97 66.72 -27.73
N ASP C 152 9.96 66.30 -26.46
CA ASP C 152 11.18 66.24 -25.64
C ASP C 152 11.89 67.58 -25.59
N VAL C 153 11.14 68.65 -25.38
CA VAL C 153 11.68 70.00 -25.28
C VAL C 153 11.56 70.44 -23.83
N TYR C 154 12.70 70.64 -23.17
CA TYR C 154 12.72 71.00 -21.75
C TYR C 154 13.39 72.34 -21.50
N ALA C 155 13.65 73.13 -22.53
CA ALA C 155 14.53 74.30 -22.39
C ALA C 155 13.81 75.63 -22.67
N VAL C 156 12.49 75.68 -22.52
CA VAL C 156 11.76 76.92 -22.72
C VAL C 156 10.84 77.16 -21.52
N HIS C 157 10.50 78.42 -21.31
CA HIS C 157 9.55 78.83 -20.29
C HIS C 157 8.15 78.70 -20.86
N ALA C 158 7.33 77.83 -20.27
CA ALA C 158 6.09 77.42 -20.91
C ALA C 158 5.09 78.54 -21.12
N PRO C 159 4.76 79.39 -20.13
CA PRO C 159 3.75 80.44 -20.39
C PRO C 159 4.15 81.42 -21.48
N THR C 160 5.40 81.87 -21.51
CA THR C 160 5.83 82.82 -22.53
C THR C 160 5.75 82.20 -23.92
N SER C 161 6.23 80.97 -24.06
CA SER C 161 6.18 80.28 -25.34
C SER C 161 4.74 80.08 -25.80
N LEU C 162 3.86 79.68 -24.89
CA LEU C 162 2.47 79.45 -25.25
C LEU C 162 1.78 80.75 -25.65
N TYR C 163 2.09 81.86 -24.96
CA TYR C 163 1.50 83.14 -25.34
C TYR C 163 1.95 83.57 -26.73
N HIS C 164 3.24 83.41 -27.03
CA HIS C 164 3.72 83.80 -28.35
C HIS C 164 3.17 82.87 -29.43
N GLN C 165 2.84 81.63 -29.07
CA GLN C 165 2.18 80.74 -30.02
C GLN C 165 0.73 81.15 -30.23
N ALA C 166 0.07 81.63 -29.17
CA ALA C 166 -1.35 81.94 -29.23
C ALA C 166 -1.63 83.25 -29.96
N ILE C 167 -0.74 84.23 -29.86
CA ILE C 167 -1.00 85.51 -30.54
C ILE C 167 -0.88 85.37 -32.05
N LYS C 168 -0.55 84.17 -32.52
CA LYS C 168 -0.41 83.89 -33.95
C LYS C 168 -1.51 82.99 -34.49
N GLY C 169 -2.54 82.70 -33.69
CA GLY C 169 -3.67 81.92 -34.15
C GLY C 169 -3.63 80.44 -33.85
N VAL C 170 -2.73 79.98 -33.00
CA VAL C 170 -2.68 78.57 -32.62
C VAL C 170 -3.74 78.30 -31.55
N ARG C 171 -4.50 77.23 -31.73
CA ARG C 171 -5.57 76.88 -30.81
C ARG C 171 -5.36 75.55 -30.11
N LEU C 172 -4.31 74.80 -30.45
CA LEU C 172 -4.08 73.48 -29.88
C LEU C 172 -2.59 73.23 -29.78
N ALA C 173 -2.17 72.55 -28.72
CA ALA C 173 -0.76 72.26 -28.51
C ALA C 173 -0.61 70.92 -27.81
N TYR C 174 0.53 70.29 -28.00
CA TYR C 174 0.84 69.00 -27.39
C TYR C 174 2.23 69.02 -26.80
N TRP C 175 2.44 68.18 -25.79
CA TRP C 175 3.71 68.09 -25.10
C TRP C 175 3.99 66.65 -24.73
N VAL C 176 5.17 66.15 -25.11
CA VAL C 176 5.60 64.79 -24.82
C VAL C 176 6.90 64.87 -24.03
N GLY C 177 6.98 64.14 -22.93
CA GLY C 177 8.19 64.18 -22.12
C GLY C 177 8.02 63.38 -20.85
N PHE C 178 9.01 63.52 -19.97
CA PHE C 178 8.99 62.83 -18.68
C PHE C 178 8.10 63.57 -17.70
N ASP C 179 7.53 62.82 -16.75
CA ASP C 179 6.66 63.39 -15.74
C ASP C 179 7.44 64.33 -14.82
N THR C 180 6.83 65.45 -14.49
CA THR C 180 7.47 66.50 -13.70
C THR C 180 7.15 66.42 -12.21
N THR C 181 6.39 65.41 -11.79
CA THR C 181 6.02 65.30 -10.38
C THR C 181 7.21 65.15 -9.43
N PRO C 182 8.24 64.35 -9.70
CA PRO C 182 9.35 64.26 -8.74
C PRO C 182 10.08 65.56 -8.51
N PHE C 183 9.96 66.53 -9.41
CA PHE C 183 10.61 67.82 -9.22
C PHE C 183 9.76 68.82 -8.46
N MET C 184 8.45 68.57 -8.34
CA MET C 184 7.62 69.39 -7.47
C MET C 184 7.72 68.96 -6.01
N TYR C 185 8.25 67.76 -5.75
CA TYR C 185 8.54 67.31 -4.41
C TYR C 185 9.96 67.68 -3.96
N ASN C 186 10.79 68.20 -4.87
CA ASN C 186 12.11 68.73 -4.54
C ASN C 186 13.06 67.65 -4.03
N ALA C 187 13.21 66.59 -4.81
CA ALA C 187 14.11 65.50 -4.45
C ALA C 187 15.54 65.78 -4.92
N MET C 188 16.49 65.02 -4.36
CA MET C 188 17.89 65.13 -4.70
C MET C 188 18.27 64.31 -5.93
N ALA C 189 17.76 63.09 -6.03
CA ALA C 189 18.10 62.17 -7.11
C ALA C 189 16.92 61.23 -7.33
N GLY C 190 16.92 60.53 -8.45
CA GLY C 190 15.81 59.64 -8.71
C GLY C 190 16.00 58.79 -9.96
N ALA C 191 15.04 57.90 -10.18
CA ALA C 191 15.11 56.93 -11.25
C ALA C 191 13.77 56.81 -11.96
N TYR C 192 13.83 56.54 -13.26
CA TYR C 192 12.72 56.02 -14.06
C TYR C 192 13.19 54.64 -14.52
N PRO C 193 12.84 53.58 -13.80
CA PRO C 193 13.49 52.28 -14.03
C PRO C 193 13.00 51.53 -15.26
N SER C 194 11.78 51.77 -15.71
CA SER C 194 11.31 51.10 -16.91
C SER C 194 11.97 51.62 -18.18
N TYR C 195 12.51 52.83 -18.14
CA TYR C 195 13.16 53.43 -19.30
C TYR C 195 14.67 53.48 -19.15
N SER C 196 15.22 52.83 -18.13
CA SER C 196 16.66 52.81 -17.86
C SER C 196 17.21 54.23 -17.71
N THR C 197 16.51 55.05 -16.92
CA THR C 197 16.90 56.44 -16.76
C THR C 197 17.19 56.73 -15.30
N ASN C 198 18.30 57.43 -15.04
CA ASN C 198 18.63 57.92 -13.71
C ASN C 198 19.00 59.39 -13.80
N TRP C 199 18.68 60.14 -12.77
CA TRP C 199 19.03 61.55 -12.71
C TRP C 199 19.51 61.90 -11.31
N ALA C 200 20.40 62.88 -11.22
CA ALA C 200 20.94 63.30 -9.94
C ALA C 200 21.30 64.78 -9.98
N ASP C 201 21.24 65.40 -8.81
CA ASP C 201 21.72 66.77 -8.65
C ASP C 201 23.23 66.83 -8.81
N GLU C 202 23.72 67.99 -9.25
CA GLU C 202 25.14 68.13 -9.56
C GLU C 202 26.03 68.01 -8.32
N GLN C 203 25.48 68.15 -7.12
CA GLN C 203 26.27 68.12 -5.90
C GLN C 203 26.48 66.72 -5.34
N VAL C 204 25.81 65.70 -5.87
CA VAL C 204 25.93 64.36 -5.31
C VAL C 204 26.47 63.40 -6.37
N LEU C 205 27.20 63.92 -7.34
CA LEU C 205 27.75 63.08 -8.40
C LEU C 205 28.88 62.19 -7.93
N LYS C 206 29.37 62.36 -6.70
CA LYS C 206 30.45 61.55 -6.15
C LYS C 206 29.96 60.64 -5.03
N ALA C 207 28.68 60.26 -5.07
CA ALA C 207 28.13 59.34 -4.09
C ALA C 207 28.57 57.91 -4.42
N LYS C 208 28.00 56.93 -3.73
CA LYS C 208 28.42 55.55 -3.91
C LYS C 208 27.29 54.61 -4.32
N ASN C 209 26.06 54.81 -3.85
CA ASN C 209 25.04 53.79 -3.99
C ASN C 209 23.74 54.32 -4.62
N ILE C 210 23.84 55.35 -5.46
CA ILE C 210 22.72 55.80 -6.25
C ILE C 210 22.95 55.37 -7.70
N GLY C 211 21.94 55.59 -8.54
CA GLY C 211 22.00 55.09 -9.91
C GLY C 211 23.10 55.72 -10.74
N LEU C 212 23.33 57.02 -10.58
CA LEU C 212 24.27 57.77 -11.40
C LEU C 212 25.31 58.43 -10.51
N CYS C 213 26.48 57.79 -10.36
CA CYS C 213 27.54 58.30 -9.49
C CYS C 213 28.83 57.57 -9.79
N SER C 214 29.91 58.03 -9.17
CA SER C 214 31.22 57.40 -9.29
C SER C 214 32.10 57.85 -8.14
N THR C 215 32.86 56.93 -7.55
CA THR C 215 33.69 57.24 -6.39
C THR C 215 34.97 56.40 -6.45
N ASP C 216 35.84 56.60 -5.47
CA ASP C 216 37.17 55.99 -5.39
C ASP C 216 37.30 55.11 -4.15
N LEU C 217 38.47 54.50 -4.00
CA LEU C 217 38.83 53.75 -2.81
C LEU C 217 39.72 54.60 -1.90
N THR C 218 39.57 54.40 -0.59
CA THR C 218 40.33 55.20 0.36
C THR C 218 40.44 54.47 1.68
N GLU C 219 41.36 54.94 2.51
CA GLU C 219 41.57 54.39 3.85
C GLU C 219 40.96 55.23 4.96
N GLY C 220 40.84 56.54 4.76
CA GLY C 220 40.27 57.42 5.76
C GLY C 220 41.31 58.16 6.57
N LYS C 232 25.45 73.06 5.10
CA LYS C 232 24.16 73.06 4.42
C LYS C 232 24.22 72.34 3.09
N LEU C 233 23.22 71.51 2.81
CA LEU C 233 23.17 70.70 1.59
C LEU C 233 21.72 70.69 1.10
N GLU C 234 21.44 71.49 0.08
CA GLU C 234 20.09 71.65 -0.45
C GLU C 234 20.14 71.60 -1.97
N PRO C 235 19.03 71.26 -2.61
CA PRO C 235 19.02 71.19 -4.08
C PRO C 235 19.31 72.54 -4.72
N CYS C 236 20.01 72.50 -5.85
N CYS C 236 20.00 72.50 -5.85
CA CYS C 236 20.35 73.66 -6.65
CA CYS C 236 20.31 73.68 -6.64
C CYS C 236 19.70 73.53 -8.03
C CYS C 236 19.70 73.53 -8.03
N ASP C 237 20.02 74.47 -8.92
CA ASP C 237 19.31 74.52 -10.20
C ASP C 237 19.74 73.41 -11.16
N ARG C 238 21.03 73.11 -11.25
CA ARG C 238 21.54 72.29 -12.33
C ARG C 238 21.34 70.80 -12.04
N VAL C 239 20.82 70.06 -13.02
CA VAL C 239 20.52 68.64 -12.89
C VAL C 239 21.07 67.90 -14.10
N LEU C 240 21.45 66.64 -13.92
CA LEU C 240 21.97 65.80 -14.99
C LEU C 240 21.02 64.62 -15.21
N PHE C 241 20.71 64.35 -16.48
CA PHE C 241 19.84 63.26 -16.89
C PHE C 241 20.64 62.27 -17.71
N SER C 242 20.38 60.98 -17.51
CA SER C 242 21.07 59.94 -18.28
C SER C 242 20.04 58.94 -18.80
N VAL C 243 19.78 59.00 -20.10
CA VAL C 243 18.86 58.08 -20.76
C VAL C 243 19.69 57.05 -21.50
N GLY C 244 19.66 55.80 -21.04
CA GLY C 244 20.57 54.81 -21.56
C GLY C 244 22.01 55.21 -21.29
N SER C 245 22.73 55.61 -22.34
CA SER C 245 24.07 56.15 -22.19
C SER C 245 24.19 57.54 -22.81
N THR C 246 23.08 58.27 -22.90
CA THR C 246 23.08 59.64 -23.41
C THR C 246 22.86 60.60 -22.26
N LEU C 247 23.65 61.67 -22.22
CA LEU C 247 23.67 62.61 -21.10
C LEU C 247 23.07 63.94 -21.51
N TYR C 248 22.23 64.50 -20.64
CA TYR C 248 21.56 65.77 -20.90
C TYR C 248 21.56 66.67 -19.66
N PRO C 249 22.04 67.90 -19.75
CA PRO C 249 21.90 68.83 -18.63
C PRO C 249 20.58 69.58 -18.66
N GLU C 250 20.01 69.80 -17.48
CA GLU C 250 18.69 70.41 -17.36
C GLU C 250 18.67 71.39 -16.21
N SER C 251 17.64 72.25 -16.21
CA SER C 251 17.42 73.27 -15.20
C SER C 251 16.10 73.01 -14.48
N ARG C 252 16.10 73.20 -13.16
CA ARG C 252 14.92 72.90 -12.36
C ARG C 252 13.79 73.88 -12.65
N LYS C 253 14.11 75.15 -12.89
CA LYS C 253 13.08 76.15 -13.12
C LYS C 253 12.25 75.85 -14.36
N LEU C 254 12.93 75.53 -15.47
CA LEU C 254 12.20 75.26 -16.71
C LEU C 254 11.43 73.95 -16.64
N LEU C 255 11.97 72.94 -15.95
CA LEU C 255 11.21 71.71 -15.75
C LEU C 255 9.95 71.98 -14.93
N LYS C 256 10.07 72.79 -13.87
CA LYS C 256 8.92 73.09 -13.03
C LYS C 256 7.88 73.90 -13.78
N SER C 257 8.30 74.75 -14.71
CA SER C 257 7.34 75.62 -15.40
C SER C 257 6.33 74.85 -16.23
N TRP C 258 6.60 73.59 -16.57
CA TRP C 258 5.69 72.81 -17.39
C TRP C 258 4.67 72.02 -16.58
N HIS C 259 4.66 72.17 -15.25
CA HIS C 259 3.67 71.54 -14.38
C HIS C 259 2.52 72.53 -14.20
N LEU C 260 1.60 72.51 -15.16
CA LEU C 260 0.55 73.52 -15.28
C LEU C 260 -0.72 73.10 -14.54
N PRO C 261 -1.49 74.07 -14.05
CA PRO C 261 -2.77 73.77 -13.41
C PRO C 261 -3.85 73.48 -14.44
N SER C 262 -5.04 73.14 -13.95
CA SER C 262 -6.12 72.71 -14.83
C SER C 262 -6.66 73.84 -15.70
N VAL C 263 -6.74 75.06 -15.17
CA VAL C 263 -7.18 76.22 -15.92
C VAL C 263 -6.30 77.40 -15.56
N PHE C 264 -6.00 78.24 -16.56
CA PHE C 264 -5.22 79.44 -16.28
C PHE C 264 -5.51 80.52 -17.32
N HIS C 265 -5.06 81.73 -17.00
CA HIS C 265 -5.30 82.93 -17.80
C HIS C 265 -3.97 83.50 -18.31
N LEU C 266 -3.99 84.00 -19.54
CA LEU C 266 -2.86 84.72 -20.12
C LEU C 266 -3.33 86.13 -20.44
N LYS C 267 -2.83 87.12 -19.71
CA LYS C 267 -3.32 88.50 -19.78
C LYS C 267 -2.20 89.43 -20.23
N GLY C 268 -2.26 89.86 -21.49
CA GLY C 268 -1.34 90.82 -22.04
C GLY C 268 -2.08 91.87 -22.84
N LYS C 269 -1.53 92.20 -24.00
CA LYS C 269 -2.25 93.05 -24.95
C LYS C 269 -3.53 92.36 -25.42
N LEU C 270 -3.46 91.06 -25.65
CA LEU C 270 -4.62 90.21 -25.86
C LEU C 270 -4.72 89.24 -24.69
N SER C 271 -5.91 88.65 -24.52
CA SER C 271 -6.19 87.80 -23.38
C SER C 271 -6.69 86.45 -23.84
N PHE C 272 -6.28 85.40 -23.12
CA PHE C 272 -6.65 84.04 -23.45
C PHE C 272 -6.95 83.26 -22.18
N THR C 273 -7.83 82.27 -22.33
CA THR C 273 -8.15 81.32 -21.27
C THR C 273 -7.76 79.93 -21.75
N CYS C 274 -6.96 79.21 -20.96
CA CYS C 274 -6.39 77.94 -21.41
C CYS C 274 -6.62 76.87 -20.36
N ARG C 275 -6.65 75.62 -20.84
CA ARG C 275 -6.79 74.47 -19.96
C ARG C 275 -5.93 73.32 -20.45
N CYS C 276 -5.40 72.55 -19.50
CA CYS C 276 -4.42 71.49 -19.76
C CYS C 276 -4.89 70.19 -19.13
N ASP C 277 -4.68 69.08 -19.82
CA ASP C 277 -5.01 67.78 -19.25
C ASP C 277 -4.10 66.70 -19.81
N THR C 278 -3.98 65.61 -19.07
CA THR C 278 -3.12 64.49 -19.43
C THR C 278 -3.95 63.41 -20.13
N VAL C 279 -3.49 62.95 -21.28
CA VAL C 279 -4.25 62.02 -22.08
C VAL C 279 -3.60 60.63 -22.17
N VAL C 280 -2.28 60.53 -22.06
CA VAL C 280 -1.59 59.25 -22.04
C VAL C 280 -0.57 59.27 -20.90
N SER C 281 -0.45 58.15 -20.19
CA SER C 281 0.45 58.06 -19.06
C SER C 281 0.93 56.61 -18.93
N CYS C 282 2.24 56.39 -19.01
CA CYS C 282 2.80 55.04 -18.94
C CYS C 282 4.12 55.08 -18.17
N GLU C 283 4.03 54.86 -16.85
CA GLU C 283 5.19 54.58 -15.99
C GLU C 283 6.20 55.72 -15.93
N GLY C 284 5.80 56.94 -16.24
CA GLY C 284 6.74 58.06 -16.16
C GLY C 284 6.73 58.96 -17.38
N TYR C 285 6.33 58.43 -18.52
CA TYR C 285 6.12 59.22 -19.72
C TYR C 285 4.67 59.65 -19.83
N VAL C 286 4.44 60.90 -20.25
CA VAL C 286 3.10 61.45 -20.35
C VAL C 286 2.93 62.17 -21.68
N VAL C 287 1.65 62.39 -22.03
CA VAL C 287 1.26 63.26 -23.14
C VAL C 287 0.24 64.26 -22.60
N LYS C 288 0.49 65.55 -22.82
CA LYS C 288 -0.36 66.62 -22.33
C LYS C 288 -1.01 67.36 -23.49
N ARG C 289 -2.28 67.73 -23.31
CA ARG C 289 -3.05 68.45 -24.31
C ARG C 289 -3.51 69.77 -23.71
N ILE C 290 -3.24 70.87 -24.42
CA ILE C 290 -3.54 72.23 -23.96
C ILE C 290 -4.41 72.90 -25.00
N THR C 291 -5.49 73.55 -24.55
CA THR C 291 -6.36 74.32 -25.43
C THR C 291 -6.44 75.76 -24.95
N MET C 292 -6.42 76.70 -25.89
CA MET C 292 -6.45 78.13 -25.60
C MET C 292 -7.55 78.81 -26.41
N SER C 293 -8.26 79.74 -25.77
CA SER C 293 -9.37 80.43 -26.40
C SER C 293 -9.28 81.92 -26.10
N PRO C 294 -9.80 82.77 -26.99
CA PRO C 294 -9.72 84.22 -26.77
C PRO C 294 -10.73 84.70 -25.74
N GLY C 295 -10.31 85.66 -24.93
CA GLY C 295 -11.16 86.24 -23.90
C GLY C 295 -10.92 85.62 -22.54
N LEU C 296 -11.49 86.26 -21.52
CA LEU C 296 -11.40 85.82 -20.14
C LEU C 296 -12.73 85.28 -19.67
N TYR C 297 -12.73 84.08 -19.08
CA TYR C 297 -13.95 83.43 -18.63
C TYR C 297 -13.67 82.65 -17.36
N GLY C 298 -14.66 82.60 -16.47
CA GLY C 298 -14.55 81.80 -15.28
C GLY C 298 -13.56 82.39 -14.28
N LYS C 299 -13.15 81.53 -13.34
CA LYS C 299 -12.15 81.89 -12.34
C LYS C 299 -11.29 80.67 -12.05
N THR C 300 -10.11 80.92 -11.49
CA THR C 300 -9.08 79.91 -11.31
C THR C 300 -8.88 79.62 -9.82
N THR C 301 -8.39 78.42 -9.53
CA THR C 301 -8.05 78.00 -8.18
C THR C 301 -6.56 77.86 -7.95
N GLY C 302 -5.80 77.38 -8.93
CA GLY C 302 -4.36 77.27 -8.80
C GLY C 302 -3.86 75.94 -8.31
N TYR C 303 -4.55 74.85 -8.62
CA TYR C 303 -4.16 73.53 -8.15
C TYR C 303 -3.86 72.62 -9.34
N ALA C 304 -2.88 71.74 -9.16
CA ALA C 304 -2.50 70.75 -10.17
C ALA C 304 -2.57 69.35 -9.55
N VAL C 305 -3.12 68.40 -10.30
CA VAL C 305 -3.43 67.08 -9.78
C VAL C 305 -2.72 66.02 -10.62
N THR C 306 -2.18 65.00 -9.96
CA THR C 306 -1.56 63.85 -10.60
C THR C 306 -2.23 62.58 -10.12
N HIS C 307 -2.62 61.72 -11.05
CA HIS C 307 -3.23 60.44 -10.74
C HIS C 307 -2.15 59.35 -10.79
N HIS C 308 -2.12 58.49 -9.78
CA HIS C 308 -1.09 57.46 -9.65
C HIS C 308 -1.70 56.10 -9.97
N ALA C 309 -1.23 55.49 -11.04
CA ALA C 309 -1.60 54.11 -11.34
C ALA C 309 -0.62 53.10 -10.76
N ASP C 310 0.63 53.50 -10.58
CA ASP C 310 1.63 52.74 -9.86
C ASP C 310 1.91 53.44 -8.53
N GLY C 311 2.79 52.84 -7.74
CA GLY C 311 3.21 53.47 -6.50
C GLY C 311 4.34 54.47 -6.73
N PHE C 312 4.29 55.57 -6.00
CA PHE C 312 5.34 56.58 -6.04
C PHE C 312 5.94 56.72 -4.65
N LEU C 313 7.26 56.64 -4.56
CA LEU C 313 7.94 56.66 -3.28
C LEU C 313 8.96 57.78 -3.22
N MET C 314 9.03 58.44 -2.07
CA MET C 314 10.07 59.41 -1.73
C MET C 314 10.55 59.11 -0.32
N CYS C 315 11.86 59.05 -0.12
CA CYS C 315 12.37 58.66 1.18
C CYS C 315 13.75 59.26 1.42
N LYS C 316 14.13 59.31 2.69
CA LYS C 316 15.42 59.81 3.12
C LYS C 316 16.40 58.66 3.27
N THR C 317 17.63 58.86 2.79
CA THR C 317 18.65 57.83 2.80
C THR C 317 19.99 58.43 3.19
N THR C 318 20.88 57.56 3.66
CA THR C 318 22.20 57.94 4.14
C THR C 318 23.27 57.35 3.23
N ASP C 319 24.24 58.17 2.83
CA ASP C 319 25.29 57.72 1.95
C ASP C 319 26.58 58.45 2.31
N THR C 320 27.64 58.17 1.56
CA THR C 320 28.90 58.89 1.68
C THR C 320 29.18 59.56 0.35
N VAL C 321 29.32 60.88 0.38
CA VAL C 321 29.68 61.67 -0.79
C VAL C 321 31.13 62.09 -0.60
N ASP C 322 32.00 61.65 -1.52
CA ASP C 322 33.42 61.96 -1.49
C ASP C 322 34.07 61.57 -0.16
N GLY C 323 33.52 60.58 0.51
CA GLY C 323 34.06 60.10 1.77
C GLY C 323 33.36 60.63 3.01
N GLU C 324 32.47 61.60 2.88
CA GLU C 324 31.81 62.20 4.04
C GLU C 324 30.36 61.74 4.10
N ARG C 325 29.92 61.31 5.28
CA ARG C 325 28.60 60.73 5.44
C ARG C 325 27.53 61.81 5.55
N VAL C 326 26.49 61.72 4.71
CA VAL C 326 25.41 62.70 4.63
C VAL C 326 24.09 61.98 4.40
N SER C 327 23.00 62.74 4.40
CA SER C 327 21.65 62.23 4.20
C SER C 327 20.89 63.12 3.23
N PHE C 328 20.11 62.51 2.34
CA PHE C 328 19.29 63.26 1.40
C PHE C 328 18.17 62.37 0.88
N SER C 329 17.29 62.92 0.06
CA SER C 329 16.05 62.27 -0.33
C SER C 329 16.10 61.79 -1.78
N VAL C 330 15.51 60.61 -2.03
CA VAL C 330 15.44 60.01 -3.36
C VAL C 330 14.01 59.55 -3.62
N CYS C 331 13.67 59.40 -4.90
CA CYS C 331 12.31 59.04 -5.31
C CYS C 331 12.36 57.96 -6.39
N THR C 332 11.27 57.19 -6.50
CA THR C 332 11.21 56.10 -7.46
C THR C 332 9.76 55.67 -7.67
N TYR C 333 9.58 54.73 -8.62
CA TYR C 333 8.29 54.19 -9.02
C TYR C 333 8.25 52.69 -8.76
N VAL C 334 7.11 52.19 -8.28
CA VAL C 334 6.96 50.79 -7.90
C VAL C 334 5.76 50.18 -8.61
N PRO C 335 5.88 48.97 -9.16
CA PRO C 335 4.73 48.35 -9.84
C PRO C 335 3.58 48.07 -8.90
N ALA C 336 2.35 48.14 -9.44
CA ALA C 336 1.15 48.05 -8.63
C ALA C 336 0.94 46.69 -7.98
N THR C 337 1.34 45.61 -8.64
CA THR C 337 1.13 44.27 -8.08
C THR C 337 1.95 44.04 -6.82
N ILE C 338 3.18 44.52 -6.78
CA ILE C 338 4.00 44.39 -5.57
C ILE C 338 3.38 45.19 -4.43
N CYS C 339 2.94 46.41 -4.72
CA CYS C 339 2.29 47.23 -3.70
C CYS C 339 1.05 46.55 -3.16
N ASP C 340 0.25 45.92 -4.03
CA ASP C 340 -0.92 45.20 -3.56
C ASP C 340 -0.54 43.98 -2.72
N GLN C 341 0.55 43.30 -3.06
CA GLN C 341 0.96 42.13 -2.33
C GLN C 341 1.69 42.44 -1.02
N MET C 342 2.04 43.69 -0.76
CA MET C 342 2.68 44.06 0.50
C MET C 342 1.69 44.64 1.53
N THR C 343 0.39 44.59 1.25
CA THR C 343 -0.59 45.24 2.14
C THR C 343 -0.62 44.59 3.51
N GLY C 344 -0.59 43.25 3.57
CA GLY C 344 -0.76 42.58 4.84
C GLY C 344 0.45 42.66 5.74
N ILE C 345 1.64 42.68 5.15
CA ILE C 345 2.87 42.71 5.94
C ILE C 345 3.02 44.03 6.67
N LEU C 346 2.63 45.13 6.03
CA LEU C 346 2.84 46.45 6.58
C LEU C 346 1.85 46.79 7.70
N ALA C 347 1.10 45.83 8.20
CA ALA C 347 0.22 46.05 9.35
C ALA C 347 0.97 46.01 10.68
N THR C 348 2.20 45.53 10.69
CA THR C 348 3.03 45.43 11.87
C THR C 348 4.35 46.18 11.64
N GLU C 349 5.23 46.10 12.63
CA GLU C 349 6.56 46.67 12.51
C GLU C 349 7.52 45.63 11.96
N VAL C 350 8.27 45.99 10.93
CA VAL C 350 9.12 45.06 10.21
C VAL C 350 10.48 45.69 9.99
N THR C 351 11.54 44.90 10.15
CA THR C 351 12.90 45.36 9.94
C THR C 351 13.22 45.41 8.45
N PRO C 352 14.19 46.24 8.05
CA PRO C 352 14.55 46.32 6.62
C PRO C 352 15.05 45.01 6.02
N GLU C 353 15.74 44.17 6.79
CA GLU C 353 16.23 42.91 6.23
C GLU C 353 15.11 41.94 5.89
N ASP C 354 14.12 41.82 6.77
CA ASP C 354 12.97 40.98 6.50
C ASP C 354 12.18 41.48 5.30
N ALA C 355 12.00 42.81 5.21
CA ALA C 355 11.34 43.37 4.05
C ALA C 355 12.11 43.10 2.76
N GLN C 356 13.45 43.19 2.81
CA GLN C 356 14.25 42.88 1.63
C GLN C 356 14.07 41.44 1.20
N LYS C 357 14.10 40.51 2.15
CA LYS C 357 13.90 39.10 1.79
C LYS C 357 12.51 38.86 1.22
N LEU C 358 11.48 39.48 1.81
CA LEU C 358 10.12 39.32 1.28
C LEU C 358 9.99 39.88 -0.13
N LEU C 359 10.56 41.06 -0.37
CA LEU C 359 10.50 41.64 -1.71
C LEU C 359 11.23 40.78 -2.72
N VAL C 360 12.39 40.23 -2.35
CA VAL C 360 13.09 39.34 -3.27
C VAL C 360 12.26 38.10 -3.55
N GLY C 361 11.56 37.60 -2.53
CA GLY C 361 10.68 36.45 -2.74
C GLY C 361 9.54 36.76 -3.70
N LEU C 362 8.94 37.94 -3.59
CA LEU C 362 7.86 38.31 -4.50
C LEU C 362 8.37 38.54 -5.91
N ASN C 363 9.56 39.10 -6.06
CA ASN C 363 10.13 39.37 -7.38
C ASN C 363 10.56 38.09 -8.06
N ASN C 377 11.74 38.87 -13.46
CA ASN C 377 11.85 40.04 -12.60
C ASN C 377 10.81 41.09 -12.95
N THR C 378 9.91 41.37 -12.02
CA THR C 378 8.92 42.42 -12.24
C THR C 378 9.54 43.80 -12.12
N MET C 379 10.53 43.97 -11.23
CA MET C 379 11.19 45.25 -11.02
C MET C 379 12.70 45.04 -10.98
N LYS C 380 13.43 46.09 -11.31
CA LYS C 380 14.88 46.02 -11.32
C LYS C 380 15.43 45.84 -9.91
N ASN C 381 16.48 45.02 -9.80
CA ASN C 381 16.98 44.64 -8.47
C ASN C 381 17.76 45.75 -7.79
N TYR C 382 18.47 46.59 -8.55
CA TYR C 382 19.31 47.60 -7.94
C TYR C 382 18.51 48.64 -7.16
N MET C 383 17.20 48.69 -7.35
CA MET C 383 16.34 49.62 -6.65
C MET C 383 15.74 49.02 -5.38
N ILE C 384 15.91 47.72 -5.17
CA ILE C 384 15.23 47.03 -4.07
C ILE C 384 15.72 47.47 -2.69
N PRO C 385 17.03 47.55 -2.41
CA PRO C 385 17.46 47.82 -1.02
C PRO C 385 16.92 49.11 -0.44
N VAL C 386 16.74 50.16 -1.24
CA VAL C 386 16.23 51.40 -0.69
C VAL C 386 14.70 51.35 -0.52
N VAL C 387 13.99 50.71 -1.44
CA VAL C 387 12.55 50.52 -1.28
C VAL C 387 12.26 49.79 0.02
N ALA C 388 12.98 48.71 0.28
CA ALA C 388 12.80 47.97 1.53
C ALA C 388 13.06 48.85 2.75
N GLN C 389 13.93 49.85 2.61
CA GLN C 389 14.17 50.75 3.73
C GLN C 389 13.02 51.74 3.90
N ALA C 390 12.36 52.12 2.80
CA ALA C 390 11.27 53.09 2.92
C ALA C 390 10.04 52.47 3.55
N PHE C 391 9.60 51.31 3.04
CA PHE C 391 8.43 50.64 3.60
C PHE C 391 8.57 50.47 5.10
N SER C 392 9.72 49.94 5.54
CA SER C 392 9.94 49.69 6.96
C SER C 392 9.72 50.95 7.80
N LYS C 393 10.13 52.11 7.28
CA LYS C 393 9.91 53.32 8.06
C LYS C 393 8.45 53.72 8.04
N TRP C 394 7.80 53.63 6.88
CA TRP C 394 6.41 54.07 6.76
C TRP C 394 5.53 53.35 7.75
N ALA C 395 5.59 52.01 7.78
CA ALA C 395 4.81 51.24 8.72
C ALA C 395 5.03 51.72 10.14
N LYS C 396 6.27 51.96 10.54
CA LYS C 396 6.52 52.40 11.90
C LYS C 396 5.83 53.72 12.18
N GLU C 397 5.94 54.68 11.26
CA GLU C 397 5.29 55.96 11.47
C GLU C 397 3.78 55.84 11.57
N CYS C 398 3.20 54.75 11.03
CA CYS C 398 1.77 54.56 11.19
C CYS C 398 1.43 54.16 12.62
N ARG C 399 2.21 53.26 13.22
CA ARG C 399 1.86 52.76 14.55
C ARG C 399 1.80 53.88 15.56
N LYS C 400 2.79 54.77 15.55
CA LYS C 400 2.78 55.91 16.46
C LYS C 400 1.50 56.72 16.33
N ASP C 401 1.04 56.94 15.10
CA ASP C 401 -0.19 57.70 14.91
C ASP C 401 -1.36 57.05 15.62
N MET C 402 -1.42 55.72 15.61
CA MET C 402 -2.51 55.03 16.27
C MET C 402 -2.38 55.06 17.79
N GLU C 403 -1.20 55.38 18.32
CA GLU C 403 -0.98 55.32 19.75
C GLU C 403 -1.02 56.68 20.43
N ASP C 404 -1.18 57.76 19.68
CA ASP C 404 -1.31 59.12 20.22
C ASP C 404 -2.54 59.74 19.58
N GLU C 405 -3.70 59.50 20.19
CA GLU C 405 -4.98 59.84 19.60
C GLU C 405 -5.56 61.09 20.27
N LYS C 406 -5.91 62.08 19.46
CA LYS C 406 -6.38 63.36 19.95
C LYS C 406 -7.91 63.36 20.06
N LEU C 407 -8.49 64.53 20.27
CA LEU C 407 -9.93 64.71 20.32
C LEU C 407 -10.44 65.31 19.01
N LEU C 408 -11.71 65.06 18.72
CA LEU C 408 -12.31 65.51 17.47
C LEU C 408 -12.47 67.02 17.44
N GLY C 409 -11.96 67.65 16.39
CA GLY C 409 -12.13 69.08 16.20
C GLY C 409 -11.43 69.95 17.21
N VAL C 410 -10.19 69.62 17.57
CA VAL C 410 -9.46 70.33 18.61
C VAL C 410 -7.98 70.30 18.26
N ARG C 411 -7.30 71.41 18.51
CA ARG C 411 -5.86 71.52 18.30
C ARG C 411 -5.20 72.04 19.57
N GLU C 412 -4.04 71.48 19.92
CA GLU C 412 -3.27 71.91 21.07
C GLU C 412 -2.14 72.82 20.60
N ARG C 413 -2.15 74.07 21.05
CA ARG C 413 -1.14 75.05 20.64
C ARG C 413 -0.69 75.88 21.83
N THR C 414 -0.45 75.24 22.97
CA THR C 414 0.01 75.95 24.16
C THR C 414 1.38 76.59 23.94
N TRP C 421 3.33 80.81 21.91
CA TRP C 421 2.40 79.70 21.94
C TRP C 421 2.75 78.71 20.83
N ALA C 422 3.42 77.63 21.19
CA ALA C 422 4.06 76.75 20.23
C ALA C 422 3.44 75.36 20.25
N PHE C 423 3.47 74.70 19.10
CA PHE C 423 3.05 73.33 18.95
C PHE C 423 4.18 72.55 18.29
N LYS C 424 4.34 71.29 18.68
CA LYS C 424 5.42 70.47 18.15
C LYS C 424 5.07 69.93 16.78
N LYS C 425 6.10 69.76 15.95
CA LYS C 425 5.97 69.14 14.64
C LYS C 425 6.63 67.78 14.68
N GLN C 426 5.91 66.75 14.22
CA GLN C 426 6.45 65.41 14.17
C GLN C 426 7.43 65.27 13.00
N LYS C 427 8.14 64.16 12.97
CA LYS C 427 9.13 63.89 11.94
C LYS C 427 8.55 62.96 10.89
N THR C 428 8.84 63.26 9.62
CA THR C 428 8.39 62.46 8.49
C THR C 428 9.59 62.06 7.67
N HIS C 429 9.79 60.76 7.49
CA HIS C 429 10.93 60.25 6.72
C HIS C 429 10.51 59.55 5.44
N THR C 430 9.22 59.43 5.16
CA THR C 430 8.76 58.70 3.99
C THR C 430 7.44 59.27 3.51
N VAL C 431 7.30 59.41 2.19
CA VAL C 431 6.03 59.75 1.55
C VAL C 431 5.71 58.63 0.57
N TYR C 432 4.51 58.07 0.68
CA TYR C 432 4.12 56.89 -0.08
C TYR C 432 2.75 57.13 -0.68
N LYS C 433 2.68 57.29 -2.00
CA LYS C 433 1.42 57.47 -2.71
C LYS C 433 1.03 56.14 -3.35
N ARG C 434 0.00 55.51 -2.80
CA ARG C 434 -0.43 54.20 -3.24
C ARG C 434 -1.21 54.29 -4.55
N PRO C 435 -1.33 53.19 -5.27
CA PRO C 435 -2.13 53.20 -6.51
C PRO C 435 -3.56 53.62 -6.25
N ASP C 436 -4.11 54.40 -7.20
CA ASP C 436 -5.46 54.94 -7.14
C ASP C 436 -5.61 56.08 -6.13
N THR C 437 -4.54 56.84 -5.92
CA THR C 437 -4.58 58.06 -5.12
C THR C 437 -4.20 59.24 -6.02
N GLN C 438 -4.18 60.43 -5.44
CA GLN C 438 -3.92 61.64 -6.21
C GLN C 438 -3.09 62.62 -5.39
N SER C 439 -2.13 63.27 -6.04
CA SER C 439 -1.36 64.36 -5.47
C SER C 439 -1.95 65.69 -5.91
N ILE C 440 -1.84 66.70 -5.05
CA ILE C 440 -2.38 68.02 -5.33
C ILE C 440 -1.40 69.07 -4.83
N GLN C 441 -1.16 70.10 -5.64
CA GLN C 441 -0.16 71.11 -5.32
C GLN C 441 -0.58 72.47 -5.85
N LYS C 442 -0.21 73.51 -5.11
CA LYS C 442 -0.59 74.88 -5.41
C LYS C 442 0.47 75.54 -6.28
N VAL C 443 0.06 76.03 -7.45
CA VAL C 443 0.95 76.68 -8.40
C VAL C 443 0.33 78.00 -8.83
N GLN C 444 1.02 78.71 -9.71
CA GLN C 444 0.56 79.99 -10.22
C GLN C 444 -0.39 79.78 -11.40
N ALA C 445 -1.42 80.62 -11.48
CA ALA C 445 -2.44 80.48 -12.50
C ALA C 445 -2.77 81.77 -13.24
N GLU C 446 -2.19 82.90 -12.87
CA GLU C 446 -2.39 84.16 -13.56
C GLU C 446 -1.05 84.67 -14.07
N PHE C 447 -0.95 84.90 -15.37
CA PHE C 447 0.30 85.31 -16.01
C PHE C 447 0.06 86.61 -16.76
N ASP C 448 0.93 87.60 -16.54
CA ASP C 448 0.80 88.88 -17.21
C ASP C 448 2.08 89.46 -17.78
N SER C 449 3.25 88.95 -17.42
CA SER C 449 4.51 89.50 -17.91
C SER C 449 5.21 88.46 -18.77
N PHE C 450 5.64 88.88 -19.95
CA PHE C 450 6.25 87.97 -20.91
C PHE C 450 7.53 88.56 -21.51
N TRP C 456 17.80 89.33 -32.83
CA TRP C 456 18.03 87.97 -33.29
C TRP C 456 19.22 87.91 -34.25
N SER C 457 20.01 86.84 -34.16
CA SER C 457 21.15 86.64 -35.03
C SER C 457 21.07 85.26 -35.64
N SER C 458 21.58 85.14 -36.88
CA SER C 458 21.46 83.89 -37.62
C SER C 458 22.22 82.75 -36.91
N GLY C 459 23.46 83.01 -36.51
CA GLY C 459 24.25 82.03 -35.81
C GLY C 459 24.93 80.99 -36.67
N LEU C 460 24.63 80.96 -37.97
CA LEU C 460 25.23 79.97 -38.86
C LEU C 460 26.63 80.43 -39.30
N SER C 461 27.35 79.53 -39.96
CA SER C 461 28.70 79.78 -40.41
C SER C 461 28.82 79.48 -41.89
N ILE C 462 29.79 80.14 -42.53
CA ILE C 462 30.00 79.95 -43.97
C ILE C 462 30.39 78.52 -44.31
N PRO C 463 31.35 77.86 -43.63
CA PRO C 463 31.68 76.48 -44.01
C PRO C 463 30.51 75.52 -43.91
N LEU C 464 29.66 75.69 -42.89
CA LEU C 464 28.50 74.80 -42.78
C LEU C 464 27.51 74.99 -43.91
N ARG C 465 27.27 76.25 -44.29
CA ARG C 465 26.39 76.53 -45.42
C ARG C 465 26.95 75.96 -46.71
N THR C 466 28.25 76.12 -46.92
CA THR C 466 28.89 75.56 -48.12
C THR C 466 28.79 74.04 -48.14
N ARG C 467 28.99 73.41 -46.98
CA ARG C 467 28.90 71.96 -46.90
C ARG C 467 27.49 71.48 -47.23
N ILE C 468 26.48 72.16 -46.70
CA ILE C 468 25.10 71.79 -46.99
C ILE C 468 24.79 71.97 -48.47
N LYS C 469 25.24 73.10 -49.04
CA LYS C 469 25.00 73.35 -50.46
C LYS C 469 25.64 72.26 -51.32
N TRP C 470 26.86 71.88 -51.00
CA TRP C 470 27.53 70.81 -51.75
C TRP C 470 26.84 69.47 -51.55
N LEU C 471 26.36 69.20 -50.35
CA LEU C 471 25.68 67.93 -50.08
C LEU C 471 24.39 67.81 -50.88
N LEU C 472 23.63 68.90 -50.98
CA LEU C 472 22.41 68.85 -51.78
C LEU C 472 22.72 68.63 -53.25
N SER C 473 23.75 69.27 -53.77
CA SER C 473 24.13 69.11 -55.17
C SER C 473 24.81 67.76 -55.40
N ASP D 2 24.40 36.10 -47.19
CA ASP D 2 23.60 36.65 -46.11
C ASP D 2 24.16 36.34 -44.70
N PRO D 3 24.40 35.07 -44.36
CA PRO D 3 24.93 34.77 -43.03
C PRO D 3 26.42 35.06 -42.95
N VAL D 4 26.88 35.24 -41.71
CA VAL D 4 28.28 35.53 -41.41
C VAL D 4 28.84 34.36 -40.61
N TYR D 5 30.04 33.92 -40.97
CA TYR D 5 30.66 32.75 -40.39
C TYR D 5 31.78 33.17 -39.45
N VAL D 6 31.85 32.52 -38.29
CA VAL D 6 32.84 32.84 -37.27
C VAL D 6 33.59 31.57 -36.89
N ASP D 7 34.86 31.75 -36.52
CA ASP D 7 35.78 30.63 -36.29
C ASP D 7 35.80 30.29 -34.80
N ILE D 8 34.65 29.82 -34.32
CA ILE D 8 34.52 29.35 -32.95
C ILE D 8 33.77 28.01 -32.96
N ASP D 9 33.91 27.28 -31.86
CA ASP D 9 33.27 25.98 -31.75
C ASP D 9 31.75 26.13 -31.64
N ALA D 10 31.04 25.14 -32.17
CA ALA D 10 29.59 25.20 -32.25
C ALA D 10 28.90 25.04 -30.90
N ASP D 11 29.62 24.67 -29.85
CA ASP D 11 29.02 24.46 -28.54
C ASP D 11 29.36 25.55 -27.54
N SER D 12 30.08 26.59 -27.96
CA SER D 12 30.49 27.64 -27.02
C SER D 12 29.29 28.49 -26.60
N ALA D 13 29.35 28.97 -25.37
CA ALA D 13 28.32 29.87 -24.84
C ALA D 13 28.51 31.30 -25.28
N PHE D 14 29.67 31.65 -25.84
CA PHE D 14 29.88 33.01 -26.34
C PHE D 14 28.94 33.32 -27.50
N LEU D 15 28.60 32.31 -28.30
CA LEU D 15 27.78 32.53 -29.48
C LEU D 15 26.47 33.24 -29.13
N LYS D 16 25.78 32.76 -28.09
CA LYS D 16 24.60 33.44 -27.59
C LYS D 16 24.82 34.95 -27.52
N ALA D 17 25.84 35.37 -26.76
CA ALA D 17 26.08 36.79 -26.57
C ALA D 17 26.29 37.51 -27.89
N LEU D 18 27.00 36.89 -28.83
CA LEU D 18 27.23 37.52 -30.12
C LEU D 18 25.92 37.79 -30.82
N GLN D 19 25.00 36.82 -30.80
CA GLN D 19 23.72 37.01 -31.45
C GLN D 19 22.93 38.13 -30.80
N ARG D 20 23.19 38.41 -29.52
CA ARG D 20 22.51 39.52 -28.86
C ARG D 20 23.10 40.86 -29.24
N ALA D 21 24.38 40.90 -29.63
CA ALA D 21 25.02 42.17 -29.93
C ALA D 21 24.85 42.59 -31.38
N TYR D 22 24.57 41.64 -32.28
CA TYR D 22 24.40 41.91 -33.70
C TYR D 22 23.09 41.29 -34.14
N PRO D 23 21.95 41.91 -33.83
CA PRO D 23 20.66 41.31 -34.17
C PRO D 23 20.28 41.44 -35.64
N MET D 24 21.08 42.15 -36.44
CA MET D 24 20.80 42.33 -37.86
C MET D 24 21.54 41.32 -38.72
N PHE D 25 22.16 40.31 -38.13
CA PHE D 25 22.92 39.32 -38.86
C PHE D 25 22.48 37.92 -38.47
N GLU D 26 23.01 36.93 -39.18
CA GLU D 26 22.83 35.53 -38.86
C GLU D 26 24.22 34.93 -38.67
N VAL D 27 24.52 34.48 -37.46
CA VAL D 27 25.86 34.07 -37.07
C VAL D 27 25.95 32.55 -37.11
N GLU D 28 26.95 32.03 -37.82
CA GLU D 28 27.13 30.59 -37.97
C GLU D 28 28.54 30.19 -37.54
N PRO D 29 28.68 29.18 -36.69
CA PRO D 29 30.02 28.74 -36.28
C PRO D 29 30.63 27.80 -37.32
N ARG D 30 31.89 28.07 -37.68
CA ARG D 30 32.62 27.22 -38.63
C ARG D 30 34.09 27.26 -38.22
N GLN D 31 34.49 26.27 -37.42
CA GLN D 31 35.80 26.28 -36.78
C GLN D 31 36.84 25.58 -37.65
N VAL D 32 37.97 26.25 -37.87
CA VAL D 32 39.04 25.70 -38.70
C VAL D 32 40.40 25.71 -38.01
N THR D 33 40.62 26.50 -36.97
CA THR D 33 41.90 26.59 -36.29
C THR D 33 41.69 26.49 -34.78
N PRO D 34 42.72 26.07 -34.04
CA PRO D 34 42.58 25.97 -32.58
C PRO D 34 42.92 27.27 -31.85
N ASN D 35 42.92 28.39 -32.56
CA ASN D 35 43.30 29.69 -32.02
C ASN D 35 42.71 29.93 -30.62
N ASP D 36 43.55 30.43 -29.72
CA ASP D 36 43.14 30.67 -28.34
C ASP D 36 42.66 32.10 -28.10
N ALA D 37 42.64 32.94 -29.13
CA ALA D 37 42.07 34.28 -29.05
C ALA D 37 40.95 34.43 -30.05
N ALA D 38 40.07 33.42 -30.11
CA ALA D 38 39.07 33.36 -31.18
C ALA D 38 37.96 34.39 -30.99
N ASN D 39 37.51 34.59 -29.75
CA ASN D 39 36.35 35.45 -29.50
C ASN D 39 36.62 36.89 -29.92
N ALA D 40 37.81 37.41 -29.61
CA ALA D 40 38.15 38.77 -30.00
C ALA D 40 38.18 38.93 -31.52
N ARG D 41 38.72 37.93 -32.21
CA ARG D 41 38.75 37.95 -33.67
C ARG D 41 37.34 37.95 -34.25
N ALA D 42 36.45 37.14 -33.67
CA ALA D 42 35.07 37.11 -34.15
C ALA D 42 34.38 38.46 -33.95
N PHE D 43 34.59 39.07 -32.78
CA PHE D 43 33.98 40.38 -32.53
C PHE D 43 34.48 41.42 -33.53
N SER D 44 35.79 41.43 -33.80
CA SER D 44 36.32 42.40 -34.74
C SER D 44 35.77 42.18 -36.15
N HIS D 45 35.68 40.92 -36.56
CA HIS D 45 35.12 40.58 -37.87
C HIS D 45 33.71 41.13 -38.02
N LEU D 46 32.85 40.85 -37.03
CA LEU D 46 31.48 41.32 -37.12
C LEU D 46 31.40 42.85 -37.08
N ALA D 47 32.28 43.48 -36.31
CA ALA D 47 32.27 44.94 -36.24
C ALA D 47 32.59 45.55 -37.60
N ILE D 48 33.58 45.00 -38.29
CA ILE D 48 33.91 45.52 -39.62
C ILE D 48 32.76 45.28 -40.59
N LYS D 49 32.11 44.12 -40.51
CA LYS D 49 30.95 43.87 -41.37
C LYS D 49 29.87 44.94 -41.15
N LEU D 50 29.57 45.23 -39.89
CA LEU D 50 28.52 46.21 -39.60
C LEU D 50 28.91 47.61 -40.08
N ILE D 51 30.16 48.02 -39.84
CA ILE D 51 30.59 49.34 -40.27
C ILE D 51 30.49 49.47 -41.78
N GLU D 52 30.92 48.43 -42.51
CA GLU D 52 30.80 48.47 -43.96
C GLU D 52 29.34 48.56 -44.39
N GLN D 53 28.45 47.80 -43.75
CA GLN D 53 27.04 47.88 -44.08
C GLN D 53 26.44 49.25 -43.77
N GLU D 54 27.07 50.02 -42.89
CA GLU D 54 26.51 51.34 -42.55
C GLU D 54 26.76 52.37 -43.65
N ILE D 55 28.03 52.66 -43.93
CA ILE D 55 28.34 53.78 -44.82
C ILE D 55 28.04 53.40 -46.27
N ASP D 56 27.89 54.44 -47.09
CA ASP D 56 27.53 54.26 -48.50
C ASP D 56 28.76 53.94 -49.34
N PRO D 57 28.57 53.32 -50.51
CA PRO D 57 29.71 53.00 -51.38
C PRO D 57 30.35 54.24 -51.99
N ASP D 58 31.30 54.03 -52.89
CA ASP D 58 32.01 55.08 -53.63
C ASP D 58 32.61 56.14 -52.72
N SER D 59 32.82 55.81 -51.45
CA SER D 59 33.53 56.68 -50.51
C SER D 59 34.88 56.04 -50.20
N THR D 60 35.94 56.84 -50.29
CA THR D 60 37.26 56.35 -49.92
C THR D 60 37.42 56.36 -48.41
N ILE D 61 38.04 55.31 -47.88
CA ILE D 61 38.15 55.09 -46.44
C ILE D 61 39.63 55.03 -46.08
N LEU D 62 40.05 55.87 -45.15
CA LEU D 62 41.39 55.79 -44.59
C LEU D 62 41.44 54.67 -43.56
N ASP D 63 42.47 53.84 -43.63
CA ASP D 63 42.68 52.77 -42.65
C ASP D 63 43.98 53.05 -41.92
N ILE D 64 43.86 53.52 -40.69
CA ILE D 64 44.99 53.99 -39.90
C ILE D 64 45.64 52.80 -39.19
N GLY D 65 46.96 52.67 -39.35
CA GLY D 65 47.69 51.58 -38.72
C GLY D 65 47.18 50.23 -39.17
N SER D 66 47.10 50.03 -40.48
CA SER D 66 46.38 48.89 -41.03
C SER D 66 47.29 47.70 -41.27
N ALA D 67 46.66 46.53 -41.42
CA ALA D 67 47.28 45.34 -41.98
C ALA D 67 46.64 45.10 -43.34
N PRO D 68 47.35 45.40 -44.44
CA PRO D 68 46.67 45.46 -45.75
C PRO D 68 46.03 44.15 -46.18
N ALA D 69 46.58 43.01 -45.76
CA ALA D 69 46.06 41.72 -46.22
C ALA D 69 44.60 41.50 -45.85
N ARG D 70 44.10 42.22 -44.84
CA ARG D 70 42.71 42.07 -44.44
C ARG D 70 41.73 42.77 -45.38
N ARG D 71 42.21 43.72 -46.19
CA ARG D 71 41.34 44.51 -47.04
C ARG D 71 41.39 44.11 -48.51
N MET D 72 42.04 42.99 -48.83
CA MET D 72 42.27 42.64 -50.23
C MET D 72 40.96 42.26 -50.93
N MET D 73 40.17 41.38 -50.33
CA MET D 73 38.99 40.84 -50.97
C MET D 73 37.75 41.70 -50.77
N SER D 74 37.92 42.96 -50.40
CA SER D 74 36.80 43.87 -50.20
C SER D 74 36.55 44.70 -51.44
N ASP D 75 35.29 45.05 -51.66
CA ASP D 75 34.88 45.83 -52.83
C ASP D 75 34.87 47.32 -52.58
N ARG D 76 35.08 47.77 -51.34
CA ARG D 76 35.13 49.18 -51.04
C ARG D 76 36.50 49.74 -51.41
N LYS D 77 36.66 51.05 -51.25
CA LYS D 77 37.91 51.74 -51.58
C LYS D 77 38.64 52.06 -50.28
N TYR D 78 39.79 51.43 -50.08
CA TYR D 78 40.60 51.60 -48.88
C TYR D 78 41.95 52.20 -49.23
N HIS D 79 42.39 53.16 -48.42
CA HIS D 79 43.74 53.70 -48.48
C HIS D 79 44.40 53.36 -47.14
N CYS D 80 45.40 52.47 -47.17
CA CYS D 80 46.01 51.95 -45.96
C CYS D 80 47.23 52.80 -45.60
N VAL D 81 47.24 53.31 -44.37
CA VAL D 81 48.36 54.11 -43.87
C VAL D 81 49.24 53.17 -43.06
N CYS D 82 50.40 52.81 -43.62
CA CYS D 82 51.24 51.74 -43.07
C CYS D 82 52.68 52.20 -42.89
N PRO D 83 53.01 52.82 -41.78
CA PRO D 83 54.41 53.00 -41.40
C PRO D 83 54.96 51.68 -40.88
N MET D 84 56.22 51.70 -40.47
CA MET D 84 56.86 50.51 -39.89
C MET D 84 57.47 50.94 -38.57
N ARG D 85 56.66 50.91 -37.51
CA ARG D 85 57.10 51.32 -36.19
C ARG D 85 57.13 50.19 -35.17
N SER D 86 56.46 49.08 -35.44
CA SER D 86 56.48 47.92 -34.57
C SER D 86 57.26 46.79 -35.23
N ALA D 87 57.54 45.76 -34.44
CA ALA D 87 58.35 44.64 -34.89
C ALA D 87 57.58 43.60 -35.67
N GLU D 88 56.25 43.73 -35.78
CA GLU D 88 55.43 42.78 -36.49
C GLU D 88 55.03 43.26 -37.88
N ASP D 89 55.54 44.40 -38.31
CA ASP D 89 55.11 45.00 -39.58
C ASP D 89 55.75 44.38 -40.80
N PRO D 90 57.07 44.10 -40.82
CA PRO D 90 57.65 43.47 -42.02
C PRO D 90 56.98 42.16 -42.40
N GLU D 91 56.62 41.35 -41.42
CA GLU D 91 55.94 40.10 -41.73
C GLU D 91 54.57 40.36 -42.35
N ARG D 92 53.85 41.37 -41.86
CA ARG D 92 52.56 41.71 -42.44
C ARG D 92 52.71 42.16 -43.88
N LEU D 93 53.72 42.99 -44.16
CA LEU D 93 53.96 43.43 -45.53
C LEU D 93 54.31 42.25 -46.44
N ALA D 94 55.17 41.35 -45.96
CA ALA D 94 55.54 40.18 -46.76
C ALA D 94 54.32 39.30 -47.03
N ASN D 95 53.47 39.11 -46.02
CA ASN D 95 52.26 38.32 -46.21
C ASN D 95 51.34 38.98 -47.23
N TYR D 96 51.22 40.30 -47.18
CA TYR D 96 50.40 41.00 -48.17
C TYR D 96 50.92 40.77 -49.58
N ALA D 97 52.24 40.91 -49.76
CA ALA D 97 52.81 40.71 -51.10
C ALA D 97 52.61 39.27 -51.57
N ARG D 98 52.80 38.30 -50.67
CA ARG D 98 52.61 36.90 -51.03
C ARG D 98 51.17 36.62 -51.45
N LYS D 99 50.20 37.11 -50.68
CA LYS D 99 48.81 36.89 -51.00
C LYS D 99 48.42 37.58 -52.29
N LEU D 100 48.99 38.77 -52.55
CA LEU D 100 48.74 39.44 -53.81
C LEU D 100 49.25 38.61 -54.99
N ALA D 101 50.47 38.08 -54.86
CA ALA D 101 51.04 37.28 -55.94
C ALA D 101 50.26 36.00 -56.16
N SER D 102 49.76 35.38 -55.09
CA SER D 102 49.13 34.07 -55.21
C SER D 102 47.90 34.11 -56.11
N ALA D 103 47.03 35.09 -55.90
CA ALA D 103 45.80 35.22 -56.68
C ALA D 103 45.94 36.43 -57.59
N ALA D 104 46.51 36.21 -58.77
CA ALA D 104 46.76 37.29 -59.72
C ALA D 104 45.88 37.22 -60.96
N GLY D 105 45.30 36.06 -61.27
CA GLY D 105 44.45 35.96 -62.43
C GLY D 105 43.13 35.26 -62.14
N LYS D 106 43.04 34.66 -60.95
CA LYS D 106 41.83 33.95 -60.56
C LYS D 106 40.74 34.87 -60.03
N VAL D 107 41.10 36.04 -59.53
CA VAL D 107 40.14 37.02 -59.02
C VAL D 107 40.25 38.26 -59.91
N LEU D 108 39.12 38.64 -60.51
CA LEU D 108 39.10 39.74 -61.47
C LEU D 108 38.13 40.86 -61.10
N ASP D 109 37.24 40.65 -60.14
CA ASP D 109 36.30 41.68 -59.73
C ASP D 109 36.92 42.71 -58.81
N ARG D 110 38.16 42.49 -58.37
CA ARG D 110 38.86 43.42 -57.49
C ARG D 110 40.04 44.04 -58.22
N ASN D 111 40.49 45.18 -57.70
CA ASN D 111 41.57 45.94 -58.32
C ASN D 111 42.93 45.34 -57.98
N ILE D 112 43.07 44.05 -58.31
CA ILE D 112 44.29 43.32 -57.96
C ILE D 112 45.49 43.87 -58.74
N SER D 113 45.32 44.07 -60.05
CA SER D 113 46.42 44.58 -60.86
C SER D 113 46.81 45.99 -60.42
N GLY D 114 45.83 46.83 -60.12
CA GLY D 114 46.13 48.16 -59.62
C GLY D 114 46.83 48.12 -58.28
N LYS D 115 46.44 47.19 -57.41
CA LYS D 115 47.10 47.04 -56.13
C LYS D 115 48.57 46.65 -56.30
N ILE D 116 48.83 45.71 -57.22
CA ILE D 116 50.21 45.31 -57.49
C ILE D 116 51.01 46.48 -58.04
N GLY D 117 50.41 47.24 -58.96
CA GLY D 117 51.10 48.41 -59.51
C GLY D 117 51.43 49.44 -58.44
N ASP D 118 50.48 49.70 -57.54
CA ASP D 118 50.74 50.65 -56.46
C ASP D 118 51.84 50.16 -55.53
N LEU D 119 51.82 48.87 -55.20
CA LEU D 119 52.87 48.33 -54.34
C LEU D 119 54.24 48.46 -54.99
N GLN D 120 54.33 48.14 -56.29
CA GLN D 120 55.61 48.27 -57.00
C GLN D 120 56.06 49.72 -57.07
N ALA D 121 55.13 50.64 -57.31
CA ALA D 121 55.48 52.06 -57.36
C ALA D 121 56.00 52.54 -56.01
N VAL D 122 55.37 52.14 -54.92
CA VAL D 122 55.83 52.54 -53.60
C VAL D 122 57.20 51.93 -53.30
N MET D 123 57.42 50.68 -53.73
CA MET D 123 58.73 50.07 -53.55
C MET D 123 59.81 50.83 -54.31
N ALA D 124 59.51 51.26 -55.54
CA ALA D 124 60.50 51.98 -56.33
C ALA D 124 60.87 53.31 -55.69
N VAL D 125 59.87 54.12 -55.34
CA VAL D 125 60.06 55.40 -54.67
C VAL D 125 59.21 55.39 -53.40
N PRO D 126 59.80 55.60 -52.22
CA PRO D 126 59.04 55.40 -50.98
C PRO D 126 58.27 56.60 -50.47
N ASP D 127 58.39 57.78 -51.08
CA ASP D 127 57.73 58.98 -50.62
C ASP D 127 56.63 59.44 -51.58
N THR D 128 55.88 58.49 -52.12
CA THR D 128 54.80 58.79 -53.04
C THR D 128 53.49 58.21 -52.52
N GLU D 129 52.39 58.91 -52.78
CA GLU D 129 51.07 58.46 -52.38
C GLU D 129 50.39 57.80 -53.57
N THR D 130 49.85 56.62 -53.35
CA THR D 130 49.09 55.88 -54.35
C THR D 130 47.66 55.73 -53.86
N PRO D 131 46.73 55.36 -54.74
CA PRO D 131 45.33 55.23 -54.30
C PRO D 131 45.11 54.22 -53.21
N THR D 132 46.00 53.25 -53.00
CA THR D 132 45.76 52.18 -52.04
C THR D 132 46.91 51.93 -51.07
N PHE D 133 47.96 52.74 -51.08
CA PHE D 133 49.09 52.46 -50.21
C PHE D 133 49.93 53.70 -50.00
N CYS D 134 50.51 53.80 -48.80
CA CYS D 134 51.49 54.83 -48.49
C CYS D 134 52.28 54.38 -47.27
N LEU D 135 53.38 55.07 -47.01
CA LEU D 135 54.30 54.71 -45.92
C LEU D 135 54.46 55.84 -44.91
N HIS D 136 53.46 56.72 -44.79
CA HIS D 136 53.53 57.83 -43.85
C HIS D 136 52.76 57.48 -42.58
N THR D 137 52.82 58.38 -41.60
CA THR D 137 52.07 58.22 -40.37
C THR D 137 50.70 58.90 -40.51
N ASP D 138 49.97 59.01 -39.41
CA ASP D 138 48.63 59.59 -39.48
C ASP D 138 48.67 61.10 -39.68
N VAL D 139 49.69 61.76 -39.15
CA VAL D 139 49.78 63.22 -39.23
C VAL D 139 50.62 63.68 -40.41
N SER D 140 50.96 62.78 -41.34
CA SER D 140 51.74 63.18 -42.50
C SER D 140 51.23 62.61 -43.81
N CYS D 141 50.20 61.77 -43.81
CA CYS D 141 49.60 61.32 -45.05
C CYS D 141 48.84 62.46 -45.71
N ARG D 142 48.95 62.56 -47.04
CA ARG D 142 48.36 63.66 -47.78
C ARG D 142 47.05 63.30 -48.46
N GLN D 143 46.60 62.05 -48.37
CA GLN D 143 45.38 61.65 -49.03
C GLN D 143 44.16 62.30 -48.39
N ARG D 144 43.18 62.64 -49.22
CA ARG D 144 41.94 63.25 -48.77
C ARG D 144 40.81 62.24 -48.89
N ALA D 145 39.98 62.13 -47.86
CA ALA D 145 38.90 61.17 -47.83
C ALA D 145 37.76 61.75 -47.01
N ASP D 146 36.80 60.89 -46.62
CA ASP D 146 35.69 61.31 -45.79
C ASP D 146 35.39 60.39 -44.62
N VAL D 147 36.00 59.22 -44.54
CA VAL D 147 35.82 58.28 -43.44
C VAL D 147 37.18 57.76 -43.00
N ALA D 148 37.35 57.59 -41.69
CA ALA D 148 38.55 57.02 -41.11
C ALA D 148 38.16 55.90 -40.15
N ILE D 149 39.04 54.91 -40.03
CA ILE D 149 38.77 53.73 -39.20
C ILE D 149 40.01 53.40 -38.38
N TYR D 150 39.82 53.16 -37.09
CA TYR D 150 40.86 52.71 -36.18
C TYR D 150 40.45 51.35 -35.64
N GLN D 151 41.28 50.33 -35.88
CA GLN D 151 40.99 48.97 -35.44
C GLN D 151 42.13 48.50 -34.53
N ASP D 152 41.84 48.38 -33.24
CA ASP D 152 42.81 47.93 -32.25
C ASP D 152 44.08 48.80 -32.26
N VAL D 153 43.89 50.11 -32.31
CA VAL D 153 44.99 51.07 -32.32
C VAL D 153 44.98 51.77 -30.97
N TYR D 154 46.03 51.57 -30.18
CA TYR D 154 46.12 52.14 -28.83
C TYR D 154 47.32 53.05 -28.66
N ALA D 155 48.00 53.44 -29.74
CA ALA D 155 49.30 54.09 -29.62
C ALA D 155 49.32 55.52 -30.18
N VAL D 156 48.17 56.18 -30.25
CA VAL D 156 48.11 57.56 -30.73
C VAL D 156 47.33 58.40 -29.72
N HIS D 157 47.61 59.71 -29.75
CA HIS D 157 46.89 60.68 -28.95
C HIS D 157 45.63 61.10 -29.71
N ALA D 158 44.47 60.81 -29.14
CA ALA D 158 43.22 60.88 -29.91
C ALA D 158 42.89 62.28 -30.41
N PRO D 159 42.92 63.35 -29.60
CA PRO D 159 42.54 64.66 -30.16
C PRO D 159 43.43 65.14 -31.29
N THR D 160 44.75 64.96 -31.19
CA THR D 160 45.65 65.41 -32.25
C THR D 160 45.40 64.64 -33.55
N SER D 161 45.25 63.32 -33.44
CA SER D 161 44.98 62.50 -34.61
C SER D 161 43.66 62.88 -35.25
N LEU D 162 42.63 63.10 -34.44
CA LEU D 162 41.32 63.45 -34.98
C LEU D 162 41.35 64.83 -35.65
N TYR D 163 42.08 65.78 -35.08
CA TYR D 163 42.20 67.09 -35.72
C TYR D 163 42.90 67.00 -37.06
N HIS D 164 43.99 66.22 -37.13
CA HIS D 164 44.68 66.10 -38.40
C HIS D 164 43.86 65.32 -39.42
N GLN D 165 42.96 64.46 -38.95
CA GLN D 165 42.03 63.81 -39.87
C GLN D 165 40.96 64.78 -40.35
N ALA D 166 40.52 65.69 -39.48
CA ALA D 166 39.42 66.58 -39.80
C ALA D 166 39.84 67.71 -40.74
N ILE D 167 41.08 68.19 -40.64
CA ILE D 167 41.50 69.29 -41.50
C ILE D 167 41.65 68.83 -42.94
N LYS D 168 41.42 67.54 -43.19
CA LYS D 168 41.52 66.97 -44.53
C LYS D 168 40.16 66.58 -45.11
N GLY D 169 39.07 66.93 -44.45
CA GLY D 169 37.74 66.67 -44.97
C GLY D 169 37.05 65.42 -44.48
N VAL D 170 37.57 64.77 -43.44
CA VAL D 170 36.92 63.60 -42.87
C VAL D 170 35.79 64.04 -41.96
N ARG D 171 34.63 63.40 -42.11
CA ARG D 171 33.45 63.76 -41.33
C ARG D 171 32.96 62.63 -40.44
N LEU D 172 33.56 61.44 -40.49
CA LEU D 172 33.10 60.31 -39.73
C LEU D 172 34.30 59.44 -39.37
N ALA D 173 34.26 58.85 -38.17
CA ALA D 173 35.35 58.00 -37.70
C ALA D 173 34.79 56.90 -36.82
N TYR D 174 35.52 55.80 -36.75
CA TYR D 174 35.13 54.65 -35.93
C TYR D 174 36.34 54.16 -35.14
N TRP D 175 36.05 53.53 -34.00
CA TRP D 175 37.08 53.01 -33.11
C TRP D 175 36.61 51.69 -32.52
N VAL D 176 37.44 50.66 -32.64
CA VAL D 176 37.16 49.33 -32.10
C VAL D 176 38.30 48.97 -31.15
N GLY D 177 37.94 48.50 -29.96
CA GLY D 177 38.96 48.15 -28.99
C GLY D 177 38.33 47.77 -27.66
N PHE D 178 39.20 47.62 -26.66
CA PHE D 178 38.78 47.27 -25.31
C PHE D 178 38.25 48.50 -24.58
N ASP D 179 37.33 48.28 -23.66
CA ASP D 179 36.76 49.36 -22.87
C ASP D 179 37.82 50.00 -21.98
N THR D 180 37.78 51.34 -21.90
CA THR D 180 38.77 52.11 -21.16
C THR D 180 38.34 52.46 -19.76
N THR D 181 37.17 51.99 -19.31
CA THR D 181 36.69 52.34 -17.98
C THR D 181 37.60 51.87 -16.85
N PRO D 182 38.14 50.64 -16.84
CA PRO D 182 39.01 50.25 -15.72
C PRO D 182 40.24 51.10 -15.55
N PHE D 183 40.67 51.83 -16.58
CA PHE D 183 41.82 52.70 -16.47
C PHE D 183 41.48 54.11 -16.00
N MET D 184 40.21 54.50 -16.04
CA MET D 184 39.80 55.75 -15.43
C MET D 184 39.58 55.60 -13.93
N TYR D 185 39.46 54.38 -13.44
CA TYR D 185 39.41 54.10 -12.01
C TYR D 185 40.78 53.88 -11.40
N ASN D 186 41.83 53.78 -12.23
CA ASN D 186 43.22 53.72 -11.78
C ASN D 186 43.51 52.45 -10.99
N ALA D 187 43.21 51.30 -11.58
CA ALA D 187 43.46 50.01 -10.95
C ALA D 187 44.88 49.53 -11.22
N MET D 188 45.32 48.54 -10.44
CA MET D 188 46.64 47.95 -10.56
C MET D 188 46.67 46.82 -11.59
N ALA D 189 45.66 45.96 -11.60
CA ALA D 189 45.60 44.81 -12.49
C ALA D 189 44.15 44.48 -12.75
N GLY D 190 43.91 43.65 -13.76
CA GLY D 190 42.52 43.32 -14.07
C GLY D 190 42.40 42.26 -15.14
N ALA D 191 41.15 41.88 -15.39
CA ALA D 191 40.83 40.79 -16.31
C ALA D 191 39.64 41.15 -17.19
N TYR D 192 39.68 40.64 -18.43
CA TYR D 192 38.51 40.52 -19.30
C TYR D 192 38.32 39.03 -19.50
N PRO D 193 37.46 38.40 -18.69
CA PRO D 193 37.44 36.92 -18.64
C PRO D 193 36.76 36.26 -19.83
N SER D 194 35.82 36.93 -20.51
CA SER D 194 35.18 36.32 -21.66
C SER D 194 36.10 36.23 -22.86
N TYR D 195 37.14 37.06 -22.90
CA TYR D 195 38.08 37.07 -24.01
C TYR D 195 39.42 36.47 -23.65
N SER D 196 39.52 35.84 -22.47
CA SER D 196 40.76 35.24 -21.98
C SER D 196 41.90 36.26 -21.94
N THR D 197 41.61 37.44 -21.38
CA THR D 197 42.60 38.51 -21.35
C THR D 197 42.88 38.91 -19.91
N ASN D 198 44.16 39.07 -19.59
CA ASN D 198 44.58 39.59 -18.30
C ASN D 198 45.60 40.70 -18.53
N TRP D 199 45.59 41.70 -17.66
CA TRP D 199 46.56 42.79 -17.74
C TRP D 199 47.04 43.15 -16.34
N ALA D 200 48.28 43.61 -16.26
CA ALA D 200 48.86 43.98 -14.97
C ALA D 200 49.86 45.11 -15.16
N ASP D 201 50.02 45.91 -14.10
CA ASP D 201 51.06 46.91 -14.05
C ASP D 201 52.44 46.25 -13.97
N GLU D 202 53.45 46.96 -14.49
CA GLU D 202 54.78 46.39 -14.59
C GLU D 202 55.41 46.11 -13.23
N GLN D 203 54.90 46.72 -12.15
CA GLN D 203 55.50 46.57 -10.84
C GLN D 203 54.99 45.36 -10.06
N VAL D 204 53.96 44.68 -10.55
CA VAL D 204 53.39 43.55 -9.81
C VAL D 204 53.50 42.28 -10.64
N LEU D 205 54.47 42.21 -11.54
CA LEU D 205 54.63 41.03 -12.38
C LEU D 205 55.17 39.83 -11.62
N LYS D 206 55.59 40.01 -10.36
CA LYS D 206 56.11 38.91 -9.55
C LYS D 206 55.17 38.54 -8.42
N ALA D 207 53.88 38.78 -8.60
CA ALA D 207 52.88 38.42 -7.60
C ALA D 207 52.63 36.92 -7.67
N LYS D 208 51.61 36.44 -6.94
CA LYS D 208 51.34 35.01 -6.86
C LYS D 208 49.94 34.61 -7.31
N ASN D 209 48.92 35.43 -7.07
CA ASN D 209 47.54 34.98 -7.24
C ASN D 209 46.71 35.90 -8.12
N ILE D 210 47.35 36.59 -9.06
CA ILE D 210 46.61 37.34 -10.08
C ILE D 210 46.73 36.58 -11.40
N GLY D 211 46.02 37.07 -12.41
CA GLY D 211 45.94 36.34 -13.67
C GLY D 211 47.26 36.24 -14.41
N LEU D 212 48.06 37.30 -14.37
CA LEU D 212 49.31 37.38 -15.14
C LEU D 212 50.46 37.66 -14.19
N CYS D 213 51.18 36.62 -13.78
CA CYS D 213 52.28 36.75 -12.83
C CYS D 213 53.09 35.47 -12.83
N SER D 214 54.22 35.50 -12.11
CA SER D 214 55.08 34.34 -11.95
C SER D 214 55.98 34.56 -10.75
N THR D 215 56.17 33.53 -9.92
CA THR D 215 56.96 33.65 -8.70
C THR D 215 57.70 32.33 -8.45
N ASP D 216 58.48 32.30 -7.38
CA ASP D 216 59.37 31.20 -7.02
C ASP D 216 58.96 30.60 -5.67
N LEU D 217 59.71 29.58 -5.25
CA LEU D 217 59.58 28.98 -3.94
C LEU D 217 60.69 29.49 -3.03
N THR D 218 60.38 29.64 -1.73
CA THR D 218 61.35 30.18 -0.80
C THR D 218 61.01 29.74 0.61
N GLU D 219 61.97 29.90 1.50
CA GLU D 219 61.80 29.58 2.92
C GLU D 219 61.57 30.80 3.80
N GLY D 220 62.09 31.96 3.41
CA GLY D 220 61.92 33.16 4.19
C GLY D 220 63.13 33.51 5.04
N LYS D 232 56.26 53.35 -0.86
CA LYS D 232 55.18 53.81 -1.72
C LYS D 232 55.00 52.88 -2.92
N LEU D 233 53.75 52.55 -3.23
CA LEU D 233 53.42 51.65 -4.34
C LEU D 233 52.18 52.19 -5.03
N GLU D 234 52.37 52.82 -6.18
CA GLU D 234 51.31 53.47 -6.93
C GLU D 234 51.45 53.11 -8.40
N PRO D 235 50.35 53.18 -9.16
CA PRO D 235 50.42 52.85 -10.59
C PRO D 235 51.36 53.78 -11.35
N CYS D 236 52.04 53.21 -12.34
N CYS D 236 52.03 53.22 -12.35
CA CYS D 236 52.94 53.92 -13.23
CA CYS D 236 52.91 53.96 -13.22
C CYS D 236 52.40 53.84 -14.66
C CYS D 236 52.40 53.83 -14.66
N ASP D 237 53.20 54.34 -15.61
CA ASP D 237 52.71 54.46 -16.98
C ASP D 237 52.62 53.12 -17.70
N ARG D 238 53.63 52.26 -17.55
CA ARG D 238 53.77 51.11 -18.43
C ARG D 238 52.88 49.95 -17.97
N VAL D 239 52.14 49.35 -18.92
CA VAL D 239 51.20 48.27 -18.63
C VAL D 239 51.44 47.15 -19.64
N LEU D 240 51.17 45.91 -19.23
CA LEU D 240 51.30 44.74 -20.09
C LEU D 240 49.93 44.10 -20.30
N PHE D 241 49.63 43.76 -21.54
CA PHE D 241 48.39 43.12 -21.94
C PHE D 241 48.69 41.73 -22.48
N SER D 242 47.84 40.76 -22.16
CA SER D 242 48.02 39.40 -22.66
C SER D 242 46.69 38.89 -23.20
N VAL D 243 46.58 38.81 -24.52
CA VAL D 243 45.38 38.30 -25.19
C VAL D 243 45.69 36.89 -25.64
N GLY D 244 45.05 35.90 -25.03
CA GLY D 244 45.43 34.52 -25.26
C GLY D 244 46.85 34.27 -24.83
N SER D 245 47.75 34.11 -25.79
CA SER D 245 49.18 34.01 -25.52
C SER D 245 49.98 35.04 -26.29
N THR D 246 49.35 36.16 -26.64
CA THR D 246 50.03 37.25 -27.32
C THR D 246 50.20 38.42 -26.37
N LEU D 247 51.40 39.01 -26.35
CA LEU D 247 51.77 40.02 -25.38
C LEU D 247 51.90 41.38 -26.04
N TYR D 248 51.35 42.42 -25.40
CA TYR D 248 51.37 43.77 -25.92
C TYR D 248 51.70 44.79 -24.84
N PRO D 249 52.72 45.63 -25.01
CA PRO D 249 52.95 46.72 -24.06
C PRO D 249 52.13 47.96 -24.41
N GLU D 250 51.64 48.64 -23.37
CA GLU D 250 50.77 49.79 -23.55
C GLU D 250 51.12 50.88 -22.54
N SER D 251 50.61 52.08 -22.81
CA SER D 251 50.82 53.27 -22.00
C SER D 251 49.49 53.76 -21.46
N ARG D 252 49.48 54.18 -20.19
CA ARG D 252 48.24 54.60 -19.55
C ARG D 252 47.71 55.91 -20.14
N LYS D 253 48.62 56.83 -20.50
CA LYS D 253 48.21 58.13 -21.02
C LYS D 253 47.43 57.99 -22.32
N LEU D 254 47.94 57.21 -23.27
CA LEU D 254 47.28 57.05 -24.55
C LEU D 254 45.98 56.28 -24.43
N LEU D 255 45.92 55.28 -23.54
CA LEU D 255 44.66 54.59 -23.29
C LEU D 255 43.62 55.54 -22.71
N LYS D 256 44.03 56.39 -21.77
CA LYS D 256 43.09 57.33 -21.17
C LYS D 256 42.61 58.37 -22.17
N SER D 257 43.45 58.74 -23.13
CA SER D 257 43.07 59.80 -24.07
C SER D 257 41.87 59.42 -24.93
N TRP D 258 41.55 58.15 -25.05
CA TRP D 258 40.44 57.72 -25.90
C TRP D 258 39.12 57.63 -25.15
N HIS D 259 39.08 58.01 -23.89
CA HIS D 259 37.85 58.09 -23.10
C HIS D 259 37.29 59.50 -23.23
N LEU D 260 36.54 59.71 -24.30
CA LEU D 260 36.09 61.04 -24.73
C LEU D 260 34.73 61.39 -24.14
N PRO D 261 34.46 62.67 -23.92
CA PRO D 261 33.15 63.10 -23.44
C PRO D 261 32.14 63.13 -24.58
N SER D 262 30.90 63.47 -24.23
CA SER D 262 29.82 63.41 -25.21
C SER D 262 29.93 64.47 -26.29
N VAL D 263 30.40 65.67 -25.95
CA VAL D 263 30.60 66.74 -26.91
C VAL D 263 31.91 67.44 -26.59
N PHE D 264 32.65 67.86 -27.62
CA PHE D 264 33.88 68.60 -27.40
C PHE D 264 34.20 69.48 -28.60
N HIS D 265 35.14 70.40 -28.39
CA HIS D 265 35.55 71.40 -29.36
C HIS D 265 37.02 71.21 -29.74
N LEU D 266 37.34 71.41 -31.00
CA LEU D 266 38.71 71.43 -31.49
C LEU D 266 38.98 72.81 -32.08
N LYS D 267 39.84 73.58 -31.41
CA LYS D 267 40.05 75.00 -31.73
C LYS D 267 41.51 75.22 -32.13
N GLY D 268 41.74 75.38 -33.42
CA GLY D 268 43.05 75.70 -33.95
C GLY D 268 42.94 76.80 -34.99
N LYS D 269 43.68 76.62 -36.10
CA LYS D 269 43.51 77.51 -37.24
C LYS D 269 42.10 77.38 -37.80
N LEU D 270 41.57 76.17 -37.85
CA LEU D 270 40.16 75.91 -38.11
C LEU D 270 39.53 75.33 -36.86
N SER D 271 38.21 75.39 -36.80
CA SER D 271 37.47 74.98 -35.61
C SER D 271 36.43 73.93 -35.96
N PHE D 272 36.24 72.99 -35.05
CA PHE D 272 35.30 71.89 -35.25
C PHE D 272 34.58 71.59 -33.95
N THR D 273 33.36 71.09 -34.09
CA THR D 273 32.55 70.61 -32.98
C THR D 273 32.29 69.14 -33.21
N CYS D 274 32.58 68.29 -32.22
CA CYS D 274 32.52 66.86 -32.39
C CYS D 274 31.74 66.21 -31.26
N ARG D 275 31.18 65.04 -31.56
CA ARG D 275 30.44 64.27 -30.56
C ARG D 275 30.70 62.79 -30.76
N CYS D 276 30.73 62.06 -29.65
CA CYS D 276 31.10 60.65 -29.61
C CYS D 276 30.04 59.84 -28.88
N ASP D 277 29.75 58.64 -29.39
CA ASP D 277 28.81 57.77 -28.70
C ASP D 277 29.15 56.31 -28.98
N THR D 278 28.68 55.44 -28.07
CA THR D 278 28.94 54.01 -28.14
C THR D 278 27.77 53.30 -28.82
N VAL D 279 28.04 52.48 -29.82
CA VAL D 279 26.99 51.85 -30.58
C VAL D 279 26.91 50.34 -30.40
N VAL D 280 28.03 49.67 -30.06
CA VAL D 280 28.03 48.24 -29.76
C VAL D 280 28.85 48.04 -28.49
N SER D 281 28.38 47.14 -27.63
CA SER D 281 29.06 46.86 -26.37
C SER D 281 28.78 45.41 -25.98
N CYS D 282 29.84 44.61 -25.82
CA CYS D 282 29.69 43.19 -25.48
C CYS D 282 30.81 42.78 -24.53
N GLU D 283 30.54 42.87 -23.22
CA GLU D 283 31.35 42.28 -22.16
C GLU D 283 32.77 42.84 -22.10
N GLY D 284 33.02 44.04 -22.63
CA GLY D 284 34.36 44.59 -22.56
C GLY D 284 34.87 45.16 -23.87
N TYR D 285 34.36 44.64 -24.98
CA TYR D 285 34.63 45.21 -26.29
C TYR D 285 33.56 46.22 -26.68
N VAL D 286 33.98 47.32 -27.29
CA VAL D 286 33.06 48.39 -27.67
C VAL D 286 33.35 48.85 -29.09
N VAL D 287 32.36 49.54 -29.67
CA VAL D 287 32.50 50.26 -30.93
C VAL D 287 32.03 51.69 -30.70
N LYS D 288 32.88 52.67 -31.04
CA LYS D 288 32.58 54.08 -30.84
C LYS D 288 32.45 54.79 -32.18
N ARG D 289 31.50 55.72 -32.25
CA ARG D 289 31.23 56.51 -33.44
C ARG D 289 31.40 57.98 -33.11
N ILE D 290 32.21 58.68 -33.91
CA ILE D 290 32.55 60.09 -33.68
C ILE D 290 32.18 60.87 -34.92
N THR D 291 31.50 62.01 -34.74
CA THR D 291 31.15 62.91 -35.84
C THR D 291 31.72 64.29 -35.57
N MET D 292 32.25 64.92 -36.62
CA MET D 292 32.88 66.23 -36.53
C MET D 292 32.28 67.17 -37.57
N SER D 293 32.05 68.43 -37.19
CA SER D 293 31.44 69.41 -38.07
C SER D 293 32.19 70.73 -37.97
N PRO D 294 32.20 71.52 -39.03
CA PRO D 294 32.94 72.80 -38.99
C PRO D 294 32.20 73.86 -38.21
N GLY D 295 32.95 74.68 -37.47
CA GLY D 295 32.41 75.76 -36.68
C GLY D 295 32.21 75.36 -35.23
N LEU D 296 31.95 76.38 -34.41
CA LEU D 296 31.72 76.20 -32.98
C LEU D 296 30.25 76.43 -32.66
N TYR D 297 29.64 75.49 -31.93
CA TYR D 297 28.23 75.56 -31.58
C TYR D 297 28.01 74.98 -30.19
N GLY D 298 27.05 75.56 -29.47
CA GLY D 298 26.69 75.04 -28.17
C GLY D 298 27.76 75.30 -27.12
N LYS D 299 27.65 74.55 -26.02
CA LYS D 299 28.62 74.61 -24.94
C LYS D 299 28.79 73.21 -24.35
N THR D 300 29.91 73.01 -23.66
CA THR D 300 30.31 71.70 -23.18
C THR D 300 30.25 71.64 -21.66
N THR D 301 30.09 70.41 -21.15
CA THR D 301 30.09 70.16 -19.71
C THR D 301 31.33 69.42 -19.23
N GLY D 302 31.84 68.47 -20.01
CA GLY D 302 33.04 67.76 -19.65
C GLY D 302 32.83 66.46 -18.91
N TYR D 303 31.74 65.75 -19.18
CA TYR D 303 31.42 64.51 -18.49
C TYR D 303 31.35 63.36 -19.47
N ALA D 304 31.78 62.18 -19.04
CA ALA D 304 31.72 60.96 -19.82
C ALA D 304 30.97 59.90 -19.04
N VAL D 305 30.09 59.16 -19.73
CA VAL D 305 29.16 58.24 -19.09
C VAL D 305 29.36 56.85 -19.67
N THR D 306 29.30 55.84 -18.80
CA THR D 306 29.36 54.43 -19.18
C THR D 306 28.14 53.72 -18.64
N HIS D 307 27.46 52.97 -19.50
CA HIS D 307 26.30 52.17 -19.11
C HIS D 307 26.74 50.74 -18.86
N HIS D 308 26.30 50.16 -17.74
CA HIS D 308 26.71 48.84 -17.31
C HIS D 308 25.55 47.86 -17.54
N ALA D 309 25.76 46.89 -18.43
CA ALA D 309 24.81 45.81 -18.61
C ALA D 309 25.16 44.60 -17.74
N ASP D 310 26.43 44.41 -17.44
CA ASP D 310 26.90 43.45 -16.47
C ASP D 310 27.38 44.18 -15.22
N GLY D 311 27.82 43.42 -14.22
CA GLY D 311 28.39 44.01 -13.04
C GLY D 311 29.86 44.33 -13.21
N PHE D 312 30.28 45.46 -12.66
CA PHE D 312 31.68 45.87 -12.67
C PHE D 312 32.16 45.98 -11.24
N LEU D 313 33.29 45.34 -10.93
CA LEU D 313 33.80 45.29 -9.57
C LEU D 313 35.22 45.82 -9.51
N MET D 314 35.51 46.59 -8.46
CA MET D 314 36.85 47.02 -8.10
C MET D 314 37.02 46.83 -6.60
N CYS D 315 38.13 46.22 -6.20
CA CYS D 315 38.30 45.89 -4.79
C CYS D 315 39.78 45.84 -4.43
N LYS D 316 40.04 45.96 -3.13
CA LYS D 316 41.37 45.90 -2.57
C LYS D 316 41.68 44.48 -2.12
N THR D 317 42.90 44.02 -2.42
CA THR D 317 43.31 42.66 -2.12
C THR D 317 44.75 42.66 -1.61
N THR D 318 45.09 41.60 -0.90
CA THR D 318 46.39 41.42 -0.27
C THR D 318 47.11 40.26 -0.92
N ASP D 319 48.39 40.46 -1.27
CA ASP D 319 49.18 39.43 -1.91
C ASP D 319 50.62 39.55 -1.45
N THR D 320 51.47 38.68 -1.98
CA THR D 320 52.91 38.78 -1.77
C THR D 320 53.58 38.98 -3.12
N VAL D 321 54.32 40.08 -3.25
CA VAL D 321 55.10 40.38 -4.44
C VAL D 321 56.55 40.14 -4.08
N ASP D 322 57.18 39.19 -4.79
CA ASP D 322 58.58 38.83 -4.59
C ASP D 322 58.86 38.45 -3.13
N GLY D 323 57.86 37.96 -2.42
CA GLY D 323 58.01 37.54 -1.04
C GLY D 323 57.55 38.54 -0.01
N GLU D 324 57.24 39.78 -0.40
CA GLU D 324 56.86 40.81 0.54
C GLU D 324 55.35 41.07 0.44
N ARG D 325 54.68 41.12 1.58
CA ARG D 325 53.22 41.23 1.62
C ARG D 325 52.79 42.69 1.41
N VAL D 326 51.89 42.91 0.44
CA VAL D 326 51.41 44.22 0.07
C VAL D 326 49.92 44.15 -0.27
N SER D 327 49.32 45.31 -0.54
CA SER D 327 47.91 45.43 -0.87
C SER D 327 47.74 46.37 -2.06
N PHE D 328 46.82 46.01 -2.97
CA PHE D 328 46.53 46.85 -4.12
C PHE D 328 45.16 46.47 -4.68
N SER D 329 44.71 47.20 -5.70
CA SER D 329 43.34 47.10 -6.18
C SER D 329 43.26 46.41 -7.53
N VAL D 330 42.22 45.59 -7.71
CA VAL D 330 41.98 44.84 -8.94
C VAL D 330 40.51 45.02 -9.35
N CYS D 331 40.25 44.81 -10.64
CA CYS D 331 38.92 45.02 -11.21
C CYS D 331 38.54 43.84 -12.10
N THR D 332 37.23 43.64 -12.28
CA THR D 332 36.72 42.53 -13.08
C THR D 332 35.26 42.77 -13.46
N TYR D 333 34.74 41.86 -14.29
CA TYR D 333 33.37 41.87 -14.81
C TYR D 333 32.62 40.64 -14.35
N VAL D 334 31.34 40.80 -14.01
CA VAL D 334 30.53 39.72 -13.46
C VAL D 334 29.23 39.59 -14.25
N PRO D 335 28.82 38.38 -14.62
CA PRO D 335 27.57 38.22 -15.38
C PRO D 335 26.35 38.68 -14.60
N ALA D 336 25.34 39.18 -15.32
CA ALA D 336 24.18 39.81 -14.71
C ALA D 336 23.32 38.83 -13.92
N THR D 337 23.21 37.57 -14.36
CA THR D 337 22.36 36.61 -13.67
C THR D 337 22.87 36.29 -12.27
N ILE D 338 24.18 36.15 -12.10
CA ILE D 338 24.75 35.90 -10.78
C ILE D 338 24.49 37.10 -9.87
N CYS D 339 24.70 38.31 -10.39
CA CYS D 339 24.43 39.51 -9.61
C CYS D 339 22.98 39.57 -9.17
N ASP D 340 22.06 39.23 -10.06
CA ASP D 340 20.65 39.20 -9.69
C ASP D 340 20.35 38.14 -8.64
N GLN D 341 21.01 36.99 -8.72
CA GLN D 341 20.77 35.91 -7.77
C GLN D 341 21.46 36.12 -6.42
N MET D 342 22.34 37.09 -6.29
CA MET D 342 22.97 37.37 -5.00
C MET D 342 22.30 38.51 -4.24
N THR D 343 21.15 39.00 -4.70
CA THR D 343 20.54 40.17 -4.06
C THR D 343 20.08 39.89 -2.63
N GLY D 344 19.49 38.72 -2.40
CA GLY D 344 18.92 38.45 -1.09
C GLY D 344 19.97 38.15 -0.03
N ILE D 345 21.08 37.52 -0.43
CA ILE D 345 22.11 37.14 0.54
C ILE D 345 22.80 38.36 1.09
N LEU D 346 23.01 39.38 0.26
CA LEU D 346 23.78 40.55 0.66
C LEU D 346 22.99 41.51 1.55
N ALA D 347 21.84 41.09 2.06
CA ALA D 347 21.09 41.89 3.01
C ALA D 347 21.62 41.79 4.43
N THR D 348 22.48 40.81 4.69
CA THR D 348 23.08 40.57 6.00
C THR D 348 24.59 40.60 5.88
N GLU D 349 25.27 40.32 6.99
CA GLU D 349 26.72 40.20 7.01
C GLU D 349 27.11 38.74 6.76
N VAL D 350 28.02 38.54 5.81
CA VAL D 350 28.38 37.20 5.36
C VAL D 350 29.90 37.11 5.28
N THR D 351 30.44 35.97 5.71
CA THR D 351 31.87 35.72 5.64
C THR D 351 32.30 35.33 4.23
N PRO D 352 33.56 35.55 3.88
CA PRO D 352 34.02 35.17 2.52
C PRO D 352 33.90 33.70 2.19
N GLU D 353 34.04 32.80 3.16
CA GLU D 353 33.94 31.37 2.86
C GLU D 353 32.52 30.97 2.49
N ASP D 354 31.53 31.47 3.21
CA ASP D 354 30.14 31.20 2.88
C ASP D 354 29.77 31.77 1.51
N ALA D 355 30.24 32.99 1.22
CA ALA D 355 30.01 33.57 -0.10
C ALA D 355 30.66 32.73 -1.20
N GLN D 356 31.87 32.22 -0.95
CA GLN D 356 32.52 31.37 -1.95
C GLN D 356 31.72 30.10 -2.20
N LYS D 357 31.24 29.45 -1.14
CA LYS D 357 30.43 28.26 -1.34
C LYS D 357 29.13 28.55 -2.07
N LEU D 358 28.48 29.67 -1.75
CA LEU D 358 27.25 30.04 -2.45
C LEU D 358 27.49 30.32 -3.92
N LEU D 359 28.57 31.04 -4.23
CA LEU D 359 28.90 31.32 -5.63
C LEU D 359 29.21 30.05 -6.39
N VAL D 360 29.94 29.12 -5.77
CA VAL D 360 30.21 27.85 -6.44
C VAL D 360 28.92 27.09 -6.68
N GLY D 361 27.99 27.16 -5.73
CA GLY D 361 26.70 26.52 -5.93
C GLY D 361 25.91 27.11 -7.07
N LEU D 362 25.92 28.44 -7.21
CA LEU D 362 25.22 29.07 -8.32
C LEU D 362 25.88 28.78 -9.65
N ASN D 363 27.20 28.70 -9.69
CA ASN D 363 27.93 28.44 -10.93
C ASN D 363 27.75 26.98 -11.35
N ASN D 377 29.57 26.11 -16.57
CA ASN D 377 30.14 27.24 -15.86
C ASN D 377 29.76 28.57 -16.51
N THR D 378 29.02 29.39 -15.77
CA THR D 378 28.66 30.71 -16.29
C THR D 378 29.85 31.67 -16.25
N MET D 379 30.72 31.53 -15.26
CA MET D 379 31.88 32.40 -15.13
C MET D 379 33.11 31.54 -14.81
N LYS D 380 34.28 32.07 -15.17
CA LYS D 380 35.52 31.34 -14.94
C LYS D 380 35.82 31.21 -13.46
N ASN D 381 36.35 30.05 -13.07
CA ASN D 381 36.51 29.75 -11.65
C ASN D 381 37.67 30.50 -11.01
N TYR D 382 38.74 30.76 -11.76
CA TYR D 382 39.91 31.39 -11.15
C TYR D 382 39.63 32.80 -10.66
N MET D 383 38.51 33.39 -11.05
CA MET D 383 38.14 34.74 -10.63
C MET D 383 37.24 34.72 -9.40
N ILE D 384 36.77 33.54 -8.99
CA ILE D 384 35.76 33.46 -7.93
C ILE D 384 36.29 33.88 -6.55
N PRO D 385 37.46 33.42 -6.09
CA PRO D 385 37.85 33.73 -4.71
C PRO D 385 37.95 35.21 -4.39
N VAL D 386 38.35 36.04 -5.34
CA VAL D 386 38.43 37.47 -5.05
C VAL D 386 37.05 38.14 -5.11
N VAL D 387 36.19 37.73 -6.04
CA VAL D 387 34.83 38.25 -6.08
C VAL D 387 34.13 37.98 -4.76
N ALA D 388 34.24 36.76 -4.24
CA ALA D 388 33.64 36.44 -2.94
C ALA D 388 34.19 37.32 -1.83
N GLN D 389 35.43 37.78 -1.97
CA GLN D 389 35.97 38.67 -0.96
C GLN D 389 35.42 40.08 -1.10
N ALA D 390 35.10 40.51 -2.32
CA ALA D 390 34.60 41.85 -2.52
C ALA D 390 33.17 41.99 -2.00
N PHE D 391 32.28 41.08 -2.42
CA PHE D 391 30.90 41.12 -1.96
C PHE D 391 30.82 41.19 -0.45
N SER D 392 31.55 40.31 0.24
CA SER D 392 31.52 40.26 1.70
C SER D 392 31.85 41.61 2.31
N LYS D 393 32.80 42.34 1.71
CA LYS D 393 33.12 43.65 2.27
C LYS D 393 32.01 44.65 1.98
N TRP D 394 31.49 44.65 0.75
CA TRP D 394 30.49 45.62 0.36
C TRP D 394 29.28 45.57 1.30
N ALA D 395 28.72 44.39 1.50
CA ALA D 395 27.60 44.24 2.41
C ALA D 395 27.90 44.84 3.78
N LYS D 396 29.09 44.57 4.32
CA LYS D 396 29.41 45.09 5.64
C LYS D 396 29.39 46.62 5.63
N GLU D 397 30.01 47.23 4.61
CA GLU D 397 30.03 48.68 4.55
C GLU D 397 28.63 49.26 4.42
N CYS D 398 27.66 48.48 3.96
CA CYS D 398 26.29 48.98 3.92
C CYS D 398 25.70 49.05 5.32
N ARG D 399 25.92 48.03 6.14
CA ARG D 399 25.28 48.00 7.46
C ARG D 399 25.67 49.21 8.29
N LYS D 400 26.96 49.55 8.31
CA LYS D 400 27.42 50.70 9.05
C LYS D 400 26.70 51.97 8.61
N ASP D 401 26.47 52.13 7.31
CA ASP D 401 25.77 53.32 6.83
C ASP D 401 24.37 53.41 7.43
N MET D 402 23.70 52.26 7.59
CA MET D 402 22.36 52.28 8.16
C MET D 402 22.38 52.54 9.66
N GLU D 403 23.52 52.40 10.31
CA GLU D 403 23.58 52.51 11.76
C GLU D 403 24.13 53.85 12.24
N ASP D 404 24.55 54.72 11.33
CA ASP D 404 25.04 56.06 11.67
C ASP D 404 24.29 57.04 10.77
N GLU D 405 23.12 57.47 11.21
CA GLU D 405 22.19 58.23 10.39
C GLU D 405 22.22 59.70 10.79
N LYS D 406 22.44 60.57 9.81
CA LYS D 406 22.59 62.00 10.04
C LYS D 406 21.23 62.70 9.92
N LEU D 407 21.25 64.03 9.87
CA LEU D 407 20.06 64.83 9.67
C LEU D 407 20.00 65.34 8.23
N LEU D 408 18.78 65.63 7.78
CA LEU D 408 18.57 66.05 6.40
C LEU D 408 19.13 67.44 6.16
N GLY D 409 19.95 67.57 5.12
CA GLY D 409 20.49 68.85 4.72
C GLY D 409 21.43 69.49 5.70
N VAL D 410 22.34 68.72 6.29
CA VAL D 410 23.25 69.20 7.32
C VAL D 410 24.56 68.45 7.21
N ARG D 411 25.67 69.16 7.42
CA ARG D 411 26.99 68.57 7.42
C ARG D 411 27.72 68.97 8.70
N GLU D 412 28.46 68.03 9.28
CA GLU D 412 29.25 68.28 10.48
C GLU D 412 30.70 68.47 10.07
N ARG D 413 31.25 69.66 10.34
CA ARG D 413 32.62 69.98 9.97
C ARG D 413 33.32 70.73 11.09
N THR D 414 33.15 70.28 12.33
CA THR D 414 33.79 70.92 13.47
C THR D 414 35.32 70.82 13.37
N TRP D 421 39.17 73.24 11.13
CA TRP D 421 37.82 72.69 11.17
C TRP D 421 37.76 71.47 10.27
N ALA D 422 37.81 70.29 10.87
CA ALA D 422 38.03 69.06 10.14
C ALA D 422 36.83 68.12 10.26
N PHE D 423 36.63 67.32 9.21
CA PHE D 423 35.64 66.27 9.18
C PHE D 423 36.32 64.96 8.81
N LYS D 424 35.84 63.87 9.40
CA LYS D 424 36.44 62.56 9.16
C LYS D 424 35.98 61.99 7.82
N LYS D 425 36.87 61.22 7.21
CA LYS D 425 36.57 60.48 5.99
C LYS D 425 36.50 59.00 6.31
N GLN D 426 35.43 58.35 5.88
CA GLN D 426 35.28 56.92 6.11
C GLN D 426 36.16 56.15 5.13
N LYS D 427 36.27 54.85 5.36
CA LYS D 427 37.09 53.98 4.54
C LYS D 427 36.22 53.22 3.54
N THR D 428 36.71 53.10 2.31
CA THR D 428 36.02 52.40 1.23
C THR D 428 36.96 51.35 0.66
N HIS D 429 36.54 50.09 0.70
CA HIS D 429 37.35 48.99 0.20
C HIS D 429 36.76 48.32 -1.02
N THR D 430 35.59 48.75 -1.49
CA THR D 430 34.94 48.09 -2.61
C THR D 430 34.07 49.09 -3.36
N VAL D 431 34.11 49.03 -4.69
CA VAL D 431 33.20 49.76 -5.55
C VAL D 431 32.47 48.75 -6.42
N TYR D 432 31.15 48.82 -6.42
CA TYR D 432 30.30 47.81 -7.07
C TYR D 432 29.24 48.53 -7.90
N LYS D 433 29.37 48.44 -9.22
CA LYS D 433 28.40 49.03 -10.15
C LYS D 433 27.48 47.92 -10.64
N ARG D 434 26.24 47.93 -10.18
CA ARG D 434 25.27 46.90 -10.50
C ARG D 434 24.72 47.08 -11.91
N PRO D 435 24.16 46.04 -12.50
CA PRO D 435 23.55 46.17 -13.83
C PRO D 435 22.47 47.23 -13.86
N ASP D 436 22.42 47.98 -14.97
CA ASP D 436 21.49 49.07 -15.20
C ASP D 436 21.82 50.32 -14.39
N THR D 437 23.09 50.54 -14.11
CA THR D 437 23.58 51.78 -13.50
C THR D 437 24.53 52.46 -14.48
N GLN D 438 25.06 53.62 -14.07
CA GLN D 438 25.91 54.41 -14.94
C GLN D 438 27.04 55.04 -14.15
N SER D 439 28.24 55.04 -14.73
CA SER D 439 29.39 55.77 -14.19
C SER D 439 29.53 57.10 -14.89
N ILE D 440 30.03 58.10 -14.17
CA ILE D 440 30.20 59.45 -14.70
C ILE D 440 31.51 60.02 -14.20
N GLN D 441 32.27 60.65 -15.10
CA GLN D 441 33.59 61.15 -14.76
C GLN D 441 33.91 62.42 -15.53
N LYS D 442 34.66 63.31 -14.89
CA LYS D 442 34.98 64.62 -15.42
C LYS D 442 36.29 64.55 -16.20
N VAL D 443 36.26 64.93 -17.47
CA VAL D 443 37.42 64.93 -18.35
C VAL D 443 37.52 66.28 -19.04
N GLN D 444 38.52 66.41 -19.90
CA GLN D 444 38.76 67.65 -20.64
C GLN D 444 37.90 67.66 -21.91
N ALA D 445 37.41 68.85 -22.26
CA ALA D 445 36.52 68.99 -23.41
C ALA D 445 36.88 70.12 -24.36
N GLU D 446 37.91 70.91 -24.05
CA GLU D 446 38.38 71.98 -24.93
C GLU D 446 39.83 71.72 -25.28
N PHE D 447 40.11 71.62 -26.57
CA PHE D 447 41.46 71.31 -27.06
C PHE D 447 41.91 72.41 -28.00
N ASP D 448 43.13 72.91 -27.78
CA ASP D 448 43.65 73.97 -28.63
C ASP D 448 45.09 73.79 -29.08
N SER D 449 45.87 72.89 -28.47
CA SER D 449 47.27 72.71 -28.82
C SER D 449 47.46 71.33 -29.42
N PHE D 450 48.13 71.27 -30.57
CA PHE D 450 48.31 70.01 -31.28
C PHE D 450 49.76 69.85 -31.75
N TRP D 456 60.02 63.76 -41.34
CA TRP D 456 59.61 62.38 -41.58
C TRP D 456 60.70 61.62 -42.33
N SER D 457 60.89 60.35 -41.97
CA SER D 457 61.87 59.48 -42.62
C SER D 457 61.19 58.19 -43.05
N SER D 458 61.68 57.63 -44.17
CA SER D 458 61.04 56.45 -44.73
C SER D 458 61.12 55.25 -43.78
N GLY D 459 62.31 55.00 -43.23
CA GLY D 459 62.50 53.92 -42.28
C GLY D 459 62.67 52.55 -42.89
N LEU D 460 62.48 52.40 -44.19
CA LEU D 460 62.62 51.10 -44.84
C LEU D 460 64.10 50.80 -45.12
N SER D 461 64.35 49.56 -45.54
CA SER D 461 65.69 49.08 -45.80
C SER D 461 65.78 48.49 -47.19
N ILE D 462 66.98 48.50 -47.75
CA ILE D 462 67.19 47.97 -49.10
C ILE D 462 66.88 46.48 -49.19
N PRO D 463 67.37 45.61 -48.29
CA PRO D 463 67.04 44.18 -48.41
C PRO D 463 65.56 43.89 -48.37
N LEU D 464 64.80 44.60 -47.54
CA LEU D 464 63.36 44.37 -47.47
C LEU D 464 62.68 44.77 -48.77
N ARG D 465 63.08 45.90 -49.35
CA ARG D 465 62.52 46.33 -50.62
C ARG D 465 62.84 45.34 -51.73
N THR D 466 64.09 44.84 -51.76
CA THR D 466 64.46 43.84 -52.75
C THR D 466 63.67 42.57 -52.58
N ARG D 467 63.47 42.14 -51.33
CA ARG D 467 62.69 40.92 -51.08
C ARG D 467 61.26 41.08 -51.55
N ILE D 468 60.65 42.23 -51.27
CA ILE D 468 59.27 42.46 -51.72
C ILE D 468 59.20 42.49 -53.24
N LYS D 469 60.16 43.16 -53.89
CA LYS D 469 60.18 43.21 -55.34
C LYS D 469 60.30 41.81 -55.95
N TRP D 470 61.18 40.98 -55.39
CA TRP D 470 61.32 39.62 -55.88
C TRP D 470 60.06 38.79 -55.61
N LEU D 471 59.43 39.00 -54.47
CA LEU D 471 58.21 38.25 -54.14
C LEU D 471 57.08 38.58 -55.11
N LEU D 472 56.93 39.85 -55.47
CA LEU D 472 55.90 40.20 -56.44
C LEU D 472 56.17 39.59 -57.80
N SER D 473 57.43 39.59 -58.23
CA SER D 473 57.79 39.01 -59.52
C SER D 473 57.76 37.49 -59.46
N ASP E 2 41.93 11.58 -47.24
CA ASP E 2 41.40 12.63 -46.38
C ASP E 2 41.65 12.36 -44.87
N PRO E 3 41.24 11.22 -44.33
CA PRO E 3 41.46 10.97 -42.91
C PRO E 3 42.91 10.58 -42.64
N VAL E 4 43.30 10.75 -41.38
CA VAL E 4 44.65 10.43 -40.90
C VAL E 4 44.53 9.32 -39.89
N TYR E 5 45.42 8.33 -40.00
CA TYR E 5 45.38 7.14 -39.17
C TYR E 5 46.49 7.18 -38.13
N VAL E 6 46.15 6.81 -36.90
CA VAL E 6 47.10 6.83 -35.79
C VAL E 6 47.14 5.46 -35.13
N ASP E 7 48.31 5.12 -34.60
CA ASP E 7 48.57 3.78 -34.08
C ASP E 7 48.32 3.75 -32.57
N ILE E 8 47.05 3.94 -32.21
CA ILE E 8 46.60 3.86 -30.82
C ILE E 8 45.34 3.02 -30.78
N ASP E 9 45.02 2.53 -29.58
CA ASP E 9 43.83 1.71 -29.41
C ASP E 9 42.56 2.54 -29.55
N ALA E 10 41.51 1.88 -30.05
CA ALA E 10 40.27 2.58 -30.36
C ALA E 10 39.49 3.01 -29.12
N ASP E 11 39.87 2.56 -27.93
CA ASP E 11 39.15 2.89 -26.71
C ASP E 11 39.89 3.89 -25.83
N SER E 12 41.03 4.40 -26.26
CA SER E 12 41.81 5.30 -25.42
C SER E 12 41.13 6.66 -25.31
N ALA E 13 41.32 7.30 -24.16
CA ALA E 13 40.80 8.63 -23.93
C ALA E 13 41.66 9.72 -24.52
N PHE E 14 42.89 9.40 -24.94
CA PHE E 14 43.73 10.40 -25.57
C PHE E 14 43.14 10.87 -26.89
N LEU E 15 42.43 9.98 -27.59
CA LEU E 15 41.91 10.32 -28.91
C LEU E 15 41.07 11.59 -28.86
N LYS E 16 40.16 11.68 -27.89
CA LYS E 16 39.40 12.90 -27.66
C LYS E 16 40.29 14.14 -27.77
N ALA E 17 41.33 14.19 -26.94
CA ALA E 17 42.19 15.37 -26.90
C ALA E 17 42.81 15.64 -28.25
N LEU E 18 43.22 14.60 -28.97
CA LEU E 18 43.82 14.81 -30.28
C LEU E 18 42.83 15.50 -31.22
N GLN E 19 41.57 15.06 -31.20
CA GLN E 19 40.58 15.69 -32.07
C GLN E 19 40.36 17.14 -31.70
N ARG E 20 40.63 17.51 -30.44
CA ARG E 20 40.50 18.90 -30.05
C ARG E 20 41.67 19.73 -30.52
N ALA E 21 42.84 19.13 -30.70
CA ALA E 21 44.03 19.89 -31.07
C ALA E 21 44.18 20.06 -32.57
N TYR E 22 43.58 19.18 -33.37
CA TYR E 22 43.66 19.23 -34.82
C TYR E 22 42.23 19.18 -35.38
N PRO E 23 41.50 20.29 -35.32
CA PRO E 23 40.11 20.28 -35.77
C PRO E 23 39.95 20.29 -37.29
N MET E 24 41.04 20.41 -38.04
CA MET E 24 40.99 20.41 -39.50
C MET E 24 41.22 19.03 -40.11
N PHE E 25 41.25 17.99 -39.29
CA PHE E 25 41.52 16.64 -39.75
C PHE E 25 40.44 15.69 -39.24
N GLU E 26 40.51 14.46 -39.73
CA GLU E 26 39.67 13.37 -39.26
C GLU E 26 40.59 12.25 -38.77
N VAL E 27 40.55 11.97 -37.49
CA VAL E 27 41.52 11.08 -36.84
C VAL E 27 40.87 9.71 -36.66
N GLU E 28 41.56 8.67 -37.13
CA GLU E 28 41.06 7.29 -37.05
C GLU E 28 42.08 6.40 -36.37
N PRO E 29 41.67 5.61 -35.37
CA PRO E 29 42.61 4.70 -34.70
C PRO E 29 42.79 3.41 -35.51
N ARG E 30 44.05 3.02 -35.69
CA ARG E 30 44.37 1.77 -36.40
C ARG E 30 45.65 1.22 -35.77
N GLN E 31 45.49 0.33 -34.79
CA GLN E 31 46.59 -0.13 -33.97
C GLN E 31 47.24 -1.37 -34.57
N VAL E 32 48.57 -1.33 -34.70
CA VAL E 32 49.32 -2.45 -35.27
C VAL E 32 50.46 -2.92 -34.39
N THR E 33 50.95 -2.13 -33.44
CA THR E 33 52.07 -2.51 -32.59
C THR E 33 51.72 -2.20 -31.13
N PRO E 34 52.37 -2.89 -30.19
CA PRO E 34 52.09 -2.63 -28.77
C PRO E 34 52.95 -1.52 -28.18
N ASN E 35 53.53 -0.67 -29.02
CA ASN E 35 54.43 0.40 -28.60
C ASN E 35 53.92 1.13 -27.36
N ASP E 36 54.82 1.36 -26.41
CA ASP E 36 54.48 2.03 -25.16
C ASP E 36 54.71 3.53 -25.19
N ALA E 37 55.15 4.08 -26.32
CA ALA E 37 55.27 5.52 -26.50
C ALA E 37 54.43 5.95 -27.68
N ALA E 38 53.19 5.47 -27.74
CA ALA E 38 52.36 5.66 -28.93
C ALA E 38 51.85 7.09 -29.05
N ASN E 39 51.46 7.71 -27.94
CA ASN E 39 50.83 9.02 -27.99
C ASN E 39 51.76 10.08 -28.55
N ALA E 40 53.03 10.05 -28.13
CA ALA E 40 54.00 11.01 -28.64
C ALA E 40 54.22 10.85 -30.15
N ARG E 41 54.28 9.60 -30.61
CA ARG E 41 54.41 9.34 -32.04
C ARG E 41 53.21 9.86 -32.81
N ALA E 42 52.01 9.66 -32.28
CA ALA E 42 50.82 10.16 -32.96
C ALA E 42 50.83 11.68 -33.05
N PHE E 43 51.22 12.35 -31.96
CA PHE E 43 51.27 13.81 -31.98
C PHE E 43 52.28 14.30 -33.02
N SER E 44 53.45 13.68 -33.08
CA SER E 44 54.45 14.11 -34.06
C SER E 44 53.98 13.88 -35.49
N HIS E 45 53.33 12.75 -35.74
CA HIS E 45 52.78 12.46 -37.06
C HIS E 45 51.80 13.53 -37.50
N LEU E 46 50.84 13.87 -36.63
CA LEU E 46 49.85 14.89 -36.98
C LEU E 46 50.50 16.25 -37.16
N ALA E 47 51.51 16.57 -36.36
CA ALA E 47 52.18 17.86 -36.49
C ALA E 47 52.85 17.98 -37.85
N ILE E 48 53.52 16.92 -38.31
CA ILE E 48 54.16 16.97 -39.62
C ILE E 48 53.11 17.10 -40.72
N LYS E 49 51.99 16.39 -40.58
CA LYS E 49 50.91 16.54 -41.57
C LYS E 49 50.45 17.98 -41.67
N LEU E 50 50.22 18.63 -40.52
CA LEU E 50 49.74 20.01 -40.53
C LEU E 50 50.77 20.96 -41.12
N ILE E 51 52.04 20.80 -40.74
CA ILE E 51 53.07 21.69 -41.28
C ILE E 51 53.16 21.55 -42.79
N GLU E 52 53.10 20.32 -43.30
CA GLU E 52 53.12 20.13 -44.75
C GLU E 52 51.92 20.78 -45.41
N GLN E 53 50.73 20.63 -44.81
CA GLN E 53 49.55 21.27 -45.37
C GLN E 53 49.65 22.79 -45.34
N GLU E 54 50.50 23.36 -44.48
CA GLU E 54 50.59 24.82 -44.41
C GLU E 54 51.37 25.40 -45.59
N ILE E 55 52.66 25.03 -45.71
CA ILE E 55 53.52 25.69 -46.68
C ILE E 55 53.19 25.23 -48.10
N ASP E 56 53.60 26.04 -49.06
CA ASP E 56 53.30 25.78 -50.46
C ASP E 56 54.30 24.78 -51.06
N PRO E 57 53.93 24.11 -52.15
CA PRO E 57 54.85 23.16 -52.78
C PRO E 57 56.04 23.84 -53.45
N ASP E 58 56.85 23.04 -54.15
CA ASP E 58 58.02 23.50 -54.91
C ASP E 58 58.98 24.34 -54.07
N SER E 59 58.91 24.20 -52.75
CA SER E 59 59.87 24.81 -51.84
C SER E 59 60.74 23.71 -51.24
N THR E 60 62.05 23.92 -51.26
CA THR E 60 62.96 22.97 -50.64
C THR E 60 62.98 23.19 -49.13
N ILE E 61 63.00 22.09 -48.38
CA ILE E 61 62.89 22.14 -46.93
C ILE E 61 64.12 21.48 -46.34
N LEU E 62 64.83 22.21 -45.47
CA LEU E 62 65.93 21.64 -44.70
C LEU E 62 65.37 20.84 -43.53
N ASP E 63 65.90 19.64 -43.33
CA ASP E 63 65.50 18.79 -42.21
C ASP E 63 66.72 18.60 -41.32
N ILE E 64 66.74 19.29 -40.19
CA ILE E 64 67.90 19.34 -39.31
C ILE E 64 67.86 18.16 -38.35
N GLY E 65 68.97 17.42 -38.29
CA GLY E 65 69.06 16.25 -37.43
C GLY E 65 68.01 15.23 -37.76
N SER E 66 67.94 14.83 -39.02
CA SER E 66 66.82 14.06 -39.52
C SER E 66 67.07 12.56 -39.45
N ALA E 67 65.99 11.79 -39.54
CA ALA E 67 66.01 10.37 -39.84
C ALA E 67 65.45 10.19 -41.24
N PRO E 68 66.29 9.92 -42.24
CA PRO E 68 65.82 10.03 -43.64
C PRO E 68 64.68 9.09 -43.98
N ALA E 69 64.59 7.94 -43.33
CA ALA E 69 63.57 6.96 -43.69
C ALA E 69 62.16 7.49 -43.53
N ARG E 70 61.97 8.53 -42.71
CA ARG E 70 60.64 9.11 -42.51
C ARG E 70 60.19 9.97 -43.68
N ARG E 71 61.11 10.43 -44.52
CA ARG E 71 60.77 11.35 -45.60
C ARG E 71 60.75 10.70 -46.97
N MET E 72 60.82 9.37 -47.03
CA MET E 72 60.95 8.69 -48.33
C MET E 72 59.69 8.81 -49.16
N MET E 73 58.54 8.51 -48.58
CA MET E 73 57.29 8.45 -49.31
C MET E 73 56.58 9.79 -49.42
N SER E 74 57.30 10.90 -49.22
CA SER E 74 56.72 12.23 -49.31
C SER E 74 56.98 12.83 -50.68
N ASP E 75 56.04 13.66 -51.13
CA ASP E 75 56.15 14.30 -52.44
C ASP E 75 56.82 15.66 -52.40
N ARG E 76 57.11 16.18 -51.21
CA ARG E 76 57.81 17.46 -51.10
C ARG E 76 59.30 17.26 -51.32
N LYS E 77 60.05 18.36 -51.32
CA LYS E 77 61.49 18.34 -51.54
C LYS E 77 62.19 18.53 -50.20
N TYR E 78 62.89 17.50 -49.74
CA TYR E 78 63.59 17.51 -48.47
C TYR E 78 65.09 17.37 -48.68
N HIS E 79 65.86 18.17 -47.94
CA HIS E 79 67.31 18.02 -47.86
C HIS E 79 67.63 17.68 -46.41
N CYS E 80 68.10 16.45 -46.17
CA CYS E 80 68.29 15.95 -44.82
C CYS E 80 69.74 16.21 -44.38
N VAL E 81 69.90 16.89 -43.25
CA VAL E 81 71.21 17.19 -42.69
C VAL E 81 71.49 16.12 -41.64
N CYS E 82 72.39 15.18 -41.96
CA CYS E 82 72.59 13.98 -41.15
C CYS E 82 74.06 13.76 -40.82
N PRO E 83 74.55 14.38 -39.75
CA PRO E 83 75.84 13.97 -39.19
C PRO E 83 75.66 12.67 -38.42
N MET E 84 76.75 12.19 -37.82
CA MET E 84 76.71 10.99 -36.99
C MET E 84 77.35 11.33 -35.66
N ARG E 85 76.54 11.88 -34.75
CA ARG E 85 77.02 12.29 -33.44
C ARG E 85 76.45 11.49 -32.30
N SER E 86 75.37 10.76 -32.52
CA SER E 86 74.77 9.91 -31.50
C SER E 86 74.97 8.45 -31.87
N ALA E 87 74.67 7.57 -30.91
CA ALA E 87 74.90 6.15 -31.08
C ALA E 87 73.79 5.43 -31.84
N GLU E 88 72.69 6.12 -32.16
CA GLU E 88 71.57 5.53 -32.86
C GLU E 88 71.54 5.87 -34.34
N ASP E 89 72.56 6.55 -34.84
CA ASP E 89 72.57 7.02 -36.22
C ASP E 89 72.93 5.95 -37.24
N PRO E 90 73.96 5.12 -37.01
CA PRO E 90 74.27 4.08 -38.02
C PRO E 90 73.10 3.17 -38.32
N GLU E 91 72.32 2.80 -37.30
CA GLU E 91 71.16 1.97 -37.54
C GLU E 91 70.12 2.68 -38.40
N ARG E 92 69.92 3.98 -38.16
CA ARG E 92 69.00 4.74 -38.98
C ARG E 92 69.45 4.80 -40.43
N LEU E 93 70.75 5.00 -40.66
CA LEU E 93 71.26 5.02 -42.02
C LEU E 93 71.09 3.68 -42.70
N ALA E 94 71.38 2.59 -41.97
CA ALA E 94 71.22 1.25 -42.54
C ALA E 94 69.76 0.97 -42.88
N ASN E 95 68.85 1.38 -41.99
CA ASN E 95 67.42 1.21 -42.26
C ASN E 95 66.99 1.99 -43.49
N TYR E 96 67.51 3.21 -43.64
CA TYR E 96 67.19 4.01 -44.82
C TYR E 96 67.65 3.31 -46.10
N ALA E 97 68.89 2.80 -46.09
CA ALA E 97 69.40 2.11 -47.28
C ALA E 97 68.58 0.86 -47.58
N ARG E 98 68.23 0.10 -46.54
CA ARG E 98 67.43 -1.11 -46.73
C ARG E 98 66.07 -0.79 -47.33
N LYS E 99 65.39 0.22 -46.79
CA LYS E 99 64.08 0.58 -47.29
C LYS E 99 64.15 1.12 -48.72
N LEU E 100 65.23 1.85 -49.03
CA LEU E 100 65.43 2.31 -50.40
C LEU E 100 65.57 1.13 -51.36
N ALA E 101 66.39 0.15 -50.97
CA ALA E 101 66.60 -1.02 -51.83
C ALA E 101 65.32 -1.83 -52.01
N SER E 102 64.51 -1.94 -50.94
CA SER E 102 63.36 -2.82 -50.99
C SER E 102 62.37 -2.41 -52.06
N ALA E 103 62.04 -1.12 -52.13
CA ALA E 103 61.08 -0.60 -53.09
C ALA E 103 61.84 0.22 -54.12
N ALA E 104 62.33 -0.45 -55.16
CA ALA E 104 63.12 0.19 -56.20
C ALA E 104 62.41 0.29 -57.54
N GLY E 105 61.38 -0.51 -57.78
CA GLY E 105 60.66 -0.45 -59.03
C GLY E 105 59.16 -0.41 -58.86
N LYS E 106 58.70 -0.66 -57.63
CA LYS E 106 57.28 -0.67 -57.33
C LYS E 106 56.72 0.72 -57.11
N VAL E 107 57.54 1.68 -56.72
CA VAL E 107 57.12 3.06 -56.50
C VAL E 107 57.85 3.93 -57.52
N LEU E 108 57.08 4.65 -58.35
CA LEU E 108 57.66 5.44 -59.43
C LEU E 108 57.30 6.92 -59.37
N ASP E 109 56.34 7.31 -58.54
CA ASP E 109 55.97 8.72 -58.42
C ASP E 109 56.94 9.52 -57.56
N ARG E 110 57.89 8.86 -56.91
CA ARG E 110 58.87 9.51 -56.06
C ARG E 110 60.25 9.39 -56.68
N ASN E 111 61.14 10.28 -56.25
CA ASN E 111 62.50 10.35 -56.79
C ASN E 111 63.39 9.26 -56.17
N ILE E 112 62.94 8.02 -56.29
CA ILE E 112 63.65 6.90 -55.68
C ILE E 112 65.01 6.70 -56.32
N SER E 113 65.05 6.70 -57.65
CA SER E 113 66.33 6.50 -58.34
C SER E 113 67.29 7.63 -58.04
N GLY E 114 66.80 8.86 -58.03
CA GLY E 114 67.65 9.99 -57.66
C GLY E 114 68.16 9.89 -56.23
N LYS E 115 67.31 9.42 -55.31
CA LYS E 115 67.73 9.24 -53.94
C LYS E 115 68.84 8.21 -53.83
N ILE E 116 68.70 7.10 -54.56
CA ILE E 116 69.75 6.08 -54.55
C ILE E 116 71.04 6.63 -55.13
N GLY E 117 70.94 7.39 -56.22
CA GLY E 117 72.14 7.99 -56.80
C GLY E 117 72.83 8.95 -55.85
N ASP E 118 72.05 9.77 -55.15
CA ASP E 118 72.64 10.70 -54.18
C ASP E 118 73.31 9.95 -53.05
N LEU E 119 72.67 8.89 -52.54
CA LEU E 119 73.27 8.12 -51.46
C LEU E 119 74.59 7.50 -51.91
N GLN E 120 74.62 6.93 -53.12
CA GLN E 120 75.84 6.33 -53.64
C GLN E 120 76.93 7.38 -53.82
N ALA E 121 76.56 8.56 -54.33
CA ALA E 121 77.54 9.63 -54.52
C ALA E 121 78.13 10.08 -53.18
N VAL E 122 77.29 10.21 -52.16
CA VAL E 122 77.79 10.60 -50.84
C VAL E 122 78.69 9.52 -50.26
N MET E 123 78.33 8.25 -50.48
CA MET E 123 79.18 7.16 -50.02
C MET E 123 80.54 7.19 -50.70
N ALA E 124 80.57 7.47 -52.01
CA ALA E 124 81.85 7.51 -52.72
C ALA E 124 82.74 8.62 -52.21
N VAL E 125 82.21 9.85 -52.14
CA VAL E 125 82.93 11.00 -51.62
C VAL E 125 82.09 11.62 -50.51
N PRO E 126 82.61 11.76 -49.29
CA PRO E 126 81.76 12.16 -48.17
C PRO E 126 81.60 13.66 -47.95
N ASP E 127 82.31 14.51 -48.69
CA ASP E 127 82.25 15.96 -48.50
C ASP E 127 81.57 16.66 -49.66
N THR E 128 80.51 16.07 -50.19
CA THR E 128 79.77 16.63 -51.30
C THR E 128 78.31 16.81 -50.91
N GLU E 129 77.69 17.87 -51.43
CA GLU E 129 76.28 18.15 -51.19
C GLU E 129 75.47 17.65 -52.36
N THR E 130 74.42 16.90 -52.08
CA THR E 130 73.48 16.40 -53.07
C THR E 130 72.11 17.01 -52.79
N PRO E 131 71.18 16.93 -53.75
CA PRO E 131 69.87 17.54 -53.53
C PRO E 131 69.11 16.96 -52.35
N THR E 132 69.43 15.74 -51.89
CA THR E 132 68.64 15.11 -50.84
C THR E 132 69.46 14.57 -49.68
N PHE E 133 70.76 14.80 -49.62
CA PHE E 133 71.56 14.20 -48.56
C PHE E 133 72.87 14.95 -48.39
N CYS E 134 73.34 15.01 -47.14
CA CYS E 134 74.66 15.53 -46.83
C CYS E 134 75.05 15.01 -45.45
N LEU E 135 76.33 15.17 -45.11
CA LEU E 135 76.88 14.66 -43.86
C LEU E 135 77.48 15.76 -43.00
N HIS E 136 77.00 16.99 -43.15
CA HIS E 136 77.51 18.11 -42.37
C HIS E 136 76.58 18.40 -41.19
N THR E 137 76.97 19.35 -40.36
CA THR E 137 76.16 19.79 -39.24
C THR E 137 75.27 20.95 -39.69
N ASP E 138 74.59 21.59 -38.73
CA ASP E 138 73.69 22.68 -39.09
C ASP E 138 74.44 23.94 -39.48
N VAL E 139 75.63 24.17 -38.89
CA VAL E 139 76.38 25.39 -39.15
C VAL E 139 77.44 25.19 -40.24
N SER E 140 77.38 24.07 -40.97
CA SER E 140 78.35 23.85 -42.04
C SER E 140 77.73 23.33 -43.33
N CYS E 141 76.43 23.06 -43.37
CA CYS E 141 75.79 22.69 -44.63
C CYS E 141 75.70 23.91 -45.54
N ARG E 142 75.94 23.70 -46.83
CA ARG E 142 75.99 24.77 -47.81
C ARG E 142 74.71 24.92 -48.62
N GLN E 143 73.73 24.05 -48.43
CA GLN E 143 72.51 24.12 -49.22
C GLN E 143 71.71 25.36 -48.87
N ARG E 144 71.06 25.94 -49.88
CA ARG E 144 70.22 27.12 -49.71
C ARG E 144 68.76 26.71 -49.87
N ALA E 145 67.91 27.19 -48.97
CA ALA E 145 66.50 26.84 -48.98
C ALA E 145 65.70 28.02 -48.43
N ASP E 146 64.44 27.77 -48.08
CA ASP E 146 63.59 28.80 -47.50
C ASP E 146 62.81 28.34 -46.27
N VAL E 147 62.79 27.05 -45.94
CA VAL E 147 62.10 26.53 -44.77
C VAL E 147 63.02 25.56 -44.06
N ALA E 148 62.99 25.58 -42.72
CA ALA E 148 63.74 24.66 -41.90
C ALA E 148 62.80 24.02 -40.88
N ILE E 149 63.10 22.79 -40.48
CA ILE E 149 62.25 22.04 -39.56
C ILE E 149 63.12 21.36 -38.52
N TYR E 150 62.74 21.49 -37.25
CA TYR E 150 63.38 20.79 -36.13
C TYR E 150 62.35 19.89 -35.49
N GLN E 151 62.62 18.58 -35.47
CA GLN E 151 61.69 17.61 -34.89
C GLN E 151 62.41 16.87 -33.77
N ASP E 152 62.00 17.13 -32.54
CA ASP E 152 62.57 16.49 -31.35
C ASP E 152 64.09 16.68 -31.28
N VAL E 153 64.55 17.90 -31.54
CA VAL E 153 65.96 18.24 -31.50
C VAL E 153 66.18 19.12 -30.27
N TYR E 154 66.96 18.62 -29.31
CA TYR E 154 67.19 19.33 -28.07
C TYR E 154 68.66 19.63 -27.83
N ALA E 155 69.53 19.46 -28.83
CA ALA E 155 70.96 19.46 -28.60
C ALA E 155 71.69 20.60 -29.33
N VAL E 156 71.00 21.68 -29.67
CA VAL E 156 71.63 22.81 -30.32
C VAL E 156 71.26 24.09 -29.58
N HIS E 157 72.11 25.10 -29.74
CA HIS E 157 71.88 26.42 -29.19
C HIS E 157 71.03 27.20 -30.19
N ALA E 158 69.82 27.59 -29.77
CA ALA E 158 68.82 28.07 -30.73
C ALA E 158 69.22 29.34 -31.46
N PRO E 159 69.68 30.42 -30.82
CA PRO E 159 70.02 31.63 -31.59
C PRO E 159 71.10 31.43 -32.63
N THR E 160 72.17 30.70 -32.29
CA THR E 160 73.25 30.48 -33.25
C THR E 160 72.77 29.68 -34.46
N SER E 161 72.02 28.60 -34.20
CA SER E 161 71.48 27.79 -35.27
C SER E 161 70.54 28.60 -36.16
N LEU E 162 69.68 29.41 -35.55
CA LEU E 162 68.74 30.20 -36.35
C LEU E 162 69.46 31.25 -37.17
N TYR E 163 70.51 31.86 -36.63
CA TYR E 163 71.27 32.84 -37.40
C TYR E 163 71.95 32.19 -38.60
N HIS E 164 72.54 31.01 -38.40
CA HIS E 164 73.19 30.34 -39.52
C HIS E 164 72.18 29.84 -40.54
N GLN E 165 70.95 29.59 -40.10
CA GLN E 165 69.89 29.26 -41.05
C GLN E 165 69.44 30.49 -41.82
N ALA E 166 69.41 31.65 -41.16
CA ALA E 166 68.89 32.87 -41.77
C ALA E 166 69.86 33.48 -42.76
N ILE E 167 71.17 33.37 -42.54
CA ILE E 167 72.11 33.97 -43.47
C ILE E 167 72.14 33.22 -44.79
N LYS E 168 71.36 32.16 -44.90
CA LYS E 168 71.28 31.36 -46.12
C LYS E 168 69.95 31.51 -46.85
N GLY E 169 69.09 32.44 -46.42
CA GLY E 169 67.85 32.70 -47.10
C GLY E 169 66.62 32.02 -46.56
N VAL E 170 66.69 31.43 -45.37
CA VAL E 170 65.52 30.79 -44.75
C VAL E 170 64.67 31.86 -44.10
N ARG E 171 63.37 31.80 -44.34
CA ARG E 171 62.43 32.78 -43.81
C ARG E 171 61.40 32.20 -42.86
N LEU E 172 61.37 30.87 -42.66
CA LEU E 172 60.38 30.24 -41.84
C LEU E 172 61.00 29.01 -41.18
N ALA E 173 60.60 28.74 -39.94
CA ALA E 173 61.14 27.60 -39.20
C ALA E 173 60.06 27.06 -38.27
N TYR E 174 60.18 25.78 -37.94
CA TYR E 174 59.24 25.10 -37.05
C TYR E 174 60.00 24.29 -36.01
N TRP E 175 59.37 24.07 -34.86
CA TRP E 175 59.96 23.34 -33.77
C TRP E 175 58.90 22.51 -33.08
N VAL E 176 59.14 21.21 -32.93
CA VAL E 176 58.24 20.28 -32.27
C VAL E 176 58.98 19.63 -31.12
N GLY E 177 58.37 19.62 -29.94
CA GLY E 177 59.03 19.04 -28.78
C GLY E 177 58.21 19.24 -27.53
N PHE E 178 58.83 18.91 -26.40
CA PHE E 178 58.18 19.06 -25.10
C PHE E 178 58.25 20.50 -24.63
N ASP E 179 57.26 20.89 -23.84
CA ASP E 179 57.20 22.25 -23.30
C ASP E 179 58.37 22.51 -22.36
N THR E 180 58.96 23.70 -22.46
CA THR E 180 60.13 24.06 -21.68
C THR E 180 59.81 24.84 -20.42
N THR E 181 58.53 25.04 -20.10
CA THR E 181 58.18 25.81 -18.92
C THR E 181 58.67 25.20 -17.61
N PRO E 182 58.57 23.89 -17.36
CA PRO E 182 59.06 23.37 -16.07
C PRO E 182 60.53 23.60 -15.83
N PHE E 183 61.33 23.85 -16.87
CA PHE E 183 62.75 24.11 -16.70
C PHE E 183 63.06 25.58 -16.48
N MET E 184 62.13 26.48 -16.77
CA MET E 184 62.31 27.88 -16.40
C MET E 184 61.94 28.14 -14.96
N TYR E 185 61.22 27.21 -14.32
CA TYR E 185 60.95 27.27 -12.90
C TYR E 185 62.00 26.57 -12.06
N ASN E 186 62.95 25.86 -12.69
CA ASN E 186 64.10 25.27 -12.03
C ASN E 186 63.70 24.17 -11.03
N ALA E 187 62.93 23.20 -11.51
CA ALA E 187 62.51 22.09 -10.68
C ALA E 187 63.56 20.97 -10.66
N MET E 188 63.42 20.07 -9.70
CA MET E 188 64.31 18.92 -9.53
C MET E 188 63.89 17.73 -10.38
N ALA E 189 62.60 17.44 -10.44
CA ALA E 189 62.08 16.29 -11.16
C ALA E 189 60.66 16.60 -11.60
N GLY E 190 60.13 15.79 -12.52
CA GLY E 190 58.78 16.06 -12.99
C GLY E 190 58.26 14.98 -13.91
N ALA E 191 57.00 15.17 -14.29
CA ALA E 191 56.28 14.19 -15.10
C ALA E 191 55.46 14.86 -16.19
N TYR E 192 55.34 14.18 -17.33
CA TYR E 192 54.34 14.42 -18.35
C TYR E 192 53.48 13.17 -18.37
N PRO E 193 52.37 13.15 -17.63
CA PRO E 193 51.66 11.89 -17.39
C PRO E 193 50.82 11.39 -18.56
N SER E 194 50.37 12.27 -19.46
CA SER E 194 49.60 11.80 -20.61
C SER E 194 50.46 11.08 -21.63
N TYR E 195 51.78 11.32 -21.62
CA TYR E 195 52.69 10.71 -22.56
C TYR E 195 53.56 9.64 -21.92
N SER E 196 53.27 9.29 -20.67
CA SER E 196 54.04 8.29 -19.92
C SER E 196 55.51 8.68 -19.84
N THR E 197 55.77 9.93 -19.49
CA THR E 197 57.14 10.44 -19.46
C THR E 197 57.47 10.95 -18.06
N ASN E 198 58.65 10.57 -17.56
CA ASN E 198 59.17 11.09 -16.31
C ASN E 198 60.60 11.55 -16.52
N TRP E 199 61.00 12.59 -15.80
CA TRP E 199 62.37 13.08 -15.88
C TRP E 199 62.85 13.45 -14.48
N ALA E 200 64.15 13.32 -14.27
CA ALA E 200 64.74 13.63 -12.97
C ALA E 200 66.16 14.12 -13.15
N ASP E 201 66.59 14.95 -12.20
CA ASP E 201 67.98 15.37 -12.12
C ASP E 201 68.88 14.20 -11.75
N GLU E 202 70.13 14.26 -12.18
CA GLU E 202 71.05 13.14 -12.00
C GLU E 202 71.38 12.88 -10.54
N GLN E 203 71.13 13.84 -9.64
CA GLN E 203 71.48 13.69 -8.25
C GLN E 203 70.42 13.02 -7.40
N VAL E 204 69.22 12.79 -7.95
CA VAL E 204 68.13 12.20 -7.17
C VAL E 204 67.69 10.88 -7.78
N LEU E 205 68.59 10.22 -8.51
CA LEU E 205 68.24 8.95 -9.15
C LEU E 205 68.10 7.81 -8.15
N LYS E 206 68.45 8.01 -6.88
CA LYS E 206 68.34 6.98 -5.86
C LYS E 206 67.25 7.29 -4.85
N ALA E 207 66.24 8.05 -5.26
CA ALA E 207 65.12 8.37 -4.39
C ALA E 207 64.19 7.15 -4.29
N LYS E 208 63.03 7.34 -3.67
CA LYS E 208 62.11 6.23 -3.45
C LYS E 208 60.72 6.42 -4.05
N ASN E 209 60.19 7.64 -4.08
CA ASN E 209 58.77 7.82 -4.40
C ASN E 209 58.55 8.84 -5.52
N ILE E 210 59.50 8.98 -6.43
CA ILE E 210 59.28 9.76 -7.64
C ILE E 210 59.13 8.80 -8.82
N GLY E 211 58.80 9.35 -9.97
CA GLY E 211 58.49 8.52 -11.12
C GLY E 211 59.66 7.69 -11.63
N LEU E 212 60.86 8.27 -11.62
CA LEU E 212 62.04 7.62 -12.19
C LEU E 212 63.12 7.54 -11.11
N CYS E 213 63.24 6.38 -10.46
CA CYS E 213 64.20 6.18 -9.39
C CYS E 213 64.31 4.70 -9.08
N SER E 214 65.26 4.36 -8.22
CA SER E 214 65.46 2.99 -7.76
C SER E 214 66.28 3.01 -6.47
N THR E 215 65.90 2.18 -5.50
CA THR E 215 66.56 2.16 -4.20
C THR E 215 66.57 0.74 -3.66
N ASP E 216 67.17 0.56 -2.49
CA ASP E 216 67.39 -0.74 -1.85
C ASP E 216 66.66 -0.83 -0.51
N LEU E 217 66.81 -1.97 0.15
CA LEU E 217 66.31 -2.19 1.50
C LEU E 217 67.46 -2.06 2.49
N THR E 218 67.16 -1.54 3.69
CA THR E 218 68.19 -1.33 4.69
C THR E 218 67.58 -1.29 6.07
N GLU E 219 68.44 -1.42 7.07
CA GLU E 219 68.03 -1.34 8.48
C GLU E 219 68.33 -0.01 9.14
N GLY E 220 69.36 0.70 8.68
CA GLY E 220 69.72 1.98 9.26
C GLY E 220 70.89 1.89 10.23
N LYS E 232 74.58 21.17 0.73
CA LYS E 232 73.91 21.89 -0.35
C LYS E 232 73.40 20.93 -1.41
N LEU E 233 72.18 21.16 -1.87
CA LEU E 233 71.54 20.30 -2.88
C LEU E 233 70.76 21.20 -3.83
N GLU E 234 71.32 21.44 -5.01
CA GLU E 234 70.74 22.34 -5.99
C GLU E 234 70.80 21.70 -7.36
N PRO E 235 69.92 22.09 -8.29
CA PRO E 235 69.94 21.50 -9.63
C PRO E 235 71.25 21.74 -10.36
N CYS E 236 71.66 20.75 -11.14
N CYS E 236 71.66 20.76 -11.15
CA CYS E 236 72.86 20.80 -11.97
CA CYS E 236 72.85 20.85 -11.98
C CYS E 236 72.46 20.70 -13.43
C CYS E 236 72.45 20.69 -13.44
N ASP E 237 73.46 20.61 -14.31
CA ASP E 237 73.19 20.67 -15.74
C ASP E 237 72.54 19.39 -16.29
N ARG E 238 73.02 18.23 -15.87
CA ARG E 238 72.66 16.99 -16.55
C ARG E 238 71.30 16.46 -16.08
N VAL E 239 70.44 16.09 -17.05
CA VAL E 239 69.09 15.62 -16.77
C VAL E 239 68.84 14.34 -17.57
N LEU E 240 67.99 13.47 -17.04
CA LEU E 240 67.63 12.22 -17.71
C LEU E 240 66.14 12.23 -18.03
N PHE E 241 65.80 11.84 -19.25
CA PHE E 241 64.43 11.75 -19.75
C PHE E 241 64.10 10.31 -20.05
N SER E 242 62.87 9.90 -19.74
CA SER E 242 62.42 8.53 -20.01
C SER E 242 61.05 8.59 -20.68
N VAL E 243 61.02 8.32 -21.98
CA VAL E 243 59.78 8.28 -22.75
C VAL E 243 59.43 6.82 -22.96
N GLY E 244 58.35 6.36 -22.32
CA GLY E 244 58.05 4.94 -22.30
C GLY E 244 59.16 4.17 -21.63
N SER E 245 59.95 3.44 -22.42
CA SER E 245 61.13 2.76 -21.91
C SER E 245 62.39 3.16 -22.69
N THR E 246 62.38 4.35 -23.27
CA THR E 246 63.55 4.88 -23.98
C THR E 246 64.17 6.00 -23.17
N LEU E 247 65.49 5.97 -23.05
CA LEU E 247 66.23 6.88 -22.17
C LEU E 247 67.02 7.88 -22.99
N TYR E 248 66.99 9.15 -22.58
CA TYR E 248 67.68 10.22 -23.27
C TYR E 248 68.36 11.18 -22.29
N PRO E 249 69.66 11.42 -22.42
CA PRO E 249 70.30 12.45 -21.60
C PRO E 249 70.19 13.84 -22.23
N GLU E 250 70.00 14.84 -21.39
CA GLU E 250 69.78 16.21 -21.85
C GLU E 250 70.53 17.19 -20.95
N SER E 251 70.66 18.41 -21.46
CA SER E 251 71.35 19.51 -20.79
C SER E 251 70.37 20.65 -20.54
N ARG E 252 70.45 21.26 -19.36
CA ARG E 252 69.51 22.31 -18.99
C ARG E 252 69.71 23.57 -19.81
N LYS E 253 70.96 23.90 -20.14
CA LYS E 253 71.25 25.12 -20.89
C LYS E 253 70.60 25.10 -22.27
N LEU E 254 70.76 24.01 -23.00
CA LEU E 254 70.20 23.92 -24.34
C LEU E 254 68.68 23.85 -24.32
N LEU E 255 68.10 23.18 -23.33
CA LEU E 255 66.64 23.18 -23.18
C LEU E 255 66.12 24.59 -22.91
N LYS E 256 66.81 25.34 -22.04
CA LYS E 256 66.38 26.68 -21.72
C LYS E 256 66.52 27.62 -22.91
N SER E 257 67.51 27.38 -23.78
CA SER E 257 67.74 28.30 -24.89
C SER E 257 66.58 28.34 -25.87
N TRP E 258 65.70 27.35 -25.88
CA TRP E 258 64.59 27.31 -26.82
C TRP E 258 63.33 27.98 -26.28
N HIS E 259 63.39 28.57 -25.09
CA HIS E 259 62.27 29.33 -24.52
C HIS E 259 62.45 30.79 -24.93
N LEU E 260 61.96 31.11 -26.12
CA LEU E 260 62.23 32.38 -26.79
C LEU E 260 61.15 33.42 -26.47
N PRO E 261 61.50 34.70 -26.47
CA PRO E 261 60.51 35.75 -26.26
C PRO E 261 59.72 36.01 -27.54
N SER E 262 58.76 36.94 -27.43
CA SER E 262 57.84 37.18 -28.54
C SER E 262 58.54 37.84 -29.73
N VAL E 263 59.48 38.75 -29.48
CA VAL E 263 60.24 39.41 -30.55
C VAL E 263 61.69 39.50 -30.12
N PHE E 264 62.61 39.34 -31.06
CA PHE E 264 64.03 39.48 -30.76
C PHE E 264 64.81 39.87 -32.00
N HIS E 265 66.05 40.29 -31.77
CA HIS E 265 66.96 40.80 -32.79
C HIS E 265 68.18 39.89 -32.90
N LEU E 266 68.65 39.69 -34.13
CA LEU E 266 69.92 39.00 -34.39
C LEU E 266 70.84 39.96 -35.10
N LYS E 267 71.90 40.39 -34.42
CA LYS E 267 72.79 41.46 -34.89
C LYS E 267 74.20 40.93 -35.09
N GLY E 268 74.58 40.72 -36.34
CA GLY E 268 75.93 40.31 -36.70
C GLY E 268 76.42 41.11 -37.89
N LYS E 269 77.07 40.42 -38.83
CA LYS E 269 77.42 41.06 -40.09
C LYS E 269 76.17 41.48 -40.84
N LEU E 270 75.13 40.64 -40.81
CA LEU E 270 73.79 41.00 -41.25
C LEU E 270 72.86 41.01 -40.05
N SER E 271 71.72 41.67 -40.20
CA SER E 271 70.80 41.87 -39.09
C SER E 271 69.42 41.36 -39.45
N PHE E 272 68.74 40.79 -38.47
CA PHE E 272 67.41 40.22 -38.66
C PHE E 272 66.54 40.52 -37.46
N THR E 273 65.24 40.61 -37.72
CA THR E 273 64.21 40.77 -36.69
C THR E 273 63.30 39.55 -36.77
N CYS E 274 63.11 38.87 -35.64
CA CYS E 274 62.39 37.61 -35.62
C CYS E 274 61.31 37.61 -34.54
N ARG E 275 60.29 36.79 -34.77
CA ARG E 275 59.22 36.64 -33.81
C ARG E 275 58.75 35.19 -33.76
N CYS E 276 58.35 34.74 -32.57
CA CYS E 276 58.03 33.35 -32.28
C CYS E 276 56.66 33.26 -31.63
N ASP E 277 55.88 32.25 -32.02
CA ASP E 277 54.59 32.04 -31.37
C ASP E 277 54.21 30.56 -31.39
N THR E 278 53.34 30.18 -30.46
CA THR E 278 52.90 28.80 -30.30
C THR E 278 51.59 28.59 -31.04
N VAL E 279 51.51 27.55 -31.87
CA VAL E 279 50.35 27.33 -32.70
C VAL E 279 49.57 26.07 -32.32
N VAL E 280 50.21 25.07 -31.74
CA VAL E 280 49.52 23.88 -31.24
C VAL E 280 50.04 23.57 -29.86
N SER E 281 49.14 23.15 -28.97
CA SER E 281 49.51 22.85 -27.58
C SER E 281 48.56 21.79 -27.05
N CYS E 282 49.11 20.65 -26.63
CA CYS E 282 48.29 19.53 -26.12
C CYS E 282 49.01 18.86 -24.96
N GLU E 283 48.72 19.31 -23.74
CA GLU E 283 49.07 18.63 -22.50
C GLU E 283 50.58 18.49 -22.29
N GLY E 284 51.40 19.32 -22.93
CA GLY E 284 52.83 19.21 -22.73
C GLY E 284 53.64 19.23 -24.00
N TYR E 285 53.04 18.80 -25.11
CA TYR E 285 53.65 18.93 -26.42
C TYR E 285 53.20 20.21 -27.10
N VAL E 286 54.13 20.87 -27.79
CA VAL E 286 53.86 22.14 -28.44
C VAL E 286 54.42 22.14 -29.86
N VAL E 287 53.93 23.08 -30.66
CA VAL E 287 54.49 23.41 -31.97
C VAL E 287 54.73 24.91 -32.00
N LYS E 288 55.95 25.32 -32.34
CA LYS E 288 56.34 26.72 -32.37
C LYS E 288 56.66 27.14 -33.80
N ARG E 289 56.27 28.37 -34.14
CA ARG E 289 56.49 28.95 -35.46
C ARG E 289 57.30 30.23 -35.31
N ILE E 290 58.39 30.33 -36.05
CA ILE E 290 59.33 31.45 -35.97
C ILE E 290 59.48 32.06 -37.35
N THR E 291 59.39 33.38 -37.42
CA THR E 291 59.60 34.12 -38.67
C THR E 291 60.73 35.12 -38.51
N MET E 292 61.56 35.23 -39.54
CA MET E 292 62.72 36.12 -39.53
C MET E 292 62.71 37.00 -40.77
N SER E 293 63.07 38.27 -40.61
CA SER E 293 63.07 39.24 -41.69
C SER E 293 64.33 40.08 -41.65
N PRO E 294 64.80 40.56 -42.80
CA PRO E 294 66.04 41.36 -42.81
C PRO E 294 65.83 42.76 -42.30
N GLY E 295 66.82 43.27 -41.58
CA GLY E 295 66.79 44.62 -41.03
C GLY E 295 66.32 44.64 -39.58
N LEU E 296 66.49 45.80 -38.96
CA LEU E 296 66.11 46.02 -37.57
C LEU E 296 64.89 46.94 -37.52
N TYR E 297 63.87 46.53 -36.77
CA TYR E 297 62.64 47.29 -36.66
C TYR E 297 62.07 47.14 -35.25
N GLY E 298 61.44 48.22 -34.78
CA GLY E 298 60.78 48.18 -33.49
C GLY E 298 61.76 48.12 -32.33
N LYS E 299 61.23 47.72 -31.17
CA LYS E 299 62.03 47.54 -29.97
C LYS E 299 61.47 46.36 -29.19
N THR E 300 62.32 45.82 -28.30
CA THR E 300 62.02 44.58 -27.59
C THR E 300 61.82 44.85 -26.11
N THR E 301 61.08 43.96 -25.47
CA THR E 301 60.85 44.00 -24.03
C THR E 301 61.55 42.89 -23.27
N GLY E 302 61.62 41.69 -23.83
CA GLY E 302 62.32 40.59 -23.19
C GLY E 302 61.47 39.69 -22.32
N TYR E 303 60.19 39.52 -22.66
CA TYR E 303 59.27 38.71 -21.87
C TYR E 303 58.76 37.55 -22.69
N ALA E 304 58.55 36.40 -22.04
CA ALA E 304 57.98 35.22 -22.65
C ALA E 304 56.76 34.77 -21.87
N VAL E 305 55.70 34.39 -22.57
CA VAL E 305 54.40 34.13 -21.97
C VAL E 305 53.96 32.71 -22.32
N THR E 306 53.38 32.02 -21.34
CA THR E 306 52.80 30.69 -21.52
C THR E 306 51.34 30.73 -21.08
N HIS E 307 50.45 30.20 -21.93
CA HIS E 307 49.04 30.11 -21.61
C HIS E 307 48.73 28.71 -21.11
N HIS E 308 47.99 28.62 -20.01
CA HIS E 308 47.68 27.35 -19.35
C HIS E 308 46.24 26.98 -19.62
N ALA E 309 46.04 25.88 -20.34
CA ALA E 309 44.70 25.32 -20.50
C ALA E 309 44.37 24.28 -19.44
N ASP E 310 45.38 23.60 -18.92
CA ASP E 310 45.27 22.73 -17.77
C ASP E 310 45.94 23.39 -16.56
N GLY E 311 45.89 22.72 -15.42
CA GLY E 311 46.58 23.21 -14.25
C GLY E 311 48.04 22.79 -14.25
N PHE E 312 48.89 23.70 -13.79
CA PHE E 312 50.32 23.42 -13.63
C PHE E 312 50.70 23.58 -12.17
N LEU E 313 51.37 22.57 -11.61
CA LEU E 313 51.69 22.55 -10.19
C LEU E 313 53.18 22.40 -9.98
N MET E 314 53.71 23.13 -9.02
CA MET E 314 55.07 22.98 -8.52
C MET E 314 55.02 23.02 -7.00
N CYS E 315 55.69 22.06 -6.35
CA CYS E 315 55.57 21.97 -4.90
C CYS E 315 56.82 21.34 -4.31
N LYS E 316 57.01 21.57 -3.02
CA LYS E 316 58.12 21.02 -2.25
C LYS E 316 57.69 19.74 -1.57
N THR E 317 58.56 18.73 -1.61
CA THR E 317 58.27 17.42 -1.07
C THR E 317 59.50 16.87 -0.36
N THR E 318 59.24 15.92 0.54
CA THR E 318 60.26 15.30 1.38
C THR E 318 60.41 13.83 1.01
N ASP E 319 61.65 13.38 0.84
CA ASP E 319 61.90 12.00 0.48
C ASP E 319 63.20 11.55 1.13
N THR E 320 63.58 10.30 0.86
CA THR E 320 64.88 9.78 1.28
C THR E 320 65.66 9.40 0.03
N VAL E 321 66.84 10.00 -0.13
CA VAL E 321 67.75 9.69 -1.21
C VAL E 321 68.89 8.89 -0.61
N ASP E 322 69.05 7.65 -1.07
CA ASP E 322 70.09 6.74 -0.61
C ASP E 322 70.06 6.57 0.91
N GLY E 323 68.89 6.72 1.52
CA GLY E 323 68.73 6.55 2.94
C GLY E 323 68.72 7.83 3.75
N GLU E 324 69.05 8.97 3.15
CA GLU E 324 69.12 10.24 3.88
C GLU E 324 67.93 11.11 3.51
N ARG E 325 67.28 11.67 4.52
CA ARG E 325 66.04 12.43 4.31
C ARG E 325 66.36 13.85 3.85
N VAL E 326 65.74 14.26 2.73
CA VAL E 326 65.97 15.56 2.11
C VAL E 326 64.65 16.09 1.56
N SER E 327 64.68 17.33 1.05
CA SER E 327 63.52 18.00 0.49
C SER E 327 63.90 18.67 -0.83
N PHE E 328 62.99 18.60 -1.81
CA PHE E 328 63.22 19.25 -3.10
C PHE E 328 61.88 19.42 -3.81
N SER E 329 61.90 20.06 -4.97
CA SER E 329 60.69 20.50 -5.65
C SER E 329 60.39 19.67 -6.88
N VAL E 330 59.10 19.39 -7.11
CA VAL E 330 58.63 18.62 -8.25
C VAL E 330 57.46 19.35 -8.90
N CYS E 331 57.22 19.03 -10.18
CA CYS E 331 56.18 19.71 -10.97
C CYS E 331 55.37 18.69 -11.75
N THR E 332 54.13 19.07 -12.09
CA THR E 332 53.23 18.17 -12.81
C THR E 332 52.09 18.95 -13.44
N TYR E 333 51.26 18.24 -14.21
CA TYR E 333 50.10 18.76 -14.93
C TYR E 333 48.83 18.11 -14.43
N VAL E 334 47.76 18.89 -14.32
CA VAL E 334 46.49 18.42 -13.76
C VAL E 334 45.36 18.74 -14.73
N PRO E 335 44.45 17.80 -14.98
CA PRO E 335 43.33 18.07 -15.90
C PRO E 335 42.41 19.17 -15.38
N ALA E 336 41.82 19.91 -16.32
CA ALA E 336 41.04 21.10 -15.98
C ALA E 336 39.76 20.79 -15.21
N THR E 337 39.11 19.65 -15.49
CA THR E 337 37.86 19.33 -14.83
C THR E 337 38.05 19.08 -13.33
N ILE E 338 39.13 18.41 -12.94
CA ILE E 338 39.41 18.19 -11.53
C ILE E 338 39.68 19.52 -10.83
N CYS E 339 40.47 20.39 -11.47
CA CYS E 339 40.74 21.70 -10.91
C CYS E 339 39.46 22.49 -10.71
N ASP E 340 38.55 22.43 -11.68
CA ASP E 340 37.27 23.12 -11.53
C ASP E 340 36.43 22.52 -10.41
N GLN E 341 36.48 21.21 -10.23
CA GLN E 341 35.69 20.56 -9.20
C GLN E 341 36.28 20.68 -7.80
N MET E 342 37.52 21.16 -7.67
CA MET E 342 38.10 21.37 -6.34
C MET E 342 37.99 22.81 -5.85
N THR E 343 37.24 23.67 -6.54
CA THR E 343 37.21 25.09 -6.18
C THR E 343 36.56 25.32 -4.82
N GLY E 344 35.47 24.61 -4.51
CA GLY E 344 34.75 24.88 -3.28
C GLY E 344 35.45 24.34 -2.04
N ILE E 345 36.16 23.22 -2.17
CA ILE E 345 36.82 22.61 -1.02
C ILE E 345 37.96 23.47 -0.53
N LEU E 346 38.69 24.10 -1.45
CA LEU E 346 39.88 24.87 -1.10
C LEU E 346 39.57 26.22 -0.48
N ALA E 347 38.32 26.47 -0.10
CA ALA E 347 37.97 27.70 0.61
C ALA E 347 38.28 27.63 2.09
N THR E 348 38.55 26.44 2.61
CA THR E 348 38.87 26.21 4.02
C THR E 348 40.23 25.53 4.12
N GLU E 349 40.60 25.20 5.36
CA GLU E 349 41.83 24.44 5.62
C GLU E 349 41.50 22.96 5.63
N VAL E 350 42.27 22.18 4.87
CA VAL E 350 42.00 20.77 4.66
C VAL E 350 43.31 19.99 4.83
N THR E 351 43.22 18.83 5.49
CA THR E 351 44.36 17.96 5.68
C THR E 351 44.66 17.16 4.42
N PRO E 352 45.91 16.71 4.24
CA PRO E 352 46.23 15.93 3.03
C PRO E 352 45.45 14.64 2.88
N GLU E 353 45.09 13.97 3.97
CA GLU E 353 44.35 12.72 3.86
C GLU E 353 42.94 12.92 3.33
N ASP E 354 42.25 13.95 3.82
CA ASP E 354 40.93 14.26 3.30
C ASP E 354 40.97 14.67 1.84
N ALA E 355 41.98 15.46 1.46
CA ALA E 355 42.15 15.82 0.06
C ALA E 355 42.41 14.60 -0.81
N GLN E 356 43.21 13.65 -0.30
CA GLN E 356 43.47 12.43 -1.07
C GLN E 356 42.19 11.63 -1.28
N LYS E 357 41.38 11.48 -0.22
CA LYS E 357 40.11 10.76 -0.37
C LYS E 357 39.17 11.47 -1.34
N LEU E 358 39.09 12.79 -1.27
CA LEU E 358 38.24 13.53 -2.19
C LEU E 358 38.70 13.39 -3.64
N LEU E 359 40.01 13.48 -3.87
CA LEU E 359 40.53 13.32 -5.23
C LEU E 359 40.26 11.92 -5.76
N VAL E 360 40.43 10.89 -4.92
CA VAL E 360 40.13 9.54 -5.36
C VAL E 360 38.65 9.41 -5.68
N GLY E 361 37.79 10.07 -4.90
CA GLY E 361 36.37 10.05 -5.21
C GLY E 361 36.03 10.70 -6.54
N LEU E 362 36.68 11.83 -6.85
CA LEU E 362 36.44 12.49 -8.13
C LEU E 362 36.98 11.67 -9.30
N ASN E 363 38.11 11.01 -9.11
CA ASN E 363 38.72 10.21 -10.17
C ASN E 363 37.93 8.94 -10.42
N ASN E 377 39.50 6.36 -15.13
CA ASN E 377 40.49 7.23 -14.50
C ASN E 377 40.82 8.44 -15.37
N THR E 378 40.50 9.63 -14.87
CA THR E 378 40.84 10.85 -15.62
C THR E 378 42.32 11.16 -15.52
N MET E 379 42.96 10.84 -14.40
CA MET E 379 44.37 11.10 -14.20
C MET E 379 45.04 9.87 -13.59
N LYS E 380 46.34 9.73 -13.83
CA LYS E 380 47.08 8.58 -13.32
C LYS E 380 47.16 8.62 -11.80
N ASN E 381 47.06 7.44 -11.18
CA ASN E 381 46.94 7.37 -9.73
C ASN E 381 48.27 7.62 -9.02
N TYR E 382 49.40 7.24 -9.63
CA TYR E 382 50.67 7.38 -8.94
C TYR E 382 51.06 8.83 -8.69
N MET E 383 50.37 9.78 -9.32
CA MET E 383 50.65 11.18 -9.14
C MET E 383 49.75 11.81 -8.08
N ILE E 384 48.75 11.07 -7.59
CA ILE E 384 47.74 11.66 -6.70
C ILE E 384 48.31 12.05 -5.33
N PRO E 385 49.08 11.21 -4.64
CA PRO E 385 49.47 11.56 -3.26
C PRO E 385 50.23 12.88 -3.13
N VAL E 386 51.04 13.25 -4.11
CA VAL E 386 51.75 14.51 -4.00
C VAL E 386 50.87 15.70 -4.37
N VAL E 387 49.98 15.56 -5.35
CA VAL E 387 49.03 16.61 -5.68
C VAL E 387 48.19 16.94 -4.45
N ALA E 388 47.68 15.93 -3.77
CA ALA E 388 46.90 16.16 -2.55
C ALA E 388 47.71 16.90 -1.49
N GLN E 389 49.04 16.72 -1.50
CA GLN E 389 49.86 17.44 -0.55
C GLN E 389 50.04 18.89 -0.95
N ALA E 390 50.05 19.18 -2.26
CA ALA E 390 50.25 20.55 -2.72
C ALA E 390 49.02 21.40 -2.44
N PHE E 391 47.84 20.93 -2.87
CA PHE E 391 46.60 21.67 -2.63
C PHE E 391 46.46 22.05 -1.18
N SER E 392 46.63 21.08 -0.28
CA SER E 392 46.49 21.34 1.15
C SER E 392 47.36 22.48 1.61
N LYS E 393 48.58 22.58 1.09
CA LYS E 393 49.42 23.69 1.51
C LYS E 393 48.95 25.00 0.92
N TRP E 394 48.59 25.00 -0.37
CA TRP E 394 48.18 26.22 -1.04
C TRP E 394 47.03 26.90 -0.30
N ALA E 395 45.96 26.15 -0.02
CA ALA E 395 44.84 26.71 0.71
C ALA E 395 45.28 27.36 2.02
N LYS E 396 46.16 26.69 2.77
CA LYS E 396 46.59 27.25 4.03
C LYS E 396 47.30 28.58 3.82
N GLU E 397 48.19 28.66 2.83
CA GLU E 397 48.90 29.90 2.59
C GLU E 397 47.95 31.01 2.16
N CYS E 398 46.76 30.67 1.67
CA CYS E 398 45.80 31.72 1.35
C CYS E 398 45.21 32.32 2.62
N ARG E 399 44.86 31.48 3.60
CA ARG E 399 44.18 31.99 4.79
C ARG E 399 45.03 33.02 5.50
N LYS E 400 46.32 32.75 5.66
CA LYS E 400 47.21 33.69 6.32
C LYS E 400 47.20 35.04 5.60
N ASP E 401 47.18 35.04 4.27
CA ASP E 401 47.15 36.30 3.54
C ASP E 401 45.92 37.11 3.90
N MET E 402 44.78 36.45 4.10
CA MET E 402 43.56 37.17 4.45
C MET E 402 43.58 37.67 5.88
N GLU E 403 44.48 37.15 6.72
CA GLU E 403 44.48 37.51 8.14
C GLU E 403 45.55 38.53 8.50
N ASP E 404 46.40 38.92 7.56
CA ASP E 404 47.43 39.94 7.79
C ASP E 404 47.30 40.96 6.67
N GLU E 405 46.43 41.94 6.86
CA GLU E 405 46.04 42.86 5.81
C GLU E 405 46.72 44.21 6.01
N LYS E 406 47.39 44.69 4.96
CA LYS E 406 48.18 45.92 5.02
C LYS E 406 47.33 47.11 4.60
N LEU E 407 47.97 48.25 4.37
CA LEU E 407 47.32 49.45 3.89
C LEU E 407 47.60 49.64 2.40
N LEU E 408 46.71 50.37 1.73
CA LEU E 408 46.81 50.56 0.30
C LEU E 408 47.98 51.47 -0.04
N GLY E 409 48.84 51.02 -0.95
CA GLY E 409 49.95 51.83 -1.43
C GLY E 409 51.01 52.15 -0.41
N VAL E 410 51.39 51.17 0.41
CA VAL E 410 52.34 51.39 1.49
C VAL E 410 53.15 50.12 1.70
N ARG E 411 54.45 50.28 1.97
CA ARG E 411 55.34 49.17 2.26
C ARG E 411 56.07 49.45 3.57
N GLU E 412 56.22 48.40 4.38
CA GLU E 412 56.95 48.49 5.65
C GLU E 412 58.36 47.93 5.44
N ARG E 413 59.36 48.77 5.63
CA ARG E 413 60.76 48.36 5.44
C ARG E 413 61.64 48.93 6.54
N THR E 414 61.19 48.84 7.79
CA THR E 414 61.96 49.33 8.92
C THR E 414 63.26 48.54 9.08
N TRP E 421 67.96 48.50 7.16
CA TRP E 421 66.52 48.63 7.04
C TRP E 421 65.95 47.42 6.32
N ALA E 422 65.40 46.48 7.08
CA ALA E 422 65.07 45.16 6.56
C ALA E 422 63.57 44.91 6.62
N PHE E 423 63.10 44.09 5.68
CA PHE E 423 61.72 43.62 5.64
C PHE E 423 61.74 42.10 5.55
N LYS E 424 60.76 41.48 6.20
CA LYS E 424 60.70 40.03 6.24
C LYS E 424 60.13 39.47 4.93
N LYS E 425 60.60 38.29 4.56
CA LYS E 425 60.07 37.55 3.43
C LYS E 425 59.30 36.34 3.93
N GLN E 426 58.08 36.18 3.43
CA GLN E 426 57.27 35.04 3.82
C GLN E 426 57.75 33.77 3.10
N LYS E 427 57.22 32.63 3.53
CA LYS E 427 57.60 31.36 2.96
C LYS E 427 56.55 30.89 1.95
N THR E 428 57.02 30.34 0.84
CA THR E 428 56.16 29.82 -0.22
C THR E 428 56.54 28.38 -0.50
N HIS E 429 55.57 27.47 -0.35
CA HIS E 429 55.81 26.06 -0.57
C HIS E 429 55.07 25.50 -1.77
N THR E 430 54.27 26.31 -2.47
CA THR E 430 53.48 25.81 -3.59
C THR E 430 53.24 26.94 -4.58
N VAL E 431 53.35 26.60 -5.87
CA VAL E 431 52.96 27.48 -6.96
C VAL E 431 51.90 26.77 -7.78
N TYR E 432 50.76 27.42 -7.99
CA TYR E 432 49.60 26.81 -8.63
C TYR E 432 49.08 27.74 -9.70
N LYS E 433 49.24 27.36 -10.97
CA LYS E 433 48.73 28.13 -12.10
C LYS E 433 47.44 27.48 -12.58
N ARG E 434 46.32 28.15 -12.31
CA ARG E 434 45.01 27.62 -12.64
C ARG E 434 44.73 27.75 -14.14
N PRO E 435 43.77 26.97 -14.66
CA PRO E 435 43.40 27.11 -16.07
C PRO E 435 42.95 28.52 -16.41
N ASP E 436 43.34 28.97 -17.60
CA ASP E 436 43.05 30.31 -18.13
C ASP E 436 43.86 31.40 -17.45
N THR E 437 45.07 31.08 -17.00
CA THR E 437 46.03 32.06 -16.49
C THR E 437 47.26 32.04 -17.39
N GLN E 438 48.23 32.89 -17.07
CA GLN E 438 49.43 33.03 -17.90
C GLN E 438 50.65 33.24 -17.03
N SER E 439 51.75 32.59 -17.41
CA SER E 439 53.06 32.80 -16.80
C SER E 439 53.86 33.78 -17.65
N ILE E 440 54.72 34.56 -17.00
CA ILE E 440 55.55 35.55 -17.68
C ILE E 440 56.94 35.56 -17.06
N GLN E 441 57.96 35.60 -17.91
CA GLN E 441 59.33 35.50 -17.43
C GLN E 441 60.26 36.33 -18.31
N LYS E 442 61.29 36.89 -17.68
CA LYS E 442 62.24 37.79 -18.33
C LYS E 442 63.41 36.99 -18.88
N VAL E 443 63.65 37.10 -20.19
CA VAL E 443 64.74 36.40 -20.86
C VAL E 443 65.51 37.41 -21.70
N GLN E 444 66.54 36.91 -22.41
CA GLN E 444 67.36 37.74 -23.27
C GLN E 444 66.72 37.89 -24.63
N ALA E 445 66.86 39.09 -25.21
CA ALA E 445 66.23 39.38 -26.49
C ALA E 445 67.15 40.03 -27.51
N GLU E 446 68.41 40.32 -27.16
CA GLU E 446 69.38 40.87 -28.09
C GLU E 446 70.56 39.93 -28.17
N PHE E 447 70.87 39.47 -29.39
CA PHE E 447 71.94 38.50 -29.61
C PHE E 447 72.93 39.08 -30.61
N ASP E 448 74.22 39.02 -30.27
CA ASP E 448 75.24 39.54 -31.17
C ASP E 448 76.46 38.65 -31.35
N SER E 449 76.68 37.64 -30.52
CA SER E 449 77.85 36.78 -30.63
C SER E 449 77.42 35.37 -30.99
N PHE E 450 78.06 34.81 -32.00
CA PHE E 450 77.69 33.49 -32.51
C PHE E 450 78.91 32.61 -32.72
N TRP E 456 85.81 20.86 -39.70
CA TRP E 456 84.82 19.79 -39.82
C TRP E 456 85.48 18.49 -40.28
N SER E 457 85.02 17.37 -39.73
CA SER E 457 85.54 16.06 -40.09
C SER E 457 84.37 15.15 -40.45
N SER E 458 84.61 14.22 -41.39
CA SER E 458 83.54 13.37 -41.88
C SER E 458 82.99 12.48 -40.78
N GLY E 459 83.87 11.82 -40.02
CA GLY E 459 83.45 10.99 -38.92
C GLY E 459 83.00 9.59 -39.30
N LEU E 460 82.88 9.29 -40.59
CA LEU E 460 82.43 7.97 -41.03
C LEU E 460 83.61 6.99 -41.03
N SER E 461 83.29 5.72 -41.23
CA SER E 461 84.27 4.65 -41.22
C SER E 461 84.16 3.83 -42.49
N ILE E 462 85.28 3.19 -42.85
CA ILE E 462 85.31 2.38 -44.07
C ILE E 462 84.35 1.20 -44.01
N PRO E 463 84.30 0.39 -42.93
CA PRO E 463 83.36 -0.74 -42.91
C PRO E 463 81.91 -0.31 -43.06
N LEU E 464 81.51 0.81 -42.46
CA LEU E 464 80.13 1.26 -42.59
C LEU E 464 79.82 1.67 -44.02
N ARG E 465 80.74 2.38 -44.67
CA ARG E 465 80.55 2.75 -46.06
C ARG E 465 80.44 1.53 -46.96
N THR E 466 81.31 0.53 -46.73
CA THR E 466 81.25 -0.70 -47.51
C THR E 466 79.93 -1.42 -47.29
N ARG E 467 79.46 -1.47 -46.05
CA ARG E 467 78.20 -2.13 -45.76
C ARG E 467 77.04 -1.45 -46.46
N ILE E 468 77.02 -0.11 -46.44
CA ILE E 468 75.95 0.62 -47.13
C ILE E 468 76.02 0.38 -48.63
N LYS E 469 77.23 0.42 -49.19
CA LYS E 469 77.37 0.18 -50.63
C LYS E 469 76.87 -1.21 -51.02
N TRP E 470 77.22 -2.22 -50.22
CA TRP E 470 76.74 -3.57 -50.50
C TRP E 470 75.22 -3.68 -50.31
N LEU E 471 74.67 -3.00 -49.32
CA LEU E 471 73.23 -3.05 -49.09
C LEU E 471 72.46 -2.44 -50.26
N LEU E 472 72.95 -1.33 -50.81
CA LEU E 472 72.28 -0.74 -51.96
C LEU E 472 72.34 -1.66 -53.17
N SER E 473 73.46 -2.30 -53.41
CA SER E 473 73.61 -3.21 -54.53
C SER E 473 72.88 -4.53 -54.26
N ASP F 2 45.89 -17.72 -41.29
CA ASP F 2 45.85 -16.40 -40.67
C ASP F 2 45.84 -16.45 -39.13
N PRO F 3 44.89 -17.16 -38.50
CA PRO F 3 44.88 -17.21 -37.05
C PRO F 3 45.93 -18.15 -36.50
N VAL F 4 46.27 -17.94 -35.23
CA VAL F 4 47.27 -18.72 -34.52
C VAL F 4 46.57 -19.45 -33.39
N TYR F 5 46.89 -20.73 -33.22
CA TYR F 5 46.23 -21.59 -32.26
C TYR F 5 47.15 -21.86 -31.08
N VAL F 6 46.59 -21.80 -29.87
CA VAL F 6 47.35 -22.00 -28.64
C VAL F 6 46.70 -23.09 -27.81
N ASP F 7 47.53 -23.81 -27.06
CA ASP F 7 47.08 -24.99 -26.33
C ASP F 7 46.74 -24.62 -24.89
N ILE F 8 45.68 -23.81 -24.76
CA ILE F 8 45.15 -23.42 -23.46
C ILE F 8 43.64 -23.57 -23.50
N ASP F 9 43.04 -23.63 -22.32
CA ASP F 9 41.60 -23.79 -22.21
C ASP F 9 40.88 -22.52 -22.66
N ALA F 10 39.69 -22.72 -23.22
CA ALA F 10 38.94 -21.61 -23.81
C ALA F 10 38.37 -20.65 -22.78
N ASP F 11 38.40 -20.99 -21.50
CA ASP F 11 37.83 -20.14 -20.46
C ASP F 11 38.88 -19.42 -19.62
N SER F 12 40.16 -19.58 -19.94
CA SER F 12 41.21 -18.98 -19.12
C SER F 12 41.23 -17.47 -19.29
N ALA F 13 41.60 -16.78 -18.22
CA ALA F 13 41.75 -15.33 -18.25
C ALA F 13 43.07 -14.88 -18.84
N PHE F 14 44.03 -15.79 -19.02
CA PHE F 14 45.30 -15.43 -19.64
C PHE F 14 45.10 -15.00 -21.09
N LEU F 15 44.11 -15.59 -21.77
CA LEU F 15 43.90 -15.31 -23.18
C LEU F 15 43.76 -13.81 -23.44
N LYS F 16 42.93 -13.14 -22.64
CA LYS F 16 42.81 -11.69 -22.70
C LYS F 16 44.18 -11.04 -22.83
N ALA F 17 45.06 -11.30 -21.85
CA ALA F 17 46.37 -10.65 -21.84
C ALA F 17 47.14 -10.94 -23.11
N LEU F 18 47.07 -12.18 -23.62
CA LEU F 18 47.79 -12.50 -24.83
C LEU F 18 47.31 -11.64 -26.00
N GLN F 19 46.00 -11.46 -26.11
CA GLN F 19 45.48 -10.64 -27.20
C GLN F 19 45.94 -9.19 -27.06
N ARG F 20 46.26 -8.75 -25.85
CA ARG F 20 46.77 -7.40 -25.67
C ARG F 20 48.23 -7.29 -26.06
N ALA F 21 48.99 -8.38 -25.97
CA ALA F 21 50.42 -8.32 -26.25
C ALA F 21 50.74 -8.52 -27.72
N TYR F 22 49.85 -9.17 -28.47
CA TYR F 22 50.05 -9.44 -29.89
C TYR F 22 48.82 -8.96 -30.65
N PRO F 23 48.70 -7.64 -30.86
CA PRO F 23 47.51 -7.11 -31.52
C PRO F 23 47.48 -7.32 -33.03
N MET F 24 48.55 -7.86 -33.61
CA MET F 24 48.62 -8.10 -35.04
C MET F 24 48.23 -9.53 -35.42
N PHE F 25 47.70 -10.30 -34.47
CA PHE F 25 47.34 -11.69 -34.70
C PHE F 25 45.91 -11.93 -34.24
N GLU F 26 45.42 -13.13 -34.55
CA GLU F 26 44.12 -13.61 -34.06
C GLU F 26 44.39 -14.91 -33.30
N VAL F 27 44.12 -14.89 -32.01
CA VAL F 27 44.50 -15.99 -31.11
C VAL F 27 43.29 -16.86 -30.85
N GLU F 28 43.44 -18.17 -31.06
CA GLU F 28 42.35 -19.12 -30.88
C GLU F 28 42.78 -20.23 -29.92
N PRO F 29 41.98 -20.55 -28.91
CA PRO F 29 42.32 -21.64 -27.99
C PRO F 29 41.94 -22.99 -28.57
N ARG F 30 42.87 -23.94 -28.51
CA ARG F 30 42.63 -25.30 -28.99
C ARG F 30 43.45 -26.24 -28.09
N GLN F 31 42.81 -26.76 -27.05
CA GLN F 31 43.50 -27.49 -26.01
C GLN F 31 43.55 -28.99 -26.33
N VAL F 32 44.74 -29.57 -26.25
CA VAL F 32 44.92 -30.99 -26.55
C VAL F 32 45.63 -31.75 -25.45
N THR F 33 46.36 -31.10 -24.55
CA THR F 33 47.11 -31.77 -23.49
C THR F 33 46.84 -31.07 -22.16
N PRO F 34 47.01 -31.78 -21.04
CA PRO F 34 46.78 -31.16 -19.73
C PRO F 34 48.01 -30.47 -19.17
N ASN F 35 48.98 -30.14 -20.01
CA ASN F 35 50.24 -29.52 -19.61
C ASN F 35 50.05 -28.43 -18.58
N ASP F 36 50.88 -28.45 -17.54
CA ASP F 36 50.79 -27.47 -16.45
C ASP F 36 51.70 -26.27 -16.65
N ALA F 37 52.44 -26.21 -17.75
CA ALA F 37 53.23 -25.04 -18.11
C ALA F 37 52.79 -24.50 -19.45
N ALA F 38 51.47 -24.37 -19.64
CA ALA F 38 50.91 -24.08 -20.96
C ALA F 38 51.15 -22.62 -21.35
N ASN F 39 51.01 -21.69 -20.40
CA ASN F 39 51.07 -20.28 -20.72
C ASN F 39 52.43 -19.88 -21.27
N ALA F 40 53.51 -20.38 -20.67
CA ALA F 40 54.85 -20.08 -21.14
C ALA F 40 55.07 -20.60 -22.56
N ARG F 41 54.58 -21.81 -22.83
CA ARG F 41 54.69 -22.37 -24.17
C ARG F 41 53.93 -21.53 -25.19
N ALA F 42 52.74 -21.07 -24.83
CA ALA F 42 51.97 -20.22 -25.74
C ALA F 42 52.70 -18.91 -26.03
N PHE F 43 53.27 -18.29 -25.00
CA PHE F 43 54.01 -17.05 -25.21
C PHE F 43 55.20 -17.27 -26.13
N SER F 44 55.96 -18.35 -25.93
CA SER F 44 57.11 -18.61 -26.79
C SER F 44 56.68 -18.86 -28.23
N HIS F 45 55.60 -19.61 -28.42
CA HIS F 45 55.08 -19.88 -29.76
C HIS F 45 54.76 -18.57 -30.49
N LEU F 46 54.01 -17.69 -29.82
CA LEU F 46 53.64 -16.43 -30.47
C LEU F 46 54.87 -15.55 -30.73
N ALA F 47 55.84 -15.58 -29.82
CA ALA F 47 57.05 -14.79 -30.02
C ALA F 47 57.80 -15.23 -31.27
N ILE F 48 57.92 -16.55 -31.47
CA ILE F 48 58.60 -17.03 -32.66
C ILE F 48 57.82 -16.67 -33.91
N LYS F 49 56.50 -16.76 -33.86
CA LYS F 49 55.70 -16.34 -35.01
C LYS F 49 55.96 -14.88 -35.37
N LEU F 50 55.98 -13.99 -34.37
CA LEU F 50 56.21 -12.57 -34.64
C LEU F 50 57.60 -12.33 -35.19
N ILE F 51 58.62 -12.96 -34.60
CA ILE F 51 59.98 -12.75 -35.08
C ILE F 51 60.12 -13.20 -36.53
N GLU F 52 59.52 -14.35 -36.87
CA GLU F 52 59.56 -14.80 -38.27
C GLU F 52 58.85 -13.81 -39.18
N GLN F 53 57.70 -13.29 -38.76
CA GLN F 53 57.00 -12.31 -39.57
C GLN F 53 57.79 -11.02 -39.73
N GLU F 54 58.74 -10.75 -38.84
CA GLU F 54 59.50 -9.50 -38.95
C GLU F 54 60.55 -9.58 -40.06
N ILE F 55 61.52 -10.49 -39.93
CA ILE F 55 62.66 -10.48 -40.84
C ILE F 55 62.26 -11.01 -42.21
N ASP F 56 63.07 -10.67 -43.20
CA ASP F 56 62.79 -11.04 -44.58
C ASP F 56 63.25 -12.46 -44.88
N PRO F 57 62.70 -13.10 -45.92
CA PRO F 57 63.10 -14.46 -46.26
C PRO F 57 64.52 -14.53 -46.82
N ASP F 58 64.91 -15.71 -47.28
CA ASP F 58 66.22 -15.98 -47.90
C ASP F 58 67.39 -15.53 -47.04
N SER F 59 67.17 -15.36 -45.74
CA SER F 59 68.23 -15.08 -44.78
C SER F 59 68.43 -16.32 -43.91
N THR F 60 69.68 -16.73 -43.76
CA THR F 60 70.00 -17.85 -42.88
C THR F 60 70.01 -17.38 -41.44
N ILE F 61 69.44 -18.20 -40.55
CA ILE F 61 69.26 -17.84 -39.15
C ILE F 61 69.99 -18.85 -38.29
N LEU F 62 70.89 -18.36 -37.43
CA LEU F 62 71.53 -19.21 -36.44
C LEU F 62 70.58 -19.43 -35.27
N ASP F 63 70.47 -20.68 -34.83
CA ASP F 63 69.64 -21.03 -33.67
C ASP F 63 70.56 -21.58 -32.59
N ILE F 64 70.81 -20.76 -31.58
CA ILE F 64 71.79 -21.08 -30.54
C ILE F 64 71.13 -21.91 -29.46
N GLY F 65 71.75 -23.04 -29.12
CA GLY F 65 71.22 -23.93 -28.10
C GLY F 65 69.84 -24.42 -28.46
N SER F 66 69.69 -24.97 -29.65
CA SER F 66 68.37 -25.25 -30.21
C SER F 66 67.89 -26.65 -29.90
N ALA F 67 66.59 -26.85 -30.06
CA ALA F 67 65.96 -28.16 -30.15
C ALA F 67 65.49 -28.34 -31.58
N PRO F 68 66.18 -29.14 -32.40
CA PRO F 68 65.91 -29.10 -33.85
C PRO F 68 64.50 -29.47 -34.24
N ALA F 69 63.83 -30.31 -33.46
CA ALA F 69 62.50 -30.78 -33.85
C ALA F 69 61.49 -29.65 -33.97
N ARG F 70 61.75 -28.50 -33.34
CA ARG F 70 60.84 -27.37 -33.43
C ARG F 70 60.94 -26.64 -34.76
N ARG F 71 62.03 -26.81 -35.51
CA ARG F 71 62.25 -26.05 -36.73
C ARG F 71 62.02 -26.87 -37.99
N MET F 72 61.46 -28.08 -37.86
CA MET F 72 61.37 -28.97 -39.01
C MET F 72 60.37 -28.46 -40.05
N MET F 73 59.17 -28.10 -39.62
CA MET F 73 58.09 -27.74 -40.52
C MET F 73 58.11 -26.26 -40.92
N SER F 74 59.24 -25.59 -40.75
CA SER F 74 59.37 -24.18 -41.11
C SER F 74 59.99 -24.03 -42.49
N ASP F 75 59.58 -22.98 -43.18
CA ASP F 75 60.07 -22.71 -44.54
C ASP F 75 61.29 -21.82 -44.57
N ARG F 76 61.71 -21.27 -43.44
CA ARG F 76 62.91 -20.44 -43.40
C ARG F 76 64.15 -21.33 -43.35
N LYS F 77 65.32 -20.69 -43.38
CA LYS F 77 66.59 -21.40 -43.37
C LYS F 77 67.20 -21.29 -41.98
N TYR F 78 67.31 -22.42 -41.28
CA TYR F 78 67.83 -22.49 -39.93
C TYR F 78 69.10 -23.32 -39.88
N HIS F 79 70.09 -22.83 -39.15
CA HIS F 79 71.29 -23.59 -38.82
C HIS F 79 71.30 -23.75 -37.31
N CYS F 80 71.12 -24.99 -36.85
CA CYS F 80 70.96 -25.26 -35.42
C CYS F 80 72.32 -25.60 -34.81
N VAL F 81 72.70 -24.86 -33.76
CA VAL F 81 73.94 -25.09 -33.05
C VAL F 81 73.61 -25.95 -31.84
N CYS F 82 73.99 -27.23 -31.88
CA CYS F 82 73.53 -28.22 -30.89
C CYS F 82 74.70 -28.99 -30.32
N PRO F 83 75.34 -28.48 -29.28
CA PRO F 83 76.25 -29.30 -28.48
C PRO F 83 75.43 -30.22 -27.57
N MET F 84 76.12 -31.00 -26.76
CA MET F 84 75.46 -31.89 -25.79
C MET F 84 76.08 -31.62 -24.43
N ARG F 85 75.56 -30.60 -23.74
CA ARG F 85 76.08 -30.21 -22.44
C ARG F 85 75.11 -30.44 -21.30
N SER F 86 73.82 -30.62 -21.59
CA SER F 86 72.82 -30.90 -20.57
C SER F 86 72.34 -32.34 -20.71
N ALA F 87 71.60 -32.79 -19.70
CA ALA F 87 71.15 -34.17 -19.64
C ALA F 87 69.89 -34.44 -20.45
N GLU F 88 69.27 -33.41 -21.03
CA GLU F 88 68.05 -33.55 -21.81
C GLU F 88 68.31 -33.54 -23.31
N ASP F 89 69.56 -33.49 -23.73
CA ASP F 89 69.89 -33.34 -25.15
C ASP F 89 69.79 -34.63 -25.94
N PRO F 90 70.28 -35.77 -25.45
CA PRO F 90 70.15 -37.01 -26.25
C PRO F 90 68.71 -37.34 -26.59
N GLU F 91 67.77 -37.11 -25.68
CA GLU F 91 66.38 -37.37 -25.98
C GLU F 91 65.87 -36.44 -27.08
N ARG F 92 66.28 -35.18 -27.05
CA ARG F 92 65.88 -34.24 -28.09
C ARG F 92 66.42 -34.69 -29.45
N LEU F 93 67.68 -35.13 -29.50
CA LEU F 93 68.24 -35.60 -30.76
C LEU F 93 67.51 -36.83 -31.27
N ALA F 94 67.20 -37.77 -30.37
CA ALA F 94 66.48 -38.98 -30.77
C ALA F 94 65.08 -38.63 -31.28
N ASN F 95 64.41 -37.69 -30.62
CA ASN F 95 63.09 -37.26 -31.08
C ASN F 95 63.18 -36.62 -32.45
N TYR F 96 64.21 -35.81 -32.68
CA TYR F 96 64.40 -35.20 -34.00
C TYR F 96 64.56 -36.26 -35.08
N ALA F 97 65.41 -37.26 -34.81
CA ALA F 97 65.63 -38.31 -35.80
C ALA F 97 64.35 -39.10 -36.06
N ARG F 98 63.60 -39.41 -34.99
CA ARG F 98 62.35 -40.14 -35.14
C ARG F 98 61.35 -39.36 -35.99
N LYS F 99 61.17 -38.07 -35.69
CA LYS F 99 60.23 -37.26 -36.43
C LYS F 99 60.66 -37.09 -37.88
N LEU F 100 61.97 -37.00 -38.13
CA LEU F 100 62.46 -36.95 -39.50
C LEU F 100 62.12 -38.23 -40.26
N ALA F 101 62.34 -39.38 -39.62
CA ALA F 101 62.05 -40.65 -40.28
C ALA F 101 60.55 -40.82 -40.53
N SER F 102 59.71 -40.36 -39.60
CA SER F 102 58.27 -40.61 -39.71
C SER F 102 57.68 -40.00 -40.97
N ALA F 103 58.01 -38.76 -41.25
CA ALA F 103 57.47 -38.05 -42.42
C ALA F 103 58.61 -37.87 -43.42
N ALA F 104 58.80 -38.88 -44.27
CA ALA F 104 59.87 -38.87 -45.25
C ALA F 104 59.41 -38.72 -46.68
N GLY F 105 58.13 -39.01 -46.97
CA GLY F 105 57.63 -38.87 -48.32
C GLY F 105 56.31 -38.13 -48.39
N LYS F 106 55.70 -37.91 -47.22
CA LYS F 106 54.42 -37.22 -47.15
C LYS F 106 54.55 -35.70 -47.21
N VAL F 107 55.70 -35.16 -46.82
CA VAL F 107 55.96 -33.73 -46.86
C VAL F 107 57.09 -33.49 -47.86
N LEU F 108 56.82 -32.68 -48.88
CA LEU F 108 57.78 -32.45 -49.96
C LEU F 108 58.15 -31.00 -50.15
N ASP F 109 57.42 -30.05 -49.54
CA ASP F 109 57.75 -28.64 -49.68
C ASP F 109 58.91 -28.21 -48.79
N ARG F 110 59.39 -29.08 -47.92
CA ARG F 110 60.49 -28.80 -47.02
C ARG F 110 61.70 -29.64 -47.40
N ASN F 111 62.87 -29.19 -46.96
CA ASN F 111 64.14 -29.84 -47.28
C ASN F 111 64.36 -31.07 -46.39
N ILE F 112 63.39 -31.97 -46.42
CA ILE F 112 63.45 -33.15 -45.55
C ILE F 112 64.60 -34.06 -45.94
N SER F 113 64.74 -34.34 -47.24
CA SER F 113 65.82 -35.21 -47.70
C SER F 113 67.18 -34.60 -47.41
N GLY F 114 67.32 -33.29 -47.63
CA GLY F 114 68.57 -32.63 -47.29
C GLY F 114 68.86 -32.67 -45.80
N LYS F 115 67.81 -32.51 -44.97
CA LYS F 115 68.00 -32.61 -43.53
C LYS F 115 68.49 -33.99 -43.12
N ILE F 116 67.90 -35.03 -43.71
CA ILE F 116 68.35 -36.39 -43.40
C ILE F 116 69.79 -36.59 -43.84
N GLY F 117 70.13 -36.10 -45.02
CA GLY F 117 71.51 -36.22 -45.49
C GLY F 117 72.50 -35.51 -44.58
N ASP F 118 72.15 -34.31 -44.12
CA ASP F 118 73.03 -33.58 -43.21
C ASP F 118 73.18 -34.31 -41.88
N LEU F 119 72.08 -34.85 -41.36
CA LEU F 119 72.17 -35.60 -40.10
C LEU F 119 73.07 -36.82 -40.25
N GLN F 120 72.92 -37.56 -41.36
CA GLN F 120 73.76 -38.73 -41.59
C GLN F 120 75.23 -38.34 -41.75
N ALA F 121 75.48 -37.24 -42.45
CA ALA F 121 76.86 -36.77 -42.63
C ALA F 121 77.49 -36.40 -41.29
N VAL F 122 76.74 -35.71 -40.44
CA VAL F 122 77.28 -35.34 -39.13
C VAL F 122 77.50 -36.58 -38.28
N MET F 123 76.61 -37.56 -38.38
CA MET F 123 76.82 -38.81 -37.65
C MET F 123 78.08 -39.53 -38.10
N ALA F 124 78.34 -39.54 -39.41
CA ALA F 124 79.53 -40.23 -39.92
C ALA F 124 80.80 -39.55 -39.44
N VAL F 125 80.90 -38.23 -39.61
CA VAL F 125 82.03 -37.45 -39.15
C VAL F 125 81.50 -36.33 -38.27
N PRO F 126 81.94 -36.20 -37.02
CA PRO F 126 81.29 -35.25 -36.10
C PRO F 126 81.84 -33.83 -36.12
N ASP F 127 82.91 -33.54 -36.84
CA ASP F 127 83.52 -32.23 -36.85
C ASP F 127 83.35 -31.53 -38.20
N THR F 128 82.17 -31.66 -38.80
CA THR F 128 81.87 -31.05 -40.08
C THR F 128 80.63 -30.17 -39.95
N GLU F 129 80.63 -29.06 -40.69
CA GLU F 129 79.50 -28.15 -40.71
C GLU F 129 78.64 -28.43 -41.92
N THR F 130 77.34 -28.57 -41.70
CA THR F 130 76.36 -28.76 -42.75
C THR F 130 75.41 -27.57 -42.77
N PRO F 131 74.64 -27.40 -43.85
CA PRO F 131 73.74 -26.24 -43.91
C PRO F 131 72.71 -26.18 -42.80
N THR F 132 72.39 -27.29 -42.13
CA THR F 132 71.33 -27.29 -41.15
C THR F 132 71.70 -27.93 -39.81
N PHE F 133 72.96 -28.29 -39.59
CA PHE F 133 73.30 -28.96 -38.34
C PHE F 133 74.79 -28.87 -38.07
N CYS F 134 75.14 -28.80 -36.79
CA CYS F 134 76.52 -28.88 -36.34
C CYS F 134 76.52 -29.23 -34.87
N LEU F 135 77.69 -29.61 -34.36
CA LEU F 135 77.84 -30.06 -32.98
C LEU F 135 78.82 -29.21 -32.19
N HIS F 136 78.99 -27.94 -32.58
CA HIS F 136 79.90 -27.05 -31.88
C HIS F 136 79.13 -26.16 -30.92
N THR F 137 79.86 -25.35 -30.17
CA THR F 137 79.25 -24.38 -29.26
C THR F 137 79.06 -23.06 -29.99
N ASP F 138 78.69 -22.00 -29.24
CA ASP F 138 78.44 -20.72 -29.88
C ASP F 138 79.72 -20.03 -30.31
N VAL F 139 80.82 -20.25 -29.58
CA VAL F 139 82.08 -19.57 -29.88
C VAL F 139 82.99 -20.43 -30.75
N SER F 140 82.48 -21.52 -31.34
CA SER F 140 83.30 -22.34 -32.20
C SER F 140 82.61 -22.77 -33.49
N CYS F 141 81.35 -22.43 -33.69
CA CYS F 141 80.70 -22.70 -34.98
C CYS F 141 81.26 -21.77 -36.04
N ARG F 142 81.47 -22.32 -37.24
CA ARG F 142 82.09 -21.58 -38.33
C ARG F 142 81.10 -21.04 -39.35
N GLN F 143 79.82 -21.32 -39.20
CA GLN F 143 78.84 -20.87 -40.16
C GLN F 143 78.68 -19.36 -40.11
N ARG F 144 78.46 -18.75 -41.28
CA ARG F 144 78.25 -17.31 -41.40
C ARG F 144 76.80 -17.04 -41.73
N ALA F 145 76.20 -16.07 -41.04
CA ALA F 145 74.79 -15.74 -41.23
C ALA F 145 74.61 -14.26 -40.97
N ASP F 146 73.35 -13.84 -40.79
CA ASP F 146 73.04 -12.45 -40.50
C ASP F 146 72.05 -12.26 -39.35
N VAL F 147 71.40 -13.31 -38.86
CA VAL F 147 70.47 -13.24 -37.75
C VAL F 147 70.76 -14.36 -36.78
N ALA F 148 70.65 -14.07 -35.48
CA ALA F 148 70.81 -15.06 -34.43
C ALA F 148 69.61 -15.00 -33.50
N ILE F 149 69.27 -16.13 -32.90
CA ILE F 149 68.10 -16.23 -32.02
C ILE F 149 68.47 -17.02 -30.78
N TYR F 150 68.10 -16.50 -29.61
CA TYR F 150 68.26 -17.18 -28.33
C TYR F 150 66.87 -17.38 -27.74
N GLN F 151 66.49 -18.64 -27.50
CA GLN F 151 65.18 -18.96 -26.95
C GLN F 151 65.37 -19.72 -25.64
N ASP F 152 65.04 -19.06 -24.53
CA ASP F 152 65.17 -19.66 -23.19
C ASP F 152 66.58 -20.15 -22.92
N VAL F 153 67.58 -19.35 -23.26
CA VAL F 153 68.97 -19.68 -23.05
C VAL F 153 69.49 -18.78 -21.94
N TYR F 154 69.86 -19.37 -20.81
CA TYR F 154 70.31 -18.62 -19.65
C TYR F 154 71.73 -18.97 -19.22
N ALA F 155 72.49 -19.71 -20.05
CA ALA F 155 73.74 -20.30 -19.60
C ALA F 155 74.96 -19.78 -20.36
N VAL F 156 74.89 -18.59 -20.94
CA VAL F 156 76.02 -18.01 -21.64
C VAL F 156 76.24 -16.58 -21.14
N HIS F 157 77.48 -16.12 -21.30
CA HIS F 157 77.84 -14.75 -20.97
C HIS F 157 77.53 -13.88 -22.18
N ALA F 158 76.62 -12.92 -22.02
CA ALA F 158 76.04 -12.24 -23.17
C ALA F 158 77.05 -11.43 -24.00
N PRO F 159 77.91 -10.59 -23.43
CA PRO F 159 78.82 -9.83 -24.30
C PRO F 159 79.77 -10.68 -25.13
N THR F 160 80.34 -11.74 -24.53
CA THR F 160 81.26 -12.60 -25.27
C THR F 160 80.56 -13.31 -26.43
N SER F 161 79.37 -13.86 -26.14
CA SER F 161 78.60 -14.54 -27.17
C SER F 161 78.22 -13.58 -28.29
N LEU F 162 77.78 -12.37 -27.94
CA LEU F 162 77.39 -11.41 -28.97
C LEU F 162 78.58 -10.97 -29.80
N TYR F 163 79.75 -10.80 -29.19
CA TYR F 163 80.94 -10.44 -29.96
C TYR F 163 81.32 -11.54 -30.94
N HIS F 164 81.27 -12.80 -30.49
CA HIS F 164 81.62 -13.88 -31.40
C HIS F 164 80.57 -14.05 -32.49
N GLN F 165 79.33 -13.65 -32.22
CA GLN F 165 78.31 -13.64 -33.27
C GLN F 165 78.55 -12.51 -34.26
N ALA F 166 79.02 -11.36 -33.76
CA ALA F 166 79.19 -10.18 -34.61
C ALA F 166 80.40 -10.27 -35.52
N ILE F 167 81.48 -10.92 -35.08
CA ILE F 167 82.67 -10.98 -35.92
C ILE F 167 82.44 -11.90 -37.11
N LYS F 168 81.25 -12.50 -37.20
CA LYS F 168 80.90 -13.40 -38.30
C LYS F 168 79.86 -12.81 -39.23
N GLY F 169 79.51 -11.54 -39.07
CA GLY F 169 78.59 -10.87 -39.97
C GLY F 169 77.14 -10.82 -39.53
N VAL F 170 76.84 -11.14 -38.28
CA VAL F 170 75.47 -11.05 -37.77
C VAL F 170 75.17 -9.61 -37.40
N ARG F 171 74.01 -9.12 -37.84
CA ARG F 171 73.62 -7.74 -37.60
C ARG F 171 72.36 -7.61 -36.75
N LEU F 172 71.71 -8.72 -36.38
CA LEU F 172 70.46 -8.68 -35.64
C LEU F 172 70.38 -9.89 -34.74
N ALA F 173 69.82 -9.72 -33.55
CA ALA F 173 69.69 -10.81 -32.58
C ALA F 173 68.42 -10.62 -31.78
N TYR F 174 67.90 -11.73 -31.26
CA TYR F 174 66.69 -11.73 -30.44
C TYR F 174 66.91 -12.58 -29.20
N TRP F 175 66.17 -12.27 -28.15
CA TRP F 175 66.26 -12.97 -26.88
C TRP F 175 64.88 -13.09 -26.27
N VAL F 176 64.48 -14.31 -25.91
CA VAL F 176 63.20 -14.58 -25.28
C VAL F 176 63.47 -15.27 -23.94
N GLY F 177 62.83 -14.78 -22.88
CA GLY F 177 63.05 -15.35 -21.57
C GLY F 177 62.33 -14.57 -20.50
N PHE F 178 62.62 -14.93 -19.25
CA PHE F 178 62.03 -14.26 -18.10
C PHE F 178 62.73 -12.94 -17.82
N ASP F 179 61.98 -12.00 -17.25
CA ASP F 179 62.53 -10.69 -16.92
C ASP F 179 63.61 -10.81 -15.85
N THR F 180 64.69 -10.05 -16.02
CA THR F 180 65.84 -10.11 -15.12
C THR F 180 65.82 -9.04 -14.04
N THR F 181 64.77 -8.24 -13.96
CA THR F 181 64.72 -7.17 -12.96
C THR F 181 64.78 -7.68 -11.52
N PRO F 182 64.06 -8.73 -11.11
CA PRO F 182 64.15 -9.16 -9.71
C PRO F 182 65.54 -9.58 -9.27
N PHE F 183 66.43 -9.91 -10.20
CA PHE F 183 67.78 -10.29 -9.85
C PHE F 183 68.74 -9.11 -9.78
N MET F 184 68.36 -7.96 -10.33
CA MET F 184 69.15 -6.75 -10.13
C MET F 184 68.83 -6.08 -8.81
N TYR F 185 67.72 -6.45 -8.17
CA TYR F 185 67.40 -6.00 -6.83
C TYR F 185 67.93 -6.93 -5.75
N ASN F 186 68.48 -8.09 -6.13
CA ASN F 186 69.18 -8.99 -5.23
C ASN F 186 68.23 -9.59 -4.17
N ALA F 187 67.13 -10.18 -4.62
CA ALA F 187 66.18 -10.81 -3.72
C ALA F 187 66.58 -12.25 -3.39
N MET F 188 65.95 -12.79 -2.35
CA MET F 188 66.19 -14.15 -1.89
C MET F 188 65.33 -15.17 -2.63
N ALA F 189 64.06 -14.86 -2.85
CA ALA F 189 63.12 -15.77 -3.49
C ALA F 189 62.04 -14.94 -4.17
N GLY F 190 61.27 -15.58 -5.04
CA GLY F 190 60.25 -14.83 -5.75
C GLY F 190 59.35 -15.71 -6.59
N ALA F 191 58.36 -15.06 -7.19
CA ALA F 191 57.32 -15.75 -7.96
C ALA F 191 57.01 -15.00 -9.25
N TYR F 192 56.67 -15.77 -10.28
CA TYR F 192 55.97 -15.28 -11.48
C TYR F 192 54.63 -16.00 -11.46
N PRO F 193 53.58 -15.38 -10.90
CA PRO F 193 52.35 -16.12 -10.61
C PRO F 193 51.47 -16.40 -11.82
N SER F 194 51.55 -15.61 -12.89
CA SER F 194 50.74 -15.89 -14.07
C SER F 194 51.24 -17.10 -14.83
N TYR F 195 52.51 -17.47 -14.66
CA TYR F 195 53.09 -18.60 -15.35
C TYR F 195 53.31 -19.79 -14.44
N SER F 196 52.79 -19.74 -13.21
CA SER F 196 52.95 -20.80 -12.23
C SER F 196 54.42 -21.11 -11.98
N THR F 197 55.21 -20.07 -11.77
CA THR F 197 56.66 -20.24 -11.58
C THR F 197 57.07 -19.68 -10.23
N ASN F 198 57.90 -20.44 -9.52
CA ASN F 198 58.50 -19.98 -8.27
C ASN F 198 59.99 -20.26 -8.33
N TRP F 199 60.78 -19.39 -7.70
CA TRP F 199 62.22 -19.59 -7.63
C TRP F 199 62.71 -19.21 -6.24
N ALA F 200 63.78 -19.88 -5.81
CA ALA F 200 64.34 -19.63 -4.49
C ALA F 200 65.84 -19.86 -4.51
N ASP F 201 66.54 -19.16 -3.62
CA ASP F 201 67.96 -19.40 -3.38
C ASP F 201 68.16 -20.75 -2.72
N GLU F 202 69.33 -21.35 -2.97
CA GLU F 202 69.60 -22.70 -2.49
C GLU F 202 69.65 -22.79 -0.97
N GLN F 203 69.82 -21.67 -0.27
CA GLN F 203 69.96 -21.70 1.18
C GLN F 203 68.64 -21.65 1.92
N VAL F 204 67.52 -21.42 1.24
CA VAL F 204 66.24 -21.29 1.92
C VAL F 204 65.26 -22.36 1.42
N LEU F 205 65.80 -23.47 0.93
CA LEU F 205 64.95 -24.55 0.42
C LEU F 205 64.21 -25.30 1.53
N LYS F 206 64.53 -25.04 2.80
CA LYS F 206 63.86 -25.69 3.92
C LYS F 206 62.98 -24.73 4.70
N ALA F 207 62.46 -23.70 4.04
CA ALA F 207 61.57 -22.76 4.68
C ALA F 207 60.18 -23.38 4.79
N LYS F 208 59.19 -22.58 5.19
CA LYS F 208 57.85 -23.09 5.41
C LYS F 208 56.76 -22.42 4.58
N ASN F 209 56.87 -21.12 4.31
CA ASN F 209 55.74 -20.38 3.76
C ASN F 209 56.09 -19.61 2.49
N ILE F 210 57.06 -20.09 1.72
CA ILE F 210 57.33 -19.53 0.40
C ILE F 210 56.84 -20.54 -0.65
N GLY F 211 56.90 -20.12 -1.90
CA GLY F 211 56.31 -20.93 -2.96
C GLY F 211 57.00 -22.27 -3.17
N LEU F 212 58.31 -22.30 -3.05
CA LEU F 212 59.10 -23.51 -3.33
C LEU F 212 59.93 -23.87 -2.10
N CYS F 213 59.43 -24.80 -1.29
CA CYS F 213 60.12 -25.20 -0.06
C CYS F 213 59.49 -26.49 0.45
N SER F 214 60.11 -27.05 1.50
CA SER F 214 59.61 -28.25 2.15
C SER F 214 60.24 -28.35 3.53
N THR F 215 59.43 -28.71 4.54
CA THR F 215 59.91 -28.79 5.92
C THR F 215 59.21 -29.94 6.64
N ASP F 216 59.57 -30.13 7.90
CA ASP F 216 59.11 -31.25 8.74
C ASP F 216 58.33 -30.73 9.95
N LEU F 217 57.87 -31.67 10.76
CA LEU F 217 57.23 -31.38 12.04
C LEU F 217 58.22 -31.60 13.18
N THR F 218 58.11 -30.79 14.23
CA THR F 218 59.05 -30.87 15.33
C THR F 218 58.42 -30.30 16.59
N GLU F 219 59.05 -30.60 17.72
CA GLU F 219 58.61 -30.09 19.02
C GLU F 219 59.46 -28.93 19.53
N GLY F 220 60.72 -28.87 19.16
CA GLY F 220 61.60 -27.81 19.61
C GLY F 220 62.51 -28.21 20.75
N LYS F 232 75.51 -14.84 9.44
CA LYS F 232 75.34 -14.12 8.18
C LYS F 232 74.53 -14.93 7.19
N LEU F 233 73.59 -14.27 6.52
CA LEU F 233 72.70 -14.93 5.55
C LEU F 233 72.50 -13.96 4.38
N GLU F 234 73.19 -14.23 3.28
CA GLU F 234 73.19 -13.38 2.11
C GLU F 234 73.04 -14.24 0.86
N PRO F 235 72.52 -13.67 -0.23
CA PRO F 235 72.37 -14.44 -1.47
C PRO F 235 73.69 -14.97 -2.01
N CYS F 236 73.64 -16.16 -2.58
N CYS F 236 73.64 -16.15 -2.59
CA CYS F 236 74.78 -16.81 -3.21
CA CYS F 236 74.80 -16.76 -3.21
C CYS F 236 74.49 -17.00 -4.69
C CYS F 236 74.49 -17.01 -4.69
N ASP F 237 75.39 -17.70 -5.38
CA ASP F 237 75.29 -17.79 -6.84
C ASP F 237 74.16 -18.72 -7.29
N ARG F 238 74.00 -19.87 -6.65
CA ARG F 238 73.15 -20.93 -7.21
C ARG F 238 71.68 -20.69 -6.89
N VAL F 239 70.82 -20.81 -7.92
CA VAL F 239 69.39 -20.57 -7.79
C VAL F 239 68.65 -21.72 -8.45
N LEU F 240 67.44 -22.01 -7.94
CA LEU F 240 66.58 -23.05 -8.49
C LEU F 240 65.30 -22.45 -9.04
N PHE F 241 64.91 -22.87 -10.23
CA PHE F 241 63.72 -22.41 -10.91
C PHE F 241 62.76 -23.59 -11.07
N SER F 242 61.46 -23.33 -10.90
CA SER F 242 60.46 -24.38 -11.05
C SER F 242 59.32 -23.84 -11.92
N VAL F 243 59.26 -24.31 -13.17
CA VAL F 243 58.21 -23.94 -14.11
C VAL F 243 57.23 -25.09 -14.17
N GLY F 244 56.03 -24.88 -13.66
CA GLY F 244 55.10 -25.99 -13.50
C GLY F 244 55.66 -27.03 -12.56
N SER F 245 56.07 -28.18 -13.11
CA SER F 245 56.75 -29.20 -12.34
C SER F 245 58.09 -29.56 -12.95
N THR F 246 58.71 -28.64 -13.69
CA THR F 246 60.02 -28.83 -14.28
C THR F 246 61.03 -27.97 -13.54
N LEU F 247 62.18 -28.57 -13.21
CA LEU F 247 63.18 -27.94 -12.36
C LEU F 247 64.42 -27.58 -13.17
N TYR F 248 64.95 -26.38 -12.95
CA TYR F 248 66.11 -25.88 -13.66
C TYR F 248 67.09 -25.17 -12.72
N PRO F 249 68.36 -25.56 -12.68
CA PRO F 249 69.34 -24.79 -11.91
C PRO F 249 69.93 -23.66 -12.74
N GLU F 250 70.19 -22.53 -12.07
CA GLU F 250 70.67 -21.33 -12.74
C GLU F 250 71.72 -20.63 -11.88
N SER F 251 72.45 -19.72 -12.52
CA SER F 251 73.51 -18.94 -11.90
C SER F 251 73.17 -17.46 -11.97
N ARG F 252 73.43 -16.74 -10.87
CA ARG F 252 73.06 -15.34 -10.80
C ARG F 252 73.90 -14.49 -11.74
N LYS F 253 75.18 -14.82 -11.91
CA LYS F 253 76.06 -14.02 -12.77
C LYS F 253 75.58 -14.00 -14.21
N LEU F 254 75.26 -15.18 -14.76
CA LEU F 254 74.83 -15.25 -16.15
C LEU F 254 73.46 -14.64 -16.36
N LEU F 255 72.56 -14.76 -15.38
CA LEU F 255 71.27 -14.09 -15.47
C LEU F 255 71.45 -12.57 -15.47
N LYS F 256 72.34 -12.07 -14.61
CA LYS F 256 72.57 -10.63 -14.55
C LYS F 256 73.22 -10.10 -15.82
N SER F 257 74.04 -10.91 -16.48
CA SER F 257 74.76 -10.43 -17.65
C SER F 257 73.84 -10.06 -18.80
N TRP F 258 72.59 -10.53 -18.81
CA TRP F 258 71.67 -10.26 -19.90
C TRP F 258 70.83 -9.00 -19.65
N HIS F 259 71.07 -8.28 -18.57
CA HIS F 259 70.40 -7.01 -18.28
C HIS F 259 71.27 -5.89 -18.84
N LEU F 260 71.09 -5.63 -20.13
CA LEU F 260 71.97 -4.76 -20.91
C LEU F 260 71.47 -3.31 -20.90
N PRO F 261 72.38 -2.35 -21.02
CA PRO F 261 71.99 -0.94 -21.11
C PRO F 261 71.52 -0.61 -22.52
N SER F 262 71.10 0.65 -22.69
CA SER F 262 70.49 1.07 -23.96
C SER F 262 71.50 1.11 -25.10
N VAL F 263 72.73 1.53 -24.83
CA VAL F 263 73.79 1.56 -25.85
C VAL F 263 75.09 1.06 -25.21
N PHE F 264 75.88 0.33 -25.97
CA PHE F 264 77.17 -0.13 -25.47
C PHE F 264 78.15 -0.37 -26.62
N HIS F 265 79.42 -0.52 -26.26
CA HIS F 265 80.52 -0.68 -27.18
C HIS F 265 81.19 -2.03 -26.98
N LEU F 266 81.60 -2.66 -28.08
CA LEU F 266 82.40 -3.89 -28.05
C LEU F 266 83.73 -3.58 -28.74
N LYS F 267 84.82 -3.56 -27.96
CA LYS F 267 86.12 -3.11 -28.43
C LYS F 267 87.13 -4.25 -28.33
N GLY F 268 87.46 -4.85 -29.47
CA GLY F 268 88.48 -5.87 -29.56
C GLY F 268 89.38 -5.61 -30.75
N LYS F 269 89.70 -6.69 -31.47
CA LYS F 269 90.40 -6.53 -32.74
C LYS F 269 89.55 -5.75 -33.73
N LEU F 270 88.25 -6.01 -33.75
CA LEU F 270 87.27 -5.18 -34.43
C LEU F 270 86.37 -4.52 -33.40
N SER F 271 85.68 -3.46 -33.82
CA SER F 271 84.88 -2.66 -32.90
C SER F 271 83.45 -2.56 -33.41
N PHE F 272 82.51 -2.57 -32.46
CA PHE F 272 81.10 -2.51 -32.78
C PHE F 272 80.37 -1.62 -31.78
N THR F 273 79.29 -1.01 -32.25
CA THR F 273 78.39 -0.22 -31.42
C THR F 273 77.02 -0.89 -31.48
N CYS F 274 76.44 -1.17 -30.30
CA CYS F 274 75.22 -1.95 -30.24
C CYS F 274 74.19 -1.26 -29.35
N ARG F 275 72.93 -1.56 -29.62
CA ARG F 275 71.84 -1.03 -28.83
C ARG F 275 70.74 -2.08 -28.66
N CYS F 276 70.10 -2.07 -27.49
CA CYS F 276 69.13 -3.07 -27.07
C CYS F 276 67.84 -2.41 -26.64
N ASP F 277 66.71 -3.02 -27.00
CA ASP F 277 65.43 -2.50 -26.53
C ASP F 277 64.40 -3.63 -26.41
N THR F 278 63.39 -3.39 -25.59
CA THR F 278 62.34 -4.37 -25.32
C THR F 278 61.15 -4.10 -26.22
N VAL F 279 60.66 -5.13 -26.90
CA VAL F 279 59.59 -4.96 -27.86
C VAL F 279 58.28 -5.63 -27.45
N VAL F 280 58.33 -6.69 -26.64
CA VAL F 280 57.13 -7.33 -26.10
C VAL F 280 57.34 -7.58 -24.62
N SER F 281 56.29 -7.36 -23.84
CA SER F 281 56.36 -7.53 -22.38
C SER F 281 54.99 -7.93 -21.87
N CYS F 282 54.91 -9.09 -21.21
CA CYS F 282 53.62 -9.60 -20.70
C CYS F 282 53.85 -10.29 -19.36
N GLU F 283 53.72 -9.53 -18.27
CA GLU F 283 53.62 -10.05 -16.91
C GLU F 283 54.86 -10.81 -16.45
N GLY F 284 56.02 -10.57 -17.06
CA GLY F 284 57.22 -11.27 -16.63
C GLY F 284 58.03 -11.86 -17.75
N TYR F 285 57.39 -12.17 -18.88
CA TYR F 285 58.07 -12.59 -20.08
C TYR F 285 58.34 -11.40 -20.99
N VAL F 286 59.52 -11.36 -21.60
CA VAL F 286 59.93 -10.26 -22.46
C VAL F 286 60.53 -10.78 -23.76
N VAL F 287 60.59 -9.89 -24.74
CA VAL F 287 61.34 -10.11 -25.98
C VAL F 287 62.26 -8.90 -26.18
N LYS F 288 63.55 -9.17 -26.37
CA LYS F 288 64.55 -8.13 -26.53
C LYS F 288 65.14 -8.16 -27.94
N ARG F 289 65.39 -6.99 -28.50
CA ARG F 289 65.96 -6.83 -29.83
C ARG F 289 67.26 -6.05 -29.72
N ILE F 290 68.33 -6.60 -30.30
CA ILE F 290 69.67 -6.03 -30.22
C ILE F 290 70.19 -5.82 -31.65
N THR F 291 70.75 -4.64 -31.90
CA THR F 291 71.35 -4.33 -33.18
C THR F 291 72.80 -3.93 -32.98
N MET F 292 73.68 -4.40 -33.88
CA MET F 292 75.11 -4.14 -33.81
C MET F 292 75.61 -3.61 -35.14
N SER F 293 76.51 -2.63 -35.10
CA SER F 293 77.03 -1.99 -36.28
C SER F 293 78.55 -1.82 -36.16
N PRO F 294 79.27 -1.82 -37.28
CA PRO F 294 80.73 -1.69 -37.21
C PRO F 294 81.17 -0.26 -36.94
N GLY F 295 82.22 -0.13 -36.14
CA GLY F 295 82.78 1.16 -35.79
C GLY F 295 82.27 1.66 -34.44
N LEU F 296 82.93 2.72 -33.97
CA LEU F 296 82.58 3.36 -32.70
C LEU F 296 81.94 4.72 -32.95
N TYR F 297 80.80 4.96 -32.33
CA TYR F 297 80.06 6.19 -32.50
C TYR F 297 79.38 6.60 -31.20
N GLY F 298 79.29 7.90 -30.97
CA GLY F 298 78.60 8.41 -29.81
C GLY F 298 79.35 8.15 -28.52
N LYS F 299 78.61 8.26 -27.41
CA LYS F 299 79.14 7.96 -26.09
C LYS F 299 78.04 7.32 -25.25
N THR F 300 78.46 6.64 -24.18
CA THR F 300 77.56 5.84 -23.37
C THR F 300 77.40 6.43 -21.98
N THR F 301 76.27 6.12 -21.35
CA THR F 301 75.99 6.53 -19.98
C THR F 301 76.03 5.39 -18.98
N GLY F 302 75.57 4.20 -19.36
CA GLY F 302 75.62 3.06 -18.48
C GLY F 302 74.38 2.82 -17.64
N TYR F 303 73.21 3.17 -18.14
CA TYR F 303 71.96 3.03 -17.40
C TYR F 303 71.02 2.09 -18.13
N ALA F 304 70.25 1.31 -17.37
CA ALA F 304 69.25 0.41 -17.90
C ALA F 304 67.90 0.72 -17.26
N VAL F 305 66.84 0.73 -18.07
CA VAL F 305 65.53 1.20 -17.65
C VAL F 305 64.51 0.09 -17.87
N THR F 306 63.59 -0.06 -16.90
CA THR F 306 62.48 -0.99 -17.00
C THR F 306 61.17 -0.23 -16.79
N HIS F 307 60.22 -0.45 -17.70
CA HIS F 307 58.90 0.17 -17.59
C HIS F 307 57.94 -0.83 -16.96
N HIS F 308 57.16 -0.36 -15.98
CA HIS F 308 56.25 -1.20 -15.22
C HIS F 308 54.81 -0.94 -15.65
N ALA F 309 54.17 -1.94 -16.24
CA ALA F 309 52.75 -1.86 -16.53
C ALA F 309 51.91 -2.43 -15.40
N ASP F 310 52.43 -3.37 -14.64
CA ASP F 310 51.84 -3.87 -13.42
C ASP F 310 52.65 -3.35 -12.23
N GLY F 311 52.20 -3.70 -11.03
CA GLY F 311 52.95 -3.36 -9.84
C GLY F 311 54.04 -4.38 -9.55
N PHE F 312 55.18 -3.88 -9.09
CA PHE F 312 56.30 -4.73 -8.69
C PHE F 312 56.59 -4.48 -7.21
N LEU F 313 56.66 -5.56 -6.42
CA LEU F 313 56.84 -5.45 -4.99
C LEU F 313 58.06 -6.22 -4.53
N MET F 314 58.81 -5.63 -3.60
CA MET F 314 59.89 -6.27 -2.89
C MET F 314 59.75 -5.93 -1.41
N CYS F 315 59.84 -6.93 -0.54
CA CYS F 315 59.59 -6.69 0.87
C CYS F 315 60.34 -7.69 1.73
N LYS F 316 60.51 -7.32 2.99
CA LYS F 316 61.18 -8.16 3.99
C LYS F 316 60.14 -8.96 4.76
N THR F 317 60.45 -10.24 4.98
CA THR F 317 59.53 -11.15 5.65
C THR F 317 60.31 -12.04 6.61
N THR F 318 59.57 -12.59 7.58
CA THR F 318 60.12 -13.42 8.64
C THR F 318 59.57 -14.84 8.50
N ASP F 319 60.47 -15.82 8.58
CA ASP F 319 60.08 -17.21 8.45
C ASP F 319 60.95 -18.07 9.36
N THR F 320 60.73 -19.38 9.32
CA THR F 320 61.58 -20.33 10.00
C THR F 320 62.21 -21.25 8.95
N VAL F 321 63.53 -21.29 8.89
CA VAL F 321 64.26 -22.17 8.02
C VAL F 321 64.85 -23.26 8.89
N ASP F 322 64.44 -24.51 8.63
CA ASP F 322 64.90 -25.68 9.37
C ASP F 322 64.68 -25.54 10.87
N GLY F 323 63.67 -24.76 11.26
CA GLY F 323 63.35 -24.56 12.66
C GLY F 323 63.87 -23.29 13.28
N GLU F 324 64.75 -22.56 12.58
CA GLU F 324 65.35 -21.34 13.14
C GLU F 324 64.73 -20.12 12.48
N ARG F 325 64.34 -19.13 13.29
CA ARG F 325 63.64 -17.96 12.78
C ARG F 325 64.61 -16.95 12.20
N VAL F 326 64.35 -16.53 10.95
CA VAL F 326 65.20 -15.62 10.20
C VAL F 326 64.32 -14.67 9.39
N SER F 327 64.98 -13.70 8.73
CA SER F 327 64.31 -12.70 7.91
C SER F 327 65.05 -12.52 6.59
N PHE F 328 64.30 -12.37 5.50
CA PHE F 328 64.90 -12.15 4.19
C PHE F 328 63.85 -11.54 3.26
N SER F 329 64.26 -11.21 2.04
CA SER F 329 63.45 -10.41 1.13
C SER F 329 62.89 -11.24 -0.01
N VAL F 330 61.65 -10.94 -0.39
CA VAL F 330 60.95 -11.63 -1.48
C VAL F 330 60.31 -10.59 -2.40
N CYS F 331 60.05 -11.00 -3.64
CA CYS F 331 59.52 -10.10 -4.67
C CYS F 331 58.38 -10.77 -5.42
N THR F 332 57.49 -9.95 -6.00
CA THR F 332 56.33 -10.47 -6.72
C THR F 332 55.74 -9.38 -7.62
N TYR F 333 54.74 -9.79 -8.41
CA TYR F 333 54.03 -8.95 -9.36
C TYR F 333 52.55 -8.86 -8.98
N VAL F 334 51.97 -7.67 -9.14
CA VAL F 334 50.59 -7.40 -8.73
C VAL F 334 49.82 -6.80 -9.89
N PRO F 335 48.59 -7.27 -10.16
CA PRO F 335 47.80 -6.70 -11.27
C PRO F 335 47.48 -5.23 -11.05
N ALA F 336 47.37 -4.49 -12.16
CA ALA F 336 47.21 -3.05 -12.11
C ALA F 336 45.89 -2.60 -11.51
N THR F 337 44.81 -3.35 -11.73
CA THR F 337 43.51 -2.95 -11.23
C THR F 337 43.44 -2.95 -9.70
N ILE F 338 44.05 -3.96 -9.07
CA ILE F 338 44.09 -4.01 -7.61
C ILE F 338 44.89 -2.83 -7.07
N CYS F 339 46.04 -2.55 -7.68
CA CYS F 339 46.85 -1.41 -7.28
C CYS F 339 46.08 -0.11 -7.38
N ASP F 340 45.32 0.06 -8.47
CA ASP F 340 44.50 1.26 -8.61
C ASP F 340 43.41 1.33 -7.56
N GLN F 341 42.82 0.19 -7.20
CA GLN F 341 41.74 0.17 -6.23
C GLN F 341 42.22 0.28 -4.79
N MET F 342 43.52 0.18 -4.52
CA MET F 342 44.03 0.35 -3.17
C MET F 342 44.57 1.75 -2.89
N THR F 343 44.37 2.70 -3.80
CA THR F 343 44.97 4.03 -3.64
C THR F 343 44.41 4.78 -2.44
N GLY F 344 43.10 4.70 -2.22
CA GLY F 344 42.49 5.50 -1.16
C GLY F 344 42.77 4.95 0.24
N ILE F 345 42.88 3.63 0.36
CA ILE F 345 43.09 3.02 1.68
C ILE F 345 44.47 3.35 2.22
N LEU F 346 45.46 3.41 1.35
CA LEU F 346 46.84 3.60 1.77
C LEU F 346 47.15 5.04 2.15
N ALA F 347 46.14 5.89 2.29
CA ALA F 347 46.36 7.26 2.77
C ALA F 347 46.48 7.34 4.27
N THR F 348 46.13 6.28 4.99
CA THR F 348 46.20 6.21 6.45
C THR F 348 47.07 5.02 6.85
N GLU F 349 47.15 4.80 8.16
CA GLU F 349 47.86 3.64 8.70
C GLU F 349 46.87 2.49 8.86
N VAL F 350 47.25 1.33 8.35
CA VAL F 350 46.36 0.17 8.29
C VAL F 350 47.13 -1.06 8.76
N THR F 351 46.46 -1.90 9.54
CA THR F 351 47.04 -3.14 10.03
C THR F 351 47.02 -4.22 8.94
N PRO F 352 47.92 -5.20 9.03
CA PRO F 352 47.93 -6.26 8.00
C PRO F 352 46.65 -7.07 7.91
N GLU F 353 45.93 -7.28 9.01
CA GLU F 353 44.71 -8.07 8.95
C GLU F 353 43.61 -7.36 8.18
N ASP F 354 43.44 -6.06 8.42
CA ASP F 354 42.46 -5.28 7.67
C ASP F 354 42.81 -5.23 6.19
N ALA F 355 44.09 -5.06 5.87
CA ALA F 355 44.51 -5.09 4.47
C ALA F 355 44.24 -6.45 3.83
N GLN F 356 44.46 -7.53 4.57
CA GLN F 356 44.17 -8.85 4.02
C GLN F 356 42.68 -9.02 3.73
N LYS F 357 41.82 -8.59 4.67
CA LYS F 357 40.39 -8.69 4.41
C LYS F 357 39.96 -7.83 3.23
N LEU F 358 40.50 -6.61 3.10
CA LEU F 358 40.16 -5.76 1.97
C LEU F 358 40.61 -6.37 0.65
N LEU F 359 41.83 -6.93 0.60
CA LEU F 359 42.31 -7.56 -0.62
C LEU F 359 41.47 -8.76 -1.00
N VAL F 360 41.06 -9.57 -0.01
CA VAL F 360 40.19 -10.70 -0.30
C VAL F 360 38.85 -10.22 -0.83
N GLY F 361 38.35 -9.10 -0.29
CA GLY F 361 37.12 -8.54 -0.81
C GLY F 361 37.24 -8.08 -2.24
N LEU F 362 38.34 -7.45 -2.60
CA LEU F 362 38.54 -7.01 -3.98
C LEU F 362 38.72 -8.18 -4.94
N ASN F 363 39.40 -9.24 -4.48
CA ASN F 363 39.64 -10.40 -5.32
C ASN F 363 38.36 -11.20 -5.52
N ASN F 377 38.89 -15.06 -9.54
CA ASN F 377 40.12 -14.62 -8.88
C ASN F 377 41.04 -13.88 -9.85
N THR F 378 41.28 -12.60 -9.57
CA THR F 378 42.20 -11.83 -10.41
C THR F 378 43.66 -12.21 -10.13
N MET F 379 43.98 -12.56 -8.89
CA MET F 379 45.33 -12.94 -8.51
C MET F 379 45.28 -14.19 -7.65
N LYS F 380 46.38 -14.94 -7.65
CA LYS F 380 46.46 -16.17 -6.89
C LYS F 380 46.44 -15.89 -5.39
N ASN F 381 45.74 -16.75 -4.65
CA ASN F 381 45.51 -16.49 -3.23
C ASN F 381 46.75 -16.72 -2.37
N TYR F 382 47.59 -17.68 -2.74
CA TYR F 382 48.74 -18.00 -1.88
C TYR F 382 49.73 -16.86 -1.77
N MET F 383 49.62 -15.84 -2.63
CA MET F 383 50.51 -14.70 -2.60
C MET F 383 49.93 -13.55 -1.78
N ILE F 384 48.67 -13.65 -1.36
CA ILE F 384 48.00 -12.52 -0.72
C ILE F 384 48.57 -12.18 0.66
N PRO F 385 48.81 -13.12 1.57
CA PRO F 385 49.21 -12.73 2.93
C PRO F 385 50.49 -11.90 3.00
N VAL F 386 51.44 -12.12 2.11
CA VAL F 386 52.67 -11.32 2.16
C VAL F 386 52.47 -9.95 1.50
N VAL F 387 51.69 -9.87 0.43
CA VAL F 387 51.37 -8.59 -0.18
C VAL F 387 50.70 -7.68 0.84
N ALA F 388 49.71 -8.21 1.57
CA ALA F 388 49.05 -7.42 2.61
C ALA F 388 50.03 -6.95 3.67
N GLN F 389 51.11 -7.69 3.89
CA GLN F 389 52.10 -7.26 4.86
C GLN F 389 52.98 -6.15 4.29
N ALA F 390 53.21 -6.15 2.98
CA ALA F 390 54.07 -5.13 2.39
C ALA F 390 53.36 -3.78 2.34
N PHE F 391 52.14 -3.75 1.81
CA PHE F 391 51.38 -2.50 1.74
C PHE F 391 51.32 -1.82 3.10
N SER F 392 50.96 -2.57 4.13
CA SER F 392 50.83 -2.01 5.47
C SER F 392 52.10 -1.32 5.91
N LYS F 393 53.26 -1.88 5.57
CA LYS F 393 54.49 -1.21 5.96
C LYS F 393 54.73 0.03 5.14
N TRP F 394 54.51 -0.05 3.82
CA TRP F 394 54.77 1.08 2.93
C TRP F 394 54.03 2.32 3.40
N ALA F 395 52.72 2.20 3.60
CA ALA F 395 51.93 3.33 4.07
C ALA F 395 52.53 3.95 5.33
N LYS F 396 52.94 3.11 6.29
CA LYS F 396 53.48 3.66 7.52
C LYS F 396 54.74 4.46 7.24
N GLU F 397 55.63 3.93 6.40
CA GLU F 397 56.86 4.66 6.10
C GLU F 397 56.58 5.97 5.40
N CYS F 398 55.42 6.11 4.77
CA CYS F 398 55.08 7.39 4.17
C CYS F 398 54.74 8.43 5.23
N ARG F 399 53.97 8.04 6.26
CA ARG F 399 53.52 9.02 7.25
C ARG F 399 54.71 9.67 7.94
N LYS F 400 55.69 8.89 8.33
CA LYS F 400 56.88 9.43 8.99
C LYS F 400 57.55 10.48 8.11
N ASP F 401 57.62 10.23 6.79
CA ASP F 401 58.25 11.20 5.90
C ASP F 401 57.52 12.54 5.96
N MET F 402 56.19 12.51 6.07
CA MET F 402 55.43 13.75 6.13
C MET F 402 55.59 14.45 7.46
N GLU F 403 56.06 13.76 8.49
CA GLU F 403 56.12 14.34 9.83
C GLU F 403 57.51 14.82 10.22
N ASP F 404 58.52 14.60 9.38
CA ASP F 404 59.88 15.07 9.63
C ASP F 404 60.34 15.80 8.37
N GLU F 405 60.01 17.09 8.29
CA GLU F 405 60.18 17.87 7.07
C GLU F 405 61.40 18.77 7.20
N LYS F 406 62.29 18.69 6.21
CA LYS F 406 63.55 19.42 6.24
C LYS F 406 63.39 20.77 5.53
N LEU F 407 64.51 21.43 5.25
CA LEU F 407 64.54 22.68 4.51
C LEU F 407 64.98 22.43 3.08
N LEU F 408 64.59 23.34 2.19
CA LEU F 408 64.88 23.20 0.77
C LEU F 408 66.37 23.40 0.50
N GLY F 409 66.97 22.45 -0.19
CA GLY F 409 68.36 22.56 -0.60
C GLY F 409 69.37 22.56 0.52
N VAL F 410 69.19 21.69 1.51
CA VAL F 410 70.04 21.66 2.69
C VAL F 410 70.15 20.23 3.19
N ARG F 411 71.34 19.85 3.64
CA ARG F 411 71.59 18.54 4.20
C ARG F 411 72.26 18.69 5.55
N GLU F 412 71.85 17.86 6.52
CA GLU F 412 72.43 17.85 7.86
C GLU F 412 73.42 16.70 7.95
N ARG F 413 74.69 17.01 8.18
CA ARG F 413 75.73 16.00 8.27
C ARG F 413 76.69 16.31 9.40
N THR F 414 76.16 16.67 10.56
CA THR F 414 76.99 16.96 11.72
C THR F 414 77.76 15.72 12.19
N TRP F 421 82.02 13.22 11.04
CA TRP F 421 80.81 13.95 10.69
C TRP F 421 79.80 13.01 10.05
N ALA F 422 78.81 12.59 10.84
CA ALA F 422 77.95 11.48 10.46
C ALA F 422 76.50 11.94 10.32
N PHE F 423 75.78 11.27 9.43
CA PHE F 423 74.35 11.46 9.24
C PHE F 423 73.66 10.11 9.37
N LYS F 424 72.46 10.12 9.92
CA LYS F 424 71.71 8.90 10.15
C LYS F 424 71.05 8.42 8.86
N LYS F 425 70.94 7.10 8.73
CA LYS F 425 70.22 6.48 7.64
C LYS F 425 68.93 5.87 8.17
N GLN F 426 67.82 6.18 7.51
CA GLN F 426 66.54 5.62 7.92
C GLN F 426 66.43 4.16 7.46
N LYS F 427 65.39 3.49 7.95
CA LYS F 427 65.17 2.09 7.62
C LYS F 427 64.11 1.96 6.54
N THR F 428 64.35 1.05 5.59
CA THR F 428 63.43 0.80 4.49
C THR F 428 63.10 -0.69 4.48
N HIS F 429 61.82 -1.03 4.59
CA HIS F 429 61.38 -2.41 4.60
C HIS F 429 60.56 -2.79 3.38
N THR F 430 60.30 -1.86 2.47
CA THR F 430 59.44 -2.15 1.32
C THR F 430 59.84 -1.25 0.16
N VAL F 431 59.87 -1.83 -1.04
CA VAL F 431 60.02 -1.09 -2.29
C VAL F 431 58.82 -1.40 -3.16
N TYR F 432 58.14 -0.36 -3.63
CA TYR F 432 56.88 -0.51 -4.35
C TYR F 432 56.93 0.35 -5.61
N LYS F 433 56.99 -0.30 -6.77
CA LYS F 433 56.99 0.39 -8.05
C LYS F 433 55.58 0.31 -8.64
N ARG F 434 54.89 1.44 -8.64
CA ARG F 434 53.52 1.50 -9.10
C ARG F 434 53.44 1.46 -10.62
N PRO F 435 52.27 1.11 -11.18
CA PRO F 435 52.12 1.12 -12.63
C PRO F 435 52.42 2.49 -13.22
N ASP F 436 53.05 2.49 -14.39
CA ASP F 436 53.45 3.68 -15.13
C ASP F 436 54.64 4.40 -14.49
N THR F 437 55.52 3.67 -13.82
CA THR F 437 56.78 4.19 -13.30
C THR F 437 57.93 3.45 -13.99
N GLN F 438 59.15 3.82 -13.64
CA GLN F 438 60.33 3.24 -14.28
C GLN F 438 61.45 3.03 -13.27
N SER F 439 62.14 1.90 -13.38
CA SER F 439 63.34 1.62 -12.62
C SER F 439 64.58 1.95 -13.45
N ILE F 440 65.64 2.38 -12.79
CA ILE F 440 66.89 2.75 -13.45
C ILE F 440 68.06 2.25 -12.63
N GLN F 441 69.05 1.66 -13.32
CA GLN F 441 70.18 1.05 -12.63
C GLN F 441 71.45 1.18 -13.45
N LYS F 442 72.57 1.33 -12.74
CA LYS F 442 73.87 1.57 -13.35
C LYS F 442 74.57 0.24 -13.60
N VAL F 443 74.93 -0.02 -14.86
CA VAL F 443 75.61 -1.25 -15.26
C VAL F 443 76.83 -0.88 -16.10
N GLN F 444 77.55 -1.90 -16.56
CA GLN F 444 78.73 -1.71 -17.39
C GLN F 444 78.34 -1.55 -18.85
N ALA F 445 79.07 -0.68 -19.55
CA ALA F 445 78.75 -0.38 -20.94
C ALA F 445 79.94 -0.43 -21.89
N GLU F 446 81.15 -0.66 -21.39
CA GLU F 446 82.35 -0.80 -22.22
C GLU F 446 82.94 -2.17 -21.99
N PHE F 447 83.09 -2.95 -23.07
CA PHE F 447 83.60 -4.31 -22.99
C PHE F 447 84.82 -4.44 -23.89
N ASP F 448 85.89 -5.01 -23.35
CA ASP F 448 87.10 -5.18 -24.14
C ASP F 448 87.77 -6.53 -24.02
N SER F 449 87.43 -7.36 -23.04
CA SER F 449 88.07 -8.66 -22.84
C SER F 449 87.05 -9.76 -23.07
N PHE F 450 87.44 -10.74 -23.89
CA PHE F 450 86.53 -11.81 -24.27
C PHE F 450 87.21 -13.18 -24.17
N TRP F 456 88.29 -27.86 -28.36
CA TRP F 456 86.93 -28.37 -28.48
C TRP F 456 86.94 -29.89 -28.66
N SER F 457 85.97 -30.56 -28.04
CA SER F 457 85.82 -32.00 -28.13
C SER F 457 84.40 -32.34 -28.55
N SER F 458 84.26 -33.44 -29.30
CA SER F 458 82.95 -33.80 -29.84
C SER F 458 81.96 -34.12 -28.72
N GLY F 459 82.38 -34.94 -27.76
CA GLY F 459 81.53 -35.29 -26.63
C GLY F 459 80.51 -36.37 -26.89
N LEU F 460 80.35 -36.82 -28.13
CA LEU F 460 79.39 -37.85 -28.45
C LEU F 460 79.95 -39.23 -28.13
N SER F 461 79.09 -40.23 -28.22
CA SER F 461 79.45 -41.61 -27.90
C SER F 461 79.07 -42.52 -29.05
N ILE F 462 79.78 -43.65 -29.16
CA ILE F 462 79.52 -44.60 -30.23
C ILE F 462 78.11 -45.19 -30.16
N PRO F 463 77.62 -45.67 -29.00
CA PRO F 463 76.25 -46.22 -28.98
C PRO F 463 75.18 -45.24 -29.41
N LEU F 464 75.32 -43.97 -29.03
CA LEU F 464 74.32 -42.97 -29.43
C LEU F 464 74.35 -42.75 -30.94
N ARG F 465 75.54 -42.67 -31.53
CA ARG F 465 75.65 -42.52 -32.97
C ARG F 465 75.05 -43.71 -33.70
N THR F 466 75.34 -44.93 -33.21
CA THR F 466 74.76 -46.12 -33.82
C THR F 466 73.24 -46.13 -33.71
N ARG F 467 72.72 -45.73 -32.56
CA ARG F 467 71.27 -45.67 -32.38
C ARG F 467 70.63 -44.69 -33.34
N ILE F 468 71.23 -43.51 -33.50
CA ILE F 468 70.70 -42.53 -34.43
C ILE F 468 70.75 -43.05 -35.86
N LYS F 469 71.87 -43.67 -36.24
CA LYS F 469 72.00 -44.22 -37.59
C LYS F 469 70.93 -45.27 -37.86
N TRP F 470 70.70 -46.16 -36.89
CA TRP F 470 69.67 -47.18 -37.05
C TRP F 470 68.27 -46.56 -37.10
N LEU F 471 68.03 -45.53 -36.30
CA LEU F 471 66.72 -44.88 -36.29
C LEU F 471 66.42 -44.23 -37.63
N LEU F 472 67.41 -43.58 -38.25
CA LEU F 472 67.18 -42.98 -39.56
C LEU F 472 66.89 -44.04 -40.61
N SER F 473 67.60 -45.15 -40.57
CA SER F 473 67.38 -46.23 -41.53
C SER F 473 66.11 -47.00 -41.21
N ASP G 2 35.19 -43.93 -30.93
CA ASP G 2 35.72 -42.64 -30.50
C ASP G 2 35.57 -42.38 -28.99
N PRO G 3 34.37 -42.46 -28.43
CA PRO G 3 34.22 -42.21 -27.00
C PRO G 3 34.67 -43.41 -26.17
N VAL G 4 34.97 -43.12 -24.90
CA VAL G 4 35.43 -44.13 -23.95
C VAL G 4 34.39 -44.24 -22.85
N TYR G 5 34.05 -45.47 -22.47
CA TYR G 5 32.99 -45.75 -21.52
C TYR G 5 33.60 -46.16 -20.18
N VAL G 6 33.04 -45.63 -19.10
CA VAL G 6 33.53 -45.91 -17.75
C VAL G 6 32.38 -46.40 -16.89
N ASP G 7 32.71 -47.26 -15.94
CA ASP G 7 31.72 -47.96 -15.13
C ASP G 7 31.47 -47.20 -13.82
N ILE G 8 30.92 -46.00 -13.97
CA ILE G 8 30.53 -45.18 -12.83
C ILE G 8 29.13 -44.63 -13.08
N ASP G 9 28.49 -44.19 -12.01
CA ASP G 9 27.13 -43.66 -12.11
C ASP G 9 27.13 -42.32 -12.83
N ALA G 10 26.04 -42.05 -13.54
CA ALA G 10 25.94 -40.87 -14.38
C ALA G 10 25.80 -39.57 -13.59
N ASP G 11 25.58 -39.64 -12.29
CA ASP G 11 25.40 -38.45 -11.47
C ASP G 11 26.59 -38.14 -10.58
N SER G 12 27.67 -38.91 -10.67
CA SER G 12 28.80 -38.70 -9.78
C SER G 12 29.56 -37.42 -10.15
N ALA G 13 30.13 -36.78 -9.14
CA ALA G 13 30.94 -35.60 -9.34
C ALA G 13 32.36 -35.91 -9.78
N PHE G 14 32.78 -37.17 -9.68
CA PHE G 14 34.12 -37.53 -10.13
C PHE G 14 34.25 -37.34 -11.64
N LEU G 15 33.16 -37.54 -12.39
CA LEU G 15 33.21 -37.47 -13.84
C LEU G 15 33.81 -36.16 -14.31
N LYS G 16 33.33 -35.05 -13.75
CA LYS G 16 33.91 -33.73 -14.02
C LYS G 16 35.43 -33.80 -14.02
N ALA G 17 36.01 -34.23 -12.90
CA ALA G 17 37.46 -34.26 -12.77
C ALA G 17 38.11 -35.10 -13.85
N LEU G 18 37.50 -36.25 -14.19
CA LEU G 18 38.07 -37.09 -15.23
C LEU G 18 38.14 -36.34 -16.54
N GLN G 19 37.08 -35.61 -16.90
CA GLN G 19 37.10 -34.87 -18.15
C GLN G 19 38.17 -33.79 -18.14
N ARG G 20 38.56 -33.32 -16.96
CA ARG G 20 39.62 -32.33 -16.88
C ARG G 20 41.00 -32.96 -17.05
N ALA G 21 41.14 -34.25 -16.70
CA ALA G 21 42.45 -34.89 -16.76
C ALA G 21 42.75 -35.49 -18.13
N TYR G 22 41.72 -35.80 -18.92
CA TYR G 22 41.88 -36.40 -20.24
C TYR G 22 41.08 -35.56 -21.22
N PRO G 23 41.60 -34.40 -21.63
CA PRO G 23 40.85 -33.52 -22.54
C PRO G 23 40.85 -33.99 -23.99
N MET G 24 41.58 -35.04 -24.32
CA MET G 24 41.63 -35.56 -25.68
C MET G 24 40.65 -36.70 -25.91
N PHE G 25 39.75 -36.96 -24.97
CA PHE G 25 38.80 -38.06 -25.07
C PHE G 25 37.40 -37.54 -24.81
N GLU G 26 36.42 -38.42 -25.02
CA GLU G 26 35.02 -38.17 -24.68
C GLU G 26 34.59 -39.27 -23.72
N VAL G 27 34.26 -38.90 -22.49
CA VAL G 27 34.02 -39.84 -21.41
C VAL G 27 32.52 -40.02 -21.23
N GLU G 28 32.05 -41.26 -21.23
CA GLU G 28 30.64 -41.57 -21.09
C GLU G 28 30.43 -42.55 -19.95
N PRO G 29 29.49 -42.28 -19.05
CA PRO G 29 29.22 -43.22 -17.94
C PRO G 29 28.30 -44.33 -18.39
N ARG G 30 28.66 -45.57 -18.06
CA ARG G 30 27.84 -46.74 -18.38
C ARG G 30 28.05 -47.76 -17.25
N GLN G 31 27.17 -47.72 -16.26
CA GLN G 31 27.36 -48.48 -15.03
C GLN G 31 26.72 -49.86 -15.14
N VAL G 32 27.49 -50.89 -14.79
CA VAL G 32 27.01 -52.26 -14.87
C VAL G 32 27.20 -53.04 -13.58
N THR G 33 28.07 -52.63 -12.68
CA THR G 33 28.34 -53.34 -11.44
C THR G 33 28.33 -52.37 -10.27
N PRO G 34 28.07 -52.85 -9.06
CA PRO G 34 28.05 -51.96 -7.89
C PRO G 34 29.42 -51.78 -7.23
N ASN G 35 30.49 -52.11 -7.96
CA ASN G 35 31.86 -52.06 -7.46
C ASN G 35 32.12 -50.81 -6.62
N ASP G 36 32.78 -51.01 -5.47
CA ASP G 36 33.07 -49.91 -4.55
C ASP G 36 34.45 -49.31 -4.76
N ALA G 37 35.21 -49.79 -5.74
CA ALA G 37 36.48 -49.19 -6.11
C ALA G 37 36.44 -48.78 -7.58
N ALA G 38 35.35 -48.12 -7.98
CA ALA G 38 35.11 -47.85 -9.40
C ALA G 38 36.02 -46.76 -9.94
N ASN G 39 36.27 -45.71 -9.16
CA ASN G 39 37.01 -44.56 -9.66
C ASN G 39 38.44 -44.93 -10.04
N ALA G 40 39.09 -45.74 -9.20
CA ALA G 40 40.46 -46.16 -9.50
C ALA G 40 40.51 -46.99 -10.79
N ARG G 41 39.53 -47.87 -10.97
CA ARG G 41 39.47 -48.67 -12.18
C ARG G 41 39.28 -47.79 -13.42
N ALA G 42 38.41 -46.78 -13.31
CA ALA G 42 38.21 -45.88 -14.44
C ALA G 42 39.48 -45.12 -14.78
N PHE G 43 40.19 -44.63 -13.76
CA PHE G 43 41.45 -43.92 -14.02
C PHE G 43 42.46 -44.82 -14.71
N SER G 44 42.60 -46.06 -14.24
CA SER G 44 43.55 -46.97 -14.87
C SER G 44 43.17 -47.28 -16.32
N HIS G 45 41.89 -47.48 -16.58
CA HIS G 45 41.41 -47.74 -17.92
C HIS G 45 41.78 -46.59 -18.87
N LEU G 46 41.49 -45.35 -18.45
CA LEU G 46 41.81 -44.22 -19.31
C LEU G 46 43.30 -44.04 -19.49
N ALA G 47 44.09 -44.34 -18.44
CA ALA G 47 45.54 -44.22 -18.56
C ALA G 47 46.09 -45.19 -19.61
N ILE G 48 45.60 -46.42 -19.60
CA ILE G 48 46.05 -47.39 -20.59
C ILE G 48 45.64 -46.96 -21.99
N LYS G 49 44.42 -46.43 -22.14
CA LYS G 49 44.00 -45.92 -23.45
C LYS G 49 44.95 -44.84 -23.96
N LEU G 50 45.30 -43.88 -23.09
CA LEU G 50 46.18 -42.79 -23.51
C LEU G 50 47.57 -43.31 -23.86
N ILE G 51 48.12 -44.21 -23.05
CA ILE G 51 49.45 -44.73 -23.33
C ILE G 51 49.47 -45.45 -24.67
N GLU G 52 48.44 -46.25 -24.95
CA GLU G 52 48.37 -46.93 -26.23
C GLU G 52 48.27 -45.93 -27.38
N GLN G 53 47.46 -44.87 -27.21
CA GLN G 53 47.38 -43.86 -28.26
C GLN G 53 48.68 -43.12 -28.46
N GLU G 54 49.59 -43.13 -27.48
CA GLU G 54 50.84 -42.41 -27.63
C GLU G 54 51.82 -43.15 -28.55
N ILE G 55 52.24 -44.36 -28.15
CA ILE G 55 53.31 -45.05 -28.86
C ILE G 55 52.82 -45.60 -30.19
N ASP G 56 53.76 -45.84 -31.08
CA ASP G 56 53.45 -46.30 -32.43
C ASP G 56 53.21 -47.81 -32.46
N PRO G 57 52.50 -48.31 -33.48
CA PRO G 57 52.25 -49.75 -33.57
C PRO G 57 53.51 -50.55 -33.88
N ASP G 58 53.33 -51.86 -34.11
CA ASP G 58 54.40 -52.79 -34.48
C ASP G 58 55.58 -52.75 -33.52
N SER G 59 55.36 -52.26 -32.31
CA SER G 59 56.35 -52.32 -31.24
C SER G 59 55.88 -53.31 -30.19
N THR G 60 56.77 -54.21 -29.79
CA THR G 60 56.47 -55.16 -28.74
C THR G 60 56.58 -54.47 -27.38
N ILE G 61 55.64 -54.77 -26.49
CA ILE G 61 55.54 -54.10 -25.20
C ILE G 61 55.66 -55.16 -24.10
N LEU G 62 56.60 -54.97 -23.19
CA LEU G 62 56.70 -55.81 -22.00
C LEU G 62 55.67 -55.36 -20.98
N ASP G 63 54.95 -56.30 -20.39
CA ASP G 63 53.97 -56.02 -19.35
C ASP G 63 54.43 -56.70 -18.08
N ILE G 64 54.97 -55.91 -17.15
CA ILE G 64 55.61 -56.43 -15.95
C ILE G 64 54.55 -56.65 -14.87
N GLY G 65 54.54 -57.86 -14.29
CA GLY G 65 53.59 -58.20 -13.26
C GLY G 65 52.16 -58.08 -13.76
N SER G 66 51.86 -58.72 -14.88
CA SER G 66 50.62 -58.46 -15.59
C SER G 66 49.52 -59.43 -15.18
N ALA G 67 48.29 -59.04 -15.50
CA ALA G 67 47.12 -59.92 -15.51
C ALA G 67 46.74 -60.13 -16.97
N PRO G 68 47.03 -61.30 -17.55
CA PRO G 68 46.93 -61.43 -19.01
C PRO G 68 45.54 -61.19 -19.57
N ALA G 69 44.49 -61.48 -18.80
CA ALA G 69 43.13 -61.36 -19.32
C ALA G 69 42.78 -59.95 -19.75
N ARG G 70 43.50 -58.94 -19.24
CA ARG G 70 43.24 -57.56 -19.63
C ARG G 70 43.77 -57.22 -21.01
N ARG G 71 44.70 -57.99 -21.55
CA ARG G 71 45.34 -57.67 -22.81
C ARG G 71 44.84 -58.53 -23.97
N MET G 72 43.78 -59.30 -23.77
CA MET G 72 43.37 -60.26 -24.79
C MET G 72 42.80 -59.57 -26.03
N MET G 73 41.89 -58.63 -25.84
CA MET G 73 41.18 -58.00 -26.94
C MET G 73 41.92 -56.79 -27.53
N SER G 74 43.22 -56.69 -27.27
CA SER G 74 44.01 -55.58 -27.80
C SER G 74 44.73 -55.99 -29.07
N ASP G 75 44.92 -55.02 -29.96
CA ASP G 75 45.57 -55.27 -31.24
C ASP G 75 47.08 -55.04 -31.21
N ARG G 76 47.62 -54.53 -30.10
CA ARG G 76 49.05 -54.34 -29.99
C ARG G 76 49.73 -55.66 -29.64
N LYS G 77 51.05 -55.65 -29.56
CA LYS G 77 51.84 -56.83 -29.26
C LYS G 77 52.33 -56.73 -27.82
N TYR G 78 51.84 -57.64 -26.98
CA TYR G 78 52.16 -57.66 -25.56
C TYR G 78 52.89 -58.95 -25.21
N HIS G 79 53.94 -58.83 -24.40
CA HIS G 79 54.61 -59.98 -23.79
C HIS G 79 54.43 -59.84 -22.28
N CYS G 80 53.66 -60.74 -21.69
CA CYS G 80 53.29 -60.65 -20.28
C CYS G 80 54.27 -61.42 -19.43
N VAL G 81 54.87 -60.75 -18.45
CA VAL G 81 55.81 -61.38 -17.52
C VAL G 81 55.02 -61.74 -16.27
N CYS G 82 54.76 -63.04 -16.08
CA CYS G 82 53.83 -63.51 -15.07
C CYS G 82 54.45 -64.61 -14.20
N PRO G 83 55.17 -64.24 -13.16
CA PRO G 83 55.52 -65.22 -12.13
C PRO G 83 54.30 -65.48 -11.25
N MET G 84 54.47 -66.31 -10.23
CA MET G 84 53.40 -66.60 -9.28
C MET G 84 53.98 -66.38 -7.88
N ARG G 85 53.95 -65.14 -7.42
CA ARG G 85 54.49 -64.78 -6.12
C ARG G 85 53.44 -64.32 -5.12
N SER G 86 52.25 -63.97 -5.59
CA SER G 86 51.16 -63.57 -4.71
C SER G 86 50.07 -64.64 -4.72
N ALA G 87 49.14 -64.51 -3.79
CA ALA G 87 48.09 -65.50 -3.62
C ALA G 87 46.92 -65.31 -4.57
N GLU G 88 46.90 -64.25 -5.37
CA GLU G 88 45.82 -63.99 -6.30
C GLU G 88 46.15 -64.36 -7.73
N ASP G 89 47.32 -64.97 -7.96
CA ASP G 89 47.79 -65.25 -9.31
C ASP G 89 47.15 -66.49 -9.94
N PRO G 90 47.01 -67.61 -9.23
CA PRO G 90 46.37 -68.78 -9.86
C PRO G 90 44.97 -68.49 -10.38
N GLU G 91 44.19 -67.70 -9.66
CA GLU G 91 42.86 -67.36 -10.13
C GLU G 91 42.93 -66.52 -11.41
N ARG G 92 43.89 -65.61 -11.48
CA ARG G 92 44.05 -64.81 -12.70
C ARG G 92 44.42 -65.69 -13.88
N LEU G 93 45.32 -66.65 -13.68
CA LEU G 93 45.70 -67.56 -14.76
C LEU G 93 44.51 -68.40 -15.21
N ALA G 94 43.73 -68.92 -14.25
CA ALA G 94 42.56 -69.72 -14.59
C ALA G 94 41.54 -68.89 -15.36
N ASN G 95 41.33 -67.64 -14.94
CA ASN G 95 40.40 -66.77 -15.65
C ASN G 95 40.88 -66.49 -17.06
N TYR G 96 42.19 -66.30 -17.24
CA TYR G 96 42.74 -66.10 -18.58
C TYR G 96 42.47 -67.31 -19.46
N ALA G 97 42.73 -68.51 -18.95
CA ALA G 97 42.50 -69.72 -19.74
C ALA G 97 41.03 -69.88 -20.08
N ARG G 98 40.14 -69.60 -19.12
CA ARG G 98 38.72 -69.71 -19.35
C ARG G 98 38.25 -68.74 -20.43
N LYS G 99 38.69 -67.48 -20.35
CA LYS G 99 38.29 -66.49 -21.33
C LYS G 99 38.86 -66.82 -22.71
N LEU G 100 40.07 -67.37 -22.76
CA LEU G 100 40.63 -67.81 -24.04
C LEU G 100 39.79 -68.91 -24.65
N ALA G 101 39.39 -69.89 -23.84
CA ALA G 101 38.59 -71.00 -24.35
C ALA G 101 37.21 -70.53 -24.81
N SER G 102 36.62 -69.57 -24.11
CA SER G 102 35.24 -69.17 -24.38
C SER G 102 35.10 -68.61 -25.80
N ALA G 103 36.00 -67.72 -26.20
CA ALA G 103 35.94 -67.08 -27.52
C ALA G 103 37.10 -67.64 -28.34
N ALA G 104 36.85 -68.77 -29.01
CA ALA G 104 37.88 -69.42 -29.80
C ALA G 104 37.65 -69.35 -31.30
N GLY G 105 36.42 -69.09 -31.74
CA GLY G 105 36.14 -68.99 -33.16
C GLY G 105 35.33 -67.77 -33.52
N LYS G 106 34.80 -67.09 -32.51
CA LYS G 106 33.99 -65.90 -32.73
C LYS G 106 34.83 -64.65 -32.97
N VAL G 107 36.07 -64.61 -32.48
CA VAL G 107 36.98 -63.48 -32.68
C VAL G 107 38.15 -63.98 -33.51
N LEU G 108 38.37 -63.34 -34.66
CA LEU G 108 39.40 -63.76 -35.59
C LEU G 108 40.43 -62.70 -35.92
N ASP G 109 40.18 -61.44 -35.57
CA ASP G 109 41.14 -60.37 -35.84
C ASP G 109 42.30 -60.35 -34.85
N ARG G 110 42.24 -61.17 -33.79
CA ARG G 110 43.28 -61.24 -32.79
C ARG G 110 43.98 -62.59 -32.85
N ASN G 111 45.19 -62.64 -32.30
CA ASN G 111 46.03 -63.83 -32.35
C ASN G 111 45.58 -64.84 -31.27
N ILE G 112 44.30 -65.20 -31.33
CA ILE G 112 43.74 -66.08 -30.31
C ILE G 112 44.36 -67.47 -30.39
N SER G 113 44.44 -68.03 -31.60
CA SER G 113 45.01 -69.36 -31.76
C SER G 113 46.48 -69.38 -31.36
N GLY G 114 47.24 -68.34 -31.72
CA GLY G 114 48.62 -68.25 -31.28
C GLY G 114 48.73 -68.14 -29.78
N LYS G 115 47.83 -67.39 -29.15
CA LYS G 115 47.85 -67.27 -27.71
C LYS G 115 47.60 -68.61 -27.04
N ILE G 116 46.63 -69.38 -27.56
CA ILE G 116 46.36 -70.70 -27.01
C ILE G 116 47.57 -71.61 -27.19
N GLY G 117 48.20 -71.56 -28.37
CA GLY G 117 49.39 -72.37 -28.58
C GLY G 117 50.51 -72.03 -27.64
N ASP G 118 50.74 -70.73 -27.40
CA ASP G 118 51.78 -70.32 -26.48
C ASP G 118 51.47 -70.77 -25.06
N LEU G 119 50.22 -70.65 -24.63
CA LEU G 119 49.85 -71.10 -23.30
C LEU G 119 50.08 -72.60 -23.14
N GLN G 120 49.69 -73.38 -24.15
CA GLN G 120 49.90 -74.83 -24.08
C GLN G 120 51.38 -75.18 -24.07
N ALA G 121 52.18 -74.47 -24.87
CA ALA G 121 53.62 -74.72 -24.88
C ALA G 121 54.25 -74.42 -23.53
N VAL G 122 53.84 -73.31 -22.90
CA VAL G 122 54.39 -72.97 -21.59
C VAL G 122 53.94 -74.00 -20.55
N MET G 123 52.71 -74.48 -20.66
CA MET G 123 52.24 -75.52 -19.74
C MET G 123 53.06 -76.80 -19.90
N ALA G 124 53.38 -77.18 -21.14
CA ALA G 124 54.14 -78.40 -21.36
C ALA G 124 55.55 -78.29 -20.77
N VAL G 125 56.26 -77.22 -21.11
CA VAL G 125 57.59 -76.96 -20.59
C VAL G 125 57.58 -75.57 -19.96
N PRO G 126 57.93 -75.42 -18.69
CA PRO G 126 57.74 -74.12 -18.01
C PRO G 126 58.89 -73.14 -18.14
N ASP G 127 60.02 -73.51 -18.72
CA ASP G 127 61.18 -72.63 -18.81
C ASP G 127 61.45 -72.20 -20.25
N THR G 128 60.40 -71.90 -21.00
CA THR G 128 60.52 -71.48 -22.38
C THR G 128 59.83 -70.13 -22.56
N GLU G 129 60.41 -69.30 -23.43
CA GLU G 129 59.84 -68.00 -23.75
C GLU G 129 59.04 -68.09 -25.04
N THR G 130 57.81 -67.59 -25.00
CA THR G 130 56.94 -67.52 -26.15
C THR G 130 56.67 -66.07 -26.49
N PRO G 131 56.14 -65.77 -27.68
CA PRO G 131 55.91 -64.36 -28.04
C PRO G 131 54.95 -63.64 -27.12
N THR G 132 54.10 -64.33 -26.36
CA THR G 132 53.08 -63.67 -25.56
C THR G 132 53.02 -64.13 -24.11
N PHE G 133 53.93 -64.98 -23.65
CA PHE G 133 53.82 -65.48 -22.29
C PHE G 133 55.16 -66.02 -21.81
N CYS G 134 55.40 -65.86 -20.51
CA CYS G 134 56.55 -66.46 -19.84
C CYS G 134 56.27 -66.49 -18.35
N LEU G 135 57.09 -67.24 -17.62
CA LEU G 135 56.90 -67.45 -16.19
C LEU G 135 58.11 -66.99 -15.38
N HIS G 136 58.88 -66.05 -15.89
CA HIS G 136 60.04 -65.53 -15.20
C HIS G 136 59.71 -64.22 -14.49
N THR G 137 60.68 -63.70 -13.75
CA THR G 137 60.53 -62.42 -13.09
C THR G 137 61.03 -61.30 -14.01
N ASP G 138 61.15 -60.09 -13.48
CA ASP G 138 61.57 -58.97 -14.31
C ASP G 138 63.05 -59.03 -14.63
N VAL G 139 63.87 -59.58 -13.72
CA VAL G 139 65.31 -59.62 -13.90
C VAL G 139 65.78 -60.93 -14.50
N SER G 140 64.87 -61.76 -15.01
CA SER G 140 65.27 -63.01 -15.62
C SER G 140 64.56 -63.32 -16.93
N CYS G 141 63.62 -62.50 -17.37
CA CYS G 141 63.02 -62.69 -18.68
C CYS G 141 64.03 -62.33 -19.77
N ARG G 142 64.05 -63.13 -20.84
CA ARG G 142 65.02 -62.98 -21.90
C ARG G 142 64.48 -62.25 -23.12
N GLN G 143 63.20 -61.89 -23.14
CA GLN G 143 62.62 -61.24 -24.29
C GLN G 143 63.20 -59.84 -24.48
N ARG G 144 63.37 -59.44 -25.73
CA ARG G 144 63.88 -58.11 -26.08
C ARG G 144 62.74 -57.28 -26.66
N ALA G 145 62.63 -56.04 -26.21
CA ALA G 145 61.56 -55.15 -26.65
C ALA G 145 62.06 -53.72 -26.63
N ASP G 146 61.15 -52.77 -26.71
CA ASP G 146 61.50 -51.35 -26.65
C ASP G 146 60.63 -50.53 -25.71
N VAL G 147 59.53 -51.07 -25.19
CA VAL G 147 58.66 -50.36 -24.26
C VAL G 147 58.32 -51.30 -23.11
N ALA G 148 58.25 -50.75 -21.89
CA ALA G 148 57.86 -51.48 -20.71
C ALA G 148 56.77 -50.71 -19.98
N ILE G 149 55.89 -51.43 -19.31
CA ILE G 149 54.75 -50.83 -18.62
C ILE G 149 54.60 -51.44 -17.23
N TYR G 150 54.43 -50.60 -16.22
CA TYR G 150 54.16 -51.02 -14.85
C TYR G 150 52.79 -50.47 -14.45
N GLN G 151 51.86 -51.34 -14.11
CA GLN G 151 50.51 -50.94 -13.73
C GLN G 151 50.23 -51.43 -12.32
N ASP G 152 50.16 -50.50 -11.37
CA ASP G 152 49.89 -50.81 -9.96
C ASP G 152 50.88 -51.83 -9.41
N VAL G 153 52.16 -51.64 -9.71
CA VAL G 153 53.22 -52.52 -9.24
C VAL G 153 54.01 -51.75 -8.19
N TYR G 154 53.97 -52.22 -6.94
CA TYR G 154 54.64 -51.54 -5.83
C TYR G 154 55.69 -52.41 -5.16
N ALA G 155 56.07 -53.55 -5.75
CA ALA G 155 56.86 -54.55 -5.04
C ALA G 155 58.23 -54.78 -5.66
N VAL G 156 58.77 -53.81 -6.40
CA VAL G 156 60.10 -53.95 -6.98
C VAL G 156 60.92 -52.71 -6.65
N HIS G 157 62.24 -52.89 -6.67
CA HIS G 157 63.18 -51.80 -6.49
C HIS G 157 63.41 -51.13 -7.84
N ALA G 158 63.05 -49.86 -7.94
CA ALA G 158 62.94 -49.22 -9.25
C ALA G 158 64.26 -49.13 -10.02
N PRO G 159 65.37 -48.66 -9.44
CA PRO G 159 66.60 -48.58 -10.25
C PRO G 159 67.09 -49.91 -10.79
N THR G 160 67.05 -50.97 -9.99
CA THR G 160 67.53 -52.28 -10.46
C THR G 160 66.65 -52.80 -11.60
N SER G 161 65.33 -52.69 -11.43
CA SER G 161 64.41 -53.13 -12.47
C SER G 161 64.61 -52.34 -13.75
N LEU G 162 64.77 -51.02 -13.63
CA LEU G 162 64.95 -50.20 -14.82
C LEU G 162 66.26 -50.51 -15.52
N TYR G 163 67.33 -50.77 -14.76
CA TYR G 163 68.60 -51.14 -15.38
C TYR G 163 68.49 -52.45 -16.14
N HIS G 164 67.83 -53.45 -15.54
CA HIS G 164 67.70 -54.72 -16.23
C HIS G 164 66.77 -54.61 -17.43
N GLN G 165 65.85 -53.65 -17.41
CA GLN G 165 65.04 -53.39 -18.60
C GLN G 165 65.86 -52.69 -19.68
N ALA G 166 66.77 -51.81 -19.28
CA ALA G 166 67.53 -51.01 -20.24
C ALA G 166 68.63 -51.81 -20.93
N ILE G 167 69.24 -52.77 -20.25
CA ILE G 167 70.32 -53.52 -20.88
C ILE G 167 69.77 -54.45 -21.95
N LYS G 168 68.46 -54.46 -22.14
CA LYS G 168 67.81 -55.29 -23.15
C LYS G 168 67.25 -54.48 -24.31
N GLY G 169 67.51 -53.19 -24.37
CA GLY G 169 67.08 -52.37 -25.48
C GLY G 169 65.80 -51.58 -25.29
N VAL G 170 65.29 -51.49 -24.07
CA VAL G 170 64.09 -50.71 -23.79
C VAL G 170 64.47 -49.24 -23.67
N ARG G 171 63.71 -48.38 -24.34
CA ARG G 171 63.98 -46.95 -24.35
C ARG G 171 62.87 -46.11 -23.73
N LEU G 172 61.76 -46.71 -23.33
CA LEU G 172 60.63 -45.97 -22.80
C LEU G 172 59.92 -46.84 -21.76
N ALA G 173 59.42 -46.20 -20.71
CA ALA G 173 58.73 -46.92 -19.64
C ALA G 173 57.63 -46.02 -19.08
N TYR G 174 56.61 -46.66 -18.50
CA TYR G 174 55.50 -45.95 -17.89
C TYR G 174 55.19 -46.57 -16.53
N TRP G 175 54.60 -45.75 -15.65
CA TRP G 175 54.26 -46.18 -14.31
C TRP G 175 52.95 -45.53 -13.90
N VAL G 176 52.00 -46.35 -13.45
CA VAL G 176 50.70 -45.90 -12.99
C VAL G 176 50.51 -46.36 -11.55
N GLY G 177 50.10 -45.45 -10.68
CA GLY G 177 49.92 -45.80 -9.29
C GLY G 177 49.57 -44.58 -8.46
N PHE G 178 49.57 -44.79 -7.14
CA PHE G 178 49.27 -43.73 -6.19
C PHE G 178 50.49 -42.83 -5.99
N ASP G 179 50.23 -41.57 -5.68
CA ASP G 179 51.30 -40.61 -5.43
C ASP G 179 52.11 -40.99 -4.21
N THR G 180 53.44 -40.84 -4.30
CA THR G 180 54.35 -41.24 -3.25
C THR G 180 54.76 -40.10 -2.33
N THR G 181 54.20 -38.91 -2.53
CA THR G 181 54.58 -37.77 -1.69
C THR G 181 54.28 -37.96 -0.21
N PRO G 182 53.13 -38.48 0.22
CA PRO G 182 52.90 -38.63 1.67
C PRO G 182 53.89 -39.53 2.36
N PHE G 183 54.59 -40.40 1.63
CA PHE G 183 55.58 -41.27 2.24
C PHE G 183 56.97 -40.65 2.30
N MET G 184 57.22 -39.59 1.55
CA MET G 184 58.46 -38.84 1.71
C MET G 184 58.40 -37.86 2.87
N TYR G 185 57.20 -37.56 3.36
CA TYR G 185 57.02 -36.77 4.56
C TYR G 185 56.98 -37.62 5.82
N ASN G 186 56.94 -38.95 5.69
CA ASN G 186 57.06 -39.88 6.81
C ASN G 186 55.88 -39.77 7.78
N ALA G 187 54.66 -39.89 7.25
CA ALA G 187 53.46 -39.83 8.06
C ALA G 187 53.12 -41.20 8.64
N MET G 188 52.23 -41.20 9.63
CA MET G 188 51.77 -42.41 10.30
C MET G 188 50.59 -43.05 9.58
N ALA G 189 49.63 -42.25 9.13
CA ALA G 189 48.43 -42.74 8.49
C ALA G 189 47.92 -41.67 7.53
N GLY G 190 47.00 -42.06 6.65
CA GLY G 190 46.51 -41.07 5.70
C GLY G 190 45.37 -41.59 4.85
N ALA G 191 44.84 -40.70 4.02
CA ALA G 191 43.67 -40.97 3.21
C ALA G 191 43.84 -40.43 1.80
N TYR G 192 43.26 -41.15 0.84
CA TYR G 192 42.96 -40.64 -0.50
C TYR G 192 41.45 -40.66 -0.60
N PRO G 193 40.78 -39.54 -0.31
CA PRO G 193 39.32 -39.57 -0.11
C PRO G 193 38.51 -39.67 -1.39
N SER G 194 39.02 -39.21 -2.52
CA SER G 194 38.27 -39.32 -3.77
C SER G 194 38.20 -40.75 -4.29
N TYR G 195 39.13 -41.60 -3.87
CA TYR G 195 39.18 -42.99 -4.31
C TYR G 195 38.74 -43.95 -3.22
N SER G 196 38.21 -43.44 -2.11
CA SER G 196 37.77 -44.26 -0.97
C SER G 196 38.91 -45.13 -0.45
N THR G 197 40.08 -44.53 -0.27
CA THR G 197 41.25 -45.29 0.16
C THR G 197 41.78 -44.73 1.47
N ASN G 198 42.09 -45.63 2.41
CA ASN G 198 42.75 -45.27 3.65
C ASN G 198 43.94 -46.19 3.87
N TRP G 199 44.99 -45.67 4.48
CA TRP G 199 46.16 -46.47 4.80
C TRP G 199 46.66 -46.10 6.19
N ALA G 200 47.26 -47.07 6.87
CA ALA G 200 47.77 -46.85 8.21
C ALA G 200 48.99 -47.74 8.46
N ASP G 201 49.87 -47.27 9.33
CA ASP G 201 50.98 -48.06 9.82
C ASP G 201 50.47 -49.22 10.68
N GLU G 202 51.24 -50.31 10.70
CA GLU G 202 50.81 -51.52 11.39
C GLU G 202 50.70 -51.33 12.90
N GLN G 203 51.32 -50.30 13.46
CA GLN G 203 51.32 -50.10 14.90
C GLN G 203 50.12 -49.32 15.42
N VAL G 204 49.30 -48.75 14.54
CA VAL G 204 48.18 -47.93 14.99
C VAL G 204 46.86 -48.52 14.50
N LEU G 205 46.84 -49.84 14.25
CA LEU G 205 45.63 -50.49 13.78
C LEU G 205 44.54 -50.59 14.84
N LYS G 206 44.85 -50.27 16.09
CA LYS G 206 43.87 -50.33 17.17
C LYS G 206 43.49 -48.95 17.68
N ALA G 207 43.57 -47.95 16.81
CA ALA G 207 43.18 -46.59 17.18
C ALA G 207 41.65 -46.48 17.14
N LYS G 208 41.12 -45.28 17.28
CA LYS G 208 39.68 -45.08 17.36
C LYS G 208 39.11 -44.17 16.29
N ASN G 209 39.83 -43.13 15.86
CA ASN G 209 39.22 -42.08 15.05
C ASN G 209 39.99 -41.81 13.76
N ILE G 210 40.68 -42.80 13.22
CA ILE G 210 41.28 -42.70 11.90
C ILE G 210 40.45 -43.55 10.93
N GLY G 211 40.78 -43.46 9.65
CA GLY G 211 39.98 -44.10 8.63
C GLY G 211 39.96 -45.62 8.72
N LEU G 212 41.10 -46.22 9.04
CA LEU G 212 41.26 -47.68 9.05
C LEU G 212 41.72 -48.13 10.42
N CYS G 213 40.78 -48.57 11.27
CA CYS G 213 41.11 -48.98 12.63
C CYS G 213 39.92 -49.73 13.21
N SER G 214 40.12 -50.30 14.40
CA SER G 214 39.07 -50.99 15.13
C SER G 214 39.46 -51.10 16.60
N THR G 215 38.51 -50.87 17.50
CA THR G 215 38.80 -50.87 18.93
C THR G 215 37.59 -51.43 19.68
N ASP G 216 37.71 -51.52 21.01
CA ASP G 216 36.73 -52.12 21.89
C ASP G 216 36.19 -51.10 22.89
N LEU G 217 35.28 -51.56 23.74
CA LEU G 217 34.77 -50.77 24.86
C LEU G 217 35.45 -51.20 26.16
N THR G 218 35.65 -50.23 27.05
CA THR G 218 36.35 -50.52 28.29
C THR G 218 35.97 -49.49 29.35
N GLU G 219 36.29 -49.83 30.60
CA GLU G 219 36.05 -48.94 31.73
C GLU G 219 37.30 -48.22 32.21
N GLY G 220 38.48 -48.80 32.03
CA GLY G 220 39.71 -48.17 32.47
C GLY G 220 40.24 -48.72 33.77
N LYS G 232 58.80 -45.04 22.94
CA LYS G 232 59.08 -44.56 21.58
C LYS G 232 58.06 -45.10 20.58
N LEU G 233 57.59 -44.23 19.70
CA LEU G 233 56.58 -44.59 18.70
C LEU G 233 56.94 -43.89 17.40
N GLU G 234 57.51 -44.64 16.46
CA GLU G 234 57.99 -44.11 15.20
C GLU G 234 57.55 -45.04 14.07
N PRO G 235 57.45 -44.51 12.84
CA PRO G 235 57.03 -45.36 11.71
C PRO G 235 58.00 -46.50 11.46
N CYS G 236 57.44 -47.64 11.05
N CYS G 236 57.44 -47.64 11.05
CA CYS G 236 58.19 -48.84 10.71
CA CYS G 236 58.22 -48.81 10.69
C CYS G 236 57.94 -49.15 9.23
C CYS G 236 57.94 -49.15 9.23
N ASP G 237 58.46 -50.31 8.79
CA ASP G 237 58.44 -50.62 7.36
C ASP G 237 57.05 -51.01 6.86
N ARG G 238 56.32 -51.82 7.62
CA ARG G 238 55.12 -52.47 7.09
C ARG G 238 53.91 -51.53 7.13
N VAL G 239 53.18 -51.45 6.02
CA VAL G 239 52.03 -50.57 5.88
C VAL G 239 50.88 -51.37 5.29
N LEU G 240 49.65 -50.98 5.62
CA LEU G 240 48.44 -51.62 5.11
C LEU G 240 47.64 -50.61 4.29
N PHE G 241 47.19 -51.04 3.11
CA PHE G 241 46.40 -50.24 2.19
C PHE G 241 45.01 -50.86 2.06
N SER G 242 43.99 -50.02 1.99
CA SER G 242 42.61 -50.51 1.81
C SER G 242 41.94 -49.70 0.72
N VAL G 243 41.75 -50.33 -0.44
CA VAL G 243 41.08 -49.70 -1.58
C VAL G 243 39.68 -50.29 -1.64
N GLY G 244 38.67 -49.46 -1.35
CA GLY G 244 37.33 -49.98 -1.19
C GLY G 244 37.26 -50.96 -0.05
N SER G 245 37.13 -52.25 -0.37
CA SER G 245 37.19 -53.31 0.63
C SER G 245 38.25 -54.34 0.28
N THR G 246 39.27 -53.94 -0.47
CA THR G 246 40.39 -54.82 -0.81
C THR G 246 41.63 -54.39 -0.04
N LEU G 247 42.33 -55.36 0.53
CA LEU G 247 43.45 -55.10 1.44
C LEU G 247 44.77 -55.49 0.79
N TYR G 248 45.77 -54.63 0.92
CA TYR G 248 47.09 -54.86 0.34
C TYR G 248 48.21 -54.50 1.32
N PRO G 249 49.14 -55.40 1.61
CA PRO G 249 50.31 -55.03 2.40
C PRO G 249 51.43 -54.46 1.55
N GLU G 250 52.12 -53.45 2.09
CA GLU G 250 53.16 -52.75 1.35
C GLU G 250 54.34 -52.45 2.25
N SER G 251 55.46 -52.11 1.62
CA SER G 251 56.72 -51.78 2.28
C SER G 251 57.11 -50.35 1.96
N ARG G 252 57.60 -49.64 2.99
CA ARG G 252 57.94 -48.23 2.82
C ARG G 252 59.14 -48.03 1.90
N LYS G 253 60.12 -48.94 1.97
CA LYS G 253 61.34 -48.80 1.17
C LYS G 253 61.03 -48.84 -0.32
N LEU G 254 60.24 -49.83 -0.76
CA LEU G 254 59.93 -49.97 -2.17
C LEU G 254 59.02 -48.85 -2.66
N LEU G 255 58.10 -48.37 -1.84
CA LEU G 255 57.30 -47.22 -2.21
C LEU G 255 58.17 -45.98 -2.38
N LYS G 256 59.12 -45.77 -1.47
CA LYS G 256 59.99 -44.61 -1.57
C LYS G 256 60.91 -44.69 -2.78
N SER G 257 61.30 -45.89 -3.19
CA SER G 257 62.24 -46.01 -4.30
C SER G 257 61.69 -45.49 -5.62
N TRP G 258 60.38 -45.35 -5.74
CA TRP G 258 59.76 -44.89 -6.99
C TRP G 258 59.60 -43.38 -7.05
N HIS G 259 60.06 -42.65 -6.05
CA HIS G 259 60.05 -41.19 -6.04
C HIS G 259 61.39 -40.71 -6.61
N LEU G 260 61.45 -40.64 -7.94
CA LEU G 260 62.68 -40.42 -8.68
C LEU G 260 62.93 -38.94 -8.94
N PRO G 261 64.19 -38.53 -9.04
CA PRO G 261 64.50 -37.14 -9.38
C PRO G 261 64.36 -36.90 -10.88
N SER G 262 64.59 -35.65 -11.28
CA SER G 262 64.35 -35.27 -12.67
C SER G 262 65.34 -35.89 -13.63
N VAL G 263 66.61 -36.04 -13.24
CA VAL G 263 67.62 -36.67 -14.07
C VAL G 263 68.48 -37.56 -13.18
N PHE G 264 68.90 -38.71 -13.71
CA PHE G 264 69.79 -39.59 -12.95
C PHE G 264 70.61 -40.45 -13.89
N HIS G 265 71.62 -41.09 -13.32
CA HIS G 265 72.59 -41.90 -14.04
C HIS G 265 72.53 -43.35 -13.55
N LEU G 266 72.69 -44.29 -14.48
CA LEU G 266 72.82 -45.71 -14.16
C LEU G 266 74.18 -46.17 -14.67
N LYS G 267 75.08 -46.49 -13.74
CA LYS G 267 76.48 -46.77 -14.06
C LYS G 267 76.82 -48.20 -13.66
N GLY G 268 76.93 -49.08 -14.64
CA GLY G 268 77.35 -50.46 -14.42
C GLY G 268 78.36 -50.86 -15.49
N LYS G 269 78.18 -52.08 -16.01
CA LYS G 269 78.97 -52.50 -17.16
C LYS G 269 78.66 -51.62 -18.37
N LEU G 270 77.39 -51.26 -18.55
CA LEU G 270 76.98 -50.24 -19.48
C LEU G 270 76.42 -49.06 -18.69
N SER G 271 76.33 -47.91 -19.35
CA SER G 271 75.94 -46.67 -18.69
C SER G 271 74.77 -46.04 -19.41
N PHE G 272 73.87 -45.45 -18.64
CA PHE G 272 72.67 -44.82 -19.18
C PHE G 272 72.37 -43.53 -18.43
N THR G 273 71.75 -42.60 -19.14
CA THR G 273 71.26 -41.35 -18.57
C THR G 273 69.74 -41.33 -18.75
N CYS G 274 69.01 -41.09 -17.66
CA CYS G 274 67.57 -41.21 -17.68
C CYS G 274 66.93 -39.98 -17.06
N ARG G 275 65.69 -39.73 -17.48
CA ARG G 275 64.91 -38.61 -16.94
C ARG G 275 63.45 -39.01 -16.80
N CYS G 276 62.80 -38.49 -15.77
CA CYS G 276 61.45 -38.86 -15.37
C CYS G 276 60.58 -37.61 -15.23
N ASP G 277 59.33 -37.70 -15.67
CA ASP G 277 58.41 -36.59 -15.50
C ASP G 277 56.97 -37.10 -15.38
N THR G 278 56.13 -36.27 -14.77
CA THR G 278 54.73 -36.61 -14.53
C THR G 278 53.87 -36.01 -15.64
N VAL G 279 53.01 -36.82 -16.24
CA VAL G 279 52.22 -36.37 -17.37
C VAL G 279 50.72 -36.30 -17.08
N VAL G 280 50.21 -37.08 -16.13
CA VAL G 280 48.81 -37.00 -15.71
C VAL G 280 48.78 -37.02 -14.19
N SER G 281 47.88 -36.22 -13.61
CA SER G 281 47.76 -36.12 -12.16
C SER G 281 46.33 -35.76 -11.82
N CYS G 282 45.66 -36.61 -11.04
CA CYS G 282 44.26 -36.38 -10.67
C CYS G 282 44.03 -36.83 -9.23
N GLU G 283 44.19 -35.90 -8.29
CA GLU G 283 43.76 -36.04 -6.90
C GLU G 283 44.46 -37.18 -6.15
N GLY G 284 45.63 -37.61 -6.60
CA GLY G 284 46.34 -38.67 -5.91
C GLY G 284 46.87 -39.77 -6.80
N TYR G 285 46.22 -39.97 -7.95
CA TYR G 285 46.73 -40.87 -8.97
C TYR G 285 47.59 -40.12 -9.98
N VAL G 286 48.69 -40.74 -10.40
CA VAL G 286 49.63 -40.12 -11.32
C VAL G 286 50.01 -41.09 -12.42
N VAL G 287 50.56 -40.54 -13.50
CA VAL G 287 51.21 -41.29 -14.57
C VAL G 287 52.59 -40.69 -14.78
N LYS G 288 53.62 -41.54 -14.74
CA LYS G 288 55.01 -41.12 -14.88
C LYS G 288 55.60 -41.67 -16.16
N ARG G 289 56.42 -40.86 -16.83
CA ARG G 289 57.10 -41.24 -18.06
C ARG G 289 58.60 -41.12 -17.86
N ILE G 290 59.33 -42.19 -18.19
CA ILE G 290 60.76 -42.28 -17.98
C ILE G 290 61.43 -42.59 -19.31
N THR G 291 62.50 -41.87 -19.64
CA THR G 291 63.27 -42.11 -20.84
C THR G 291 64.72 -42.38 -20.47
N MET G 292 65.34 -43.35 -21.16
CA MET G 292 66.71 -43.76 -20.90
C MET G 292 67.50 -43.77 -22.20
N SER G 293 68.74 -43.31 -22.14
CA SER G 293 69.60 -43.21 -23.31
C SER G 293 71.00 -43.72 -22.98
N PRO G 294 71.72 -44.26 -23.96
CA PRO G 294 73.07 -44.78 -23.68
C PRO G 294 74.09 -43.68 -23.54
N GLY G 295 75.03 -43.88 -22.61
CA GLY G 295 76.09 -42.94 -22.35
C GLY G 295 75.79 -42.02 -21.19
N LEU G 296 76.82 -41.30 -20.75
CA LEU G 296 76.72 -40.35 -19.65
C LEU G 296 76.81 -38.93 -20.19
N TYR G 297 75.86 -38.08 -19.78
CA TYR G 297 75.81 -36.70 -20.24
C TYR G 297 75.31 -35.80 -19.12
N GLY G 298 75.83 -34.58 -19.09
CA GLY G 298 75.36 -33.60 -18.12
C GLY G 298 75.80 -33.93 -16.70
N LYS G 299 75.12 -33.29 -15.75
CA LYS G 299 75.35 -33.52 -14.34
C LYS G 299 74.02 -33.43 -13.60
N THR G 300 73.99 -34.01 -12.40
CA THR G 300 72.76 -34.15 -11.64
C THR G 300 72.80 -33.29 -10.38
N THR G 301 71.60 -32.95 -9.90
CA THR G 301 71.45 -32.19 -8.65
C THR G 301 70.88 -33.02 -7.52
N GLY G 302 69.94 -33.92 -7.80
CA GLY G 302 69.38 -34.77 -6.78
C GLY G 302 68.11 -34.27 -6.12
N TYR G 303 67.29 -33.53 -6.84
CA TYR G 303 66.07 -32.95 -6.29
C TYR G 303 64.85 -33.49 -7.02
N ALA G 304 63.76 -33.68 -6.29
CA ALA G 304 62.49 -34.12 -6.85
C ALA G 304 61.40 -33.12 -6.47
N VAL G 305 60.54 -32.79 -7.43
CA VAL G 305 59.56 -31.71 -7.28
C VAL G 305 58.16 -32.27 -7.50
N THR G 306 57.22 -31.80 -6.68
CA THR G 306 55.80 -32.13 -6.81
C THR G 306 55.01 -30.85 -6.93
N HIS G 307 54.12 -30.77 -7.92
CA HIS G 307 53.24 -29.63 -8.11
C HIS G 307 51.88 -29.94 -7.51
N HIS G 308 51.34 -29.01 -6.74
CA HIS G 308 50.09 -29.19 -6.01
C HIS G 308 48.99 -28.39 -6.70
N ALA G 309 48.00 -29.09 -7.23
CA ALA G 309 46.81 -28.44 -7.76
C ALA G 309 45.71 -28.34 -6.71
N ASP G 310 45.67 -29.25 -5.76
CA ASP G 310 44.83 -29.18 -4.58
C ASP G 310 45.69 -28.88 -3.36
N GLY G 311 45.05 -28.75 -2.21
CA GLY G 311 45.78 -28.57 -0.98
C GLY G 311 46.24 -29.88 -0.38
N PHE G 312 47.44 -29.89 0.17
CA PHE G 312 47.99 -31.04 0.86
C PHE G 312 48.25 -30.68 2.31
N LEU G 313 47.74 -31.50 3.24
CA LEU G 313 47.85 -31.21 4.66
C LEU G 313 48.53 -32.34 5.40
N MET G 314 49.39 -31.98 6.34
CA MET G 314 49.99 -32.89 7.31
C MET G 314 49.92 -32.25 8.68
N CYS G 315 49.45 -33.00 9.67
CA CYS G 315 49.24 -32.40 10.98
C CYS G 315 49.37 -33.46 12.07
N LYS G 316 49.61 -32.97 13.29
CA LYS G 316 49.73 -33.81 14.47
C LYS G 316 48.38 -33.90 15.18
N THR G 317 48.03 -35.11 15.62
CA THR G 317 46.74 -35.36 16.25
C THR G 317 46.93 -36.30 17.43
N THR G 318 45.96 -36.27 18.33
CA THR G 318 45.97 -37.04 19.57
C THR G 318 44.85 -38.06 19.53
N ASP G 319 45.16 -39.30 19.89
CA ASP G 319 44.17 -40.37 19.89
C ASP G 319 44.48 -41.33 21.02
N THR G 320 43.67 -42.38 21.12
CA THR G 320 43.93 -43.48 22.05
C THR G 320 44.11 -44.75 21.25
N VAL G 321 45.27 -45.38 21.41
CA VAL G 321 45.56 -46.66 20.78
C VAL G 321 45.50 -47.71 21.87
N ASP G 322 44.58 -48.66 21.71
CA ASP G 322 44.38 -49.76 22.67
C ASP G 322 44.14 -49.24 24.08
N GLY G 323 43.59 -48.03 24.20
CA GLY G 323 43.29 -47.45 25.50
C GLY G 323 44.30 -46.46 26.01
N GLU G 324 45.46 -46.34 25.37
CA GLU G 324 46.52 -45.44 25.84
C GLU G 324 46.61 -44.23 24.94
N ARG G 325 46.67 -43.05 25.54
CA ARG G 325 46.63 -41.79 24.79
C ARG G 325 48.01 -41.46 24.22
N VAL G 326 48.07 -41.21 22.90
CA VAL G 326 49.30 -40.94 22.18
C VAL G 326 49.05 -39.87 21.13
N SER G 327 50.11 -39.44 20.45
CA SER G 327 50.06 -38.43 19.41
C SER G 327 50.88 -38.86 18.21
N PHE G 328 50.38 -38.60 17.01
CA PHE G 328 51.11 -38.93 15.78
C PHE G 328 50.55 -38.09 14.64
N SER G 329 51.16 -38.22 13.46
CA SER G 329 50.88 -37.33 12.33
C SER G 329 50.08 -38.03 11.24
N VAL G 330 49.16 -37.28 10.63
CA VAL G 330 48.31 -37.77 9.55
C VAL G 330 48.30 -36.76 8.42
N CYS G 331 47.97 -37.24 7.21
CA CYS G 331 48.01 -36.41 6.01
C CYS G 331 46.74 -36.63 5.19
N THR G 332 46.39 -35.63 4.37
CA THR G 332 45.19 -35.69 3.55
C THR G 332 45.24 -34.65 2.44
N TYR G 333 44.23 -34.70 1.57
CA TYR G 333 44.06 -33.83 0.41
C TYR G 333 42.78 -33.02 0.54
N VAL G 334 42.84 -31.75 0.13
CA VAL G 334 41.72 -30.82 0.29
C VAL G 334 41.40 -30.17 -1.05
N PRO G 335 40.13 -30.08 -1.44
CA PRO G 335 39.79 -29.44 -2.72
C PRO G 335 40.17 -27.97 -2.76
N ALA G 336 40.51 -27.49 -3.96
CA ALA G 336 41.04 -26.15 -4.13
C ALA G 336 40.04 -25.05 -3.81
N THR G 337 38.75 -25.25 -4.10
CA THR G 337 37.76 -24.22 -3.85
C THR G 337 37.58 -23.91 -2.37
N ILE G 338 37.60 -24.94 -1.52
CA ILE G 338 37.50 -24.72 -0.08
C ILE G 338 38.72 -23.96 0.42
N CYS G 339 39.91 -24.34 -0.05
CA CYS G 339 41.12 -23.64 0.33
C CYS G 339 41.06 -22.17 -0.07
N ASP G 340 40.56 -21.89 -1.27
CA ASP G 340 40.42 -20.51 -1.70
C ASP G 340 39.40 -19.75 -0.86
N GLN G 341 38.32 -20.41 -0.44
CA GLN G 341 37.29 -19.75 0.35
C GLN G 341 37.65 -19.60 1.83
N MET G 342 38.73 -20.23 2.29
CA MET G 342 39.16 -20.05 3.67
C MET G 342 40.26 -19.01 3.84
N THR G 343 40.61 -18.27 2.79
CA THR G 343 41.75 -17.35 2.87
C THR G 343 41.52 -16.21 3.86
N GLY G 344 40.31 -15.66 3.88
CA GLY G 344 40.07 -14.49 4.71
C GLY G 344 39.95 -14.82 6.19
N ILE G 345 39.42 -16.00 6.51
CA ILE G 345 39.21 -16.37 7.91
C ILE G 345 40.54 -16.59 8.61
N LEU G 346 41.52 -17.16 7.91
CA LEU G 346 42.79 -17.53 8.51
C LEU G 346 43.70 -16.34 8.74
N ALA G 347 43.21 -15.12 8.60
CA ALA G 347 43.99 -13.93 8.92
C ALA G 347 44.04 -13.62 10.41
N THR G 348 43.18 -14.25 11.19
CA THR G 348 43.09 -14.08 12.63
C THR G 348 43.27 -15.42 13.33
N GLU G 349 43.14 -15.41 14.65
CA GLU G 349 43.17 -16.63 15.45
C GLU G 349 41.75 -17.16 15.60
N VAL G 350 41.58 -18.45 15.31
CA VAL G 350 40.26 -19.07 15.28
C VAL G 350 40.32 -20.40 16.02
N THR G 351 39.28 -20.69 16.80
CA THR G 351 39.18 -21.94 17.53
C THR G 351 38.74 -23.08 16.60
N PRO G 352 39.07 -24.32 16.96
CA PRO G 352 38.65 -25.45 16.10
C PRO G 352 37.15 -25.59 15.91
N GLU G 353 36.34 -25.25 16.91
CA GLU G 353 34.90 -25.40 16.77
C GLU G 353 34.32 -24.43 15.75
N ASP G 354 34.76 -23.17 15.78
CA ASP G 354 34.32 -22.20 14.80
C ASP G 354 34.76 -22.59 13.39
N ALA G 355 36.00 -23.07 13.25
CA ALA G 355 36.46 -23.55 11.95
C ALA G 355 35.63 -24.74 11.46
N GLN G 356 35.26 -25.65 12.37
CA GLN G 356 34.42 -26.78 11.97
C GLN G 356 33.06 -26.30 11.48
N LYS G 357 32.43 -25.37 12.20
CA LYS G 357 31.15 -24.86 11.74
C LYS G 357 31.26 -24.14 10.40
N LEU G 358 32.32 -23.36 10.21
CA LEU G 358 32.51 -22.68 8.92
C LEU G 358 32.71 -23.65 7.78
N LEU G 359 33.53 -24.69 8.00
CA LEU G 359 33.74 -25.70 6.97
C LEU G 359 32.46 -26.44 6.63
N VAL G 360 31.66 -26.77 7.64
CA VAL G 360 30.38 -27.43 7.37
C VAL G 360 29.48 -26.50 6.57
N GLY G 361 29.51 -25.21 6.88
CA GLY G 361 28.72 -24.26 6.11
C GLY G 361 29.15 -24.18 4.65
N LEU G 362 30.46 -24.20 4.39
CA LEU G 362 30.94 -24.16 3.02
C LEU G 362 30.62 -25.45 2.27
N ASN G 363 30.68 -26.59 2.95
CA ASN G 363 30.41 -27.88 2.33
C ASN G 363 28.93 -28.03 2.04
N ASN G 377 27.90 -32.41 -1.30
CA ASN G 377 29.14 -32.45 -0.52
C ASN G 377 30.36 -32.41 -1.43
N THR G 378 31.15 -31.34 -1.29
CA THR G 378 32.38 -31.24 -2.06
C THR G 378 33.46 -32.18 -1.51
N MET G 379 33.49 -32.38 -0.20
CA MET G 379 34.48 -33.25 0.42
C MET G 379 33.78 -34.16 1.43
N LYS G 380 34.41 -35.31 1.70
CA LYS G 380 33.83 -36.27 2.62
C LYS G 380 33.83 -35.73 4.04
N ASN G 381 32.76 -36.03 4.78
CA ASN G 381 32.58 -35.42 6.10
C ASN G 381 33.48 -36.02 7.16
N TYR G 382 33.81 -37.30 7.07
CA TYR G 382 34.60 -37.94 8.12
C TYR G 382 36.00 -37.36 8.23
N MET G 383 36.44 -36.60 7.24
CA MET G 383 37.76 -35.99 7.26
C MET G 383 37.73 -34.57 7.81
N ILE G 384 36.54 -34.02 8.04
CA ILE G 384 36.43 -32.61 8.41
C ILE G 384 37.00 -32.29 9.80
N PRO G 385 36.70 -33.05 10.86
CA PRO G 385 37.13 -32.62 12.20
C PRO G 385 38.63 -32.46 12.35
N VAL G 386 39.44 -33.25 11.66
CA VAL G 386 40.88 -33.09 11.79
C VAL G 386 41.40 -31.94 10.93
N VAL G 387 40.83 -31.73 9.75
CA VAL G 387 41.21 -30.57 8.94
C VAL G 387 40.96 -29.29 9.71
N ALA G 388 39.79 -29.16 10.34
CA ALA G 388 39.50 -27.99 11.15
C ALA G 388 40.51 -27.81 12.27
N GLN G 389 41.09 -28.90 12.77
CA GLN G 389 42.10 -28.77 13.81
C GLN G 389 43.43 -28.31 13.23
N ALA G 390 43.73 -28.67 11.98
CA ALA G 390 45.00 -28.27 11.40
C ALA G 390 45.02 -26.79 11.07
N PHE G 391 44.00 -26.32 10.35
CA PHE G 391 43.92 -24.90 10.00
C PHE G 391 44.08 -24.02 11.22
N SER G 392 43.33 -24.32 12.28
CA SER G 392 43.38 -23.52 13.50
C SER G 392 44.80 -23.39 14.04
N LYS G 393 45.58 -24.47 13.96
CA LYS G 393 46.95 -24.36 14.44
C LYS G 393 47.81 -23.55 13.50
N TRP G 394 47.66 -23.76 12.19
CA TRP G 394 48.50 -23.07 11.22
C TRP G 394 48.39 -21.56 11.38
N ALA G 395 47.17 -21.04 11.39
CA ALA G 395 46.97 -19.62 11.58
C ALA G 395 47.69 -19.11 12.83
N LYS G 396 47.58 -19.83 13.94
CA LYS G 396 48.22 -19.37 15.16
C LYS G 396 49.73 -19.28 14.97
N GLU G 397 50.33 -20.31 14.36
CA GLU G 397 51.77 -20.28 14.16
C GLU G 397 52.19 -19.14 13.25
N CYS G 398 51.28 -18.61 12.44
CA CYS G 398 51.63 -17.46 11.63
C CYS G 398 51.74 -16.20 12.49
N ARG G 399 50.80 -16.00 13.41
CA ARG G 399 50.79 -14.76 14.18
C ARG G 399 52.09 -14.58 14.95
N LYS G 400 52.56 -15.64 15.60
CA LYS G 400 53.80 -15.56 16.35
C LYS G 400 54.96 -15.12 15.44
N ASP G 401 55.00 -15.62 14.21
CA ASP G 401 56.08 -15.22 13.31
C ASP G 401 56.06 -13.72 13.07
N MET G 402 54.86 -13.13 12.97
CA MET G 402 54.77 -11.70 12.74
C MET G 402 55.14 -10.89 13.98
N GLU G 403 55.16 -11.52 15.16
CA GLU G 403 55.38 -10.78 16.40
C GLU G 403 56.79 -10.92 16.93
N ASP G 404 57.65 -11.72 16.29
CA ASP G 404 59.04 -11.87 16.68
C ASP G 404 59.88 -11.67 15.42
N GLU G 405 60.21 -10.42 15.12
CA GLU G 405 60.81 -10.04 13.86
C GLU G 405 62.30 -9.78 14.05
N LYS G 406 63.12 -10.44 13.23
CA LYS G 406 64.57 -10.36 13.35
C LYS G 406 65.11 -9.25 12.45
N LEU G 407 66.43 -9.22 12.26
CA LEU G 407 67.09 -8.29 11.38
C LEU G 407 67.48 -8.98 10.07
N LEU G 408 67.62 -8.17 9.02
CA LEU G 408 67.92 -8.70 7.70
C LEU G 408 69.35 -9.24 7.64
N GLY G 409 69.48 -10.48 7.18
CA GLY G 409 70.78 -11.09 6.98
C GLY G 409 71.59 -11.32 8.24
N VAL G 410 70.95 -11.81 9.30
CA VAL G 410 71.60 -11.99 10.58
C VAL G 410 70.98 -13.20 11.28
N ARG G 411 71.82 -13.99 11.95
CA ARG G 411 71.38 -15.13 12.72
C ARG G 411 71.94 -15.04 14.14
N GLU G 412 71.12 -15.39 15.12
CA GLU G 412 71.53 -15.41 16.52
C GLU G 412 71.84 -16.84 16.92
N ARG G 413 73.10 -17.10 17.30
CA ARG G 413 73.54 -18.43 17.68
C ARG G 413 74.44 -18.37 18.91
N THR G 414 74.05 -17.60 19.91
CA THR G 414 74.83 -17.49 21.14
C THR G 414 74.89 -18.83 21.87
N TRP G 421 77.55 -23.16 21.74
CA TRP G 421 76.87 -22.02 21.12
C TRP G 421 75.58 -22.52 20.46
N ALA G 422 74.46 -22.30 21.14
CA ALA G 422 73.20 -22.95 20.78
C ALA G 422 72.15 -21.93 20.36
N PHE G 423 71.27 -22.36 19.46
CA PHE G 423 70.12 -21.59 19.03
C PHE G 423 68.87 -22.43 19.23
N LYS G 424 67.78 -21.78 19.59
CA LYS G 424 66.53 -22.46 19.85
C LYS G 424 65.82 -22.83 18.55
N LYS G 425 65.11 -23.96 18.59
CA LYS G 425 64.27 -24.40 17.49
C LYS G 425 62.81 -24.25 17.89
N GLN G 426 62.02 -23.60 17.04
CA GLN G 426 60.60 -23.44 17.31
C GLN G 426 59.86 -24.74 17.04
N LYS G 427 58.60 -24.78 17.44
CA LYS G 427 57.77 -25.95 17.28
C LYS G 427 56.85 -25.80 16.07
N THR G 428 56.71 -26.88 15.30
CA THR G 428 55.87 -26.90 14.11
C THR G 428 54.88 -28.06 14.25
N HIS G 429 53.60 -27.76 14.20
CA HIS G 429 52.55 -28.77 14.34
C HIS G 429 51.74 -28.96 13.07
N THR G 430 52.01 -28.21 12.01
CA THR G 430 51.21 -28.28 10.80
C THR G 430 52.07 -27.90 9.59
N VAL G 431 51.91 -28.65 8.51
CA VAL G 431 52.49 -28.31 7.21
C VAL G 431 51.35 -28.21 6.21
N TYR G 432 51.28 -27.09 5.50
CA TYR G 432 50.15 -26.78 4.63
C TYR G 432 50.69 -26.30 3.29
N LYS G 433 50.54 -27.12 2.25
CA LYS G 433 50.95 -26.76 0.90
C LYS G 433 49.72 -26.31 0.12
N ARG G 434 49.64 -25.02 -0.15
CA ARG G 434 48.49 -24.43 -0.81
C ARG G 434 48.52 -24.71 -2.31
N PRO G 435 47.37 -24.61 -2.99
CA PRO G 435 47.36 -24.81 -4.44
C PRO G 435 48.30 -23.85 -5.15
N ASP G 436 48.94 -24.37 -6.20
CA ASP G 436 49.92 -23.65 -7.02
C ASP G 436 51.25 -23.42 -6.30
N THR G 437 51.63 -24.34 -5.41
CA THR G 437 52.94 -24.35 -4.78
C THR G 437 53.66 -25.65 -5.18
N GLN G 438 54.88 -25.81 -4.69
CA GLN G 438 55.70 -26.96 -5.07
C GLN G 438 56.50 -27.44 -3.88
N SER G 439 56.59 -28.76 -3.73
CA SER G 439 57.47 -29.41 -2.75
C SER G 439 58.76 -29.83 -3.42
N ILE G 440 59.85 -29.81 -2.66
CA ILE G 440 61.16 -30.17 -3.17
C ILE G 440 61.91 -30.98 -2.12
N GLN G 441 62.56 -32.06 -2.55
CA GLN G 441 63.21 -32.97 -1.62
C GLN G 441 64.46 -33.57 -2.25
N LYS G 442 65.46 -33.82 -1.41
CA LYS G 442 66.76 -34.31 -1.83
C LYS G 442 66.77 -35.84 -1.79
N VAL G 443 67.06 -36.47 -2.92
CA VAL G 443 67.12 -37.91 -3.05
C VAL G 443 68.43 -38.30 -3.73
N GLN G 444 68.61 -39.60 -3.94
CA GLN G 444 69.81 -40.13 -4.58
C GLN G 444 69.65 -40.09 -6.10
N ALA G 445 70.75 -39.80 -6.79
CA ALA G 445 70.71 -39.66 -8.24
C ALA G 445 71.81 -40.41 -8.98
N GLU G 446 72.72 -41.06 -8.27
CA GLU G 446 73.76 -41.87 -8.88
C GLU G 446 73.64 -43.30 -8.38
N PHE G 447 73.49 -44.24 -9.31
CA PHE G 447 73.29 -45.65 -8.97
C PHE G 447 74.37 -46.48 -9.65
N ASP G 448 75.00 -47.36 -8.88
CA ASP G 448 76.06 -48.20 -9.44
C ASP G 448 76.00 -49.66 -9.03
N SER G 449 75.23 -50.04 -8.01
CA SER G 449 75.17 -51.42 -7.55
C SER G 449 73.78 -51.97 -7.79
N PHE G 450 73.71 -53.16 -8.39
CA PHE G 450 72.44 -53.75 -8.76
C PHE G 450 72.40 -55.23 -8.38
N TRP G 456 66.78 -69.34 -10.34
CA TRP G 456 65.36 -69.20 -10.59
C TRP G 456 64.67 -70.56 -10.57
N SER G 457 63.45 -70.59 -10.02
CA SER G 457 62.66 -71.81 -9.95
C SER G 457 61.27 -71.55 -10.53
N SER G 458 60.70 -72.58 -11.14
CA SER G 458 59.41 -72.41 -11.82
C SER G 458 58.30 -72.03 -10.84
N GLY G 459 58.22 -72.75 -9.72
CA GLY G 459 57.23 -72.45 -8.71
C GLY G 459 55.84 -72.99 -8.96
N LEU G 460 55.59 -73.55 -10.15
CA LEU G 460 54.27 -74.08 -10.47
C LEU G 460 54.10 -75.49 -9.89
N SER G 461 52.88 -75.99 -9.96
CA SER G 461 52.53 -77.29 -9.43
C SER G 461 51.85 -78.14 -10.49
N ILE G 462 51.95 -79.46 -10.32
CA ILE G 462 51.35 -80.38 -11.29
C ILE G 462 49.83 -80.25 -11.35
N PRO G 463 49.10 -80.22 -10.24
CA PRO G 463 47.63 -80.09 -10.36
C PRO G 463 47.19 -78.83 -11.08
N LEU G 464 47.87 -77.70 -10.85
CA LEU G 464 47.50 -76.47 -11.53
C LEU G 464 47.73 -76.57 -13.03
N ARG G 465 48.86 -77.15 -13.43
CA ARG G 465 49.14 -77.34 -14.85
C ARG G 465 48.10 -78.27 -15.50
N THR G 466 47.75 -79.35 -14.81
CA THR G 466 46.73 -80.26 -15.33
C THR G 466 45.38 -79.56 -15.46
N ARG G 467 45.02 -78.74 -14.47
CA ARG G 467 43.76 -78.03 -14.52
C ARG G 467 43.73 -77.06 -15.70
N ILE G 468 44.83 -76.34 -15.92
CA ILE G 468 44.88 -75.40 -17.05
C ILE G 468 44.80 -76.17 -18.38
N LYS G 469 45.52 -77.28 -18.49
CA LYS G 469 45.47 -78.07 -19.71
C LYS G 469 44.06 -78.56 -19.99
N TRP G 470 43.37 -79.05 -18.96
CA TRP G 470 41.99 -79.51 -19.15
C TRP G 470 41.06 -78.36 -19.49
N LEU G 471 41.28 -77.18 -18.88
CA LEU G 471 40.42 -76.03 -19.16
C LEU G 471 40.56 -75.59 -20.61
N LEU G 472 41.79 -75.58 -21.14
CA LEU G 472 41.97 -75.20 -22.54
C LEU G 472 41.29 -76.20 -23.48
N SER G 473 41.39 -77.49 -23.18
CA SER G 473 40.77 -78.51 -24.01
C SER G 473 39.25 -78.55 -23.80
N ASP H 2 12.70 -60.04 -18.93
CA ASP H 2 13.75 -59.06 -18.60
C ASP H 2 13.62 -58.49 -17.18
N PRO H 3 12.48 -57.92 -16.81
CA PRO H 3 12.35 -57.36 -15.45
C PRO H 3 12.13 -58.44 -14.43
N VAL H 4 12.43 -58.09 -13.18
CA VAL H 4 12.29 -58.99 -12.04
C VAL H 4 11.24 -58.40 -11.10
N TYR H 5 10.34 -59.27 -10.63
CA TYR H 5 9.21 -58.84 -9.81
C TYR H 5 9.44 -59.22 -8.36
N VAL H 6 9.12 -58.31 -7.46
CA VAL H 6 9.32 -58.51 -6.03
C VAL H 6 8.01 -58.26 -5.30
N ASP H 7 7.83 -58.98 -4.19
CA ASP H 7 6.56 -58.99 -3.46
C ASP H 7 6.61 -57.97 -2.33
N ILE H 8 6.69 -56.70 -2.71
CA ILE H 8 6.65 -55.59 -1.77
C ILE H 8 5.69 -54.54 -2.31
N ASP H 9 5.25 -53.65 -1.41
CA ASP H 9 4.32 -52.61 -1.79
C ASP H 9 5.00 -51.57 -2.68
N ALA H 10 4.21 -50.98 -3.58
CA ALA H 10 4.74 -50.06 -4.58
C ALA H 10 5.17 -48.72 -4.00
N ASP H 11 4.84 -48.43 -2.74
CA ASP H 11 5.18 -47.15 -2.14
C ASP H 11 6.32 -47.25 -1.12
N SER H 12 6.91 -48.42 -0.94
CA SER H 12 7.94 -48.57 0.08
C SER H 12 9.22 -47.87 -0.34
N ALA H 13 9.96 -47.37 0.66
CA ALA H 13 11.24 -46.74 0.42
C ALA H 13 12.37 -47.73 0.26
N PHE H 14 12.16 -49.01 0.60
CA PHE H 14 13.19 -50.01 0.40
C PHE H 14 13.51 -50.19 -1.07
N LEU H 15 12.52 -50.02 -1.94
CA LEU H 15 12.70 -50.26 -3.37
C LEU H 15 13.87 -49.47 -3.92
N LYS H 16 13.93 -48.17 -3.59
CA LYS H 16 15.08 -47.34 -3.95
C LYS H 16 16.39 -48.08 -3.69
N ALA H 17 16.61 -48.51 -2.45
CA ALA H 17 17.87 -49.15 -2.09
C ALA H 17 18.12 -50.39 -2.95
N LEU H 18 17.08 -51.17 -3.21
CA LEU H 18 17.25 -52.37 -4.03
C LEU H 18 17.78 -51.99 -5.41
N GLN H 19 17.21 -50.95 -6.02
CA GLN H 19 17.67 -50.55 -7.34
C GLN H 19 19.11 -50.09 -7.31
N ARG H 20 19.58 -49.62 -6.16
CA ARG H 20 20.98 -49.23 -6.05
C ARG H 20 21.90 -50.42 -5.91
N ALA H 21 21.41 -51.54 -5.37
CA ALA H 21 22.26 -52.71 -5.15
C ALA H 21 22.35 -53.62 -6.36
N TYR H 22 21.36 -53.58 -7.25
CA TYR H 22 21.31 -54.43 -8.44
C TYR H 22 21.08 -53.52 -9.64
N PRO H 23 22.12 -52.83 -10.11
CA PRO H 23 21.92 -51.90 -11.23
C PRO H 23 21.82 -52.57 -12.58
N MET H 24 21.99 -53.89 -12.66
CA MET H 24 21.89 -54.63 -13.91
C MET H 24 20.52 -55.22 -14.14
N PHE H 25 19.53 -54.86 -13.32
CA PHE H 25 18.19 -55.41 -13.42
C PHE H 25 17.17 -54.28 -13.45
N GLU H 26 15.92 -54.66 -13.69
CA GLU H 26 14.78 -53.75 -13.61
C GLU H 26 13.82 -54.33 -12.59
N VAL H 27 13.61 -53.62 -11.49
CA VAL H 27 12.87 -54.14 -10.34
C VAL H 27 11.46 -53.57 -10.38
N GLU H 28 10.46 -54.46 -10.28
CA GLU H 28 9.07 -54.07 -10.32
C GLU H 28 8.33 -54.61 -9.11
N PRO H 29 7.56 -53.78 -8.40
CA PRO H 29 6.81 -54.27 -7.24
C PRO H 29 5.49 -54.91 -7.67
N ARG H 30 5.22 -56.08 -7.13
CA ARG H 30 3.97 -56.80 -7.40
C ARG H 30 3.60 -57.57 -6.14
N GLN H 31 2.76 -56.96 -5.31
CA GLN H 31 2.48 -57.47 -3.98
C GLN H 31 1.28 -58.40 -3.99
N VAL H 32 1.45 -59.59 -3.40
CA VAL H 32 0.38 -60.59 -3.36
C VAL H 32 0.09 -61.10 -1.97
N THR H 33 0.98 -60.96 -1.00
CA THR H 33 0.80 -61.47 0.35
C THR H 33 1.15 -60.38 1.35
N PRO H 34 0.61 -60.46 2.57
CA PRO H 34 0.93 -59.45 3.59
C PRO H 34 2.16 -59.79 4.42
N ASN H 35 3.00 -60.70 3.92
CA ASN H 35 4.20 -61.17 4.63
C ASN H 35 4.95 -60.04 5.31
N ASP H 36 5.34 -60.28 6.56
CA ASP H 36 6.04 -59.29 7.36
C ASP H 36 7.56 -59.42 7.29
N ALA H 37 8.07 -60.36 6.51
CA ALA H 37 9.50 -60.49 6.26
C ALA H 37 9.77 -60.38 4.77
N ALA H 38 9.15 -59.40 4.12
CA ALA H 38 9.17 -59.33 2.67
C ALA H 38 10.53 -58.89 2.12
N ASN H 39 11.18 -57.93 2.79
CA ASN H 39 12.40 -57.35 2.26
C ASN H 39 13.52 -58.39 2.17
N ALA H 40 13.65 -59.23 3.18
CA ALA H 40 14.68 -60.27 3.16
C ALA H 40 14.43 -61.27 2.02
N ARG H 41 13.17 -61.63 1.81
CA ARG H 41 12.83 -62.52 0.71
C ARG H 41 13.17 -61.90 -0.63
N ALA H 42 12.88 -60.62 -0.81
CA ALA H 42 13.20 -59.95 -2.06
C ALA H 42 14.70 -59.93 -2.30
N PHE H 43 15.48 -59.63 -1.26
CA PHE H 43 16.93 -59.61 -1.41
C PHE H 43 17.46 -60.99 -1.81
N SER H 44 16.97 -62.04 -1.17
CA SER H 44 17.42 -63.39 -1.51
C SER H 44 17.06 -63.76 -2.93
N HIS H 45 15.85 -63.41 -3.36
CA HIS H 45 15.41 -63.67 -4.73
C HIS H 45 16.34 -63.03 -5.74
N LEU H 46 16.64 -61.73 -5.55
CA LEU H 46 17.51 -61.05 -6.49
C LEU H 46 18.93 -61.60 -6.45
N ALA H 47 19.41 -62.01 -5.27
CA ALA H 47 20.74 -62.58 -5.18
C ALA H 47 20.85 -63.87 -5.98
N ILE H 48 19.84 -64.73 -5.90
CA ILE H 48 19.86 -65.97 -6.67
C ILE H 48 19.80 -65.67 -8.16
N LYS H 49 19.00 -64.69 -8.57
CA LYS H 49 18.96 -64.30 -9.98
C LYS H 49 20.34 -63.89 -10.46
N LEU H 50 21.03 -63.04 -9.70
CA LEU H 50 22.35 -62.57 -10.11
C LEU H 50 23.36 -63.71 -10.18
N ILE H 51 23.36 -64.59 -9.17
CA ILE H 51 24.31 -65.69 -9.18
C ILE H 51 24.09 -66.59 -10.39
N GLU H 52 22.82 -66.87 -10.71
CA GLU H 52 22.54 -67.67 -11.89
C GLU H 52 23.01 -66.98 -13.16
N GLN H 53 22.78 -65.67 -13.27
CA GLN H 53 23.25 -64.94 -14.43
C GLN H 53 24.77 -64.92 -14.53
N GLU H 54 25.48 -65.15 -13.42
CA GLU H 54 26.94 -65.11 -13.48
C GLU H 54 27.53 -66.37 -14.11
N ILE H 55 27.29 -67.54 -13.51
CA ILE H 55 27.97 -68.75 -13.94
C ILE H 55 27.38 -69.26 -15.26
N ASP H 56 28.16 -70.08 -15.95
CA ASP H 56 27.77 -70.59 -17.25
C ASP H 56 26.86 -71.80 -17.10
N PRO H 57 26.07 -72.11 -18.14
CA PRO H 57 25.18 -73.29 -18.08
C PRO H 57 25.94 -74.60 -18.09
N ASP H 58 25.19 -75.70 -18.17
CA ASP H 58 25.71 -77.07 -18.24
C ASP H 58 26.71 -77.38 -17.12
N SER H 59 26.65 -76.63 -16.03
CA SER H 59 27.41 -76.91 -14.83
C SER H 59 26.46 -77.38 -13.74
N THR H 60 26.79 -78.49 -13.09
CA THR H 60 25.99 -78.97 -11.98
C THR H 60 26.32 -78.17 -10.73
N ILE H 61 25.29 -77.84 -9.96
CA ILE H 61 25.41 -76.97 -8.79
C ILE H 61 24.93 -77.72 -7.57
N LEU H 62 25.79 -77.82 -6.55
CA LEU H 62 25.39 -78.36 -5.27
C LEU H 62 24.62 -77.31 -4.49
N ASP H 63 23.50 -77.71 -3.89
CA ASP H 63 22.69 -76.81 -3.07
C ASP H 63 22.68 -77.39 -1.65
N ILE H 64 23.45 -76.75 -0.77
CA ILE H 64 23.69 -77.26 0.58
C ILE H 64 22.56 -76.78 1.49
N GLY H 65 21.96 -77.72 2.22
CA GLY H 65 20.87 -77.39 3.13
C GLY H 65 19.72 -76.73 2.40
N SER H 66 19.23 -77.37 1.35
CA SER H 66 18.31 -76.74 0.42
C SER H 66 16.86 -77.00 0.79
N ALA H 67 15.99 -76.17 0.23
CA ALA H 67 14.55 -76.42 0.16
C ALA H 67 14.22 -76.71 -1.30
N PRO H 68 13.97 -77.97 -1.68
CA PRO H 68 13.93 -78.31 -3.10
C PRO H 68 12.87 -77.59 -3.90
N ALA H 69 11.74 -77.22 -3.27
CA ALA H 69 10.64 -76.61 -3.99
C ALA H 69 11.04 -75.30 -4.66
N ARG H 70 12.10 -74.65 -4.19
CA ARG H 70 12.55 -73.40 -4.79
C ARG H 70 13.28 -73.59 -6.11
N ARG H 71 13.77 -74.80 -6.38
CA ARG H 71 14.58 -75.04 -7.57
C ARG H 71 13.84 -75.79 -8.66
N MET H 72 12.52 -75.96 -8.54
CA MET H 72 11.78 -76.80 -9.47
C MET H 72 11.70 -76.18 -10.86
N MET H 73 11.33 -74.91 -10.94
CA MET H 73 11.08 -74.25 -12.22
C MET H 73 12.34 -73.64 -12.82
N SER H 74 13.52 -74.08 -12.40
CA SER H 74 14.77 -73.57 -12.93
C SER H 74 15.30 -74.49 -14.02
N ASP H 75 15.99 -73.91 -14.99
CA ASP H 75 16.55 -74.65 -16.11
C ASP H 75 17.98 -75.13 -15.86
N ARG H 76 18.61 -74.71 -14.77
CA ARG H 76 19.95 -75.17 -14.46
C ARG H 76 19.90 -76.57 -13.84
N LYS H 77 21.07 -77.13 -13.57
CA LYS H 77 21.19 -78.45 -12.98
C LYS H 77 21.54 -78.32 -11.51
N TYR H 78 20.62 -78.73 -10.64
CA TYR H 78 20.79 -78.63 -9.20
C TYR H 78 20.80 -80.01 -8.57
N HIS H 79 21.72 -80.23 -7.64
CA HIS H 79 21.73 -81.40 -6.78
C HIS H 79 21.53 -80.92 -5.34
N CYS H 80 20.37 -81.25 -4.77
CA CYS H 80 19.99 -80.72 -3.47
C CYS H 80 20.43 -81.69 -2.36
N VAL H 81 21.19 -81.19 -1.41
CA VAL H 81 21.66 -81.97 -0.28
C VAL H 81 20.70 -81.70 0.88
N CYS H 82 19.85 -82.68 1.19
CA CYS H 82 18.72 -82.48 2.11
C CYS H 82 18.70 -83.55 3.19
N PRO H 83 19.43 -83.36 4.28
CA PRO H 83 19.20 -84.17 5.47
C PRO H 83 17.94 -83.68 6.18
N MET H 84 17.62 -84.30 7.32
CA MET H 84 16.48 -83.89 8.13
C MET H 84 16.98 -83.69 9.55
N ARG H 85 17.50 -82.49 9.83
CA ARG H 85 18.05 -82.18 11.13
C ARG H 85 17.26 -81.12 11.89
N SER H 86 16.41 -80.36 11.21
CA SER H 86 15.57 -79.36 11.84
C SER H 86 14.12 -79.80 11.80
N ALA H 87 13.28 -79.09 12.55
CA ALA H 87 11.88 -79.45 12.69
C ALA H 87 11.01 -78.94 11.55
N GLU H 88 11.56 -78.16 10.63
CA GLU H 88 10.80 -77.62 9.52
C GLU H 88 11.03 -78.38 8.22
N ASP H 89 11.78 -79.47 8.25
CA ASP H 89 12.16 -80.19 7.04
C ASP H 89 11.07 -81.10 6.49
N PRO H 90 10.36 -81.89 7.33
CA PRO H 90 9.31 -82.74 6.76
C PRO H 90 8.25 -81.97 5.99
N GLU H 91 7.88 -80.78 6.47
CA GLU H 91 6.91 -79.98 5.75
C GLU H 91 7.45 -79.52 4.41
N ARG H 92 8.73 -79.16 4.36
CA ARG H 92 9.34 -78.78 3.08
C ARG H 92 9.34 -79.93 2.10
N LEU H 93 9.67 -81.14 2.58
CA LEU H 93 9.65 -82.30 1.70
C LEU H 93 8.25 -82.59 1.19
N ALA H 94 7.25 -82.51 2.08
CA ALA H 94 5.87 -82.75 1.66
C ALA H 94 5.41 -81.71 0.64
N ASN H 95 5.78 -80.44 0.86
CA ASN H 95 5.44 -79.40 -0.10
C ASN H 95 6.10 -79.66 -1.46
N TYR H 96 7.35 -80.11 -1.45
CA TYR H 96 8.02 -80.43 -2.69
C TYR H 96 7.29 -81.54 -3.44
N ALA H 97 6.92 -82.60 -2.74
CA ALA H 97 6.20 -83.70 -3.38
C ALA H 97 4.85 -83.24 -3.93
N ARG H 98 4.14 -82.43 -3.15
CA ARG H 98 2.84 -81.92 -3.59
C ARG H 98 2.98 -81.08 -4.86
N LYS H 99 3.95 -80.16 -4.87
CA LYS H 99 4.13 -79.31 -6.04
C LYS H 99 4.58 -80.10 -7.25
N LEU H 100 5.39 -81.14 -7.03
CA LEU H 100 5.77 -82.02 -8.14
C LEU H 100 4.56 -82.72 -8.72
N ALA H 101 3.69 -83.25 -7.86
CA ALA H 101 2.51 -83.95 -8.34
C ALA H 101 1.55 -83.01 -9.07
N SER H 102 1.43 -81.77 -8.58
CA SER H 102 0.43 -80.86 -9.13
C SER H 102 0.67 -80.58 -10.62
N ALA H 103 1.90 -80.27 -10.99
CA ALA H 103 2.25 -79.94 -12.36
C ALA H 103 3.07 -81.10 -12.92
N ALA H 104 2.38 -82.11 -13.47
CA ALA H 104 3.04 -83.29 -13.99
C ALA H 104 2.97 -83.41 -15.51
N GLY H 105 2.05 -82.71 -16.16
CA GLY H 105 1.95 -82.77 -17.61
C GLY H 105 1.84 -81.41 -18.25
N LYS H 106 1.63 -80.39 -17.44
CA LYS H 106 1.49 -79.02 -17.94
C LYS H 106 2.83 -78.36 -18.21
N VAL H 107 3.89 -78.79 -17.54
CA VAL H 107 5.23 -78.25 -17.74
C VAL H 107 6.10 -79.36 -18.31
N LEU H 108 6.68 -79.13 -19.49
CA LEU H 108 7.46 -80.14 -20.18
C LEU H 108 8.89 -79.73 -20.49
N ASP H 109 9.23 -78.46 -20.35
CA ASP H 109 10.60 -78.00 -20.61
C ASP H 109 11.55 -78.31 -19.46
N ARG H 110 11.04 -78.80 -18.33
CA ARG H 110 11.85 -79.14 -17.18
C ARG H 110 11.83 -80.65 -16.95
N ASN H 111 12.84 -81.13 -16.21
CA ASN H 111 13.01 -82.55 -15.96
C ASN H 111 12.07 -83.02 -14.85
N ILE H 112 10.78 -82.78 -15.05
CA ILE H 112 9.79 -83.10 -14.03
C ILE H 112 9.69 -84.60 -13.82
N SER H 113 9.60 -85.36 -14.92
CA SER H 113 9.50 -86.81 -14.82
C SER H 113 10.74 -87.41 -14.18
N GLY H 114 11.91 -86.91 -14.56
CA GLY H 114 13.14 -87.37 -13.94
C GLY H 114 13.19 -87.04 -12.46
N LYS H 115 12.69 -85.86 -12.09
CA LYS H 115 12.66 -85.48 -10.68
C LYS H 115 11.75 -86.42 -9.89
N ILE H 116 10.59 -86.75 -10.44
CA ILE H 116 9.68 -87.68 -9.78
C ILE H 116 10.34 -89.05 -9.64
N GLY H 117 11.00 -89.52 -10.70
CA GLY H 117 11.68 -90.80 -10.62
C GLY H 117 12.77 -90.82 -9.56
N ASP H 118 13.56 -89.75 -9.48
CA ASP H 118 14.60 -89.68 -8.46
C ASP H 118 14.01 -89.67 -7.06
N LEU H 119 12.92 -88.92 -6.86
CA LEU H 119 12.29 -88.89 -5.55
C LEU H 119 11.78 -90.28 -5.16
N GLN H 120 11.14 -90.98 -6.10
CA GLN H 120 10.65 -92.32 -5.81
C GLN H 120 11.79 -93.28 -5.51
N ALA H 121 12.89 -93.17 -6.27
CA ALA H 121 14.03 -94.04 -6.03
C ALA H 121 14.63 -93.81 -4.65
N VAL H 122 14.74 -92.54 -4.24
CA VAL H 122 15.28 -92.23 -2.91
C VAL H 122 14.33 -92.74 -1.84
N MET H 123 13.02 -92.62 -2.07
CA MET H 123 12.06 -93.15 -1.11
C MET H 123 12.18 -94.65 -0.96
N ALA H 124 12.38 -95.37 -2.07
CA ALA H 124 12.50 -96.82 -2.00
C ALA H 124 13.75 -97.25 -1.23
N VAL H 125 14.90 -96.70 -1.59
CA VAL H 125 16.16 -96.96 -0.90
C VAL H 125 16.75 -95.63 -0.49
N PRO H 126 17.03 -95.40 0.81
CA PRO H 126 17.42 -94.06 1.26
C PRO H 126 18.90 -93.73 1.19
N ASP H 127 19.77 -94.68 0.84
CA ASP H 127 21.22 -94.45 0.81
C ASP H 127 21.76 -94.48 -0.61
N THR H 128 21.03 -93.89 -1.54
CA THR H 128 21.43 -93.83 -2.94
C THR H 128 21.48 -92.39 -3.41
N GLU H 129 22.44 -92.08 -4.28
CA GLU H 129 22.58 -90.75 -4.85
C GLU H 129 21.92 -90.72 -6.23
N THR H 130 21.08 -89.72 -6.44
CA THR H 130 20.42 -89.49 -7.72
C THR H 130 20.90 -88.15 -8.28
N PRO H 131 20.67 -87.90 -9.57
CA PRO H 131 21.14 -86.63 -10.14
C PRO H 131 20.56 -85.39 -9.50
N THR H 132 19.44 -85.48 -8.79
CA THR H 132 18.79 -84.28 -8.26
C THR H 132 18.41 -84.38 -6.78
N PHE H 133 18.79 -85.44 -6.08
CA PHE H 133 18.35 -85.57 -4.70
C PHE H 133 19.24 -86.54 -3.94
N CYS H 134 19.42 -86.27 -2.66
CA CYS H 134 20.11 -87.19 -1.75
C CYS H 134 19.74 -86.80 -0.32
N LEU H 135 20.04 -87.69 0.62
CA LEU H 135 19.68 -87.51 2.02
C LEU H 135 20.89 -87.50 2.94
N HIS H 136 22.05 -87.11 2.42
CA HIS H 136 23.27 -87.06 3.21
C HIS H 136 23.53 -85.63 3.67
N THR H 137 24.58 -85.47 4.48
CA THR H 137 24.99 -84.16 4.94
C THR H 137 26.03 -83.58 3.97
N ASP H 138 26.66 -82.47 4.34
CA ASP H 138 27.61 -81.85 3.44
C ASP H 138 28.93 -82.62 3.38
N VAL H 139 29.31 -83.29 4.45
CA VAL H 139 30.58 -84.00 4.50
C VAL H 139 30.42 -85.48 4.17
N SER H 140 29.26 -85.89 3.65
CA SER H 140 29.07 -87.29 3.29
C SER H 140 28.40 -87.48 1.93
N CYS H 141 27.99 -86.42 1.24
CA CYS H 141 27.48 -86.57 -0.11
C CYS H 141 28.62 -86.93 -1.07
N ARG H 142 28.34 -87.83 -2.01
CA ARG H 142 29.35 -88.34 -2.91
C ARG H 142 29.30 -87.69 -4.29
N GLN H 143 28.35 -86.81 -4.55
CA GLN H 143 28.24 -86.20 -5.87
C GLN H 143 29.41 -85.27 -6.14
N ARG H 144 29.85 -85.23 -7.39
CA ARG H 144 30.94 -84.37 -7.83
C ARG H 144 30.37 -83.25 -8.69
N ALA H 145 30.82 -82.03 -8.43
CA ALA H 145 30.32 -80.86 -9.15
C ALA H 145 31.45 -79.83 -9.24
N ASP H 146 31.08 -78.60 -9.59
CA ASP H 146 32.05 -77.51 -9.67
C ASP H 146 31.61 -76.22 -8.99
N VAL H 147 30.34 -76.10 -8.58
CA VAL H 147 29.85 -74.91 -7.90
C VAL H 147 29.01 -75.36 -6.70
N ALA H 148 29.12 -74.62 -5.60
CA ALA H 148 28.34 -74.85 -4.40
C ALA H 148 27.68 -73.55 -3.96
N ILE H 149 26.52 -73.66 -3.34
CA ILE H 149 25.76 -72.49 -2.92
C ILE H 149 25.23 -72.70 -1.51
N TYR H 150 25.41 -71.69 -0.65
CA TYR H 150 24.86 -71.67 0.70
C TYR H 150 23.90 -70.50 0.80
N GLN H 151 22.63 -70.79 1.11
CA GLN H 151 21.61 -69.75 1.22
C GLN H 151 21.02 -69.79 2.62
N ASP H 152 21.33 -68.77 3.42
CA ASP H 152 20.83 -68.65 4.79
C ASP H 152 21.19 -69.88 5.62
N VAL H 153 22.42 -70.35 5.51
CA VAL H 153 22.91 -71.50 6.25
C VAL H 153 23.89 -70.98 7.30
N TYR H 154 23.54 -71.14 8.57
CA TYR H 154 24.37 -70.64 9.67
C TYR H 154 24.82 -71.73 10.61
N ALA H 155 24.68 -73.00 10.25
CA ALA H 155 24.85 -74.09 11.19
C ALA H 155 26.00 -75.04 10.84
N VAL H 156 26.98 -74.58 10.06
CA VAL H 156 28.12 -75.40 9.72
C VAL H 156 29.40 -74.62 10.01
N HIS H 157 30.49 -75.38 10.21
CA HIS H 157 31.81 -74.81 10.39
C HIS H 157 32.43 -74.59 9.02
N ALA H 158 32.71 -73.32 8.69
CA ALA H 158 33.02 -72.97 7.30
C ALA H 158 34.28 -73.63 6.74
N PRO H 159 35.43 -73.62 7.42
CA PRO H 159 36.61 -74.25 6.80
C PRO H 159 36.46 -75.74 6.53
N THR H 160 35.87 -76.50 7.45
CA THR H 160 35.70 -77.93 7.24
C THR H 160 34.78 -78.22 6.06
N SER H 161 33.66 -77.50 6.01
CA SER H 161 32.71 -77.66 4.91
C SER H 161 33.35 -77.31 3.57
N LEU H 162 34.11 -76.21 3.54
CA LEU H 162 34.74 -75.80 2.29
C LEU H 162 35.81 -76.79 1.85
N TYR H 163 36.57 -77.35 2.80
CA TYR H 163 37.56 -78.36 2.44
C TYR H 163 36.90 -79.61 1.86
N HIS H 164 35.81 -80.06 2.47
CA HIS H 164 35.14 -81.25 1.95
C HIS H 164 34.47 -80.96 0.61
N GLN H 165 34.11 -79.71 0.35
CA GLN H 165 33.61 -79.34 -0.97
C GLN H 165 34.74 -79.31 -1.99
N ALA H 166 35.93 -78.87 -1.58
CA ALA H 166 37.04 -78.69 -2.51
C ALA H 166 37.68 -80.01 -2.91
N ILE H 167 37.72 -81.00 -2.01
CA ILE H 167 38.37 -82.26 -2.36
C ILE H 167 37.53 -83.03 -3.38
N LYS H 168 36.38 -82.49 -3.76
CA LYS H 168 35.50 -83.12 -4.73
C LYS H 168 35.46 -82.38 -6.07
N GLY H 169 36.32 -81.38 -6.26
CA GLY H 169 36.41 -80.68 -7.53
C GLY H 169 35.63 -79.39 -7.63
N VAL H 170 35.13 -78.85 -6.54
CA VAL H 170 34.42 -77.57 -6.56
C VAL H 170 35.43 -76.44 -6.58
N ARG H 171 35.22 -75.46 -7.47
CA ARG H 171 36.14 -74.34 -7.62
C ARG H 171 35.51 -73.00 -7.30
N LEU H 172 34.22 -72.95 -7.00
CA LEU H 172 33.53 -71.70 -6.76
C LEU H 172 32.42 -71.93 -5.74
N ALA H 173 32.20 -70.95 -4.86
CA ALA H 173 31.17 -71.06 -3.84
C ALA H 173 30.58 -69.68 -3.56
N TYR H 174 29.35 -69.67 -3.08
CA TYR H 174 28.64 -68.44 -2.74
C TYR H 174 27.98 -68.57 -1.38
N TRP H 175 27.79 -67.44 -0.73
CA TRP H 175 27.18 -67.39 0.60
C TRP H 175 26.30 -66.16 0.71
N VAL H 176 25.04 -66.36 1.11
CA VAL H 176 24.07 -65.30 1.29
C VAL H 176 23.58 -65.35 2.74
N GLY H 177 23.58 -64.19 3.40
CA GLY H 177 23.16 -64.15 4.78
C GLY H 177 23.36 -62.78 5.38
N PHE H 178 23.16 -62.72 6.70
CA PHE H 178 23.33 -61.47 7.44
C PHE H 178 24.81 -61.19 7.71
N ASP H 179 25.15 -59.91 7.81
CA ASP H 179 26.52 -59.51 8.08
C ASP H 179 26.96 -59.98 9.46
N THR H 180 28.20 -60.46 9.55
CA THR H 180 28.74 -61.02 10.77
C THR H 180 29.56 -60.03 11.59
N THR H 181 29.64 -58.77 11.14
CA THR H 181 30.45 -57.79 11.87
C THR H 181 29.99 -57.54 13.30
N PRO H 182 28.70 -57.39 13.61
CA PRO H 182 28.32 -57.14 15.01
C PRO H 182 28.72 -58.25 15.96
N PHE H 183 28.98 -59.46 15.48
CA PHE H 183 29.40 -60.54 16.35
C PHE H 183 30.91 -60.62 16.53
N MET H 184 31.68 -59.94 15.69
CA MET H 184 33.11 -59.82 15.94
C MET H 184 33.43 -58.71 16.93
N TYR H 185 32.47 -57.82 17.19
CA TYR H 185 32.60 -56.82 18.23
C TYR H 185 32.07 -57.31 19.57
N ASN H 186 31.42 -58.47 19.62
CA ASN H 186 31.00 -59.13 20.86
C ASN H 186 29.94 -58.31 21.61
N ALA H 187 28.86 -57.97 20.92
CA ALA H 187 27.77 -57.22 21.52
C ALA H 187 26.78 -58.17 22.21
N MET H 188 25.94 -57.57 23.05
CA MET H 188 24.90 -58.29 23.80
C MET H 188 23.62 -58.47 23.00
N ALA H 189 23.19 -57.42 22.29
CA ALA H 189 21.95 -57.43 21.54
C ALA H 189 22.07 -56.45 20.39
N GLY H 190 21.15 -56.54 19.43
CA GLY H 190 21.25 -55.65 18.29
C GLY H 190 20.07 -55.76 17.36
N ALA H 191 20.08 -54.89 16.34
CA ALA H 191 18.98 -54.76 15.40
C ALA H 191 19.49 -54.63 13.98
N TYR H 192 18.72 -55.17 13.04
CA TYR H 192 18.79 -54.86 11.62
C TYR H 192 17.45 -54.21 11.28
N PRO H 193 17.37 -52.88 11.32
CA PRO H 193 16.06 -52.22 11.29
C PRO H 193 15.39 -52.17 9.92
N SER H 194 16.16 -52.23 8.83
CA SER H 194 15.54 -52.22 7.51
C SER H 194 14.85 -53.53 7.19
N TYR H 195 15.23 -54.62 7.85
CA TYR H 195 14.64 -55.93 7.62
C TYR H 195 13.73 -56.37 8.75
N SER H 196 13.42 -55.47 9.68
CA SER H 196 12.56 -55.77 10.83
C SER H 196 13.12 -56.95 11.64
N THR H 197 14.42 -56.92 11.91
CA THR H 197 15.06 -58.02 12.62
C THR H 197 15.69 -57.52 13.91
N ASN H 198 15.48 -58.27 14.99
CA ASN H 198 16.13 -58.01 16.27
C ASN H 198 16.72 -59.31 16.79
N TRP H 199 17.85 -59.20 17.49
CA TRP H 199 18.47 -60.37 18.08
C TRP H 199 18.98 -60.00 19.47
N ALA H 200 19.01 -61.00 20.36
CA ALA H 200 19.46 -60.78 21.73
C ALA H 200 20.09 -62.05 22.27
N ASP H 201 21.02 -61.86 23.20
CA ASP H 201 21.59 -62.97 23.95
C ASP H 201 20.54 -63.59 24.87
N GLU H 202 20.71 -64.88 25.16
CA GLU H 202 19.71 -65.60 25.92
C GLU H 202 19.58 -65.11 27.36
N GLN H 203 20.57 -64.38 27.87
CA GLN H 203 20.55 -63.93 29.26
C GLN H 203 19.82 -62.61 29.47
N VAL H 204 19.43 -61.91 28.41
CA VAL H 204 18.80 -60.61 28.57
C VAL H 204 17.40 -60.64 27.97
N LEU H 205 16.78 -61.81 27.89
CA LEU H 205 15.45 -61.93 27.32
C LEU H 205 14.36 -61.34 28.21
N LYS H 206 14.69 -60.95 29.44
CA LYS H 206 13.72 -60.36 30.36
C LYS H 206 14.00 -58.89 30.61
N ALA H 207 14.60 -58.20 29.64
CA ALA H 207 14.86 -56.78 29.75
C ALA H 207 13.57 -56.01 29.48
N LYS H 208 13.66 -54.70 29.36
CA LYS H 208 12.48 -53.86 29.18
C LYS H 208 12.49 -53.01 27.92
N ASN H 209 13.64 -52.51 27.47
CA ASN H 209 13.66 -51.48 26.45
C ASN H 209 14.56 -51.82 25.28
N ILE H 210 14.74 -53.11 24.98
CA ILE H 210 15.41 -53.54 23.77
C ILE H 210 14.36 -54.09 22.81
N GLY H 211 14.80 -54.40 21.59
CA GLY H 211 13.85 -54.80 20.55
C GLY H 211 13.13 -56.10 20.84
N LEU H 212 13.83 -57.08 21.42
CA LEU H 212 13.28 -58.41 21.64
C LEU H 212 13.37 -58.75 23.13
N CYS H 213 12.28 -58.56 23.86
CA CYS H 213 12.26 -58.80 25.30
C CYS H 213 10.81 -58.81 25.78
N SER H 214 10.65 -59.17 27.06
CA SER H 214 9.34 -59.17 27.70
C SER H 214 9.53 -59.16 29.21
N THR H 215 8.73 -58.36 29.92
CA THR H 215 8.87 -58.22 31.36
C THR H 215 7.49 -58.02 31.98
N ASP H 216 7.45 -57.89 33.31
CA ASP H 216 6.24 -57.82 34.12
C ASP H 216 6.17 -56.50 34.87
N LEU H 217 5.09 -56.32 35.63
CA LEU H 217 4.92 -55.19 36.53
C LEU H 217 5.22 -55.62 37.96
N THR H 218 5.78 -54.70 38.74
CA THR H 218 6.19 -55.03 40.10
C THR H 218 6.24 -53.77 40.94
N GLU H 219 6.28 -53.95 42.25
CA GLU H 219 6.40 -52.86 43.21
C GLU H 219 7.80 -52.70 43.77
N GLY H 220 8.58 -53.77 43.85
CA GLY H 220 9.92 -53.69 44.39
C GLY H 220 10.03 -54.16 45.83
N LYS H 232 28.91 -61.33 37.60
CA LYS H 232 29.48 -61.31 36.26
C LYS H 232 28.41 -61.51 35.19
N LEU H 233 28.47 -60.70 34.13
CA LEU H 233 27.48 -60.76 33.05
C LEU H 233 28.22 -60.55 31.74
N GLU H 234 28.44 -61.64 31.01
CA GLU H 234 29.21 -61.64 29.77
C GLU H 234 28.48 -62.46 28.72
N PRO H 235 28.73 -62.19 27.44
CA PRO H 235 28.05 -62.95 26.38
C PRO H 235 28.38 -64.44 26.44
N CYS H 236 27.39 -65.26 26.11
N CYS H 236 27.39 -65.26 26.11
CA CYS H 236 27.51 -66.71 26.04
CA CYS H 236 27.55 -66.70 26.03
C CYS H 236 27.26 -67.16 24.61
C CYS H 236 27.26 -67.16 24.60
N ASP H 237 27.21 -68.48 24.40
CA ASP H 237 27.15 -69.02 23.05
C ASP H 237 25.79 -68.83 22.40
N ARG H 238 24.70 -69.06 23.13
CA ARG H 238 23.38 -69.20 22.52
C ARG H 238 22.75 -67.83 22.24
N VAL H 239 22.23 -67.64 21.03
CA VAL H 239 21.64 -66.38 20.59
C VAL H 239 20.29 -66.67 19.94
N LEU H 240 19.36 -65.72 20.03
CA LEU H 240 18.04 -65.83 19.43
C LEU H 240 17.87 -64.75 18.37
N PHE H 241 17.37 -65.14 17.20
CA PHE H 241 17.11 -64.26 16.07
C PHE H 241 15.62 -64.21 15.80
N SER H 242 15.11 -63.03 15.47
CA SER H 242 13.69 -62.88 15.15
C SER H 242 13.55 -62.07 13.86
N VAL H 243 13.19 -62.76 12.78
CA VAL H 243 12.97 -62.12 11.49
C VAL H 243 11.47 -62.02 11.28
N GLY H 244 10.95 -60.80 11.31
CA GLY H 244 9.52 -60.61 11.32
C GLY H 244 8.91 -61.23 12.57
N SER H 245 8.21 -62.35 12.40
CA SER H 245 7.70 -63.11 13.53
C SER H 245 8.17 -64.55 13.49
N THR H 246 9.31 -64.81 12.86
CA THR H 246 9.91 -66.14 12.82
C THR H 246 11.14 -66.17 13.70
N LEU H 247 11.26 -67.22 14.51
CA LEU H 247 12.30 -67.33 15.54
C LEU H 247 13.32 -68.38 15.14
N TYR H 248 14.60 -68.07 15.33
CA TYR H 248 15.70 -68.97 14.98
C TYR H 248 16.78 -68.96 16.06
N PRO H 249 17.14 -70.11 16.61
CA PRO H 249 18.30 -70.16 17.53
C PRO H 249 19.61 -70.33 16.78
N GLU H 250 20.65 -69.66 17.29
CA GLU H 250 21.95 -69.65 16.63
C GLU H 250 23.07 -69.75 17.65
N SER H 251 24.26 -70.07 17.16
CA SER H 251 25.47 -70.23 17.96
C SER H 251 26.51 -69.22 17.52
N ARG H 252 27.20 -68.62 18.50
CA ARG H 252 28.17 -67.57 18.20
C ARG H 252 29.38 -68.12 17.46
N LYS H 253 29.82 -69.33 17.81
CA LYS H 253 31.01 -69.90 17.19
C LYS H 253 30.84 -70.09 15.69
N LEU H 254 29.71 -70.68 15.29
CA LEU H 254 29.48 -70.94 13.86
C LEU H 254 29.24 -69.65 13.09
N LEU H 255 28.59 -68.66 13.70
CA LEU H 255 28.45 -67.36 13.06
C LEU H 255 29.81 -66.70 12.85
N LYS H 256 30.68 -66.77 13.85
CA LYS H 256 32.00 -66.17 13.75
C LYS H 256 32.86 -66.87 12.71
N SER H 257 32.67 -68.18 12.53
CA SER H 257 33.53 -68.92 11.61
C SER H 257 33.39 -68.47 10.16
N TRP H 258 32.31 -67.78 9.82
CA TRP H 258 32.09 -67.34 8.44
C TRP H 258 32.65 -65.96 8.15
N HIS H 259 33.33 -65.35 9.12
CA HIS H 259 33.99 -64.06 8.92
C HIS H 259 35.44 -64.35 8.50
N LEU H 260 35.62 -64.57 7.20
CA LEU H 260 36.87 -65.08 6.65
C LEU H 260 37.80 -63.95 6.22
N PRO H 261 39.11 -64.17 6.26
CA PRO H 261 40.07 -63.16 5.80
C PRO H 261 40.16 -63.17 4.28
N SER H 262 40.98 -62.26 3.75
CA SER H 262 41.05 -62.07 2.30
C SER H 262 41.71 -63.26 1.59
N VAL H 263 42.72 -63.87 2.19
CA VAL H 263 43.38 -65.04 1.63
C VAL H 263 43.65 -66.03 2.76
N PHE H 264 43.52 -67.32 2.45
CA PHE H 264 43.83 -68.34 3.45
C PHE H 264 44.21 -69.65 2.77
N HIS H 265 44.78 -70.55 3.58
CA HIS H 265 45.31 -71.84 3.14
C HIS H 265 44.53 -72.97 3.79
N LEU H 266 44.30 -74.04 3.03
CA LEU H 266 43.72 -75.28 3.55
C LEU H 266 44.74 -76.39 3.33
N LYS H 267 45.32 -76.90 4.42
CA LYS H 267 46.44 -77.84 4.36
C LYS H 267 46.04 -79.16 5.00
N GLY H 268 45.79 -80.16 4.17
CA GLY H 268 45.51 -81.51 4.63
C GLY H 268 46.28 -82.52 3.81
N LYS H 269 45.60 -83.60 3.44
CA LYS H 269 46.18 -84.55 2.48
C LYS H 269 46.41 -83.87 1.14
N LEU H 270 45.47 -83.03 0.72
CA LEU H 270 45.66 -82.12 -0.40
C LEU H 270 45.66 -80.68 0.12
N SER H 271 46.18 -79.77 -0.68
CA SER H 271 46.35 -78.39 -0.26
C SER H 271 45.68 -77.45 -1.24
N PHE H 272 45.11 -76.38 -0.70
CA PHE H 272 44.39 -75.40 -1.50
C PHE H 272 44.68 -73.99 -0.98
N THR H 273 44.61 -73.04 -1.90
CA THR H 273 44.72 -71.62 -1.59
C THR H 273 43.42 -70.95 -2.00
N CYS H 274 42.80 -70.21 -1.07
CA CYS H 274 41.47 -69.67 -1.30
C CYS H 274 41.43 -68.19 -0.96
N ARG H 275 40.50 -67.49 -1.60
CA ARG H 275 40.30 -66.08 -1.34
C ARG H 275 38.81 -65.74 -1.38
N CYS H 276 38.41 -64.79 -0.53
CA CYS H 276 37.02 -64.43 -0.31
C CYS H 276 36.83 -62.93 -0.48
N ASP H 277 35.71 -62.53 -1.09
CA ASP H 277 35.41 -61.11 -1.21
C ASP H 277 33.91 -60.88 -1.25
N THR H 278 33.50 -59.67 -0.89
CA THR H 278 32.10 -59.29 -0.83
C THR H 278 31.71 -58.59 -2.13
N VAL H 279 30.60 -59.02 -2.74
CA VAL H 279 30.21 -58.50 -4.04
C VAL H 279 28.91 -57.71 -3.98
N VAL H 280 28.01 -57.99 -3.04
CA VAL H 280 26.79 -57.21 -2.85
C VAL H 280 26.63 -56.92 -1.37
N SER H 281 26.19 -55.71 -1.05
CA SER H 281 26.02 -55.29 0.34
C SER H 281 24.90 -54.26 0.41
N CYS H 282 23.85 -54.55 1.18
CA CYS H 282 22.70 -53.66 1.30
C CYS H 282 22.18 -53.68 2.73
N GLU H 283 22.69 -52.75 3.55
CA GLU H 283 22.12 -52.42 4.87
C GLU H 283 22.16 -53.59 5.85
N GLY H 284 23.02 -54.58 5.65
CA GLY H 284 23.10 -55.68 6.59
C GLY H 284 23.11 -57.04 5.94
N TYR H 285 22.54 -57.15 4.75
CA TYR H 285 22.64 -58.37 3.94
C TYR H 285 23.82 -58.28 2.99
N VAL H 286 24.53 -59.40 2.83
CA VAL H 286 25.71 -59.45 1.99
C VAL H 286 25.68 -60.68 1.10
N VAL H 287 26.50 -60.66 0.05
CA VAL H 287 26.80 -61.81 -0.79
C VAL H 287 28.32 -61.95 -0.87
N LYS H 288 28.82 -63.14 -0.55
CA LYS H 288 30.26 -63.42 -0.53
C LYS H 288 30.62 -64.42 -1.61
N ARG H 289 31.77 -64.21 -2.25
CA ARG H 289 32.27 -65.07 -3.30
C ARG H 289 33.64 -65.60 -2.88
N ILE H 290 33.80 -66.92 -2.95
CA ILE H 290 35.01 -67.61 -2.51
C ILE H 290 35.54 -68.44 -3.67
N THR H 291 36.85 -68.34 -3.93
CA THR H 291 37.51 -69.14 -4.95
C THR H 291 38.63 -69.95 -4.33
N MET H 292 38.77 -71.19 -4.76
CA MET H 292 39.77 -72.12 -4.25
C MET H 292 40.55 -72.73 -5.40
N SER H 293 41.86 -72.88 -5.20
CA SER H 293 42.76 -73.40 -6.24
C SER H 293 43.72 -74.41 -5.63
N PRO H 294 44.18 -75.39 -6.39
CA PRO H 294 45.09 -76.40 -5.85
C PRO H 294 46.51 -75.87 -5.69
N GLY H 295 47.16 -76.29 -4.62
CA GLY H 295 48.52 -75.90 -4.33
C GLY H 295 48.59 -74.73 -3.36
N LEU H 296 49.80 -74.48 -2.87
CA LEU H 296 50.09 -73.40 -1.93
C LEU H 296 50.86 -72.30 -2.64
N TYR H 297 50.40 -71.06 -2.50
CA TYR H 297 51.03 -69.92 -3.14
C TYR H 297 50.93 -68.70 -2.25
N GLY H 298 51.96 -67.85 -2.30
CA GLY H 298 51.94 -66.61 -1.56
C GLY H 298 52.06 -66.82 -0.05
N LYS H 299 51.70 -65.78 0.69
CA LYS H 299 51.67 -65.81 2.14
C LYS H 299 50.50 -64.99 2.65
N THR H 300 50.11 -65.25 3.89
CA THR H 300 48.90 -64.70 4.47
C THR H 300 49.24 -63.71 5.59
N THR H 301 48.32 -62.79 5.83
CA THR H 301 48.43 -61.82 6.92
C THR H 301 47.46 -62.07 8.06
N GLY H 302 46.23 -62.48 7.76
CA GLY H 302 45.27 -62.78 8.78
C GLY H 302 44.34 -61.66 9.17
N TYR H 303 44.01 -60.77 8.23
CA TYR H 303 43.17 -59.62 8.50
C TYR H 303 41.90 -59.67 7.67
N ALA H 304 40.80 -59.21 8.25
CA ALA H 304 39.51 -59.14 7.56
C ALA H 304 39.00 -57.71 7.63
N VAL H 305 38.46 -57.21 6.51
CA VAL H 305 38.11 -55.81 6.36
C VAL H 305 36.62 -55.69 6.01
N THR H 306 35.95 -54.71 6.59
CA THR H 306 34.56 -54.40 6.29
C THR H 306 34.46 -52.93 5.88
N HIS H 307 33.81 -52.67 4.76
CA HIS H 307 33.58 -51.31 4.28
C HIS H 307 32.18 -50.85 4.72
N HIS H 308 32.09 -49.65 5.25
CA HIS H 308 30.86 -49.10 5.79
C HIS H 308 30.30 -48.04 4.84
N ALA H 309 29.15 -48.31 4.26
CA ALA H 309 28.44 -47.31 3.48
C ALA H 309 27.45 -46.53 4.31
N ASP H 310 26.92 -47.13 5.37
CA ASP H 310 26.11 -46.47 6.37
C ASP H 310 26.92 -46.35 7.66
N GLY H 311 26.32 -45.73 8.68
CA GLY H 311 26.96 -45.67 9.97
C GLY H 311 26.70 -46.91 10.80
N PHE H 312 27.73 -47.33 11.54
CA PHE H 312 27.62 -48.47 12.44
C PHE H 312 27.90 -47.99 13.85
N LEU H 313 27.01 -48.30 14.79
CA LEU H 313 27.12 -47.83 16.16
C LEU H 313 27.14 -48.98 17.14
N MET H 314 28.00 -48.87 18.15
CA MET H 314 28.02 -49.76 19.31
C MET H 314 28.16 -48.90 20.55
N CYS H 315 27.33 -49.15 21.56
CA CYS H 315 27.32 -48.29 22.73
C CYS H 315 26.86 -49.07 23.96
N LYS H 316 27.20 -48.52 25.12
CA LYS H 316 26.83 -49.07 26.41
C LYS H 316 25.54 -48.41 26.90
N THR H 317 24.64 -49.23 27.44
CA THR H 317 23.34 -48.76 27.89
C THR H 317 22.98 -49.44 29.20
N THR H 318 22.07 -48.79 29.94
CA THR H 318 21.62 -49.24 31.24
C THR H 318 20.15 -49.63 31.17
N ASP H 319 19.82 -50.79 31.73
CA ASP H 319 18.45 -51.27 31.72
C ASP H 319 18.19 -52.03 33.01
N THR H 320 16.98 -52.57 33.13
CA THR H 320 16.61 -53.46 34.23
C THR H 320 16.24 -54.82 33.63
N VAL H 321 16.95 -55.86 34.05
CA VAL H 321 16.66 -57.22 33.66
C VAL H 321 16.03 -57.90 34.85
N ASP H 322 14.79 -58.36 34.68
CA ASP H 322 14.02 -59.03 35.73
C ASP H 322 13.95 -58.21 37.02
N GLY H 323 14.01 -56.89 36.89
CA GLY H 323 13.94 -56.00 38.02
C GLY H 323 15.25 -55.48 38.55
N GLU H 324 16.38 -56.03 38.10
CA GLU H 324 17.69 -55.63 38.60
C GLU H 324 18.41 -54.78 37.56
N ARG H 325 18.96 -53.66 38.00
CA ARG H 325 19.58 -52.69 37.09
C ARG H 325 20.99 -53.13 36.70
N VAL H 326 21.25 -53.19 35.39
CA VAL H 326 22.53 -53.64 34.85
C VAL H 326 22.88 -52.79 33.63
N SER H 327 24.07 -53.02 33.08
CA SER H 327 24.57 -52.31 31.91
C SER H 327 25.20 -53.29 30.93
N PHE H 328 24.96 -53.07 29.64
CA PHE H 328 25.54 -53.92 28.59
C PHE H 328 25.52 -53.16 27.27
N SER H 329 26.09 -53.76 26.23
CA SER H 329 26.35 -53.07 24.96
C SER H 329 25.40 -53.54 23.87
N VAL H 330 24.98 -52.58 23.03
CA VAL H 330 24.08 -52.84 21.90
C VAL H 330 24.64 -52.17 20.65
N CYS H 331 24.22 -52.67 19.49
CA CYS H 331 24.73 -52.18 18.21
C CYS H 331 23.57 -51.96 17.23
N THR H 332 23.81 -51.08 16.25
CA THR H 332 22.76 -50.77 15.26
C THR H 332 23.39 -50.08 14.04
N TYR H 333 22.53 -49.85 13.04
CA TYR H 333 22.89 -49.23 11.76
C TYR H 333 22.13 -47.93 11.58
N VAL H 334 22.81 -46.92 11.04
CA VAL H 334 22.24 -45.58 10.88
C VAL H 334 22.37 -45.11 9.43
N PRO H 335 21.32 -44.54 8.84
CA PRO H 335 21.41 -44.08 7.45
C PRO H 335 22.44 -42.96 7.27
N ALA H 336 23.05 -42.93 6.09
CA ALA H 336 24.17 -42.03 5.83
C ALA H 336 23.78 -40.56 5.84
N THR H 337 22.57 -40.22 5.38
CA THR H 337 22.17 -38.82 5.33
C THR H 337 22.03 -38.20 6.71
N ILE H 338 21.50 -38.93 7.68
CA ILE H 338 21.42 -38.43 9.05
C ILE H 338 22.81 -38.21 9.62
N CYS H 339 23.72 -39.16 9.40
CA CYS H 339 25.09 -39.02 9.87
C CYS H 339 25.75 -37.80 9.27
N ASP H 340 25.53 -37.56 7.97
CA ASP H 340 26.09 -36.37 7.35
C ASP H 340 25.47 -35.09 7.92
N GLN H 341 24.18 -35.10 8.25
CA GLN H 341 23.53 -33.91 8.77
C GLN H 341 23.81 -33.66 10.25
N MET H 342 24.43 -34.59 10.96
CA MET H 342 24.79 -34.38 12.36
C MET H 342 26.23 -33.94 12.55
N THR H 343 26.97 -33.64 11.48
CA THR H 343 28.39 -33.33 11.60
C THR H 343 28.64 -32.05 12.39
N GLY H 344 27.84 -31.01 12.14
CA GLY H 344 28.11 -29.73 12.77
C GLY H 344 27.75 -29.68 14.24
N ILE H 345 26.70 -30.41 14.63
CA ILE H 345 26.24 -30.38 16.01
C ILE H 345 27.25 -31.03 16.93
N LEU H 346 27.89 -32.11 16.48
CA LEU H 346 28.79 -32.88 17.31
C LEU H 346 30.14 -32.22 17.52
N ALA H 347 30.29 -30.94 17.14
CA ALA H 347 31.51 -30.20 17.42
C ALA H 347 31.58 -29.68 18.84
N THR H 348 30.46 -29.68 19.56
CA THR H 348 30.37 -29.22 20.93
C THR H 348 29.84 -30.33 21.83
N GLU H 349 29.63 -30.01 23.09
CA GLU H 349 29.04 -30.94 24.04
C GLU H 349 27.52 -30.75 24.05
N VAL H 350 26.79 -31.84 23.90
CA VAL H 350 25.35 -31.80 23.75
C VAL H 350 24.72 -32.85 24.66
N THR H 351 23.61 -32.49 25.30
CA THR H 351 22.87 -33.38 26.17
C THR H 351 22.02 -34.36 25.35
N PRO H 352 21.70 -35.53 25.91
CA PRO H 352 20.88 -36.49 25.17
C PRO H 352 19.50 -35.99 24.76
N GLU H 353 18.87 -35.12 25.58
CA GLU H 353 17.54 -34.63 25.23
C GLU H 353 17.57 -33.72 24.01
N ASP H 354 18.54 -32.82 23.94
CA ASP H 354 18.69 -31.96 22.78
C ASP H 354 19.00 -32.76 21.52
N ALA H 355 19.86 -33.78 21.64
CA ALA H 355 20.13 -34.65 20.51
C ALA H 355 18.89 -35.40 20.06
N GLN H 356 18.07 -35.86 21.01
CA GLN H 356 16.84 -36.54 20.65
C GLN H 356 15.89 -35.61 19.89
N LYS H 357 15.73 -34.38 20.37
CA LYS H 357 14.87 -33.44 19.65
C LYS H 357 15.41 -33.13 18.26
N LEU H 358 16.72 -32.95 18.13
CA LEU H 358 17.31 -32.68 16.81
C LEU H 358 17.11 -33.85 15.85
N LEU H 359 17.32 -35.08 16.34
CA LEU H 359 17.12 -36.25 15.49
C LEU H 359 15.67 -36.39 15.07
N VAL H 360 14.74 -36.13 15.98
CA VAL H 360 13.33 -36.18 15.61
C VAL H 360 13.02 -35.12 14.56
N GLY H 361 13.63 -33.94 14.69
CA GLY H 361 13.45 -32.90 13.68
C GLY H 361 13.96 -33.31 12.32
N LEU H 362 15.13 -33.96 12.27
CA LEU H 362 15.67 -34.40 10.99
C LEU H 362 14.85 -35.52 10.38
N ASN H 363 14.32 -36.42 11.21
CA ASN H 363 13.52 -37.54 10.73
C ASN H 363 12.16 -37.08 10.24
N ASN H 377 9.45 -41.06 7.40
CA ASN H 377 10.47 -41.51 8.35
C ASN H 377 11.63 -42.19 7.66
N THR H 378 12.81 -41.59 7.77
CA THR H 378 14.01 -42.21 7.20
C THR H 378 14.48 -43.39 8.02
N MET H 379 14.30 -43.34 9.34
CA MET H 379 14.72 -44.42 10.23
C MET H 379 13.61 -44.72 11.22
N LYS H 380 13.59 -45.94 11.73
CA LYS H 380 12.57 -46.35 12.67
C LYS H 380 12.71 -45.61 13.99
N ASN H 381 11.58 -45.24 14.60
CA ASN H 381 11.60 -44.38 15.77
C ASN H 381 12.04 -45.11 17.03
N TYR H 382 11.74 -46.40 17.17
CA TYR H 382 12.05 -47.10 18.40
C TYR H 382 13.55 -47.21 18.64
N MET H 383 14.37 -46.93 17.64
CA MET H 383 15.82 -46.99 17.79
C MET H 383 16.41 -45.63 18.13
N ILE H 384 15.61 -44.56 18.09
CA ILE H 384 16.15 -43.21 18.26
C ILE H 384 16.68 -42.93 19.66
N PRO H 385 15.98 -43.25 20.75
CA PRO H 385 16.46 -42.82 22.07
C PRO H 385 17.85 -43.32 22.44
N VAL H 386 18.25 -44.51 21.99
CA VAL H 386 19.57 -44.99 22.31
C VAL H 386 20.64 -44.38 21.41
N VAL H 387 20.33 -44.17 20.13
CA VAL H 387 21.25 -43.47 19.23
C VAL H 387 21.59 -42.10 19.77
N ALA H 388 20.57 -41.34 20.21
CA ALA H 388 20.80 -40.03 20.79
C ALA H 388 21.69 -40.11 22.02
N GLN H 389 21.64 -41.23 22.74
CA GLN H 389 22.51 -41.39 23.90
C GLN H 389 23.95 -41.69 23.48
N ALA H 390 24.14 -42.37 22.35
CA ALA H 390 25.49 -42.71 21.93
C ALA H 390 26.23 -41.48 21.40
N PHE H 391 25.60 -40.75 20.48
CA PHE H 391 26.23 -39.54 19.93
C PHE H 391 26.69 -38.61 21.04
N SER H 392 25.81 -38.33 22.00
CA SER H 392 26.14 -37.42 23.09
C SER H 392 27.40 -37.85 23.82
N LYS H 393 27.59 -39.16 24.01
CA LYS H 393 28.81 -39.58 24.69
C LYS H 393 30.02 -39.43 23.78
N TRP H 394 29.89 -39.81 22.51
CA TRP H 394 31.02 -39.77 21.60
C TRP H 394 31.62 -38.37 21.54
N ALA H 395 30.78 -37.36 21.29
CA ALA H 395 31.26 -35.99 21.25
C ALA H 395 32.04 -35.63 22.51
N LYS H 396 31.52 -36.01 23.68
CA LYS H 396 32.21 -35.66 24.91
C LYS H 396 33.60 -36.29 24.94
N GLU H 397 33.69 -37.57 24.59
CA GLU H 397 34.99 -38.24 24.61
C GLU H 397 35.96 -37.61 23.63
N CYS H 398 35.46 -36.89 22.62
CA CYS H 398 36.37 -36.20 21.73
C CYS H 398 37.00 -34.98 22.41
N ARG H 399 36.20 -34.21 23.15
CA ARG H 399 36.72 -32.97 23.73
C ARG H 399 37.88 -33.25 24.66
N LYS H 400 37.74 -34.26 25.52
CA LYS H 400 38.83 -34.61 26.42
C LYS H 400 40.11 -34.92 25.67
N ASP H 401 40.01 -35.60 24.53
CA ASP H 401 41.21 -35.91 23.76
C ASP H 401 41.92 -34.64 23.32
N MET H 402 41.15 -33.61 22.97
CA MET H 402 41.76 -32.36 22.53
C MET H 402 42.37 -31.58 23.69
N GLU H 403 42.00 -31.91 24.93
CA GLU H 403 42.45 -31.14 26.08
C GLU H 403 43.59 -31.78 26.84
N ASP H 404 44.01 -32.98 26.45
CA ASP H 404 45.14 -33.68 27.08
C ASP H 404 46.06 -34.12 25.94
N GLU H 405 46.96 -33.23 25.53
CA GLU H 405 47.77 -33.42 24.33
C GLU H 405 49.19 -33.82 24.72
N LYS H 406 49.66 -34.91 24.14
CA LYS H 406 50.96 -35.48 24.46
C LYS H 406 52.03 -34.92 23.52
N LEU H 407 53.21 -35.52 23.55
CA LEU H 407 54.31 -35.17 22.65
C LEU H 407 54.42 -36.19 21.53
N LEU H 408 55.00 -35.76 20.41
CA LEU H 408 55.11 -36.61 19.24
C LEU H 408 56.12 -37.73 19.47
N GLY H 409 55.69 -38.96 19.21
CA GLY H 409 56.58 -40.11 19.29
C GLY H 409 57.07 -40.44 20.68
N VAL H 410 56.21 -40.38 21.68
CA VAL H 410 56.60 -40.59 23.06
C VAL H 410 55.43 -41.22 23.81
N ARG H 411 55.75 -42.15 24.71
CA ARG H 411 54.77 -42.81 25.55
C ARG H 411 55.20 -42.71 27.00
N GLU H 412 54.23 -42.46 27.88
CA GLU H 412 54.48 -42.40 29.33
C GLU H 412 54.06 -43.72 29.96
N ARG H 413 55.01 -44.43 30.56
CA ARG H 413 54.74 -45.72 31.18
C ARG H 413 55.47 -45.85 32.51
N THR H 414 55.43 -44.80 33.32
CA THR H 414 56.06 -44.83 34.64
C THR H 414 55.43 -45.87 35.55
N TRP H 421 55.76 -50.87 36.41
CA TRP H 421 55.73 -49.70 35.54
C TRP H 421 54.42 -49.67 34.77
N ALA H 422 53.48 -48.85 35.22
CA ALA H 422 52.10 -48.92 34.77
C ALA H 422 51.69 -47.64 34.05
N PHE H 423 50.78 -47.79 33.09
CA PHE H 423 50.16 -46.69 32.39
C PHE H 423 48.64 -46.82 32.50
N LYS H 424 47.96 -45.69 32.60
CA LYS H 424 46.52 -45.68 32.76
C LYS H 424 45.82 -45.93 31.42
N LYS H 425 44.67 -46.59 31.51
CA LYS H 425 43.80 -46.80 30.35
C LYS H 425 42.56 -45.94 30.51
N GLN H 426 42.24 -45.19 29.46
CA GLN H 426 41.04 -44.36 29.48
C GLN H 426 39.80 -45.22 29.27
N LYS H 427 38.64 -44.60 29.48
CA LYS H 427 37.37 -45.30 29.35
C LYS H 427 36.72 -44.97 28.00
N THR H 428 36.15 -46.00 27.37
CA THR H 428 35.49 -45.87 26.09
C THR H 428 34.08 -46.41 26.22
N HIS H 429 33.09 -45.57 25.93
CA HIS H 429 31.68 -45.97 26.03
C HIS H 429 30.97 -46.01 24.70
N THR H 430 31.65 -45.67 23.60
CA THR H 430 31.00 -45.61 22.30
C THR H 430 32.02 -45.90 21.20
N VAL H 431 31.61 -46.69 20.21
CA VAL H 431 32.38 -46.90 18.99
C VAL H 431 31.50 -46.49 17.83
N TYR H 432 32.01 -45.61 16.97
CA TYR H 432 31.23 -45.00 15.89
C TYR H 432 32.03 -45.08 14.60
N LYS H 433 31.59 -45.92 13.67
CA LYS H 433 32.22 -46.05 12.37
C LYS H 433 31.42 -45.26 11.34
N ARG H 434 31.97 -44.14 10.90
CA ARG H 434 31.28 -43.24 9.99
C ARG H 434 31.28 -43.80 8.57
N PRO H 435 30.38 -43.31 7.72
CA PRO H 435 30.38 -43.75 6.32
C PRO H 435 31.71 -43.48 5.64
N ASP H 436 32.11 -44.42 4.78
CA ASP H 436 33.38 -44.38 4.04
C ASP H 436 34.59 -44.65 4.92
N THR H 437 34.43 -45.45 5.97
CA THR H 437 35.53 -45.93 6.79
C THR H 437 35.58 -47.45 6.68
N GLN H 438 36.56 -48.05 7.37
CA GLN H 438 36.76 -49.49 7.29
C GLN H 438 37.15 -50.05 8.64
N SER H 439 36.60 -51.21 8.99
CA SER H 439 36.99 -51.98 10.16
C SER H 439 37.98 -53.06 9.76
N ILE H 440 38.90 -53.39 10.67
CA ILE H 440 39.92 -54.40 10.42
C ILE H 440 40.12 -55.24 11.67
N GLN H 441 40.21 -56.55 11.50
CA GLN H 441 40.29 -57.46 12.63
C GLN H 441 41.16 -58.67 12.29
N LYS H 442 41.85 -59.17 13.30
CA LYS H 442 42.80 -60.27 13.15
C LYS H 442 42.10 -61.60 13.40
N VAL H 443 42.14 -62.49 12.42
CA VAL H 443 41.52 -63.80 12.50
C VAL H 443 42.54 -64.85 12.09
N GLN H 444 42.11 -66.11 12.10
CA GLN H 444 42.96 -67.23 11.72
C GLN H 444 42.95 -67.42 10.21
N ALA H 445 44.11 -67.78 9.65
CA ALA H 445 44.27 -67.92 8.21
C ALA H 445 44.93 -69.21 7.77
N GLU H 446 45.38 -70.06 8.69
CA GLU H 446 45.97 -71.35 8.35
C GLU H 446 45.14 -72.45 9.02
N PHE H 447 44.64 -73.38 8.22
CA PHE H 447 43.78 -74.46 8.69
C PHE H 447 44.39 -75.79 8.31
N ASP H 448 44.48 -76.70 9.28
CA ASP H 448 45.05 -78.01 9.02
C ASP H 448 44.29 -79.19 9.61
N SER H 449 43.36 -78.97 10.54
CA SER H 449 42.62 -80.06 11.17
C SER H 449 41.16 -79.98 10.78
N PHE H 450 40.59 -81.09 10.33
CA PHE H 450 39.21 -81.12 9.86
C PHE H 450 38.45 -82.30 10.44
N TRP H 456 27.05 -92.48 9.53
CA TRP H 456 25.88 -91.77 9.04
C TRP H 456 24.63 -92.64 9.14
N SER H 457 23.50 -92.02 9.48
CA SER H 457 22.22 -92.71 9.60
C SER H 457 21.18 -91.97 8.79
N SER H 458 20.24 -92.73 8.23
CA SER H 458 19.23 -92.14 7.34
C SER H 458 18.36 -91.13 8.08
N GLY H 459 17.86 -91.49 9.27
CA GLY H 459 17.05 -90.60 10.06
C GLY H 459 15.60 -90.50 9.67
N LEU H 460 15.20 -91.09 8.55
CA LEU H 460 13.83 -91.02 8.09
C LEU H 460 12.97 -92.07 8.82
N SER H 461 11.66 -91.98 8.63
CA SER H 461 10.70 -92.85 9.28
C SER H 461 9.78 -93.49 8.24
N ILE H 462 9.25 -94.65 8.60
CA ILE H 462 8.36 -95.38 7.68
C ILE H 462 7.10 -94.59 7.37
N PRO H 463 6.37 -94.02 8.34
CA PRO H 463 5.15 -93.28 7.99
C PRO H 463 5.41 -92.11 7.05
N LEU H 464 6.52 -91.39 7.22
CA LEU H 464 6.82 -90.28 6.33
C LEU H 464 7.09 -90.76 4.91
N ARG H 465 7.84 -91.85 4.77
CA ARG H 465 8.11 -92.41 3.45
C ARG H 465 6.81 -92.87 2.78
N THR H 466 5.94 -93.53 3.54
CA THR H 466 4.65 -93.96 2.99
C THR H 466 3.81 -92.78 2.57
N ARG H 467 3.79 -91.71 3.37
CA ARG H 467 3.02 -90.53 3.02
C ARG H 467 3.55 -89.89 1.74
N ILE H 468 4.86 -89.79 1.60
CA ILE H 468 5.43 -89.22 0.37
C ILE H 468 5.10 -90.10 -0.83
N LYS H 469 5.23 -91.42 -0.68
CA LYS H 469 4.90 -92.33 -1.78
C LYS H 469 3.45 -92.17 -2.21
N TRP H 470 2.53 -92.09 -1.24
CA TRP H 470 1.13 -91.91 -1.57
C TRP H 470 0.87 -90.56 -2.21
N LEU H 471 1.56 -89.51 -1.74
CA LEU H 471 1.37 -88.18 -2.30
C LEU H 471 1.81 -88.12 -3.76
N LEU H 472 2.93 -88.77 -4.09
CA LEU H 472 3.37 -88.79 -5.48
C LEU H 472 2.38 -89.54 -6.37
N SER H 473 1.84 -90.65 -5.89
CA SER H 473 0.88 -91.42 -6.66
C SER H 473 -0.49 -90.73 -6.67
N ASP I 2 -15.53 -61.74 -8.50
CA ASP I 2 -14.18 -61.30 -8.15
C ASP I 2 -14.13 -60.47 -6.86
N PRO I 3 -14.89 -59.38 -6.76
CA PRO I 3 -14.84 -58.58 -5.53
C PRO I 3 -15.63 -59.22 -4.40
N VAL I 4 -15.30 -58.81 -3.18
CA VAL I 4 -15.92 -59.33 -1.97
C VAL I 4 -16.64 -58.17 -1.30
N TYR I 5 -17.87 -58.42 -0.86
CA TYR I 5 -18.73 -57.39 -0.29
C TYR I 5 -18.82 -57.55 1.22
N VAL I 6 -18.73 -56.42 1.93
CA VAL I 6 -18.77 -56.42 3.38
C VAL I 6 -19.85 -55.49 3.86
N ASP I 7 -20.44 -55.82 5.01
CA ASP I 7 -21.61 -55.11 5.53
C ASP I 7 -21.17 -54.03 6.52
N ILE I 8 -20.48 -53.03 5.98
CA ILE I 8 -20.06 -51.86 6.75
C ILE I 8 -20.37 -50.62 5.93
N ASP I 9 -20.42 -49.48 6.62
CA ASP I 9 -20.72 -48.22 5.96
C ASP I 9 -19.57 -47.78 5.06
N ALA I 10 -19.91 -47.10 3.98
CA ALA I 10 -18.94 -46.72 2.96
C ALA I 10 -17.98 -45.63 3.42
N ASP I 11 -18.23 -44.99 4.55
CA ASP I 11 -17.36 -43.91 5.03
C ASP I 11 -16.50 -44.31 6.21
N SER I 12 -16.54 -45.56 6.65
CA SER I 12 -15.78 -45.98 7.82
C SER I 12 -14.29 -46.01 7.51
N ALA I 13 -13.49 -45.72 8.54
CA ALA I 13 -12.04 -45.78 8.43
C ALA I 13 -11.50 -47.19 8.57
N PHE I 14 -12.31 -48.13 9.04
CA PHE I 14 -11.85 -49.52 9.14
C PHE I 14 -11.55 -50.10 7.77
N LEU I 15 -12.28 -49.66 6.74
CA LEU I 15 -12.12 -50.23 5.40
C LEU I 15 -10.67 -50.17 4.94
N LYS I 16 -10.04 -49.00 5.11
CA LYS I 16 -8.61 -48.86 4.83
C LYS I 16 -7.83 -50.05 5.37
N ALA I 17 -7.93 -50.28 6.68
CA ALA I 17 -7.15 -51.34 7.31
C ALA I 17 -7.45 -52.69 6.67
N LEU I 18 -8.72 -52.96 6.36
CA LEU I 18 -9.05 -54.24 5.74
C LEU I 18 -8.32 -54.42 4.43
N GLN I 19 -8.28 -53.36 3.61
CA GLN I 19 -7.58 -53.47 2.33
C GLN I 19 -6.10 -53.71 2.52
N ARG I 20 -5.55 -53.30 3.66
CA ARG I 20 -4.15 -53.56 3.93
C ARG I 20 -3.90 -55.00 4.36
N ALA I 21 -4.90 -55.64 4.96
CA ALA I 21 -4.72 -57.00 5.47
C ALA I 21 -4.98 -58.06 4.42
N TYR I 22 -5.76 -57.75 3.40
CA TYR I 22 -6.11 -58.70 2.33
C TYR I 22 -5.80 -58.04 1.00
N PRO I 23 -4.53 -57.98 0.61
CA PRO I 23 -4.17 -57.30 -0.64
C PRO I 23 -4.49 -58.10 -1.89
N MET I 24 -4.95 -59.34 -1.76
CA MET I 24 -5.28 -60.18 -2.90
C MET I 24 -6.76 -60.12 -3.26
N PHE I 25 -7.51 -59.21 -2.67
CA PHE I 25 -8.94 -59.11 -2.89
C PHE I 25 -9.30 -57.67 -3.23
N GLU I 26 -10.57 -57.48 -3.61
CA GLU I 26 -11.16 -56.16 -3.83
C GLU I 26 -12.36 -56.04 -2.90
N VAL I 27 -12.29 -55.12 -1.95
CA VAL I 27 -13.26 -55.02 -0.88
C VAL I 27 -14.25 -53.90 -1.20
N GLU I 28 -15.55 -54.21 -1.14
CA GLU I 28 -16.59 -53.25 -1.45
C GLU I 28 -17.58 -53.16 -0.31
N PRO I 29 -17.91 -51.96 0.15
CA PRO I 29 -18.89 -51.81 1.24
C PRO I 29 -20.31 -51.88 0.70
N ARG I 30 -21.16 -52.68 1.35
CA ARG I 30 -22.57 -52.80 0.98
C ARG I 30 -23.36 -53.06 2.27
N GLN I 31 -23.86 -51.99 2.86
CA GLN I 31 -24.45 -52.05 4.20
C GLN I 31 -25.95 -52.34 4.12
N VAL I 32 -26.40 -53.34 4.88
CA VAL I 32 -27.80 -53.72 4.89
C VAL I 32 -28.41 -53.77 6.28
N THR I 33 -27.63 -53.87 7.34
CA THR I 33 -28.14 -53.97 8.71
C THR I 33 -27.39 -52.99 9.60
N PRO I 34 -27.99 -52.58 10.72
CA PRO I 34 -27.32 -51.65 11.63
C PRO I 34 -26.46 -52.34 12.68
N ASN I 35 -26.09 -53.60 12.43
CA ASN I 35 -25.32 -54.42 13.37
C ASN I 35 -24.18 -53.63 14.02
N ASP I 36 -24.05 -53.78 15.32
CA ASP I 36 -23.01 -53.07 16.09
C ASP I 36 -21.74 -53.88 16.27
N ALA I 37 -21.67 -55.10 15.71
CA ALA I 37 -20.46 -55.89 15.71
C ALA I 37 -20.06 -56.21 14.27
N ALA I 38 -20.09 -55.19 13.40
CA ALA I 38 -19.92 -55.41 11.98
C ALA I 38 -18.49 -55.74 11.60
N ASN I 39 -17.52 -55.07 12.23
CA ASN I 39 -16.12 -55.22 11.82
C ASN I 39 -15.62 -56.64 12.04
N ALA I 40 -15.98 -57.24 13.17
CA ALA I 40 -15.57 -58.62 13.44
C ALA I 40 -16.15 -59.58 12.43
N ARG I 41 -17.42 -59.39 12.07
CA ARG I 41 -18.07 -60.22 11.07
C ARG I 41 -17.37 -60.09 9.72
N ALA I 42 -17.02 -58.86 9.34
CA ALA I 42 -16.33 -58.67 8.06
C ALA I 42 -14.97 -59.37 8.06
N PHE I 43 -14.22 -59.26 9.16
CA PHE I 43 -12.92 -59.93 9.23
C PHE I 43 -13.08 -61.43 9.10
N SER I 44 -14.06 -62.02 9.80
CA SER I 44 -14.25 -63.47 9.72
C SER I 44 -14.65 -63.89 8.31
N HIS I 45 -15.52 -63.13 7.67
CA HIS I 45 -15.92 -63.42 6.29
C HIS I 45 -14.71 -63.47 5.36
N LEU I 46 -13.87 -62.43 5.42
CA LEU I 46 -12.70 -62.40 4.54
C LEU I 46 -11.72 -63.52 4.88
N ALA I 47 -11.59 -63.86 6.16
CA ALA I 47 -10.68 -64.94 6.53
C ALA I 47 -11.13 -66.27 5.93
N ILE I 48 -12.43 -66.55 5.97
CA ILE I 48 -12.93 -67.79 5.39
C ILE I 48 -12.73 -67.79 3.88
N LYS I 49 -12.96 -66.64 3.24
CA LYS I 49 -12.70 -66.56 1.80
C LYS I 49 -11.25 -66.91 1.47
N LEU I 50 -10.30 -66.33 2.21
CA LEU I 50 -8.89 -66.59 1.95
C LEU I 50 -8.54 -68.05 2.19
N ILE I 51 -9.02 -68.63 3.29
CA ILE I 51 -8.70 -70.02 3.59
C ILE I 51 -9.22 -70.93 2.49
N GLU I 52 -10.45 -70.68 2.02
CA GLU I 52 -10.99 -71.48 0.92
C GLU I 52 -10.15 -71.32 -0.34
N GLN I 53 -9.73 -70.09 -0.65
CA GLN I 53 -8.87 -69.89 -1.82
C GLN I 53 -7.52 -70.58 -1.69
N GLU I 54 -7.09 -70.89 -0.46
CA GLU I 54 -5.78 -71.53 -0.30
C GLU I 54 -5.81 -73.00 -0.66
N ILE I 55 -6.61 -73.80 0.06
CA ILE I 55 -6.55 -75.24 -0.10
C ILE I 55 -7.21 -75.67 -1.40
N ASP I 56 -6.86 -76.87 -1.86
CA ASP I 56 -7.34 -77.40 -3.11
C ASP I 56 -8.73 -78.01 -2.96
N PRO I 57 -9.48 -78.13 -4.06
CA PRO I 57 -10.82 -78.74 -3.98
C PRO I 57 -10.77 -80.23 -3.69
N ASP I 58 -11.94 -80.87 -3.74
CA ASP I 58 -12.11 -82.31 -3.55
C ASP I 58 -11.48 -82.81 -2.25
N SER I 59 -11.25 -81.92 -1.29
CA SER I 59 -10.80 -82.29 0.04
C SER I 59 -11.93 -82.06 1.02
N THR I 60 -12.22 -83.05 1.85
CA THR I 60 -13.22 -82.91 2.89
C THR I 60 -12.66 -82.12 4.06
N ILE I 61 -13.47 -81.21 4.60
CA ILE I 61 -13.04 -80.29 5.65
C ILE I 61 -13.91 -80.50 6.87
N LEU I 62 -13.28 -80.77 8.01
CA LEU I 62 -13.98 -80.83 9.27
C LEU I 62 -14.22 -79.41 9.79
N ASP I 63 -15.44 -79.14 10.24
CA ASP I 63 -15.80 -77.84 10.81
C ASP I 63 -16.18 -78.07 12.27
N ILE I 64 -15.27 -77.70 13.16
CA ILE I 64 -15.40 -77.98 14.59
C ILE I 64 -16.23 -76.89 15.25
N GLY I 65 -17.26 -77.29 15.99
CA GLY I 65 -18.13 -76.35 16.66
C GLY I 65 -18.78 -75.40 15.69
N SER I 66 -19.43 -75.94 14.67
CA SER I 66 -19.88 -75.14 13.54
C SER I 66 -21.31 -74.65 13.71
N ALA I 67 -21.65 -73.64 12.91
CA ALA I 67 -23.02 -73.23 12.65
C ALA I 67 -23.34 -73.62 11.21
N PRO I 68 -24.12 -74.67 10.98
CA PRO I 68 -24.21 -75.23 9.61
C PRO I 68 -24.75 -74.27 8.58
N ALA I 69 -25.61 -73.32 8.98
CA ALA I 69 -26.24 -72.43 8.01
C ALA I 69 -25.23 -71.59 7.24
N ARG I 70 -24.02 -71.41 7.78
CA ARG I 70 -23.00 -70.64 7.10
C ARG I 70 -22.35 -71.39 5.94
N ARG I 71 -22.45 -72.72 5.91
CA ARG I 71 -21.77 -73.52 4.91
C ARG I 71 -22.69 -74.05 3.82
N MET I 72 -23.94 -73.58 3.76
CA MET I 72 -24.91 -74.16 2.85
C MET I 72 -24.58 -73.84 1.40
N MET I 73 -24.31 -72.58 1.08
CA MET I 73 -24.13 -72.14 -0.29
C MET I 73 -22.69 -72.29 -0.77
N SER I 74 -21.89 -73.12 -0.12
CA SER I 74 -20.51 -73.33 -0.51
C SER I 74 -20.39 -74.59 -1.37
N ASP I 75 -19.43 -74.57 -2.29
CA ASP I 75 -19.21 -75.69 -3.19
C ASP I 75 -18.20 -76.69 -2.68
N ARG I 76 -17.53 -76.41 -1.56
CA ARG I 76 -16.58 -77.35 -0.99
C ARG I 76 -17.33 -78.42 -0.20
N LYS I 77 -16.58 -79.39 0.33
CA LYS I 77 -17.14 -80.49 1.09
C LYS I 77 -16.87 -80.25 2.57
N TYR I 78 -17.94 -80.03 3.34
CA TYR I 78 -17.86 -79.74 4.76
C TYR I 78 -18.55 -80.83 5.56
N HIS I 79 -17.90 -81.25 6.65
CA HIS I 79 -18.51 -82.13 7.64
C HIS I 79 -18.57 -81.34 8.95
N CYS I 80 -19.78 -81.00 9.38
CA CYS I 80 -19.98 -80.13 10.52
C CYS I 80 -20.13 -80.95 11.80
N VAL I 81 -19.29 -80.67 12.79
CA VAL I 81 -19.33 -81.35 14.08
C VAL I 81 -20.14 -80.46 15.01
N CYS I 82 -21.37 -80.87 15.32
CA CYS I 82 -22.33 -80.02 16.01
C CYS I 82 -22.94 -80.73 17.21
N PRO I 83 -22.29 -80.69 18.37
CA PRO I 83 -22.96 -81.07 19.62
C PRO I 83 -23.89 -79.94 20.05
N MET I 84 -24.54 -80.13 21.19
CA MET I 84 -25.41 -79.10 21.75
C MET I 84 -24.99 -78.88 23.19
N ARG I 85 -24.00 -78.02 23.38
CA ARG I 85 -23.46 -77.74 24.70
C ARG I 85 -23.71 -76.31 25.18
N SER I 86 -24.05 -75.40 24.28
CA SER I 86 -24.37 -74.02 24.64
C SER I 86 -25.86 -73.77 24.44
N ALA I 87 -26.31 -72.63 24.94
CA ALA I 87 -27.73 -72.29 24.91
C ALA I 87 -28.17 -71.68 23.59
N GLU I 88 -27.26 -71.42 22.66
CA GLU I 88 -27.59 -70.81 21.39
C GLU I 88 -27.64 -71.83 20.25
N ASP I 89 -27.49 -73.11 20.56
CA ASP I 89 -27.41 -74.14 19.52
C ASP I 89 -28.75 -74.55 18.94
N PRO I 90 -29.80 -74.76 19.75
CA PRO I 90 -31.09 -75.14 19.14
C PRO I 90 -31.60 -74.14 18.12
N GLU I 91 -31.41 -72.84 18.38
CA GLU I 91 -31.84 -71.84 17.42
C GLU I 91 -31.04 -71.95 16.12
N ARG I 92 -29.74 -72.21 16.22
CA ARG I 92 -28.93 -72.39 15.03
C ARG I 92 -29.40 -73.59 14.21
N LEU I 93 -29.71 -74.70 14.89
CA LEU I 93 -30.20 -75.88 14.19
C LEU I 93 -31.54 -75.59 13.51
N ALA I 94 -32.44 -74.90 14.21
CA ALA I 94 -33.74 -74.58 13.63
C ALA I 94 -33.58 -73.66 12.42
N ASN I 95 -32.67 -72.68 12.51
CA ASN I 95 -32.42 -71.80 11.38
C ASN I 95 -31.85 -72.57 10.19
N TYR I 96 -30.97 -73.52 10.45
CA TYR I 96 -30.43 -74.35 9.38
C TYR I 96 -31.54 -75.12 8.68
N ALA I 97 -32.42 -75.75 9.47
CA ALA I 97 -33.51 -76.52 8.87
C ALA I 97 -34.44 -75.62 8.07
N ARG I 98 -34.75 -74.44 8.60
CA ARG I 98 -35.62 -73.50 7.90
C ARG I 98 -35.01 -73.07 6.57
N LYS I 99 -33.73 -72.69 6.58
CA LYS I 99 -33.07 -72.25 5.37
C LYS I 99 -32.97 -73.39 4.35
N LEU I 100 -32.75 -74.62 4.82
CA LEU I 100 -32.74 -75.76 3.93
C LEU I 100 -34.09 -75.94 3.25
N ALA I 101 -35.17 -75.85 4.03
CA ALA I 101 -36.51 -76.02 3.47
C ALA I 101 -36.85 -74.91 2.48
N SER I 102 -36.42 -73.68 2.78
CA SER I 102 -36.83 -72.53 1.96
C SER I 102 -36.37 -72.68 0.51
N ALA I 103 -35.12 -73.04 0.30
CA ALA I 103 -34.55 -73.18 -1.04
C ALA I 103 -34.33 -74.66 -1.30
N ALA I 104 -35.37 -75.33 -1.80
CA ALA I 104 -35.31 -76.77 -2.06
C ALA I 104 -35.30 -77.13 -3.54
N GLY I 105 -35.75 -76.22 -4.41
CA GLY I 105 -35.75 -76.52 -5.83
C GLY I 105 -35.16 -75.40 -6.67
N LYS I 106 -34.93 -74.25 -6.03
CA LYS I 106 -34.37 -73.09 -6.74
C LYS I 106 -32.86 -73.16 -6.89
N VAL I 107 -32.18 -73.89 -6.01
CA VAL I 107 -30.73 -74.06 -6.07
C VAL I 107 -30.45 -75.53 -6.34
N LEU I 108 -29.73 -75.81 -7.44
CA LEU I 108 -29.48 -77.17 -7.86
C LEU I 108 -28.00 -77.52 -7.99
N ASP I 109 -27.11 -76.53 -7.97
CA ASP I 109 -25.68 -76.80 -8.07
C ASP I 109 -25.07 -77.28 -6.76
N ARG I 110 -25.83 -77.26 -5.67
CA ARG I 110 -25.37 -77.70 -4.37
C ARG I 110 -26.11 -78.96 -3.95
N ASN I 111 -25.50 -79.69 -3.01
CA ASN I 111 -26.04 -80.96 -2.55
C ASN I 111 -27.16 -80.75 -1.54
N ILE I 112 -28.17 -79.99 -1.97
CA ILE I 112 -29.28 -79.63 -1.08
C ILE I 112 -30.08 -80.86 -0.69
N SER I 113 -30.44 -81.69 -1.68
CA SER I 113 -31.22 -82.89 -1.40
C SER I 113 -30.45 -83.85 -0.50
N GLY I 114 -29.15 -84.01 -0.77
CA GLY I 114 -28.34 -84.85 0.10
C GLY I 114 -28.25 -84.30 1.51
N LYS I 115 -28.15 -82.98 1.64
CA LYS I 115 -28.12 -82.36 2.97
C LYS I 115 -29.41 -82.62 3.73
N ILE I 116 -30.55 -82.49 3.04
CA ILE I 116 -31.83 -82.78 3.68
C ILE I 116 -31.91 -84.24 4.10
N GLY I 117 -31.46 -85.14 3.23
CA GLY I 117 -31.47 -86.56 3.58
C GLY I 117 -30.60 -86.86 4.79
N ASP I 118 -29.41 -86.26 4.85
CA ASP I 118 -28.54 -86.47 6.00
C ASP I 118 -29.16 -85.93 7.27
N LEU I 119 -29.77 -84.75 7.20
CA LEU I 119 -30.42 -84.19 8.39
C LEU I 119 -31.55 -85.09 8.88
N GLN I 120 -32.37 -85.60 7.96
CA GLN I 120 -33.45 -86.50 8.33
C GLN I 120 -32.93 -87.79 8.93
N ALA I 121 -31.86 -88.34 8.35
CA ALA I 121 -31.26 -89.57 8.87
C ALA I 121 -30.73 -89.36 10.29
N VAL I 122 -30.07 -88.23 10.54
CA VAL I 122 -29.56 -87.96 11.88
C VAL I 122 -30.71 -87.76 12.85
N MET I 123 -31.79 -87.12 12.41
CA MET I 123 -32.96 -86.96 13.28
C MET I 123 -33.56 -88.30 13.64
N ALA I 124 -33.64 -89.23 12.68
CA ALA I 124 -34.22 -90.54 12.95
C ALA I 124 -33.39 -91.32 13.95
N VAL I 125 -32.08 -91.43 13.72
CA VAL I 125 -31.16 -92.09 14.61
C VAL I 125 -30.03 -91.11 14.94
N PRO I 126 -29.78 -90.80 16.21
CA PRO I 126 -28.84 -89.72 16.53
C PRO I 126 -27.38 -90.11 16.65
N ASP I 127 -27.03 -91.39 16.57
CA ASP I 127 -25.66 -91.84 16.74
C ASP I 127 -25.07 -92.37 15.43
N THR I 128 -25.38 -91.71 14.33
CA THR I 128 -24.88 -92.11 13.02
C THR I 128 -24.12 -90.95 12.37
N GLU I 129 -23.08 -91.29 11.62
CA GLU I 129 -22.29 -90.30 10.91
C GLU I 129 -22.75 -90.24 9.46
N THR I 130 -23.01 -89.03 8.98
CA THR I 130 -23.38 -88.78 7.60
C THR I 130 -22.30 -87.93 6.95
N PRO I 131 -22.28 -87.84 5.61
CA PRO I 131 -21.23 -87.06 4.96
C PRO I 131 -21.20 -85.60 5.34
N THR I 132 -22.29 -85.04 5.86
CA THR I 132 -22.34 -83.60 6.13
C THR I 132 -22.83 -83.23 7.52
N PHE I 133 -23.05 -84.19 8.41
CA PHE I 133 -23.60 -83.85 9.72
C PHE I 133 -23.33 -84.96 10.72
N CYS I 134 -23.13 -84.56 11.97
CA CYS I 134 -23.03 -85.48 13.09
C CYS I 134 -23.29 -84.71 14.37
N LEU I 135 -23.50 -85.45 15.46
CA LEU I 135 -23.84 -84.86 16.75
C LEU I 135 -22.84 -85.22 17.84
N HIS I 136 -21.60 -85.50 17.46
CA HIS I 136 -20.57 -85.85 18.42
C HIS I 136 -19.70 -84.64 18.73
N THR I 137 -18.76 -84.81 19.65
CA THR I 137 -17.81 -83.75 19.99
C THR I 137 -16.56 -83.92 19.12
N ASP I 138 -15.52 -83.15 19.43
CA ASP I 138 -14.31 -83.20 18.62
C ASP I 138 -13.51 -84.49 18.86
N VAL I 139 -13.57 -85.04 20.07
CA VAL I 139 -12.79 -86.22 20.41
C VAL I 139 -13.60 -87.50 20.25
N SER I 140 -14.77 -87.44 19.62
CA SER I 140 -15.56 -88.64 19.41
C SER I 140 -16.14 -88.77 18.02
N CYS I 141 -15.95 -87.79 17.14
CA CYS I 141 -16.38 -87.95 15.75
C CYS I 141 -15.47 -88.95 15.04
N ARG I 142 -16.07 -89.79 14.20
CA ARG I 142 -15.35 -90.86 13.53
C ARG I 142 -14.98 -90.54 12.09
N GLN I 143 -15.39 -89.39 11.57
CA GLN I 143 -15.11 -89.06 10.18
C GLN I 143 -13.61 -88.82 9.97
N ARG I 144 -13.12 -89.23 8.81
CA ARG I 144 -11.72 -89.05 8.44
C ARG I 144 -11.63 -87.98 7.36
N ALA I 145 -10.68 -87.06 7.51
CA ALA I 145 -10.52 -85.95 6.58
C ALA I 145 -9.04 -85.58 6.53
N ASP I 146 -8.76 -84.40 5.97
CA ASP I 146 -7.39 -83.91 5.90
C ASP I 146 -7.22 -82.46 6.31
N VAL I 147 -8.30 -81.70 6.50
CA VAL I 147 -8.25 -80.31 6.93
C VAL I 147 -9.28 -80.10 8.04
N ALA I 148 -8.91 -79.30 9.04
CA ALA I 148 -9.81 -78.92 10.12
C ALA I 148 -9.80 -77.41 10.26
N ILE I 149 -10.93 -76.85 10.72
CA ILE I 149 -11.08 -75.41 10.85
C ILE I 149 -11.75 -75.09 12.18
N TYR I 150 -11.19 -74.13 12.91
CA TYR I 150 -11.76 -73.61 14.14
C TYR I 150 -12.07 -72.14 13.94
N GLN I 151 -13.33 -71.76 14.07
CA GLN I 151 -13.76 -70.38 13.89
C GLN I 151 -14.41 -69.87 15.18
N ASP I 152 -13.71 -68.97 15.86
CA ASP I 152 -14.20 -68.38 17.12
C ASP I 152 -14.52 -69.46 18.16
N VAL I 153 -13.64 -70.44 18.29
CA VAL I 153 -13.81 -71.52 19.25
C VAL I 153 -12.79 -71.31 20.36
N TYR I 154 -13.26 -71.05 21.58
CA TYR I 154 -12.39 -70.77 22.70
C TYR I 154 -12.56 -71.76 23.85
N ALA I 155 -13.27 -72.87 23.64
CA ALA I 155 -13.70 -73.72 24.74
C ALA I 155 -13.10 -75.13 24.69
N VAL I 156 -11.96 -75.31 24.03
CA VAL I 156 -11.32 -76.61 23.97
C VAL I 156 -9.85 -76.46 24.35
N HIS I 157 -9.26 -77.56 24.81
CA HIS I 157 -7.84 -77.62 25.12
C HIS I 157 -7.09 -77.96 23.84
N ALA I 158 -6.23 -77.05 23.40
CA ALA I 158 -5.68 -77.14 22.04
C ALA I 158 -4.84 -78.39 21.78
N PRO I 159 -3.88 -78.77 22.62
CA PRO I 159 -3.08 -79.97 22.29
C PRO I 159 -3.89 -81.25 22.18
N THR I 160 -4.84 -81.48 23.10
CA THR I 160 -5.64 -82.69 23.07
C THR I 160 -6.50 -82.75 21.80
N SER I 161 -7.15 -81.63 21.48
CA SER I 161 -7.97 -81.57 20.28
C SER I 161 -7.14 -81.79 19.03
N LEU I 162 -5.96 -81.17 18.96
CA LEU I 162 -5.12 -81.34 17.78
C LEU I 162 -4.61 -82.77 17.65
N TYR I 163 -4.28 -83.42 18.77
CA TYR I 163 -3.85 -84.81 18.70
C TYR I 163 -4.96 -85.71 18.20
N HIS I 164 -6.18 -85.51 18.70
CA HIS I 164 -7.30 -86.35 18.24
C HIS I 164 -7.65 -86.05 16.79
N GLN I 165 -7.35 -84.84 16.32
CA GLN I 165 -7.53 -84.54 14.90
C GLN I 165 -6.44 -85.22 14.06
N ALA I 166 -5.22 -85.29 14.60
CA ALA I 166 -4.10 -85.81 13.84
C ALA I 166 -4.11 -87.33 13.72
N ILE I 167 -4.62 -88.04 14.74
CA ILE I 167 -4.61 -89.50 14.67
C ILE I 167 -5.63 -89.99 13.64
N LYS I 168 -6.36 -89.07 13.01
CA LYS I 168 -7.35 -89.40 12.00
C LYS I 168 -6.93 -89.00 10.60
N GLY I 169 -5.70 -88.54 10.41
CA GLY I 169 -5.20 -88.21 9.09
C GLY I 169 -5.27 -86.76 8.68
N VAL I 170 -5.54 -85.85 9.62
CA VAL I 170 -5.57 -84.43 9.31
C VAL I 170 -4.14 -83.89 9.30
N ARG I 171 -3.81 -83.13 8.26
CA ARG I 171 -2.46 -82.58 8.10
C ARG I 171 -2.41 -81.07 8.14
N LEU I 172 -3.55 -80.39 8.23
CA LEU I 172 -3.59 -78.93 8.20
C LEU I 172 -4.74 -78.45 9.05
N ALA I 173 -4.55 -77.33 9.74
CA ALA I 173 -5.58 -76.76 10.60
C ALA I 173 -5.47 -75.25 10.59
N TYR I 174 -6.59 -74.59 10.87
CA TYR I 174 -6.65 -73.14 10.92
C TYR I 174 -7.41 -72.70 12.17
N TRP I 175 -7.09 -71.49 12.64
CA TRP I 175 -7.70 -70.93 13.84
C TRP I 175 -7.92 -69.44 13.64
N VAL I 176 -9.15 -68.98 13.86
CA VAL I 176 -9.51 -67.57 13.75
C VAL I 176 -10.07 -67.13 15.09
N GLY I 177 -9.58 -65.99 15.59
CA GLY I 177 -10.04 -65.50 16.88
C GLY I 177 -9.27 -64.28 17.31
N PHE I 178 -9.50 -63.88 18.55
CA PHE I 178 -8.83 -62.73 19.13
C PHE I 178 -7.42 -63.10 19.59
N ASP I 179 -6.53 -62.11 19.57
CA ASP I 179 -5.16 -62.34 19.99
C ASP I 179 -5.09 -62.67 21.48
N THR I 180 -4.23 -63.62 21.81
CA THR I 180 -4.11 -64.13 23.18
C THR I 180 -2.98 -63.47 23.96
N THR I 181 -2.29 -62.50 23.39
CA THR I 181 -1.17 -61.87 24.08
C THR I 181 -1.57 -61.17 25.38
N PRO I 182 -2.66 -60.40 25.46
CA PRO I 182 -2.99 -59.75 26.74
C PRO I 182 -3.21 -60.71 27.89
N PHE I 183 -3.51 -61.97 27.61
CA PHE I 183 -3.73 -62.94 28.67
C PHE I 183 -2.45 -63.65 29.10
N MET I 184 -1.39 -63.57 28.30
CA MET I 184 -0.09 -64.06 28.75
C MET I 184 0.63 -63.04 29.62
N TYR I 185 0.20 -61.79 29.60
CA TYR I 185 0.69 -60.77 30.52
C TYR I 185 -0.10 -60.70 31.81
N ASN I 186 -1.21 -61.42 31.90
CA ASN I 186 -1.99 -61.56 33.15
C ASN I 186 -2.59 -60.24 33.61
N ALA I 187 -3.34 -59.59 32.72
CA ALA I 187 -4.00 -58.33 33.04
C ALA I 187 -5.35 -58.58 33.69
N MET I 188 -5.89 -57.52 34.30
CA MET I 188 -7.19 -57.55 34.96
C MET I 188 -8.34 -57.27 34.00
N ALA I 189 -8.17 -56.30 33.11
CA ALA I 189 -9.22 -55.88 32.18
C ALA I 189 -8.57 -55.31 30.94
N GLY I 190 -9.35 -55.16 29.87
CA GLY I 190 -8.76 -54.64 28.65
C GLY I 190 -9.77 -54.38 27.57
N ALA I 191 -9.28 -53.82 26.46
CA ALA I 191 -10.11 -53.40 25.35
C ALA I 191 -9.50 -53.79 24.03
N TYR I 192 -10.36 -54.10 23.06
CA TYR I 192 -10.04 -54.13 21.63
C TYR I 192 -10.89 -53.02 21.02
N PRO I 193 -10.34 -51.82 20.85
CA PRO I 193 -11.19 -50.66 20.53
C PRO I 193 -11.65 -50.58 19.09
N SER I 194 -10.92 -51.18 18.15
CA SER I 194 -11.36 -51.14 16.76
C SER I 194 -12.56 -52.04 16.52
N TYR I 195 -12.78 -53.03 17.37
CA TYR I 195 -13.89 -53.96 17.22
C TYR I 195 -14.99 -53.71 18.24
N SER I 196 -14.92 -52.62 18.99
CA SER I 196 -15.89 -52.28 20.02
C SER I 196 -16.02 -53.40 21.05
N THR I 197 -14.88 -53.90 21.53
CA THR I 197 -14.88 -55.03 22.46
C THR I 197 -14.20 -54.62 23.76
N ASN I 198 -14.82 -54.97 24.88
CA ASN I 198 -14.22 -54.79 26.20
C ASN I 198 -14.34 -56.09 26.97
N TRP I 199 -13.35 -56.37 27.81
CA TRP I 199 -13.39 -57.56 28.66
C TRP I 199 -12.87 -57.21 30.04
N ALA I 200 -13.39 -57.91 31.05
CA ALA I 200 -12.99 -57.67 32.43
C ALA I 200 -13.07 -58.96 33.22
N ASP I 201 -12.23 -59.03 34.25
CA ASP I 201 -12.30 -60.11 35.24
C ASP I 201 -13.59 -60.00 36.04
N GLU I 202 -14.07 -61.15 36.53
CA GLU I 202 -15.35 -61.19 37.23
C GLU I 202 -15.33 -60.43 38.54
N GLN I 203 -14.16 -60.14 39.09
CA GLN I 203 -14.08 -59.48 40.39
C GLN I 203 -14.11 -57.95 40.31
N VAL I 204 -14.04 -57.37 39.12
CA VAL I 204 -14.01 -55.91 38.99
C VAL I 204 -15.20 -55.42 38.19
N LEU I 205 -16.29 -56.20 38.19
CA LEU I 205 -17.47 -55.81 37.44
C LEU I 205 -18.23 -54.64 38.06
N LYS I 206 -17.85 -54.21 39.26
CA LYS I 206 -18.49 -53.08 39.93
C LYS I 206 -17.58 -51.87 40.01
N ALA I 207 -16.65 -51.73 39.07
CA ALA I 207 -15.76 -50.58 39.03
C ALA I 207 -16.52 -49.38 38.46
N LYS I 208 -15.81 -48.29 38.19
CA LYS I 208 -16.45 -47.07 37.71
C LYS I 208 -15.95 -46.57 36.38
N ASN I 209 -14.67 -46.74 36.04
CA ASN I 209 -14.10 -46.04 34.90
C ASN I 209 -13.37 -46.97 33.94
N ILE I 210 -13.79 -48.23 33.86
CA ILE I 210 -13.31 -49.14 32.83
C ILE I 210 -14.43 -49.33 31.80
N GLY I 211 -14.10 -50.03 30.71
CA GLY I 211 -15.03 -50.15 29.61
C GLY I 211 -16.30 -50.91 29.96
N LEU I 212 -16.19 -51.96 30.75
CA LEU I 212 -17.32 -52.84 31.07
C LEU I 212 -17.51 -52.89 32.58
N CYS I 213 -18.43 -52.09 33.10
CA CYS I 213 -18.66 -52.02 34.54
C CYS I 213 -19.98 -51.30 34.79
N SER I 214 -20.40 -51.29 36.06
CA SER I 214 -21.60 -50.58 36.49
C SER I 214 -21.54 -50.37 38.00
N THR I 215 -21.92 -49.18 38.45
CA THR I 215 -21.84 -48.84 39.88
C THR I 215 -23.00 -47.93 40.25
N ASP I 216 -23.08 -47.56 41.52
CA ASP I 216 -24.17 -46.79 42.11
C ASP I 216 -23.67 -45.46 42.65
N LEU I 217 -24.59 -44.68 43.21
CA LEU I 217 -24.29 -43.44 43.91
C LEU I 217 -24.32 -43.68 45.41
N THR I 218 -23.45 -42.99 46.14
CA THR I 218 -23.36 -43.18 47.59
C THR I 218 -22.77 -41.95 48.25
N GLU I 219 -22.93 -41.88 49.56
CA GLU I 219 -22.39 -40.79 50.36
C GLU I 219 -21.12 -41.17 51.11
N GLY I 220 -20.94 -42.45 51.45
CA GLY I 220 -19.76 -42.88 52.18
C GLY I 220 -19.99 -43.06 53.67
N LYS I 232 -6.13 -59.37 49.50
CA LYS I 232 -5.51 -59.86 48.27
C LYS I 232 -6.48 -59.75 47.09
N LEU I 233 -5.96 -59.27 45.96
CA LEU I 233 -6.77 -59.08 44.75
C LEU I 233 -5.92 -59.50 43.55
N GLU I 234 -6.18 -60.68 43.02
CA GLU I 234 -5.41 -61.26 41.93
C GLU I 234 -6.36 -61.85 40.91
N PRO I 235 -5.92 -61.97 39.65
CA PRO I 235 -6.80 -62.53 38.61
C PRO I 235 -7.21 -63.97 38.91
N CYS I 236 -8.44 -64.30 38.54
N CYS I 236 -8.44 -64.30 38.54
CA CYS I 236 -9.01 -65.63 38.69
CA CYS I 236 -8.97 -65.65 38.68
C CYS I 236 -9.33 -66.19 37.31
C CYS I 236 -9.34 -66.19 37.30
N ASP I 237 -9.98 -67.36 37.28
CA ASP I 237 -10.18 -68.06 36.02
C ASP I 237 -11.25 -67.40 35.15
N ARG I 238 -12.37 -66.98 35.73
CA ARG I 238 -13.54 -66.62 34.93
C ARG I 238 -13.44 -65.20 34.39
N VAL I 239 -13.72 -65.03 33.09
CA VAL I 239 -13.61 -63.75 32.41
C VAL I 239 -14.89 -63.52 31.60
N LEU I 240 -15.26 -62.25 31.42
CA LEU I 240 -16.43 -61.88 30.63
C LEU I 240 -16.00 -61.07 29.42
N PHE I 241 -16.53 -61.40 28.26
CA PHE I 241 -16.26 -60.73 26.99
C PHE I 241 -17.54 -60.07 26.49
N SER I 242 -17.40 -58.87 25.93
CA SER I 242 -18.56 -58.16 25.38
C SER I 242 -18.20 -57.65 23.98
N VAL I 243 -18.76 -58.28 22.97
CA VAL I 243 -18.56 -57.88 21.57
C VAL I 243 -19.82 -57.16 21.14
N GLY I 244 -19.70 -55.85 20.91
CA GLY I 244 -20.89 -55.04 20.68
C GLY I 244 -21.80 -55.06 21.88
N SER I 245 -22.93 -55.77 21.76
CA SER I 245 -23.82 -55.99 22.89
C SER I 245 -24.08 -57.47 23.12
N THR I 246 -23.14 -58.32 22.72
CA THR I 246 -23.24 -59.76 22.94
C THR I 246 -22.23 -60.17 24.00
N LEU I 247 -22.68 -60.99 24.96
CA LEU I 247 -21.90 -61.35 26.13
C LEU I 247 -21.46 -62.81 26.05
N TYR I 248 -20.20 -63.07 26.39
CA TYR I 248 -19.62 -64.41 26.35
C TYR I 248 -18.75 -64.69 27.57
N PRO I 249 -19.01 -65.76 28.32
CA PRO I 249 -18.10 -66.14 29.40
C PRO I 249 -16.96 -67.01 28.89
N GLU I 250 -15.76 -66.80 29.45
CA GLU I 250 -14.57 -67.50 29.01
C GLU I 250 -13.71 -67.90 30.21
N SER I 251 -12.77 -68.81 29.94
CA SER I 251 -11.85 -69.33 30.95
C SER I 251 -10.42 -68.99 30.54
N ARG I 252 -9.61 -68.60 31.52
CA ARG I 252 -8.24 -68.17 31.23
C ARG I 252 -7.37 -69.34 30.78
N LYS I 253 -7.59 -70.53 31.34
CA LYS I 253 -6.76 -71.68 31.00
C LYS I 253 -6.89 -72.05 29.53
N LEU I 254 -8.12 -72.14 29.03
CA LEU I 254 -8.34 -72.52 27.65
C LEU I 254 -7.89 -71.44 26.67
N LEU I 255 -8.04 -70.17 27.04
CA LEU I 255 -7.51 -69.10 26.21
C LEU I 255 -5.98 -69.17 26.14
N LYS I 256 -5.33 -69.43 27.27
CA LYS I 256 -3.88 -69.52 27.28
C LYS I 256 -3.37 -70.72 26.50
N SER I 257 -4.14 -71.81 26.46
CA SER I 257 -3.66 -73.01 25.80
C SER I 257 -3.46 -72.83 24.30
N TRP I 258 -4.07 -71.81 23.69
CA TRP I 258 -3.96 -71.60 22.26
C TRP I 258 -2.79 -70.70 21.87
N HIS I 259 -1.98 -70.28 22.84
CA HIS I 259 -0.77 -69.49 22.58
C HIS I 259 0.40 -70.47 22.44
N LEU I 260 0.56 -70.99 21.22
CA LEU I 260 1.45 -72.10 20.94
C LEU I 260 2.83 -71.61 20.52
N PRO I 261 3.88 -72.39 20.80
CA PRO I 261 5.23 -72.03 20.35
C PRO I 261 5.42 -72.37 18.88
N SER I 262 6.60 -72.03 18.36
CA SER I 262 6.87 -72.19 16.93
C SER I 262 6.94 -73.64 16.51
N VAL I 263 7.51 -74.52 17.34
CA VAL I 263 7.58 -75.94 17.03
C VAL I 263 7.28 -76.73 18.31
N PHE I 264 6.58 -77.85 18.16
CA PHE I 264 6.29 -78.69 19.32
C PHE I 264 6.07 -80.13 18.90
N HIS I 265 6.08 -81.02 19.90
CA HIS I 265 5.97 -82.46 19.72
C HIS I 265 4.72 -82.98 20.39
N LEU I 266 4.06 -83.96 19.75
CA LEU I 266 2.94 -84.68 20.34
C LEU I 266 3.33 -86.15 20.43
N LYS I 267 3.51 -86.64 21.66
CA LYS I 267 4.08 -87.97 21.90
C LYS I 267 3.05 -88.83 22.64
N GLY I 268 2.42 -89.75 21.92
CA GLY I 268 1.50 -90.71 22.51
C GLY I 268 1.78 -92.10 21.95
N LYS I 269 0.69 -92.81 21.63
CA LYS I 269 0.84 -94.07 20.92
C LYS I 269 1.46 -93.84 19.55
N LEU I 270 1.06 -92.77 18.88
CA LEU I 270 1.74 -92.27 17.68
C LEU I 270 2.36 -90.92 18.01
N SER I 271 3.31 -90.51 17.18
CA SER I 271 4.09 -89.30 17.44
C SER I 271 4.00 -88.36 16.24
N PHE I 272 3.95 -87.06 16.54
CA PHE I 272 3.85 -86.04 15.51
C PHE I 272 4.72 -84.84 15.88
N THR I 273 5.18 -84.15 14.84
CA THR I 273 5.92 -82.91 14.97
C THR I 273 5.11 -81.82 14.28
N CYS I 274 4.85 -80.73 14.99
CA CYS I 274 3.95 -79.70 14.49
C CYS I 274 4.58 -78.32 14.61
N ARG I 275 4.14 -77.42 13.75
CA ARG I 275 4.61 -76.04 13.78
C ARG I 275 3.45 -75.09 13.47
N CYS I 276 3.49 -73.92 14.11
CA CYS I 276 2.42 -72.93 14.07
C CYS I 276 2.96 -71.57 13.68
N ASP I 277 2.21 -70.83 12.84
CA ASP I 277 2.62 -69.49 12.49
C ASP I 277 1.41 -68.62 12.19
N THR I 278 1.60 -67.31 12.31
CA THR I 278 0.53 -66.33 12.10
C THR I 278 0.61 -65.79 10.68
N VAL I 279 -0.52 -65.80 9.97
CA VAL I 279 -0.53 -65.41 8.57
C VAL I 279 -1.30 -64.12 8.31
N VAL I 280 -2.29 -63.79 9.14
CA VAL I 280 -3.02 -62.52 9.02
C VAL I 280 -3.14 -61.91 10.42
N SER I 281 -2.98 -60.59 10.50
CA SER I 281 -3.04 -59.89 11.77
C SER I 281 -3.55 -58.48 11.53
N CYS I 282 -4.66 -58.11 12.16
CA CYS I 282 -5.27 -56.79 11.98
C CYS I 282 -5.84 -56.30 13.31
N GLU I 283 -5.02 -55.57 14.06
CA GLU I 283 -5.45 -54.78 15.22
C GLU I 283 -6.05 -55.62 16.34
N GLY I 284 -5.72 -56.91 16.42
CA GLY I 284 -6.26 -57.73 17.49
C GLY I 284 -6.83 -59.05 17.04
N TYR I 285 -7.30 -59.12 15.80
CA TYR I 285 -7.73 -60.38 15.20
C TYR I 285 -6.57 -61.01 14.44
N VAL I 286 -6.46 -62.34 14.53
CA VAL I 286 -5.38 -63.08 13.90
C VAL I 286 -5.92 -64.31 13.19
N VAL I 287 -5.10 -64.85 12.28
CA VAL I 287 -5.32 -66.15 11.67
C VAL I 287 -4.04 -66.97 11.84
N LYS I 288 -4.18 -68.17 12.39
CA LYS I 288 -3.05 -69.05 12.67
C LYS I 288 -3.13 -70.30 11.80
N ARG I 289 -1.97 -70.74 11.32
CA ARG I 289 -1.83 -71.93 10.50
C ARG I 289 -0.92 -72.92 11.19
N ILE I 290 -1.39 -74.17 11.33
CA ILE I 290 -0.68 -75.23 12.03
C ILE I 290 -0.51 -76.41 11.09
N THR I 291 0.70 -76.95 11.03
CA THR I 291 0.98 -78.14 10.24
C THR I 291 1.55 -79.23 11.13
N MET I 292 1.11 -80.47 10.89
CA MET I 292 1.52 -81.63 11.68
C MET I 292 2.01 -82.74 10.76
N SER I 293 3.09 -83.42 11.16
CA SER I 293 3.71 -84.46 10.36
C SER I 293 4.04 -85.66 11.24
N PRO I 294 4.03 -86.87 10.69
CA PRO I 294 4.32 -88.07 11.50
C PRO I 294 5.80 -88.20 11.80
N GLY I 295 6.10 -88.66 13.01
CA GLY I 295 7.46 -88.87 13.45
C GLY I 295 8.01 -87.70 14.26
N LEU I 296 9.15 -87.94 14.89
CA LEU I 296 9.83 -86.93 15.71
C LEU I 296 11.09 -86.46 15.00
N TYR I 297 11.25 -85.15 14.90
CA TYR I 297 12.39 -84.55 14.21
C TYR I 297 12.80 -83.27 14.91
N GLY I 298 14.10 -83.00 14.91
CA GLY I 298 14.61 -81.76 15.46
C GLY I 298 14.52 -81.72 16.97
N LYS I 299 14.62 -80.50 17.50
CA LYS I 299 14.48 -80.25 18.92
C LYS I 299 13.79 -78.91 19.13
N THR I 300 13.23 -78.73 20.31
CA THR I 300 12.38 -77.58 20.62
C THR I 300 13.05 -76.66 21.63
N THR I 301 12.66 -75.39 21.61
CA THR I 301 13.14 -74.40 22.57
C THR I 301 12.08 -73.95 23.56
N GLY I 302 10.82 -73.84 23.13
CA GLY I 302 9.76 -73.47 24.03
C GLY I 302 9.45 -71.98 24.11
N TYR I 303 9.64 -71.25 23.02
CA TYR I 303 9.41 -69.81 23.01
C TYR I 303 8.33 -69.45 22.00
N ALA I 304 7.53 -68.44 22.33
CA ALA I 304 6.50 -67.92 21.44
C ALA I 304 6.71 -66.44 21.25
N VAL I 305 6.55 -65.97 20.01
CA VAL I 305 6.90 -64.62 19.61
C VAL I 305 5.68 -63.92 19.02
N THR I 306 5.50 -62.65 19.36
CA THR I 306 4.45 -61.80 18.80
C THR I 306 5.08 -60.56 18.19
N HIS I 307 4.71 -60.25 16.96
CA HIS I 307 5.18 -59.05 16.27
C HIS I 307 4.14 -57.95 16.42
N HIS I 308 4.59 -56.75 16.78
CA HIS I 308 3.71 -55.62 17.03
C HIS I 308 3.80 -54.63 15.88
N ALA I 309 2.69 -54.46 15.16
CA ALA I 309 2.61 -53.41 14.15
C ALA I 309 2.03 -52.12 14.71
N ASP I 310 1.21 -52.21 15.74
CA ASP I 310 0.73 -51.08 16.52
C ASP I 310 1.40 -51.10 17.89
N GLY I 311 1.09 -50.10 18.70
CA GLY I 311 1.58 -50.08 20.06
C GLY I 311 0.71 -50.90 21.00
N PHE I 312 1.35 -51.58 21.93
CA PHE I 312 0.65 -52.35 22.95
C PHE I 312 1.03 -51.80 24.31
N LEU I 313 0.03 -51.49 25.13
CA LEU I 313 0.25 -50.85 26.43
C LEU I 313 -0.36 -51.69 27.55
N MET I 314 0.38 -51.79 28.66
CA MET I 314 -0.10 -52.34 29.91
C MET I 314 0.32 -51.42 31.03
N CYS I 315 -0.61 -51.07 31.93
CA CYS I 315 -0.30 -50.09 32.96
C CYS I 315 -1.16 -50.33 34.19
N LYS I 316 -0.69 -49.78 35.30
CA LYS I 316 -1.38 -49.86 36.58
C LYS I 316 -2.23 -48.61 36.78
N THR I 317 -3.45 -48.81 37.27
CA THR I 317 -4.40 -47.74 37.44
C THR I 317 -5.14 -47.91 38.76
N THR I 318 -5.70 -46.81 39.26
CA THR I 318 -6.39 -46.74 40.53
C THR I 318 -7.86 -46.44 40.28
N ASP I 319 -8.74 -47.19 40.95
CA ASP I 319 -10.18 -47.01 40.78
C ASP I 319 -10.86 -47.32 42.10
N THR I 320 -12.19 -47.21 42.11
CA THR I 320 -13.00 -47.62 43.24
C THR I 320 -13.92 -48.75 42.79
N VAL I 321 -13.82 -49.89 43.44
CA VAL I 321 -14.69 -51.04 43.20
C VAL I 321 -15.65 -51.12 44.37
N ASP I 322 -16.94 -50.98 44.07
CA ASP I 322 -18.01 -51.04 45.06
C ASP I 322 -17.78 -50.04 46.19
N GLY I 323 -17.09 -48.94 45.90
CA GLY I 323 -16.84 -47.90 46.88
C GLY I 323 -15.47 -47.95 47.54
N GLU I 324 -14.70 -49.01 47.34
CA GLU I 324 -13.40 -49.15 47.98
C GLU I 324 -12.30 -48.94 46.96
N ARG I 325 -11.30 -48.12 47.33
CA ARG I 325 -10.25 -47.73 46.40
C ARG I 325 -9.18 -48.81 46.29
N VAL I 326 -8.87 -49.23 45.07
CA VAL I 326 -7.93 -50.31 44.79
C VAL I 326 -7.13 -49.96 43.53
N SER I 327 -6.15 -50.80 43.21
CA SER I 327 -5.28 -50.63 42.06
C SER I 327 -5.12 -51.95 41.32
N PHE I 328 -5.13 -51.89 39.99
CA PHE I 328 -4.94 -53.09 39.16
C PHE I 328 -4.50 -52.67 37.77
N SER I 329 -4.20 -53.65 36.92
CA SER I 329 -3.56 -53.41 35.64
C SER I 329 -4.53 -53.61 34.47
N VAL I 330 -4.39 -52.74 33.45
CA VAL I 330 -5.22 -52.77 32.25
C VAL I 330 -4.31 -52.68 31.02
N CYS I 331 -4.83 -53.14 29.88
CA CYS I 331 -4.06 -53.19 28.64
C CYS I 331 -4.89 -52.68 27.48
N THR I 332 -4.22 -52.19 26.44
CA THR I 332 -4.90 -51.63 25.28
C THR I 332 -3.95 -51.56 24.08
N TYR I 333 -4.51 -51.16 22.94
CA TYR I 333 -3.81 -51.02 21.66
C TYR I 333 -3.85 -49.57 21.19
N VAL I 334 -2.74 -49.11 20.62
CA VAL I 334 -2.60 -47.71 20.20
C VAL I 334 -2.17 -47.64 18.74
N PRO I 335 -2.77 -46.78 17.92
CA PRO I 335 -2.37 -46.68 16.52
C PRO I 335 -0.93 -46.20 16.35
N ALA I 336 -0.29 -46.68 15.29
CA ALA I 336 1.15 -46.44 15.09
C ALA I 336 1.48 -44.97 14.83
N THR I 337 0.62 -44.23 14.16
CA THR I 337 0.92 -42.83 13.85
C THR I 337 0.99 -41.97 15.10
N ILE I 338 0.10 -42.19 16.07
CA ILE I 338 0.17 -41.45 17.32
C ILE I 338 1.45 -41.77 18.07
N CYS I 339 1.80 -43.06 18.13
CA CYS I 339 3.05 -43.46 18.78
C CYS I 339 4.25 -42.79 18.14
N ASP I 340 4.26 -42.73 16.79
CA ASP I 340 5.37 -42.06 16.10
C ASP I 340 5.38 -40.56 16.40
N GLN I 341 4.21 -39.94 16.53
CA GLN I 341 4.15 -38.51 16.78
C GLN I 341 4.41 -38.13 18.24
N MET I 342 4.46 -39.08 19.16
CA MET I 342 4.78 -38.79 20.55
C MET I 342 6.25 -39.02 20.91
N THR I 343 7.11 -39.28 19.92
CA THR I 343 8.49 -39.64 20.22
C THR I 343 9.26 -38.48 20.86
N GLY I 344 9.06 -37.26 20.36
CA GLY I 344 9.85 -36.14 20.84
C GLY I 344 9.45 -35.65 22.22
N ILE I 345 8.15 -35.74 22.53
CA ILE I 345 7.66 -35.25 23.81
C ILE I 345 8.17 -36.11 24.96
N LEU I 346 8.26 -37.41 24.75
CA LEU I 346 8.63 -38.34 25.81
C LEU I 346 10.11 -38.32 26.13
N ALA I 347 10.87 -37.35 25.62
CA ALA I 347 12.27 -37.20 25.98
C ALA I 347 12.48 -36.49 27.31
N THR I 348 11.43 -35.87 27.85
CA THR I 348 11.46 -35.15 29.11
C THR I 348 10.41 -35.72 30.05
N GLU I 349 10.28 -35.11 31.22
CA GLU I 349 9.24 -35.47 32.18
C GLU I 349 8.01 -34.62 31.92
N VAL I 350 6.86 -35.27 31.82
CA VAL I 350 5.62 -34.61 31.43
C VAL I 350 4.51 -35.08 32.37
N THR I 351 3.65 -34.14 32.77
CA THR I 351 2.52 -34.44 33.63
C THR I 351 1.38 -35.06 32.83
N PRO I 352 0.51 -35.83 33.48
CA PRO I 352 -0.61 -36.44 32.76
C PRO I 352 -1.56 -35.46 32.09
N GLU I 353 -1.77 -34.27 32.67
CA GLU I 353 -2.69 -33.31 32.05
C GLU I 353 -2.15 -32.75 30.74
N ASP I 354 -0.86 -32.42 30.71
CA ASP I 354 -0.25 -31.96 29.48
C ASP I 354 -0.25 -33.03 28.40
N ALA I 355 0.02 -34.28 28.79
CA ALA I 355 -0.06 -35.39 27.84
C ALA I 355 -1.46 -35.56 27.31
N GLN I 356 -2.48 -35.42 28.17
CA GLN I 356 -3.86 -35.53 27.71
C GLN I 356 -4.20 -34.45 26.70
N LYS I 357 -3.79 -33.20 26.98
CA LYS I 357 -4.06 -32.14 26.02
C LYS I 357 -3.33 -32.36 24.70
N LEU I 358 -2.08 -32.82 24.75
CA LEU I 358 -1.35 -33.10 23.52
C LEU I 358 -2.00 -34.22 22.71
N LEU I 359 -2.42 -35.29 23.37
CA LEU I 359 -3.07 -36.38 22.68
C LEU I 359 -4.39 -35.93 22.05
N VAL I 360 -5.16 -35.12 22.76
CA VAL I 360 -6.40 -34.60 22.19
C VAL I 360 -6.09 -33.73 20.97
N GLY I 361 -5.01 -32.96 21.04
CA GLY I 361 -4.61 -32.17 19.89
C GLY I 361 -4.24 -33.00 18.68
N LEU I 362 -3.51 -34.10 18.91
CA LEU I 362 -3.16 -34.98 17.79
C LEU I 362 -4.36 -35.71 17.22
N ASN I 363 -5.31 -36.09 18.07
CA ASN I 363 -6.50 -36.81 17.62
C ASN I 363 -7.44 -35.88 16.87
N ASN I 377 -11.47 -38.69 14.22
CA ASN I 377 -10.87 -39.35 15.36
C ASN I 377 -10.11 -40.60 14.95
N THR I 378 -8.79 -40.59 15.16
CA THR I 378 -7.99 -41.77 14.87
C THR I 378 -8.19 -42.87 15.92
N MET I 379 -8.43 -42.49 17.17
CA MET I 379 -8.63 -43.45 18.24
C MET I 379 -9.82 -43.01 19.08
N LYS I 380 -10.44 -43.98 19.74
CA LYS I 380 -11.61 -43.70 20.57
C LYS I 380 -11.24 -42.86 21.78
N ASN I 381 -12.11 -41.93 22.14
CA ASN I 381 -11.78 -40.96 23.18
C ASN I 381 -11.82 -41.55 24.58
N TYR I 382 -12.71 -42.51 24.84
CA TYR I 382 -12.85 -43.04 26.19
C TYR I 382 -11.60 -43.75 26.67
N MET I 383 -10.67 -44.06 25.79
CA MET I 383 -9.44 -44.73 26.16
C MET I 383 -8.30 -43.75 26.40
N ILE I 384 -8.51 -42.47 26.10
CA ILE I 384 -7.41 -41.49 26.16
C ILE I 384 -6.91 -41.23 27.58
N PRO I 385 -7.77 -40.99 28.58
CA PRO I 385 -7.24 -40.58 29.89
C PRO I 385 -6.28 -41.56 30.53
N VAL I 386 -6.46 -42.86 30.32
CA VAL I 386 -5.53 -43.82 30.91
C VAL I 386 -4.24 -43.94 30.10
N VAL I 387 -4.32 -43.86 28.77
CA VAL I 387 -3.11 -43.84 27.94
C VAL I 387 -2.21 -42.68 28.35
N ALA I 388 -2.79 -41.49 28.51
CA ALA I 388 -2.02 -40.33 28.93
C ALA I 388 -1.37 -40.57 30.29
N GLN I 389 -1.98 -41.39 31.14
CA GLN I 389 -1.38 -41.69 32.43
C GLN I 389 -0.22 -42.67 32.27
N ALA I 390 -0.29 -43.57 31.29
CA ALA I 390 0.77 -44.56 31.13
C ALA I 390 2.03 -43.92 30.57
N PHE I 391 1.91 -43.17 29.48
CA PHE I 391 3.05 -42.50 28.87
C PHE I 391 3.81 -41.69 29.91
N SER I 392 3.10 -40.86 30.67
CA SER I 392 3.73 -40.01 31.67
C SER I 392 4.59 -40.81 32.63
N LYS I 393 4.13 -42.00 33.03
CA LYS I 393 4.95 -42.79 33.93
C LYS I 393 6.16 -43.37 33.21
N TRP I 394 5.95 -43.89 32.00
CA TRP I 394 7.04 -44.53 31.27
C TRP I 394 8.24 -43.60 31.13
N ALA I 395 7.99 -42.39 30.62
CA ALA I 395 9.06 -41.41 30.47
C ALA I 395 9.81 -41.21 31.77
N LYS I 396 9.09 -41.07 32.89
CA LYS I 396 9.77 -40.85 34.15
C LYS I 396 10.69 -42.02 34.49
N GLU I 397 10.20 -43.25 34.33
CA GLU I 397 11.03 -44.41 34.63
C GLU I 397 12.26 -44.47 33.74
N CYS I 398 12.23 -43.82 32.57
CA CYS I 398 13.42 -43.78 31.76
C CYS I 398 14.49 -42.88 32.36
N ARG I 399 14.09 -41.71 32.85
CA ARG I 399 15.08 -40.75 33.33
C ARG I 399 15.91 -41.33 34.46
N LYS I 400 15.25 -41.99 35.42
CA LYS I 400 15.97 -42.62 36.52
C LYS I 400 17.01 -43.60 36.02
N ASP I 401 16.69 -44.38 34.98
CA ASP I 401 17.66 -45.32 34.45
C ASP I 401 18.91 -44.61 33.96
N MET I 402 18.74 -43.44 33.36
CA MET I 402 19.90 -42.71 32.87
C MET I 402 20.71 -42.07 34.00
N GLU I 403 20.14 -41.96 35.19
CA GLU I 403 20.81 -41.26 36.28
C GLU I 403 21.45 -42.21 37.29
N ASP I 404 21.29 -43.51 37.14
CA ASP I 404 21.91 -44.51 38.01
C ASP I 404 22.60 -45.52 37.10
N GLU I 405 23.84 -45.22 36.72
CA GLU I 405 24.55 -45.97 35.70
C GLU I 405 25.59 -46.89 36.35
N LYS I 406 25.54 -48.17 36.00
CA LYS I 406 26.39 -49.19 36.60
C LYS I 406 27.67 -49.36 35.76
N LEU I 407 28.42 -50.41 36.05
CA LEU I 407 29.61 -50.76 35.29
C LEU I 407 29.32 -51.92 34.36
N LEU I 408 30.13 -52.01 33.30
CA LEU I 408 29.90 -53.03 32.28
C LEU I 408 30.25 -54.42 32.80
N GLY I 409 29.32 -55.35 32.65
CA GLY I 409 29.55 -56.74 33.02
C GLY I 409 29.73 -56.98 34.50
N VAL I 410 28.92 -56.35 35.34
CA VAL I 410 29.06 -56.44 36.79
C VAL I 410 27.68 -56.33 37.42
N ARG I 411 27.45 -57.12 38.47
CA ARG I 411 26.22 -57.09 39.23
C ARG I 411 26.53 -56.92 40.71
N GLU I 412 25.74 -56.10 41.39
CA GLU I 412 25.88 -55.89 42.83
C GLU I 412 24.84 -56.72 43.56
N ARG I 413 25.31 -57.66 44.39
CA ARG I 413 24.41 -58.55 45.13
C ARG I 413 24.90 -58.72 46.56
N THR I 414 25.28 -57.64 47.21
CA THR I 414 25.73 -57.70 48.60
C THR I 414 24.62 -58.16 49.53
N TRP I 421 22.50 -62.51 51.09
CA TRP I 421 23.09 -61.64 50.09
C TRP I 421 22.01 -61.18 49.12
N ALA I 422 21.52 -59.95 49.31
CA ALA I 422 20.32 -59.47 48.66
C ALA I 422 20.61 -58.31 47.72
N PHE I 423 19.81 -58.21 46.67
CA PHE I 423 19.83 -57.10 45.74
C PHE I 423 18.44 -56.52 45.63
N LYS I 424 18.36 -55.21 45.46
CA LYS I 424 17.07 -54.53 45.40
C LYS I 424 16.44 -54.69 44.02
N LYS I 425 15.11 -54.72 44.00
CA LYS I 425 14.34 -54.74 42.77
C LYS I 425 13.64 -53.40 42.61
N GLN I 426 13.78 -52.80 41.44
CA GLN I 426 13.12 -51.53 41.17
C GLN I 426 11.64 -51.76 40.88
N LYS I 427 10.89 -50.67 40.83
CA LYS I 427 9.45 -50.72 40.58
C LYS I 427 9.14 -50.42 39.13
N THR I 428 8.20 -51.18 38.57
CA THR I 428 7.78 -51.01 37.18
C THR I 428 6.28 -50.82 37.17
N HIS I 429 5.81 -49.70 36.61
CA HIS I 429 4.39 -49.40 36.55
C HIS I 429 3.84 -49.38 35.14
N THR I 430 4.68 -49.58 34.12
CA THR I 430 4.23 -49.50 32.74
C THR I 430 5.09 -50.40 31.87
N VAL I 431 4.42 -51.10 30.94
CA VAL I 431 5.09 -51.87 29.89
C VAL I 431 4.59 -51.33 28.56
N TYR I 432 5.53 -50.96 27.69
CA TYR I 432 5.20 -50.28 26.44
C TYR I 432 5.97 -50.96 25.30
N LYS I 433 5.25 -51.67 24.43
CA LYS I 433 5.85 -52.32 23.27
C LYS I 433 5.59 -51.45 22.05
N ARG I 434 6.63 -50.82 21.54
CA ARG I 434 6.52 -49.90 20.42
C ARG I 434 6.37 -50.65 19.11
N PRO I 435 5.86 -49.98 18.07
CA PRO I 435 5.75 -50.63 16.76
C PRO I 435 7.12 -51.13 16.27
N ASP I 436 7.09 -52.29 15.62
CA ASP I 436 8.28 -52.96 15.07
C ASP I 436 9.15 -53.57 16.16
N THR I 437 8.56 -54.00 17.26
CA THR I 437 9.24 -54.76 18.30
C THR I 437 8.58 -56.13 18.41
N GLN I 438 9.10 -56.96 19.32
CA GLN I 438 8.61 -58.32 19.46
C GLN I 438 8.59 -58.74 20.94
N SER I 439 7.53 -59.43 21.33
CA SER I 439 7.43 -60.05 22.65
C SER I 439 7.83 -61.52 22.55
N ILE I 440 8.41 -62.04 23.63
CA ILE I 440 8.87 -63.43 23.67
C ILE I 440 8.55 -64.01 25.04
N GLN I 441 8.02 -65.24 25.07
CA GLN I 441 7.58 -65.85 26.30
C GLN I 441 7.80 -67.35 26.27
N LYS I 442 8.10 -67.91 27.43
CA LYS I 442 8.44 -69.32 27.58
C LYS I 442 7.18 -70.12 27.89
N VAL I 443 6.87 -71.11 27.06
CA VAL I 443 5.71 -71.96 27.22
C VAL I 443 6.14 -73.42 27.12
N GLN I 444 5.17 -74.32 27.22
CA GLN I 444 5.43 -75.76 27.13
C GLN I 444 5.45 -76.20 25.68
N ALA I 445 6.34 -77.14 25.37
CA ALA I 445 6.51 -77.60 24.00
C ALA I 445 6.52 -79.12 23.84
N GLU I 446 6.45 -79.88 24.93
CA GLU I 446 6.38 -81.33 24.86
C GLU I 446 5.10 -81.80 25.53
N PHE I 447 4.28 -82.54 24.79
CA PHE I 447 2.99 -83.00 25.28
C PHE I 447 2.93 -84.51 25.18
N ASP I 448 2.51 -85.16 26.27
CA ASP I 448 2.42 -86.62 26.26
C ASP I 448 1.15 -87.18 26.87
N SER I 449 0.36 -86.41 27.61
CA SER I 449 -0.85 -86.91 28.26
C SER I 449 -2.07 -86.24 27.64
N PHE I 450 -3.06 -87.05 27.27
CA PHE I 450 -4.24 -86.55 26.59
C PHE I 450 -5.52 -87.14 27.20
N TRP I 456 -20.25 -91.07 25.91
CA TRP I 456 -20.91 -90.01 25.16
C TRP I 456 -22.43 -90.21 25.18
N SER I 457 -23.15 -89.09 25.27
CA SER I 457 -24.60 -89.09 25.27
C SER I 457 -25.12 -88.13 24.21
N SER I 458 -26.26 -88.48 23.62
CA SER I 458 -26.81 -87.68 22.52
C SER I 458 -27.15 -86.27 22.97
N GLY I 459 -27.86 -86.14 24.10
CA GLY I 459 -28.20 -84.84 24.63
C GLY I 459 -29.41 -84.19 24.00
N LEU I 460 -29.95 -84.74 22.92
CA LEU I 460 -31.11 -84.15 22.26
C LEU I 460 -32.40 -84.53 22.99
N SER I 461 -33.49 -83.90 22.57
CA SER I 461 -34.79 -84.11 23.18
C SER I 461 -35.82 -84.45 22.12
N ILE I 462 -36.87 -85.17 22.54
CA ILE I 462 -37.91 -85.57 21.60
C ILE I 462 -38.64 -84.37 20.99
N PRO I 463 -39.08 -83.37 21.76
CA PRO I 463 -39.78 -82.24 21.11
C PRO I 463 -38.94 -81.51 20.07
N LEU I 464 -37.63 -81.35 20.32
CA LEU I 464 -36.79 -80.68 19.35
C LEU I 464 -36.66 -81.50 18.07
N ARG I 465 -36.51 -82.82 18.19
CA ARG I 465 -36.44 -83.67 17.02
C ARG I 465 -37.74 -83.62 16.22
N THR I 466 -38.88 -83.66 16.92
CA THR I 466 -40.17 -83.57 16.24
C THR I 466 -40.31 -82.24 15.53
N ARG I 467 -39.89 -81.15 16.18
CA ARG I 467 -39.99 -79.83 15.56
C ARG I 467 -39.14 -79.75 14.30
N ILE I 468 -37.92 -80.30 14.35
CA ILE I 468 -37.07 -80.28 13.17
C ILE I 468 -37.67 -81.12 12.05
N LYS I 469 -38.19 -82.30 12.40
CA LYS I 469 -38.82 -83.16 11.40
C LYS I 469 -40.00 -82.45 10.72
N TRP I 470 -40.83 -81.79 11.52
CA TRP I 470 -41.96 -81.07 10.95
C TRP I 470 -41.50 -79.89 10.11
N LEU I 471 -40.45 -79.19 10.53
CA LEU I 471 -39.94 -78.05 9.77
C LEU I 471 -39.42 -78.48 8.41
N LEU I 472 -38.72 -79.62 8.35
CA LEU I 472 -38.23 -80.09 7.05
C LEU I 472 -39.38 -80.47 6.14
N SER I 473 -40.41 -81.11 6.67
CA SER I 473 -41.57 -81.50 5.87
C SER I 473 -42.44 -80.29 5.55
N ASP J 2 -41.96 -48.55 -2.46
CA ASP J 2 -40.59 -48.70 -1.97
C ASP J 2 -40.26 -47.75 -0.80
N PRO J 3 -40.43 -46.43 -0.96
CA PRO J 3 -40.11 -45.53 0.13
C PRO J 3 -41.18 -45.53 1.20
N VAL J 4 -40.79 -45.09 2.39
CA VAL J 4 -41.67 -45.02 3.54
C VAL J 4 -41.82 -43.56 3.94
N TYR J 5 -43.04 -43.14 4.22
CA TYR J 5 -43.36 -41.75 4.50
C TYR J 5 -43.62 -41.56 5.98
N VAL J 6 -43.07 -40.48 6.54
CA VAL J 6 -43.21 -40.19 7.96
C VAL J 6 -43.77 -38.79 8.13
N ASP J 7 -44.52 -38.60 9.21
CA ASP J 7 -45.26 -37.37 9.45
C ASP J 7 -44.45 -36.42 10.34
N ILE J 8 -43.32 -35.97 9.78
CA ILE J 8 -42.47 -34.99 10.45
C ILE J 8 -42.10 -33.92 9.42
N ASP J 9 -41.65 -32.78 9.94
CA ASP J 9 -41.29 -31.66 9.08
C ASP J 9 -40.00 -31.97 8.32
N ALA J 10 -39.89 -31.42 7.11
CA ALA J 10 -38.79 -31.73 6.22
C ALA J 10 -37.46 -31.12 6.67
N ASP J 11 -37.47 -30.23 7.66
CA ASP J 11 -36.25 -29.58 8.12
C ASP J 11 -35.76 -30.09 9.46
N SER J 12 -36.41 -31.08 10.04
CA SER J 12 -36.03 -31.56 11.36
C SER J 12 -34.70 -32.32 11.30
N ALA J 13 -33.94 -32.23 12.39
CA ALA J 13 -32.68 -32.96 12.51
C ALA J 13 -32.88 -34.40 12.92
N PHE J 14 -34.08 -34.77 13.38
CA PHE J 14 -34.33 -36.17 13.74
C PHE J 14 -34.23 -37.07 12.52
N LEU J 15 -34.60 -36.56 11.35
CA LEU J 15 -34.61 -37.38 10.14
C LEU J 15 -33.28 -38.07 9.90
N LYS J 16 -32.19 -37.30 10.00
CA LYS J 16 -30.84 -37.87 9.93
C LYS J 16 -30.75 -39.15 10.74
N ALA J 17 -31.05 -39.06 12.04
CA ALA J 17 -30.91 -40.22 12.92
C ALA J 17 -31.75 -41.39 12.43
N LEU J 18 -32.97 -41.12 11.97
CA LEU J 18 -33.82 -42.19 11.49
C LEU J 18 -33.15 -42.93 10.33
N GLN J 19 -32.56 -42.18 9.40
CA GLN J 19 -31.91 -42.83 8.26
C GLN J 19 -30.73 -43.67 8.71
N ARG J 20 -30.14 -43.34 9.86
CA ARG J 20 -29.04 -44.14 10.38
C ARG J 20 -29.54 -45.43 11.03
N ALA J 21 -30.77 -45.43 11.55
CA ALA J 21 -31.27 -46.60 12.25
C ALA J 21 -31.92 -47.61 11.34
N TYR J 22 -32.40 -47.18 10.17
CA TYR J 22 -33.06 -48.05 9.21
C TYR J 22 -32.39 -47.88 7.86
N PRO J 23 -31.21 -48.47 7.67
CA PRO J 23 -30.49 -48.27 6.40
C PRO J 23 -31.03 -49.07 5.23
N MET J 24 -32.03 -49.92 5.45
CA MET J 24 -32.63 -50.72 4.40
C MET J 24 -33.88 -50.08 3.81
N PHE J 25 -34.16 -48.82 4.16
CA PHE J 25 -35.36 -48.14 3.71
C PHE J 25 -34.97 -46.79 3.12
N GLU J 26 -35.97 -46.12 2.54
CA GLU J 26 -35.85 -44.76 2.04
C GLU J 26 -36.92 -43.93 2.75
N VAL J 27 -36.50 -42.98 3.57
CA VAL J 27 -37.40 -42.25 4.47
C VAL J 27 -37.71 -40.90 3.83
N GLU J 28 -39.01 -40.58 3.73
CA GLU J 28 -39.44 -39.32 3.14
C GLU J 28 -40.36 -38.58 4.09
N PRO J 29 -40.13 -37.29 4.33
CA PRO J 29 -41.01 -36.52 5.22
C PRO J 29 -42.24 -36.04 4.48
N ARG J 30 -43.41 -36.24 5.09
CA ARG J 30 -44.68 -35.77 4.53
C ARG J 30 -45.59 -35.41 5.70
N GLN J 31 -45.58 -34.13 6.07
CA GLN J 31 -46.23 -33.67 7.29
C GLN J 31 -47.68 -33.27 7.02
N VAL J 32 -48.59 -33.78 7.83
CA VAL J 32 -50.01 -33.49 7.67
C VAL J 32 -50.68 -33.00 8.95
N THR J 33 -50.12 -33.23 10.13
CA THR J 33 -50.70 -32.83 11.39
C THR J 33 -49.66 -32.14 12.25
N PRO J 34 -50.08 -31.30 13.19
CA PRO J 34 -49.12 -30.61 14.06
C PRO J 34 -48.77 -31.40 15.32
N ASN J 35 -49.02 -32.71 15.31
CA ASN J 35 -48.79 -33.59 16.45
C ASN J 35 -47.47 -33.30 17.15
N ASP J 36 -47.52 -33.25 18.49
CA ASP J 36 -46.34 -32.94 19.29
C ASP J 36 -45.61 -34.19 19.77
N ALA J 37 -46.08 -35.38 19.40
CA ALA J 37 -45.38 -36.61 19.69
C ALA J 37 -45.07 -37.34 18.38
N ALA J 38 -44.55 -36.61 17.40
CA ALA J 38 -44.41 -37.15 16.06
C ALA J 38 -43.27 -38.16 15.95
N ASN J 39 -42.14 -37.88 16.63
CA ASN J 39 -40.97 -38.72 16.46
C ASN J 39 -41.20 -40.14 16.95
N ALA J 40 -41.89 -40.29 18.08
CA ALA J 40 -42.19 -41.63 18.60
C ALA J 40 -43.08 -42.40 17.64
N ARG J 41 -44.07 -41.72 17.06
CA ARG J 41 -44.95 -42.36 16.09
C ARG J 41 -44.18 -42.81 14.87
N ALA J 42 -43.26 -41.97 14.38
CA ALA J 42 -42.46 -42.36 13.22
C ALA J 42 -41.60 -43.57 13.51
N PHE J 43 -40.98 -43.60 14.69
CA PHE J 43 -40.16 -44.76 15.06
C PHE J 43 -40.98 -46.03 15.12
N SER J 44 -42.17 -45.97 15.72
CA SER J 44 -43.01 -47.15 15.80
C SER J 44 -43.46 -47.62 14.42
N HIS J 45 -43.82 -46.69 13.55
CA HIS J 45 -44.21 -47.02 12.18
C HIS J 45 -43.09 -47.78 11.47
N LEU J 46 -41.87 -47.25 11.51
CA LEU J 46 -40.77 -47.91 10.83
C LEU J 46 -40.46 -49.27 11.46
N ALA J 47 -40.59 -49.38 12.78
CA ALA J 47 -40.33 -50.66 13.43
C ALA J 47 -41.30 -51.73 12.96
N ILE J 48 -42.58 -51.38 12.83
CA ILE J 48 -43.56 -52.35 12.35
C ILE J 48 -43.27 -52.73 10.91
N LYS J 49 -42.88 -51.75 10.09
CA LYS J 49 -42.51 -52.07 8.70
C LYS J 49 -41.37 -53.09 8.66
N LEU J 50 -40.32 -52.86 9.46
CA LEU J 50 -39.18 -53.77 9.45
C LEU J 50 -39.57 -55.17 9.94
N ILE J 51 -40.35 -55.23 11.02
CA ILE J 51 -40.74 -56.55 11.55
C ILE J 51 -41.55 -57.31 10.51
N GLU J 52 -42.47 -56.63 9.82
CA GLU J 52 -43.24 -57.30 8.77
C GLU J 52 -42.33 -57.77 7.65
N GLN J 53 -41.36 -56.95 7.25
CA GLN J 53 -40.44 -57.38 6.21
C GLN J 53 -39.57 -58.56 6.65
N GLU J 54 -39.43 -58.79 7.94
CA GLU J 54 -38.59 -59.90 8.40
C GLU J 54 -39.29 -61.24 8.23
N ILE J 55 -40.42 -61.44 8.92
CA ILE J 55 -41.03 -62.76 8.97
C ILE J 55 -41.71 -63.09 7.65
N ASP J 56 -41.92 -64.39 7.42
CA ASP J 56 -42.50 -64.86 6.18
C ASP J 56 -44.02 -64.76 6.20
N PRO J 57 -44.66 -64.73 5.03
CA PRO J 57 -46.12 -64.64 4.97
C PRO J 57 -46.80 -65.91 5.46
N ASP J 58 -48.13 -65.96 5.33
CA ASP J 58 -48.97 -67.11 5.69
C ASP J 58 -48.75 -67.58 7.11
N SER J 59 -48.20 -66.72 7.96
CA SER J 59 -48.08 -66.99 9.39
C SER J 59 -49.04 -66.09 10.14
N THR J 60 -49.81 -66.68 11.05
CA THR J 60 -50.72 -65.89 11.89
C THR J 60 -49.93 -65.23 13.01
N ILE J 61 -50.27 -63.98 13.30
CA ILE J 61 -49.53 -63.16 14.26
C ILE J 61 -50.49 -62.73 15.36
N LEU J 62 -50.14 -63.03 16.60
CA LEU J 62 -50.88 -62.52 17.74
C LEU J 62 -50.47 -61.08 18.01
N ASP J 63 -51.45 -60.21 18.24
CA ASP J 63 -51.20 -58.81 18.55
C ASP J 63 -51.75 -58.56 19.96
N ILE J 64 -50.85 -58.46 20.92
CA ILE J 64 -51.21 -58.39 22.34
C ILE J 64 -51.47 -56.93 22.71
N GLY J 65 -52.62 -56.69 23.33
CA GLY J 65 -52.99 -55.34 23.73
C GLY J 65 -53.05 -54.40 22.55
N SER J 66 -53.80 -54.78 21.52
CA SER J 66 -53.73 -54.10 20.24
C SER J 66 -54.77 -53.00 20.11
N ALA J 67 -54.53 -52.12 19.14
CA ALA J 67 -55.54 -51.20 18.62
C ALA J 67 -55.89 -51.66 17.22
N PRO J 68 -57.04 -52.28 17.01
CA PRO J 68 -57.28 -52.99 15.73
C PRO J 68 -57.23 -52.10 14.51
N ALA J 69 -57.58 -50.82 14.64
CA ALA J 69 -57.64 -49.94 13.47
C ALA J 69 -56.30 -49.80 12.76
N ARG J 70 -55.20 -50.09 13.46
CA ARG J 70 -53.88 -50.00 12.84
C ARG J 70 -53.57 -51.17 11.91
N ARG J 71 -54.29 -52.28 12.04
CA ARG J 71 -53.99 -53.48 11.28
C ARG J 71 -54.96 -53.73 10.14
N MET J 72 -55.83 -52.77 9.83
CA MET J 72 -56.89 -53.02 8.86
C MET J 72 -56.35 -53.17 7.45
N MET J 73 -55.50 -52.24 7.01
CA MET J 73 -55.02 -52.20 5.64
C MET J 73 -53.79 -53.08 5.41
N SER J 74 -53.53 -54.03 6.28
CA SER J 74 -52.38 -54.92 6.14
C SER J 74 -52.80 -56.23 5.50
N ASP J 75 -51.89 -56.82 4.73
CA ASP J 75 -52.14 -58.07 4.04
C ASP J 75 -51.76 -59.30 4.83
N ARG J 76 -51.12 -59.14 5.98
CA ARG J 76 -50.77 -60.28 6.82
C ARG J 76 -51.99 -60.73 7.62
N LYS J 77 -51.82 -61.80 8.38
CA LYS J 77 -52.89 -62.37 9.19
C LYS J 77 -52.66 -62.00 10.65
N TYR J 78 -53.55 -61.18 11.20
CA TYR J 78 -53.44 -60.70 12.57
C TYR J 78 -54.63 -61.19 13.40
N HIS J 79 -54.34 -61.63 14.62
CA HIS J 79 -55.36 -61.93 15.61
C HIS J 79 -55.14 -60.97 16.77
N CYS J 80 -56.08 -60.05 16.97
CA CYS J 80 -55.92 -58.98 17.94
C CYS J 80 -56.54 -59.39 19.27
N VAL J 81 -55.75 -59.34 20.34
CA VAL J 81 -56.20 -59.66 21.68
C VAL J 81 -56.57 -58.36 22.36
N CYS J 82 -57.85 -58.10 22.53
CA CYS J 82 -58.36 -56.79 22.94
C CYS J 82 -59.32 -56.91 24.12
N PRO J 83 -58.81 -56.94 25.33
CA PRO J 83 -59.67 -56.73 26.50
C PRO J 83 -60.00 -55.25 26.62
N MET J 84 -60.74 -54.91 27.66
CA MET J 84 -61.07 -53.50 27.94
C MET J 84 -60.71 -53.22 29.40
N ARG J 85 -59.44 -52.89 29.62
CA ARG J 85 -58.94 -52.62 30.96
C ARG J 85 -58.53 -51.19 31.19
N SER J 86 -58.33 -50.41 30.14
CA SER J 86 -58.00 -49.00 30.25
C SER J 86 -59.17 -48.15 29.79
N ALA J 87 -59.08 -46.85 30.06
CA ALA J 87 -60.17 -45.92 29.77
C ALA J 87 -60.16 -45.44 28.33
N GLU J 88 -59.17 -45.79 27.53
CA GLU J 88 -59.08 -45.37 26.14
C GLU J 88 -59.51 -46.44 25.16
N ASP J 89 -60.01 -47.58 25.65
CA ASP J 89 -60.33 -48.71 24.79
C ASP J 89 -61.67 -48.57 24.07
N PRO J 90 -62.76 -48.13 24.72
CA PRO J 90 -64.02 -48.00 23.98
C PRO J 90 -63.92 -47.08 22.78
N GLU J 91 -63.16 -45.99 22.88
CA GLU J 91 -63.00 -45.11 21.74
C GLU J 91 -62.25 -45.81 20.60
N ARG J 92 -61.24 -46.61 20.95
CA ARG J 92 -60.52 -47.35 19.92
C ARG J 92 -61.43 -48.34 19.22
N LEU J 93 -62.28 -49.05 19.98
CA LEU J 93 -63.22 -49.99 19.37
C LEU J 93 -64.20 -49.27 18.46
N ALA J 94 -64.73 -48.13 18.91
CA ALA J 94 -65.67 -47.37 18.09
C ALA J 94 -65.00 -46.88 16.82
N ASN J 95 -63.77 -46.41 16.92
CA ASN J 95 -63.04 -45.96 15.73
C ASN J 95 -62.81 -47.12 14.77
N TYR J 96 -62.50 -48.30 15.29
CA TYR J 96 -62.34 -49.46 14.42
C TYR J 96 -63.63 -49.78 13.67
N ALA J 97 -64.75 -49.78 14.39
CA ALA J 97 -66.02 -50.07 13.73
C ALA J 97 -66.36 -49.03 12.68
N ARG J 98 -66.12 -47.75 13.00
CA ARG J 98 -66.39 -46.68 12.06
C ARG J 98 -65.56 -46.82 10.79
N LYS J 99 -64.25 -47.08 10.96
CA LYS J 99 -63.38 -47.21 9.80
C LYS J 99 -63.73 -48.45 8.98
N LEU J 100 -64.16 -49.52 9.64
CA LEU J 100 -64.62 -50.70 8.91
C LEU J 100 -65.85 -50.38 8.07
N ALA J 101 -66.81 -49.67 8.65
CA ALA J 101 -68.02 -49.33 7.92
C ALA J 101 -67.73 -48.39 6.76
N SER J 102 -66.80 -47.46 6.94
CA SER J 102 -66.56 -46.43 5.93
C SER J 102 -66.12 -47.03 4.60
N ALA J 103 -65.16 -47.95 4.63
CA ALA J 103 -64.63 -48.57 3.43
C ALA J 103 -65.11 -50.02 3.40
N ALA J 104 -66.30 -50.24 2.84
CA ALA J 104 -66.90 -51.56 2.79
C ALA J 104 -66.95 -52.17 1.40
N GLY J 105 -66.85 -51.35 0.35
CA GLY J 105 -66.89 -51.87 -1.00
C GLY J 105 -65.78 -51.32 -1.88
N LYS J 106 -65.09 -50.29 -1.38
CA LYS J 106 -64.00 -49.67 -2.12
C LYS J 106 -62.69 -50.44 -2.02
N VAL J 107 -62.50 -51.22 -0.96
CA VAL J 107 -61.30 -52.03 -0.78
C VAL J 107 -61.71 -53.49 -0.81
N LEU J 108 -61.14 -54.25 -1.73
CA LEU J 108 -61.52 -55.64 -1.93
C LEU J 108 -60.37 -56.64 -1.78
N ASP J 109 -59.13 -56.17 -1.75
CA ASP J 109 -57.99 -57.06 -1.59
C ASP J 109 -57.78 -57.50 -0.15
N ARG J 110 -58.52 -56.94 0.79
CA ARG J 110 -58.41 -57.29 2.20
C ARG J 110 -59.69 -57.98 2.66
N ASN J 111 -59.56 -58.71 3.77
CA ASN J 111 -60.67 -59.49 4.32
C ASN J 111 -61.64 -58.60 5.10
N ILE J 112 -62.14 -57.57 4.42
CA ILE J 112 -63.00 -56.59 5.08
C ILE J 112 -64.32 -57.23 5.50
N SER J 113 -64.94 -57.98 4.58
CA SER J 113 -66.22 -58.62 4.90
C SER J 113 -66.06 -59.64 6.02
N GLY J 114 -64.97 -60.41 5.99
CA GLY J 114 -64.72 -61.34 7.07
C GLY J 114 -64.48 -60.64 8.39
N LYS J 115 -63.79 -59.49 8.36
CA LYS J 115 -63.57 -58.72 9.57
C LYS J 115 -64.89 -58.23 10.16
N ILE J 116 -65.78 -57.73 9.29
CA ILE J 116 -67.09 -57.29 9.76
C ILE J 116 -67.87 -58.45 10.35
N GLY J 117 -67.84 -59.60 9.69
CA GLY J 117 -68.53 -60.77 10.22
C GLY J 117 -68.00 -61.19 11.58
N ASP J 118 -66.68 -61.18 11.74
CA ASP J 118 -66.09 -61.55 13.03
C ASP J 118 -66.48 -60.54 14.11
N LEU J 119 -66.47 -59.25 13.80
CA LEU J 119 -66.87 -58.26 14.78
C LEU J 119 -68.32 -58.44 15.19
N GLN J 120 -69.21 -58.69 14.23
CA GLN J 120 -70.61 -58.91 14.56
C GLN J 120 -70.79 -60.18 15.39
N ALA J 121 -70.06 -61.24 15.06
CA ALA J 121 -70.16 -62.48 15.84
C ALA J 121 -69.70 -62.26 17.28
N VAL J 122 -68.61 -61.53 17.47
CA VAL J 122 -68.13 -61.26 18.82
C VAL J 122 -69.12 -60.38 19.57
N MET J 123 -69.75 -59.42 18.89
CA MET J 123 -70.76 -58.60 19.53
C MET J 123 -71.95 -59.43 19.98
N ALA J 124 -72.38 -60.39 19.15
CA ALA J 124 -73.53 -61.22 19.50
C ALA J 124 -73.23 -62.08 20.72
N VAL J 125 -72.11 -62.81 20.69
CA VAL J 125 -71.68 -63.63 21.82
C VAL J 125 -70.26 -63.22 22.17
N PRO J 126 -69.98 -62.82 23.41
CA PRO J 126 -68.68 -62.23 23.74
C PRO J 126 -67.58 -63.21 24.12
N ASP J 127 -67.88 -64.49 24.27
CA ASP J 127 -66.88 -65.48 24.71
C ASP J 127 -66.53 -66.45 23.59
N THR J 128 -66.40 -65.95 22.37
CA THR J 128 -66.05 -66.77 21.22
C THR J 128 -64.80 -66.23 20.56
N GLU J 129 -63.98 -67.12 20.03
CA GLU J 129 -62.76 -66.75 19.31
C GLU J 129 -63.03 -66.77 17.82
N THR J 130 -62.66 -65.70 17.15
CA THR J 130 -62.76 -65.57 15.72
C THR J 130 -61.36 -65.44 15.12
N PRO J 131 -61.21 -65.62 13.82
CA PRO J 131 -59.87 -65.54 13.22
C PRO J 131 -59.18 -64.20 13.41
N THR J 132 -59.91 -63.11 13.68
CA THR J 132 -59.30 -61.79 13.73
C THR J 132 -59.67 -60.98 14.97
N PHE J 133 -60.38 -61.56 15.94
CA PHE J 133 -60.80 -60.75 17.08
C PHE J 133 -61.16 -61.66 18.25
N CYS J 134 -60.88 -61.16 19.46
CA CYS J 134 -61.33 -61.80 20.69
C CYS J 134 -61.28 -60.77 21.80
N LEU J 135 -61.89 -61.10 22.94
CA LEU J 135 -62.02 -60.19 24.07
C LEU J 135 -61.39 -60.75 25.33
N HIS J 136 -60.39 -61.63 25.20
CA HIS J 136 -59.72 -62.22 26.35
C HIS J 136 -58.41 -61.48 26.61
N THR J 137 -57.74 -61.87 27.69
CA THR J 137 -56.43 -61.32 28.02
C THR J 137 -55.34 -62.19 27.39
N ASP J 138 -54.08 -61.93 27.75
CA ASP J 138 -52.99 -62.67 27.15
C ASP J 138 -52.90 -64.09 27.67
N VAL J 139 -53.31 -64.32 28.93
CA VAL J 139 -53.20 -65.65 29.54
C VAL J 139 -54.50 -66.43 29.43
N SER J 140 -55.45 -65.97 28.62
CA SER J 140 -56.70 -66.70 28.46
C SER J 140 -57.17 -66.82 27.02
N CYS J 141 -56.48 -66.22 26.06
CA CYS J 141 -56.82 -66.43 24.66
C CYS J 141 -56.44 -67.84 24.24
N ARG J 142 -57.30 -68.48 23.44
CA ARG J 142 -57.11 -69.87 23.05
C ARG J 142 -56.53 -70.02 21.65
N GLN J 143 -56.31 -68.93 20.92
CA GLN J 143 -55.80 -69.03 19.56
C GLN J 143 -54.37 -69.53 19.55
N ARG J 144 -54.03 -70.33 18.55
CA ARG J 144 -52.69 -70.88 18.37
C ARG J 144 -52.03 -70.19 17.18
N ALA J 145 -50.77 -69.78 17.36
CA ALA J 145 -50.04 -69.07 16.32
C ALA J 145 -48.56 -69.41 16.45
N ASP J 146 -47.71 -68.62 15.79
CA ASP J 146 -46.27 -68.82 15.86
C ASP J 146 -45.48 -67.54 16.10
N VAL J 147 -46.09 -66.36 16.02
CA VAL J 147 -45.42 -65.09 16.26
C VAL J 147 -46.31 -64.24 17.16
N ALA J 148 -45.69 -63.51 18.09
CA ALA J 148 -46.38 -62.57 18.96
C ALA J 148 -45.68 -61.22 18.90
N ILE J 149 -46.45 -60.16 19.09
CA ILE J 149 -45.91 -58.80 19.00
C ILE J 149 -46.45 -57.96 20.16
N TYR J 150 -45.56 -57.24 20.83
CA TYR J 150 -45.91 -56.29 21.88
C TYR J 150 -45.48 -54.91 21.43
N GLN J 151 -46.42 -53.98 21.33
CA GLN J 151 -46.14 -52.61 20.88
C GLN J 151 -46.57 -51.65 21.98
N ASP J 152 -45.58 -51.03 22.64
CA ASP J 152 -45.83 -50.07 23.71
C ASP J 152 -46.70 -50.66 24.82
N VAL J 153 -46.40 -51.89 25.23
CA VAL J 153 -47.12 -52.57 26.28
C VAL J 153 -46.20 -52.64 27.50
N TYR J 154 -46.59 -51.96 28.58
CA TYR J 154 -45.78 -51.90 29.78
C TYR J 154 -46.49 -52.46 31.01
N ALA J 155 -47.61 -53.16 30.84
CA ALA J 155 -48.46 -53.50 31.97
C ALA J 155 -48.60 -55.00 32.19
N VAL J 156 -47.63 -55.80 31.75
CA VAL J 156 -47.66 -57.24 31.97
C VAL J 156 -46.33 -57.69 32.55
N HIS J 157 -46.36 -58.81 33.25
CA HIS J 157 -45.17 -59.46 33.77
C HIS J 157 -44.57 -60.34 32.68
N ALA J 158 -43.36 -60.02 32.26
CA ALA J 158 -42.82 -60.60 31.02
C ALA J 158 -42.64 -62.11 31.07
N PRO J 159 -42.03 -62.72 32.09
CA PRO J 159 -41.87 -64.18 32.04
C PRO J 159 -43.17 -64.96 32.00
N THR J 160 -44.18 -64.56 32.78
CA THR J 160 -45.45 -65.27 32.78
C THR J 160 -46.14 -65.17 31.42
N SER J 161 -46.17 -63.96 30.85
CA SER J 161 -46.77 -63.76 29.54
C SER J 161 -46.05 -64.58 28.48
N LEU J 162 -44.72 -64.58 28.51
CA LEU J 162 -43.96 -65.32 27.50
C LEU J 162 -44.18 -66.82 27.65
N TYR J 163 -44.28 -67.33 28.88
CA TYR J 163 -44.54 -68.75 29.08
C TYR J 163 -45.91 -69.14 28.53
N HIS J 164 -46.93 -68.31 28.80
CA HIS J 164 -48.25 -68.63 28.29
C HIS J 164 -48.32 -68.49 26.77
N GLN J 165 -47.46 -67.65 26.20
CA GLN J 165 -47.37 -67.60 24.74
C GLN J 165 -46.67 -68.83 24.18
N ALA J 166 -45.66 -69.34 24.90
CA ALA J 166 -44.86 -70.44 24.41
C ALA J 166 -45.58 -71.78 24.49
N ILE J 167 -46.42 -71.98 25.50
CA ILE J 167 -47.10 -73.27 25.62
C ILE J 167 -48.16 -73.43 24.53
N LYS J 168 -48.31 -72.43 23.68
CA LYS J 168 -49.27 -72.47 22.58
C LYS J 168 -48.62 -72.57 21.22
N GLY J 169 -47.30 -72.76 21.16
CA GLY J 169 -46.61 -72.95 19.91
C GLY J 169 -45.96 -71.73 19.31
N VAL J 170 -45.83 -70.64 20.06
CA VAL J 170 -45.17 -69.44 19.56
C VAL J 170 -43.67 -69.62 19.70
N ARG J 171 -42.93 -69.29 18.64
CA ARG J 171 -41.49 -69.45 18.61
C ARG J 171 -40.73 -68.15 18.45
N LEU J 172 -41.42 -67.02 18.27
CA LEU J 172 -40.76 -65.75 18.04
C LEU J 172 -41.62 -64.63 18.63
N ALA J 173 -40.98 -63.61 19.18
CA ALA J 173 -41.68 -62.49 19.79
C ALA J 173 -40.88 -61.22 19.59
N TYR J 174 -41.58 -60.09 19.61
CA TYR J 174 -40.96 -58.78 19.46
C TYR J 174 -41.50 -57.83 20.51
N TRP J 175 -40.70 -56.82 20.84
CA TRP J 175 -41.06 -55.83 21.85
C TRP J 175 -40.53 -54.47 21.42
N VAL J 176 -41.42 -53.47 21.39
CA VAL J 176 -41.08 -52.11 21.04
C VAL J 176 -41.45 -51.21 22.20
N GLY J 177 -40.53 -50.34 22.62
CA GLY J 177 -40.81 -49.46 23.73
C GLY J 177 -39.59 -48.65 24.11
N PHE J 178 -39.69 -47.97 25.24
CA PHE J 178 -38.61 -47.15 25.76
C PHE J 178 -37.58 -48.02 26.47
N ASP J 179 -36.34 -47.57 26.46
CA ASP J 179 -35.26 -48.29 27.11
C ASP J 179 -35.46 -48.33 28.62
N THR J 180 -35.19 -49.49 29.22
CA THR J 180 -35.42 -49.71 30.64
C THR J 180 -34.18 -49.51 31.49
N THR J 181 -33.07 -49.08 30.91
CA THR J 181 -31.83 -48.90 31.68
C THR J 181 -31.95 -47.86 32.79
N PRO J 182 -32.56 -46.69 32.60
CA PRO J 182 -32.64 -45.72 33.71
C PRO J 182 -33.38 -46.24 34.93
N PHE J 183 -34.22 -47.26 34.78
CA PHE J 183 -34.93 -47.82 35.91
C PHE J 183 -34.18 -48.92 36.62
N MET J 184 -33.14 -49.49 35.99
CA MET J 184 -32.26 -50.40 36.71
C MET J 184 -31.22 -49.68 37.53
N TYR J 185 -31.02 -48.39 37.28
CA TYR J 185 -30.16 -47.55 38.12
C TYR J 185 -30.92 -46.88 39.25
N ASN J 186 -32.26 -46.99 39.27
CA ASN J 186 -33.10 -46.54 40.38
C ASN J 186 -33.04 -45.02 40.56
N ALA J 187 -33.33 -44.29 39.49
CA ALA J 187 -33.34 -42.84 39.53
C ALA J 187 -34.70 -42.31 39.99
N MET J 188 -34.72 -41.03 40.36
CA MET J 188 -35.93 -40.34 40.81
C MET J 188 -36.73 -39.78 39.66
N ALA J 189 -36.07 -39.17 38.68
CA ALA J 189 -36.73 -38.52 37.55
C ALA J 189 -35.78 -38.54 36.36
N GLY J 190 -36.33 -38.27 35.18
CA GLY J 190 -35.47 -38.32 34.01
C GLY J 190 -36.17 -37.84 32.76
N ALA J 191 -35.38 -37.79 31.67
CA ALA J 191 -35.84 -37.25 30.40
C ALA J 191 -35.37 -38.12 29.24
N TYR J 192 -36.21 -38.18 28.20
CA TYR J 192 -35.83 -38.62 26.86
C TYR J 192 -36.02 -37.39 25.99
N PRO J 193 -34.95 -36.62 25.75
CA PRO J 193 -35.12 -35.29 25.15
C PRO J 193 -35.39 -35.29 23.66
N SER J 194 -34.96 -36.31 22.92
CA SER J 194 -35.23 -36.35 21.49
C SER J 194 -36.69 -36.64 21.19
N TYR J 195 -37.41 -37.25 22.12
CA TYR J 195 -38.81 -37.59 21.93
C TYR J 195 -39.74 -36.69 22.72
N SER J 196 -39.21 -35.62 23.33
CA SER J 196 -39.99 -34.69 24.13
C SER J 196 -40.71 -35.42 25.28
N THR J 197 -39.98 -36.28 25.99
CA THR J 197 -40.58 -37.08 27.04
C THR J 197 -39.89 -36.78 28.37
N ASN J 198 -40.67 -36.59 29.42
CA ASN J 198 -40.16 -36.46 30.77
C ASN J 198 -40.94 -37.40 31.69
N TRP J 199 -40.26 -37.93 32.70
CA TRP J 199 -40.92 -38.78 33.69
C TRP J 199 -40.40 -38.43 35.07
N ALA J 200 -41.26 -38.63 36.07
CA ALA J 200 -40.90 -38.33 37.45
C ALA J 200 -41.63 -39.27 38.39
N ASP J 201 -41.01 -39.51 39.54
CA ASP J 201 -41.65 -40.24 40.63
C ASP J 201 -42.79 -39.41 41.22
N GLU J 202 -43.79 -40.11 41.76
CA GLU J 202 -44.99 -39.43 42.25
C GLU J 202 -44.72 -38.53 43.44
N GLN J 203 -43.58 -38.70 44.12
CA GLN J 203 -43.30 -37.91 45.32
C GLN J 203 -42.61 -36.58 45.03
N VAL J 204 -42.19 -36.33 43.80
CA VAL J 204 -41.47 -35.10 43.49
C VAL J 204 -42.23 -34.29 42.45
N LEU J 205 -43.55 -34.47 42.38
CA LEU J 205 -44.35 -33.74 41.40
C LEU J 205 -44.50 -32.26 41.74
N LYS J 206 -44.07 -31.83 42.93
CA LYS J 206 -44.15 -30.43 43.33
C LYS J 206 -42.79 -29.77 43.38
N ALA J 207 -41.84 -30.24 42.59
CA ALA J 207 -40.51 -29.64 42.53
C ALA J 207 -40.58 -28.36 41.70
N LYS J 208 -39.42 -27.79 41.39
CA LYS J 208 -39.37 -26.53 40.67
C LYS J 208 -38.59 -26.56 39.37
N ASN J 209 -37.53 -27.35 39.26
CA ASN J 209 -36.60 -27.21 38.14
C ASN J 209 -36.33 -28.54 37.44
N ILE J 210 -37.29 -29.46 37.46
CA ILE J 210 -37.22 -30.67 36.65
C ILE J 210 -38.20 -30.53 35.49
N GLY J 211 -38.17 -31.49 34.58
CA GLY J 211 -38.96 -31.40 33.37
C GLY J 211 -40.46 -31.42 33.61
N LEU J 212 -40.91 -32.24 34.55
CA LEU J 212 -42.35 -32.44 34.80
C LEU J 212 -42.65 -32.12 36.26
N CYS J 213 -43.12 -30.90 36.53
CA CYS J 213 -43.41 -30.46 37.88
C CYS J 213 -44.24 -29.19 37.83
N SER J 214 -44.70 -28.75 39.00
CA SER J 214 -45.45 -27.51 39.14
C SER J 214 -45.42 -27.06 40.60
N THR J 215 -45.23 -25.77 40.84
CA THR J 215 -45.11 -25.24 42.19
C THR J 215 -45.73 -23.85 42.24
N ASP J 216 -45.72 -23.25 43.43
CA ASP J 216 -46.37 -21.97 43.73
C ASP J 216 -45.34 -20.93 44.16
N LEU J 217 -45.83 -19.74 44.46
CA LEU J 217 -45.03 -18.65 45.03
C LEU J 217 -45.30 -18.57 46.53
N THR J 218 -44.25 -18.20 47.29
CA THR J 218 -44.38 -18.15 48.74
C THR J 218 -43.33 -17.21 49.31
N GLU J 219 -43.54 -16.82 50.56
CA GLU J 219 -42.61 -15.97 51.29
C GLU J 219 -41.73 -16.72 52.27
N GLY J 220 -42.19 -17.85 52.81
CA GLY J 220 -41.42 -18.62 53.75
C GLY J 220 -41.81 -18.39 55.20
N LYS J 232 -36.94 -39.64 55.46
CA LYS J 232 -36.53 -40.59 54.41
C LYS J 232 -37.24 -40.29 53.10
N LEU J 233 -36.49 -40.31 52.00
CA LEU J 233 -37.01 -40.02 50.66
C LEU J 233 -36.37 -40.99 49.68
N GLU J 234 -37.12 -42.00 49.28
CA GLU J 234 -36.63 -43.06 48.41
C GLU J 234 -37.66 -43.34 47.33
N PRO J 235 -37.25 -43.88 46.19
CA PRO J 235 -38.20 -44.17 45.12
C PRO J 235 -39.25 -45.19 45.55
N CYS J 236 -40.46 -45.00 45.03
N CYS J 236 -40.46 -45.00 45.02
CA CYS J 236 -41.60 -45.88 45.26
CA CYS J 236 -41.57 -45.91 45.26
C CYS J 236 -42.04 -46.48 43.94
C CYS J 236 -42.05 -46.48 43.94
N ASP J 237 -43.15 -47.22 43.97
CA ASP J 237 -43.57 -47.98 42.79
C ASP J 237 -44.14 -47.09 41.68
N ARG J 238 -44.96 -46.11 42.02
CA ARG J 238 -45.77 -45.42 41.01
C ARG J 238 -44.97 -44.33 40.31
N VAL J 239 -45.04 -44.32 38.97
CA VAL J 239 -44.29 -43.37 38.15
C VAL J 239 -45.24 -42.76 37.13
N LEU J 240 -44.97 -41.52 36.73
CA LEU J 240 -45.76 -40.81 35.72
C LEU J 240 -44.91 -40.52 34.50
N PHE J 241 -45.45 -40.80 33.32
CA PHE J 241 -44.80 -40.57 32.04
C PHE J 241 -45.58 -39.52 31.26
N SER J 242 -44.86 -38.65 30.56
CA SER J 242 -45.50 -37.61 29.75
C SER J 242 -44.85 -37.59 28.38
N VAL J 243 -45.56 -38.09 27.38
CA VAL J 243 -45.09 -38.10 25.99
C VAL J 243 -45.82 -36.97 25.27
N GLY J 244 -45.09 -35.93 24.89
CA GLY J 244 -45.73 -34.74 24.38
C GLY J 244 -46.64 -34.12 25.42
N SER J 245 -47.96 -34.24 25.21
CA SER J 245 -48.92 -33.82 26.21
C SER J 245 -49.86 -34.96 26.60
N THR J 246 -49.41 -36.20 26.46
CA THR J 246 -50.19 -37.37 26.85
C THR J 246 -49.58 -37.98 28.11
N LEU J 247 -50.42 -38.32 29.08
CA LEU J 247 -49.99 -38.76 30.40
C LEU J 247 -50.28 -40.24 30.59
N TYR J 248 -49.31 -40.96 31.14
CA TYR J 248 -49.45 -42.40 31.37
C TYR J 248 -48.90 -42.80 32.74
N PRO J 249 -49.68 -43.48 33.58
CA PRO J 249 -49.13 -44.01 34.82
C PRO J 249 -48.51 -45.39 34.62
N GLU J 250 -47.40 -45.63 35.33
CA GLU J 250 -46.65 -46.87 35.18
C GLU J 250 -46.16 -47.36 36.53
N SER J 251 -45.74 -48.63 36.55
CA SER J 251 -45.24 -49.31 37.73
C SER J 251 -43.80 -49.73 37.52
N ARG J 252 -42.97 -49.56 38.55
CA ARG J 252 -41.55 -49.86 38.43
C ARG J 252 -41.30 -51.36 38.27
N LYS J 253 -42.09 -52.19 38.95
CA LYS J 253 -41.88 -53.63 38.89
C LYS J 253 -42.05 -54.18 37.49
N LEU J 254 -43.14 -53.80 36.82
CA LEU J 254 -43.41 -54.30 35.48
C LEU J 254 -42.43 -53.74 34.46
N LEU J 255 -42.00 -52.50 34.62
CA LEU J 255 -40.96 -51.96 33.75
C LEU J 255 -39.65 -52.71 33.92
N LYS J 256 -39.28 -53.03 35.16
CA LYS J 256 -38.04 -53.75 35.41
C LYS J 256 -38.10 -55.17 34.88
N SER J 257 -39.29 -55.79 34.88
CA SER J 257 -39.38 -57.18 34.47
C SER J 257 -39.01 -57.40 33.00
N TRP J 258 -39.02 -56.35 32.19
CA TRP J 258 -38.72 -56.49 30.77
C TRP J 258 -37.24 -56.30 30.46
N HIS J 259 -36.39 -56.11 31.46
CA HIS J 259 -34.94 -56.02 31.28
C HIS J 259 -34.36 -57.43 31.47
N LEU J 260 -34.38 -58.18 30.37
CA LEU J 260 -34.08 -59.61 30.38
C LEU J 260 -32.61 -59.88 30.12
N PRO J 261 -32.07 -60.97 30.65
CA PRO J 261 -30.69 -61.36 30.38
C PRO J 261 -30.56 -62.02 29.01
N SER J 262 -29.32 -62.35 28.65
CA SER J 262 -29.06 -62.87 27.32
C SER J 262 -29.65 -64.26 27.10
N VAL J 263 -29.63 -65.12 28.11
CA VAL J 263 -30.20 -66.46 28.02
C VAL J 263 -30.93 -66.75 29.32
N PHE J 264 -32.07 -67.45 29.23
CA PHE J 264 -32.80 -67.84 30.43
C PHE J 264 -33.63 -69.08 30.17
N HIS J 265 -34.12 -69.66 31.27
CA HIS J 265 -34.87 -70.91 31.27
C HIS J 265 -36.28 -70.67 31.80
N LEU J 266 -37.26 -71.36 31.21
CA LEU J 266 -38.63 -71.37 31.71
C LEU J 266 -38.98 -72.81 32.05
N LYS J 267 -39.14 -73.09 33.35
CA LYS J 267 -39.29 -74.45 33.85
C LYS J 267 -40.65 -74.60 34.53
N GLY J 268 -41.58 -75.26 33.86
CA GLY J 268 -42.88 -75.58 34.42
C GLY J 268 -43.25 -77.02 34.11
N LYS J 269 -44.51 -77.21 33.71
CA LYS J 269 -44.93 -78.52 33.20
C LYS J 269 -44.17 -78.85 31.93
N LEU J 270 -43.97 -77.86 31.06
CA LEU J 270 -43.05 -77.96 29.94
C LEU J 270 -41.89 -77.00 30.18
N SER J 271 -40.79 -77.22 29.45
CA SER J 271 -39.57 -76.47 29.66
C SER J 271 -39.11 -75.84 28.36
N PHE J 272 -38.57 -74.64 28.46
CA PHE J 272 -38.10 -73.88 27.30
C PHE J 272 -36.80 -73.16 27.63
N THR J 273 -36.00 -72.97 26.60
CA THR J 273 -34.77 -72.18 26.68
C THR J 273 -34.92 -71.00 25.73
N CYS J 274 -34.69 -69.79 26.23
CA CYS J 274 -34.97 -68.59 25.48
C CYS J 274 -33.77 -67.65 25.51
N ARG J 275 -33.67 -66.82 24.48
CA ARG J 275 -32.61 -65.81 24.39
C ARG J 275 -33.15 -64.54 23.78
N CYS J 276 -32.63 -63.41 24.25
CA CYS J 276 -33.12 -62.07 23.92
C CYS J 276 -31.97 -61.20 23.43
N ASP J 277 -32.22 -60.39 22.40
CA ASP J 277 -31.19 -59.46 21.95
C ASP J 277 -31.84 -58.21 21.34
N THR J 278 -31.07 -57.13 21.32
CA THR J 278 -31.53 -55.84 20.81
C THR J 278 -31.10 -55.67 19.36
N VAL J 279 -32.05 -55.31 18.50
CA VAL J 279 -31.76 -55.24 17.08
C VAL J 279 -31.82 -53.81 16.52
N VAL J 280 -32.59 -52.91 17.13
CA VAL J 280 -32.63 -51.51 16.74
C VAL J 280 -32.56 -50.66 18.00
N SER J 281 -31.81 -49.56 17.93
CA SER J 281 -31.62 -48.67 19.08
C SER J 281 -31.39 -47.26 18.57
N CYS J 282 -32.26 -46.33 18.98
CA CYS J 282 -32.15 -44.94 18.51
C CYS J 282 -32.52 -43.99 19.66
N GLU J 283 -31.53 -43.57 20.42
CA GLU J 283 -31.62 -42.47 21.39
C GLU J 283 -32.62 -42.73 22.51
N GLY J 284 -32.95 -43.98 22.80
CA GLY J 284 -33.88 -44.25 23.88
C GLY J 284 -34.97 -45.24 23.53
N TYR J 285 -35.31 -45.32 22.25
CA TYR J 285 -36.24 -46.34 21.76
C TYR J 285 -35.46 -47.57 21.28
N VAL J 286 -35.99 -48.75 21.57
CA VAL J 286 -35.34 -50.00 21.23
C VAL J 286 -36.35 -50.97 20.61
N VAL J 287 -35.80 -51.98 19.93
CA VAL J 287 -36.56 -53.14 19.46
C VAL J 287 -35.83 -54.39 19.94
N LYS J 288 -36.55 -55.27 20.61
CA LYS J 288 -36.00 -56.50 21.17
C LYS J 288 -36.58 -57.72 20.48
N ARG J 289 -35.74 -58.72 20.26
CA ARG J 289 -36.12 -59.97 19.62
C ARG J 289 -35.83 -61.13 20.57
N ILE J 290 -36.83 -61.97 20.80
CA ILE J 290 -36.76 -63.07 21.74
C ILE J 290 -37.09 -64.36 21.01
N THR J 291 -36.28 -65.40 21.22
CA THR J 291 -36.53 -66.71 20.64
C THR J 291 -36.61 -67.75 21.75
N MET J 292 -37.55 -68.68 21.61
CA MET J 292 -37.79 -69.72 22.60
C MET J 292 -37.81 -71.09 21.92
N SER J 293 -37.21 -72.08 22.58
CA SER J 293 -37.11 -73.43 22.03
C SER J 293 -37.45 -74.45 23.10
N PRO J 294 -37.98 -75.61 22.72
CA PRO J 294 -38.34 -76.63 23.73
C PRO J 294 -37.12 -77.36 24.26
N GLY J 295 -37.17 -77.66 25.57
CA GLY J 295 -36.09 -78.37 26.23
C GLY J 295 -35.13 -77.43 26.95
N LEU J 296 -34.28 -78.04 27.78
CA LEU J 296 -33.28 -77.31 28.54
C LEU J 296 -31.89 -77.60 27.98
N TYR J 297 -31.13 -76.54 27.73
CA TYR J 297 -29.79 -76.67 27.15
C TYR J 297 -28.87 -75.59 27.73
N GLY J 298 -27.61 -75.95 27.89
CA GLY J 298 -26.62 -74.99 28.35
C GLY J 298 -26.80 -74.62 29.81
N LYS J 299 -26.17 -73.50 30.18
CA LYS J 299 -26.30 -72.94 31.51
C LYS J 299 -26.28 -71.43 31.42
N THR J 300 -26.78 -70.78 32.48
CA THR J 300 -27.01 -69.36 32.50
C THR J 300 -26.06 -68.67 33.47
N THR J 301 -25.81 -67.38 33.21
CA THR J 301 -25.00 -66.54 34.09
C THR J 301 -25.80 -65.49 34.84
N GLY J 302 -26.81 -64.91 34.21
CA GLY J 302 -27.65 -63.93 34.87
C GLY J 302 -27.23 -62.48 34.70
N TYR J 303 -26.64 -62.13 33.57
CA TYR J 303 -26.16 -60.78 33.33
C TYR J 303 -26.86 -60.18 32.13
N ALA J 304 -27.13 -58.88 32.19
CA ALA J 304 -27.72 -58.12 31.10
C ALA J 304 -26.83 -56.95 30.73
N VAL J 305 -26.65 -56.72 29.43
CA VAL J 305 -25.68 -55.77 28.92
C VAL J 305 -26.39 -54.74 28.06
N THR J 306 -25.97 -53.48 28.19
CA THR J 306 -26.46 -52.37 27.37
C THR J 306 -25.28 -51.69 26.70
N HIS J 307 -25.37 -51.48 25.39
CA HIS J 307 -24.34 -50.78 24.64
C HIS J 307 -24.74 -49.32 24.47
N HIS J 308 -23.82 -48.40 24.73
CA HIS J 308 -24.09 -46.97 24.69
C HIS J 308 -23.46 -46.37 23.45
N ALA J 309 -24.30 -45.86 22.55
CA ALA J 309 -23.81 -45.10 21.41
C ALA J 309 -23.75 -43.61 21.70
N ASP J 310 -24.59 -43.12 22.59
CA ASP J 310 -24.54 -41.77 23.12
C ASP J 310 -24.06 -41.83 24.57
N GLY J 311 -23.93 -40.66 25.18
CA GLY J 311 -23.58 -40.61 26.59
C GLY J 311 -24.80 -40.75 27.47
N PHE J 312 -24.64 -41.45 28.58
CA PHE J 312 -25.69 -41.62 29.57
C PHE J 312 -25.20 -41.03 30.90
N LEU J 313 -26.00 -40.16 31.50
CA LEU J 313 -25.60 -39.47 32.72
C LEU J 313 -26.60 -39.71 33.83
N MET J 314 -26.09 -39.91 35.04
CA MET J 314 -26.87 -39.95 36.27
C MET J 314 -26.15 -39.12 37.32
N CYS J 315 -26.87 -38.24 38.00
CA CYS J 315 -26.22 -37.32 38.92
C CYS J 315 -27.18 -36.90 40.02
N LYS J 316 -26.59 -36.42 41.12
CA LYS J 316 -27.32 -35.93 42.27
C LYS J 316 -27.51 -34.43 42.16
N THR J 317 -28.71 -33.96 42.49
CA THR J 317 -29.06 -32.55 42.37
C THR J 317 -29.89 -32.13 43.57
N THR J 318 -29.90 -30.82 43.81
CA THR J 318 -30.58 -30.21 44.93
C THR J 318 -31.71 -29.33 44.43
N ASP J 319 -32.89 -29.48 45.04
CA ASP J 319 -34.05 -28.70 44.64
C ASP J 319 -34.90 -28.40 45.87
N THR J 320 -36.02 -27.72 45.64
CA THR J 320 -37.02 -27.49 46.68
C THR J 320 -38.32 -28.16 46.25
N VAL J 321 -38.81 -29.08 47.06
CA VAL J 321 -40.09 -29.73 46.84
C VAL J 321 -41.07 -29.15 47.84
N ASP J 322 -42.12 -28.51 47.33
CA ASP J 322 -43.16 -27.88 48.15
C ASP J 322 -42.57 -26.90 49.15
N GLY J 323 -41.43 -26.29 48.84
CA GLY J 323 -40.80 -25.33 49.69
C GLY J 323 -39.66 -25.85 50.55
N GLU J 324 -39.47 -27.17 50.62
CA GLU J 324 -38.44 -27.76 51.47
C GLU J 324 -37.28 -28.25 50.62
N ARG J 325 -36.06 -27.92 51.02
CA ARG J 325 -34.88 -28.22 50.22
C ARG J 325 -34.44 -29.67 50.44
N VAL J 326 -34.27 -30.40 49.33
CA VAL J 326 -33.92 -31.82 49.34
C VAL J 326 -32.96 -32.11 48.19
N SER J 327 -32.47 -33.36 48.15
CA SER J 327 -31.54 -33.81 47.12
C SER J 327 -31.96 -35.18 46.60
N PHE J 328 -31.84 -35.38 45.29
CA PHE J 328 -32.17 -36.67 44.69
C PHE J 328 -31.48 -36.76 43.32
N SER J 329 -31.62 -37.91 42.67
CA SER J 329 -30.84 -38.24 41.48
C SER J 329 -31.69 -38.19 40.21
N VAL J 330 -31.09 -37.70 39.13
CA VAL J 330 -31.75 -37.58 37.83
C VAL J 330 -30.81 -38.14 36.75
N CYS J 331 -31.40 -38.53 35.62
CA CYS J 331 -30.66 -39.15 34.53
C CYS J 331 -31.07 -38.55 33.19
N THR J 332 -30.16 -38.64 32.22
CA THR J 332 -30.41 -38.06 30.90
C THR J 332 -29.45 -38.65 29.86
N TYR J 333 -29.67 -38.26 28.60
CA TYR J 333 -28.89 -38.70 27.45
C TYR J 333 -28.21 -37.51 26.79
N VAL J 334 -26.97 -37.71 26.33
CA VAL J 334 -26.16 -36.63 25.77
C VAL J 334 -25.64 -37.05 24.39
N PRO J 335 -25.71 -36.18 23.38
CA PRO J 335 -25.20 -36.54 22.05
C PRO J 335 -23.70 -36.81 22.05
N ALA J 336 -23.28 -37.71 21.17
CA ALA J 336 -21.89 -38.17 21.16
C ALA J 336 -20.89 -37.10 20.77
N THR J 337 -21.26 -36.19 19.87
CA THR J 337 -20.31 -35.16 19.44
C THR J 337 -19.94 -34.20 20.55
N ILE J 338 -20.89 -33.81 21.41
CA ILE J 338 -20.58 -32.95 22.53
C ILE J 338 -19.66 -33.66 23.52
N CYS J 339 -19.95 -34.94 23.78
CA CYS J 339 -19.09 -35.72 24.67
C CYS J 339 -17.67 -35.80 24.14
N ASP J 340 -17.53 -36.02 22.83
CA ASP J 340 -16.20 -36.04 22.23
C ASP J 340 -15.50 -34.70 22.32
N GLN J 341 -16.25 -33.60 22.18
CA GLN J 341 -15.65 -32.28 22.23
C GLN J 341 -15.36 -31.78 23.64
N MET J 342 -15.83 -32.47 24.68
CA MET J 342 -15.51 -32.09 26.05
C MET J 342 -14.36 -32.87 26.65
N THR J 343 -13.65 -33.69 25.87
CA THR J 343 -12.62 -34.56 26.42
C THR J 343 -11.45 -33.76 27.00
N GLY J 344 -11.02 -32.70 26.32
CA GLY J 344 -9.83 -32.00 26.76
C GLY J 344 -10.07 -31.12 27.99
N ILE J 345 -11.28 -30.57 28.10
CA ILE J 345 -11.57 -29.66 29.21
C ILE J 345 -11.61 -30.42 30.53
N LEU J 346 -12.12 -31.65 30.51
CA LEU J 346 -12.31 -32.42 31.74
C LEU J 346 -11.02 -33.00 32.28
N ALA J 347 -9.87 -32.59 31.76
CA ALA J 347 -8.59 -33.03 32.31
C ALA J 347 -8.17 -32.24 33.55
N THR J 348 -8.84 -31.13 33.83
CA THR J 348 -8.57 -30.29 34.98
C THR J 348 -9.84 -30.13 35.81
N GLU J 349 -9.75 -29.31 36.85
CA GLU J 349 -10.91 -28.98 37.68
C GLU J 349 -11.58 -27.73 37.13
N VAL J 350 -12.89 -27.80 36.94
CA VAL J 350 -13.64 -26.75 36.28
C VAL J 350 -14.91 -26.48 37.08
N THR J 351 -15.25 -25.19 37.22
CA THR J 351 -16.45 -24.78 37.92
C THR J 351 -17.69 -24.96 37.04
N PRO J 352 -18.86 -25.12 37.66
CA PRO J 352 -20.09 -25.29 36.85
C PRO J 352 -20.40 -24.13 35.92
N GLU J 353 -20.08 -22.90 36.29
CA GLU J 353 -20.39 -21.76 35.42
C GLU J 353 -19.55 -21.77 34.15
N ASP J 354 -18.26 -22.06 34.27
CA ASP J 354 -17.41 -22.17 33.09
C ASP J 354 -17.84 -23.31 32.19
N ALA J 355 -18.20 -24.45 32.77
CA ALA J 355 -18.73 -25.55 31.98
C ALA J 355 -20.01 -25.18 31.27
N GLN J 356 -20.90 -24.44 31.93
CA GLN J 356 -22.13 -24.01 31.29
C GLN J 356 -21.85 -23.10 30.10
N LYS J 357 -20.93 -22.14 30.26
CA LYS J 357 -20.59 -21.27 29.14
C LYS J 357 -19.95 -22.05 28.00
N LEU J 358 -19.08 -23.00 28.30
CA LEU J 358 -18.47 -23.81 27.24
C LEU J 358 -19.50 -24.65 26.51
N LEU J 359 -20.42 -25.27 27.24
CA LEU J 359 -21.47 -26.06 26.60
C LEU J 359 -22.37 -25.20 25.72
N VAL J 360 -22.72 -24.00 26.18
CA VAL J 360 -23.51 -23.10 25.36
C VAL J 360 -22.74 -22.71 24.10
N GLY J 361 -21.44 -22.52 24.23
CA GLY J 361 -20.63 -22.21 23.06
C GLY J 361 -20.60 -23.35 22.05
N LEU J 362 -20.49 -24.59 22.53
CA LEU J 362 -20.50 -25.73 21.61
C LEU J 362 -21.87 -25.93 20.96
N ASN J 363 -22.94 -25.68 21.69
CA ASN J 363 -24.30 -25.85 21.17
C ASN J 363 -24.64 -24.76 20.17
N ASN J 377 -29.30 -25.91 17.32
CA ASN J 377 -29.17 -26.55 18.62
C ASN J 377 -29.05 -28.05 18.50
N THR J 378 -27.91 -28.60 18.92
CA THR J 378 -27.73 -30.04 18.91
C THR J 378 -28.50 -30.70 20.05
N MET J 379 -28.62 -30.04 21.19
CA MET J 379 -29.33 -30.58 22.34
C MET J 379 -30.23 -29.50 22.91
N LYS J 380 -31.29 -29.94 23.59
CA LYS J 380 -32.25 -29.02 24.19
C LYS J 380 -31.61 -28.23 25.32
N ASN J 381 -31.97 -26.95 25.41
CA ASN J 381 -31.30 -26.06 26.35
C ASN J 381 -31.73 -26.28 27.80
N TYR J 382 -32.98 -26.68 28.03
CA TYR J 382 -33.44 -26.81 29.41
C TYR J 382 -32.72 -27.90 30.18
N MET J 383 -31.98 -28.76 29.49
CA MET J 383 -31.23 -29.83 30.13
C MET J 383 -29.79 -29.44 30.42
N ILE J 384 -29.35 -28.28 29.92
CA ILE J 384 -27.94 -27.92 30.02
C ILE J 384 -27.48 -27.63 31.44
N PRO J 385 -28.19 -26.85 32.26
CA PRO J 385 -27.63 -26.48 33.57
C PRO J 385 -27.30 -27.64 34.47
N VAL J 386 -28.05 -28.74 34.42
CA VAL J 386 -27.73 -29.88 35.26
C VAL J 386 -26.58 -30.71 34.69
N VAL J 387 -26.52 -30.86 33.36
CA VAL J 387 -25.39 -31.55 32.74
C VAL J 387 -24.08 -30.86 33.12
N ALA J 388 -24.05 -29.53 33.02
CA ALA J 388 -22.85 -28.78 33.41
C ALA J 388 -22.49 -29.03 34.87
N GLN J 389 -23.48 -29.31 35.71
CA GLN J 389 -23.18 -29.59 37.10
C GLN J 389 -22.61 -31.00 37.28
N ALA J 390 -23.03 -31.94 36.43
CA ALA J 390 -22.55 -33.30 36.56
C ALA J 390 -21.10 -33.42 36.12
N PHE J 391 -20.77 -32.92 34.93
CA PHE J 391 -19.40 -32.97 34.43
C PHE J 391 -18.43 -32.40 35.45
N SER J 392 -18.73 -31.22 35.98
CA SER J 392 -17.85 -30.57 36.93
C SER J 392 -17.54 -31.47 38.12
N LYS J 393 -18.53 -32.22 38.59
CA LYS J 393 -18.25 -33.11 39.71
C LYS J 393 -17.41 -34.29 39.27
N TRP J 394 -17.73 -34.89 38.12
CA TRP J 394 -17.02 -36.07 37.66
C TRP J 394 -15.52 -35.81 37.58
N ALA J 395 -15.14 -34.75 36.88
CA ALA J 395 -13.73 -34.40 36.77
C ALA J 395 -13.07 -34.31 38.13
N LYS J 396 -13.72 -33.67 39.10
CA LYS J 396 -13.11 -33.53 40.42
C LYS J 396 -12.87 -34.90 41.05
N GLU J 397 -13.87 -35.79 40.97
CA GLU J 397 -13.71 -37.11 41.56
C GLU J 397 -12.60 -37.89 40.88
N CYS J 398 -12.22 -37.53 39.66
CA CYS J 398 -11.09 -38.20 39.03
C CYS J 398 -9.78 -37.76 39.66
N ARG J 399 -9.61 -36.47 39.93
CA ARG J 399 -8.33 -35.98 40.42
C ARG J 399 -7.97 -36.65 41.73
N LYS J 400 -8.92 -36.75 42.65
CA LYS J 400 -8.67 -37.40 43.92
C LYS J 400 -8.17 -38.82 43.73
N ASP J 401 -8.74 -39.56 42.77
CA ASP J 401 -8.29 -40.92 42.53
C ASP J 401 -6.82 -40.95 42.16
N MET J 402 -6.37 -39.97 41.37
CA MET J 402 -4.97 -39.94 40.98
C MET J 402 -4.05 -39.54 42.12
N GLU J 403 -4.59 -38.96 43.19
CA GLU J 403 -3.76 -38.44 44.26
C GLU J 403 -3.70 -39.36 45.47
N ASP J 404 -4.45 -40.46 45.48
CA ASP J 404 -4.43 -41.44 46.56
C ASP J 404 -4.23 -42.81 45.91
N GLU J 405 -2.97 -43.18 45.70
CA GLU J 405 -2.62 -44.35 44.91
C GLU J 405 -2.19 -45.49 45.82
N LYS J 406 -2.81 -46.65 45.64
CA LYS J 406 -2.58 -47.81 46.50
C LYS J 406 -1.47 -48.69 45.90
N LEU J 407 -1.32 -49.89 46.44
CA LEU J 407 -0.38 -50.87 45.94
C LEU J 407 -1.11 -51.93 45.13
N LEU J 408 -0.37 -52.58 44.23
CA LEU J 408 -0.96 -53.57 43.33
C LEU J 408 -1.35 -54.82 44.09
N GLY J 409 -2.59 -55.25 43.91
CA GLY J 409 -3.07 -56.49 44.50
C GLY J 409 -3.13 -56.50 46.02
N VAL J 410 -3.61 -55.42 46.62
CA VAL J 410 -3.63 -55.30 48.07
C VAL J 410 -4.85 -54.47 48.46
N ARG J 411 -5.50 -54.86 49.56
CA ARG J 411 -6.63 -54.12 50.11
C ARG J 411 -6.38 -53.84 51.58
N GLU J 412 -6.75 -52.63 52.02
CA GLU J 412 -6.64 -52.23 53.41
C GLU J 412 -8.00 -52.36 54.08
N ARG J 413 -8.09 -53.22 55.09
CA ARG J 413 -9.35 -53.46 55.79
C ARG J 413 -9.11 -53.57 57.29
N THR J 414 -8.31 -52.67 57.85
CA THR J 414 -8.05 -52.66 59.28
C THR J 414 -9.31 -52.38 60.08
N TRP J 421 -13.33 -54.92 61.87
CA TRP J 421 -12.33 -54.62 60.85
C TRP J 421 -13.00 -53.91 59.68
N ALA J 422 -12.85 -52.60 59.63
CA ALA J 422 -13.65 -51.76 58.74
C ALA J 422 -12.78 -51.05 57.72
N PHE J 423 -13.36 -50.81 56.55
CA PHE J 423 -12.74 -50.03 55.49
C PHE J 423 -13.70 -48.91 55.09
N LYS J 424 -13.14 -47.77 54.74
CA LYS J 424 -13.93 -46.60 54.39
C LYS J 424 -14.46 -46.72 52.96
N LYS J 425 -15.65 -46.17 52.74
CA LYS J 425 -16.25 -46.07 51.42
C LYS J 425 -16.23 -44.61 50.97
N GLN J 426 -15.72 -44.38 49.76
CA GLN J 426 -15.69 -43.03 49.23
C GLN J 426 -17.09 -42.61 48.76
N LYS J 427 -17.23 -41.33 48.43
CA LYS J 427 -18.50 -40.79 47.99
C LYS J 427 -18.52 -40.66 46.46
N THR J 428 -19.66 -41.01 45.87
CA THR J 428 -19.86 -40.93 44.43
C THR J 428 -21.10 -40.09 44.16
N HIS J 429 -20.93 -39.01 43.40
CA HIS J 429 -22.03 -38.12 43.08
C HIS J 429 -22.40 -38.13 41.60
N THR J 430 -21.69 -38.88 40.76
CA THR J 430 -21.94 -38.87 39.33
C THR J 430 -21.55 -40.21 38.73
N VAL J 431 -22.38 -40.70 37.82
CA VAL J 431 -22.07 -41.87 36.99
C VAL J 431 -22.16 -41.43 35.54
N TYR J 432 -21.10 -41.69 34.78
CA TYR J 432 -20.97 -41.19 33.41
C TYR J 432 -20.53 -42.35 32.52
N LYS J 433 -21.43 -42.81 31.65
CA LYS J 433 -21.12 -43.87 30.69
C LYS J 433 -20.86 -43.23 29.34
N ARG J 434 -19.60 -43.23 28.92
CA ARG J 434 -19.18 -42.59 27.69
C ARG J 434 -19.57 -43.43 26.47
N PRO J 435 -19.62 -42.82 25.29
CA PRO J 435 -19.92 -43.60 24.07
C PRO J 435 -18.92 -44.72 23.87
N ASP J 436 -19.44 -45.85 23.39
CA ASP J 436 -18.67 -47.08 23.13
C ASP J 436 -18.26 -47.80 24.41
N THR J 437 -19.07 -47.69 25.46
CA THR J 437 -18.91 -48.46 26.68
C THR J 437 -20.14 -49.35 26.88
N GLN J 438 -20.14 -50.12 27.95
CA GLN J 438 -21.21 -51.08 28.21
C GLN J 438 -21.54 -51.14 29.69
N SER J 439 -22.82 -51.20 30.01
CA SER J 439 -23.30 -51.45 31.36
C SER J 439 -23.63 -52.93 31.53
N ILE J 440 -23.45 -53.44 32.74
CA ILE J 440 -23.70 -54.84 33.04
C ILE J 440 -24.36 -54.94 34.42
N GLN J 441 -25.39 -55.78 34.51
CA GLN J 441 -26.16 -55.88 35.75
C GLN J 441 -26.68 -57.30 35.94
N LYS J 442 -26.75 -57.70 37.21
CA LYS J 442 -27.14 -59.05 37.60
C LYS J 442 -28.64 -59.12 37.81
N VAL J 443 -29.32 -60.01 37.07
CA VAL J 443 -30.75 -60.19 37.17
C VAL J 443 -31.04 -61.68 37.33
N GLN J 444 -32.33 -62.02 37.40
CA GLN J 444 -32.77 -63.40 37.54
C GLN J 444 -32.86 -64.08 36.19
N ALA J 445 -32.49 -65.35 36.15
CA ALA J 445 -32.45 -66.10 34.89
C ALA J 445 -33.13 -67.45 34.94
N GLU J 446 -33.63 -67.88 36.10
CA GLU J 446 -34.37 -69.13 36.22
C GLU J 446 -35.76 -68.84 36.74
N PHE J 447 -36.79 -69.25 35.99
CA PHE J 447 -38.17 -68.98 36.32
C PHE J 447 -38.93 -70.29 36.42
N ASP J 448 -39.69 -70.46 37.50
CA ASP J 448 -40.44 -71.70 37.68
C ASP J 448 -41.87 -71.51 38.16
N SER J 449 -42.27 -70.33 38.65
CA SER J 449 -43.61 -70.11 39.17
C SER J 449 -44.32 -69.09 38.30
N PHE J 450 -45.54 -69.43 37.88
CA PHE J 450 -46.30 -68.58 36.97
C PHE J 450 -47.74 -68.41 37.44
N TRP J 456 -62.45 -65.48 34.42
CA TRP J 456 -62.48 -64.41 33.44
C TRP J 456 -63.91 -63.89 33.25
N SER J 457 -64.03 -62.58 33.07
CA SER J 457 -65.32 -61.93 32.85
C SER J 457 -65.23 -61.06 31.61
N SER J 458 -66.36 -60.96 30.90
CA SER J 458 -66.38 -60.22 29.63
C SER J 458 -66.06 -58.75 29.83
N GLY J 459 -66.70 -58.12 30.80
CA GLY J 459 -66.44 -56.72 31.10
C GLY J 459 -67.15 -55.72 30.22
N LEU J 460 -67.80 -56.17 29.14
CA LEU J 460 -68.49 -55.26 28.25
C LEU J 460 -69.86 -54.89 28.80
N SER J 461 -70.49 -53.92 28.15
CA SER J 461 -71.79 -53.40 28.56
C SER J 461 -72.77 -53.45 27.41
N ILE J 462 -74.06 -53.52 27.75
CA ILE J 462 -75.10 -53.58 26.73
C ILE J 462 -75.13 -52.32 25.86
N PRO J 463 -75.10 -51.10 26.40
CA PRO J 463 -75.14 -49.92 25.51
C PRO J 463 -73.98 -49.87 24.53
N LEU J 464 -72.78 -50.27 24.96
CA LEU J 464 -71.64 -50.25 24.05
C LEU J 464 -71.82 -51.25 22.91
N ARG J 465 -72.31 -52.45 23.24
CA ARG J 465 -72.57 -53.46 22.22
C ARG J 465 -73.62 -52.98 21.24
N THR J 466 -74.69 -52.37 21.75
CA THR J 466 -75.74 -51.84 20.87
C THR J 466 -75.19 -50.74 19.97
N ARG J 467 -74.37 -49.85 20.52
CA ARG J 467 -73.78 -48.78 19.73
C ARG J 467 -72.91 -49.34 18.61
N ILE J 468 -72.08 -50.35 18.92
CA ILE J 468 -71.24 -50.94 17.90
C ILE J 468 -72.09 -51.62 16.82
N LYS J 469 -73.12 -52.35 17.24
CA LYS J 469 -74.00 -53.01 16.28
C LYS J 469 -74.65 -52.00 15.35
N TRP J 470 -75.14 -50.89 15.90
CA TRP J 470 -75.75 -49.86 15.07
C TRP J 470 -74.73 -49.19 14.16
N LEU J 471 -73.50 -48.98 14.64
CA LEU J 471 -72.47 -48.36 13.84
C LEU J 471 -72.11 -49.23 12.64
N LEU J 472 -72.01 -50.54 12.83
CA LEU J 472 -71.71 -51.42 11.70
C LEU J 472 -72.83 -51.40 10.68
N SER J 473 -74.08 -51.40 11.13
CA SER J 473 -75.22 -51.37 10.22
C SER J 473 -75.40 -49.99 9.61
N ASP K 2 -59.52 -24.03 -2.41
CA ASP K 2 -58.41 -24.69 -1.70
C ASP K 2 -57.76 -23.78 -0.63
N PRO K 3 -57.29 -22.59 -0.99
CA PRO K 3 -56.65 -21.74 0.02
C PRO K 3 -57.68 -21.05 0.89
N VAL K 4 -57.22 -20.62 2.06
CA VAL K 4 -58.05 -19.94 3.06
C VAL K 4 -57.52 -18.53 3.21
N TYR K 5 -58.43 -17.55 3.25
CA TYR K 5 -58.08 -16.14 3.28
C TYR K 5 -58.33 -15.58 4.67
N VAL K 6 -57.39 -14.77 5.15
CA VAL K 6 -57.48 -14.19 6.48
C VAL K 6 -57.33 -12.68 6.37
N ASP K 7 -57.97 -11.97 7.30
CA ASP K 7 -58.07 -10.51 7.24
C ASP K 7 -56.97 -9.89 8.11
N ILE K 8 -55.74 -10.10 7.68
CA ILE K 8 -54.57 -9.50 8.33
C ILE K 8 -53.67 -8.93 7.26
N ASP K 9 -52.78 -8.03 7.66
CA ASP K 9 -51.86 -7.39 6.73
C ASP K 9 -50.82 -8.38 6.23
N ALA K 10 -50.38 -8.17 4.99
CA ALA K 10 -49.49 -9.11 4.33
C ALA K 10 -48.07 -9.09 4.89
N ASP K 11 -47.73 -8.12 5.74
CA ASP K 11 -46.38 -8.01 6.29
C ASP K 11 -46.29 -8.43 7.75
N SER K 12 -47.38 -8.89 8.36
CA SER K 12 -47.36 -9.24 9.77
C SER K 12 -46.56 -10.49 10.02
N ALA K 13 -45.92 -10.55 11.19
CA ALA K 13 -45.16 -11.72 11.60
C ALA K 13 -46.04 -12.82 12.17
N PHE K 14 -47.31 -12.52 12.48
CA PHE K 14 -48.20 -13.56 12.97
C PHE K 14 -48.45 -14.63 11.92
N LEU K 15 -48.44 -14.24 10.64
CA LEU K 15 -48.76 -15.17 9.57
C LEU K 15 -47.88 -16.41 9.64
N LYS K 16 -46.57 -16.22 9.80
CA LYS K 16 -45.65 -17.33 10.02
C LYS K 16 -46.23 -18.34 11.00
N ALA K 17 -46.55 -17.88 12.21
CA ALA K 17 -47.03 -18.79 13.25
C ALA K 17 -48.28 -19.52 12.80
N LEU K 18 -49.20 -18.82 12.11
CA LEU K 18 -50.41 -19.48 11.66
C LEU K 18 -50.08 -20.64 10.73
N GLN K 19 -49.15 -20.42 9.81
CA GLN K 19 -48.79 -21.50 8.88
C GLN K 19 -48.18 -22.68 9.62
N ARG K 20 -47.59 -22.43 10.78
CA ARG K 20 -47.04 -23.54 11.57
C ARG K 20 -48.13 -24.30 12.30
N ALA K 21 -49.25 -23.67 12.63
CA ALA K 21 -50.29 -24.32 13.40
C ALA K 21 -51.28 -25.08 12.53
N TYR K 22 -51.40 -24.72 11.26
CA TYR K 22 -52.32 -25.37 10.33
C TYR K 22 -51.54 -25.77 9.08
N PRO K 23 -50.77 -26.85 9.16
CA PRO K 23 -49.95 -27.25 8.02
C PRO K 23 -50.72 -27.92 6.89
N MET K 24 -52.01 -28.17 7.07
CA MET K 24 -52.83 -28.80 6.05
C MET K 24 -53.59 -27.80 5.19
N PHE K 25 -53.28 -26.51 5.33
CA PHE K 25 -53.97 -25.45 4.60
C PHE K 25 -52.95 -24.56 3.91
N GLU K 26 -53.48 -23.65 3.09
CA GLU K 26 -52.70 -22.60 2.45
C GLU K 26 -53.31 -21.27 2.86
N VAL K 27 -52.55 -20.47 3.60
CA VAL K 27 -53.06 -19.26 4.24
C VAL K 27 -52.65 -18.06 3.39
N GLU K 28 -53.63 -17.22 3.04
CA GLU K 28 -53.39 -16.04 2.23
C GLU K 28 -53.92 -14.79 2.92
N PRO K 29 -53.14 -13.73 3.02
CA PRO K 29 -53.61 -12.50 3.65
C PRO K 29 -54.43 -11.66 2.67
N ARG K 30 -55.58 -11.19 3.12
CA ARG K 30 -56.44 -10.32 2.31
C ARG K 30 -57.16 -9.38 3.26
N GLN K 31 -56.58 -8.19 3.46
CA GLN K 31 -57.03 -7.27 4.49
C GLN K 31 -58.09 -6.32 3.93
N VAL K 32 -59.20 -6.21 4.66
CA VAL K 32 -60.29 -5.33 4.24
C VAL K 32 -60.75 -4.37 5.33
N THR K 33 -60.45 -4.60 6.60
CA THR K 33 -60.89 -3.75 7.69
C THR K 33 -59.70 -3.45 8.60
N PRO K 34 -59.75 -2.34 9.35
CA PRO K 34 -58.65 -2.01 10.26
C PRO K 34 -58.80 -2.62 11.64
N ASN K 35 -59.64 -3.65 11.77
CA ASN K 35 -59.94 -4.30 13.05
C ASN K 35 -58.69 -4.51 13.90
N ASP K 36 -58.81 -4.18 15.18
CA ASP K 36 -57.68 -4.29 16.11
C ASP K 36 -57.67 -5.62 16.87
N ALA K 37 -58.60 -6.51 16.59
CA ALA K 37 -58.60 -7.86 17.15
C ALA K 37 -58.56 -8.89 16.02
N ALA K 38 -57.69 -8.66 15.04
CA ALA K 38 -57.72 -9.45 13.81
C ALA K 38 -57.17 -10.86 14.03
N ASN K 39 -56.11 -11.00 14.82
CA ASN K 39 -55.45 -12.28 14.96
C ASN K 39 -56.36 -13.33 15.58
N ALA K 40 -57.12 -12.94 16.61
CA ALA K 40 -58.04 -13.88 17.25
C ALA K 40 -59.12 -14.33 16.27
N ARG K 41 -59.64 -13.39 15.47
CA ARG K 41 -60.64 -13.75 14.46
C ARG K 41 -60.08 -14.72 13.44
N ALA K 42 -58.84 -14.50 13.00
CA ALA K 42 -58.23 -15.41 12.04
C ALA K 42 -58.07 -16.80 12.63
N PHE K 43 -57.62 -16.89 13.88
CA PHE K 43 -57.46 -18.19 14.52
C PHE K 43 -58.80 -18.92 14.62
N SER K 44 -59.85 -18.22 15.01
CA SER K 44 -61.16 -18.85 15.12
C SER K 44 -61.66 -19.33 13.76
N HIS K 45 -61.47 -18.52 12.73
CA HIS K 45 -61.87 -18.90 11.37
C HIS K 45 -61.20 -20.20 10.95
N LEU K 46 -59.88 -20.27 11.11
CA LEU K 46 -59.16 -21.47 10.71
C LEU K 46 -59.57 -22.68 11.55
N ALA K 47 -59.84 -22.47 12.84
CA ALA K 47 -60.26 -23.57 13.69
C ALA K 47 -61.58 -24.17 13.21
N ILE K 48 -62.53 -23.31 12.85
CA ILE K 48 -63.81 -23.81 12.35
C ILE K 48 -63.63 -24.55 11.04
N LYS K 49 -62.76 -24.03 10.16
CA LYS K 49 -62.48 -24.73 8.91
C LYS K 49 -61.96 -26.14 9.18
N LEU K 50 -60.99 -26.26 10.10
CA LEU K 50 -60.41 -27.57 10.38
C LEU K 50 -61.44 -28.52 11.00
N ILE K 51 -62.24 -28.02 11.94
CA ILE K 51 -63.24 -28.89 12.57
C ILE K 51 -64.23 -29.40 11.53
N GLU K 52 -64.67 -28.51 10.62
CA GLU K 52 -65.58 -28.95 9.57
C GLU K 52 -64.92 -29.99 8.67
N GLN K 53 -63.65 -29.79 8.32
CA GLN K 53 -62.96 -30.77 7.50
C GLN K 53 -62.79 -32.10 8.22
N GLU K 54 -62.86 -32.12 9.55
CA GLU K 54 -62.68 -33.38 10.27
C GLU K 54 -63.91 -34.28 10.18
N ILE K 55 -65.05 -33.81 10.70
CA ILE K 55 -66.21 -34.69 10.83
C ILE K 55 -66.86 -34.91 9.47
N ASP K 56 -67.64 -35.99 9.40
CA ASP K 56 -68.28 -36.39 8.15
C ASP K 56 -69.57 -35.60 7.92
N PRO K 57 -70.03 -35.52 6.67
CA PRO K 57 -71.28 -34.80 6.38
C PRO K 57 -72.51 -35.51 6.92
N ASP K 58 -73.68 -34.98 6.60
CA ASP K 58 -74.99 -35.53 6.97
C ASP K 58 -75.13 -35.78 8.46
N SER K 59 -74.31 -35.12 9.27
CA SER K 59 -74.43 -35.12 10.72
C SER K 59 -74.92 -33.76 11.18
N THR K 60 -75.94 -33.76 12.03
CA THR K 60 -76.43 -32.51 12.60
C THR K 60 -75.52 -32.07 13.74
N ILE K 61 -75.24 -30.78 13.80
CA ILE K 61 -74.29 -30.21 14.74
C ILE K 61 -75.00 -29.19 15.61
N LEU K 62 -74.94 -29.37 16.92
CA LEU K 62 -75.43 -28.38 17.86
C LEU K 62 -74.42 -27.25 17.99
N ASP K 63 -74.89 -26.00 17.95
CA ASP K 63 -74.03 -24.84 18.11
C ASP K 63 -74.50 -24.10 19.36
N ILE K 64 -73.74 -24.24 20.44
CA ILE K 64 -74.13 -23.75 21.75
C ILE K 64 -73.70 -22.29 21.88
N GLY K 65 -74.64 -21.44 22.27
CA GLY K 65 -74.37 -20.01 22.43
C GLY K 65 -73.90 -19.40 21.14
N SER K 66 -74.65 -19.59 20.07
CA SER K 66 -74.18 -19.27 18.73
C SER K 66 -74.57 -17.86 18.30
N ALA K 67 -73.88 -17.39 17.27
CA ALA K 67 -74.29 -16.23 16.48
C ALA K 67 -74.70 -16.75 15.11
N PRO K 68 -76.00 -16.80 14.81
CA PRO K 68 -76.45 -17.56 13.62
C PRO K 68 -75.89 -17.04 12.31
N ALA K 69 -75.61 -15.74 12.21
CA ALA K 69 -75.17 -15.17 10.94
C ALA K 69 -73.87 -15.79 10.45
N ARG K 70 -73.08 -16.40 11.33
CA ARG K 70 -71.83 -17.03 10.92
C ARG K 70 -72.04 -18.36 10.21
N ARG K 71 -73.20 -18.99 10.38
CA ARG K 71 -73.44 -20.32 9.84
C ARG K 71 -74.33 -20.32 8.61
N MET K 72 -74.62 -19.15 8.04
CA MET K 72 -75.60 -19.08 6.97
C MET K 72 -75.09 -19.72 5.68
N MET K 73 -73.87 -19.38 5.26
CA MET K 73 -73.33 -19.82 3.99
C MET K 73 -72.63 -21.17 4.07
N SER K 74 -72.91 -21.96 5.11
CA SER K 74 -72.32 -23.28 5.26
C SER K 74 -73.25 -24.36 4.73
N ASP K 75 -72.65 -25.42 4.21
CA ASP K 75 -73.42 -26.53 3.65
C ASP K 75 -73.72 -27.63 4.66
N ARG K 76 -73.17 -27.55 5.87
CA ARG K 76 -73.46 -28.55 6.88
C ARG K 76 -74.80 -28.24 7.54
N LYS K 77 -75.22 -29.11 8.46
CA LYS K 77 -76.49 -28.97 9.15
C LYS K 77 -76.22 -28.47 10.57
N TYR K 78 -76.66 -27.25 10.86
CA TYR K 78 -76.45 -26.62 12.16
C TYR K 78 -77.77 -26.37 12.85
N HIS K 79 -77.82 -26.65 14.14
CA HIS K 79 -78.94 -26.26 15.01
C HIS K 79 -78.39 -25.30 16.04
N CYS K 80 -78.79 -24.04 15.97
CA CYS K 80 -78.22 -22.99 16.80
C CYS K 80 -79.05 -22.82 18.05
N VAL K 81 -78.41 -22.92 19.21
CA VAL K 81 -79.07 -22.75 20.50
C VAL K 81 -78.83 -21.31 20.94
N CYS K 82 -79.86 -20.47 20.87
CA CYS K 82 -79.72 -19.02 21.02
C CYS K 82 -80.71 -18.48 22.04
N PRO K 83 -80.37 -18.50 23.32
CA PRO K 83 -81.12 -17.71 24.29
C PRO K 83 -80.72 -16.24 24.16
N MET K 84 -81.29 -15.40 25.02
CA MET K 84 -80.94 -13.98 25.05
C MET K 84 -80.60 -13.63 26.50
N ARG K 85 -79.34 -13.86 26.87
CA ARG K 85 -78.88 -13.61 28.23
C ARG K 85 -77.87 -12.48 28.32
N SER K 86 -77.24 -12.09 27.21
CA SER K 86 -76.29 -10.99 27.19
C SER K 86 -76.89 -9.81 26.44
N ALA K 87 -76.22 -8.66 26.55
CA ALA K 87 -76.72 -7.43 25.97
C ALA K 87 -76.39 -7.27 24.49
N GLU K 88 -75.62 -8.19 23.92
CA GLU K 88 -75.24 -8.12 22.51
C GLU K 88 -76.05 -9.05 21.63
N ASP K 89 -77.05 -9.72 22.18
CA ASP K 89 -77.80 -10.73 21.45
C ASP K 89 -78.86 -10.15 20.51
N PRO K 90 -79.67 -9.15 20.92
CA PRO K 90 -80.66 -8.61 19.99
C PRO K 90 -80.05 -8.09 18.70
N GLU K 91 -78.88 -7.45 18.77
CA GLU K 91 -78.23 -6.98 17.56
C GLU K 91 -77.82 -8.13 16.66
N ARG K 92 -77.33 -9.22 17.26
CA ARG K 92 -76.97 -10.40 16.47
C ARG K 92 -78.18 -10.99 15.77
N LEU K 93 -79.32 -11.07 16.47
CA LEU K 93 -80.53 -11.58 15.86
C LEU K 93 -81.00 -10.69 14.72
N ALA K 94 -80.96 -9.37 14.93
CA ALA K 94 -81.37 -8.44 13.88
C ALA K 94 -80.46 -8.55 12.67
N ASN K 95 -79.15 -8.68 12.89
CA ASN K 95 -78.21 -8.85 11.79
C ASN K 95 -78.49 -10.14 11.03
N TYR K 96 -78.80 -11.22 11.75
CA TYR K 96 -79.14 -12.47 11.08
C TYR K 96 -80.37 -12.31 10.20
N ALA K 97 -81.41 -11.68 10.72
CA ALA K 97 -82.62 -11.49 9.92
C ALA K 97 -82.35 -10.62 8.70
N ARG K 98 -81.57 -9.55 8.88
CA ARG K 98 -81.23 -8.66 7.77
C ARG K 98 -80.47 -9.41 6.68
N LYS K 99 -79.45 -10.19 7.08
CA LYS K 99 -78.66 -10.91 6.10
C LYS K 99 -79.49 -11.99 5.41
N LEU K 100 -80.42 -12.61 6.13
CA LEU K 100 -81.32 -13.58 5.51
C LEU K 100 -82.18 -12.90 4.45
N ALA K 101 -82.74 -11.73 4.78
CA ALA K 101 -83.59 -11.03 3.83
C ALA K 101 -82.81 -10.57 2.61
N SER K 102 -81.57 -10.14 2.80
CA SER K 102 -80.80 -9.54 1.71
C SER K 102 -80.60 -10.52 0.56
N ALA K 103 -80.19 -11.74 0.86
CA ALA K 103 -79.92 -12.76 -0.15
C ALA K 103 -81.02 -13.81 -0.06
N ALA K 104 -82.13 -13.58 -0.76
CA ALA K 104 -83.27 -14.48 -0.73
C ALA K 104 -83.50 -15.24 -2.02
N GLY K 105 -82.94 -14.77 -3.14
CA GLY K 105 -83.11 -15.47 -4.40
C GLY K 105 -81.82 -15.65 -5.16
N LYS K 106 -80.77 -14.97 -4.69
CA LYS K 106 -79.46 -15.05 -5.34
C LYS K 106 -78.68 -16.29 -4.94
N VAL K 107 -78.95 -16.86 -3.76
CA VAL K 107 -78.29 -18.07 -3.29
C VAL K 107 -79.34 -19.16 -3.19
N LEU K 108 -79.12 -20.26 -3.89
CA LEU K 108 -80.09 -21.35 -3.97
C LEU K 108 -79.55 -22.69 -3.50
N ASP K 109 -78.25 -22.85 -3.35
CA ASP K 109 -77.67 -24.11 -2.90
C ASP K 109 -77.80 -24.32 -1.39
N ARG K 110 -78.27 -23.31 -0.66
CA ARG K 110 -78.44 -23.38 0.78
C ARG K 110 -79.91 -23.34 1.13
N ASN K 111 -80.24 -23.81 2.33
CA ASN K 111 -81.61 -23.90 2.79
C ASN K 111 -82.11 -22.54 3.29
N ILE K 112 -82.01 -21.54 2.41
CA ILE K 112 -82.37 -20.17 2.79
C ILE K 112 -83.86 -20.06 3.08
N SER K 113 -84.69 -20.61 2.20
CA SER K 113 -86.13 -20.54 2.39
C SER K 113 -86.56 -21.28 3.65
N GLY K 114 -85.96 -22.45 3.89
CA GLY K 114 -86.25 -23.17 5.12
C GLY K 114 -85.81 -22.40 6.36
N LYS K 115 -84.66 -21.73 6.27
CA LYS K 115 -84.21 -20.93 7.39
C LYS K 115 -85.18 -19.78 7.68
N ILE K 116 -85.67 -19.12 6.64
CA ILE K 116 -86.64 -18.05 6.83
C ILE K 116 -87.92 -18.61 7.44
N GLY K 117 -88.38 -19.75 6.96
CA GLY K 117 -89.58 -20.36 7.52
C GLY K 117 -89.42 -20.70 8.99
N ASP K 118 -88.26 -21.26 9.36
CA ASP K 118 -88.01 -21.60 10.76
C ASP K 118 -87.97 -20.34 11.63
N LEU K 119 -87.32 -19.29 11.14
CA LEU K 119 -87.27 -18.04 11.90
C LEU K 119 -88.68 -17.48 12.12
N GLN K 120 -89.50 -17.48 11.07
CA GLN K 120 -90.86 -16.98 11.21
C GLN K 120 -91.69 -17.84 12.16
N ALA K 121 -91.51 -19.16 12.09
CA ALA K 121 -92.23 -20.04 13.00
C ALA K 121 -91.85 -19.79 14.45
N VAL K 122 -90.55 -19.60 14.72
CA VAL K 122 -90.10 -19.33 16.07
C VAL K 122 -90.63 -17.98 16.54
N MET K 123 -90.67 -16.99 15.64
CA MET K 123 -91.22 -15.69 16.00
C MET K 123 -92.70 -15.80 16.37
N ALA K 124 -93.46 -16.60 15.62
CA ALA K 124 -94.89 -16.74 15.90
C ALA K 124 -95.12 -17.40 17.26
N VAL K 125 -94.47 -18.54 17.50
CA VAL K 125 -94.56 -19.24 18.77
C VAL K 125 -93.15 -19.45 19.28
N PRO K 126 -92.81 -18.99 20.49
CA PRO K 126 -91.41 -18.99 20.93
C PRO K 126 -90.93 -20.27 21.60
N ASP K 127 -91.81 -21.23 21.88
CA ASP K 127 -91.42 -22.45 22.60
C ASP K 127 -91.48 -23.68 21.68
N THR K 128 -91.05 -23.53 20.45
CA THR K 128 -91.03 -24.62 19.48
C THR K 128 -89.63 -24.83 18.95
N GLU K 129 -89.28 -26.09 18.69
CA GLU K 129 -87.99 -26.45 18.12
C GLU K 129 -88.12 -26.62 16.62
N THR K 130 -87.24 -25.98 15.88
CA THR K 130 -87.16 -26.10 14.44
C THR K 130 -85.82 -26.72 14.06
N PRO K 131 -85.68 -27.20 12.83
CA PRO K 131 -84.41 -27.84 12.45
C PRO K 131 -83.19 -26.94 12.55
N THR K 132 -83.36 -25.62 12.56
CA THR K 132 -82.20 -24.73 12.53
C THR K 132 -82.24 -23.62 13.58
N PHE K 133 -83.20 -23.62 14.49
CA PHE K 133 -83.28 -22.52 15.44
C PHE K 133 -84.11 -22.91 16.65
N CYS K 134 -83.73 -22.37 17.81
CA CYS K 134 -84.51 -22.50 19.03
C CYS K 134 -84.06 -21.41 19.99
N LEU K 135 -84.85 -21.20 21.05
CA LEU K 135 -84.62 -20.14 22.01
C LEU K 135 -84.42 -20.67 23.42
N HIS K 136 -83.94 -21.90 23.56
CA HIS K 136 -83.72 -22.50 24.87
C HIS K 136 -82.23 -22.40 25.23
N THR K 137 -81.91 -22.84 26.45
CA THR K 137 -80.52 -22.88 26.90
C THR K 137 -79.92 -24.24 26.57
N ASP K 138 -78.73 -24.51 27.08
CA ASP K 138 -78.06 -25.77 26.76
C ASP K 138 -78.70 -26.95 27.48
N VAL K 139 -79.26 -26.73 28.68
CA VAL K 139 -79.82 -27.81 29.46
C VAL K 139 -81.33 -27.94 29.27
N SER K 140 -81.89 -27.27 28.27
CA SER K 140 -83.32 -27.38 28.01
C SER K 140 -83.68 -27.54 26.54
N CYS K 141 -82.71 -27.51 25.63
CA CYS K 141 -83.01 -27.81 24.24
C CYS K 141 -83.31 -29.30 24.07
N ARG K 142 -84.30 -29.61 23.24
CA ARG K 142 -84.75 -30.98 23.07
C ARG K 142 -84.21 -31.64 21.81
N GLN K 143 -83.45 -30.93 20.98
CA GLN K 143 -82.95 -31.51 19.75
C GLN K 143 -81.92 -32.59 20.04
N ARG K 144 -81.92 -33.63 19.21
CA ARG K 144 -80.99 -34.74 19.31
C ARG K 144 -79.99 -34.67 18.16
N ALA K 145 -78.71 -34.83 18.47
CA ALA K 145 -77.65 -34.74 17.49
C ALA K 145 -76.52 -35.68 17.88
N ASP K 146 -75.36 -35.50 17.26
CA ASP K 146 -74.18 -36.30 17.58
C ASP K 146 -72.90 -35.50 17.76
N VAL K 147 -72.89 -34.20 17.43
CA VAL K 147 -71.72 -33.36 17.60
C VAL K 147 -72.17 -32.03 18.23
N ALA K 148 -71.35 -31.50 19.13
CA ALA K 148 -71.58 -30.21 19.75
C ALA K 148 -70.33 -29.35 19.63
N ILE K 149 -70.52 -28.04 19.55
CA ILE K 149 -69.41 -27.12 19.36
C ILE K 149 -69.58 -25.93 20.30
N TYR K 150 -68.50 -25.56 20.99
CA TYR K 150 -68.45 -24.37 21.84
C TYR K 150 -67.38 -23.45 21.29
N GLN K 151 -67.78 -22.23 20.92
CA GLN K 151 -66.85 -21.26 20.34
C GLN K 151 -66.86 -20.01 21.22
N ASP K 152 -65.75 -19.79 21.94
CA ASP K 152 -65.60 -18.63 22.83
C ASP K 152 -66.72 -18.55 23.85
N VAL K 153 -67.06 -19.67 24.46
CA VAL K 153 -68.11 -19.75 25.47
C VAL K 153 -67.42 -19.98 26.81
N TYR K 154 -67.52 -19.02 27.72
CA TYR K 154 -66.86 -19.10 29.02
C TYR K 154 -67.84 -19.04 30.18
N ALA K 155 -69.14 -19.18 29.93
CA ALA K 155 -70.14 -18.88 30.95
C ALA K 155 -70.99 -20.08 31.35
N VAL K 156 -70.47 -21.29 31.17
CA VAL K 156 -71.19 -22.49 31.58
C VAL K 156 -70.27 -23.38 32.41
N HIS K 157 -70.89 -24.22 33.24
CA HIS K 157 -70.17 -25.21 34.03
C HIS K 157 -69.98 -26.45 33.17
N ALA K 158 -68.72 -26.80 32.89
CA ALA K 158 -68.43 -27.78 31.85
C ALA K 158 -68.99 -29.17 32.12
N PRO K 159 -68.81 -29.79 33.30
CA PRO K 159 -69.35 -31.15 33.48
C PRO K 159 -70.87 -31.25 33.34
N THR K 160 -71.62 -30.29 33.89
CA THR K 160 -73.07 -30.34 33.78
C THR K 160 -73.52 -30.21 32.34
N SER K 161 -72.94 -29.26 31.62
CA SER K 161 -73.28 -29.05 30.21
C SER K 161 -72.95 -30.29 29.39
N LEU K 162 -71.78 -30.89 29.63
CA LEU K 162 -71.40 -32.07 28.87
C LEU K 162 -72.29 -33.26 29.17
N TYR K 163 -72.71 -33.42 30.44
CA TYR K 163 -73.63 -34.50 30.77
C TYR K 163 -74.98 -34.33 30.07
N HIS K 164 -75.50 -33.10 30.07
CA HIS K 164 -76.78 -32.88 29.41
C HIS K 164 -76.66 -33.02 27.90
N GLN K 165 -75.47 -32.78 27.35
CA GLN K 165 -75.25 -33.04 25.93
C GLN K 165 -75.16 -34.55 25.66
N ALA K 166 -74.58 -35.30 26.59
CA ALA K 166 -74.35 -36.73 26.37
C ALA K 166 -75.61 -37.55 26.53
N ILE K 167 -76.53 -37.16 27.42
CA ILE K 167 -77.74 -37.96 27.60
C ILE K 167 -78.66 -37.84 26.39
N LYS K 168 -78.26 -37.05 25.40
CA LYS K 168 -79.04 -36.86 24.18
C LYS K 168 -78.40 -37.50 22.96
N GLY K 169 -77.34 -38.27 23.13
CA GLY K 169 -76.73 -38.99 22.04
C GLY K 169 -75.52 -38.33 21.39
N VAL K 170 -74.97 -37.29 22.00
CA VAL K 170 -73.78 -36.63 21.45
C VAL K 170 -72.55 -37.44 21.84
N ARG K 171 -71.67 -37.68 20.87
CA ARG K 171 -70.48 -38.48 21.10
C ARG K 171 -69.18 -37.71 20.88
N LEU K 172 -69.25 -36.45 20.45
CA LEU K 172 -68.05 -35.67 20.15
C LEU K 172 -68.34 -34.21 20.45
N ALA K 173 -67.33 -33.50 20.95
CA ALA K 173 -67.48 -32.09 21.29
C ALA K 173 -66.16 -31.37 21.05
N TYR K 174 -66.24 -30.07 20.80
CA TYR K 174 -65.08 -29.23 20.57
C TYR K 174 -65.18 -27.96 21.39
N TRP K 175 -64.03 -27.38 21.71
CA TRP K 175 -63.96 -26.16 22.50
C TRP K 175 -62.83 -25.29 21.98
N VAL K 176 -63.13 -24.03 21.69
CA VAL K 176 -62.17 -23.05 21.21
C VAL K 176 -62.16 -21.87 22.17
N GLY K 177 -60.98 -21.45 22.60
CA GLY K 177 -60.89 -20.35 23.54
C GLY K 177 -59.47 -20.13 23.99
N PHE K 178 -59.33 -19.26 24.98
CA PHE K 178 -58.03 -18.94 25.55
C PHE K 178 -57.59 -20.02 26.52
N ASP K 179 -56.27 -20.18 26.64
CA ASP K 179 -55.71 -21.18 27.55
C ASP K 179 -56.03 -20.84 29.00
N THR K 180 -56.37 -21.86 29.78
CA THR K 180 -56.79 -21.67 31.17
C THR K 180 -55.66 -21.89 32.16
N THR K 181 -54.44 -22.13 31.70
CA THR K 181 -53.33 -22.37 32.62
C THR K 181 -53.04 -21.20 33.56
N PRO K 182 -53.00 -19.93 33.12
CA PRO K 182 -52.71 -18.85 34.06
C PRO K 182 -53.69 -18.74 35.21
N PHE K 183 -54.89 -19.28 35.07
CA PHE K 183 -55.87 -19.23 36.15
C PHE K 183 -55.78 -20.40 37.11
N MET K 184 -55.08 -21.46 36.73
CA MET K 184 -54.80 -22.53 37.69
C MET K 184 -53.59 -22.21 38.55
N TYR K 185 -52.78 -21.23 38.16
CA TYR K 185 -51.71 -20.72 39.01
C TYR K 185 -52.16 -19.57 39.91
N ASN K 186 -53.38 -19.07 39.74
CA ASN K 186 -54.00 -18.08 40.64
C ASN K 186 -53.25 -16.75 40.61
N ALA K 187 -53.07 -16.19 39.42
CA ALA K 187 -52.40 -14.91 39.27
C ALA K 187 -53.38 -13.75 39.43
N MET K 188 -52.84 -12.55 39.62
CA MET K 188 -53.61 -11.33 39.79
C MET K 188 -53.96 -10.69 38.45
N ALA K 189 -53.02 -10.64 37.52
CA ALA K 189 -53.22 -9.99 36.23
C ALA K 189 -52.30 -10.67 35.21
N GLY K 190 -52.56 -10.41 33.93
CA GLY K 190 -51.75 -11.06 32.92
C GLY K 190 -52.03 -10.57 31.53
N ALA K 191 -51.24 -11.07 30.59
CA ALA K 191 -51.30 -10.65 29.20
C ALA K 191 -51.21 -11.83 28.25
N TYR K 192 -51.89 -11.72 27.11
CA TYR K 192 -51.67 -12.52 25.92
C TYR K 192 -51.19 -11.54 24.87
N PRO K 193 -49.87 -11.38 24.70
CA PRO K 193 -49.36 -10.25 23.91
C PRO K 193 -49.48 -10.42 22.40
N SER K 194 -49.53 -11.65 21.89
CA SER K 194 -49.67 -11.84 20.45
C SER K 194 -51.06 -11.50 19.96
N TYR K 195 -52.06 -11.52 20.85
CA TYR K 195 -53.43 -11.22 20.49
C TYR K 195 -53.89 -9.87 21.00
N SER K 196 -52.97 -9.07 21.53
CA SER K 196 -53.29 -7.74 22.07
C SER K 196 -54.33 -7.84 23.18
N THR K 197 -54.16 -8.78 24.10
CA THR K 197 -55.13 -9.00 25.16
C THR K 197 -54.49 -8.82 26.52
N ASN K 198 -55.17 -8.10 27.40
CA ASN K 198 -54.76 -7.95 28.78
C ASN K 198 -55.95 -8.24 29.68
N TRP K 199 -55.68 -8.81 30.85
CA TRP K 199 -56.74 -9.08 31.82
C TRP K 199 -56.22 -8.75 33.22
N ALA K 200 -57.15 -8.35 34.09
CA ALA K 200 -56.79 -7.98 35.45
C ALA K 200 -57.94 -8.29 36.39
N ASP K 201 -57.60 -8.57 37.64
CA ASP K 201 -58.58 -8.70 38.70
C ASP K 201 -59.25 -7.35 39.00
N GLU K 202 -60.48 -7.41 39.47
CA GLU K 202 -61.27 -6.20 39.67
C GLU K 202 -60.69 -5.30 40.76
N GLN K 203 -59.82 -5.81 41.62
CA GLN K 203 -59.29 -5.04 42.73
C GLN K 203 -58.05 -4.24 42.38
N VAL K 204 -57.46 -4.44 41.20
CA VAL K 204 -56.23 -3.74 40.85
C VAL K 204 -56.44 -2.89 39.60
N LEU K 205 -57.68 -2.48 39.35
CA LEU K 205 -57.97 -1.67 38.18
C LEU K 205 -57.44 -0.24 38.28
N LYS K 206 -56.94 0.16 39.45
CA LYS K 206 -56.40 1.50 39.65
C LYS K 206 -54.88 1.48 39.82
N ALA K 207 -54.21 0.49 39.26
CA ALA K 207 -52.76 0.40 39.32
C ALA K 207 -52.15 1.39 38.32
N LYS K 208 -50.84 1.31 38.13
CA LYS K 208 -50.16 2.26 37.26
C LYS K 208 -49.39 1.62 36.11
N ASN K 209 -48.81 0.44 36.28
CA ASN K 209 -47.85 -0.06 35.30
C ASN K 209 -48.18 -1.48 34.84
N ILE K 210 -49.46 -1.85 34.84
CA ILE K 210 -49.90 -3.09 34.21
C ILE K 210 -50.62 -2.75 32.91
N GLY K 211 -50.97 -3.78 32.15
CA GLY K 211 -51.53 -3.57 30.83
C GLY K 211 -52.87 -2.88 30.84
N LEU K 212 -53.73 -3.21 31.80
CA LEU K 212 -55.10 -2.69 31.85
C LEU K 212 -55.33 -1.99 33.19
N CYS K 213 -55.19 -0.67 33.21
CA CYS K 213 -55.34 0.10 34.43
C CYS K 213 -55.47 1.58 34.09
N SER K 214 -55.77 2.39 35.10
CA SER K 214 -55.85 3.84 34.95
C SER K 214 -55.72 4.48 36.33
N THR K 215 -54.96 5.58 36.41
CA THR K 215 -54.71 6.25 37.68
C THR K 215 -54.61 7.75 37.46
N ASP K 216 -54.41 8.49 38.54
CA ASP K 216 -54.41 9.95 38.57
C ASP K 216 -53.05 10.49 39.01
N LEU K 217 -52.94 11.81 39.06
CA LEU K 217 -51.77 12.50 39.60
C LEU K 217 -52.08 12.98 41.01
N THR K 218 -51.05 12.98 41.87
CA THR K 218 -51.23 13.36 43.26
C THR K 218 -49.92 13.82 43.85
N GLU K 219 -50.02 14.49 45.00
CA GLU K 219 -48.86 14.95 45.74
C GLU K 219 -48.51 14.09 46.94
N GLY K 220 -49.49 13.41 47.54
CA GLY K 220 -49.23 12.57 48.69
C GLY K 220 -49.58 13.23 50.01
N LYS K 232 -55.27 -7.47 53.87
CA LYS K 232 -55.27 -8.67 53.04
C LYS K 232 -55.66 -8.34 51.60
N LEU K 233 -54.93 -8.92 50.64
CA LEU K 233 -55.15 -8.66 49.22
C LEU K 233 -54.96 -9.99 48.49
N GLU K 234 -56.07 -10.62 48.11
CA GLU K 234 -56.07 -11.93 47.48
C GLU K 234 -57.03 -11.92 46.30
N PRO K 235 -56.83 -12.80 45.32
CA PRO K 235 -57.73 -12.83 44.16
C PRO K 235 -59.16 -13.16 44.55
N CYS K 236 -60.10 -12.54 43.83
N CYS K 236 -60.10 -12.55 43.84
CA CYS K 236 -61.53 -12.76 44.00
CA CYS K 236 -61.52 -12.81 44.02
C CYS K 236 -62.11 -13.35 42.72
C CYS K 236 -62.11 -13.34 42.72
N ASP K 237 -63.43 -13.49 42.68
CA ASP K 237 -64.05 -14.19 41.56
C ASP K 237 -64.07 -13.37 40.27
N ARG K 238 -64.36 -12.08 40.34
CA ARG K 238 -64.66 -11.31 39.15
C ARG K 238 -63.40 -10.85 38.43
N VAL K 239 -63.35 -11.06 37.11
CA VAL K 239 -62.19 -10.71 36.29
C VAL K 239 -62.66 -9.95 35.07
N LEU K 240 -61.81 -9.07 34.55
CA LEU K 240 -62.11 -8.29 33.34
C LEU K 240 -61.12 -8.66 32.24
N PHE K 241 -61.64 -8.88 31.04
CA PHE K 241 -60.87 -9.21 29.86
C PHE K 241 -61.00 -8.10 28.84
N SER K 242 -59.91 -7.79 28.14
CA SER K 242 -59.92 -6.76 27.11
C SER K 242 -59.23 -7.29 25.86
N VAL K 243 -60.02 -7.59 24.84
CA VAL K 243 -59.50 -8.07 23.56
C VAL K 243 -59.57 -6.91 22.59
N GLY K 244 -58.40 -6.39 22.19
CA GLY K 244 -58.37 -5.17 21.43
C GLY K 244 -58.97 -4.02 22.22
N SER K 245 -60.17 -3.58 21.84
CA SER K 245 -60.90 -2.58 22.61
C SER K 245 -62.28 -3.08 22.99
N THR K 246 -62.46 -4.39 23.09
CA THR K 246 -63.72 -4.99 23.52
C THR K 246 -63.56 -5.56 24.92
N LEU K 247 -64.53 -5.28 25.78
CA LEU K 247 -64.46 -5.61 27.20
C LEU K 247 -65.42 -6.74 27.54
N TYR K 248 -64.96 -7.70 28.33
CA TYR K 248 -65.76 -8.85 28.73
C TYR K 248 -65.57 -9.19 30.21
N PRO K 249 -66.64 -9.26 30.99
CA PRO K 249 -66.50 -9.74 32.37
C PRO K 249 -66.58 -11.27 32.46
N GLU K 250 -65.78 -11.84 33.35
CA GLU K 250 -65.67 -13.29 33.49
C GLU K 250 -65.59 -13.67 34.95
N SER K 251 -65.81 -14.97 35.21
CA SER K 251 -65.79 -15.55 36.53
C SER K 251 -64.69 -16.62 36.60
N ARG K 252 -63.97 -16.65 37.72
CA ARG K 252 -62.84 -17.57 37.86
C ARG K 252 -63.31 -19.01 37.94
N LYS K 253 -64.44 -19.26 38.60
CA LYS K 253 -64.93 -20.63 38.77
C LYS K 253 -65.23 -21.30 37.44
N LEU K 254 -65.96 -20.60 36.56
CA LEU K 254 -66.33 -21.17 35.28
C LEU K 254 -65.14 -21.33 34.36
N LEU K 255 -64.18 -20.39 34.41
CA LEU K 255 -62.96 -20.55 33.65
C LEU K 255 -62.17 -21.77 34.12
N LYS K 256 -62.08 -21.97 35.44
CA LYS K 256 -61.36 -23.11 35.97
C LYS K 256 -62.03 -24.43 35.63
N SER K 257 -63.36 -24.43 35.54
CA SER K 257 -64.07 -25.69 35.29
C SER K 257 -63.73 -26.31 33.95
N TRP K 258 -63.19 -25.56 33.01
CA TRP K 258 -62.87 -26.09 31.68
C TRP K 258 -61.46 -26.65 31.58
N HIS K 259 -60.70 -26.66 32.68
CA HIS K 259 -59.38 -27.27 32.72
C HIS K 259 -59.54 -28.72 33.17
N LEU K 260 -59.83 -29.58 32.20
CA LEU K 260 -60.24 -30.96 32.44
C LEU K 260 -59.04 -31.91 32.45
N PRO K 261 -59.12 -33.00 33.20
CA PRO K 261 -58.06 -34.01 33.21
C PRO K 261 -58.16 -34.90 31.97
N SER K 262 -57.20 -35.82 31.85
CA SER K 262 -57.11 -36.65 30.66
C SER K 262 -58.26 -37.65 30.54
N VAL K 263 -58.72 -38.21 31.65
CA VAL K 263 -59.85 -39.13 31.66
C VAL K 263 -60.73 -38.81 32.85
N PHE K 264 -62.05 -38.93 32.68
CA PHE K 264 -62.96 -38.71 33.80
C PHE K 264 -64.26 -39.47 33.58
N HIS K 265 -65.05 -39.56 34.65
CA HIS K 265 -66.29 -40.31 34.71
C HIS K 265 -67.46 -39.37 34.98
N LEU K 266 -68.59 -39.63 34.34
CA LEU K 266 -69.85 -38.94 34.61
C LEU K 266 -70.86 -39.97 35.09
N LYS K 267 -71.23 -39.90 36.37
CA LYS K 267 -72.04 -40.92 37.02
C LYS K 267 -73.35 -40.32 37.50
N GLY K 268 -74.43 -40.60 36.78
CA GLY K 268 -75.76 -40.19 37.17
C GLY K 268 -76.75 -41.33 37.00
N LYS K 269 -77.91 -41.01 36.44
CA LYS K 269 -78.86 -42.07 36.06
C LYS K 269 -78.24 -42.95 34.97
N LEU K 270 -77.54 -42.34 34.02
CA LEU K 270 -76.69 -43.05 33.09
C LEU K 270 -75.24 -42.69 33.36
N SER K 271 -74.32 -43.51 32.86
CA SER K 271 -72.91 -43.36 33.15
C SER K 271 -72.12 -43.27 31.86
N PHE K 272 -71.08 -42.43 31.89
CA PHE K 272 -70.23 -42.21 30.72
C PHE K 272 -68.78 -42.10 31.16
N THR K 273 -67.89 -42.49 30.23
CA THR K 273 -66.45 -42.34 30.40
C THR K 273 -65.96 -41.42 29.29
N CYS K 274 -65.22 -40.37 29.65
CA CYS K 274 -64.84 -39.34 28.70
C CYS K 274 -63.36 -39.05 28.80
N ARG K 275 -62.81 -38.57 27.69
CA ARG K 275 -61.40 -38.18 27.64
C ARG K 275 -61.23 -36.93 26.79
N CYS K 276 -60.27 -36.09 27.19
CA CYS K 276 -60.05 -34.78 26.60
C CYS K 276 -58.59 -34.63 26.18
N ASP K 277 -58.36 -34.00 25.04
CA ASP K 277 -56.99 -33.73 24.62
C ASP K 277 -56.93 -32.47 23.76
N THR K 278 -55.73 -31.87 23.71
CA THR K 278 -55.50 -30.63 22.98
C THR K 278 -54.94 -30.97 21.60
N VAL K 279 -55.53 -30.39 20.55
CA VAL K 279 -55.14 -30.72 19.19
C VAL K 279 -54.49 -29.56 18.46
N VAL K 280 -54.79 -28.31 18.81
CA VAL K 280 -54.14 -27.14 18.24
C VAL K 280 -53.77 -26.20 19.36
N SER K 281 -52.59 -25.58 19.26
CA SER K 281 -52.09 -24.67 20.30
C SER K 281 -51.19 -23.64 19.64
N CYS K 282 -51.54 -22.36 19.78
CA CYS K 282 -50.77 -21.28 19.16
C CYS K 282 -50.74 -20.07 20.10
N GLU K 283 -49.71 -20.00 20.95
CA GLU K 283 -49.36 -18.83 21.73
C GLU K 283 -50.44 -18.38 22.71
N GLY K 284 -51.34 -19.27 23.11
CA GLY K 284 -52.36 -18.89 24.05
C GLY K 284 -53.76 -19.32 23.68
N TYR K 285 -54.02 -19.48 22.38
CA TYR K 285 -55.26 -20.06 21.89
C TYR K 285 -55.12 -21.56 21.71
N VAL K 286 -56.16 -22.30 22.08
CA VAL K 286 -56.14 -23.76 22.00
C VAL K 286 -57.44 -24.27 21.36
N VAL K 287 -57.38 -25.52 20.92
CA VAL K 287 -58.56 -26.29 20.50
C VAL K 287 -58.54 -27.61 21.26
N LYS K 288 -59.65 -27.93 21.92
CA LYS K 288 -59.76 -29.13 22.72
C LYS K 288 -60.79 -30.08 22.12
N ARG K 289 -60.50 -31.38 22.16
CA ARG K 289 -61.39 -32.42 21.65
C ARG K 289 -61.74 -33.37 22.78
N ILE K 290 -63.04 -33.61 22.96
CA ILE K 290 -63.56 -34.44 24.04
C ILE K 290 -64.41 -35.54 23.45
N THR K 291 -64.19 -36.78 23.91
CA THR K 291 -64.97 -37.93 23.48
C THR K 291 -65.62 -38.58 24.69
N MET K 292 -66.88 -39.00 24.53
CA MET K 292 -67.65 -39.61 25.60
C MET K 292 -68.26 -40.92 25.12
N SER K 293 -68.25 -41.94 26.00
CA SER K 293 -68.75 -43.26 25.65
C SER K 293 -69.60 -43.80 26.79
N PRO K 294 -70.59 -44.65 26.49
CA PRO K 294 -71.45 -45.18 27.55
C PRO K 294 -70.77 -46.26 28.37
N GLY K 295 -71.04 -46.26 29.67
CA GLY K 295 -70.49 -47.23 30.59
C GLY K 295 -69.26 -46.71 31.31
N LEU K 296 -68.85 -47.46 32.33
CA LEU K 296 -67.68 -47.13 33.15
C LEU K 296 -66.56 -48.11 32.84
N TYR K 297 -65.37 -47.58 32.57
CA TYR K 297 -64.21 -48.39 32.24
C TYR K 297 -62.95 -47.77 32.80
N GLY K 298 -62.01 -48.61 33.20
CA GLY K 298 -60.72 -48.13 33.67
C GLY K 298 -60.82 -47.44 35.03
N LYS K 299 -59.77 -46.68 35.34
CA LYS K 299 -59.71 -45.88 36.55
C LYS K 299 -58.98 -44.58 36.26
N THR K 300 -59.20 -43.60 37.13
CA THR K 300 -58.73 -42.25 36.92
C THR K 300 -57.66 -41.88 37.93
N THR K 301 -56.81 -40.92 37.54
CA THR K 301 -55.76 -40.38 38.41
C THR K 301 -56.04 -38.97 38.88
N GLY K 302 -56.60 -38.12 38.03
CA GLY K 302 -56.93 -36.77 38.42
C GLY K 302 -55.88 -35.73 38.12
N TYR K 303 -55.10 -35.90 37.06
CA TYR K 303 -54.02 -34.98 36.71
C TYR K 303 -54.28 -34.37 35.35
N ALA K 304 -53.90 -33.10 35.19
CA ALA K 304 -53.99 -32.38 33.93
C ALA K 304 -52.63 -31.84 33.55
N VAL K 305 -52.27 -31.96 32.28
CA VAL K 305 -50.93 -31.65 31.81
C VAL K 305 -51.00 -30.60 30.71
N THR K 306 -50.06 -29.66 30.74
CA THR K 306 -49.91 -28.64 29.71
C THR K 306 -48.50 -28.70 29.15
N HIS K 307 -48.38 -28.72 27.82
CA HIS K 307 -47.09 -28.71 27.15
C HIS K 307 -46.75 -27.29 26.73
N HIS K 308 -45.53 -26.86 27.00
CA HIS K 308 -45.08 -25.50 26.73
C HIS K 308 -44.15 -25.49 25.53
N ALA K 309 -44.58 -24.84 24.45
CA ALA K 309 -43.71 -24.61 23.31
C ALA K 309 -42.98 -23.28 23.41
N ASP K 310 -43.57 -22.31 24.08
CA ASP K 310 -42.92 -21.05 24.43
C ASP K 310 -42.64 -21.04 25.93
N GLY K 311 -42.02 -19.96 26.40
CA GLY K 311 -41.80 -19.80 27.81
C GLY K 311 -43.01 -19.21 28.51
N PHE K 312 -43.27 -19.70 29.72
CA PHE K 312 -44.34 -19.18 30.55
C PHE K 312 -43.74 -18.64 31.84
N LEU K 313 -44.09 -17.40 32.19
CA LEU K 313 -43.51 -16.73 33.35
C LEU K 313 -44.59 -16.29 34.32
N MET K 314 -44.32 -16.47 35.61
CA MET K 314 -45.11 -15.91 36.69
C MET K 314 -44.16 -15.31 37.71
N CYS K 315 -44.44 -14.08 38.15
CA CYS K 315 -43.51 -13.40 39.03
C CYS K 315 -44.23 -12.40 39.91
N LYS K 316 -43.57 -12.03 41.00
CA LYS K 316 -44.08 -11.06 41.96
C LYS K 316 -43.53 -9.68 41.62
N THR K 317 -44.40 -8.67 41.69
CA THR K 317 -44.04 -7.31 41.33
C THR K 317 -44.65 -6.33 42.32
N THR K 318 -44.07 -5.14 42.38
CA THR K 318 -44.47 -4.09 43.30
C THR K 318 -45.02 -2.91 42.50
N ASP K 319 -46.16 -2.39 42.94
CA ASP K 319 -46.79 -1.27 42.26
C ASP K 319 -47.49 -0.40 43.29
N THR K 320 -48.14 0.65 42.81
CA THR K 320 -48.99 1.50 43.64
C THR K 320 -50.41 1.43 43.11
N VAL K 321 -51.34 1.00 43.94
CA VAL K 321 -52.75 0.95 43.62
C VAL K 321 -53.41 2.09 44.37
N ASP K 322 -54.00 3.03 43.62
CA ASP K 322 -54.69 4.20 44.17
C ASP K 322 -53.79 4.99 45.12
N GLY K 323 -52.47 4.94 44.90
CA GLY K 323 -51.52 5.66 45.70
C GLY K 323 -50.84 4.86 46.80
N GLU K 324 -51.29 3.63 47.07
CA GLU K 324 -50.72 2.82 48.14
C GLU K 324 -49.87 1.71 47.55
N ARG K 325 -48.67 1.53 48.09
CA ARG K 325 -47.72 0.58 47.53
C ARG K 325 -48.02 -0.84 48.01
N VAL K 326 -48.13 -1.77 47.05
CA VAL K 326 -48.49 -3.16 47.30
C VAL K 326 -47.69 -4.06 46.37
N SER K 327 -47.84 -5.38 46.56
CA SER K 327 -47.16 -6.39 45.77
C SER K 327 -48.14 -7.49 45.38
N PHE K 328 -48.03 -7.97 44.14
CA PHE K 328 -48.87 -9.06 43.67
C PHE K 328 -48.21 -9.72 42.45
N SER K 329 -48.82 -10.78 41.94
CA SER K 329 -48.20 -11.64 40.95
C SER K 329 -48.83 -11.46 39.58
N VAL K 330 -47.99 -11.50 38.54
CA VAL K 330 -48.41 -11.36 37.15
C VAL K 330 -47.76 -12.47 36.31
N CYS K 331 -48.38 -12.76 35.17
CA CYS K 331 -47.95 -13.85 34.29
C CYS K 331 -47.92 -13.39 32.84
N THR K 332 -47.09 -14.06 32.04
CA THR K 332 -46.93 -13.70 30.63
C THR K 332 -46.28 -14.84 29.85
N TYR K 333 -46.20 -14.65 28.53
CA TYR K 333 -45.64 -15.60 27.57
C TYR K 333 -44.43 -14.99 26.87
N VAL K 334 -43.41 -15.80 26.65
CA VAL K 334 -42.15 -15.33 26.07
C VAL K 334 -41.77 -16.19 24.86
N PRO K 335 -41.36 -15.59 23.75
CA PRO K 335 -40.98 -16.39 22.57
C PRO K 335 -39.78 -17.29 22.85
N ALA K 336 -39.76 -18.44 22.16
CA ALA K 336 -38.76 -19.47 22.44
C ALA K 336 -37.35 -19.06 22.07
N THR K 337 -37.17 -18.28 21.01
CA THR K 337 -35.83 -17.88 20.59
C THR K 337 -35.13 -17.00 21.62
N ILE K 338 -35.85 -16.07 22.24
CA ILE K 338 -35.25 -15.24 23.29
C ILE K 338 -34.86 -16.09 24.49
N CYS K 339 -35.73 -17.02 24.87
CA CYS K 339 -35.41 -17.92 25.98
C CYS K 339 -34.16 -18.73 25.68
N ASP K 340 -34.03 -19.23 24.46
CA ASP K 340 -32.83 -19.97 24.07
C ASP K 340 -31.60 -19.09 24.09
N GLN K 341 -31.73 -17.83 23.69
CA GLN K 341 -30.58 -16.93 23.66
C GLN K 341 -30.20 -16.36 25.02
N MET K 342 -31.02 -16.55 26.05
CA MET K 342 -30.66 -16.09 27.39
C MET K 342 -30.06 -17.18 28.27
N THR K 343 -29.75 -18.35 27.71
CA THR K 343 -29.30 -19.48 28.53
C THR K 343 -27.95 -19.20 29.18
N GLY K 344 -27.02 -18.60 28.44
CA GLY K 344 -25.67 -18.42 28.97
C GLY K 344 -25.57 -17.32 30.01
N ILE K 345 -26.37 -16.27 29.87
CA ILE K 345 -26.29 -15.14 30.77
C ILE K 345 -26.78 -15.54 32.17
N LEU K 346 -27.80 -16.38 32.23
CA LEU K 346 -28.42 -16.73 33.51
C LEU K 346 -27.60 -17.73 34.32
N ALA K 347 -26.35 -17.97 33.94
CA ALA K 347 -25.47 -18.83 34.72
C ALA K 347 -24.84 -18.09 35.90
N THR K 348 -24.93 -16.77 35.92
CA THR K 348 -24.38 -15.93 36.97
C THR K 348 -25.48 -15.06 37.56
N GLU K 349 -25.10 -14.19 38.49
CA GLU K 349 -26.03 -13.23 39.07
C GLU K 349 -25.99 -11.94 38.27
N VAL K 350 -27.16 -11.45 37.88
CA VAL K 350 -27.29 -10.32 36.98
C VAL K 350 -28.32 -9.36 37.53
N THR K 351 -28.03 -8.06 37.44
CA THR K 351 -28.95 -7.03 37.89
C THR K 351 -30.07 -6.80 36.86
N PRO K 352 -31.21 -6.28 37.30
CA PRO K 352 -32.31 -6.05 36.34
C PRO K 352 -31.98 -5.07 35.23
N GLU K 353 -31.14 -4.07 35.48
CA GLU K 353 -30.82 -3.10 34.42
C GLU K 353 -29.99 -3.72 33.32
N ASP K 354 -29.00 -4.54 33.67
CA ASP K 354 -28.21 -5.23 32.66
C ASP K 354 -29.05 -6.22 31.87
N ALA K 355 -29.96 -6.93 32.53
CA ALA K 355 -30.87 -7.82 31.82
C ALA K 355 -31.77 -7.04 30.88
N GLN K 356 -32.26 -5.87 31.29
CA GLN K 356 -33.09 -5.06 30.41
C GLN K 356 -32.32 -4.63 29.17
N LYS K 357 -31.09 -4.17 29.35
CA LYS K 357 -30.29 -3.78 28.18
C LYS K 357 -30.00 -4.96 27.26
N LEU K 358 -29.70 -6.13 27.82
CA LEU K 358 -29.47 -7.31 26.99
C LEU K 358 -30.72 -7.72 26.22
N LEU K 359 -31.88 -7.71 26.88
CA LEU K 359 -33.12 -8.05 26.20
C LEU K 359 -33.44 -7.07 25.09
N VAL K 360 -33.22 -5.77 25.33
CA VAL K 360 -33.44 -4.78 24.27
C VAL K 360 -32.49 -5.03 23.12
N GLY K 361 -31.25 -5.42 23.41
CA GLY K 361 -30.31 -5.75 22.35
C GLY K 361 -30.75 -6.94 21.52
N LEU K 362 -31.27 -7.98 22.17
CA LEU K 362 -31.75 -9.15 21.42
C LEU K 362 -32.99 -8.84 20.61
N ASN K 363 -33.88 -7.99 21.12
CA ASN K 363 -35.10 -7.64 20.42
C ASN K 363 -34.81 -6.73 19.24
N ASN K 377 -39.24 -6.17 15.88
CA ASN K 377 -39.52 -6.54 17.27
C ASN K 377 -40.12 -7.93 17.37
N THR K 378 -39.39 -8.84 18.03
CA THR K 378 -39.92 -10.19 18.24
C THR K 378 -40.99 -10.21 19.32
N MET K 379 -40.87 -9.35 20.33
CA MET K 379 -41.83 -9.28 21.42
C MET K 379 -42.18 -7.83 21.70
N LYS K 380 -43.36 -7.61 22.26
CA LYS K 380 -43.81 -6.26 22.57
C LYS K 380 -42.97 -5.63 23.67
N ASN K 381 -42.69 -4.34 23.53
CA ASN K 381 -41.75 -3.68 24.43
C ASN K 381 -42.34 -3.41 25.81
N TYR K 382 -43.65 -3.16 25.91
CA TYR K 382 -44.23 -2.79 27.20
C TYR K 382 -44.15 -3.93 28.21
N MET K 383 -43.86 -5.14 27.77
CA MET K 383 -43.76 -6.28 28.65
C MET K 383 -42.31 -6.53 29.10
N ILE K 384 -41.35 -5.82 28.53
CA ILE K 384 -39.94 -6.11 28.79
C ILE K 384 -39.51 -5.80 30.22
N PRO K 385 -39.84 -4.64 30.80
CA PRO K 385 -39.26 -4.32 32.12
C PRO K 385 -39.59 -5.32 33.22
N VAL K 386 -40.76 -5.95 33.19
CA VAL K 386 -41.07 -6.93 34.22
C VAL K 386 -40.41 -8.28 33.95
N VAL K 387 -40.33 -8.69 32.68
CA VAL K 387 -39.60 -9.91 32.34
C VAL K 387 -38.16 -9.83 32.82
N ALA K 388 -37.50 -8.70 32.55
CA ALA K 388 -36.13 -8.51 33.02
C ALA K 388 -36.04 -8.61 34.53
N GLN K 389 -37.10 -8.24 35.24
CA GLN K 389 -37.07 -8.37 36.69
C GLN K 389 -37.25 -9.81 37.14
N ALA K 390 -37.99 -10.61 36.37
CA ALA K 390 -38.21 -12.00 36.75
C ALA K 390 -36.96 -12.83 36.56
N PHE K 391 -36.35 -12.77 35.38
CA PHE K 391 -35.13 -13.51 35.11
C PHE K 391 -34.08 -13.26 36.19
N SER K 392 -33.83 -11.99 36.50
CA SER K 392 -32.82 -11.64 37.48
C SER K 392 -33.07 -12.34 38.81
N LYS K 393 -34.33 -12.46 39.22
CA LYS K 393 -34.58 -13.15 40.48
C LYS K 393 -34.36 -14.65 40.34
N TRP K 394 -34.83 -15.24 39.25
CA TRP K 394 -34.73 -16.68 39.06
C TRP K 394 -33.29 -17.14 39.18
N ALA K 395 -32.39 -16.52 38.41
CA ALA K 395 -30.97 -16.87 38.48
C ALA K 395 -30.47 -16.83 39.90
N LYS K 396 -30.81 -15.79 40.65
CA LYS K 396 -30.30 -15.69 42.02
C LYS K 396 -30.78 -16.87 42.86
N GLU K 397 -32.08 -17.21 42.75
CA GLU K 397 -32.60 -18.33 43.53
C GLU K 397 -31.93 -19.64 43.14
N CYS K 398 -31.34 -19.72 41.95
CA CYS K 398 -30.61 -20.93 41.60
C CYS K 398 -29.31 -21.03 42.36
N ARG K 399 -28.56 -19.92 42.48
CA ARG K 399 -27.25 -19.97 43.09
C ARG K 399 -27.33 -20.48 44.53
N LYS K 400 -28.29 -19.96 45.29
CA LYS K 400 -28.48 -20.39 46.66
C LYS K 400 -28.68 -21.90 46.74
N ASP K 401 -29.46 -22.47 45.81
CA ASP K 401 -29.69 -23.90 45.83
C ASP K 401 -28.38 -24.66 45.69
N MET K 402 -27.46 -24.15 44.86
CA MET K 402 -26.19 -24.84 44.69
C MET K 402 -25.28 -24.68 45.90
N GLU K 403 -25.55 -23.72 46.78
CA GLU K 403 -24.66 -23.44 47.90
C GLU K 403 -25.13 -24.04 49.22
N ASP K 404 -26.31 -24.66 49.25
CA ASP K 404 -26.83 -25.32 50.45
C ASP K 404 -27.25 -26.73 50.02
N GLU K 405 -26.31 -27.65 50.06
CA GLU K 405 -26.48 -28.98 49.50
C GLU K 405 -26.71 -30.00 50.61
N LYS K 406 -27.78 -30.77 50.50
CA LYS K 406 -28.17 -31.72 51.53
C LYS K 406 -27.58 -33.10 51.23
N LEU K 407 -28.05 -34.11 51.94
CA LEU K 407 -27.65 -35.50 51.73
C LEU K 407 -28.73 -36.25 50.96
N LEU K 408 -28.31 -37.31 50.28
CA LEU K 408 -29.22 -38.08 49.45
C LEU K 408 -30.21 -38.86 50.30
N GLY K 409 -31.49 -38.71 49.99
CA GLY K 409 -32.54 -39.47 50.66
C GLY K 409 -32.71 -39.16 52.13
N VAL K 410 -32.67 -37.88 52.50
CA VAL K 410 -32.74 -37.48 53.90
C VAL K 410 -33.45 -36.14 53.99
N ARG K 411 -34.29 -35.98 55.02
CA ARG K 411 -34.99 -34.73 55.28
C ARG K 411 -34.74 -34.31 56.72
N GLU K 412 -34.54 -33.01 56.92
CA GLU K 412 -34.34 -32.45 58.26
C GLU K 412 -35.66 -31.82 58.72
N ARG K 413 -36.22 -32.35 59.80
CA ARG K 413 -37.49 -31.85 60.34
C ARG K 413 -37.45 -31.76 61.85
N THR K 414 -36.36 -31.22 62.40
CA THR K 414 -36.23 -31.07 63.84
C THR K 414 -37.28 -30.10 64.39
N TRP K 421 -42.14 -30.18 65.85
CA TRP K 421 -41.04 -30.56 64.98
C TRP K 421 -41.21 -29.87 63.63
N ALA K 422 -40.46 -28.78 63.42
CA ALA K 422 -40.70 -27.87 62.32
C ALA K 422 -39.53 -27.85 61.36
N PHE K 423 -39.84 -27.59 60.08
CA PHE K 423 -38.85 -27.38 59.04
C PHE K 423 -39.13 -26.06 58.35
N LYS K 424 -38.08 -25.38 57.94
CA LYS K 424 -38.21 -24.07 57.32
C LYS K 424 -38.63 -24.21 55.86
N LYS K 425 -39.39 -23.24 55.38
CA LYS K 425 -39.78 -23.14 53.99
C LYS K 425 -39.04 -21.96 53.36
N GLN K 426 -38.39 -22.21 52.22
CA GLN K 426 -37.69 -21.15 51.52
C GLN K 426 -38.69 -20.25 50.79
N LYS K 427 -38.19 -19.14 50.27
CA LYS K 427 -39.02 -18.17 49.57
C LYS K 427 -38.87 -18.33 48.07
N THR K 428 -39.98 -18.24 47.35
CA THR K 428 -40.01 -18.36 45.90
C THR K 428 -40.68 -17.12 45.32
N HIS K 429 -39.98 -16.40 44.47
CA HIS K 429 -40.51 -15.19 43.86
C HIS K 429 -40.73 -15.31 42.35
N THR K 430 -40.39 -16.45 41.76
CA THR K 430 -40.49 -16.60 40.30
C THR K 430 -40.74 -18.06 39.96
N VAL K 431 -41.63 -18.29 39.00
CA VAL K 431 -41.84 -19.59 38.39
C VAL K 431 -41.60 -19.46 36.90
N TYR K 432 -40.74 -20.31 36.36
CA TYR K 432 -40.29 -20.19 34.98
C TYR K 432 -40.37 -21.56 34.32
N LYS K 433 -41.32 -21.73 33.39
CA LYS K 433 -41.47 -22.97 32.65
C LYS K 433 -40.83 -22.79 31.27
N ARG K 434 -39.69 -23.44 31.07
CA ARG K 434 -38.94 -23.30 29.84
C ARG K 434 -39.58 -24.09 28.71
N PRO K 435 -39.25 -23.77 27.45
CA PRO K 435 -39.79 -24.53 26.33
C PRO K 435 -39.42 -26.00 26.43
N ASP K 436 -40.37 -26.86 26.03
CA ASP K 436 -40.24 -28.31 26.05
C ASP K 436 -40.33 -28.89 27.47
N THR K 437 -41.06 -28.23 28.36
CA THR K 437 -41.37 -28.75 29.68
C THR K 437 -42.88 -28.92 29.80
N GLN K 438 -43.33 -29.40 30.96
CA GLN K 438 -44.75 -29.70 31.17
C GLN K 438 -45.17 -29.33 32.57
N SER K 439 -46.36 -28.75 32.70
CA SER K 439 -47.00 -28.49 33.98
C SER K 439 -47.99 -29.60 34.29
N ILE K 440 -48.16 -29.89 35.57
CA ILE K 440 -49.06 -30.95 36.01
C ILE K 440 -49.78 -30.49 37.28
N GLN K 441 -51.10 -30.72 37.32
CA GLN K 441 -51.92 -30.23 38.43
C GLN K 441 -53.04 -31.20 38.73
N LYS K 442 -53.40 -31.28 40.01
CA LYS K 442 -54.40 -32.22 40.51
C LYS K 442 -55.77 -31.56 40.49
N VAL K 443 -56.72 -32.17 39.79
CA VAL K 443 -58.09 -31.68 39.68
C VAL K 443 -59.05 -32.81 40.00
N GLN K 444 -60.35 -32.52 39.91
CA GLN K 444 -61.38 -33.49 40.17
C GLN K 444 -61.68 -34.30 38.91
N ALA K 445 -61.96 -35.60 39.11
CA ALA K 445 -62.17 -36.50 37.98
C ALA K 445 -63.42 -37.37 38.11
N GLU K 446 -64.14 -37.30 39.22
CA GLU K 446 -65.39 -38.03 39.39
C GLU K 446 -66.52 -37.05 39.65
N PHE K 447 -67.55 -37.11 38.81
CA PHE K 447 -68.67 -36.18 38.88
C PHE K 447 -69.96 -36.96 39.03
N ASP K 448 -70.79 -36.58 40.00
CA ASP K 448 -72.05 -37.27 40.23
C ASP K 448 -73.26 -36.37 40.44
N SER K 449 -73.08 -35.08 40.71
CA SER K 449 -74.20 -34.18 40.98
C SER K 449 -74.28 -33.14 39.87
N PHE K 450 -75.48 -32.97 39.33
CA PHE K 450 -75.69 -32.06 38.20
C PHE K 450 -76.91 -31.18 38.41
N TRP K 456 -88.26 -22.59 32.80
CA TRP K 456 -87.71 -21.83 31.68
C TRP K 456 -88.70 -20.76 31.21
N SER K 457 -88.18 -19.60 30.83
CA SER K 457 -89.00 -18.50 30.33
C SER K 457 -88.42 -18.02 29.01
N SER K 458 -89.32 -17.56 28.13
CA SER K 458 -88.90 -17.15 26.78
C SER K 458 -87.93 -15.97 26.84
N GLY K 459 -88.27 -14.94 27.60
CA GLY K 459 -87.42 -13.79 27.75
C GLY K 459 -87.49 -12.76 26.64
N LEU K 460 -88.21 -13.06 25.55
CA LEU K 460 -88.31 -12.14 24.44
C LEU K 460 -89.39 -11.08 24.72
N SER K 461 -89.45 -10.08 23.85
CA SER K 461 -90.37 -8.97 23.99
C SER K 461 -91.17 -8.78 22.71
N ILE K 462 -92.36 -8.21 22.87
CA ILE K 462 -93.23 -7.99 21.70
C ILE K 462 -92.60 -7.05 20.68
N PRO K 463 -92.05 -5.88 21.05
CA PRO K 463 -91.47 -5.01 20.01
C PRO K 463 -90.35 -5.67 19.23
N LEU K 464 -89.51 -6.47 19.88
CA LEU K 464 -88.43 -7.14 19.17
C LEU K 464 -88.97 -8.16 18.17
N ARG K 465 -89.99 -8.92 18.58
CA ARG K 465 -90.60 -9.88 17.66
C ARG K 465 -91.24 -9.17 16.47
N THR K 466 -91.94 -8.07 16.73
CA THR K 466 -92.53 -7.30 15.64
C THR K 466 -91.47 -6.75 14.69
N ARG K 467 -90.37 -6.25 15.24
CA ARG K 467 -89.29 -5.73 14.41
C ARG K 467 -88.70 -6.82 13.53
N ILE K 468 -88.47 -8.00 14.09
CA ILE K 468 -87.93 -9.11 13.31
C ILE K 468 -88.92 -9.53 12.21
N LYS K 469 -90.20 -9.62 12.56
CA LYS K 469 -91.20 -9.98 11.57
C LYS K 469 -91.24 -8.98 10.42
N TRP K 470 -91.20 -7.68 10.73
CA TRP K 470 -91.18 -6.67 9.69
C TRP K 470 -89.90 -6.73 8.87
N LEU K 471 -88.77 -7.00 9.51
CA LEU K 471 -87.50 -7.07 8.79
C LEU K 471 -87.49 -8.22 7.79
N LEU K 472 -88.04 -9.37 8.18
CA LEU K 472 -88.11 -10.48 7.24
C LEU K 472 -89.02 -10.17 6.05
N SER K 473 -90.14 -9.52 6.30
CA SER K 473 -91.06 -9.15 5.22
C SER K 473 -90.52 -7.99 4.42
N ASP L 2 -63.46 5.25 -8.36
CA ASP L 2 -62.86 4.32 -7.40
C ASP L 2 -61.94 5.02 -6.38
N PRO L 3 -60.93 5.78 -6.81
CA PRO L 3 -60.05 6.44 -5.85
C PRO L 3 -60.70 7.67 -5.25
N VAL L 4 -60.18 8.06 -4.09
CA VAL L 4 -60.67 9.21 -3.34
C VAL L 4 -59.55 10.24 -3.29
N TYR L 5 -59.89 11.50 -3.53
CA TYR L 5 -58.93 12.58 -3.63
C TYR L 5 -58.99 13.46 -2.39
N VAL L 6 -57.82 13.83 -1.87
CA VAL L 6 -57.72 14.63 -0.66
C VAL L 6 -56.87 15.85 -0.95
N ASP L 7 -57.19 16.95 -0.25
CA ASP L 7 -56.58 18.25 -0.51
C ASP L 7 -55.39 18.47 0.43
N ILE L 8 -54.36 17.65 0.23
CA ILE L 8 -53.11 17.77 0.97
C ILE L 8 -51.96 17.66 -0.03
N ASP L 9 -50.79 18.12 0.40
CA ASP L 9 -49.62 18.10 -0.46
C ASP L 9 -49.12 16.67 -0.65
N ALA L 10 -48.55 16.41 -1.83
CA ALA L 10 -48.15 15.07 -2.21
C ALA L 10 -46.93 14.56 -1.45
N ASP L 11 -46.25 15.41 -0.69
CA ASP L 11 -45.05 15.01 0.04
C ASP L 11 -45.27 14.88 1.54
N SER L 12 -46.49 15.08 2.03
CA SER L 12 -46.75 15.05 3.46
C SER L 12 -46.64 13.63 3.99
N ALA L 13 -46.19 13.52 5.25
CA ALA L 13 -46.12 12.23 5.93
C ALA L 13 -47.44 11.78 6.50
N PHE L 14 -48.44 12.66 6.56
CA PHE L 14 -49.76 12.26 7.04
C PHE L 14 -50.39 11.24 6.12
N LEU L 15 -50.11 11.33 4.82
CA LEU L 15 -50.74 10.44 3.85
C LEU L 15 -50.56 8.98 4.21
N LYS L 16 -49.33 8.59 4.55
CA LYS L 16 -49.06 7.25 5.05
C LYS L 16 -50.11 6.82 6.06
N ALA L 17 -50.27 7.60 7.13
CA ALA L 17 -51.20 7.22 8.19
C ALA L 17 -52.60 7.06 7.66
N LEU L 18 -53.02 7.94 6.75
CA LEU L 18 -54.38 7.83 6.21
C LEU L 18 -54.56 6.49 5.50
N GLN L 19 -53.56 6.08 4.72
CA GLN L 19 -53.69 4.81 4.01
C GLN L 19 -53.76 3.64 4.98
N ARG L 20 -53.21 3.81 6.19
CA ARG L 20 -53.30 2.76 7.19
C ARG L 20 -54.68 2.71 7.84
N ALA L 21 -55.38 3.83 7.90
CA ALA L 21 -56.67 3.88 8.58
C ALA L 21 -57.83 3.49 7.68
N TYR L 22 -57.67 3.61 6.37
CA TYR L 22 -58.72 3.29 5.40
C TYR L 22 -58.12 2.35 4.36
N PRO L 23 -57.96 1.07 4.69
CA PRO L 23 -57.33 0.14 3.76
C PRO L 23 -58.24 -0.31 2.62
N MET L 24 -59.50 0.08 2.64
CA MET L 24 -60.45 -0.30 1.59
C MET L 24 -60.58 0.76 0.50
N PHE L 25 -59.71 1.76 0.51
CA PHE L 25 -59.77 2.85 -0.45
C PHE L 25 -58.41 3.05 -1.09
N GLU L 26 -58.38 3.93 -2.09
CA GLU L 26 -57.15 4.37 -2.74
C GLU L 26 -57.10 5.89 -2.62
N VAL L 27 -56.11 6.38 -1.88
CA VAL L 27 -56.04 7.79 -1.50
C VAL L 27 -55.06 8.51 -2.42
N GLU L 28 -55.50 9.61 -3.03
CA GLU L 28 -54.67 10.37 -3.95
C GLU L 28 -54.61 11.83 -3.52
N PRO L 29 -53.43 12.42 -3.44
CA PRO L 29 -53.31 13.83 -3.06
C PRO L 29 -53.56 14.74 -4.26
N ARG L 30 -54.39 15.76 -4.07
CA ARG L 30 -54.68 16.74 -5.11
C ARG L 30 -54.95 18.07 -4.41
N GLN L 31 -53.90 18.88 -4.30
CA GLN L 31 -53.93 20.09 -3.47
C GLN L 31 -54.39 21.29 -4.30
N VAL L 32 -55.36 22.03 -3.78
CA VAL L 32 -55.88 23.20 -4.48
C VAL L 32 -55.92 24.45 -3.62
N THR L 33 -55.85 24.36 -2.30
CA THR L 33 -55.92 25.50 -1.41
C THR L 33 -54.81 25.41 -0.38
N PRO L 34 -54.39 26.55 0.20
CA PRO L 34 -53.33 26.51 1.22
C PRO L 34 -53.86 26.31 2.63
N ASN L 35 -55.08 25.81 2.77
CA ASN L 35 -55.75 25.61 4.06
C ASN L 35 -54.81 25.04 5.11
N ASP L 36 -54.85 25.62 6.31
CA ASP L 36 -53.99 25.20 7.41
C ASP L 36 -54.65 24.18 8.32
N ALA L 37 -55.88 23.76 8.02
CA ALA L 37 -56.54 22.69 8.75
C ALA L 37 -56.91 21.57 7.79
N ALA L 38 -55.96 21.18 6.93
CA ALA L 38 -56.26 20.27 5.84
C ALA L 38 -56.46 18.84 6.31
N ASN L 39 -55.65 18.39 7.28
CA ASN L 39 -55.69 16.99 7.69
C ASN L 39 -57.02 16.61 8.30
N ALA L 40 -57.58 17.48 9.14
CA ALA L 40 -58.88 17.21 9.75
C ALA L 40 -59.97 17.11 8.69
N ARG L 41 -59.93 18.01 7.70
CA ARG L 41 -60.90 17.96 6.60
C ARG L 41 -60.79 16.66 5.82
N ALA L 42 -59.56 16.21 5.55
CA ALA L 42 -59.37 14.97 4.83
C ALA L 42 -59.93 13.78 5.61
N PHE L 43 -59.67 13.75 6.91
CA PHE L 43 -60.19 12.66 7.74
C PHE L 43 -61.71 12.64 7.73
N SER L 44 -62.35 13.80 7.86
CA SER L 44 -63.81 13.85 7.85
C SER L 44 -64.37 13.41 6.51
N HIS L 45 -63.74 13.83 5.41
CA HIS L 45 -64.17 13.43 4.08
C HIS L 45 -64.15 11.91 3.94
N LEU L 46 -63.03 11.28 4.31
CA LEU L 46 -62.94 9.83 4.19
C LEU L 46 -63.93 9.12 5.11
N ALA L 47 -64.16 9.67 6.30
CA ALA L 47 -65.11 9.06 7.22
C ALA L 47 -66.52 9.04 6.63
N ILE L 48 -66.93 10.14 6.01
CA ILE L 48 -68.25 10.19 5.39
C ILE L 48 -68.33 9.21 4.23
N LYS L 49 -67.26 9.11 3.44
CA LYS L 49 -67.24 8.13 2.35
C LYS L 49 -67.46 6.72 2.88
N LEU L 50 -66.74 6.35 3.95
CA LEU L 50 -66.87 5.00 4.50
C LEU L 50 -68.26 4.75 5.06
N ILE L 51 -68.81 5.73 5.80
CA ILE L 51 -70.15 5.54 6.37
C ILE L 51 -71.18 5.35 5.27
N GLU L 52 -71.09 6.14 4.20
CA GLU L 52 -72.01 5.96 3.09
C GLU L 52 -71.85 4.59 2.45
N GLN L 53 -70.61 4.13 2.26
CA GLN L 53 -70.39 2.80 1.71
C GLN L 53 -70.92 1.70 2.62
N GLU L 54 -71.10 1.97 3.91
CA GLU L 54 -71.58 0.92 4.81
C GLU L 54 -73.08 0.68 4.65
N ILE L 55 -73.91 1.69 4.93
CA ILE L 55 -75.34 1.48 4.99
C ILE L 55 -75.93 1.31 3.59
N ASP L 56 -77.10 0.71 3.54
CA ASP L 56 -77.76 0.41 2.27
C ASP L 56 -78.51 1.63 1.74
N PRO L 57 -78.79 1.67 0.44
CA PRO L 57 -79.53 2.81 -0.13
C PRO L 57 -80.98 2.84 0.29
N ASP L 58 -81.74 3.77 -0.28
CA ASP L 58 -83.18 3.94 -0.04
C ASP L 58 -83.52 4.07 1.43
N SER L 59 -82.55 4.44 2.26
CA SER L 59 -82.77 4.76 3.66
C SER L 59 -82.61 6.25 3.86
N THR L 60 -83.56 6.88 4.53
CA THR L 60 -83.45 8.29 4.85
C THR L 60 -82.53 8.49 6.04
N ILE L 61 -81.68 9.51 5.96
CA ILE L 61 -80.65 9.75 6.97
C ILE L 61 -80.86 11.13 7.57
N LEU L 62 -80.99 11.19 8.89
CA LEU L 62 -81.03 12.46 9.59
C LEU L 62 -79.62 13.02 9.73
N ASP L 63 -79.45 14.30 9.44
CA ASP L 63 -78.16 14.98 9.58
C ASP L 63 -78.33 16.06 10.64
N ILE L 64 -77.80 15.80 11.83
CA ILE L 64 -78.00 16.66 12.99
C ILE L 64 -76.96 17.77 12.98
N GLY L 65 -77.42 19.02 13.10
CA GLY L 65 -76.53 20.15 13.11
C GLY L 65 -75.72 20.24 11.84
N SER L 66 -76.40 20.21 10.70
CA SER L 66 -75.73 20.01 9.42
C SER L 66 -75.38 21.34 8.75
N ALA L 67 -74.46 21.25 7.78
CA ALA L 67 -74.23 22.29 6.79
C ALA L 67 -74.74 21.77 5.46
N PRO L 68 -75.88 22.24 4.97
CA PRO L 68 -76.53 21.56 3.83
C PRO L 68 -75.71 21.51 2.57
N ALA L 69 -74.83 22.50 2.35
CA ALA L 69 -74.08 22.56 1.09
C ALA L 69 -73.20 21.34 0.89
N ARG L 70 -72.85 20.62 1.96
CA ARG L 70 -72.02 19.44 1.84
C ARG L 70 -72.78 18.23 1.29
N ARG L 71 -74.11 18.23 1.36
CA ARG L 71 -74.89 17.07 0.97
C ARG L 71 -75.59 17.24 -0.37
N MET L 72 -75.25 18.29 -1.13
CA MET L 72 -76.00 18.59 -2.34
C MET L 72 -75.75 17.54 -3.43
N MET L 73 -74.49 17.22 -3.70
CA MET L 73 -74.13 16.35 -4.80
C MET L 73 -74.16 14.87 -4.44
N SER L 74 -74.85 14.51 -3.37
CA SER L 74 -74.95 13.12 -2.95
C SER L 74 -76.24 12.50 -3.46
N ASP L 75 -76.17 11.19 -3.73
CA ASP L 75 -77.33 10.46 -4.25
C ASP L 75 -78.18 9.83 -3.17
N ARG L 76 -77.76 9.87 -1.90
CA ARG L 76 -78.55 9.34 -0.82
C ARG L 76 -79.64 10.34 -0.43
N LYS L 77 -80.49 9.93 0.52
CA LYS L 77 -81.59 10.76 0.99
C LYS L 77 -81.22 11.34 2.35
N TYR L 78 -81.06 12.66 2.41
CA TYR L 78 -80.67 13.36 3.62
C TYR L 78 -81.77 14.32 4.05
N HIS L 79 -82.05 14.34 5.35
CA HIS L 79 -82.91 15.34 5.96
C HIS L 79 -82.05 16.13 6.94
N CYS L 80 -81.81 17.40 6.64
CA CYS L 80 -80.87 18.22 7.40
C CYS L 80 -81.64 18.99 8.48
N VAL L 81 -81.20 18.83 9.73
CA VAL L 81 -81.79 19.51 10.86
C VAL L 81 -80.93 20.75 11.13
N CYS L 82 -81.45 21.93 10.79
CA CYS L 82 -80.66 23.15 10.77
C CYS L 82 -81.34 24.27 11.54
N PRO L 83 -81.16 24.35 12.84
CA PRO L 83 -81.52 25.56 13.58
C PRO L 83 -80.47 26.64 13.32
N MET L 84 -80.65 27.78 13.95
CA MET L 84 -79.68 28.87 13.85
C MET L 84 -79.32 29.30 15.27
N ARG L 85 -78.35 28.61 15.85
CA ARG L 85 -77.93 28.89 17.23
C ARG L 85 -76.51 29.43 17.32
N SER L 86 -75.70 29.28 16.29
CA SER L 86 -74.34 29.81 16.26
C SER L 86 -74.26 30.97 15.28
N ALA L 87 -73.14 31.69 15.33
CA ALA L 87 -72.96 32.88 14.52
C ALA L 87 -72.49 32.58 13.11
N GLU L 88 -72.19 31.32 12.79
CA GLU L 88 -71.71 30.95 11.46
C GLU L 88 -72.80 30.33 10.59
N ASP L 89 -74.04 30.30 11.07
CA ASP L 89 -75.12 29.62 10.37
C ASP L 89 -75.71 30.42 9.21
N PRO L 90 -75.98 31.73 9.36
CA PRO L 90 -76.53 32.47 8.21
C PRO L 90 -75.65 32.41 6.98
N GLU L 91 -74.33 32.45 7.15
CA GLU L 91 -73.45 32.35 6.00
C GLU L 91 -73.55 30.98 5.33
N ARG L 92 -73.68 29.93 6.14
CA ARG L 92 -73.85 28.59 5.58
C ARG L 92 -75.14 28.49 4.79
N LEU L 93 -76.23 29.06 5.31
CA LEU L 93 -77.50 29.03 4.59
C LEU L 93 -77.41 29.80 3.29
N ALA L 94 -76.77 30.98 3.32
CA ALA L 94 -76.61 31.78 2.11
C ALA L 94 -75.77 31.05 1.08
N ASN L 95 -74.70 30.38 1.52
CA ASN L 95 -73.88 29.61 0.60
C ASN L 95 -74.66 28.45 -0.02
N TYR L 96 -75.50 27.80 0.79
CA TYR L 96 -76.33 26.73 0.26
C TYR L 96 -77.27 27.25 -0.83
N ALA L 97 -77.93 28.37 -0.56
CA ALA L 97 -78.85 28.93 -1.55
C ALA L 97 -78.11 29.33 -2.82
N ARG L 98 -76.93 29.94 -2.67
CA ARG L 98 -76.14 30.35 -3.83
C ARG L 98 -75.73 29.15 -4.67
N LYS L 99 -75.22 28.10 -4.02
CA LYS L 99 -74.81 26.91 -4.76
C LYS L 99 -75.99 26.22 -5.43
N LEU L 100 -77.15 26.23 -4.77
CA LEU L 100 -78.35 25.67 -5.39
C LEU L 100 -78.71 26.44 -6.66
N ALA L 101 -78.68 27.77 -6.58
CA ALA L 101 -79.03 28.60 -7.74
C ALA L 101 -78.03 28.42 -8.87
N SER L 102 -76.75 28.26 -8.54
CA SER L 102 -75.71 28.24 -9.58
C SER L 102 -75.90 27.07 -10.54
N ALA L 103 -76.14 25.89 -10.01
CA ALA L 103 -76.31 24.68 -10.83
C ALA L 103 -77.77 24.27 -10.76
N ALA L 104 -78.58 24.84 -11.65
CA ALA L 104 -80.01 24.58 -11.68
C ALA L 104 -80.47 23.76 -12.87
N GLY L 105 -79.68 23.71 -13.95
CA GLY L 105 -80.07 22.94 -15.11
C GLY L 105 -78.95 22.06 -15.63
N LYS L 106 -77.75 22.27 -15.11
CA LYS L 106 -76.59 21.48 -15.53
C LYS L 106 -76.51 20.13 -14.85
N VAL L 107 -77.10 19.98 -13.66
CA VAL L 107 -77.12 18.72 -12.94
C VAL L 107 -78.57 18.25 -12.85
N LEU L 108 -78.83 17.05 -13.36
CA LEU L 108 -80.20 16.54 -13.43
C LEU L 108 -80.39 15.20 -12.72
N ASP L 109 -79.32 14.51 -12.34
CA ASP L 109 -79.44 13.24 -11.64
C ASP L 109 -79.76 13.41 -10.17
N ARG L 110 -79.76 14.63 -9.66
CA ARG L 110 -80.05 14.92 -8.26
C ARG L 110 -81.35 15.70 -8.15
N ASN L 111 -81.95 15.64 -6.97
CA ASN L 111 -83.24 16.28 -6.71
C ASN L 111 -83.08 17.78 -6.48
N ILE L 112 -82.46 18.44 -7.47
CA ILE L 112 -82.15 19.87 -7.33
C ILE L 112 -83.44 20.69 -7.29
N SER L 113 -84.36 20.41 -8.22
CA SER L 113 -85.61 21.16 -8.26
C SER L 113 -86.43 20.94 -7.00
N GLY L 114 -86.47 19.70 -6.51
CA GLY L 114 -87.16 19.44 -5.26
C GLY L 114 -86.51 20.14 -4.09
N LYS L 115 -85.17 20.20 -4.07
CA LYS L 115 -84.47 20.91 -3.02
C LYS L 115 -84.81 22.40 -3.03
N ILE L 116 -84.86 23.00 -4.22
CA ILE L 116 -85.23 24.41 -4.32
C ILE L 116 -86.66 24.62 -3.85
N GLY L 117 -87.57 23.72 -4.24
CA GLY L 117 -88.95 23.84 -3.79
C GLY L 117 -89.08 23.75 -2.28
N ASP L 118 -88.35 22.81 -1.67
CA ASP L 118 -88.39 22.68 -0.22
C ASP L 118 -87.83 23.91 0.47
N LEU L 119 -86.73 24.46 -0.04
CA LEU L 119 -86.17 25.67 0.55
C LEU L 119 -87.15 26.83 0.46
N GLN L 120 -87.79 26.99 -0.70
CA GLN L 120 -88.78 28.07 -0.84
C GLN L 120 -89.97 27.87 0.08
N ALA L 121 -90.43 26.63 0.22
CA ALA L 121 -91.54 26.35 1.12
C ALA L 121 -91.20 26.67 2.56
N VAL L 122 -89.98 26.31 2.99
CA VAL L 122 -89.57 26.61 4.36
C VAL L 122 -89.43 28.11 4.55
N MET L 123 -88.94 28.82 3.54
CA MET L 123 -88.84 30.27 3.63
C MET L 123 -90.22 30.90 3.77
N ALA L 124 -91.21 30.41 3.02
CA ALA L 124 -92.56 30.98 3.10
C ALA L 124 -93.17 30.77 4.48
N VAL L 125 -93.15 29.53 4.97
CA VAL L 125 -93.66 29.20 6.30
C VAL L 125 -92.55 28.48 7.05
N PRO L 126 -92.13 28.96 8.21
CA PRO L 126 -90.93 28.41 8.87
C PRO L 126 -91.15 27.21 9.77
N ASP L 127 -92.40 26.81 10.04
CA ASP L 127 -92.69 25.72 10.96
C ASP L 127 -93.24 24.50 10.22
N THR L 128 -92.70 24.20 9.05
CA THR L 128 -93.13 23.06 8.26
C THR L 128 -91.94 22.13 7.99
N GLU L 129 -92.21 20.84 7.95
CA GLU L 129 -91.20 19.83 7.65
C GLU L 129 -91.28 19.46 6.18
N THR L 130 -90.15 19.48 5.50
CA THR L 130 -90.03 19.06 4.12
C THR L 130 -89.12 17.85 4.04
N PRO L 131 -89.12 17.13 2.92
CA PRO L 131 -88.27 15.93 2.83
C PRO L 131 -86.79 16.19 3.00
N THR L 132 -86.31 17.42 2.81
CA THR L 132 -84.88 17.67 2.84
C THR L 132 -84.47 18.85 3.71
N PHE L 133 -85.39 19.47 4.45
CA PHE L 133 -85.01 20.64 5.22
C PHE L 133 -86.02 20.90 6.33
N CYS L 134 -85.52 21.42 7.45
CA CYS L 134 -86.35 21.89 8.55
C CYS L 134 -85.53 22.82 9.40
N LEU L 135 -86.20 23.55 10.30
CA LEU L 135 -85.57 24.57 11.13
C LEU L 135 -85.75 24.29 12.61
N HIS L 136 -85.92 23.02 12.99
CA HIS L 136 -86.09 22.65 14.38
C HIS L 136 -84.77 22.14 14.95
N THR L 137 -84.78 21.84 16.25
CA THR L 137 -83.62 21.27 16.91
C THR L 137 -83.71 19.75 16.87
N ASP L 138 -82.81 19.08 17.59
CA ASP L 138 -82.80 17.62 17.55
C ASP L 138 -83.97 17.01 18.31
N VAL L 139 -84.44 17.67 19.37
CA VAL L 139 -85.51 17.14 20.20
C VAL L 139 -86.87 17.67 19.78
N SER L 140 -86.98 18.31 18.63
CA SER L 140 -88.27 18.81 18.17
C SER L 140 -88.55 18.55 16.70
N CYS L 141 -87.62 17.97 15.95
CA CYS L 141 -87.91 17.57 14.58
C CYS L 141 -88.86 16.38 14.58
N ARG L 142 -89.81 16.39 13.65
CA ARG L 142 -90.85 15.36 13.59
C ARG L 142 -90.59 14.30 12.54
N GLN L 143 -89.53 14.43 11.75
CA GLN L 143 -89.26 13.47 10.70
C GLN L 143 -88.88 12.11 11.28
N ARG L 144 -89.31 11.04 10.61
CA ARG L 144 -89.02 9.68 11.00
C ARG L 144 -88.02 9.07 10.03
N ALA L 145 -86.99 8.41 10.55
CA ALA L 145 -85.93 7.83 9.73
C ALA L 145 -85.42 6.58 10.42
N ASP L 146 -84.25 6.09 9.97
CA ASP L 146 -83.62 4.93 10.57
C ASP L 146 -82.13 5.10 10.84
N VAL L 147 -81.49 6.15 10.35
CA VAL L 147 -80.08 6.40 10.58
C VAL L 147 -79.90 7.88 10.95
N ALA L 148 -79.00 8.14 11.89
CA ALA L 148 -78.65 9.50 12.28
C ALA L 148 -77.13 9.66 12.24
N ILE L 149 -76.67 10.88 11.96
CA ILE L 149 -75.25 11.15 11.82
C ILE L 149 -74.92 12.44 12.56
N TYR L 150 -73.85 12.41 13.36
CA TYR L 150 -73.32 13.59 14.04
C TYR L 150 -71.90 13.81 13.54
N GLN L 151 -71.64 14.97 12.95
CA GLN L 151 -70.33 15.30 12.40
C GLN L 151 -69.81 16.57 13.09
N ASP L 152 -68.79 16.40 13.94
CA ASP L 152 -68.18 17.51 14.66
C ASP L 152 -69.21 18.28 15.49
N VAL L 153 -70.08 17.56 16.18
CA VAL L 153 -71.11 18.16 17.02
C VAL L 153 -70.72 17.90 18.47
N TYR L 154 -70.43 18.97 19.21
CA TYR L 154 -69.98 18.85 20.60
C TYR L 154 -70.90 19.56 21.57
N ALA L 155 -72.09 19.98 21.15
CA ALA L 155 -72.91 20.89 21.95
C ALA L 155 -74.25 20.28 22.38
N VAL L 156 -74.35 18.96 22.44
CA VAL L 156 -75.58 18.32 22.90
C VAL L 156 -75.24 17.29 23.96
N HIS L 157 -76.24 16.99 24.79
CA HIS L 157 -76.13 15.96 25.81
C HIS L 157 -76.48 14.62 25.16
N ALA L 158 -75.52 13.69 25.14
CA ALA L 158 -75.65 12.51 24.29
C ALA L 158 -76.81 11.59 24.66
N PRO L 159 -77.03 11.21 25.92
CA PRO L 159 -78.16 10.30 26.19
C PRO L 159 -79.52 10.86 25.84
N THR L 160 -79.78 12.14 26.13
CA THR L 160 -81.08 12.72 25.81
C THR L 160 -81.30 12.77 24.31
N SER L 161 -80.28 13.20 23.56
CA SER L 161 -80.38 13.26 22.10
C SER L 161 -80.61 11.88 21.52
N LEU L 162 -79.88 10.88 22.01
CA LEU L 162 -80.03 9.53 21.49
C LEU L 162 -81.41 8.96 21.80
N TYR L 163 -81.94 9.24 23.00
CA TYR L 163 -83.28 8.77 23.33
C TYR L 163 -84.33 9.40 22.41
N HIS L 164 -84.22 10.69 22.17
CA HIS L 164 -85.20 11.34 21.29
C HIS L 164 -85.04 10.88 19.85
N GLN L 165 -83.84 10.44 19.47
CA GLN L 165 -83.66 9.84 18.15
C GLN L 165 -84.27 8.44 18.10
N ALA L 166 -84.18 7.69 19.20
CA ALA L 166 -84.63 6.31 19.21
C ALA L 166 -86.15 6.19 19.28
N ILE L 167 -86.83 7.11 19.95
CA ILE L 167 -88.29 7.00 20.05
C ILE L 167 -88.95 7.28 18.71
N LYS L 168 -88.15 7.60 17.69
CA LYS L 168 -88.66 7.88 16.35
C LYS L 168 -88.32 6.80 15.35
N GLY L 169 -87.74 5.68 15.79
CA GLY L 169 -87.45 4.57 14.90
C GLY L 169 -86.04 4.49 14.37
N VAL L 170 -85.11 5.27 14.90
CA VAL L 170 -83.72 5.20 14.47
C VAL L 170 -83.04 4.02 15.15
N ARG L 171 -82.31 3.23 14.37
CA ARG L 171 -81.64 2.04 14.88
C ARG L 171 -80.13 2.09 14.77
N LEU L 172 -79.57 3.14 14.17
CA LEU L 172 -78.13 3.22 13.95
C LEU L 172 -77.72 4.69 14.00
N ALA L 173 -76.54 4.95 14.56
CA ALA L 173 -76.03 6.31 14.68
C ALA L 173 -74.52 6.29 14.55
N TYR L 174 -73.96 7.42 14.13
CA TYR L 174 -72.52 7.58 13.97
C TYR L 174 -72.08 8.91 14.58
N TRP L 175 -70.82 8.96 14.99
CA TRP L 175 -70.24 10.14 15.62
C TRP L 175 -68.80 10.29 15.17
N VAL L 176 -68.46 11.47 14.66
CA VAL L 176 -67.11 11.80 14.21
C VAL L 176 -66.63 13.00 14.99
N GLY L 177 -65.43 12.93 15.54
CA GLY L 177 -64.90 14.03 16.33
C GLY L 177 -63.57 13.68 16.96
N PHE L 178 -63.12 14.56 17.84
CA PHE L 178 -61.87 14.36 18.55
C PHE L 178 -62.06 13.40 19.72
N ASP L 179 -60.99 12.69 20.06
CA ASP L 179 -61.03 11.75 21.17
C ASP L 179 -61.26 12.47 22.49
N THR L 180 -62.09 11.87 23.34
CA THR L 180 -62.49 12.48 24.61
C THR L 180 -61.67 11.98 25.79
N THR L 181 -60.67 11.14 25.56
CA THR L 181 -59.87 10.61 26.67
C THR L 181 -59.13 11.67 27.46
N PRO L 182 -58.48 12.68 26.87
CA PRO L 182 -57.78 13.67 27.69
C PRO L 182 -58.68 14.44 28.65
N PHE L 183 -59.99 14.47 28.41
CA PHE L 183 -60.90 15.16 29.30
C PHE L 183 -61.44 14.28 30.41
N MET L 184 -61.30 12.96 30.30
CA MET L 184 -61.62 12.08 31.41
C MET L 184 -60.48 11.99 32.41
N TYR L 185 -59.27 12.41 32.02
CA TYR L 185 -58.15 12.54 32.94
C TYR L 185 -58.08 13.90 33.61
N ASN L 186 -58.91 14.87 33.18
CA ASN L 186 -59.05 16.18 33.83
C ASN L 186 -57.76 17.00 33.74
N ALA L 187 -57.26 17.18 32.53
CA ALA L 187 -56.05 17.97 32.31
C ALA L 187 -56.39 19.45 32.16
N MET L 188 -55.37 20.29 32.28
CA MET L 188 -55.49 21.74 32.15
C MET L 188 -55.39 22.20 30.71
N ALA L 189 -54.47 21.65 29.93
CA ALA L 189 -54.24 22.04 28.55
C ALA L 189 -53.68 20.86 27.79
N GLY L 190 -53.69 20.95 26.46
CA GLY L 190 -53.20 19.83 25.69
C GLY L 190 -53.12 20.12 24.21
N ALA L 191 -52.58 19.14 23.48
CA ALA L 191 -52.33 19.28 22.05
C ALA L 191 -52.74 18.02 21.30
N TYR L 192 -53.20 18.22 20.06
CA TYR L 192 -53.30 17.18 19.04
C TYR L 192 -52.33 17.63 17.95
N PRO L 193 -51.09 17.14 17.97
CA PRO L 193 -50.04 17.74 17.12
C PRO L 193 -50.12 17.36 15.65
N SER L 194 -50.70 16.21 15.31
CA SER L 194 -50.80 15.84 13.90
C SER L 194 -51.84 16.67 13.17
N TYR L 195 -52.79 17.26 13.88
CA TYR L 195 -53.83 18.07 13.27
C TYR L 195 -53.64 19.56 13.53
N SER L 196 -52.49 19.95 14.08
CA SER L 196 -52.19 21.34 14.39
C SER L 196 -53.23 21.94 15.31
N THR L 197 -53.59 21.22 16.37
CA THR L 197 -54.63 21.66 17.28
C THR L 197 -54.08 21.80 18.69
N ASN L 198 -54.41 22.90 19.35
CA ASN L 198 -54.09 23.11 20.75
C ASN L 198 -55.34 23.56 21.48
N TRP L 199 -55.46 23.16 22.75
CA TRP L 199 -56.58 23.59 23.57
C TRP L 199 -56.08 23.91 24.97
N ALA L 200 -56.77 24.84 25.63
CA ALA L 200 -56.39 25.26 26.96
C ALA L 200 -57.62 25.68 27.74
N ASP L 201 -57.54 25.53 29.06
CA ASP L 201 -58.54 26.06 29.97
C ASP L 201 -58.52 27.58 29.97
N GLU L 202 -59.67 28.18 30.24
CA GLU L 202 -59.80 29.63 30.16
C GLU L 202 -58.96 30.37 31.19
N GLN L 203 -58.51 29.70 32.24
CA GLN L 203 -57.76 30.34 33.30
C GLN L 203 -56.26 30.42 33.05
N VAL L 204 -55.75 29.74 32.01
CA VAL L 204 -54.31 29.74 31.77
C VAL L 204 -54.01 30.33 30.40
N LEU L 205 -54.88 31.21 29.91
CA LEU L 205 -54.67 31.83 28.60
C LEU L 205 -53.54 32.85 28.60
N LYS L 206 -53.00 33.20 29.77
CA LYS L 206 -51.91 34.16 29.86
C LYS L 206 -50.61 33.50 30.28
N ALA L 207 -50.44 32.22 29.96
CA ALA L 207 -49.20 31.52 30.26
C ALA L 207 -48.13 31.91 29.24
N LYS L 208 -47.00 31.22 29.27
CA LYS L 208 -45.88 31.57 28.39
C LYS L 208 -45.42 30.46 27.47
N ASN L 209 -45.48 29.19 27.89
CA ASN L 209 -44.80 28.13 27.15
C ASN L 209 -45.72 26.96 26.83
N ILE L 210 -47.02 27.20 26.68
CA ILE L 210 -47.94 26.19 26.17
C ILE L 210 -48.31 26.58 24.74
N GLY L 211 -49.04 25.68 24.08
CA GLY L 211 -49.34 25.87 22.67
C GLY L 211 -50.19 27.09 22.38
N LEU L 212 -51.18 27.36 23.22
CA LEU L 212 -52.15 28.43 22.99
C LEU L 212 -52.12 29.40 24.18
N CYS L 213 -51.39 30.50 24.03
CA CYS L 213 -51.25 31.47 25.11
C CYS L 213 -50.64 32.76 24.56
N SER L 214 -50.60 33.79 25.39
CA SER L 214 -49.99 35.06 25.04
C SER L 214 -49.67 35.84 26.32
N THR L 215 -48.50 36.46 26.37
CA THR L 215 -48.06 37.17 27.57
C THR L 215 -47.25 38.41 27.16
N ASP L 216 -46.81 39.17 28.15
CA ASP L 216 -46.11 40.44 27.98
C ASP L 216 -44.70 40.38 28.55
N LEU L 217 -43.99 41.50 28.45
CA LEU L 217 -42.69 41.69 29.06
C LEU L 217 -42.83 42.51 30.33
N THR L 218 -41.99 42.21 31.32
CA THR L 218 -42.09 42.89 32.61
C THR L 218 -40.75 42.82 33.33
N GLU L 219 -40.62 43.66 34.35
CA GLU L 219 -39.43 43.69 35.19
C GLU L 219 -39.62 42.99 36.53
N GLY L 220 -40.84 42.97 37.06
CA GLY L 220 -41.10 42.34 38.34
C GLY L 220 -41.20 43.32 39.49
N LYS L 232 -56.19 28.53 45.16
CA LYS L 232 -56.70 27.34 44.50
C LYS L 232 -56.78 27.52 43.00
N LEU L 233 -56.33 26.51 42.25
CA LEU L 233 -56.31 26.55 40.78
C LEU L 233 -56.71 25.16 40.27
N GLU L 234 -57.95 25.04 39.82
CA GLU L 234 -58.51 23.78 39.38
C GLU L 234 -59.26 24.00 38.07
N PRO L 235 -59.43 22.95 37.26
CA PRO L 235 -60.14 23.10 36.00
C PRO L 235 -61.58 23.53 36.20
N CYS L 236 -62.07 24.36 35.27
N CYS L 236 -62.08 24.35 35.28
CA CYS L 236 -63.44 24.84 35.25
CA CYS L 236 -63.46 24.80 35.27
C CYS L 236 -64.13 24.34 33.98
C CYS L 236 -64.13 24.34 33.98
N ASP L 237 -65.36 24.81 33.75
CA ASP L 237 -66.15 24.27 32.65
C ASP L 237 -65.68 24.74 31.28
N ARG L 238 -65.34 26.01 31.13
CA ARG L 238 -65.16 26.60 29.81
C ARG L 238 -63.78 26.29 29.24
N VAL L 239 -63.73 25.84 27.98
CA VAL L 239 -62.49 25.45 27.32
C VAL L 239 -62.45 26.10 25.94
N LEU L 240 -61.25 26.39 25.45
CA LEU L 240 -61.05 26.97 24.12
C LEU L 240 -60.27 26.00 23.24
N PHE L 241 -60.75 25.81 22.01
CA PHE L 241 -60.13 24.94 21.02
C PHE L 241 -59.64 25.79 19.85
N SER L 242 -58.49 25.43 19.31
CA SER L 242 -57.94 26.16 18.16
C SER L 242 -57.49 25.13 17.11
N VAL L 243 -58.25 25.03 16.03
CA VAL L 243 -57.92 24.13 14.92
C VAL L 243 -57.35 24.99 13.80
N GLY L 244 -56.06 24.84 13.53
CA GLY L 244 -55.41 25.76 12.62
C GLY L 244 -55.45 27.17 13.15
N SER L 245 -56.27 28.03 12.53
CA SER L 245 -56.51 29.37 13.04
C SER L 245 -57.99 29.63 13.27
N THR L 246 -58.76 28.58 13.51
CA THR L 246 -60.19 28.70 13.81
C THR L 246 -60.42 28.40 15.29
N LEU L 247 -61.21 29.25 15.94
CA LEU L 247 -61.41 29.20 17.39
C LEU L 247 -62.81 28.71 17.72
N TYR L 248 -62.92 27.81 18.69
CA TYR L 248 -64.19 27.24 19.11
C TYR L 248 -64.29 27.14 20.63
N PRO L 249 -65.32 27.71 21.25
CA PRO L 249 -65.53 27.49 22.69
C PRO L 249 -66.32 26.22 22.96
N GLU L 250 -65.95 25.53 24.03
CA GLU L 250 -66.54 24.24 24.38
C GLU L 250 -66.76 24.14 25.88
N SER L 251 -67.59 23.17 26.26
CA SER L 251 -67.94 22.89 27.65
C SER L 251 -67.48 21.49 28.02
N ARG L 252 -66.94 21.35 29.24
CA ARG L 252 -66.39 20.07 29.67
C ARG L 252 -67.49 19.02 29.87
N LYS L 253 -68.65 19.45 30.37
CA LYS L 253 -69.73 18.50 30.64
C LYS L 253 -70.21 17.81 29.39
N LEU L 254 -70.46 18.57 28.33
CA LEU L 254 -70.96 17.99 27.09
C LEU L 254 -69.90 17.15 26.39
N LEU L 255 -68.63 17.54 26.46
CA LEU L 255 -67.57 16.70 25.93
C LEU L 255 -67.49 15.38 26.68
N LYS L 256 -67.60 15.42 28.01
CA LYS L 256 -67.54 14.19 28.79
C LYS L 256 -68.72 13.28 28.54
N SER L 257 -69.89 13.86 28.24
CA SER L 257 -71.08 13.04 28.06
C SER L 257 -70.97 12.07 26.88
N TRP L 258 -70.07 12.31 25.94
CA TRP L 258 -69.94 11.47 24.76
C TRP L 258 -68.96 10.32 24.96
N HIS L 259 -68.39 10.18 26.15
CA HIS L 259 -67.50 9.06 26.48
C HIS L 259 -68.36 7.95 27.08
N LEU L 260 -68.94 7.13 26.21
CA LEU L 260 -69.97 6.17 26.56
C LEU L 260 -69.36 4.81 26.89
N PRO L 261 -70.00 4.04 27.75
CA PRO L 261 -69.54 2.68 28.06
C PRO L 261 -69.95 1.71 26.96
N SER L 262 -69.53 0.45 27.11
CA SER L 262 -69.75 -0.54 26.07
C SER L 262 -71.22 -0.91 25.91
N VAL L 263 -71.97 -0.99 27.00
CA VAL L 263 -73.39 -1.29 26.96
C VAL L 263 -74.11 -0.39 27.94
N PHE L 264 -75.31 0.07 27.59
CA PHE L 264 -76.10 0.88 28.51
C PHE L 264 -77.58 0.76 28.20
N HIS L 265 -78.39 1.24 29.14
CA HIS L 265 -79.84 1.16 29.10
C HIS L 265 -80.45 2.55 29.06
N LEU L 266 -81.53 2.71 28.30
CA LEU L 266 -82.32 3.94 28.27
C LEU L 266 -83.74 3.57 28.72
N LYS L 267 -84.12 4.05 29.90
CA LYS L 267 -85.37 3.64 30.56
C LYS L 267 -86.28 4.85 30.74
N GLY L 268 -87.31 4.94 29.91
CA GLY L 268 -88.31 5.98 30.03
C GLY L 268 -89.70 5.38 29.86
N LYS L 269 -90.54 6.09 29.10
CA LYS L 269 -91.83 5.51 28.71
C LYS L 269 -91.62 4.27 27.86
N LEU L 270 -90.65 4.30 26.96
CA LEU L 270 -90.15 3.12 26.26
C LEU L 270 -88.74 2.84 26.71
N SER L 271 -88.29 1.62 26.47
CA SER L 271 -86.99 1.16 26.95
C SER L 271 -86.14 0.65 25.80
N PHE L 272 -84.84 0.91 25.88
CA PHE L 272 -83.91 0.51 24.84
C PHE L 272 -82.60 0.03 25.48
N THR L 273 -81.94 -0.88 24.76
CA THR L 273 -80.62 -1.36 25.13
C THR L 273 -79.67 -1.00 24.00
N CYS L 274 -78.56 -0.34 24.32
CA CYS L 274 -77.66 0.21 23.32
C CYS L 274 -76.23 -0.19 23.60
N ARG L 275 -75.43 -0.23 22.54
CA ARG L 275 -74.01 -0.52 22.65
C ARG L 275 -73.21 0.32 21.68
N CYS L 276 -72.00 0.70 22.10
CA CYS L 276 -71.15 1.63 21.38
C CYS L 276 -69.76 1.04 21.18
N ASP L 277 -69.17 1.26 20.02
CA ASP L 277 -67.81 0.80 19.78
C ASP L 277 -67.10 1.71 18.78
N THR L 278 -65.78 1.68 18.84
CA THR L 278 -64.93 2.52 17.99
C THR L 278 -64.48 1.72 16.77
N VAL L 279 -64.65 2.29 15.58
CA VAL L 279 -64.37 1.57 14.36
C VAL L 279 -63.19 2.15 13.58
N VAL L 280 -62.91 3.44 13.71
CA VAL L 280 -61.73 4.06 13.09
C VAL L 280 -61.05 4.93 14.13
N SER L 281 -59.72 4.92 14.13
CA SER L 281 -58.94 5.69 15.10
C SER L 281 -57.61 6.06 14.46
N CYS L 282 -57.32 7.36 14.37
CA CYS L 282 -56.09 7.84 13.74
C CYS L 282 -55.57 9.07 14.50
N GLU L 283 -54.70 8.82 15.49
CA GLU L 283 -53.89 9.85 16.14
C GLU L 283 -54.71 10.90 16.88
N GLY L 284 -55.95 10.61 17.24
CA GLY L 284 -56.75 11.58 17.96
C GLY L 284 -58.15 11.76 17.43
N TYR L 285 -58.36 11.48 16.14
CA TYR L 285 -59.68 11.45 15.55
C TYR L 285 -60.25 10.04 15.59
N VAL L 286 -61.54 9.93 15.89
CA VAL L 286 -62.20 8.64 16.01
C VAL L 286 -63.54 8.64 15.26
N VAL L 287 -64.04 7.44 15.00
CA VAL L 287 -65.39 7.22 14.51
C VAL L 287 -66.06 6.20 15.43
N LYS L 288 -67.23 6.54 15.95
CA LYS L 288 -67.97 5.69 16.88
C LYS L 288 -69.27 5.23 16.25
N ARG L 289 -69.63 3.97 16.52
CA ARG L 289 -70.85 3.35 16.02
C ARG L 289 -71.69 2.90 17.19
N ILE L 290 -72.96 3.31 17.20
CA ILE L 290 -73.89 3.03 18.30
C ILE L 290 -75.10 2.32 17.73
N THR L 291 -75.52 1.24 18.38
CA THR L 291 -76.73 0.50 18.00
C THR L 291 -77.69 0.45 19.17
N MET L 292 -78.98 0.63 18.87
CA MET L 292 -80.04 0.64 19.88
C MET L 292 -81.15 -0.32 19.49
N SER L 293 -81.67 -1.04 20.48
CA SER L 293 -82.71 -2.05 20.25
C SER L 293 -83.80 -1.92 21.30
N PRO L 294 -85.04 -2.28 20.97
CA PRO L 294 -86.13 -2.15 21.94
C PRO L 294 -86.10 -3.24 23.00
N GLY L 295 -86.43 -2.87 24.23
CA GLY L 295 -86.47 -3.79 25.34
C GLY L 295 -85.20 -3.76 26.17
N LEU L 296 -85.27 -4.39 27.34
CA LEU L 296 -84.15 -4.48 28.27
C LEU L 296 -83.60 -5.90 28.28
N TYR L 297 -82.28 -6.02 28.13
CA TYR L 297 -81.61 -7.31 28.08
C TYR L 297 -80.25 -7.22 28.75
N GLY L 298 -79.85 -8.30 29.40
CA GLY L 298 -78.54 -8.37 30.00
C GLY L 298 -78.40 -7.48 31.21
N LYS L 299 -77.13 -7.22 31.58
CA LYS L 299 -76.81 -6.31 32.67
C LYS L 299 -75.53 -5.56 32.32
N THR L 300 -75.33 -4.44 33.01
CA THR L 300 -74.27 -3.50 32.69
C THR L 300 -73.22 -3.47 33.80
N THR L 301 -72.00 -3.09 33.42
CA THR L 301 -70.90 -2.93 34.37
C THR L 301 -70.51 -1.48 34.59
N GLY L 302 -70.54 -0.64 33.56
CA GLY L 302 -70.23 0.75 33.70
C GLY L 302 -68.79 1.13 33.44
N TYR L 303 -68.10 0.43 32.54
CA TYR L 303 -66.71 0.69 32.25
C TYR L 303 -66.54 1.08 30.79
N ALA L 304 -65.60 1.98 30.53
CA ALA L 304 -65.25 2.42 29.18
C ALA L 304 -63.76 2.21 28.95
N VAL L 305 -63.41 1.70 27.78
CA VAL L 305 -62.05 1.26 27.48
C VAL L 305 -61.54 2.01 26.25
N THR L 306 -60.27 2.41 26.30
CA THR L 306 -59.58 3.04 25.18
C THR L 306 -58.32 2.25 24.86
N HIS L 307 -58.13 1.92 23.58
CA HIS L 307 -56.94 1.22 23.12
C HIS L 307 -55.94 2.23 22.57
N HIS L 308 -54.68 2.11 22.97
CA HIS L 308 -53.64 3.05 22.60
C HIS L 308 -52.72 2.42 21.56
N ALA L 309 -52.72 2.97 20.35
CA ALA L 309 -51.76 2.56 19.34
C ALA L 309 -50.50 3.41 19.37
N ASP L 310 -50.61 4.65 19.80
CA ASP L 310 -49.48 5.52 20.08
C ASP L 310 -49.34 5.69 21.59
N GLY L 311 -48.32 6.45 22.00
CA GLY L 311 -48.16 6.76 23.40
C GLY L 311 -49.00 7.95 23.81
N PHE L 312 -49.55 7.87 25.02
CA PHE L 312 -50.31 8.97 25.60
C PHE L 312 -49.63 9.42 26.88
N LEU L 313 -49.37 10.71 27.00
CA LEU L 313 -48.64 11.25 28.14
C LEU L 313 -49.45 12.32 28.86
N MET L 314 -49.40 12.28 30.19
CA MET L 314 -49.92 13.33 31.05
C MET L 314 -48.87 13.63 32.12
N CYS L 315 -48.58 14.90 32.34
CA CYS L 315 -47.50 15.25 33.26
C CYS L 315 -47.74 16.62 33.87
N LYS L 316 -47.07 16.85 34.99
CA LYS L 316 -47.13 18.11 35.72
C LYS L 316 -45.98 19.01 35.28
N THR L 317 -46.27 20.29 35.09
CA THR L 317 -45.28 21.25 34.61
C THR L 317 -45.45 22.56 35.35
N THR L 318 -44.38 23.35 35.34
CA THR L 318 -44.31 24.63 36.03
C THR L 318 -44.18 25.74 35.02
N ASP L 319 -44.97 26.80 35.20
CA ASP L 319 -44.95 27.93 34.28
C ASP L 319 -45.23 29.20 35.07
N THR L 320 -45.28 30.33 34.35
CA THR L 320 -45.70 31.60 34.92
C THR L 320 -46.94 32.07 34.19
N VAL L 321 -48.02 32.27 34.92
CA VAL L 321 -49.26 32.81 34.39
C VAL L 321 -49.36 34.24 34.87
N ASP L 322 -49.38 35.18 33.92
CA ASP L 322 -49.49 36.61 34.20
C ASP L 322 -48.39 37.07 35.16
N GLY L 323 -47.24 36.41 35.16
CA GLY L 323 -46.13 36.76 35.99
C GLY L 323 -45.99 35.97 37.28
N GLU L 324 -46.97 35.15 37.63
CA GLU L 324 -46.94 34.39 38.88
C GLU L 324 -46.67 32.92 38.58
N ARG L 325 -45.73 32.33 39.32
CA ARG L 325 -45.29 30.96 39.05
C ARG L 325 -46.26 29.96 39.66
N VAL L 326 -46.73 29.02 38.83
CA VAL L 326 -47.71 28.01 39.21
C VAL L 326 -47.37 26.69 38.54
N SER L 327 -48.13 25.64 38.88
CA SER L 327 -47.94 24.30 38.35
C SER L 327 -49.29 23.69 37.96
N PHE L 328 -49.32 22.99 36.83
CA PHE L 328 -50.54 22.33 36.38
C PHE L 328 -50.17 21.23 35.38
N SER L 329 -51.18 20.48 34.93
CA SER L 329 -50.96 19.26 34.17
C SER L 329 -51.32 19.44 32.70
N VAL L 330 -50.52 18.83 31.82
CA VAL L 330 -50.72 18.88 30.38
C VAL L 330 -50.62 17.47 29.81
N CYS L 331 -51.20 17.26 28.63
CA CYS L 331 -51.26 15.95 27.99
C CYS L 331 -50.92 16.06 26.51
N THR L 332 -50.44 14.95 25.94
CA THR L 332 -50.03 14.93 24.54
C THR L 332 -49.93 13.49 24.03
N TYR L 333 -49.67 13.37 22.72
CA TYR L 333 -49.55 12.12 22.00
C TYR L 333 -48.15 11.96 21.43
N VAL L 334 -47.60 10.75 21.47
CA VAL L 334 -46.24 10.49 21.04
C VAL L 334 -46.22 9.34 20.03
N PRO L 335 -45.49 9.46 18.92
CA PRO L 335 -45.45 8.37 17.94
C PRO L 335 -44.83 7.09 18.52
N ALA L 336 -45.30 5.95 18.00
CA ALA L 336 -44.93 4.66 18.57
C ALA L 336 -43.46 4.31 18.36
N THR L 337 -42.86 4.73 17.25
CA THR L 337 -41.46 4.37 17.00
C THR L 337 -40.51 5.03 18.00
N ILE L 338 -40.75 6.29 18.37
CA ILE L 338 -39.93 6.94 19.37
C ILE L 338 -40.06 6.25 20.72
N CYS L 339 -41.29 5.91 21.09
CA CYS L 339 -41.53 5.19 22.34
C CYS L 339 -40.78 3.86 22.36
N ASP L 340 -40.80 3.14 21.24
CA ASP L 340 -40.07 1.88 21.15
C ASP L 340 -38.56 2.10 21.24
N GLN L 341 -38.05 3.18 20.66
CA GLN L 341 -36.62 3.45 20.68
C GLN L 341 -36.13 4.03 22.00
N MET L 342 -37.01 4.43 22.91
CA MET L 342 -36.59 4.92 24.22
C MET L 342 -36.64 3.87 25.32
N THR L 343 -36.88 2.61 24.97
CA THR L 343 -37.06 1.57 25.99
C THR L 343 -35.79 1.33 26.81
N GLY L 344 -34.63 1.29 26.14
CA GLY L 344 -33.41 0.94 26.85
C GLY L 344 -32.87 2.05 27.73
N ILE L 345 -33.08 3.31 27.32
CA ILE L 345 -32.55 4.44 28.08
C ILE L 345 -33.27 4.58 29.42
N LEU L 346 -34.57 4.31 29.43
CA LEU L 346 -35.37 4.52 30.63
C LEU L 346 -35.18 3.44 31.68
N ALA L 347 -34.17 2.58 31.54
CA ALA L 347 -33.85 1.60 32.56
C ALA L 347 -33.04 2.19 33.71
N THR L 348 -32.50 3.39 33.54
CA THR L 348 -31.70 4.07 34.54
C THR L 348 -32.31 5.43 34.84
N GLU L 349 -31.64 6.20 35.69
CA GLU L 349 -32.04 7.57 35.99
C GLU L 349 -31.34 8.52 35.03
N VAL L 350 -32.12 9.40 34.41
CA VAL L 350 -31.63 10.27 33.35
C VAL L 350 -32.13 11.68 33.60
N THR L 351 -31.27 12.68 33.38
CA THR L 351 -31.62 14.07 33.54
C THR L 351 -32.42 14.57 32.33
N PRO L 352 -33.23 15.62 32.52
CA PRO L 352 -34.01 16.14 31.38
C PRO L 352 -33.17 16.63 30.21
N GLU L 353 -31.98 17.18 30.44
CA GLU L 353 -31.17 17.67 29.33
C GLU L 353 -30.64 16.55 28.46
N ASP L 354 -30.18 15.46 29.07
CA ASP L 354 -29.74 14.30 28.30
C ASP L 354 -30.88 13.68 27.52
N ALA L 355 -32.06 13.58 28.12
CA ALA L 355 -33.22 13.08 27.41
C ALA L 355 -33.59 13.98 26.24
N GLN L 356 -33.50 15.30 26.42
CA GLN L 356 -33.78 16.22 25.31
C GLN L 356 -32.81 16.01 24.16
N LYS L 357 -31.52 15.89 24.46
CA LYS L 357 -30.54 15.65 23.40
C LYS L 357 -30.79 14.32 22.70
N LEU L 358 -31.11 13.27 23.45
CA LEU L 358 -31.39 11.98 22.83
C LEU L 358 -32.62 12.03 21.94
N LEU L 359 -33.69 12.70 22.40
CA LEU L 359 -34.89 12.82 21.59
C LEU L 359 -34.62 13.60 20.32
N VAL L 360 -33.85 14.68 20.41
CA VAL L 360 -33.50 15.44 19.22
C VAL L 360 -32.69 14.59 18.26
N GLY L 361 -31.80 13.74 18.79
CA GLY L 361 -31.05 12.83 17.95
C GLY L 361 -31.93 11.83 17.23
N LEU L 362 -32.93 11.27 17.92
CA LEU L 362 -33.83 10.34 17.27
C LEU L 362 -34.72 11.01 16.24
N ASN L 363 -35.14 12.24 16.49
CA ASN L 363 -36.01 12.96 15.57
C ASN L 363 -35.23 13.40 14.34
N ASN L 377 -38.63 15.23 10.29
CA ASN L 377 -39.15 15.30 11.65
C ASN L 377 -40.33 14.37 11.84
N THR L 378 -40.17 13.39 12.72
CA THR L 378 -41.27 12.48 13.03
C THR L 378 -42.32 13.16 13.93
N MET L 379 -41.88 14.04 14.82
CA MET L 379 -42.78 14.74 15.72
C MET L 379 -42.42 16.22 15.75
N LYS L 380 -43.40 17.05 16.08
CA LYS L 380 -43.19 18.49 16.14
C LYS L 380 -42.23 18.86 17.26
N ASN L 381 -41.38 19.84 17.00
CA ASN L 381 -40.31 20.17 17.93
C ASN L 381 -40.80 20.93 19.16
N TYR L 382 -41.84 21.76 19.01
CA TYR L 382 -42.27 22.57 20.14
C TYR L 382 -42.82 21.75 21.29
N MET L 383 -43.10 20.47 21.07
CA MET L 383 -43.61 19.59 22.10
C MET L 383 -42.50 18.82 22.81
N ILE L 384 -41.26 18.90 22.30
CA ILE L 384 -40.18 18.06 22.81
C ILE L 384 -39.77 18.41 24.24
N PRO L 385 -39.55 19.68 24.60
CA PRO L 385 -38.99 19.96 25.94
C PRO L 385 -39.83 19.44 27.09
N VAL L 386 -41.16 19.41 26.97
CA VAL L 386 -41.97 18.90 28.06
C VAL L 386 -42.00 17.37 28.08
N VAL L 387 -42.02 16.72 26.90
CA VAL L 387 -41.93 15.28 26.84
C VAL L 387 -40.66 14.79 27.53
N ALA L 388 -39.52 15.42 27.22
CA ALA L 388 -38.27 15.06 27.86
C ALA L 388 -38.35 15.23 29.37
N GLN L 389 -39.17 16.16 29.85
CA GLN L 389 -39.31 16.32 31.29
C GLN L 389 -40.17 15.22 31.89
N ALA L 390 -41.14 14.70 31.13
CA ALA L 390 -42.02 13.67 31.66
C ALA L 390 -41.29 12.34 31.78
N PHE L 391 -40.63 11.89 30.71
CA PHE L 391 -39.89 10.64 30.74
C PHE L 391 -38.94 10.60 31.92
N SER L 392 -38.14 11.65 32.09
CA SER L 392 -37.15 11.70 33.16
C SER L 392 -37.80 11.45 34.52
N LYS L 393 -38.99 11.99 34.74
CA LYS L 393 -39.64 11.74 36.02
C LYS L 393 -40.13 10.30 36.12
N TRP L 394 -40.75 9.80 35.06
CA TRP L 394 -41.32 8.46 35.09
C TRP L 394 -40.27 7.42 35.49
N ALA L 395 -39.14 7.42 34.79
CA ALA L 395 -38.06 6.50 35.12
C ALA L 395 -37.70 6.57 36.59
N LYS L 396 -37.57 7.78 37.13
CA LYS L 396 -37.19 7.89 38.54
C LYS L 396 -38.22 7.25 39.44
N GLU L 397 -39.51 7.50 39.18
CA GLU L 397 -40.54 6.91 40.01
C GLU L 397 -40.55 5.40 39.91
N CYS L 398 -39.98 4.83 38.85
CA CYS L 398 -39.88 3.38 38.78
C CYS L 398 -38.83 2.85 39.74
N ARG L 399 -37.66 3.52 39.81
CA ARG L 399 -36.58 2.99 40.63
C ARG L 399 -37.00 2.87 42.09
N LYS L 400 -37.66 3.89 42.62
CA LYS L 400 -38.13 3.85 43.99
C LYS L 400 -39.02 2.65 44.24
N ASP L 401 -39.90 2.32 43.28
CA ASP L 401 -40.78 1.18 43.45
C ASP L 401 -39.97 -0.10 43.63
N MET L 402 -38.86 -0.23 42.89
CA MET L 402 -38.04 -1.42 43.01
C MET L 402 -37.26 -1.47 44.31
N GLU L 403 -37.13 -0.34 45.01
CA GLU L 403 -36.29 -0.28 46.20
C GLU L 403 -37.08 -0.34 47.50
N ASP L 404 -38.42 -0.36 47.43
CA ASP L 404 -39.27 -0.46 48.61
C ASP L 404 -40.27 -1.59 48.33
N GLU L 405 -39.87 -2.81 48.63
CA GLU L 405 -40.61 -4.00 48.23
C GLU L 405 -41.36 -4.57 49.42
N LYS L 406 -42.66 -4.78 49.24
CA LYS L 406 -43.54 -5.24 50.31
C LYS L 406 -43.64 -6.77 50.30
N LEU L 407 -44.58 -7.31 51.06
CA LEU L 407 -44.85 -8.73 51.10
C LEU L 407 -46.10 -9.06 50.28
N LEU L 408 -46.18 -10.30 49.83
CA LEU L 408 -47.28 -10.72 48.97
C LEU L 408 -48.58 -10.79 49.75
N GLY L 409 -49.62 -10.15 49.24
CA GLY L 409 -50.94 -10.21 49.83
C GLY L 409 -51.07 -9.59 51.20
N VAL L 410 -50.47 -8.42 51.41
CA VAL L 410 -50.45 -7.77 52.71
C VAL L 410 -50.44 -6.26 52.50
N ARG L 411 -51.18 -5.55 53.36
CA ARG L 411 -51.22 -4.10 53.34
C ARG L 411 -50.93 -3.57 54.73
N GLU L 412 -50.15 -2.49 54.79
CA GLU L 412 -49.81 -1.82 56.05
C GLU L 412 -50.72 -0.61 56.22
N ARG L 413 -51.53 -0.59 57.26
CA ARG L 413 -52.46 0.50 57.52
C ARG L 413 -52.50 0.85 58.99
N THR L 414 -51.33 0.93 59.62
CA THR L 414 -51.25 1.29 61.04
C THR L 414 -51.76 2.71 61.28
N TRP L 421 -56.18 5.10 61.97
CA TRP L 421 -55.32 4.10 61.34
C TRP L 421 -55.05 4.54 59.89
N ALA L 422 -53.88 5.10 59.66
CA ALA L 422 -53.58 5.80 58.42
C ALA L 422 -52.45 5.11 57.66
N PHE L 423 -52.51 5.22 56.33
CA PHE L 423 -51.46 4.76 55.44
C PHE L 423 -51.04 5.92 54.54
N LYS L 424 -49.76 5.96 54.21
CA LYS L 424 -49.22 7.05 53.41
C LYS L 424 -49.54 6.82 51.93
N LYS L 425 -49.73 7.93 51.22
CA LYS L 425 -49.90 7.93 49.77
C LYS L 425 -48.66 8.50 49.11
N GLN L 426 -48.13 7.78 48.14
CA GLN L 426 -46.96 8.26 47.42
C GLN L 426 -47.36 9.35 46.42
N LYS L 427 -46.36 10.00 45.85
CA LYS L 427 -46.58 11.09 44.91
C LYS L 427 -46.41 10.58 43.48
N THR L 428 -47.30 11.03 42.59
CA THR L 428 -47.27 10.66 41.18
C THR L 428 -47.25 11.93 40.35
N HIS L 429 -46.22 12.08 39.53
CA HIS L 429 -46.07 13.26 38.69
C HIS L 429 -46.20 12.97 37.19
N THR L 430 -46.39 11.71 36.81
CA THR L 430 -46.45 11.35 35.40
C THR L 430 -47.32 10.12 35.22
N VAL L 431 -48.14 10.14 34.18
CA VAL L 431 -48.90 8.97 33.72
C VAL L 431 -48.51 8.70 32.28
N TYR L 432 -48.10 7.47 32.00
CA TYR L 432 -47.55 7.11 30.69
C TYR L 432 -48.21 5.82 30.23
N LYS L 433 -49.06 5.92 29.19
CA LYS L 433 -49.72 4.76 28.61
C LYS L 433 -48.97 4.37 27.34
N ARG L 434 -48.26 3.26 27.40
CA ARG L 434 -47.43 2.80 26.29
C ARG L 434 -48.28 2.19 25.19
N PRO L 435 -47.75 2.09 23.97
CA PRO L 435 -48.49 1.44 22.89
C PRO L 435 -48.86 0.01 23.24
N ASP L 436 -50.07 -0.38 22.82
CA ASP L 436 -50.65 -1.71 23.06
C ASP L 436 -51.09 -1.90 24.51
N THR L 437 -51.50 -0.82 25.18
CA THR L 437 -52.12 -0.88 26.49
C THR L 437 -53.54 -0.34 26.40
N GLN L 438 -54.24 -0.34 27.53
CA GLN L 438 -55.64 0.08 27.55
C GLN L 438 -55.95 0.86 28.81
N SER L 439 -56.73 1.93 28.67
CA SER L 439 -57.27 2.68 29.79
C SER L 439 -58.68 2.22 30.09
N ILE L 440 -59.07 2.28 31.36
CA ILE L 440 -60.39 1.85 31.80
C ILE L 440 -60.91 2.82 32.86
N GLN L 441 -62.18 3.21 32.73
CA GLN L 441 -62.75 4.21 33.61
C GLN L 441 -64.22 3.93 33.87
N LYS L 442 -64.67 4.27 35.08
CA LYS L 442 -66.02 3.99 35.54
C LYS L 442 -66.92 5.18 35.22
N VAL L 443 -67.99 4.94 34.47
CA VAL L 443 -68.95 5.96 34.08
C VAL L 443 -70.36 5.46 34.39
N GLN L 444 -71.35 6.29 34.07
CA GLN L 444 -72.75 5.95 34.30
C GLN L 444 -73.29 5.13 33.12
N ALA L 445 -74.15 4.16 33.44
CA ALA L 445 -74.68 3.25 32.43
C ALA L 445 -76.19 3.08 32.47
N GLU L 446 -76.88 3.68 33.44
CA GLU L 446 -78.34 3.63 33.52
C GLU L 446 -78.89 5.04 33.46
N PHE L 447 -79.76 5.30 32.49
CA PHE L 447 -80.32 6.63 32.26
C PHE L 447 -81.83 6.54 32.31
N ASP L 448 -82.45 7.44 33.08
CA ASP L 448 -83.90 7.44 33.20
C ASP L 448 -84.56 8.81 33.10
N SER L 449 -83.82 9.91 33.22
CA SER L 449 -84.41 11.25 33.19
C SER L 449 -83.91 11.98 31.96
N PHE L 450 -84.84 12.57 31.21
CA PHE L 450 -84.51 13.24 29.96
C PHE L 450 -85.19 14.60 29.85
N TRP L 456 -90.74 26.12 21.44
CA TRP L 456 -89.81 26.32 20.34
C TRP L 456 -90.16 27.61 19.57
N SER L 457 -89.11 28.32 19.13
CA SER L 457 -89.28 29.54 18.37
C SER L 457 -88.45 29.46 17.11
N SER L 458 -88.95 30.09 16.04
CA SER L 458 -88.29 30.00 14.74
C SER L 458 -86.89 30.61 14.77
N GLY L 459 -86.76 31.82 15.33
CA GLY L 459 -85.48 32.47 15.46
C GLY L 459 -84.99 33.18 14.22
N LEU L 460 -85.68 33.03 13.09
CA LEU L 460 -85.25 33.67 11.85
C LEU L 460 -85.72 35.13 11.82
N SER L 461 -85.24 35.86 10.83
CA SER L 461 -85.55 37.28 10.68
C SER L 461 -86.06 37.56 9.28
N ILE L 462 -86.85 38.63 9.15
CA ILE L 462 -87.43 38.98 7.86
C ILE L 462 -86.36 39.33 6.83
N PRO L 463 -85.36 40.17 7.13
CA PRO L 463 -84.35 40.47 6.08
C PRO L 463 -83.61 39.25 5.57
N LEU L 464 -83.30 38.28 6.46
CA LEU L 464 -82.61 37.08 6.01
C LEU L 464 -83.50 36.25 5.09
N ARG L 465 -84.78 36.12 5.42
CA ARG L 465 -85.70 35.39 4.57
C ARG L 465 -85.84 36.06 3.21
N THR L 466 -85.95 37.39 3.21
CA THR L 466 -86.04 38.12 1.94
C THR L 466 -84.78 37.94 1.10
N ARG L 467 -83.62 37.98 1.75
CA ARG L 467 -82.36 37.80 1.04
C ARG L 467 -82.28 36.42 0.41
N ILE L 468 -82.69 35.39 1.16
CA ILE L 468 -82.66 34.03 0.62
C ILE L 468 -83.63 33.90 -0.55
N LYS L 469 -84.84 34.46 -0.40
CA LYS L 469 -85.82 34.41 -1.48
C LYS L 469 -85.29 35.07 -2.74
N TRP L 470 -84.67 36.24 -2.59
CA TRP L 470 -84.11 36.93 -3.75
C TRP L 470 -82.95 36.15 -4.35
N LEU L 471 -82.12 35.53 -3.52
CA LEU L 471 -80.98 34.76 -4.01
C LEU L 471 -81.44 33.56 -4.83
N LEU L 472 -82.50 32.88 -4.39
CA LEU L 472 -83.01 31.74 -5.17
C LEU L 472 -83.56 32.21 -6.51
N SER L 473 -84.27 33.33 -6.53
CA SER L 473 -84.83 33.85 -7.77
C SER L 473 -83.74 34.48 -8.64
#